data_8SUW
#
_entry.id   8SUW
#
_cell.length_a   1.00
_cell.length_b   1.00
_cell.length_c   1.00
_cell.angle_alpha   90.00
_cell.angle_beta   90.00
_cell.angle_gamma   90.00
#
_symmetry.space_group_name_H-M   'P 1'
#
loop_
_entity.id
_entity.type
_entity.pdbx_description
1 polymer 'SIR2-like domain-containing protein'
2 polymer 'Nucleoside triphosphate hydrolase'
3 non-polymer '[(2R,3S,4R,5R)-5-(6-AMINOPURIN-9-YL)-3,4-DIHYDROXY-OXOLAN-2-YL]METHYL [HYDROXY-[[(2R,3S,4R,5S)-3,4,5-TRIHYDROXYOXOLAN-2-YL]METHOXY]PHOSPHORYL] HYDROGEN PHOSPHATE'
4 non-polymer "ADENOSINE-5'-DIPHOSPHATE"
5 non-polymer 'MAGNESIUM ION'
#
loop_
_entity_poly.entity_id
_entity_poly.type
_entity_poly.pdbx_seq_one_letter_code
_entity_poly.pdbx_strand_id
1 'polypeptide(L)'
;MSIYQGGNKLNEDDFRSHVYSLCQLDNVGVLLGAGASVGCGGKTMKDVWKSFKQNYPELLGALIDKYLLVSQIDSDNNLV
NVELLIDEATKFLSVAKTRRCEDEEEEFRKILSSLYKEVTKAALLTGEQFREKNQGKKDAFKYHKELISKLISNRQPGQS
APAIFTTNYDLALEWAAEDLGIQLFNGFSGLHTRQFYPQNFDLAFRNVNAKGEARFGHYHAYLYKLHGSLTWYQNDSLTV
NEVSASQAYDEYINDIINKDDFYRGQHLIYPGANKYSHTIGFVYGEMFRRFGEFISKPQTALFINGFGFGDYHINRIILG
ALLNPSFHVVIYYPELKEAITKVSKGGGSEAEKAIVTLKNMAFNQVTVVGGGSKAYFNSFVEHLPYPVLFPRDNIVDELV
EAIANLSKGEGNVPF
;
A,B,C,D,E,F,G,H,I,J,K,L
2 'polypeptide(L)'
;MSLFKLTEISAIGYVVGLEGERIRINLHEGLQGRLASHRKGVSSVTQPGDLIGFDAGNILVVARVTDMAFVEADKAHKAN
VGTSDLADIPLRQIIAYAIGFVKRELNGYVFISEDWRLPALGSSAVPLTSDFLNIIYSIDKEELPKAVELGVDSRTKTVK
IFASVDKLLSRHLAVLGSTGYGKSNFNALLTRKVSEKYPNSRIVIFDINGEYAQAFTGIPNVKHTILGESPNVDSLEKKQ
QKGELYSEEYYCYKKIPYQALGFAGLIKLLRPSDKTQLPALRNALSAINRTHFKSRNIYLEKDDGETFLLYDDCRDTNQS
KLAEWLDLLRRRRLKRTNVWPPFKSLATLVAEFGCVAADRSNGSKRDAFGFSNVLPLVKIIQQLAEDIRFKSIVNLNGGG
ELADGGTHWDKAMSDEVDYFFGKEKGQENDWNVHIVNMKNLAQDHAPMLLSALLEMFAEILFRRGQERSYPTVLLLEEAH
HYLRDPYAEIDSQIKAYERLAKEGRKFKCSLIVSTQRPSELSPTVLAMCSNWFSLRLTNERDLQALRYAMESGNEQILKQ
ISGLPRGDAVAFGSAFNLPVRISINQARPGPKSSDAVFSEEWANCTELRC
;
M,N,O,P
#
loop_
_chem_comp.id
_chem_comp.type
_chem_comp.name
_chem_comp.formula
ADP non-polymer ADENOSINE-5'-DIPHOSPHATE 'C10 H15 N5 O10 P2'
AR6 non-polymer '[(2R,3S,4R,5R)-5-(6-AMINOPURIN-9-YL)-3,4-DIHYDROXY-OXOLAN-2-YL]METHYL [HYDROXY-[[(2R,3S,4R,5S)-3,4,5-TRIHYDROXYOXOLAN-2-YL]METHOXY]PHOSPHORYL] HYDROGEN PHOSPHATE' 'C15 H23 N5 O14 P2'
MG non-polymer 'MAGNESIUM ION' 'Mg 2'
#
# COMPACT_ATOMS: atom_id res chain seq x y z
N SER A 2 18.07 54.96 -8.77
CA SER A 2 17.50 55.57 -7.57
C SER A 2 16.31 54.75 -7.08
N ILE A 3 16.59 53.67 -6.35
CA ILE A 3 15.58 52.78 -5.83
C ILE A 3 15.74 52.71 -4.32
N TYR A 4 14.65 53.00 -3.60
CA TYR A 4 14.63 52.99 -2.14
C TYR A 4 13.67 51.93 -1.64
N GLN A 5 14.07 51.23 -0.58
CA GLN A 5 13.19 50.27 0.10
C GLN A 5 13.39 50.47 1.59
N GLY A 6 12.57 51.33 2.18
CA GLY A 6 12.70 51.66 3.58
C GLY A 6 13.74 52.70 3.91
N GLY A 7 14.13 53.53 2.93
CA GLY A 7 15.10 54.57 3.13
C GLY A 7 16.50 54.23 2.69
N ASN A 8 16.80 52.95 2.46
CA ASN A 8 18.11 52.53 2.03
C ASN A 8 18.22 52.63 0.51
N LYS A 9 19.31 52.14 -0.05
CA LYS A 9 19.53 52.14 -1.49
C LYS A 9 19.54 50.71 -2.00
N LEU A 10 19.08 50.53 -3.24
CA LEU A 10 18.94 49.22 -3.84
C LEU A 10 19.55 49.23 -5.23
N ASN A 11 20.12 48.10 -5.62
CA ASN A 11 20.68 47.94 -6.95
C ASN A 11 19.72 47.20 -7.87
N GLU A 12 20.03 47.24 -9.16
CA GLU A 12 19.14 46.65 -10.16
C GLU A 12 19.03 45.14 -10.00
N ASP A 13 20.15 44.47 -9.67
CA ASP A 13 20.16 43.02 -9.58
C ASP A 13 19.19 42.51 -8.51
N ASP A 14 19.19 43.14 -7.34
CA ASP A 14 18.26 42.74 -6.28
C ASP A 14 16.85 43.23 -6.55
N PHE A 15 16.71 44.38 -7.23
CA PHE A 15 15.37 44.88 -7.55
C PHE A 15 14.63 43.93 -8.47
N ARG A 16 15.31 43.41 -9.49
CA ARG A 16 14.66 42.47 -10.41
C ARG A 16 14.25 41.19 -9.68
N SER A 17 15.12 40.69 -8.80
CA SER A 17 14.80 39.49 -8.04
C SER A 17 13.61 39.72 -7.12
N HIS A 18 13.53 40.90 -6.51
CA HIS A 18 12.37 41.23 -5.67
C HIS A 18 11.10 41.30 -6.49
N VAL A 19 11.17 41.92 -7.68
CA VAL A 19 9.99 42.05 -8.52
C VAL A 19 9.49 40.68 -8.97
N TYR A 20 10.42 39.78 -9.32
CA TYR A 20 10.00 38.46 -9.79
C TYR A 20 9.24 37.70 -8.71
N SER A 21 9.70 37.78 -7.46
CA SER A 21 9.09 36.98 -6.40
C SER A 21 7.73 37.53 -5.99
N LEU A 22 7.44 38.79 -6.28
CA LEU A 22 6.16 39.37 -5.91
C LEU A 22 5.03 38.93 -6.83
N CYS A 23 5.35 38.53 -8.06
CA CYS A 23 4.32 38.13 -9.02
C CYS A 23 3.73 36.76 -8.70
N GLN A 24 4.28 36.02 -7.75
CA GLN A 24 3.83 34.68 -7.43
C GLN A 24 2.90 34.63 -6.23
N LEU A 25 2.43 35.78 -5.75
CA LEU A 25 1.53 35.80 -4.61
C LEU A 25 0.12 35.41 -5.06
N ASP A 26 -0.82 35.42 -4.11
CA ASP A 26 -2.17 34.95 -4.42
C ASP A 26 -2.95 35.96 -5.25
N ASN A 27 -2.72 37.26 -5.05
CA ASN A 27 -3.46 38.29 -5.77
C ASN A 27 -2.48 39.32 -6.33
N VAL A 28 -2.65 39.65 -7.61
CA VAL A 28 -1.81 40.62 -8.29
C VAL A 28 -2.69 41.63 -9.02
N GLY A 29 -2.31 42.89 -8.98
CA GLY A 29 -3.06 43.92 -9.66
C GLY A 29 -2.18 45.11 -10.00
N VAL A 30 -2.66 45.91 -10.96
CA VAL A 30 -1.95 47.11 -11.40
C VAL A 30 -2.91 48.28 -11.41
N LEU A 31 -2.34 49.48 -11.39
CA LEU A 31 -3.11 50.73 -11.42
C LEU A 31 -2.40 51.70 -12.35
N LEU A 32 -3.04 52.04 -13.46
CA LEU A 32 -2.47 52.92 -14.48
C LEU A 32 -3.18 54.26 -14.48
N GLY A 33 -2.40 55.32 -14.67
CA GLY A 33 -2.92 56.66 -14.72
C GLY A 33 -3.08 57.18 -16.13
N ALA A 34 -3.10 58.50 -16.27
CA ALA A 34 -3.26 59.13 -17.58
C ALA A 34 -1.93 59.34 -18.29
N GLY A 35 -0.80 59.07 -17.63
CA GLY A 35 0.49 59.20 -18.28
C GLY A 35 0.93 57.95 -19.01
N ALA A 36 0.26 56.83 -18.73
CA ALA A 36 0.61 55.58 -19.38
C ALA A 36 0.24 55.57 -20.86
N SER A 37 -0.69 56.42 -21.27
CA SER A 37 -1.14 56.48 -22.66
C SER A 37 -0.51 57.64 -23.44
N VAL A 38 0.53 58.28 -22.89
CA VAL A 38 1.18 59.35 -23.61
C VAL A 38 1.93 58.83 -24.83
N GLY A 39 2.56 57.66 -24.71
CA GLY A 39 3.29 57.11 -25.83
C GLY A 39 2.41 56.76 -27.02
N CYS A 40 1.17 56.34 -26.74
CA CYS A 40 0.23 55.95 -27.79
C CYS A 40 -0.35 57.15 -28.54
N GLY A 41 -0.25 58.35 -27.98
CA GLY A 41 -0.78 59.53 -28.64
C GLY A 41 -1.71 60.35 -27.77
N GLY A 42 -1.65 60.15 -26.46
CA GLY A 42 -2.46 60.90 -25.52
C GLY A 42 -1.73 62.11 -24.97
N LYS A 43 -2.25 62.64 -23.87
CA LYS A 43 -1.64 63.79 -23.22
C LYS A 43 -2.16 63.88 -21.79
N THR A 44 -1.41 64.58 -20.95
CA THR A 44 -1.75 64.74 -19.55
C THR A 44 -2.68 65.93 -19.35
N MET A 45 -3.01 66.22 -18.09
CA MET A 45 -3.99 67.27 -17.80
C MET A 45 -3.39 68.66 -17.98
N LYS A 46 -2.08 68.81 -17.76
CA LYS A 46 -1.44 70.11 -17.96
C LYS A 46 -1.58 70.58 -19.40
N ASP A 47 -1.34 69.68 -20.36
CA ASP A 47 -1.48 70.05 -21.76
C ASP A 47 -2.92 70.40 -22.09
N VAL A 48 -3.88 69.67 -21.53
CA VAL A 48 -5.30 69.97 -21.77
C VAL A 48 -5.64 71.36 -21.26
N TRP A 49 -5.19 71.69 -20.06
CA TRP A 49 -5.48 73.02 -19.51
C TRP A 49 -4.80 74.11 -20.31
N LYS A 50 -3.56 73.88 -20.74
CA LYS A 50 -2.87 74.87 -21.56
C LYS A 50 -3.61 75.11 -22.87
N SER A 51 -4.05 74.03 -23.52
CA SER A 51 -4.80 74.17 -24.77
C SER A 51 -6.10 74.92 -24.54
N PHE A 52 -6.81 74.61 -23.45
CA PHE A 52 -8.08 75.29 -23.19
C PHE A 52 -7.86 76.77 -22.93
N LYS A 53 -6.87 77.11 -22.12
CA LYS A 53 -6.63 78.52 -21.79
C LYS A 53 -6.02 79.28 -22.95
N GLN A 54 -5.46 78.59 -23.94
CA GLN A 54 -4.96 79.29 -25.13
C GLN A 54 -6.06 79.50 -26.15
N ASN A 55 -6.85 78.45 -26.43
CA ASN A 55 -7.85 78.54 -27.49
C ASN A 55 -9.07 79.36 -27.09
N TYR A 56 -9.43 79.37 -25.80
CA TYR A 56 -10.61 80.08 -25.31
C TYR A 56 -10.18 81.01 -24.19
N PRO A 57 -9.72 82.22 -24.52
CA PRO A 57 -9.25 83.14 -23.48
C PRO A 57 -10.37 84.00 -22.91
N GLU A 58 -11.50 84.09 -23.62
CA GLU A 58 -12.58 84.95 -23.16
C GLU A 58 -13.35 84.31 -22.01
N LEU A 59 -13.52 82.99 -22.04
CA LEU A 59 -14.31 82.31 -21.02
C LEU A 59 -13.63 82.28 -19.67
N LEU A 60 -12.31 82.50 -19.61
CA LEU A 60 -11.62 82.46 -18.33
C LEU A 60 -12.03 83.63 -17.44
N GLY A 61 -12.54 84.71 -18.03
CA GLY A 61 -12.97 85.84 -17.22
C GLY A 61 -14.17 85.52 -16.35
N ALA A 62 -15.11 84.75 -16.89
CA ALA A 62 -16.32 84.43 -16.13
C ALA A 62 -16.03 83.46 -15.00
N LEU A 63 -15.26 82.40 -15.28
CA LEU A 63 -15.05 81.35 -14.28
C LEU A 63 -14.33 81.88 -13.05
N ILE A 64 -13.29 82.68 -13.24
CA ILE A 64 -12.48 83.18 -12.13
C ILE A 64 -13.22 84.24 -11.33
N ASP A 65 -13.89 85.17 -12.01
CA ASP A 65 -14.43 86.35 -11.34
C ASP A 65 -15.90 86.22 -10.98
N LYS A 66 -16.75 85.80 -11.92
CA LYS A 66 -18.20 85.86 -11.73
C LYS A 66 -18.74 84.69 -10.91
N TYR A 67 -18.26 83.47 -11.18
CA TYR A 67 -18.78 82.28 -10.52
C TYR A 67 -17.81 81.64 -9.54
N LEU A 68 -16.56 82.09 -9.50
CA LEU A 68 -15.56 81.62 -8.54
C LEU A 68 -15.35 80.12 -8.63
N LEU A 69 -15.45 79.58 -9.85
CA LEU A 69 -15.27 78.14 -10.03
C LEU A 69 -13.80 77.73 -10.00
N VAL A 70 -12.90 78.57 -10.48
CA VAL A 70 -11.48 78.25 -10.54
C VAL A 70 -10.68 79.42 -10.01
N SER A 71 -9.63 79.10 -9.26
CA SER A 71 -8.77 80.11 -8.64
C SER A 71 -7.75 80.64 -9.64
N GLN A 72 -7.25 81.85 -9.36
CA GLN A 72 -6.31 82.49 -10.27
C GLN A 72 -4.92 81.85 -10.19
N ILE A 73 -4.44 81.58 -8.97
CA ILE A 73 -3.09 81.06 -8.81
C ILE A 73 -2.97 79.66 -9.42
N ASP A 74 -3.99 78.82 -9.21
CA ASP A 74 -3.97 77.48 -9.80
C ASP A 74 -3.98 77.54 -11.32
N SER A 75 -4.77 78.45 -11.88
CA SER A 75 -4.79 78.61 -13.34
C SER A 75 -3.43 79.08 -13.86
N ASP A 76 -2.79 80.00 -13.14
CA ASP A 76 -1.48 80.47 -13.57
C ASP A 76 -0.44 79.35 -13.50
N ASN A 77 -0.48 78.54 -12.45
CA ASN A 77 0.51 77.49 -12.27
C ASN A 77 0.17 76.21 -13.04
N ASN A 78 -0.99 76.15 -13.69
CA ASN A 78 -1.44 74.96 -14.44
C ASN A 78 -1.51 73.74 -13.52
N LEU A 79 -2.34 73.87 -12.48
CA LEU A 79 -2.56 72.81 -11.50
C LEU A 79 -4.05 72.66 -11.22
N VAL A 80 -4.84 72.59 -12.28
CA VAL A 80 -6.29 72.56 -12.17
C VAL A 80 -6.80 71.15 -12.43
N ASN A 81 -7.74 70.71 -11.60
CA ASN A 81 -8.42 69.43 -11.77
C ASN A 81 -9.62 69.64 -12.68
N VAL A 82 -9.72 68.84 -13.73
CA VAL A 82 -10.70 69.09 -14.78
C VAL A 82 -12.03 68.39 -14.50
N GLU A 83 -11.99 67.14 -14.02
CA GLU A 83 -13.23 66.41 -13.80
C GLU A 83 -14.07 67.04 -12.70
N LEU A 84 -13.45 67.60 -11.66
CA LEU A 84 -14.22 68.30 -10.64
C LEU A 84 -14.92 69.54 -11.21
N LEU A 85 -14.22 70.29 -12.06
CA LEU A 85 -14.83 71.46 -12.68
C LEU A 85 -16.00 71.05 -13.57
N ILE A 86 -15.84 69.98 -14.35
CA ILE A 86 -16.93 69.52 -15.19
C ILE A 86 -18.10 69.03 -14.34
N ASP A 87 -17.81 68.42 -13.19
CA ASP A 87 -18.88 68.00 -12.29
C ASP A 87 -19.64 69.20 -11.74
N GLU A 88 -18.94 70.25 -11.34
CA GLU A 88 -19.60 71.43 -10.78
C GLU A 88 -20.41 72.17 -11.84
N ALA A 89 -19.93 72.21 -13.08
CA ALA A 89 -20.65 72.91 -14.14
C ALA A 89 -22.02 72.26 -14.39
N THR A 90 -22.07 70.93 -14.34
CA THR A 90 -23.35 70.23 -14.53
C THR A 90 -24.33 70.58 -13.43
N LYS A 91 -23.86 70.65 -12.17
CA LYS A 91 -24.74 71.06 -11.08
C LYS A 91 -25.28 72.47 -11.29
N PHE A 92 -24.40 73.40 -11.70
CA PHE A 92 -24.84 74.76 -11.94
C PHE A 92 -25.91 74.81 -13.04
N LEU A 93 -25.67 74.09 -14.14
CA LEU A 93 -26.64 74.08 -15.23
C LEU A 93 -27.96 73.47 -14.80
N SER A 94 -27.91 72.39 -14.02
CA SER A 94 -29.14 71.73 -13.58
C SER A 94 -29.95 72.65 -12.68
N VAL A 95 -29.29 73.35 -11.76
CA VAL A 95 -30.00 74.28 -10.88
C VAL A 95 -30.62 75.42 -11.70
N ALA A 96 -29.85 75.96 -12.64
CA ALA A 96 -30.35 77.05 -13.47
C ALA A 96 -31.57 76.62 -14.29
N LYS A 97 -31.53 75.41 -14.83
CA LYS A 97 -32.66 74.90 -15.60
C LYS A 97 -33.87 74.68 -14.71
N THR A 98 -33.66 74.16 -13.49
CA THR A 98 -34.77 73.90 -12.59
C THR A 98 -35.46 75.19 -12.16
N ARG A 99 -34.69 76.22 -11.82
CA ARG A 99 -35.26 77.46 -11.30
C ARG A 99 -35.61 78.46 -12.41
N ARG A 100 -35.58 78.04 -13.67
CA ARG A 100 -36.01 78.86 -14.82
C ARG A 100 -35.17 80.13 -14.95
N CYS A 101 -33.87 79.93 -15.18
CA CYS A 101 -32.96 81.03 -15.48
C CYS A 101 -32.44 80.84 -16.90
N GLU A 102 -32.43 81.92 -17.68
CA GLU A 102 -32.16 81.82 -19.11
C GLU A 102 -30.70 82.14 -19.45
N ASP A 103 -30.23 83.33 -19.07
CA ASP A 103 -28.87 83.74 -19.44
C ASP A 103 -27.83 82.82 -18.82
N GLU A 104 -28.02 82.45 -17.55
CA GLU A 104 -27.12 81.50 -16.91
C GLU A 104 -27.12 80.16 -17.63
N GLU A 105 -28.31 79.71 -18.04
CA GLU A 105 -28.42 78.46 -18.79
C GLU A 105 -27.61 78.53 -20.08
N GLU A 106 -27.77 79.61 -20.84
CA GLU A 106 -27.05 79.73 -22.11
C GLU A 106 -25.54 79.79 -21.88
N GLU A 107 -25.10 80.56 -20.88
CA GLU A 107 -23.68 80.69 -20.61
C GLU A 107 -23.07 79.34 -20.22
N PHE A 108 -23.75 78.59 -19.36
CA PHE A 108 -23.20 77.30 -18.93
C PHE A 108 -23.26 76.27 -20.05
N ARG A 109 -24.27 76.35 -20.92
CA ARG A 109 -24.30 75.47 -22.09
C ARG A 109 -23.09 75.72 -22.99
N LYS A 110 -22.79 76.99 -23.24
CA LYS A 110 -21.61 77.31 -24.04
C LYS A 110 -20.33 76.84 -23.36
N ILE A 111 -20.23 77.03 -22.04
CA ILE A 111 -19.03 76.63 -21.31
C ILE A 111 -18.82 75.13 -21.42
N LEU A 112 -19.89 74.35 -21.24
CA LEU A 112 -19.75 72.90 -21.29
C LEU A 112 -19.44 72.42 -22.70
N SER A 113 -20.05 73.03 -23.72
CA SER A 113 -19.74 72.66 -25.09
C SER A 113 -18.28 72.96 -25.42
N SER A 114 -17.73 74.04 -24.88
CA SER A 114 -16.32 74.34 -25.09
C SER A 114 -15.42 73.39 -24.30
N LEU A 115 -15.85 72.95 -23.12
CA LEU A 115 -15.01 72.10 -22.29
C LEU A 115 -14.91 70.68 -22.84
N TYR A 116 -16.02 70.09 -23.28
CA TYR A 116 -15.99 68.70 -23.74
C TYR A 116 -15.14 68.51 -24.99
N LYS A 117 -15.00 69.53 -25.84
CA LYS A 117 -14.27 69.36 -27.08
C LYS A 117 -12.79 69.09 -26.83
N GLU A 118 -12.20 69.70 -25.81
CA GLU A 118 -10.78 69.48 -25.53
C GLU A 118 -10.52 68.10 -24.96
N VAL A 119 -11.39 67.61 -24.09
CA VAL A 119 -11.17 66.30 -23.49
C VAL A 119 -11.55 65.17 -24.43
N THR A 120 -12.44 65.41 -25.38
CA THR A 120 -12.77 64.36 -26.36
C THR A 120 -11.69 64.21 -27.42
N LYS A 121 -11.08 65.32 -27.85
CA LYS A 121 -10.11 65.27 -28.94
C LYS A 121 -8.82 64.57 -28.52
N ALA A 122 -8.53 64.52 -27.22
CA ALA A 122 -7.29 63.96 -26.72
C ALA A 122 -7.40 62.49 -26.36
N ALA A 123 -8.55 61.86 -26.61
CA ALA A 123 -8.76 60.46 -26.25
C ALA A 123 -8.90 59.53 -27.44
N LEU A 124 -9.05 60.08 -28.66
CA LEU A 124 -9.21 59.23 -29.84
C LEU A 124 -7.96 58.39 -30.10
N LEU A 125 -6.78 59.02 -29.98
CA LEU A 125 -5.47 58.37 -30.13
C LEU A 125 -5.17 57.96 -31.57
N THR A 126 -6.14 58.14 -32.48
CA THR A 126 -5.91 57.75 -33.87
C THR A 126 -6.57 58.72 -34.85
N GLY A 127 -7.18 59.80 -34.36
CA GLY A 127 -7.81 60.74 -35.27
C GLY A 127 -9.06 60.19 -35.90
N GLU A 128 -9.19 60.40 -37.21
CA GLU A 128 -10.38 60.00 -37.93
C GLU A 128 -10.46 58.50 -38.19
N GLN A 129 -9.38 57.76 -37.98
CA GLN A 129 -9.39 56.31 -38.10
C GLN A 129 -9.90 55.61 -36.84
N PHE A 130 -10.57 56.36 -35.97
CA PHE A 130 -11.15 55.78 -34.77
C PHE A 130 -12.26 54.78 -35.08
N ARG A 131 -12.91 54.92 -36.23
CA ARG A 131 -14.08 54.11 -36.57
C ARG A 131 -13.75 52.89 -37.41
N GLU A 132 -12.48 52.64 -37.71
CA GLU A 132 -12.11 51.51 -38.55
C GLU A 132 -11.98 50.25 -37.71
N LYS A 133 -11.51 49.16 -38.31
CA LYS A 133 -11.36 47.89 -37.65
C LYS A 133 -9.90 47.47 -37.62
N ASN A 134 -9.59 46.55 -36.71
CA ASN A 134 -8.23 46.02 -36.53
C ASN A 134 -7.24 47.15 -36.19
N GLN A 135 -7.59 47.91 -35.16
CA GLN A 135 -6.75 49.01 -34.70
C GLN A 135 -5.68 48.56 -33.72
N GLY A 136 -5.71 47.31 -33.26
CA GLY A 136 -4.71 46.80 -32.37
C GLY A 136 -3.46 46.28 -33.04
N LYS A 137 -3.46 46.17 -34.37
CA LYS A 137 -2.30 45.65 -35.09
C LYS A 137 -1.20 46.69 -35.30
N LYS A 138 -1.47 47.96 -35.00
CA LYS A 138 -0.48 49.00 -35.21
C LYS A 138 0.64 48.88 -34.17
N ASP A 139 1.76 49.55 -34.47
CA ASP A 139 2.95 49.47 -33.63
C ASP A 139 2.90 50.40 -32.42
N ALA A 140 1.88 51.26 -32.31
CA ALA A 140 1.78 52.13 -31.15
C ALA A 140 1.40 51.34 -29.90
N PHE A 141 0.62 50.27 -30.05
CA PHE A 141 0.16 49.45 -28.94
C PHE A 141 1.03 48.21 -28.73
N LYS A 142 2.33 48.32 -29.01
CA LYS A 142 3.22 47.18 -28.89
C LYS A 142 3.43 46.74 -27.45
N TYR A 143 3.41 47.66 -26.49
CA TYR A 143 3.77 47.35 -25.11
C TYR A 143 2.59 46.94 -24.24
N HIS A 144 1.36 47.35 -24.59
CA HIS A 144 0.20 46.86 -23.86
C HIS A 144 0.06 45.35 -24.03
N LYS A 145 0.32 44.85 -25.24
CA LYS A 145 0.29 43.42 -25.46
C LYS A 145 1.36 42.72 -24.63
N GLU A 146 2.56 43.31 -24.53
CA GLU A 146 3.61 42.71 -23.71
C GLU A 146 3.19 42.66 -22.25
N LEU A 147 2.59 43.74 -21.74
CA LEU A 147 2.12 43.75 -20.36
C LEU A 147 1.09 42.65 -20.12
N ILE A 148 0.10 42.54 -21.02
CA ILE A 148 -0.97 41.56 -20.82
C ILE A 148 -0.43 40.15 -20.93
N SER A 149 0.51 39.90 -21.86
CA SER A 149 1.09 38.57 -21.99
C SER A 149 1.94 38.20 -20.78
N LYS A 150 2.65 39.18 -20.21
CA LYS A 150 3.49 38.92 -19.05
C LYS A 150 2.66 38.66 -17.80
N LEU A 151 1.53 39.35 -17.66
CA LEU A 151 0.72 39.15 -16.46
C LEU A 151 0.10 37.76 -16.43
N ILE A 152 -0.48 37.32 -17.54
CA ILE A 152 -1.18 36.04 -17.56
C ILE A 152 -0.25 34.83 -17.50
N SER A 153 0.88 34.87 -18.19
CA SER A 153 1.75 33.70 -18.33
C SER A 153 2.40 33.27 -17.02
N ASN A 154 2.39 34.11 -15.99
CA ASN A 154 3.08 33.83 -14.74
C ASN A 154 2.19 33.14 -13.69
N ARG A 155 0.93 32.84 -14.03
CA ARG A 155 0.01 32.26 -13.08
C ARG A 155 0.02 30.73 -13.17
N GLN A 156 0.08 30.08 -12.02
CA GLN A 156 -0.02 28.64 -11.92
C GLN A 156 -1.47 28.20 -12.01
N PRO A 157 -1.71 26.95 -12.42
CA PRO A 157 -3.09 26.45 -12.46
C PRO A 157 -3.73 26.47 -11.08
N GLY A 158 -5.01 26.79 -11.04
CA GLY A 158 -5.73 26.88 -9.79
C GLY A 158 -5.62 28.21 -9.07
N GLN A 159 -5.00 29.21 -9.68
CA GLN A 159 -4.88 30.54 -9.08
C GLN A 159 -5.80 31.52 -9.80
N SER A 160 -6.03 32.65 -9.15
CA SER A 160 -6.96 33.65 -9.67
C SER A 160 -6.36 34.34 -10.90
N ALA A 161 -7.16 35.22 -11.51
CA ALA A 161 -6.78 35.98 -12.68
C ALA A 161 -6.38 37.39 -12.30
N PRO A 162 -5.50 38.02 -13.07
CA PRO A 162 -5.06 39.38 -12.74
C PRO A 162 -6.18 40.39 -12.88
N ALA A 163 -6.08 41.46 -12.09
CA ALA A 163 -7.04 42.56 -12.10
C ALA A 163 -6.34 43.85 -12.49
N ILE A 164 -7.01 44.64 -13.33
CA ILE A 164 -6.45 45.88 -13.85
C ILE A 164 -7.38 47.03 -13.50
N PHE A 165 -6.83 48.06 -12.87
CA PHE A 165 -7.55 49.29 -12.57
C PHE A 165 -6.93 50.44 -13.36
N THR A 166 -7.78 51.37 -13.78
CA THR A 166 -7.30 52.50 -14.57
C THR A 166 -8.22 53.70 -14.34
N THR A 167 -7.68 54.89 -14.62
CA THR A 167 -8.43 56.14 -14.54
C THR A 167 -8.48 56.81 -15.90
N ASN A 168 -8.57 56.02 -16.96
CA ASN A 168 -8.64 56.51 -18.33
C ASN A 168 -10.01 56.23 -18.91
N TYR A 169 -10.27 56.83 -20.06
CA TYR A 169 -11.48 56.61 -20.84
C TYR A 169 -11.16 56.49 -22.32
N ASP A 170 -10.09 55.77 -22.64
CA ASP A 170 -9.71 55.45 -24.01
C ASP A 170 -9.70 53.94 -24.19
N LEU A 171 -9.59 53.51 -25.44
CA LEU A 171 -9.79 52.12 -25.83
C LEU A 171 -8.50 51.39 -26.15
N ALA A 172 -7.40 51.72 -25.48
CA ALA A 172 -6.13 51.07 -25.78
C ALA A 172 -6.13 49.61 -25.31
N LEU A 173 -6.54 49.38 -24.06
CA LEU A 173 -6.48 48.04 -23.50
C LEU A 173 -7.44 47.09 -24.21
N GLU A 174 -8.64 47.56 -24.55
CA GLU A 174 -9.59 46.72 -25.26
C GLU A 174 -9.05 46.29 -26.62
N TRP A 175 -8.47 47.24 -27.36
CA TRP A 175 -7.90 46.92 -28.67
C TRP A 175 -6.76 45.93 -28.54
N ALA A 176 -5.87 46.15 -27.57
CA ALA A 176 -4.74 45.24 -27.39
C ALA A 176 -5.21 43.84 -27.01
N ALA A 177 -6.18 43.73 -26.10
CA ALA A 177 -6.67 42.42 -25.70
C ALA A 177 -7.39 41.71 -26.84
N GLU A 178 -8.16 42.45 -27.64
CA GLU A 178 -8.83 41.83 -28.78
C GLU A 178 -7.83 41.32 -29.80
N ASP A 179 -6.79 42.09 -30.08
CA ASP A 179 -5.77 41.63 -31.03
C ASP A 179 -5.04 40.40 -30.48
N LEU A 180 -4.71 40.41 -29.19
CA LEU A 180 -4.00 39.28 -28.61
C LEU A 180 -4.84 38.00 -28.64
N GLY A 181 -6.11 38.11 -28.31
CA GLY A 181 -6.98 36.94 -28.26
C GLY A 181 -7.46 36.64 -26.86
N ILE A 182 -7.49 37.67 -26.01
CA ILE A 182 -7.88 37.55 -24.62
C ILE A 182 -9.22 38.25 -24.43
N GLN A 183 -10.06 37.66 -23.57
CA GLN A 183 -11.39 38.17 -23.31
C GLN A 183 -11.42 38.85 -21.94
N LEU A 184 -11.92 40.09 -21.91
CA LEU A 184 -11.93 40.91 -20.70
C LEU A 184 -13.34 41.05 -20.17
N PHE A 185 -13.49 40.96 -18.86
CA PHE A 185 -14.77 41.19 -18.20
C PHE A 185 -14.83 42.62 -17.70
N ASN A 186 -15.91 43.34 -18.02
CA ASN A 186 -16.10 44.70 -17.55
C ASN A 186 -17.52 44.99 -17.07
N GLY A 187 -18.35 43.96 -16.92
CA GLY A 187 -19.66 44.13 -16.33
C GLY A 187 -20.81 44.35 -17.28
N PHE A 188 -20.62 44.18 -18.59
CA PHE A 188 -21.67 44.36 -19.57
C PHE A 188 -21.91 43.06 -20.32
N SER A 189 -23.18 42.84 -20.70
CA SER A 189 -23.55 41.61 -21.38
C SER A 189 -24.57 41.92 -22.47
N GLY A 190 -24.56 41.12 -23.53
CA GLY A 190 -25.45 41.27 -24.65
C GLY A 190 -24.74 41.83 -25.88
N LEU A 191 -25.46 41.80 -27.00
CA LEU A 191 -24.99 42.43 -28.22
C LEU A 191 -25.92 43.52 -28.73
N HIS A 192 -27.21 43.22 -28.91
CA HIS A 192 -28.14 44.22 -29.41
C HIS A 192 -28.56 45.22 -28.35
N THR A 193 -28.35 44.90 -27.07
CA THR A 193 -28.66 45.82 -25.98
C THR A 193 -27.78 45.41 -24.79
N ARG A 194 -26.70 46.17 -24.57
CA ARG A 194 -25.78 45.88 -23.47
C ARG A 194 -26.18 46.69 -22.24
N GLN A 195 -26.10 46.05 -21.07
CA GLN A 195 -26.51 46.70 -19.84
C GLN A 195 -25.56 46.29 -18.72
N PHE A 196 -25.52 47.10 -17.68
CA PHE A 196 -24.60 46.90 -16.56
C PHE A 196 -25.17 45.87 -15.60
N TYR A 197 -24.43 44.79 -15.38
CA TYR A 197 -24.78 43.77 -14.39
C TYR A 197 -23.64 43.66 -13.39
N PRO A 198 -23.80 44.18 -12.17
CA PRO A 198 -22.69 44.15 -11.20
C PRO A 198 -22.22 42.75 -10.84
N GLN A 199 -23.11 41.76 -10.85
CA GLN A 199 -22.74 40.40 -10.49
C GLN A 199 -21.90 39.72 -11.55
N ASN A 200 -21.73 40.35 -12.72
CA ASN A 200 -20.90 39.77 -13.78
C ASN A 200 -19.45 39.60 -13.35
N PHE A 201 -19.00 40.38 -12.37
CA PHE A 201 -17.61 40.33 -11.88
C PHE A 201 -17.32 39.10 -11.05
N ASP A 202 -18.18 38.09 -10.97
CA ASP A 202 -17.94 36.91 -10.16
C ASP A 202 -17.81 35.63 -10.99
N LEU A 203 -17.83 35.71 -12.31
CA LEU A 203 -17.86 34.54 -13.16
C LEU A 203 -16.47 34.24 -13.71
N ALA A 204 -16.33 33.03 -14.28
CA ALA A 204 -15.10 32.59 -14.90
C ALA A 204 -15.43 31.49 -15.91
N PHE A 205 -14.50 31.25 -16.81
CA PHE A 205 -14.67 30.22 -17.84
C PHE A 205 -14.09 28.89 -17.38
N ARG A 206 -14.49 27.84 -18.10
CA ARG A 206 -13.92 26.51 -17.93
C ARG A 206 -14.10 25.76 -19.23
N ASN A 207 -13.33 24.69 -19.40
CA ASN A 207 -13.37 23.89 -20.62
C ASN A 207 -14.13 22.59 -20.35
N VAL A 208 -15.08 22.29 -21.23
CA VAL A 208 -15.89 21.08 -21.09
C VAL A 208 -15.24 19.89 -21.79
N ASN A 209 -14.34 20.14 -22.72
CA ASN A 209 -13.67 19.08 -23.46
C ASN A 209 -12.69 18.33 -22.57
N HIS A 218 -9.28 30.04 -23.39
CA HIS A 218 -10.24 30.24 -22.33
C HIS A 218 -9.68 31.16 -21.26
N TYR A 219 -8.61 31.86 -21.58
CA TYR A 219 -7.99 32.80 -20.65
C TYR A 219 -8.78 34.10 -20.60
N HIS A 220 -8.71 34.78 -19.46
CA HIS A 220 -9.51 35.97 -19.25
C HIS A 220 -8.84 36.84 -18.19
N ALA A 221 -9.36 38.07 -18.06
CA ALA A 221 -8.89 39.03 -17.07
C ALA A 221 -10.01 40.01 -16.80
N TYR A 222 -9.83 40.81 -15.76
CA TYR A 222 -10.84 41.77 -15.32
C TYR A 222 -10.34 43.19 -15.54
N LEU A 223 -11.26 44.08 -15.94
CA LEU A 223 -10.93 45.47 -16.22
C LEU A 223 -11.93 46.37 -15.51
N TYR A 224 -11.42 47.30 -14.71
CA TYR A 224 -12.22 48.28 -13.97
C TYR A 224 -11.88 49.68 -14.46
N LYS A 225 -12.90 50.46 -14.81
CA LYS A 225 -12.74 51.84 -15.24
C LYS A 225 -13.40 52.74 -14.20
N LEU A 226 -12.61 53.49 -13.45
CA LEU A 226 -13.11 54.28 -12.34
C LEU A 226 -13.63 55.66 -12.74
N HIS A 227 -13.42 56.07 -13.99
CA HIS A 227 -13.87 57.39 -14.45
C HIS A 227 -14.71 57.29 -15.70
N GLY A 228 -15.43 56.19 -15.87
CA GLY A 228 -16.28 56.01 -17.02
C GLY A 228 -15.50 55.62 -18.27
N SER A 229 -16.22 55.58 -19.39
CA SER A 229 -15.64 55.24 -20.67
C SER A 229 -16.19 56.16 -21.75
N LEU A 230 -15.59 56.07 -22.93
CA LEU A 230 -15.91 56.95 -24.04
C LEU A 230 -17.13 56.48 -24.83
N THR A 231 -17.67 55.30 -24.53
CA THR A 231 -18.78 54.74 -25.28
C THR A 231 -19.88 54.27 -24.34
N TRP A 232 -20.16 55.04 -23.29
CA TRP A 232 -21.22 54.75 -22.34
C TRP A 232 -22.19 55.92 -22.31
N TYR A 233 -23.49 55.62 -22.28
CA TYR A 233 -24.51 56.65 -22.25
C TYR A 233 -25.84 56.02 -21.84
N GLN A 234 -26.80 56.88 -21.50
CA GLN A 234 -28.17 56.47 -21.26
C GLN A 234 -29.11 57.29 -22.14
N ASN A 235 -30.17 56.65 -22.63
CA ASN A 235 -31.07 57.27 -23.61
C ASN A 235 -32.51 57.22 -23.11
N ASP A 236 -32.87 58.17 -22.25
CA ASP A 236 -34.26 58.42 -21.85
C ASP A 236 -34.96 57.16 -21.35
N SER A 237 -34.21 56.23 -20.77
CA SER A 237 -34.81 54.99 -20.29
C SER A 237 -34.28 54.56 -18.93
N LEU A 238 -33.47 55.39 -18.26
CA LEU A 238 -32.94 55.08 -16.93
C LEU A 238 -32.15 53.77 -16.93
N THR A 239 -31.49 53.49 -18.06
CA THR A 239 -30.62 52.33 -18.18
C THR A 239 -29.35 52.76 -18.93
N VAL A 240 -28.24 52.14 -18.55
CA VAL A 240 -26.93 52.46 -19.11
C VAL A 240 -26.59 51.42 -20.17
N ASN A 241 -26.16 51.88 -21.34
CA ASN A 241 -25.88 51.01 -22.47
C ASN A 241 -24.46 51.23 -22.97
N GLU A 242 -23.89 50.19 -23.57
CA GLU A 242 -22.56 50.22 -24.17
C GLU A 242 -22.68 50.02 -25.67
N VAL A 243 -21.83 50.73 -26.42
CA VAL A 243 -21.92 50.78 -27.87
C VAL A 243 -20.49 50.70 -28.43
N SER A 244 -20.35 50.04 -29.57
CA SER A 244 -19.05 49.91 -30.21
C SER A 244 -18.54 51.27 -30.69
N ALA A 245 -17.28 51.29 -31.12
CA ALA A 245 -16.64 52.55 -31.47
C ALA A 245 -17.26 53.19 -32.71
N SER A 246 -17.49 52.39 -33.75
CA SER A 246 -18.03 52.92 -35.00
C SER A 246 -19.42 53.51 -34.80
N GLN A 247 -20.28 52.80 -34.08
CA GLN A 247 -21.63 53.28 -33.85
C GLN A 247 -21.63 54.55 -33.01
N ALA A 248 -20.76 54.62 -31.99
CA ALA A 248 -20.67 55.83 -31.18
C ALA A 248 -20.21 57.02 -32.02
N TYR A 249 -19.21 56.79 -32.89
CA TYR A 249 -18.74 57.86 -33.78
C TYR A 249 -19.84 58.31 -34.71
N ASP A 250 -20.63 57.37 -35.24
CA ASP A 250 -21.76 57.75 -36.07
C ASP A 250 -22.79 58.56 -35.30
N GLU A 251 -23.03 58.20 -34.03
CA GLU A 251 -24.12 58.81 -33.28
C GLU A 251 -23.76 60.20 -32.78
N TYR A 252 -22.78 60.31 -31.89
CA TYR A 252 -22.59 61.58 -31.19
C TYR A 252 -21.17 62.13 -31.14
N ILE A 253 -20.13 61.31 -31.33
CA ILE A 253 -18.77 61.84 -31.20
C ILE A 253 -18.44 62.80 -32.34
N ASN A 254 -18.86 62.45 -33.56
CA ASN A 254 -18.59 63.32 -34.70
C ASN A 254 -19.23 64.68 -34.54
N ASP A 255 -20.47 64.72 -34.04
CA ASP A 255 -21.13 65.99 -33.81
C ASP A 255 -20.43 66.80 -32.71
N ILE A 256 -19.93 66.11 -31.68
CA ILE A 256 -19.21 66.80 -30.62
C ILE A 256 -17.96 67.47 -31.19
N ILE A 257 -17.22 66.75 -32.04
CA ILE A 257 -15.95 67.27 -32.53
C ILE A 257 -16.17 68.43 -33.50
N ASN A 258 -17.14 68.32 -34.40
CA ASN A 258 -17.21 69.20 -35.57
C ASN A 258 -18.62 69.77 -35.77
N LYS A 259 -19.18 70.37 -34.72
CA LYS A 259 -20.46 71.06 -34.90
C LYS A 259 -20.55 72.33 -34.07
N ASP A 260 -19.41 72.91 -33.67
CA ASP A 260 -19.37 74.15 -32.92
C ASP A 260 -20.19 74.08 -31.64
N ASP A 261 -21.41 74.62 -31.67
CA ASP A 261 -22.29 74.66 -30.51
C ASP A 261 -23.24 73.46 -30.57
N PHE A 262 -23.02 72.49 -29.70
CA PHE A 262 -23.87 71.30 -29.64
C PHE A 262 -23.69 70.65 -28.28
N TYR A 263 -24.75 70.60 -27.48
CA TYR A 263 -24.67 69.99 -26.17
C TYR A 263 -26.02 69.38 -25.80
N ARG A 264 -25.95 68.19 -25.19
CA ARG A 264 -27.13 67.47 -24.74
C ARG A 264 -27.30 67.63 -23.23
N GLY A 265 -28.26 66.90 -22.68
CA GLY A 265 -28.47 66.90 -21.25
C GLY A 265 -27.58 65.92 -20.52
N GLN A 266 -28.10 65.27 -19.48
CA GLN A 266 -27.34 64.27 -18.74
C GLN A 266 -27.28 63.00 -19.59
N HIS A 267 -26.32 62.98 -20.51
CA HIS A 267 -26.22 61.91 -21.51
C HIS A 267 -24.95 61.09 -21.36
N LEU A 268 -23.79 61.72 -21.41
CA LEU A 268 -22.52 61.02 -21.55
C LEU A 268 -21.93 60.69 -20.19
N ILE A 269 -21.62 59.42 -19.97
CA ILE A 269 -21.00 58.98 -18.71
C ILE A 269 -19.49 59.01 -18.94
N TYR A 270 -18.91 60.23 -18.86
CA TYR A 270 -17.48 60.46 -18.70
C TYR A 270 -17.19 61.95 -18.60
N PRO A 271 -16.16 62.35 -17.84
CA PRO A 271 -15.48 61.57 -16.80
C PRO A 271 -16.08 61.88 -15.42
N GLY A 272 -16.83 60.96 -14.83
CA GLY A 272 -17.49 61.21 -13.56
C GLY A 272 -18.26 62.52 -13.54
N ALA A 273 -19.13 62.74 -14.52
CA ALA A 273 -19.72 64.06 -14.73
C ALA A 273 -21.05 64.23 -14.01
N ASN A 274 -22.02 63.38 -14.31
CA ASN A 274 -23.38 63.55 -13.79
C ASN A 274 -23.61 62.66 -12.57
N LYS A 275 -22.88 62.96 -11.50
CA LYS A 275 -22.94 62.11 -10.31
C LYS A 275 -24.16 62.40 -9.44
N TYR A 276 -24.87 63.50 -9.67
CA TYR A 276 -26.02 63.84 -8.85
C TYR A 276 -27.22 62.95 -9.15
N SER A 277 -27.25 62.28 -10.30
CA SER A 277 -28.30 61.33 -10.60
C SER A 277 -28.09 60.05 -9.79
N HIS A 278 -29.19 59.45 -9.36
CA HIS A 278 -29.14 58.23 -8.57
C HIS A 278 -28.98 56.97 -9.43
N THR A 279 -29.11 57.08 -10.74
CA THR A 279 -28.93 55.95 -11.64
C THR A 279 -27.58 55.98 -12.36
N ILE A 280 -26.81 57.05 -12.24
CA ILE A 280 -25.48 57.11 -12.82
C ILE A 280 -24.38 56.92 -11.78
N GLY A 281 -24.53 57.46 -10.57
CA GLY A 281 -23.56 57.25 -9.52
C GLY A 281 -23.43 55.81 -9.09
N PHE A 282 -24.38 54.96 -9.47
CA PHE A 282 -24.30 53.53 -9.15
C PHE A 282 -23.04 52.90 -9.72
N VAL A 283 -22.71 53.23 -10.97
CA VAL A 283 -21.55 52.64 -11.63
C VAL A 283 -20.26 53.04 -10.90
N TYR A 284 -20.10 54.33 -10.64
CA TYR A 284 -18.89 54.80 -9.95
C TYR A 284 -18.78 54.20 -8.56
N GLY A 285 -19.89 54.16 -7.83
CA GLY A 285 -19.87 53.57 -6.50
C GLY A 285 -19.46 52.11 -6.53
N GLU A 286 -20.01 51.35 -7.48
CA GLU A 286 -19.65 49.94 -7.59
C GLU A 286 -18.17 49.76 -7.91
N MET A 287 -17.65 50.56 -8.85
CA MET A 287 -16.24 50.43 -9.20
C MET A 287 -15.33 50.76 -8.02
N PHE A 288 -15.64 51.83 -7.30
CA PHE A 288 -14.81 52.21 -6.16
C PHE A 288 -14.90 51.18 -5.05
N ARG A 289 -16.09 50.62 -4.82
CA ARG A 289 -16.25 49.58 -3.81
C ARG A 289 -15.44 48.33 -4.17
N ARG A 290 -15.46 47.95 -5.45
CA ARG A 290 -14.68 46.78 -5.87
C ARG A 290 -13.19 47.04 -5.74
N PHE A 291 -12.74 48.26 -6.02
CA PHE A 291 -11.33 48.59 -5.77
C PHE A 291 -10.99 48.49 -4.29
N GLY A 292 -11.87 48.99 -3.43
CA GLY A 292 -11.61 48.94 -2.00
C GLY A 292 -11.57 47.52 -1.45
N GLU A 293 -12.42 46.64 -2.00
CA GLU A 293 -12.47 45.26 -1.51
C GLU A 293 -11.21 44.48 -1.86
N PHE A 294 -10.61 44.77 -3.01
CA PHE A 294 -9.52 43.93 -3.52
C PHE A 294 -8.27 44.02 -2.65
N ILE A 295 -7.90 45.22 -2.22
CA ILE A 295 -6.62 45.43 -1.56
C ILE A 295 -6.73 45.15 -0.07
N SER A 296 -7.86 44.61 0.36
CA SER A 296 -8.08 44.24 1.75
C SER A 296 -7.89 42.75 2.00
N LYS A 297 -7.38 42.02 1.02
CA LYS A 297 -7.17 40.58 1.12
C LYS A 297 -5.74 40.27 1.50
N PRO A 298 -5.52 39.16 2.20
CA PRO A 298 -4.15 38.80 2.57
C PRO A 298 -3.32 38.39 1.36
N GLN A 299 -2.01 38.66 1.45
CA GLN A 299 -1.03 38.28 0.43
C GLN A 299 -1.39 38.88 -0.94
N THR A 300 -1.33 40.21 -0.98
CA THR A 300 -1.64 40.98 -2.17
C THR A 300 -0.44 41.84 -2.57
N ALA A 301 -0.28 42.05 -3.87
CA ALA A 301 0.77 42.91 -4.41
C ALA A 301 0.16 43.85 -5.43
N LEU A 302 0.68 45.07 -5.49
CA LEU A 302 0.14 46.10 -6.36
C LEU A 302 1.26 46.89 -6.99
N PHE A 303 1.13 47.18 -8.28
CA PHE A 303 2.07 48.03 -9.01
C PHE A 303 1.35 49.29 -9.48
N ILE A 304 2.02 50.43 -9.36
CA ILE A 304 1.44 51.73 -9.72
C ILE A 304 2.34 52.38 -10.76
N ASN A 305 1.74 52.88 -11.84
CA ASN A 305 2.47 53.56 -12.88
C ASN A 305 1.57 54.60 -13.53
N GLY A 306 2.13 55.78 -13.81
CA GLY A 306 1.39 56.83 -14.47
C GLY A 306 0.45 57.63 -13.60
N PHE A 307 0.44 57.38 -12.30
CA PHE A 307 -0.47 58.04 -11.37
C PHE A 307 0.22 59.23 -10.72
N GLY A 308 -0.47 60.36 -10.71
CA GLY A 308 0.06 61.60 -10.18
C GLY A 308 -0.16 61.86 -8.71
N PHE A 309 -0.86 60.97 -8.00
CA PHE A 309 -1.12 61.11 -6.58
C PHE A 309 -1.81 62.43 -6.24
N GLY A 310 -2.77 62.81 -7.08
CA GLY A 310 -3.55 64.01 -6.88
C GLY A 310 -4.95 63.80 -6.33
N ASP A 311 -5.28 62.58 -5.88
CA ASP A 311 -6.60 62.25 -5.39
C ASP A 311 -6.53 61.99 -3.89
N TYR A 312 -7.39 62.66 -3.13
CA TYR A 312 -7.40 62.47 -1.68
C TYR A 312 -8.03 61.15 -1.26
N HIS A 313 -8.98 60.63 -2.03
CA HIS A 313 -9.74 59.46 -1.63
C HIS A 313 -9.02 58.15 -1.92
N ILE A 314 -7.89 58.18 -2.62
CA ILE A 314 -7.15 56.97 -2.92
C ILE A 314 -5.95 56.86 -1.99
N ASN A 315 -5.37 58.00 -1.63
CA ASN A 315 -4.22 58.01 -0.75
C ASN A 315 -4.55 57.43 0.62
N ARG A 316 -5.68 57.82 1.19
CA ARG A 316 -6.04 57.34 2.52
C ARG A 316 -6.39 55.86 2.50
N ILE A 317 -6.95 55.38 1.39
CA ILE A 317 -7.26 53.96 1.27
C ILE A 317 -5.97 53.14 1.14
N ILE A 318 -5.00 53.67 0.39
CA ILE A 318 -3.73 52.97 0.26
C ILE A 318 -2.99 52.93 1.59
N LEU A 319 -2.96 54.05 2.31
CA LEU A 319 -2.29 54.08 3.61
C LEU A 319 -2.99 53.19 4.62
N GLY A 320 -4.33 53.16 4.60
CA GLY A 320 -5.05 52.33 5.55
C GLY A 320 -4.80 50.84 5.35
N ALA A 321 -4.63 50.42 4.09
CA ALA A 321 -4.45 49.00 3.80
C ALA A 321 -3.08 48.51 4.21
N LEU A 322 -2.16 49.42 4.53
CA LEU A 322 -0.78 49.03 4.87
C LEU A 322 -0.71 48.45 6.28
N LEU A 323 -1.81 48.51 7.03
CA LEU A 323 -1.83 47.90 8.35
C LEU A 323 -1.75 46.38 8.25
N ASN A 324 -2.20 45.81 7.15
CA ASN A 324 -2.12 44.36 6.96
C ASN A 324 -0.65 43.95 6.79
N PRO A 325 -0.18 42.98 7.58
CA PRO A 325 1.23 42.57 7.46
C PRO A 325 1.57 41.85 6.15
N SER A 326 0.60 41.62 5.27
CA SER A 326 0.86 40.92 4.02
C SER A 326 0.45 41.74 2.80
N PHE A 327 0.78 43.04 2.81
CA PHE A 327 0.49 43.92 1.70
C PHE A 327 1.77 44.59 1.25
N HIS A 328 2.03 44.56 -0.05
CA HIS A 328 3.23 45.15 -0.63
C HIS A 328 2.84 46.03 -1.82
N VAL A 329 3.59 47.11 -2.03
CA VAL A 329 3.28 48.07 -3.07
C VAL A 329 4.58 48.55 -3.70
N VAL A 330 4.54 48.81 -5.02
CA VAL A 330 5.66 49.36 -5.76
C VAL A 330 5.16 50.60 -6.51
N ILE A 331 5.89 51.71 -6.37
CA ILE A 331 5.44 53.00 -6.88
C ILE A 331 6.50 53.57 -7.82
N TYR A 332 6.05 54.12 -8.95
CA TYR A 332 6.91 54.79 -9.91
C TYR A 332 6.59 56.27 -9.92
N TYR A 333 7.60 57.10 -9.70
CA TYR A 333 7.45 58.56 -9.73
C TYR A 333 8.61 59.16 -10.52
N PRO A 334 8.37 59.58 -11.77
CA PRO A 334 9.48 60.01 -12.62
C PRO A 334 10.31 61.16 -12.06
N GLU A 335 9.69 62.14 -11.44
CA GLU A 335 10.39 63.32 -10.94
C GLU A 335 10.36 63.32 -9.41
N LEU A 336 11.48 62.97 -8.80
CA LEU A 336 11.57 62.84 -7.35
C LEU A 336 12.52 63.85 -6.72
N LYS A 337 13.58 64.27 -7.41
CA LYS A 337 14.52 65.21 -6.82
C LYS A 337 13.86 66.56 -6.55
N GLU A 338 13.04 67.04 -7.49
CA GLU A 338 12.37 68.32 -7.30
C GLU A 338 11.47 68.31 -6.08
N ALA A 339 10.72 67.21 -5.89
CA ALA A 339 9.86 67.10 -4.73
C ALA A 339 10.66 67.14 -3.44
N ILE A 340 11.80 66.41 -3.41
CA ILE A 340 12.62 66.38 -2.20
C ILE A 340 13.15 67.77 -1.87
N THR A 341 13.69 68.46 -2.88
CA THR A 341 14.24 69.79 -2.64
C THR A 341 13.17 70.77 -2.18
N LYS A 342 12.01 70.74 -2.84
CA LYS A 342 10.95 71.68 -2.50
C LYS A 342 10.39 71.41 -1.10
N VAL A 343 10.27 70.13 -0.72
CA VAL A 343 9.79 69.81 0.62
C VAL A 343 10.82 70.21 1.67
N SER A 344 12.10 70.00 1.38
CA SER A 344 13.14 70.39 2.32
C SER A 344 13.20 71.90 2.49
N LYS A 345 12.95 72.66 1.42
CA LYS A 345 12.98 74.12 1.52
C LYS A 345 11.75 74.68 2.23
N GLY A 346 10.68 73.90 2.38
CA GLY A 346 9.51 74.31 3.12
C GLY A 346 8.22 74.34 2.31
N GLY A 347 8.31 74.42 0.98
CA GLY A 347 7.14 74.48 0.13
C GLY A 347 6.68 73.12 -0.33
N GLY A 348 5.98 73.12 -1.46
CA GLY A 348 5.50 71.89 -2.06
C GLY A 348 3.99 71.74 -1.94
N SER A 349 3.42 70.97 -2.86
CA SER A 349 1.98 70.73 -2.89
C SER A 349 1.67 69.43 -2.14
N GLU A 350 0.42 68.98 -2.22
CA GLU A 350 0.00 67.81 -1.46
C GLU A 350 0.58 66.52 -2.03
N ALA A 351 0.69 66.43 -3.35
CA ALA A 351 1.21 65.21 -3.96
C ALA A 351 2.67 64.98 -3.57
N GLU A 352 3.49 66.03 -3.64
CA GLU A 352 4.89 65.90 -3.26
C GLU A 352 5.03 65.57 -1.77
N LYS A 353 4.22 66.21 -0.93
CA LYS A 353 4.27 65.92 0.50
C LYS A 353 3.91 64.46 0.77
N ALA A 354 2.87 63.95 0.10
CA ALA A 354 2.47 62.57 0.30
C ALA A 354 3.54 61.59 -0.15
N ILE A 355 4.13 61.84 -1.32
CA ILE A 355 5.13 60.90 -1.82
C ILE A 355 6.39 60.94 -0.97
N VAL A 356 6.78 62.12 -0.48
CA VAL A 356 7.95 62.21 0.40
C VAL A 356 7.66 61.54 1.74
N THR A 357 6.45 61.71 2.26
CA THR A 357 6.07 61.03 3.50
C THR A 357 6.14 59.51 3.34
N LEU A 358 5.66 59.00 2.20
CA LEU A 358 5.79 57.57 1.93
C LEU A 358 7.25 57.15 1.85
N LYS A 359 8.08 57.96 1.20
CA LYS A 359 9.47 57.59 0.98
C LYS A 359 10.30 57.62 2.26
N ASN A 360 9.89 58.41 3.26
CA ASN A 360 10.68 58.62 4.47
C ASN A 360 10.26 57.73 5.63
N MET A 361 9.80 56.52 5.34
CA MET A 361 9.39 55.59 6.38
C MET A 361 10.30 54.37 6.39
N ALA A 362 10.51 53.82 7.59
CA ALA A 362 11.38 52.65 7.76
C ALA A 362 10.56 51.36 7.68
N PHE A 363 9.85 51.20 6.57
CA PHE A 363 9.05 50.02 6.29
C PHE A 363 9.62 49.29 5.09
N ASN A 364 9.62 47.95 5.17
CA ASN A 364 10.08 47.11 4.07
C ASN A 364 8.97 46.76 3.09
N GLN A 365 7.77 47.30 3.29
CA GLN A 365 6.64 47.01 2.42
C GLN A 365 6.44 48.07 1.32
N VAL A 366 7.29 49.09 1.27
CA VAL A 366 7.14 50.18 0.31
C VAL A 366 8.44 50.31 -0.48
N THR A 367 8.32 50.37 -1.81
CA THR A 367 9.44 50.55 -2.71
C THR A 367 9.13 51.67 -3.69
N VAL A 368 10.09 52.57 -3.87
CA VAL A 368 9.90 53.74 -4.73
C VAL A 368 11.01 53.77 -5.78
N VAL A 369 10.62 54.00 -7.02
CA VAL A 369 11.55 54.12 -8.14
C VAL A 369 11.37 55.49 -8.77
N GLY A 370 12.45 56.26 -8.85
CA GLY A 370 12.34 57.64 -9.34
C GLY A 370 13.45 58.10 -10.25
N GLY A 371 14.03 57.19 -11.03
CA GLY A 371 15.21 57.52 -11.81
C GLY A 371 14.96 58.36 -13.05
N GLY A 372 14.24 59.47 -12.92
CA GLY A 372 14.03 60.38 -14.03
C GLY A 372 13.23 59.78 -15.17
N SER A 373 13.91 59.53 -16.30
CA SER A 373 13.28 58.91 -17.46
C SER A 373 13.41 57.39 -17.43
N LYS A 374 13.98 56.82 -16.39
CA LYS A 374 14.06 55.38 -16.21
C LYS A 374 12.87 54.81 -15.47
N ALA A 375 11.87 55.64 -15.17
CA ALA A 375 10.65 55.22 -14.50
C ALA A 375 9.43 55.47 -15.37
N TYR A 376 9.60 55.31 -16.68
CA TYR A 376 8.52 55.52 -17.62
C TYR A 376 7.73 54.22 -17.82
N PHE A 377 6.70 54.27 -18.66
CA PHE A 377 5.86 53.10 -18.88
C PHE A 377 6.62 51.99 -19.60
N ASN A 378 7.49 52.36 -20.55
CA ASN A 378 8.25 51.35 -21.28
C ASN A 378 9.21 50.59 -20.38
N SER A 379 9.85 51.30 -19.44
CA SER A 379 10.79 50.64 -18.53
C SER A 379 10.05 49.77 -17.51
N PHE A 380 8.82 50.13 -17.17
CA PHE A 380 8.04 49.30 -16.25
C PHE A 380 7.83 47.90 -16.82
N VAL A 381 7.47 47.82 -18.10
CA VAL A 381 7.19 46.53 -18.72
C VAL A 381 8.44 45.66 -18.74
N GLU A 382 9.59 46.25 -19.06
CA GLU A 382 10.82 45.48 -19.23
C GLU A 382 11.26 44.79 -17.95
N HIS A 383 10.81 45.26 -16.78
CA HIS A 383 11.23 44.64 -15.53
C HIS A 383 10.51 43.32 -15.29
N LEU A 384 9.26 43.18 -15.75
CA LEU A 384 8.52 41.94 -15.57
C LEU A 384 9.13 40.83 -16.42
N PRO A 385 9.15 39.59 -15.91
CA PRO A 385 9.88 38.51 -16.57
C PRO A 385 9.05 37.62 -17.50
N TYR A 386 9.70 37.16 -18.60
CA TYR A 386 9.16 36.04 -19.38
C TYR A 386 9.52 34.71 -18.72
N PRO A 387 8.74 33.67 -18.97
CA PRO A 387 9.21 32.30 -18.71
C PRO A 387 10.21 31.87 -19.79
N VAL A 388 10.86 30.74 -19.54
CA VAL A 388 11.89 30.24 -20.45
C VAL A 388 11.32 29.33 -21.54
N LEU A 389 10.04 28.97 -21.48
CA LEU A 389 9.41 28.15 -22.49
C LEU A 389 8.33 28.89 -23.28
N PHE A 390 8.25 30.21 -23.13
CA PHE A 390 7.25 30.98 -23.85
C PHE A 390 7.62 31.09 -25.32
N PRO A 391 6.70 30.82 -26.25
CA PRO A 391 7.02 31.00 -27.67
C PRO A 391 7.13 32.47 -28.05
N ARG A 392 8.35 32.94 -28.26
CA ARG A 392 8.61 34.37 -28.46
C ARG A 392 8.72 34.78 -29.92
N ASP A 393 8.91 33.83 -30.82
CA ASP A 393 9.06 34.14 -32.23
C ASP A 393 7.70 34.20 -32.93
N ASN A 394 7.65 34.93 -34.03
CA ASN A 394 6.44 35.10 -34.82
C ASN A 394 6.60 34.40 -36.16
N ILE A 395 5.70 33.45 -36.43
CA ILE A 395 5.76 32.66 -37.67
C ILE A 395 4.47 32.71 -38.47
N VAL A 396 3.32 32.97 -37.85
CA VAL A 396 2.03 32.91 -38.54
C VAL A 396 1.96 33.96 -39.64
N ASP A 397 2.71 35.06 -39.52
CA ASP A 397 2.65 36.13 -40.50
C ASP A 397 3.08 35.64 -41.89
N GLU A 398 4.18 34.88 -41.95
CA GLU A 398 4.63 34.38 -43.24
C GLU A 398 3.61 33.44 -43.86
N LEU A 399 3.02 32.56 -43.06
CA LEU A 399 2.03 31.61 -43.59
C LEU A 399 0.78 32.33 -44.09
N VAL A 400 0.29 33.33 -43.35
CA VAL A 400 -0.90 34.03 -43.81
C VAL A 400 -0.59 34.87 -45.04
N GLU A 401 0.64 35.41 -45.13
CA GLU A 401 1.04 36.11 -46.34
C GLU A 401 1.07 35.16 -47.54
N ALA A 402 1.59 33.95 -47.34
CA ALA A 402 1.60 32.97 -48.43
C ALA A 402 0.19 32.58 -48.84
N ILE A 403 -0.70 32.41 -47.86
CA ILE A 403 -2.09 32.07 -48.18
C ILE A 403 -2.77 33.19 -48.95
N ALA A 404 -2.55 34.44 -48.52
CA ALA A 404 -3.12 35.58 -49.24
C ALA A 404 -2.48 35.77 -50.62
N ASN A 405 -1.28 35.24 -50.82
CA ASN A 405 -0.64 35.36 -52.13
C ASN A 405 -1.45 34.64 -53.21
N LEU A 406 -1.98 33.46 -52.89
CA LEU A 406 -2.82 32.74 -53.84
C LEU A 406 -4.11 33.51 -54.11
N SER A 407 -4.56 33.45 -55.35
CA SER A 407 -5.79 34.14 -55.75
C SER A 407 -6.65 33.26 -56.65
N SER B 2 -55.59 35.14 -4.16
CA SER B 2 -54.63 36.04 -4.79
C SER B 2 -53.20 35.62 -4.49
N ILE B 3 -52.89 34.35 -4.80
CA ILE B 3 -51.54 33.83 -4.60
C ILE B 3 -51.04 33.25 -5.92
N TYR B 4 -50.00 33.86 -6.47
CA TYR B 4 -49.46 33.47 -7.78
C TYR B 4 -48.09 32.82 -7.60
N GLN B 5 -47.91 31.67 -8.23
CA GLN B 5 -46.62 30.98 -8.25
C GLN B 5 -46.27 30.68 -9.71
N GLY B 6 -45.39 31.49 -10.29
CA GLY B 6 -45.01 31.30 -11.67
C GLY B 6 -45.99 31.86 -12.68
N GLY B 7 -46.76 32.88 -12.30
CA GLY B 7 -47.73 33.49 -13.19
C GLY B 7 -49.11 32.87 -13.15
N ASN B 8 -49.24 31.66 -12.60
CA ASN B 8 -50.52 30.99 -12.49
C ASN B 8 -51.15 31.34 -11.15
N LYS B 9 -52.21 30.62 -10.78
CA LYS B 9 -52.89 30.83 -9.51
C LYS B 9 -52.63 29.66 -8.57
N LEU B 10 -52.81 29.91 -7.28
CA LEU B 10 -52.57 28.92 -6.25
C LEU B 10 -53.67 29.03 -5.20
N ASN B 11 -53.94 27.90 -4.54
CA ASN B 11 -54.94 27.83 -3.48
C ASN B 11 -54.28 27.97 -2.12
N GLU B 12 -55.11 28.25 -1.12
CA GLU B 12 -54.61 28.55 0.23
C GLU B 12 -54.19 27.30 0.99
N ASP B 13 -54.31 26.10 0.43
CA ASP B 13 -53.86 24.88 1.11
C ASP B 13 -52.49 24.41 0.64
N ASP B 14 -52.18 24.54 -0.65
CA ASP B 14 -50.84 24.23 -1.11
C ASP B 14 -49.83 25.29 -0.69
N PHE B 15 -50.30 26.52 -0.47
CA PHE B 15 -49.40 27.58 -0.03
C PHE B 15 -48.82 27.27 1.34
N ARG B 16 -49.64 26.74 2.26
CA ARG B 16 -49.14 26.41 3.59
C ARG B 16 -48.10 25.30 3.54
N SER B 17 -48.33 24.28 2.72
CA SER B 17 -47.36 23.21 2.60
C SER B 17 -46.09 23.68 1.92
N HIS B 18 -46.21 24.64 1.00
CA HIS B 18 -45.03 25.25 0.38
C HIS B 18 -44.22 26.01 1.41
N VAL B 19 -44.89 26.80 2.25
CA VAL B 19 -44.20 27.59 3.27
C VAL B 19 -43.53 26.67 4.29
N TYR B 20 -44.18 25.56 4.63
CA TYR B 20 -43.61 24.65 5.60
C TYR B 20 -42.30 24.06 5.10
N SER B 21 -42.23 23.70 3.82
CA SER B 21 -41.03 23.07 3.29
C SER B 21 -39.91 24.08 3.09
N LEU B 22 -40.23 25.35 2.90
CA LEU B 22 -39.21 26.37 2.70
C LEU B 22 -38.37 26.62 3.94
N CYS B 23 -38.88 26.26 5.12
CA CYS B 23 -38.17 26.49 6.37
C CYS B 23 -37.18 25.38 6.70
N GLN B 24 -37.11 24.33 5.89
CA GLN B 24 -36.19 23.22 6.11
C GLN B 24 -34.87 23.39 5.39
N LEU B 25 -34.70 24.47 4.63
CA LEU B 25 -33.49 24.67 3.85
C LEU B 25 -32.33 25.12 4.75
N ASP B 26 -31.13 25.19 4.15
CA ASP B 26 -29.93 25.50 4.92
C ASP B 26 -29.91 26.95 5.39
N ASN B 27 -30.41 27.88 4.58
CA ASN B 27 -30.33 29.30 4.89
C ASN B 27 -31.70 29.94 4.82
N VAL B 28 -32.05 30.70 5.86
CA VAL B 28 -33.33 31.40 5.94
C VAL B 28 -33.05 32.85 6.33
N GLY B 29 -33.82 33.77 5.77
CA GLY B 29 -33.65 35.18 6.07
C GLY B 29 -34.93 35.95 5.92
N VAL B 30 -34.93 37.17 6.46
CA VAL B 30 -36.08 38.05 6.44
C VAL B 30 -35.63 39.45 6.09
N LEU B 31 -36.40 40.14 5.24
CA LEU B 31 -36.16 41.54 4.90
C LEU B 31 -37.41 42.33 5.27
N LEU B 32 -37.30 43.21 6.26
CA LEU B 32 -38.42 43.99 6.76
C LEU B 32 -38.30 45.43 6.31
N GLY B 33 -39.44 46.10 6.19
CA GLY B 33 -39.48 47.49 5.77
C GLY B 33 -40.09 48.41 6.80
N ALA B 34 -40.59 49.56 6.36
CA ALA B 34 -41.17 50.53 7.27
C ALA B 34 -42.65 50.30 7.53
N GLY B 35 -43.26 49.29 6.91
CA GLY B 35 -44.65 48.98 7.16
C GLY B 35 -44.85 48.05 8.34
N ALA B 36 -43.78 47.33 8.72
CA ALA B 36 -43.88 46.41 9.84
C ALA B 36 -43.99 47.13 11.17
N SER B 37 -43.53 48.38 11.26
CA SER B 37 -43.56 49.14 12.50
C SER B 37 -44.83 49.97 12.65
N VAL B 38 -45.78 49.84 11.72
CA VAL B 38 -47.03 50.59 11.83
C VAL B 38 -47.87 50.11 13.00
N GLY B 39 -47.86 48.81 13.30
CA GLY B 39 -48.64 48.29 14.41
C GLY B 39 -48.09 48.59 15.78
N CYS B 40 -46.86 49.09 15.87
CA CYS B 40 -46.26 49.44 17.16
C CYS B 40 -46.27 50.93 17.46
N GLY B 41 -46.53 51.77 16.47
CA GLY B 41 -46.56 53.20 16.67
C GLY B 41 -45.76 53.99 15.64
N GLY B 42 -45.33 53.31 14.58
CA GLY B 42 -44.55 53.95 13.54
C GLY B 42 -45.42 54.70 12.55
N LYS B 43 -44.75 55.33 11.58
CA LYS B 43 -45.42 56.10 10.55
C LYS B 43 -44.72 55.87 9.22
N THR B 44 -45.47 56.06 8.14
CA THR B 44 -44.94 55.94 6.79
C THR B 44 -44.53 57.30 6.26
N MET B 45 -44.19 57.37 4.97
CA MET B 45 -43.69 58.61 4.39
C MET B 45 -44.80 59.61 4.07
N LYS B 46 -46.05 59.15 3.92
CA LYS B 46 -47.14 60.09 3.71
C LYS B 46 -47.44 60.91 4.95
N ASP B 47 -47.38 60.26 6.12
CA ASP B 47 -47.61 60.97 7.37
C ASP B 47 -46.54 62.02 7.63
N VAL B 48 -45.30 61.75 7.22
CA VAL B 48 -44.24 62.73 7.36
C VAL B 48 -44.55 63.97 6.53
N TRP B 49 -44.99 63.77 5.29
CA TRP B 49 -45.34 64.91 4.44
C TRP B 49 -46.52 65.68 5.02
N LYS B 50 -47.53 64.97 5.54
CA LYS B 50 -48.67 65.65 6.13
C LYS B 50 -48.24 66.48 7.35
N SER B 51 -47.37 65.92 8.19
CA SER B 51 -46.89 66.65 9.35
C SER B 51 -46.08 67.88 8.93
N PHE B 52 -45.26 67.73 7.89
CA PHE B 52 -44.51 68.88 7.39
C PHE B 52 -45.44 69.97 6.87
N LYS B 53 -46.51 69.56 6.17
CA LYS B 53 -47.50 70.52 5.70
C LYS B 53 -48.16 71.25 6.86
N GLN B 54 -48.55 70.51 7.90
CA GLN B 54 -49.31 71.11 8.99
C GLN B 54 -48.45 72.00 9.87
N ASN B 55 -47.26 71.55 10.23
CA ASN B 55 -46.45 72.25 11.22
C ASN B 55 -45.83 73.52 10.66
N TYR B 56 -45.29 73.47 9.44
CA TYR B 56 -44.61 74.60 8.81
C TYR B 56 -45.36 74.97 7.54
N PRO B 57 -46.30 75.90 7.61
CA PRO B 57 -47.03 76.30 6.39
C PRO B 57 -46.34 77.41 5.63
N GLU B 58 -45.37 78.08 6.27
CA GLU B 58 -44.69 79.20 5.64
C GLU B 58 -43.71 78.72 4.57
N LEU B 59 -43.02 77.60 4.83
CA LEU B 59 -41.96 77.17 3.92
C LEU B 59 -42.50 76.59 2.63
N LEU B 60 -43.73 76.07 2.64
CA LEU B 60 -44.32 75.57 1.39
C LEU B 60 -44.53 76.70 0.38
N GLY B 61 -44.82 77.90 0.86
CA GLY B 61 -44.94 79.03 -0.05
C GLY B 61 -43.66 79.27 -0.82
N ALA B 62 -42.51 79.26 -0.11
CA ALA B 62 -41.23 79.43 -0.78
C ALA B 62 -40.91 78.24 -1.68
N LEU B 63 -41.25 77.03 -1.23
CA LEU B 63 -40.92 75.84 -2.01
C LEU B 63 -41.71 75.77 -3.31
N ILE B 64 -42.96 76.23 -3.31
CA ILE B 64 -43.82 76.11 -4.48
C ILE B 64 -43.79 77.35 -5.37
N ASP B 65 -43.73 78.55 -4.80
CA ASP B 65 -43.84 79.78 -5.57
C ASP B 65 -42.50 80.28 -6.10
N LYS B 66 -41.45 80.23 -5.31
CA LYS B 66 -40.18 80.85 -5.68
C LYS B 66 -39.23 79.88 -6.39
N TYR B 67 -38.98 78.72 -5.79
CA TYR B 67 -38.00 77.78 -6.34
C TYR B 67 -38.62 76.72 -7.24
N LEU B 68 -39.93 76.52 -7.18
CA LEU B 68 -40.63 75.56 -8.05
C LEU B 68 -40.07 74.15 -7.90
N LEU B 69 -39.86 73.73 -6.65
CA LEU B 69 -39.39 72.38 -6.38
C LEU B 69 -40.53 71.38 -6.18
N VAL B 70 -41.72 71.85 -5.86
CA VAL B 70 -42.87 70.99 -5.60
C VAL B 70 -44.03 71.46 -6.47
N SER B 71 -44.68 70.52 -7.15
CA SER B 71 -45.84 70.84 -7.96
C SER B 71 -47.03 71.16 -7.07
N GLN B 72 -47.86 72.12 -7.51
CA GLN B 72 -49.01 72.55 -6.71
C GLN B 72 -50.04 71.43 -6.56
N ILE B 73 -50.22 70.60 -7.60
CA ILE B 73 -51.22 69.55 -7.54
C ILE B 73 -50.86 68.53 -6.46
N ASP B 74 -49.59 68.14 -6.39
CA ASP B 74 -49.16 67.12 -5.43
C ASP B 74 -49.14 67.64 -3.99
N SER B 75 -49.11 68.95 -3.79
CA SER B 75 -49.15 69.49 -2.43
C SER B 75 -50.50 69.33 -1.77
N ASP B 76 -51.54 68.97 -2.53
CA ASP B 76 -52.88 68.76 -2.00
C ASP B 76 -53.29 67.30 -1.95
N ASN B 77 -52.85 66.49 -2.92
CA ASN B 77 -53.14 65.07 -2.93
C ASN B 77 -52.11 64.23 -2.21
N ASN B 78 -51.04 64.85 -1.71
CA ASN B 78 -49.98 64.15 -0.97
C ASN B 78 -49.36 63.04 -1.82
N LEU B 79 -48.72 63.45 -2.92
CA LEU B 79 -48.02 62.56 -3.82
C LEU B 79 -46.55 62.97 -3.97
N VAL B 80 -46.01 63.60 -2.95
CA VAL B 80 -44.63 64.12 -2.99
C VAL B 80 -43.69 63.08 -2.41
N ASN B 81 -42.57 62.86 -3.09
CA ASN B 81 -41.51 61.97 -2.64
C ASN B 81 -40.45 62.81 -1.94
N VAL B 82 -40.23 62.55 -0.65
CA VAL B 82 -39.33 63.39 0.13
C VAL B 82 -37.88 62.98 -0.07
N GLU B 83 -37.63 61.73 -0.49
CA GLU B 83 -36.27 61.28 -0.69
C GLU B 83 -35.58 62.03 -1.82
N LEU B 84 -36.32 62.37 -2.88
CA LEU B 84 -35.76 63.22 -3.92
C LEU B 84 -35.68 64.68 -3.48
N LEU B 85 -36.62 65.12 -2.63
CA LEU B 85 -36.61 66.49 -2.16
C LEU B 85 -35.37 66.77 -1.34
N ILE B 86 -34.94 65.82 -0.51
CA ILE B 86 -33.74 66.01 0.29
C ILE B 86 -32.51 66.18 -0.61
N ASP B 87 -32.40 65.35 -1.64
CA ASP B 87 -31.27 65.44 -2.56
C ASP B 87 -31.27 66.78 -3.31
N GLU B 88 -32.44 67.21 -3.78
CA GLU B 88 -32.52 68.48 -4.49
C GLU B 88 -32.18 69.65 -3.57
N ALA B 89 -32.64 69.61 -2.32
CA ALA B 89 -32.29 70.65 -1.38
C ALA B 89 -30.79 70.69 -1.12
N THR B 90 -30.16 69.53 -1.00
CA THR B 90 -28.71 69.50 -0.80
C THR B 90 -27.99 70.09 -2.01
N LYS B 91 -28.44 69.75 -3.21
CA LYS B 91 -27.81 70.31 -4.41
C LYS B 91 -27.95 71.82 -4.47
N PHE B 92 -29.14 72.33 -4.16
CA PHE B 92 -29.35 73.78 -4.14
C PHE B 92 -28.48 74.45 -3.12
N LEU B 93 -28.36 73.86 -1.91
CA LEU B 93 -27.52 74.44 -0.88
C LEU B 93 -26.06 74.48 -1.32
N SER B 94 -25.57 73.41 -1.94
CA SER B 94 -24.19 73.39 -2.40
C SER B 94 -23.94 74.45 -3.46
N VAL B 95 -24.86 74.58 -4.42
CA VAL B 95 -24.69 75.57 -5.47
C VAL B 95 -24.71 76.98 -4.89
N ALA B 96 -25.63 77.24 -3.95
CA ALA B 96 -25.69 78.56 -3.33
C ALA B 96 -24.42 78.86 -2.53
N LYS B 97 -23.87 77.85 -1.85
CA LYS B 97 -22.65 78.07 -1.07
C LYS B 97 -21.46 78.37 -1.95
N THR B 98 -21.37 77.68 -3.11
CA THR B 98 -20.20 77.86 -3.97
C THR B 98 -20.10 79.30 -4.49
N ARG B 99 -21.23 79.88 -4.89
CA ARG B 99 -21.24 81.19 -5.51
C ARG B 99 -21.41 82.34 -4.51
N ARG B 100 -21.34 82.05 -3.22
CA ARG B 100 -21.39 83.05 -2.15
C ARG B 100 -22.71 83.83 -2.19
N CYS B 101 -23.80 83.11 -2.01
CA CYS B 101 -25.14 83.67 -1.93
C CYS B 101 -25.64 83.46 -0.50
N GLU B 102 -25.38 84.46 0.36
CA GLU B 102 -25.58 84.29 1.79
C GLU B 102 -27.06 84.19 2.18
N ASP B 103 -27.94 84.89 1.49
CA ASP B 103 -29.34 84.94 1.89
C ASP B 103 -30.14 83.70 1.50
N GLU B 104 -29.51 82.71 0.85
CA GLU B 104 -30.17 81.45 0.54
C GLU B 104 -29.64 80.28 1.35
N GLU B 105 -28.41 80.36 1.85
CA GLU B 105 -27.87 79.27 2.66
C GLU B 105 -28.71 79.06 3.91
N GLU B 106 -29.05 80.14 4.61
CA GLU B 106 -29.91 80.03 5.79
C GLU B 106 -31.29 79.50 5.44
N GLU B 107 -31.85 79.98 4.32
CA GLU B 107 -33.18 79.55 3.91
C GLU B 107 -33.22 78.05 3.66
N PHE B 108 -32.19 77.51 3.00
CA PHE B 108 -32.18 76.08 2.73
C PHE B 108 -31.80 75.26 3.97
N ARG B 109 -30.95 75.81 4.84
CA ARG B 109 -30.61 75.12 6.08
C ARG B 109 -31.84 74.94 6.95
N LYS B 110 -32.70 75.96 7.00
CA LYS B 110 -33.93 75.84 7.78
C LYS B 110 -34.80 74.70 7.27
N ILE B 111 -34.95 74.60 5.95
CA ILE B 111 -35.77 73.54 5.36
C ILE B 111 -35.17 72.18 5.67
N LEU B 112 -33.86 72.03 5.50
CA LEU B 112 -33.22 70.74 5.77
C LEU B 112 -33.36 70.35 7.23
N SER B 113 -33.16 71.30 8.14
CA SER B 113 -33.29 71.00 9.56
C SER B 113 -34.72 70.60 9.91
N SER B 114 -35.71 71.30 9.35
CA SER B 114 -37.10 70.95 9.61
C SER B 114 -37.41 69.54 9.11
N LEU B 115 -36.94 69.21 7.90
CA LEU B 115 -37.20 67.87 7.36
C LEU B 115 -36.56 66.79 8.23
N TYR B 116 -35.31 67.02 8.66
CA TYR B 116 -34.65 66.02 9.49
C TYR B 116 -35.33 65.86 10.84
N LYS B 117 -35.74 66.97 11.45
CA LYS B 117 -36.45 66.88 12.73
C LYS B 117 -37.78 66.14 12.57
N GLU B 118 -38.50 66.39 11.47
CA GLU B 118 -39.74 65.68 11.23
C GLU B 118 -39.52 64.19 11.03
N VAL B 119 -38.44 63.81 10.34
CA VAL B 119 -38.13 62.40 10.16
C VAL B 119 -37.78 61.74 11.50
N THR B 120 -37.04 62.45 12.36
CA THR B 120 -36.61 61.85 13.63
C THR B 120 -37.79 61.50 14.52
N LYS B 121 -38.81 62.37 14.58
CA LYS B 121 -39.90 62.19 15.53
C LYS B 121 -40.70 60.92 15.28
N ALA B 122 -40.64 60.38 14.07
CA ALA B 122 -41.48 59.25 13.68
C ALA B 122 -40.85 57.90 14.00
N ALA B 123 -39.70 57.87 14.67
CA ALA B 123 -39.00 56.61 14.93
C ALA B 123 -38.89 56.26 16.40
N LEU B 124 -39.44 57.07 17.31
CA LEU B 124 -39.33 56.76 18.73
C LEU B 124 -40.30 55.66 19.14
N LEU B 125 -41.47 55.61 18.52
CA LEU B 125 -42.49 54.58 18.69
C LEU B 125 -43.20 54.67 20.04
N THR B 126 -42.72 55.52 20.94
CA THR B 126 -43.37 55.66 22.24
C THR B 126 -43.44 57.10 22.73
N GLY B 127 -42.63 58.01 22.19
CA GLY B 127 -42.67 59.39 22.62
C GLY B 127 -41.83 59.68 23.85
N GLU B 128 -42.49 60.02 24.96
CA GLU B 128 -41.75 60.43 26.15
C GLU B 128 -41.07 59.26 26.84
N GLN B 129 -41.64 58.06 26.76
CA GLN B 129 -41.09 56.90 27.44
C GLN B 129 -40.00 56.20 26.65
N PHE B 130 -39.38 56.89 25.69
CA PHE B 130 -38.27 56.33 24.93
C PHE B 130 -37.05 56.08 25.79
N ARG B 131 -36.90 56.79 26.91
CA ARG B 131 -35.72 56.71 27.75
C ARG B 131 -35.91 55.82 28.98
N GLU B 132 -36.99 55.05 29.02
CA GLU B 132 -37.27 54.18 30.15
C GLU B 132 -36.73 52.78 29.90
N LYS B 133 -36.87 51.91 30.90
CA LYS B 133 -36.38 50.54 30.83
C LYS B 133 -37.56 49.58 30.69
N ASN B 134 -37.25 48.38 30.21
CA ASN B 134 -38.22 47.30 30.03
C ASN B 134 -39.38 47.73 29.15
N GLN B 135 -39.05 48.31 28.00
CA GLN B 135 -40.05 48.67 27.01
C GLN B 135 -40.53 47.50 26.18
N GLY B 136 -39.79 46.38 26.20
CA GLY B 136 -40.21 45.21 25.47
C GLY B 136 -41.24 44.36 26.17
N LYS B 137 -41.54 44.65 27.44
CA LYS B 137 -42.52 43.89 28.20
C LYS B 137 -43.95 44.28 27.87
N LYS B 138 -44.17 45.35 27.12
CA LYS B 138 -45.51 45.79 26.77
C LYS B 138 -46.14 44.80 25.78
N ASP B 139 -47.40 45.03 25.46
CA ASP B 139 -48.18 44.11 24.65
C ASP B 139 -48.14 44.49 23.16
N ALA B 140 -47.44 45.58 22.82
CA ALA B 140 -47.34 45.97 21.42
C ALA B 140 -46.25 45.22 20.67
N PHE B 141 -45.29 44.61 21.38
CA PHE B 141 -44.19 43.89 20.77
C PHE B 141 -44.34 42.37 20.89
N LYS B 142 -45.58 41.88 20.88
CA LYS B 142 -45.80 40.45 21.03
C LYS B 142 -45.45 39.69 19.76
N TYR B 143 -45.81 40.23 18.60
CA TYR B 143 -45.61 39.50 17.35
C TYR B 143 -44.14 39.49 16.93
N HIS B 144 -43.35 40.49 17.33
CA HIS B 144 -41.92 40.42 17.11
C HIS B 144 -41.30 39.27 17.91
N LYS B 145 -41.73 39.11 19.16
CA LYS B 145 -41.28 37.97 19.95
C LYS B 145 -41.67 36.65 19.30
N GLU B 146 -42.91 36.57 18.83
CA GLU B 146 -43.37 35.35 18.17
C GLU B 146 -42.54 35.05 16.92
N LEU B 147 -42.23 36.08 16.12
CA LEU B 147 -41.43 35.88 14.93
C LEU B 147 -40.04 35.38 15.27
N ILE B 148 -39.40 35.99 16.27
CA ILE B 148 -38.05 35.57 16.63
C ILE B 148 -38.05 34.14 17.15
N SER B 149 -39.02 33.80 18.00
CA SER B 149 -39.09 32.44 18.54
C SER B 149 -39.31 31.42 17.44
N LYS B 150 -40.22 31.72 16.49
CA LYS B 150 -40.48 30.79 15.40
C LYS B 150 -39.26 30.62 14.51
N LEU B 151 -38.56 31.71 14.21
CA LEU B 151 -37.37 31.61 13.36
C LEU B 151 -36.28 30.79 14.03
N ILE B 152 -36.05 31.02 15.33
CA ILE B 152 -34.98 30.30 16.01
C ILE B 152 -35.33 28.83 16.20
N SER B 153 -36.59 28.52 16.52
CA SER B 153 -36.96 27.15 16.87
C SER B 153 -36.74 26.17 15.73
N ASN B 154 -37.07 26.58 14.50
CA ASN B 154 -37.00 25.68 13.34
C ASN B 154 -35.56 25.52 12.86
N ARG B 155 -34.74 24.92 13.71
CA ARG B 155 -33.34 24.67 13.38
C ARG B 155 -32.93 23.29 13.88
N GLN B 156 -32.26 22.54 13.02
CA GLN B 156 -31.68 21.25 13.34
C GLN B 156 -30.21 21.40 13.66
N PRO B 157 -29.63 20.50 14.45
CA PRO B 157 -28.21 20.61 14.81
C PRO B 157 -27.32 20.56 13.58
N GLY B 158 -26.25 21.36 13.60
CA GLY B 158 -25.33 21.45 12.49
C GLY B 158 -25.67 22.50 11.46
N GLN B 159 -26.81 23.17 11.59
CA GLN B 159 -27.22 24.19 10.65
C GLN B 159 -26.86 25.58 11.17
N SER B 160 -26.85 26.56 10.25
CA SER B 160 -26.46 27.92 10.58
C SER B 160 -27.60 28.66 11.27
N ALA B 161 -27.29 29.89 11.73
CA ALA B 161 -28.22 30.75 12.46
C ALA B 161 -28.97 31.67 11.50
N PRO B 162 -30.20 32.04 11.82
CA PRO B 162 -30.97 32.93 10.94
C PRO B 162 -30.39 34.34 10.90
N ALA B 163 -30.69 35.03 9.80
CA ALA B 163 -30.23 36.39 9.58
C ALA B 163 -31.41 37.30 9.31
N ILE B 164 -31.35 38.53 9.82
CA ILE B 164 -32.44 39.49 9.69
C ILE B 164 -31.89 40.78 9.11
N PHE B 165 -32.50 41.26 8.03
CA PHE B 165 -32.15 42.52 7.39
C PHE B 165 -33.31 43.49 7.56
N THR B 166 -33.00 44.76 7.83
CA THR B 166 -34.03 45.77 8.02
C THR B 166 -33.54 47.11 7.51
N THR B 167 -34.49 47.99 7.18
CA THR B 167 -34.21 49.34 6.71
C THR B 167 -34.93 50.37 7.57
N ASN B 168 -34.89 50.18 8.89
CA ASN B 168 -35.56 51.06 9.84
C ASN B 168 -34.52 51.71 10.74
N TYR B 169 -35.00 52.60 11.61
CA TYR B 169 -34.16 53.25 12.60
C TYR B 169 -34.55 52.89 14.03
N ASP B 170 -35.75 52.36 14.25
CA ASP B 170 -36.28 52.12 15.57
C ASP B 170 -35.64 50.88 16.20
N LEU B 171 -35.96 50.67 17.47
CA LEU B 171 -35.32 49.64 18.29
C LEU B 171 -36.30 48.53 18.70
N ALA B 172 -37.24 48.21 17.82
CA ALA B 172 -38.26 47.21 18.16
C ALA B 172 -37.64 45.82 18.32
N LEU B 173 -36.83 45.39 17.35
CA LEU B 173 -36.24 44.07 17.41
C LEU B 173 -35.28 43.93 18.57
N GLU B 174 -34.47 44.97 18.83
CA GLU B 174 -33.56 44.94 19.98
C GLU B 174 -34.34 44.80 21.29
N TRP B 175 -35.42 45.58 21.43
CA TRP B 175 -36.22 45.51 22.65
C TRP B 175 -36.82 44.12 22.84
N ALA B 176 -37.39 43.56 21.77
CA ALA B 176 -38.00 42.23 21.89
C ALA B 176 -36.96 41.16 22.22
N ALA B 177 -35.81 41.20 21.54
CA ALA B 177 -34.78 40.19 21.78
C ALA B 177 -34.21 40.31 23.19
N GLU B 178 -34.02 41.53 23.68
CA GLU B 178 -33.53 41.71 25.04
C GLU B 178 -34.56 41.26 26.06
N ASP B 179 -35.85 41.41 25.76
CA ASP B 179 -36.87 40.84 26.65
C ASP B 179 -36.79 39.32 26.67
N LEU B 180 -36.67 38.69 25.50
CA LEU B 180 -36.62 37.23 25.45
C LEU B 180 -35.35 36.65 26.05
N GLY B 181 -34.29 37.44 26.19
CA GLY B 181 -33.02 36.94 26.66
C GLY B 181 -32.08 36.44 25.59
N ILE B 182 -32.38 36.72 24.32
CA ILE B 182 -31.58 36.24 23.20
C ILE B 182 -30.49 37.26 22.91
N GLN B 183 -29.34 36.76 22.44
CA GLN B 183 -28.18 37.58 22.13
C GLN B 183 -28.13 37.83 20.63
N LEU B 184 -28.07 39.10 20.24
CA LEU B 184 -27.99 39.51 18.84
C LEU B 184 -26.63 40.11 18.56
N PHE B 185 -26.03 39.72 17.43
CA PHE B 185 -24.73 40.22 17.02
C PHE B 185 -24.92 41.27 15.93
N ASN B 186 -24.37 42.47 16.15
CA ASN B 186 -24.50 43.55 15.19
C ASN B 186 -23.16 44.20 14.83
N GLY B 187 -22.03 43.67 15.33
CA GLY B 187 -20.72 44.15 14.96
C GLY B 187 -20.04 45.03 15.98
N PHE B 188 -20.73 45.48 17.02
CA PHE B 188 -20.16 46.34 18.04
C PHE B 188 -19.73 45.52 19.25
N SER B 189 -18.76 46.03 19.99
CA SER B 189 -18.21 45.34 21.15
C SER B 189 -17.79 46.35 22.21
N GLY B 190 -17.83 45.92 23.47
CA GLY B 190 -17.46 46.74 24.61
C GLY B 190 -18.68 47.19 25.40
N LEU B 191 -18.40 47.85 26.53
CA LEU B 191 -19.44 48.53 27.30
C LEU B 191 -19.16 50.02 27.45
N HIS B 192 -17.98 50.39 27.96
CA HIS B 192 -17.69 51.80 28.22
C HIS B 192 -17.26 52.55 26.98
N THR B 193 -16.91 51.83 25.91
CA THR B 193 -16.53 52.44 24.63
C THR B 193 -16.90 51.47 23.54
N ARG B 194 -17.95 51.78 22.78
CA ARG B 194 -18.46 50.91 21.74
C ARG B 194 -17.82 51.27 20.41
N GLN B 195 -17.35 50.26 19.67
CA GLN B 195 -16.72 50.48 18.39
C GLN B 195 -17.15 49.37 17.42
N PHE B 196 -17.11 49.71 16.13
CA PHE B 196 -17.55 48.81 15.07
C PHE B 196 -16.35 48.10 14.48
N TYR B 197 -16.39 46.77 14.49
CA TYR B 197 -15.32 45.95 13.92
C TYR B 197 -15.92 45.00 12.89
N PRO B 198 -15.47 45.04 11.63
CA PRO B 198 -16.10 44.19 10.60
C PRO B 198 -15.93 42.70 10.85
N GLN B 199 -14.98 42.28 11.67
CA GLN B 199 -14.76 40.86 11.90
C GLN B 199 -15.58 40.31 13.06
N ASN B 200 -16.50 41.10 13.62
CA ASN B 200 -17.39 40.61 14.67
C ASN B 200 -18.59 39.85 14.14
N PHE B 201 -18.71 39.71 12.82
CA PHE B 201 -19.78 38.95 12.21
C PHE B 201 -19.42 37.48 12.03
N ASP B 202 -18.24 37.06 12.48
CA ASP B 202 -17.76 35.69 12.29
C ASP B 202 -17.68 34.91 13.59
N LEU B 203 -18.38 35.35 14.63
CA LEU B 203 -18.30 34.72 15.94
C LEU B 203 -19.51 33.84 16.19
N ALA B 204 -19.40 33.01 17.24
CA ALA B 204 -20.46 32.10 17.63
C ALA B 204 -20.23 31.68 19.07
N PHE B 205 -21.16 30.89 19.60
CA PHE B 205 -21.09 30.40 20.96
C PHE B 205 -20.69 28.93 20.99
N ARG B 206 -20.18 28.50 22.14
CA ARG B 206 -19.78 27.13 22.38
C ARG B 206 -19.77 26.88 23.88
N ASN B 207 -20.31 25.73 24.28
CA ASN B 207 -20.44 25.38 25.69
C ASN B 207 -19.23 24.59 26.16
N VAL B 208 -18.84 24.81 27.40
CA VAL B 208 -17.71 24.10 27.99
C VAL B 208 -18.18 23.16 29.07
N HIS B 218 -27.23 26.54 21.86
CA HIS B 218 -27.62 27.82 22.44
C HIS B 218 -28.26 28.67 21.34
N TYR B 219 -28.95 29.74 21.74
CA TYR B 219 -29.75 30.55 20.81
C TYR B 219 -29.04 31.87 20.54
N HIS B 220 -28.89 32.21 19.26
CA HIS B 220 -28.31 33.48 18.85
C HIS B 220 -28.69 33.75 17.40
N ALA B 221 -28.53 35.00 16.98
CA ALA B 221 -28.88 35.41 15.62
C ALA B 221 -28.03 36.61 15.22
N TYR B 222 -28.24 37.08 14.00
CA TYR B 222 -27.50 38.21 13.44
C TYR B 222 -28.48 39.28 12.98
N LEU B 223 -28.07 40.55 13.12
CA LEU B 223 -28.91 41.68 12.74
C LEU B 223 -28.08 42.66 11.91
N TYR B 224 -28.56 42.95 10.70
CA TYR B 224 -27.94 43.94 9.83
C TYR B 224 -28.90 45.10 9.61
N LYS B 225 -28.44 46.31 9.94
CA LYS B 225 -29.21 47.53 9.70
C LYS B 225 -28.59 48.25 8.51
N LEU B 226 -29.33 48.28 7.40
CA LEU B 226 -28.79 48.77 6.15
C LEU B 226 -28.79 50.30 6.04
N HIS B 227 -29.53 51.01 6.89
CA HIS B 227 -29.69 52.44 6.73
C HIS B 227 -29.38 53.21 8.01
N GLY B 228 -28.63 52.63 8.93
CA GLY B 228 -28.24 53.35 10.14
C GLY B 228 -29.18 53.11 11.30
N SER B 229 -28.96 53.90 12.35
CA SER B 229 -29.74 53.76 13.58
C SER B 229 -29.73 55.10 14.31
N LEU B 230 -30.64 55.22 15.28
CA LEU B 230 -30.74 56.44 16.07
C LEU B 230 -29.67 56.57 17.12
N THR B 231 -29.01 55.47 17.49
CA THR B 231 -28.04 55.47 18.59
C THR B 231 -26.61 55.32 18.09
N TRP B 232 -26.35 55.63 16.83
CA TRP B 232 -25.01 55.60 16.26
C TRP B 232 -24.57 57.01 15.92
N TYR B 233 -23.29 57.30 16.13
CA TYR B 233 -22.75 58.60 15.75
C TYR B 233 -21.27 58.46 15.44
N GLN B 234 -20.84 59.17 14.40
CA GLN B 234 -19.44 59.18 13.97
C GLN B 234 -18.79 60.46 14.46
N ASN B 235 -17.78 60.32 15.31
CA ASN B 235 -17.17 61.49 15.94
C ASN B 235 -16.03 62.05 15.10
N ASP B 236 -16.29 62.26 13.81
CA ASP B 236 -15.38 62.94 12.88
C ASP B 236 -13.96 62.39 12.97
N SER B 237 -13.83 61.09 13.23
CA SER B 237 -12.51 60.48 13.33
C SER B 237 -12.44 59.12 12.68
N LEU B 238 -13.34 58.83 11.72
CA LEU B 238 -13.39 57.54 11.04
C LEU B 238 -13.60 56.39 12.03
N THR B 239 -14.37 56.66 13.09
CA THR B 239 -14.78 55.64 14.04
C THR B 239 -16.25 55.83 14.36
N VAL B 240 -16.90 54.73 14.74
CA VAL B 240 -18.33 54.72 15.02
C VAL B 240 -18.56 54.19 16.43
N ASN B 241 -19.48 54.84 17.14
CA ASN B 241 -19.80 54.47 18.52
C ASN B 241 -21.29 54.24 18.67
N GLU B 242 -21.64 53.44 19.67
CA GLU B 242 -23.04 53.17 20.01
C GLU B 242 -23.28 53.46 21.48
N VAL B 243 -24.47 53.97 21.78
CA VAL B 243 -24.88 54.29 23.15
C VAL B 243 -26.28 53.77 23.37
N SER B 244 -26.67 53.70 24.65
CA SER B 244 -28.02 53.27 25.00
C SER B 244 -29.03 54.36 24.69
N ALA B 245 -30.31 54.00 24.75
CA ALA B 245 -31.38 54.93 24.40
C ALA B 245 -31.42 56.11 25.38
N SER B 246 -31.27 55.84 26.67
CA SER B 246 -31.31 56.90 27.67
C SER B 246 -30.17 57.89 27.46
N GLN B 247 -28.97 57.38 27.21
CA GLN B 247 -27.83 58.27 26.98
C GLN B 247 -28.04 59.13 25.74
N ALA B 248 -28.53 58.53 24.66
CA ALA B 248 -28.76 59.29 23.43
C ALA B 248 -29.80 60.38 23.64
N TYR B 249 -30.90 60.05 24.34
CA TYR B 249 -31.93 61.04 24.61
C TYR B 249 -31.38 62.17 25.47
N ASP B 250 -30.58 61.84 26.50
CA ASP B 250 -30.01 62.87 27.34
C ASP B 250 -28.92 63.67 26.65
N GLU B 251 -28.34 63.14 25.57
CA GLU B 251 -27.25 63.83 24.89
C GLU B 251 -27.74 64.74 23.76
N TYR B 252 -28.38 64.17 22.74
CA TYR B 252 -28.66 65.01 21.58
C TYR B 252 -30.10 64.94 21.06
N ILE B 253 -30.82 63.85 21.32
CA ILE B 253 -32.15 63.70 20.75
C ILE B 253 -33.10 64.76 21.31
N ASN B 254 -33.06 64.99 22.62
CA ASN B 254 -33.97 65.96 23.23
C ASN B 254 -33.74 67.36 22.67
N ASP B 255 -32.48 67.76 22.49
CA ASP B 255 -32.19 69.07 21.91
C ASP B 255 -32.71 69.16 20.49
N ILE B 256 -32.54 68.09 19.70
CA ILE B 256 -33.03 68.09 18.33
C ILE B 256 -34.54 68.30 18.31
N ILE B 257 -35.26 67.57 19.16
CA ILE B 257 -36.72 67.62 19.12
C ILE B 257 -37.24 68.97 19.62
N ASN B 258 -36.69 69.48 20.73
CA ASN B 258 -37.32 70.60 21.44
C ASN B 258 -36.40 71.80 21.61
N LYS B 259 -35.41 72.00 20.73
CA LYS B 259 -34.55 73.17 20.88
C LYS B 259 -34.23 73.85 19.55
N ASP B 260 -34.56 73.25 18.42
CA ASP B 260 -34.29 73.81 17.09
C ASP B 260 -32.80 74.02 16.87
N ASP B 261 -32.07 72.90 16.86
CA ASP B 261 -30.65 72.87 16.49
C ASP B 261 -30.53 72.68 14.98
N PHE B 262 -29.66 73.47 14.35
CA PHE B 262 -29.27 73.17 12.98
C PHE B 262 -28.58 71.81 12.94
N TYR B 263 -29.12 70.92 12.10
CA TYR B 263 -28.65 69.54 12.11
C TYR B 263 -27.19 69.46 11.68
N ARG B 264 -26.42 68.69 12.44
CA ARG B 264 -25.04 68.39 12.12
C ARG B 264 -24.85 66.88 12.11
N GLY B 265 -23.61 66.40 12.04
CA GLY B 265 -23.37 64.97 12.06
C GLY B 265 -23.56 64.38 13.45
N GLN B 266 -24.73 64.62 14.05
CA GLN B 266 -24.99 64.17 15.41
C GLN B 266 -25.31 62.68 15.46
N HIS B 267 -26.00 62.16 14.43
CA HIS B 267 -26.25 60.73 14.30
C HIS B 267 -26.43 60.43 12.81
N LEU B 268 -25.80 59.35 12.35
CA LEU B 268 -25.77 59.05 10.92
C LEU B 268 -26.97 58.20 10.53
N ILE B 269 -27.77 58.73 9.60
CA ILE B 269 -28.88 58.01 8.98
C ILE B 269 -28.84 58.30 7.49
N TYR B 270 -29.52 57.48 6.70
CA TYR B 270 -29.51 57.69 5.25
C TYR B 270 -30.93 57.81 4.71
N PRO B 271 -31.58 58.96 4.90
CA PRO B 271 -32.92 59.14 4.33
C PRO B 271 -32.93 59.60 2.87
N GLY B 272 -31.77 59.87 2.29
CA GLY B 272 -31.71 60.38 0.93
C GLY B 272 -31.89 59.29 -0.12
N ALA B 273 -31.87 59.73 -1.37
CA ALA B 273 -32.03 58.83 -2.52
C ALA B 273 -30.70 58.36 -3.10
N ASN B 274 -29.73 59.26 -3.24
CA ASN B 274 -28.39 58.90 -3.69
C ASN B 274 -27.51 58.72 -2.46
N LYS B 275 -27.17 57.48 -2.16
CA LYS B 275 -26.51 57.13 -0.91
C LYS B 275 -25.00 56.98 -1.04
N TYR B 276 -24.44 57.22 -2.21
CA TYR B 276 -23.00 57.22 -2.39
C TYR B 276 -22.39 58.61 -2.30
N SER B 277 -23.20 59.64 -2.03
CA SER B 277 -22.66 60.96 -1.78
C SER B 277 -21.83 60.98 -0.50
N HIS B 278 -22.30 60.28 0.53
CA HIS B 278 -21.57 60.15 1.80
C HIS B 278 -20.40 59.20 1.58
N THR B 279 -19.31 59.76 1.04
CA THR B 279 -18.18 58.95 0.60
C THR B 279 -17.24 58.54 1.73
N ILE B 280 -17.47 59.01 2.95
CA ILE B 280 -16.60 58.68 4.08
C ILE B 280 -17.22 57.58 4.96
N GLY B 281 -18.34 57.01 4.53
CA GLY B 281 -19.00 55.97 5.31
C GLY B 281 -18.61 54.57 4.89
N PHE B 282 -18.02 53.81 5.81
CA PHE B 282 -17.55 52.46 5.56
C PHE B 282 -18.45 51.39 6.16
N VAL B 283 -19.59 51.78 6.73
CA VAL B 283 -20.55 50.82 7.26
C VAL B 283 -21.53 50.36 6.20
N TYR B 284 -21.99 51.32 5.37
CA TYR B 284 -22.88 51.01 4.25
C TYR B 284 -22.29 49.93 3.36
N GLY B 285 -21.00 50.08 3.01
CA GLY B 285 -20.36 49.10 2.15
C GLY B 285 -20.30 47.72 2.77
N GLU B 286 -19.98 47.66 4.06
CA GLU B 286 -19.92 46.36 4.74
C GLU B 286 -21.28 45.68 4.78
N MET B 287 -22.32 46.45 5.13
CA MET B 287 -23.65 45.86 5.22
C MET B 287 -24.12 45.35 3.86
N PHE B 288 -23.91 46.14 2.80
CA PHE B 288 -24.38 45.69 1.50
C PHE B 288 -23.50 44.58 0.92
N ARG B 289 -22.21 44.54 1.27
CA ARG B 289 -21.39 43.40 0.88
C ARG B 289 -21.91 42.12 1.53
N ARG B 290 -22.25 42.18 2.82
CA ARG B 290 -22.80 41.00 3.49
C ARG B 290 -24.14 40.60 2.88
N PHE B 291 -25.00 41.58 2.57
CA PHE B 291 -26.28 41.27 1.93
C PHE B 291 -26.08 40.60 0.58
N GLY B 292 -25.17 41.13 -0.24
CA GLY B 292 -24.92 40.54 -1.54
C GLY B 292 -24.32 39.15 -1.44
N GLU B 293 -23.49 38.91 -0.44
CA GLU B 293 -22.89 37.60 -0.24
C GLU B 293 -23.91 36.57 0.26
N PHE B 294 -24.89 37.01 1.05
CA PHE B 294 -25.85 36.06 1.63
C PHE B 294 -26.65 35.32 0.55
N ILE B 295 -27.11 36.05 -0.47
CA ILE B 295 -28.05 35.44 -1.41
C ILE B 295 -27.36 34.62 -2.50
N SER B 296 -26.04 34.74 -2.64
CA SER B 296 -25.32 33.95 -3.64
C SER B 296 -24.82 32.63 -3.05
N LYS B 297 -25.74 31.89 -2.44
CA LYS B 297 -25.46 30.61 -1.80
C LYS B 297 -26.51 29.60 -2.22
N PRO B 298 -26.16 28.31 -2.23
CA PRO B 298 -27.15 27.28 -2.56
C PRO B 298 -28.12 27.05 -1.42
N GLN B 299 -29.34 26.66 -1.79
CA GLN B 299 -30.41 26.32 -0.86
C GLN B 299 -30.71 27.48 0.09
N THR B 300 -31.19 28.56 -0.51
CA THR B 300 -31.49 29.80 0.20
C THR B 300 -32.99 30.11 0.10
N ALA B 301 -33.51 30.73 1.14
CA ALA B 301 -34.91 31.15 1.17
C ALA B 301 -34.99 32.53 1.80
N LEU B 302 -35.81 33.41 1.22
CA LEU B 302 -35.94 34.78 1.68
C LEU B 302 -37.42 35.15 1.77
N PHE B 303 -37.80 35.82 2.85
CA PHE B 303 -39.14 36.32 3.04
C PHE B 303 -39.10 37.84 3.09
N ILE B 304 -39.94 38.50 2.30
CA ILE B 304 -39.99 39.95 2.20
C ILE B 304 -41.36 40.42 2.67
N ASN B 305 -41.37 41.40 3.57
CA ASN B 305 -42.63 41.93 4.08
C ASN B 305 -42.43 43.38 4.50
N GLY B 306 -43.48 44.17 4.33
CA GLY B 306 -43.46 45.56 4.74
C GLY B 306 -42.64 46.49 3.86
N PHE B 307 -42.17 46.01 2.71
CA PHE B 307 -41.27 46.76 1.84
C PHE B 307 -42.03 47.24 0.62
N GLY B 308 -42.01 48.56 0.39
CA GLY B 308 -42.53 49.14 -0.82
C GLY B 308 -41.40 49.39 -1.79
N PHE B 309 -41.51 48.81 -2.97
CA PHE B 309 -40.38 48.74 -3.90
C PHE B 309 -40.08 50.13 -4.45
N GLY B 310 -39.16 50.83 -3.79
CA GLY B 310 -38.79 52.16 -4.21
C GLY B 310 -37.32 52.47 -4.04
N ASP B 311 -36.51 51.42 -3.87
CA ASP B 311 -35.06 51.55 -3.72
C ASP B 311 -34.38 50.93 -4.92
N TYR B 312 -33.53 51.71 -5.60
CA TYR B 312 -32.87 51.22 -6.80
C TYR B 312 -31.91 50.08 -6.48
N HIS B 313 -31.06 50.25 -5.47
CA HIS B 313 -30.02 49.27 -5.17
C HIS B 313 -30.62 47.92 -4.80
N ILE B 314 -31.68 47.92 -3.97
CA ILE B 314 -32.20 46.67 -3.43
C ILE B 314 -32.84 45.83 -4.54
N ASN B 315 -33.70 46.43 -5.35
CA ASN B 315 -34.36 45.67 -6.41
C ASN B 315 -33.48 45.48 -7.63
N ARG B 316 -32.33 46.16 -7.71
CA ARG B 316 -31.31 45.74 -8.65
C ARG B 316 -30.54 44.53 -8.17
N ILE B 317 -30.34 44.41 -6.86
CA ILE B 317 -29.71 43.21 -6.31
C ILE B 317 -30.63 42.01 -6.47
N ILE B 318 -31.91 42.17 -6.13
CA ILE B 318 -32.83 41.02 -6.08
C ILE B 318 -32.99 40.40 -7.46
N LEU B 319 -33.15 41.23 -8.50
CA LEU B 319 -33.35 40.70 -9.84
C LEU B 319 -32.15 39.90 -10.32
N GLY B 320 -30.94 40.31 -9.96
CA GLY B 320 -29.75 39.60 -10.42
C GLY B 320 -29.48 38.29 -9.70
N ALA B 321 -30.19 38.02 -8.60
CA ALA B 321 -30.01 36.80 -7.84
C ALA B 321 -30.99 35.71 -8.24
N LEU B 322 -31.81 35.94 -9.25
CA LEU B 322 -32.79 34.97 -9.71
C LEU B 322 -32.25 34.06 -10.79
N LEU B 323 -30.96 34.18 -11.13
CA LEU B 323 -30.30 33.29 -12.08
C LEU B 323 -29.57 32.15 -11.38
N ASN B 324 -30.01 31.80 -10.17
CA ASN B 324 -29.44 30.71 -9.40
C ASN B 324 -30.52 29.63 -9.25
N PRO B 325 -30.27 28.39 -9.68
CA PRO B 325 -31.34 27.38 -9.68
C PRO B 325 -31.82 26.95 -8.30
N SER B 326 -31.19 27.42 -7.21
CA SER B 326 -31.54 26.97 -5.86
C SER B 326 -31.77 28.17 -4.94
N PHE B 327 -32.55 29.15 -5.41
CA PHE B 327 -32.88 30.33 -4.63
C PHE B 327 -34.37 30.59 -4.77
N HIS B 328 -35.08 30.68 -3.64
CA HIS B 328 -36.51 30.89 -3.61
C HIS B 328 -36.83 32.15 -2.82
N VAL B 329 -37.88 32.85 -3.25
CA VAL B 329 -38.27 34.13 -2.65
C VAL B 329 -39.79 34.18 -2.52
N VAL B 330 -40.27 34.77 -1.41
CA VAL B 330 -41.69 35.00 -1.18
C VAL B 330 -41.88 36.48 -0.91
N ILE B 331 -42.85 37.10 -1.59
CA ILE B 331 -43.05 38.54 -1.53
C ILE B 331 -44.49 38.82 -1.12
N TYR B 332 -44.66 39.72 -0.15
CA TYR B 332 -45.97 40.18 0.30
C TYR B 332 -46.21 41.58 -0.22
N TYR B 333 -47.38 41.80 -0.83
CA TYR B 333 -47.71 43.12 -1.36
C TYR B 333 -49.22 43.35 -1.31
N PRO B 334 -49.69 44.27 -0.47
CA PRO B 334 -51.14 44.45 -0.33
C PRO B 334 -51.83 44.97 -1.59
N GLU B 335 -51.28 45.99 -2.24
CA GLU B 335 -51.93 46.65 -3.36
C GLU B 335 -51.48 46.05 -4.69
N LEU B 336 -51.87 44.80 -4.93
CA LEU B 336 -51.51 44.13 -6.17
C LEU B 336 -52.50 44.42 -7.28
N LYS B 337 -53.80 44.37 -6.97
CA LYS B 337 -54.82 44.54 -7.99
C LYS B 337 -54.78 45.94 -8.60
N GLU B 338 -54.61 46.97 -7.76
CA GLU B 338 -54.53 48.33 -8.26
C GLU B 338 -53.32 48.52 -9.16
N ALA B 339 -52.18 47.94 -8.77
CA ALA B 339 -50.98 48.04 -9.61
C ALA B 339 -51.21 47.36 -10.95
N ILE B 340 -51.83 46.18 -10.95
CA ILE B 340 -52.10 45.48 -12.20
C ILE B 340 -53.01 46.31 -13.09
N THR B 341 -54.08 46.88 -12.50
CA THR B 341 -55.01 47.68 -13.28
C THR B 341 -54.35 48.91 -13.88
N LYS B 342 -53.52 49.60 -13.09
CA LYS B 342 -52.85 50.80 -13.59
C LYS B 342 -51.85 50.46 -14.68
N VAL B 343 -51.10 49.37 -14.50
CA VAL B 343 -50.11 48.99 -15.50
C VAL B 343 -50.78 48.54 -16.81
N SER B 344 -51.94 47.90 -16.71
CA SER B 344 -52.60 47.39 -17.91
C SER B 344 -52.96 48.52 -18.87
N LYS B 345 -53.53 49.60 -18.36
CA LYS B 345 -53.97 50.72 -19.21
C LYS B 345 -52.93 51.84 -19.23
N GLY B 346 -51.72 51.49 -19.65
CA GLY B 346 -50.69 52.48 -19.88
C GLY B 346 -49.49 52.41 -18.96
N GLY B 347 -49.73 52.19 -17.68
CA GLY B 347 -48.64 52.07 -16.71
C GLY B 347 -48.70 53.11 -15.61
N GLY B 348 -48.11 52.77 -14.46
CA GLY B 348 -48.06 53.67 -13.33
C GLY B 348 -46.67 54.15 -13.00
N SER B 349 -46.36 54.24 -11.72
CA SER B 349 -45.05 54.71 -11.27
C SER B 349 -44.03 53.59 -11.34
N GLU B 350 -42.77 53.95 -11.05
CA GLU B 350 -41.67 52.98 -11.11
C GLU B 350 -41.77 51.92 -10.02
N ALA B 351 -42.54 52.19 -8.95
CA ALA B 351 -42.72 51.21 -7.89
C ALA B 351 -43.64 50.07 -8.30
N GLU B 352 -44.54 50.30 -9.24
CA GLU B 352 -45.51 49.29 -9.66
C GLU B 352 -45.04 48.46 -10.84
N LYS B 353 -44.25 49.05 -11.74
CA LYS B 353 -43.72 48.29 -12.87
C LYS B 353 -42.85 47.15 -12.40
N ALA B 354 -42.02 47.37 -11.38
CA ALA B 354 -41.13 46.33 -10.88
C ALA B 354 -41.92 45.14 -10.34
N ILE B 355 -42.94 45.41 -9.53
CA ILE B 355 -43.71 44.32 -8.94
C ILE B 355 -44.55 43.60 -10.00
N VAL B 356 -45.10 44.34 -10.97
CA VAL B 356 -45.85 43.70 -12.04
C VAL B 356 -44.94 42.81 -12.87
N THR B 357 -43.73 43.28 -13.16
CA THR B 357 -42.76 42.45 -13.88
C THR B 357 -42.39 41.21 -13.08
N LEU B 358 -42.17 41.35 -11.77
CA LEU B 358 -41.86 40.20 -10.93
C LEU B 358 -43.00 39.19 -10.91
N LYS B 359 -44.24 39.68 -11.00
CA LYS B 359 -45.38 38.76 -11.01
C LYS B 359 -45.37 37.88 -12.26
N ASN B 360 -45.03 38.46 -13.41
CA ASN B 360 -45.07 37.73 -14.68
C ASN B 360 -43.70 37.11 -14.94
N MET B 361 -43.51 35.88 -14.46
CA MET B 361 -42.28 35.15 -14.70
C MET B 361 -42.61 33.67 -14.81
N ALA B 362 -41.89 32.97 -15.69
CA ALA B 362 -42.12 31.56 -15.95
C ALA B 362 -41.28 30.66 -15.05
N PHE B 363 -40.83 31.16 -13.90
CA PHE B 363 -40.04 30.39 -12.96
C PHE B 363 -40.87 30.05 -11.73
N ASN B 364 -40.57 28.91 -11.12
CA ASN B 364 -41.29 28.43 -9.94
C ASN B 364 -40.67 28.92 -8.63
N GLN B 365 -39.67 29.79 -8.69
CA GLN B 365 -39.01 30.30 -7.50
C GLN B 365 -39.56 31.64 -7.04
N VAL B 366 -40.65 32.12 -7.64
CA VAL B 366 -41.22 33.43 -7.31
C VAL B 366 -42.66 33.25 -6.89
N THR B 367 -43.05 33.87 -5.77
CA THR B 367 -44.41 33.83 -5.27
C THR B 367 -44.81 35.22 -4.79
N VAL B 368 -46.04 35.61 -5.11
CA VAL B 368 -46.56 36.92 -4.74
C VAL B 368 -47.90 36.75 -4.04
N VAL B 369 -48.09 37.49 -2.95
CA VAL B 369 -49.32 37.47 -2.17
C VAL B 369 -49.94 38.86 -2.21
N GLY B 370 -51.21 38.94 -2.61
CA GLY B 370 -51.86 40.23 -2.81
C GLY B 370 -53.27 40.32 -2.27
N GLY B 371 -53.54 39.68 -1.14
CA GLY B 371 -54.89 39.60 -0.61
C GLY B 371 -55.44 40.88 -0.02
N GLY B 372 -54.66 41.94 -0.01
CA GLY B 372 -55.10 43.20 0.57
C GLY B 372 -54.74 43.33 2.03
N SER B 373 -55.71 43.08 2.91
CA SER B 373 -55.46 43.10 4.35
C SER B 373 -55.00 41.74 4.87
N LYS B 374 -54.88 40.75 4.00
CA LYS B 374 -54.35 39.44 4.37
C LYS B 374 -52.85 39.33 4.18
N ALA B 375 -52.20 40.41 3.74
CA ALA B 375 -50.76 40.45 3.53
C ALA B 375 -50.09 41.42 4.51
N TYR B 376 -50.55 41.43 5.75
CA TYR B 376 -49.99 42.28 6.79
C TYR B 376 -48.97 41.48 7.61
N PHE B 377 -48.31 42.19 8.53
CA PHE B 377 -47.29 41.56 9.36
C PHE B 377 -47.88 40.47 10.23
N ASN B 378 -49.06 40.70 10.79
CA ASN B 378 -49.69 39.71 11.67
C ASN B 378 -49.98 38.41 10.93
N SER B 379 -50.54 38.52 9.73
CA SER B 379 -50.80 37.33 8.92
C SER B 379 -49.50 36.64 8.53
N PHE B 380 -48.46 37.42 8.24
CA PHE B 380 -47.17 36.84 7.89
C PHE B 380 -46.61 35.99 9.02
N VAL B 381 -46.61 36.54 10.25
CA VAL B 381 -46.06 35.77 11.37
C VAL B 381 -47.00 34.62 11.74
N GLU B 382 -48.29 34.73 11.40
CA GLU B 382 -49.20 33.62 11.67
C GLU B 382 -49.01 32.48 10.67
N HIS B 383 -48.57 32.79 9.44
CA HIS B 383 -48.46 31.74 8.43
C HIS B 383 -47.29 30.80 8.69
N LEU B 384 -46.27 31.25 9.41
CA LEU B 384 -45.12 30.42 9.69
C LEU B 384 -45.51 29.26 10.60
N PRO B 385 -44.94 28.08 10.39
CA PRO B 385 -45.33 26.90 11.16
C PRO B 385 -44.52 26.71 12.43
N TYR B 386 -45.04 25.84 13.32
CA TYR B 386 -44.40 25.36 14.53
C TYR B 386 -43.67 24.05 14.26
N PRO B 387 -42.53 23.84 14.90
CA PRO B 387 -41.79 22.58 14.69
C PRO B 387 -42.48 21.41 15.36
N VAL B 388 -42.17 20.22 14.86
CA VAL B 388 -42.64 18.97 15.44
C VAL B 388 -41.44 18.29 16.09
N LEU B 389 -41.60 17.90 17.36
CA LEU B 389 -40.50 17.33 18.12
C LEU B 389 -40.45 15.81 18.04
N PHE B 390 -41.60 15.16 18.01
CA PHE B 390 -41.69 13.70 17.97
C PHE B 390 -42.59 13.31 16.80
N PRO B 391 -42.03 13.16 15.60
CA PRO B 391 -42.80 12.84 14.39
C PRO B 391 -43.39 11.43 14.43
N ASP B 393 -44.11 5.89 14.13
CA ASP B 393 -43.62 5.16 12.97
C ASP B 393 -44.24 5.68 11.68
N ASN B 394 -45.42 6.29 11.78
CA ASN B 394 -46.19 6.90 10.69
C ASN B 394 -46.68 5.86 9.68
N ILE B 395 -46.50 4.57 9.93
CA ILE B 395 -46.90 3.54 8.98
C ILE B 395 -48.05 2.72 9.56
N VAL B 396 -47.81 2.07 10.71
CA VAL B 396 -48.84 1.23 11.31
C VAL B 396 -50.01 2.09 11.80
N ASP B 397 -49.70 3.20 12.47
CA ASP B 397 -50.76 4.06 13.01
C ASP B 397 -51.56 4.72 11.90
N GLU B 398 -50.90 5.10 10.80
CA GLU B 398 -51.60 5.75 9.70
C GLU B 398 -52.62 4.82 9.04
N LEU B 399 -52.33 3.51 9.03
CA LEU B 399 -53.27 2.56 8.45
C LEU B 399 -54.59 2.53 9.23
N VAL B 400 -54.57 2.93 10.50
CA VAL B 400 -55.80 2.96 11.29
C VAL B 400 -56.74 4.02 10.73
N GLU B 401 -56.19 5.15 10.26
CA GLU B 401 -57.03 6.22 9.73
C GLU B 401 -57.83 5.77 8.51
N ALA B 402 -57.20 5.00 7.62
CA ALA B 402 -57.91 4.51 6.43
C ALA B 402 -59.05 3.59 6.81
N ILE B 403 -58.83 2.71 7.80
CA ILE B 403 -59.87 1.76 8.20
C ILE B 403 -60.92 2.40 9.10
N ALA B 404 -60.53 3.39 9.91
CA ALA B 404 -61.48 4.01 10.84
C ALA B 404 -62.65 4.64 10.10
N ASN B 405 -62.41 5.17 8.89
CA ASN B 405 -63.47 5.79 8.12
C ASN B 405 -64.50 4.75 7.65
N LEU B 406 -64.12 3.48 7.62
CA LEU B 406 -65.07 2.44 7.21
C LEU B 406 -66.19 2.26 8.24
N SER B 407 -65.91 2.55 9.51
CA SER B 407 -66.92 2.40 10.55
C SER B 407 -68.10 3.33 10.30
N LYS B 408 -67.83 4.57 9.91
CA LYS B 408 -68.88 5.54 9.65
C LYS B 408 -68.93 5.90 8.16
N SER C 2 15.33 35.79 50.99
CA SER C 2 14.09 36.55 50.85
C SER C 2 13.01 35.72 50.18
N ILE C 3 13.43 34.64 49.52
CA ILE C 3 12.51 33.72 48.84
C ILE C 3 12.63 32.36 49.52
N TYR C 4 11.51 31.84 50.00
CA TYR C 4 11.47 30.58 50.71
C TYR C 4 10.57 29.59 49.99
N GLN C 5 10.94 28.31 50.03
CA GLN C 5 10.08 27.25 49.51
C GLN C 5 10.31 26.00 50.34
N GLY C 6 9.42 25.75 51.30
CA GLY C 6 9.56 24.60 52.15
C GLY C 6 10.50 24.77 53.32
N GLY C 7 10.85 26.01 53.66
CA GLY C 7 11.71 26.27 54.80
C GLY C 7 13.09 26.79 54.44
N ASN C 8 13.69 26.25 53.39
CA ASN C 8 15.02 26.66 52.97
C ASN C 8 14.92 27.93 52.13
N LYS C 9 16.02 28.30 51.48
CA LYS C 9 16.10 29.54 50.71
C LYS C 9 16.39 29.23 49.25
N LEU C 10 15.83 30.07 48.38
CA LEU C 10 16.02 29.97 46.94
C LEU C 10 16.77 31.19 46.42
N ASN C 11 17.29 31.06 45.20
CA ASN C 11 17.95 32.15 44.51
C ASN C 11 17.09 32.58 43.32
N GLU C 12 17.54 33.65 42.65
CA GLU C 12 16.71 34.29 41.62
C GLU C 12 16.49 33.37 40.44
N ASP C 13 17.54 32.70 39.95
CA ASP C 13 17.43 31.91 38.73
C ASP C 13 16.50 30.72 38.91
N ASP C 14 16.66 29.98 40.01
CA ASP C 14 15.80 28.83 40.26
C ASP C 14 14.34 29.24 40.42
N PHE C 15 14.11 30.36 41.11
CA PHE C 15 12.74 30.86 41.26
C PHE C 15 12.14 31.24 39.91
N ARG C 16 12.92 31.91 39.07
CA ARG C 16 12.42 32.32 37.76
C ARG C 16 12.11 31.11 36.88
N SER C 17 12.97 30.09 36.95
CA SER C 17 12.70 28.87 36.18
C SER C 17 11.48 28.13 36.71
N HIS C 18 11.30 28.12 38.04
CA HIS C 18 10.16 27.42 38.63
C HIS C 18 8.84 28.08 38.25
N VAL C 19 8.81 29.41 38.20
CA VAL C 19 7.59 30.13 37.88
C VAL C 19 7.11 29.79 36.48
N TYR C 20 8.04 29.70 35.53
CA TYR C 20 7.67 29.42 34.15
C TYR C 20 6.98 28.07 34.01
N SER C 21 7.33 27.10 34.87
CA SER C 21 6.71 25.78 34.79
C SER C 21 5.25 25.79 35.25
N LEU C 22 4.91 26.68 36.19
CA LEU C 22 3.55 26.73 36.70
C LEU C 22 2.57 27.36 35.71
N CYS C 23 3.04 28.22 34.81
CA CYS C 23 2.16 28.89 33.86
C CYS C 23 1.61 27.96 32.80
N GLN C 24 2.12 26.73 32.70
CA GLN C 24 1.71 25.79 31.66
C GLN C 24 0.81 24.68 32.18
N LEU C 25 0.26 24.82 33.38
CA LEU C 25 -0.63 23.81 33.92
C LEU C 25 -2.01 23.91 33.26
N ASP C 26 -2.90 23.00 33.64
CA ASP C 26 -4.23 22.98 33.05
C ASP C 26 -5.04 24.21 33.42
N ASN C 27 -4.95 24.65 34.69
CA ASN C 27 -5.73 25.77 35.18
C ASN C 27 -4.79 26.78 35.85
N VAL C 28 -4.93 28.05 35.50
CA VAL C 28 -4.17 29.13 36.11
C VAL C 28 -5.13 30.23 36.53
N GLY C 29 -4.78 30.92 37.62
CA GLY C 29 -5.63 31.99 38.12
C GLY C 29 -4.83 32.99 38.93
N VAL C 30 -5.43 34.17 39.11
CA VAL C 30 -4.80 35.26 39.85
C VAL C 30 -5.82 35.82 40.83
N LEU C 31 -5.32 36.23 41.99
CA LEU C 31 -6.15 36.88 43.01
C LEU C 31 -5.47 38.18 43.43
N LEU C 32 -6.14 39.30 43.20
CA LEU C 32 -5.60 40.62 43.51
C LEU C 32 -6.41 41.28 44.62
N GLY C 33 -5.76 42.16 45.36
CA GLY C 33 -6.41 42.88 46.43
C GLY C 33 -6.42 44.38 46.21
N ALA C 34 -6.47 45.15 47.30
CA ALA C 34 -6.47 46.60 47.21
C ALA C 34 -5.08 47.20 47.13
N GLY C 35 -4.04 46.40 47.34
CA GLY C 35 -2.68 46.89 47.21
C GLY C 35 -2.15 46.91 45.79
N ALA C 36 -2.94 46.44 44.83
CA ALA C 36 -2.52 46.40 43.43
C ALA C 36 -2.97 47.63 42.65
N SER C 37 -3.61 48.60 43.30
CA SER C 37 -4.09 49.80 42.63
C SER C 37 -3.42 51.07 43.14
N VAL C 38 -2.53 50.99 44.12
CA VAL C 38 -1.83 52.18 44.60
C VAL C 38 -0.85 52.70 43.57
N GLY C 39 -0.45 51.87 42.61
CA GLY C 39 0.44 52.31 41.55
C GLY C 39 -0.20 53.13 40.46
N CYS C 40 -1.53 53.21 40.46
CA CYS C 40 -2.26 54.00 39.46
C CYS C 40 -3.16 55.06 40.06
N GLY C 41 -3.23 55.17 41.39
CA GLY C 41 -4.01 56.21 42.01
C GLY C 41 -4.92 55.74 43.13
N GLY C 42 -4.77 54.48 43.55
CA GLY C 42 -5.58 53.94 44.61
C GLY C 42 -5.06 54.29 45.99
N LYS C 43 -5.81 53.85 47.00
CA LYS C 43 -5.46 54.08 48.39
C LYS C 43 -5.65 52.80 49.19
N THR C 44 -4.71 52.55 50.11
CA THR C 44 -4.83 51.41 51.00
C THR C 44 -5.92 51.67 52.04
N MET C 45 -6.43 50.57 52.63
CA MET C 45 -7.51 50.68 53.60
C MET C 45 -7.11 51.51 54.81
N LYS C 46 -5.81 51.58 55.12
CA LYS C 46 -5.36 52.40 56.25
C LYS C 46 -5.62 53.88 56.00
N ASP C 47 -5.33 54.34 54.78
CA ASP C 47 -5.45 55.76 54.47
C ASP C 47 -6.90 56.23 54.52
N VAL C 48 -7.85 55.38 54.11
CA VAL C 48 -9.25 55.77 54.15
C VAL C 48 -9.69 56.04 55.59
N TRP C 49 -9.33 55.14 56.51
CA TRP C 49 -9.65 55.36 57.91
C TRP C 49 -8.91 56.56 58.47
N LYS C 50 -7.65 56.74 58.08
CA LYS C 50 -6.87 57.87 58.57
C LYS C 50 -7.49 59.19 58.16
N SER C 51 -8.01 59.27 56.94
CA SER C 51 -8.66 60.49 56.48
C SER C 51 -10.04 60.68 57.11
N PHE C 52 -10.82 59.60 57.25
CA PHE C 52 -12.15 59.72 57.83
C PHE C 52 -12.07 60.15 59.30
N LYS C 53 -11.11 59.61 60.04
CA LYS C 53 -10.97 59.97 61.44
C LYS C 53 -10.65 61.45 61.60
N GLN C 54 -9.79 61.97 60.73
CA GLN C 54 -9.42 63.38 60.80
C GLN C 54 -10.58 64.29 60.37
N ASN C 55 -11.32 63.89 59.33
CA ASN C 55 -12.34 64.76 58.76
C ASN C 55 -13.62 64.83 59.60
N TYR C 56 -14.03 63.74 60.24
CA TYR C 56 -15.30 63.68 60.97
C TYR C 56 -15.03 63.21 62.39
N PRO C 57 -14.60 64.10 63.28
CA PRO C 57 -14.26 63.69 64.64
C PRO C 57 -15.47 63.48 65.55
N GLU C 58 -16.54 64.26 65.34
CA GLU C 58 -17.68 64.20 66.24
C GLU C 58 -18.40 62.87 66.16
N LEU C 59 -18.49 62.28 64.96
CA LEU C 59 -19.16 61.00 64.82
C LEU C 59 -18.33 59.86 65.38
N LEU C 60 -17.01 60.05 65.50
CA LEU C 60 -16.14 58.99 65.99
C LEU C 60 -16.46 58.63 67.43
N GLY C 61 -16.70 59.62 68.28
CA GLY C 61 -17.05 59.33 69.66
C GLY C 61 -18.39 58.62 69.77
N ALA C 62 -19.37 59.02 68.96
CA ALA C 62 -20.67 58.38 68.98
C ALA C 62 -20.57 56.93 68.53
N LEU C 63 -19.75 56.66 67.52
CA LEU C 63 -19.61 55.28 67.03
C LEU C 63 -18.96 54.38 68.07
N ILE C 64 -18.08 54.93 68.90
CA ILE C 64 -17.35 54.12 69.88
C ILE C 64 -18.11 53.97 71.20
N ASP C 65 -18.79 55.02 71.66
CA ASP C 65 -19.37 55.03 73.01
C ASP C 65 -20.83 54.64 73.05
N LYS C 66 -21.66 55.15 72.14
CA LYS C 66 -23.10 55.00 72.29
C LYS C 66 -23.61 53.69 71.69
N TYR C 67 -23.21 53.36 70.46
CA TYR C 67 -23.76 52.21 69.76
C TYR C 67 -22.86 50.99 69.77
N LEU C 68 -21.60 51.13 70.19
CA LEU C 68 -20.67 50.01 70.34
C LEU C 68 -20.48 49.27 69.01
N LEU C 69 -20.10 50.03 67.99
CA LEU C 69 -19.83 49.46 66.67
C LEU C 69 -18.36 49.23 66.40
N VAL C 70 -17.48 50.06 66.95
CA VAL C 70 -16.05 49.92 66.78
C VAL C 70 -15.38 50.14 68.13
N SER C 71 -14.25 49.47 68.35
CA SER C 71 -13.53 49.56 69.61
C SER C 71 -12.57 50.75 69.58
N GLN C 72 -11.71 50.84 70.59
CA GLN C 72 -10.80 51.97 70.73
C GLN C 72 -9.35 51.65 70.36
N ILE C 73 -8.90 50.42 70.64
CA ILE C 73 -7.51 50.07 70.36
C ILE C 73 -7.26 50.05 68.85
N ASP C 74 -8.19 49.48 68.09
CA ASP C 74 -8.02 49.41 66.63
C ASP C 74 -8.14 50.80 66.01
N SER C 75 -9.01 51.64 66.55
CA SER C 75 -9.12 53.01 66.06
C SER C 75 -7.83 53.77 66.27
N ASP C 76 -7.18 53.59 67.42
CA ASP C 76 -5.91 54.25 67.69
C ASP C 76 -4.74 53.59 66.96
N ASN C 77 -4.90 52.35 66.49
CA ASN C 77 -3.87 51.67 65.72
C ASN C 77 -4.17 51.62 64.23
N ASN C 78 -5.35 52.06 63.80
CA ASN C 78 -5.78 52.01 62.40
C ASN C 78 -5.80 50.57 61.88
N LEU C 79 -6.60 49.72 62.50
CA LEU C 79 -6.81 48.34 62.07
C LEU C 79 -8.30 48.01 62.06
N VAL C 80 -9.09 48.87 61.45
CA VAL C 80 -10.55 48.77 61.47
C VAL C 80 -11.02 48.30 60.10
N ASN C 81 -11.79 47.21 60.08
CA ASN C 81 -12.45 46.77 58.87
C ASN C 81 -13.59 47.73 58.51
N VAL C 82 -13.71 48.04 57.23
CA VAL C 82 -14.61 49.09 56.78
C VAL C 82 -15.95 48.54 56.30
N GLU C 83 -15.93 47.48 55.47
CA GLU C 83 -17.17 46.99 54.89
C GLU C 83 -18.10 46.40 55.94
N LEU C 84 -17.53 45.72 56.95
CA LEU C 84 -18.36 45.17 58.02
C LEU C 84 -19.07 46.29 58.78
N LEU C 85 -18.39 47.40 59.02
CA LEU C 85 -19.01 48.53 59.68
C LEU C 85 -20.15 49.09 58.85
N ILE C 86 -19.97 49.17 57.53
CA ILE C 86 -21.03 49.68 56.65
C ILE C 86 -22.23 48.74 56.67
N ASP C 87 -21.99 47.43 56.65
CA ASP C 87 -23.09 46.47 56.70
C ASP C 87 -23.87 46.59 58.01
N GLU C 88 -23.15 46.72 59.13
CA GLU C 88 -23.82 46.88 60.42
C GLU C 88 -24.62 48.17 60.47
N ALA C 89 -24.06 49.26 59.93
CA ALA C 89 -24.79 50.53 59.91
C ALA C 89 -26.06 50.43 59.07
N THR C 90 -25.99 49.75 57.93
CA THR C 90 -27.18 49.56 57.11
C THR C 90 -28.23 48.75 57.83
N LYS C 91 -27.82 47.70 58.54
CA LYS C 91 -28.76 46.91 59.33
C LYS C 91 -29.43 47.75 60.42
N PHE C 92 -28.63 48.57 61.11
CA PHE C 92 -29.18 49.43 62.15
C PHE C 92 -30.19 50.41 61.57
N LEU C 93 -29.87 51.01 60.43
CA LEU C 93 -30.79 51.95 59.80
C LEU C 93 -32.09 51.28 59.40
N SER C 94 -32.00 50.07 58.82
CA SER C 94 -33.20 49.36 58.42
C SER C 94 -34.09 49.03 59.62
N VAL C 95 -33.47 48.57 60.71
CA VAL C 95 -34.25 48.23 61.92
C VAL C 95 -34.91 49.48 62.48
N ALA C 96 -34.17 50.59 62.54
CA ALA C 96 -34.74 51.82 63.07
C ALA C 96 -35.89 52.31 62.20
N LYS C 97 -35.76 52.18 60.88
CA LYS C 97 -36.83 52.61 59.99
C LYS C 97 -38.07 51.75 60.14
N THR C 98 -37.91 50.43 60.23
CA THR C 98 -39.08 49.56 60.33
C THR C 98 -39.71 49.59 61.72
N ARG C 99 -38.97 50.03 62.73
CA ARG C 99 -39.52 50.15 64.09
C ARG C 99 -40.23 51.48 64.31
N ARG C 100 -40.06 52.45 63.42
CA ARG C 100 -40.63 53.79 63.54
C ARG C 100 -40.08 54.52 64.77
N CYS C 101 -38.76 54.71 64.77
CA CYS C 101 -38.07 55.49 65.80
C CYS C 101 -37.40 56.66 65.09
N GLU C 102 -38.06 57.82 65.13
CA GLU C 102 -37.60 58.99 64.39
C GLU C 102 -36.25 59.51 64.89
N ASP C 103 -35.96 59.34 66.18
CA ASP C 103 -34.72 59.89 66.73
C ASP C 103 -33.49 59.22 66.11
N GLU C 104 -33.50 57.90 65.99
CA GLU C 104 -32.35 57.18 65.48
C GLU C 104 -32.29 57.14 63.96
N GLU C 105 -33.37 57.49 63.28
CA GLU C 105 -33.36 57.43 61.82
C GLU C 105 -32.45 58.48 61.22
N GLU C 106 -32.42 59.68 61.80
CA GLU C 106 -31.56 60.74 61.31
C GLU C 106 -30.12 60.63 61.80
N GLU C 107 -29.85 59.79 62.79
CA GLU C 107 -28.49 59.65 63.30
C GLU C 107 -27.61 58.84 62.37
N PHE C 108 -28.15 57.79 61.74
CA PHE C 108 -27.36 56.91 60.89
C PHE C 108 -27.25 57.40 59.45
N ARG C 109 -28.16 58.27 59.01
CA ARG C 109 -28.07 58.81 57.66
C ARG C 109 -26.77 59.59 57.46
N LYS C 110 -26.42 60.43 58.44
CA LYS C 110 -25.19 61.21 58.34
C LYS C 110 -23.97 60.30 58.33
N ILE C 111 -23.95 59.28 59.18
CA ILE C 111 -22.81 58.37 59.24
C ILE C 111 -22.64 57.65 57.91
N LEU C 112 -23.74 57.12 57.37
CA LEU C 112 -23.66 56.39 56.11
C LEU C 112 -23.24 57.31 54.97
N SER C 113 -23.78 58.53 54.92
CA SER C 113 -23.42 59.46 53.87
C SER C 113 -21.94 59.83 53.94
N SER C 114 -21.42 60.08 55.14
CA SER C 114 -20.00 60.40 55.26
C SER C 114 -19.12 59.23 54.85
N LEU C 115 -19.48 58.02 55.28
CA LEU C 115 -18.69 56.84 54.92
C LEU C 115 -18.70 56.62 53.41
N TYR C 116 -19.86 56.77 52.77
CA TYR C 116 -19.93 56.57 51.33
C TYR C 116 -19.21 57.68 50.58
N LYS C 117 -19.20 58.89 51.12
CA LYS C 117 -18.43 59.97 50.52
C LYS C 117 -16.93 59.67 50.60
N GLU C 118 -16.50 59.07 51.71
CA GLU C 118 -15.08 58.79 51.86
C GLU C 118 -14.63 57.64 50.96
N VAL C 119 -15.41 56.54 50.94
CA VAL C 119 -14.96 55.37 50.19
C VAL C 119 -15.04 55.60 48.69
N THR C 120 -16.08 56.31 48.22
CA THR C 120 -16.27 56.48 46.78
C THR C 120 -15.25 57.44 46.18
N LYS C 121 -14.87 58.49 46.90
CA LYS C 121 -13.97 59.50 46.37
C LYS C 121 -12.58 58.94 46.07
N ALA C 122 -12.20 57.84 46.71
CA ALA C 122 -10.91 57.21 46.47
C ALA C 122 -10.94 56.17 45.36
N ALA C 123 -12.12 55.77 44.91
CA ALA C 123 -12.24 54.74 43.89
C ALA C 123 -12.19 55.28 42.46
N LEU C 124 -12.23 56.60 42.28
CA LEU C 124 -12.08 57.19 40.96
C LEU C 124 -10.60 57.36 40.69
N LEU C 125 -10.01 56.41 39.95
CA LEU C 125 -8.57 56.41 39.72
C LEU C 125 -8.10 57.60 38.90
N THR C 126 -8.99 58.30 38.21
CA THR C 126 -8.62 59.46 37.40
C THR C 126 -9.15 60.78 37.93
N GLY C 127 -10.34 60.81 38.51
CA GLY C 127 -10.88 62.03 39.08
C GLY C 127 -12.02 62.57 38.26
N GLU C 128 -11.94 63.85 37.91
CA GLU C 128 -13.01 64.50 37.15
C GLU C 128 -13.17 63.90 35.75
N GLN C 129 -12.13 63.26 35.22
CA GLN C 129 -12.19 62.63 33.91
C GLN C 129 -12.74 61.21 33.97
N PHE C 130 -13.52 60.89 35.00
CA PHE C 130 -14.19 59.60 35.07
C PHE C 130 -15.20 59.43 33.95
N ARG C 131 -15.77 60.52 33.46
CA ARG C 131 -16.82 60.45 32.44
C ARG C 131 -16.24 60.14 31.07
N GLU C 132 -15.09 60.70 30.75
CA GLU C 132 -14.60 60.70 29.37
C GLU C 132 -14.27 59.29 28.89
N LYS C 133 -14.10 59.17 27.58
CA LYS C 133 -13.84 57.89 26.92
C LYS C 133 -12.34 57.70 26.70
N ASN C 134 -11.98 56.45 26.40
CA ASN C 134 -10.59 56.06 26.08
C ASN C 134 -9.65 56.41 27.24
N GLN C 135 -9.98 55.87 28.40
CA GLN C 135 -9.16 56.05 29.59
C GLN C 135 -8.10 54.96 29.74
N GLY C 136 -8.08 53.98 28.85
CA GLY C 136 -7.06 52.96 28.87
C GLY C 136 -5.80 53.28 28.11
N LYS C 137 -5.77 54.42 27.42
CA LYS C 137 -4.60 54.82 26.64
C LYS C 137 -3.57 55.59 27.45
N LYS C 138 -3.84 55.84 28.74
CA LYS C 138 -2.93 56.61 29.56
C LYS C 138 -1.80 55.73 30.08
N ASP C 139 -0.76 56.38 30.60
CA ASP C 139 0.43 55.66 31.06
C ASP C 139 0.22 54.98 32.41
N ALA C 140 -0.80 55.37 33.16
CA ALA C 140 -1.01 54.79 34.49
C ALA C 140 -1.34 53.31 34.42
N PHE C 141 -2.00 52.88 33.35
CA PHE C 141 -2.44 51.49 33.19
C PHE C 141 -1.49 50.71 32.29
N LYS C 142 -0.19 50.99 32.37
CA LYS C 142 0.78 50.38 31.48
C LYS C 142 1.05 48.91 31.82
N TYR C 143 0.89 48.51 33.08
CA TYR C 143 1.26 47.18 33.52
C TYR C 143 0.10 46.19 33.53
N HIS C 144 -1.13 46.67 33.63
CA HIS C 144 -2.28 45.76 33.54
C HIS C 144 -2.36 45.11 32.16
N LYS C 145 -2.10 45.89 31.11
CA LYS C 145 -2.05 45.33 29.76
C LYS C 145 -0.97 44.26 29.64
N GLU C 146 0.21 44.53 30.22
CA GLU C 146 1.29 43.56 30.19
C GLU C 146 0.89 42.28 30.91
N LEU C 147 0.23 42.41 32.06
CA LEU C 147 -0.22 41.23 32.80
C LEU C 147 -1.20 40.40 31.97
N ILE C 148 -2.20 41.06 31.38
CA ILE C 148 -3.20 40.33 30.61
C ILE C 148 -2.56 39.66 29.40
N SER C 149 -1.68 40.37 28.69
CA SER C 149 -1.03 39.82 27.52
C SER C 149 -0.16 38.61 27.88
N LYS C 150 0.60 38.73 28.99
CA LYS C 150 1.45 37.61 29.40
C LYS C 150 0.62 36.41 29.81
N LEU C 151 -0.52 36.63 30.49
CA LEU C 151 -1.36 35.51 30.86
C LEU C 151 -1.98 34.84 29.64
N ILE C 152 -2.42 35.62 28.66
CA ILE C 152 -3.14 35.04 27.52
C ILE C 152 -2.19 34.36 26.53
N SER C 153 -1.03 34.97 26.26
CA SER C 153 -0.16 34.47 25.21
C SER C 153 0.53 33.16 25.54
N ASN C 154 0.43 32.68 26.78
CA ASN C 154 1.14 31.49 27.22
C ASN C 154 0.24 30.25 27.27
N ARG C 155 -0.87 30.26 26.54
CA ARG C 155 -1.80 29.14 26.52
C ARG C 155 -1.76 28.46 25.16
N GLN C 156 -1.60 27.14 25.18
CA GLN C 156 -1.64 26.34 23.98
C GLN C 156 -3.07 26.14 23.50
N PRO C 157 -3.28 25.88 22.21
CA PRO C 157 -4.64 25.63 21.73
C PRO C 157 -5.26 24.41 22.40
N GLY C 158 -6.57 24.47 22.62
CA GLY C 158 -7.29 23.41 23.27
C GLY C 158 -7.32 23.47 24.78
N GLN C 159 -6.66 24.46 25.39
CA GLN C 159 -6.63 24.62 26.83
C GLN C 159 -7.66 25.67 27.26
N SER C 160 -7.79 25.82 28.58
CA SER C 160 -8.80 26.70 29.17
C SER C 160 -8.34 28.15 29.07
N ALA C 161 -9.07 29.05 29.71
CA ALA C 161 -8.79 30.48 29.72
C ALA C 161 -8.49 30.95 31.13
N PRO C 162 -7.67 31.99 31.29
CA PRO C 162 -7.33 32.46 32.64
C PRO C 162 -8.55 33.00 33.38
N ALA C 163 -8.53 32.83 34.71
CA ALA C 163 -9.57 33.35 35.58
C ALA C 163 -8.97 34.34 36.55
N ILE C 164 -9.61 35.51 36.67
CA ILE C 164 -9.09 36.61 37.48
C ILE C 164 -10.11 36.93 38.58
N PHE C 165 -9.69 36.84 39.83
CA PHE C 165 -10.50 37.22 40.98
C PHE C 165 -9.90 38.48 41.61
N THR C 166 -10.78 39.34 42.13
CA THR C 166 -10.33 40.59 42.72
C THR C 166 -11.28 41.02 43.81
N THR C 167 -10.77 41.84 44.74
CA THR C 167 -11.57 42.39 45.82
C THR C 167 -11.73 43.91 45.72
N ASN C 168 -11.47 44.48 44.55
CA ASN C 168 -11.65 45.91 44.34
C ASN C 168 -13.01 46.19 43.73
N TYR C 169 -13.35 47.47 43.63
CA TYR C 169 -14.57 47.91 42.97
C TYR C 169 -14.29 49.12 42.09
N ASP C 170 -13.16 49.11 41.39
CA ASP C 170 -12.81 50.14 40.42
C ASP C 170 -12.69 49.52 39.04
N LEU C 171 -12.55 50.39 38.03
CA LEU C 171 -12.65 49.99 36.63
C LEU C 171 -11.30 49.93 35.94
N ALA C 172 -10.25 49.50 36.65
CA ALA C 172 -8.92 49.46 36.04
C ALA C 172 -8.81 48.35 35.01
N LEU C 173 -9.26 47.14 35.35
CA LEU C 173 -9.10 46.01 34.46
C LEU C 173 -9.95 46.14 33.21
N GLU C 174 -11.17 46.65 33.34
CA GLU C 174 -12.03 46.86 32.18
C GLU C 174 -11.41 47.87 31.22
N TRP C 175 -10.89 48.98 31.77
CA TRP C 175 -10.26 49.99 30.94
C TRP C 175 -9.03 49.43 30.25
N ALA C 176 -8.23 48.63 30.96
CA ALA C 176 -7.04 48.05 30.35
C ALA C 176 -7.41 47.07 29.24
N ALA C 177 -8.44 46.25 29.47
CA ALA C 177 -8.78 45.19 28.52
C ALA C 177 -9.62 45.67 27.35
N GLU C 178 -10.22 46.85 27.44
CA GLU C 178 -10.94 47.42 26.30
C GLU C 178 -10.02 48.14 25.33
N ASP C 179 -8.73 48.26 25.66
CA ASP C 179 -7.75 48.86 24.77
C ASP C 179 -6.94 47.84 24.00
N LEU C 180 -6.77 46.63 24.55
CA LEU C 180 -6.04 45.59 23.84
C LEU C 180 -6.89 44.99 22.73
N GLY C 181 -8.20 44.88 22.94
CA GLY C 181 -9.06 44.21 22.01
C GLY C 181 -9.52 42.86 22.53
N ILE C 182 -9.74 42.79 23.83
CA ILE C 182 -10.09 41.55 24.51
C ILE C 182 -11.41 41.76 25.24
N GLN C 183 -12.27 40.74 25.19
CA GLN C 183 -13.59 40.79 25.80
C GLN C 183 -13.62 39.91 27.03
N LEU C 184 -14.17 40.44 28.12
CA LEU C 184 -14.23 39.75 29.41
C LEU C 184 -15.67 39.42 29.75
N PHE C 185 -15.89 38.20 30.23
CA PHE C 185 -17.21 37.77 30.70
C PHE C 185 -17.31 38.06 32.19
N ASN C 186 -18.28 38.89 32.58
CA ASN C 186 -18.50 39.20 33.99
C ASN C 186 -19.91 38.89 34.46
N GLY C 187 -20.69 38.17 33.67
CA GLY C 187 -22.00 37.69 34.07
C GLY C 187 -23.17 38.49 33.54
N PHE C 188 -22.94 39.71 33.08
CA PHE C 188 -24.02 40.56 32.60
C PHE C 188 -24.12 40.50 31.08
N SER C 189 -25.31 40.78 30.56
CA SER C 189 -25.55 40.78 29.12
C SER C 189 -26.69 41.74 28.79
N GLY C 190 -26.66 42.27 27.58
CA GLY C 190 -27.62 43.26 27.12
C GLY C 190 -27.05 44.67 27.13
N LEU C 191 -27.70 45.55 26.38
CA LEU C 191 -27.25 46.95 26.32
C LEU C 191 -28.28 47.92 26.89
N HIS C 192 -29.52 47.92 26.39
CA HIS C 192 -30.52 48.87 26.88
C HIS C 192 -31.06 48.46 28.24
N THR C 193 -30.99 47.18 28.60
CA THR C 193 -31.35 46.72 29.94
C THR C 193 -30.43 45.56 30.26
N ARG C 194 -29.38 45.84 31.01
CA ARG C 194 -28.33 44.87 31.31
C ARG C 194 -28.64 44.21 32.65
N GLN C 195 -28.74 42.87 32.65
CA GLN C 195 -29.12 42.13 33.84
C GLN C 195 -28.09 41.04 34.12
N PHE C 196 -28.26 40.37 35.26
CA PHE C 196 -27.32 39.37 35.75
C PHE C 196 -27.85 37.98 35.43
N TYR C 197 -27.10 37.24 34.62
CA TYR C 197 -27.42 35.84 34.31
C TYR C 197 -26.28 34.95 34.79
N PRO C 198 -26.46 34.20 35.87
CA PRO C 198 -25.34 33.43 36.44
C PRO C 198 -24.80 32.35 35.53
N GLN C 199 -25.54 31.94 34.50
CA GLN C 199 -25.10 30.87 33.61
C GLN C 199 -24.16 31.36 32.51
N ASN C 200 -23.86 32.66 32.45
CA ASN C 200 -22.98 33.19 31.43
C ASN C 200 -21.52 32.80 31.64
N PHE C 201 -21.18 32.25 32.80
CA PHE C 201 -19.81 31.82 33.08
C PHE C 201 -19.48 30.47 32.46
N ASP C 202 -20.31 29.95 31.56
CA ASP C 202 -20.07 28.67 30.92
C ASP C 202 -19.98 28.77 29.40
N LEU C 203 -19.81 29.97 28.86
CA LEU C 203 -19.78 30.19 27.42
C LEU C 203 -18.37 30.46 26.93
N ALA C 204 -18.22 30.46 25.61
CA ALA C 204 -16.94 30.72 24.96
C ALA C 204 -17.21 31.09 23.50
N PHE C 205 -16.19 31.61 22.84
CA PHE C 205 -16.26 31.96 21.43
C PHE C 205 -15.54 30.94 20.55
N ARG C 206 -16.05 30.80 19.34
CA ARG C 206 -15.45 29.99 18.30
C ARG C 206 -15.57 30.72 16.98
N ASN C 207 -14.62 30.47 16.08
CA ASN C 207 -14.56 31.17 14.80
C ASN C 207 -15.11 30.27 13.70
N VAL C 208 -16.02 30.83 12.90
CA VAL C 208 -16.68 30.07 11.83
C VAL C 208 -16.12 30.49 10.48
N ASN C 209 -14.91 31.05 10.48
CA ASN C 209 -14.27 31.47 9.24
C ASN C 209 -12.76 31.20 9.28
N HIS C 218 -8.11 32.95 21.36
CA HIS C 218 -7.43 33.95 22.16
C HIS C 218 -8.18 35.28 22.13
N TYR C 219 -9.47 35.24 22.50
CA TYR C 219 -10.29 36.44 22.51
C TYR C 219 -10.82 36.81 23.88
N HIS C 220 -10.91 35.88 24.82
CA HIS C 220 -11.73 36.08 26.01
C HIS C 220 -11.00 35.63 27.27
N ALA C 221 -11.47 36.16 28.40
CA ALA C 221 -11.07 35.72 29.72
C ALA C 221 -12.27 35.90 30.65
N TYR C 222 -12.09 35.55 31.92
CA TYR C 222 -13.16 35.64 32.91
C TYR C 222 -12.74 36.56 34.04
N LEU C 223 -13.70 37.30 34.58
CA LEU C 223 -13.46 38.27 35.64
C LEU C 223 -14.52 38.13 36.71
N TYR C 224 -14.10 37.81 37.94
CA TYR C 224 -14.99 37.66 39.08
C TYR C 224 -14.71 38.78 40.07
N LYS C 225 -15.74 39.50 40.48
CA LYS C 225 -15.63 40.55 41.47
C LYS C 225 -16.36 40.11 42.74
N LEU C 226 -15.65 40.08 43.86
CA LEU C 226 -16.18 39.56 45.10
C LEU C 226 -16.82 40.62 45.99
N HIS C 227 -16.74 41.89 45.62
CA HIS C 227 -17.27 42.95 46.47
C HIS C 227 -18.16 43.94 45.73
N GLY C 228 -18.55 43.67 44.49
CA GLY C 228 -19.39 44.57 43.74
C GLY C 228 -18.60 45.50 42.86
N SER C 229 -19.29 46.52 42.35
CA SER C 229 -18.67 47.49 41.46
C SER C 229 -19.43 48.81 41.57
N LEU C 230 -18.79 49.89 41.10
CA LEU C 230 -19.39 51.21 41.18
C LEU C 230 -20.55 51.39 40.21
N THR C 231 -20.66 50.55 39.20
CA THR C 231 -21.68 50.70 38.17
C THR C 231 -22.86 49.74 38.34
N TRP C 232 -22.92 49.03 39.47
CA TRP C 232 -24.03 48.12 39.76
C TRP C 232 -24.97 48.77 40.75
N TYR C 233 -26.27 48.63 40.50
CA TYR C 233 -27.28 49.17 41.41
C TYR C 233 -28.57 48.41 41.21
N GLN C 234 -29.47 48.54 42.18
CA GLN C 234 -30.78 47.90 42.15
C GLN C 234 -31.86 48.97 41.99
N ASN C 235 -32.66 48.85 40.94
CA ASN C 235 -33.71 49.81 40.65
C ASN C 235 -34.95 49.47 41.48
N ASP C 236 -36.08 50.07 41.13
CA ASP C 236 -37.32 49.79 41.85
C ASP C 236 -37.69 48.31 41.74
N SER C 237 -37.58 47.75 40.53
CA SER C 237 -37.79 46.32 40.35
C SER C 237 -36.68 45.53 41.03
N LEU C 238 -37.02 44.32 41.47
CA LEU C 238 -36.08 43.48 42.20
C LEU C 238 -35.13 42.78 41.21
N THR C 239 -34.34 43.62 40.54
CA THR C 239 -33.35 43.15 39.57
C THR C 239 -32.10 44.01 39.69
N VAL C 240 -30.98 43.46 39.26
CA VAL C 240 -29.69 44.15 39.31
C VAL C 240 -29.32 44.59 37.90
N ASN C 241 -28.90 45.86 37.78
CA ASN C 241 -28.60 46.44 36.48
C ASN C 241 -27.17 46.98 36.47
N GLU C 242 -26.63 47.13 35.26
CA GLU C 242 -25.31 47.71 35.05
C GLU C 242 -25.41 48.81 34.01
N VAL C 243 -24.61 49.85 34.20
CA VAL C 243 -24.58 51.00 33.29
C VAL C 243 -23.14 51.38 33.02
N SER C 244 -22.93 52.17 31.96
CA SER C 244 -21.60 52.67 31.65
C SER C 244 -21.19 53.74 32.66
N ALA C 245 -19.91 54.11 32.60
CA ALA C 245 -19.37 55.05 33.58
C ALA C 245 -20.02 56.43 33.47
N SER C 246 -20.23 56.91 32.24
CA SER C 246 -20.83 58.23 32.06
C SER C 246 -22.24 58.28 32.62
N GLN C 247 -23.03 57.24 32.34
CA GLN C 247 -24.41 57.21 32.84
C GLN C 247 -24.44 57.15 34.36
N ALA C 248 -23.58 56.34 34.97
CA ALA C 248 -23.53 56.27 36.43
C ALA C 248 -23.14 57.61 37.03
N TYR C 249 -22.14 58.28 36.45
CA TYR C 249 -21.75 59.59 36.94
C TYR C 249 -22.88 60.59 36.82
N ASP C 250 -23.60 60.58 35.70
CA ASP C 250 -24.71 61.50 35.53
C ASP C 250 -25.86 61.18 36.47
N GLU C 251 -26.01 59.91 36.86
CA GLU C 251 -27.17 59.51 37.66
C GLU C 251 -26.96 59.69 39.15
N TYR C 252 -25.96 59.02 39.74
CA TYR C 252 -25.89 59.00 41.19
C TYR C 252 -24.50 59.21 41.79
N ILE C 253 -23.44 59.32 40.99
CA ILE C 253 -22.11 59.53 41.53
C ILE C 253 -21.79 61.00 41.76
N ASN C 254 -22.33 61.90 40.93
CA ASN C 254 -22.10 63.32 41.13
C ASN C 254 -22.66 63.81 42.47
N ASP C 255 -23.85 63.34 42.85
CA ASP C 255 -24.48 63.83 44.07
C ASP C 255 -23.78 63.33 45.33
N ILE C 256 -23.19 62.13 45.28
CA ILE C 256 -22.53 61.58 46.46
C ILE C 256 -21.36 62.45 46.89
N ILE C 257 -20.60 62.98 45.92
CA ILE C 257 -19.39 63.73 46.22
C ILE C 257 -19.64 65.21 46.48
N ASN C 258 -20.64 65.82 45.87
CA ASN C 258 -20.83 67.26 45.94
C ASN C 258 -22.20 67.62 46.49
N LYS C 259 -22.69 66.83 47.45
CA LYS C 259 -24.00 67.08 48.05
C LYS C 259 -24.15 66.17 49.26
N ASP C 260 -25.07 66.57 50.16
CA ASP C 260 -25.46 65.73 51.29
C ASP C 260 -26.73 64.99 50.89
N ASP C 261 -26.54 63.91 50.13
CA ASP C 261 -27.65 63.17 49.53
C ASP C 261 -27.49 61.68 49.85
N PHE C 262 -28.43 61.15 50.64
CA PHE C 262 -28.50 59.70 50.86
C PHE C 262 -29.95 59.39 51.23
N TYR C 263 -30.70 58.85 50.26
CA TYR C 263 -32.12 58.59 50.44
C TYR C 263 -32.47 57.10 50.43
N ARG C 264 -31.93 56.34 49.50
CA ARG C 264 -32.28 54.93 49.34
C ARG C 264 -31.18 54.06 49.94
N GLY C 265 -31.56 53.20 50.87
CA GLY C 265 -30.63 52.27 51.48
C GLY C 265 -30.49 50.94 50.78
N GLN C 266 -31.39 50.64 49.84
CA GLN C 266 -31.36 49.39 49.10
C GLN C 266 -30.87 49.59 47.67
N HIS C 267 -30.13 50.66 47.41
CA HIS C 267 -29.78 51.03 46.05
C HIS C 267 -28.42 50.46 45.62
N LEU C 268 -27.37 50.83 46.34
CA LEU C 268 -26.00 50.53 45.91
C LEU C 268 -25.60 49.11 46.29
N ILE C 269 -24.68 48.54 45.52
CA ILE C 269 -24.27 47.16 45.68
C ILE C 269 -22.76 47.11 45.95
N TYR C 270 -22.25 48.10 46.66
CA TYR C 270 -20.83 48.12 47.00
C TYR C 270 -20.62 48.91 48.29
N PRO C 271 -19.65 48.52 49.13
CA PRO C 271 -18.90 47.26 49.10
C PRO C 271 -19.46 46.24 50.10
N GLY C 272 -20.00 45.13 49.63
CA GLY C 272 -20.55 44.12 50.53
C GLY C 272 -21.63 44.65 51.45
N ALA C 273 -22.52 45.50 50.93
CA ALA C 273 -23.55 46.13 51.73
C ALA C 273 -24.93 45.65 51.29
N ASN C 274 -25.92 45.87 52.16
CA ASN C 274 -27.31 45.45 51.92
C ASN C 274 -27.41 43.94 51.70
N LYS C 275 -26.56 43.17 52.38
CA LYS C 275 -26.53 41.73 52.19
C LYS C 275 -27.74 41.02 52.79
N TYR C 276 -28.52 41.69 53.63
CA TYR C 276 -29.67 41.05 54.24
C TYR C 276 -30.86 40.90 53.29
N SER C 277 -30.81 41.50 52.11
CA SER C 277 -31.85 41.33 51.12
C SER C 277 -31.59 40.05 50.32
N HIS C 278 -32.66 39.28 50.09
CA HIS C 278 -32.51 38.01 49.39
C HIS C 278 -32.26 38.19 47.90
N THR C 279 -32.44 39.40 47.36
CA THR C 279 -32.16 39.66 45.96
C THR C 279 -30.72 40.11 45.72
N ILE C 280 -30.10 40.78 46.67
CA ILE C 280 -28.73 41.25 46.52
C ILE C 280 -27.69 40.21 46.93
N GLY C 281 -27.94 39.45 47.99
CA GLY C 281 -26.99 38.43 48.40
C GLY C 281 -26.79 37.32 47.39
N PHE C 282 -27.71 37.17 46.44
CA PHE C 282 -27.60 36.17 45.39
C PHE C 282 -26.38 36.41 44.49
N VAL C 283 -25.86 37.63 44.44
CA VAL C 283 -24.68 37.92 43.63
C VAL C 283 -23.40 37.58 44.38
N TYR C 284 -23.28 38.05 45.62
CA TYR C 284 -22.10 37.74 46.42
C TYR C 284 -21.97 36.25 46.64
N GLY C 285 -23.07 35.57 46.95
CA GLY C 285 -23.03 34.14 47.17
C GLY C 285 -22.56 33.38 45.93
N GLU C 286 -23.07 33.77 44.76
CA GLU C 286 -22.67 33.09 43.53
C GLU C 286 -21.20 33.33 43.21
N MET C 287 -20.72 34.57 43.39
CA MET C 287 -19.31 34.84 43.13
C MET C 287 -18.43 34.04 44.06
N PHE C 288 -18.79 33.97 45.34
CA PHE C 288 -17.98 33.24 46.31
C PHE C 288 -18.00 31.75 46.03
N ARG C 289 -19.16 31.21 45.63
CA ARG C 289 -19.24 29.80 45.25
C ARG C 289 -18.37 29.48 44.04
N ARG C 290 -18.41 30.35 43.03
CA ARG C 290 -17.58 30.12 41.85
C ARG C 290 -16.10 30.19 42.18
N PHE C 291 -15.71 31.09 43.09
CA PHE C 291 -14.32 31.13 43.54
C PHE C 291 -13.95 29.84 44.27
N GLY C 292 -14.85 29.36 45.14
CA GLY C 292 -14.54 28.16 45.91
C GLY C 292 -14.42 26.92 45.07
N GLU C 293 -15.22 26.83 44.00
CA GLU C 293 -15.20 25.63 43.17
C GLU C 293 -13.96 25.57 42.27
N PHE C 294 -13.38 26.72 41.92
CA PHE C 294 -12.30 26.73 40.93
C PHE C 294 -11.06 26.00 41.44
N ILE C 295 -10.69 26.22 42.70
CA ILE C 295 -9.41 25.75 43.21
C ILE C 295 -9.49 24.30 43.67
N SER C 296 -10.63 23.65 43.44
CA SER C 296 -10.79 22.25 43.77
C SER C 296 -10.45 21.32 42.60
N LYS C 297 -10.14 21.86 41.44
CA LYS C 297 -9.80 21.05 40.28
C LYS C 297 -8.37 20.54 40.37
N PRO C 298 -8.09 19.36 39.81
CA PRO C 298 -6.72 18.87 39.79
C PRO C 298 -5.85 19.67 38.82
N GLN C 299 -4.55 19.70 39.11
CA GLN C 299 -3.56 20.40 38.28
C GLN C 299 -3.89 21.88 38.15
N THR C 300 -3.85 22.57 39.30
CA THR C 300 -4.22 23.98 39.38
C THR C 300 -3.08 24.78 40.00
N ALA C 301 -2.98 26.05 39.59
CA ALA C 301 -2.00 26.97 40.13
C ALA C 301 -2.69 28.28 40.48
N LEU C 302 -2.04 29.06 41.35
CA LEU C 302 -2.64 30.31 41.81
C LEU C 302 -1.53 31.27 42.23
N PHE C 303 -1.62 32.52 41.79
CA PHE C 303 -0.71 33.58 42.18
C PHE C 303 -1.48 34.61 43.00
N ILE C 304 -0.94 34.96 44.17
CA ILE C 304 -1.58 35.92 45.07
C ILE C 304 -0.68 37.14 45.19
N ASN C 305 -1.27 38.32 45.03
CA ASN C 305 -0.51 39.56 45.10
C ASN C 305 -1.43 40.69 45.54
N GLY C 306 -0.92 41.55 46.42
CA GLY C 306 -1.67 42.71 46.87
C GLY C 306 -2.75 42.42 47.89
N PHE C 307 -2.73 41.26 48.52
CA PHE C 307 -3.78 40.84 49.44
C PHE C 307 -3.22 40.76 50.85
N GLY C 308 -3.84 41.48 51.78
CA GLY C 308 -3.51 41.36 53.19
C GLY C 308 -4.43 40.35 53.85
N PHE C 309 -3.84 39.35 54.48
CA PHE C 309 -4.59 38.18 54.95
C PHE C 309 -5.44 38.55 56.16
N GLY C 310 -6.51 39.29 55.90
CA GLY C 310 -7.39 39.74 56.96
C GLY C 310 -8.82 39.26 56.82
N ASP C 311 -9.01 38.12 56.14
CA ASP C 311 -10.34 37.54 55.98
C ASP C 311 -10.30 36.09 56.43
N TYR C 312 -11.26 35.72 57.28
CA TYR C 312 -11.27 34.37 57.85
C TYR C 312 -11.67 33.32 56.82
N HIS C 313 -12.73 33.60 56.05
CA HIS C 313 -13.27 32.58 55.14
C HIS C 313 -12.30 32.27 54.00
N ILE C 314 -11.67 33.32 53.44
CA ILE C 314 -10.72 33.10 52.35
C ILE C 314 -9.52 32.27 52.83
N ASN C 315 -9.01 32.60 54.02
CA ASN C 315 -7.90 31.83 54.58
C ASN C 315 -8.32 30.39 54.83
N ARG C 316 -9.53 30.19 55.36
CA ARG C 316 -10.01 28.83 55.61
C ARG C 316 -10.11 28.02 54.33
N ILE C 317 -10.62 28.64 53.26
CA ILE C 317 -10.76 27.94 51.98
C ILE C 317 -9.39 27.62 51.39
N ILE C 318 -8.47 28.60 51.42
CA ILE C 318 -7.15 28.40 50.85
C ILE C 318 -6.39 27.30 51.58
N LEU C 319 -6.42 27.34 52.92
CA LEU C 319 -5.66 26.37 53.69
C LEU C 319 -6.24 24.96 53.56
N GLY C 320 -7.55 24.84 53.39
CA GLY C 320 -8.17 23.54 53.23
C GLY C 320 -8.06 22.95 51.84
N ALA C 321 -7.61 23.74 50.87
CA ALA C 321 -7.47 23.26 49.50
C ALA C 321 -6.12 22.62 49.24
N LEU C 322 -5.21 22.62 50.21
CA LEU C 322 -3.89 22.05 50.05
C LEU C 322 -3.86 20.55 50.32
N LEU C 323 -4.99 19.94 50.69
CA LEU C 323 -5.02 18.50 50.90
C LEU C 323 -4.81 17.74 49.60
N ASN C 324 -5.30 18.27 48.48
CA ASN C 324 -5.06 17.64 47.19
C ASN C 324 -3.58 17.73 46.84
N PRO C 325 -3.03 16.68 46.23
CA PRO C 325 -1.59 16.66 45.93
C PRO C 325 -1.17 17.45 44.71
N SER C 326 -2.07 18.18 44.06
CA SER C 326 -1.76 18.90 42.83
C SER C 326 -2.29 20.32 42.89
N PHE C 327 -2.04 21.00 44.01
CA PHE C 327 -2.38 22.41 44.16
C PHE C 327 -1.14 23.18 44.60
N HIS C 328 -0.79 24.22 43.84
CA HIS C 328 0.40 25.02 44.11
C HIS C 328 0.00 26.48 44.21
N VAL C 329 0.62 27.19 45.15
CA VAL C 329 0.30 28.60 45.40
C VAL C 329 1.58 29.39 45.59
N VAL C 330 1.56 30.65 45.17
CA VAL C 330 2.69 31.57 45.32
C VAL C 330 2.16 32.85 45.96
N ILE C 331 2.82 33.29 47.02
CA ILE C 331 2.35 34.42 47.82
C ILE C 331 3.40 35.52 47.82
N TYR C 332 2.93 36.76 47.68
CA TYR C 332 3.78 37.95 47.78
C TYR C 332 3.41 38.73 49.02
N TYR C 333 4.40 39.06 49.84
CA TYR C 333 4.16 39.78 51.08
C TYR C 333 5.30 40.74 51.36
N PRO C 334 5.07 42.06 51.27
CA PRO C 334 6.17 43.02 51.46
C PRO C 334 6.78 43.01 52.85
N GLU C 335 5.97 43.20 53.89
CA GLU C 335 6.47 43.31 55.25
C GLU C 335 6.47 41.94 55.91
N LEU C 336 7.53 41.18 55.63
CA LEU C 336 7.66 39.82 56.16
C LEU C 336 8.57 39.73 57.38
N LYS C 337 9.69 40.47 57.39
CA LYS C 337 10.64 40.36 58.49
C LYS C 337 10.05 40.89 59.80
N GLU C 338 9.29 41.98 59.74
CA GLU C 338 8.66 42.52 60.94
C GLU C 338 7.68 41.51 61.52
N ALA C 339 6.94 40.81 60.65
CA ALA C 339 6.03 39.77 61.13
C ALA C 339 6.79 38.68 61.88
N ILE C 340 7.92 38.24 61.34
CA ILE C 340 8.69 37.19 62.00
C ILE C 340 9.21 37.66 63.35
N THR C 341 9.76 38.89 63.39
CA THR C 341 10.29 39.41 64.65
C THR C 341 9.19 39.55 65.70
N LYS C 342 8.01 40.04 65.30
CA LYS C 342 6.93 40.21 66.26
C LYS C 342 6.38 38.87 66.74
N VAL C 343 6.28 37.89 65.83
CA VAL C 343 5.78 36.58 66.23
C VAL C 343 6.78 35.89 67.15
N SER C 344 8.08 36.11 66.95
CA SER C 344 9.09 35.46 67.78
C SER C 344 8.93 35.85 69.25
N LYS C 345 8.66 37.12 69.52
CA LYS C 345 8.51 37.60 70.89
C LYS C 345 7.07 37.48 71.40
N GLY C 346 6.17 36.88 70.62
CA GLY C 346 4.79 36.74 71.00
C GLY C 346 3.93 37.90 70.53
N GLY C 347 2.62 37.69 70.57
CA GLY C 347 1.70 38.69 70.11
C GLY C 347 1.62 38.74 68.58
N GLY C 348 1.06 39.83 68.10
CA GLY C 348 0.87 40.00 66.67
C GLY C 348 -0.57 39.76 66.26
N SER C 349 -0.95 40.36 65.14
CA SER C 349 -2.32 40.26 64.65
C SER C 349 -2.58 38.87 64.08
N GLU C 350 -3.82 38.63 63.67
CA GLU C 350 -4.18 37.34 63.08
C GLU C 350 -3.49 37.13 61.75
N ALA C 351 -3.34 38.20 60.96
CA ALA C 351 -2.68 38.08 59.66
C ALA C 351 -1.23 37.63 59.81
N GLU C 352 -0.51 38.23 60.75
CA GLU C 352 0.90 37.88 60.95
C GLU C 352 1.04 36.42 61.38
N LYS C 353 0.22 35.99 62.34
CA LYS C 353 0.28 34.61 62.80
C LYS C 353 -0.07 33.65 61.67
N ALA C 354 -1.10 33.98 60.89
CA ALA C 354 -1.52 33.10 59.81
C ALA C 354 -0.43 32.96 58.76
N ILE C 355 0.25 34.05 58.43
CA ILE C 355 1.23 34.00 57.36
C ILE C 355 2.54 33.41 57.85
N VAL C 356 2.85 33.55 59.15
CA VAL C 356 4.06 32.94 59.69
C VAL C 356 3.87 31.43 59.81
N THR C 357 2.70 30.98 60.28
CA THR C 357 2.44 29.55 60.38
C THR C 357 2.43 28.90 58.99
N LEU C 358 1.91 29.61 57.99
CA LEU C 358 1.91 29.09 56.63
C LEU C 358 3.32 28.94 56.07
N LYS C 359 4.23 29.82 56.48
CA LYS C 359 5.59 29.82 55.93
C LYS C 359 6.46 28.70 56.48
N ASN C 360 6.21 28.26 57.72
CA ASN C 360 7.13 27.37 58.42
C ASN C 360 6.90 25.89 58.15
N MET C 361 5.89 25.53 57.37
CA MET C 361 5.65 24.13 57.08
C MET C 361 6.67 23.58 56.10
N ALA C 362 6.83 22.26 56.11
CA ALA C 362 7.75 21.58 55.20
C ALA C 362 7.01 21.12 53.95
N PHE C 363 6.47 22.11 53.23
CA PHE C 363 5.69 21.88 52.03
C PHE C 363 6.40 22.46 50.83
N ASN C 364 6.49 21.67 49.75
CA ASN C 364 7.05 22.15 48.50
C ASN C 364 6.00 22.81 47.60
N GLN C 365 4.75 22.86 48.04
CA GLN C 365 3.67 23.48 47.27
C GLN C 365 3.43 24.93 47.62
N VAL C 366 4.19 25.49 48.56
CA VAL C 366 3.99 26.86 49.02
C VAL C 366 5.28 27.65 48.84
N THR C 367 5.17 28.85 48.28
CA THR C 367 6.29 29.74 48.08
C THR C 367 5.91 31.13 48.56
N VAL C 368 6.80 31.74 49.35
CA VAL C 368 6.58 33.07 49.90
C VAL C 368 7.74 33.96 49.48
N VAL C 369 7.42 35.16 49.00
CA VAL C 369 8.41 36.11 48.51
C VAL C 369 8.36 37.35 49.39
N GLY C 370 9.53 37.77 49.89
CA GLY C 370 9.64 38.94 50.73
C GLY C 370 10.45 40.05 50.06
N GLY C 371 10.60 41.13 50.80
CA GLY C 371 11.31 42.31 50.34
C GLY C 371 10.47 43.56 50.44
N GLY C 372 11.16 44.69 50.40
CA GLY C 372 10.49 45.97 50.52
C GLY C 372 9.84 46.43 49.23
N SER C 373 10.64 46.53 48.17
CA SER C 373 10.13 46.91 46.86
C SER C 373 10.26 45.81 45.83
N LYS C 374 10.77 44.64 46.22
CA LYS C 374 10.88 43.50 45.32
C LYS C 374 9.65 42.62 45.34
N ALA C 375 8.61 43.00 46.10
CA ALA C 375 7.36 42.25 46.15
C ALA C 375 6.17 43.11 45.71
N TYR C 376 6.41 44.29 45.18
CA TYR C 376 5.32 45.16 44.74
C TYR C 376 4.68 44.59 43.47
N PHE C 377 3.57 45.21 43.05
CA PHE C 377 2.87 44.75 41.87
C PHE C 377 3.71 44.90 40.62
N ASN C 378 4.43 46.02 40.50
CA ASN C 378 5.26 46.26 39.31
C ASN C 378 6.37 45.23 39.17
N SER C 379 6.77 44.59 40.26
CA SER C 379 7.80 43.55 40.20
C SER C 379 7.22 42.16 39.96
N PHE C 380 5.95 41.94 40.31
CA PHE C 380 5.31 40.66 40.02
C PHE C 380 5.18 40.44 38.52
N VAL C 381 4.88 41.50 37.77
CA VAL C 381 4.69 41.38 36.33
C VAL C 381 5.98 40.97 35.65
N GLU C 382 7.11 41.50 36.11
CA GLU C 382 8.39 41.26 35.45
C GLU C 382 8.84 39.81 35.49
N HIS C 383 8.32 39.01 36.43
CA HIS C 383 8.74 37.62 36.52
C HIS C 383 8.11 36.74 35.44
N LEU C 384 6.89 37.05 35.02
CA LEU C 384 6.24 36.26 33.99
C LEU C 384 6.94 36.47 32.65
N PRO C 385 7.14 35.42 31.86
CA PRO C 385 7.94 35.53 30.64
C PRO C 385 7.12 35.80 29.39
N TYR C 386 7.80 36.44 28.41
CA TYR C 386 7.32 36.58 27.05
C TYR C 386 7.60 35.32 26.23
N PRO C 387 6.76 35.03 25.24
CA PRO C 387 7.15 34.07 24.20
C PRO C 387 8.16 34.68 23.24
N VAL C 388 8.85 33.80 22.52
CA VAL C 388 9.91 34.26 21.64
C VAL C 388 9.34 35.01 20.43
N LEU C 389 8.22 34.53 19.88
CA LEU C 389 7.69 35.04 18.63
C LEU C 389 6.66 36.14 18.81
N PHE C 390 6.40 36.59 20.04
CA PHE C 390 5.43 37.65 20.25
C PHE C 390 5.93 38.97 19.66
N PRO C 391 5.11 39.66 18.88
CA PRO C 391 5.53 40.94 18.28
C PRO C 391 5.56 42.04 19.33
N ARG C 392 6.76 42.57 19.59
CA ARG C 392 6.95 43.57 20.63
C ARG C 392 7.03 44.99 20.10
N ASP C 393 7.75 45.20 18.99
CA ASP C 393 7.94 46.54 18.44
C ASP C 393 6.64 47.08 17.86
N ASN C 394 6.12 48.15 18.46
CA ASN C 394 4.88 48.76 17.99
C ASN C 394 5.18 49.68 16.81
N ILE C 395 4.66 49.33 15.64
CA ILE C 395 4.91 50.08 14.42
C ILE C 395 3.59 50.44 13.75
N VAL C 396 2.53 50.57 14.55
CA VAL C 396 1.21 50.90 14.03
C VAL C 396 0.82 52.35 14.31
N ASP C 397 1.25 52.91 15.44
CA ASP C 397 0.87 54.29 15.78
C ASP C 397 1.39 55.29 14.76
N GLU C 398 2.51 55.00 14.11
CA GLU C 398 3.04 55.90 13.10
C GLU C 398 2.08 56.05 11.93
N LEU C 399 1.50 54.94 11.48
CA LEU C 399 0.53 55.00 10.39
C LEU C 399 -0.72 55.77 10.80
N VAL C 400 -1.15 55.61 12.05
CA VAL C 400 -2.29 56.37 12.55
C VAL C 400 -1.98 57.86 12.54
N GLU C 401 -0.77 58.23 12.97
CA GLU C 401 -0.36 59.63 12.93
C GLU C 401 -0.35 60.17 11.51
N ALA C 402 0.17 59.38 10.56
CA ALA C 402 0.20 59.81 9.17
C ALA C 402 -1.21 60.01 8.62
N ILE C 403 -2.12 59.08 8.93
CA ILE C 403 -3.50 59.20 8.46
C ILE C 403 -4.17 60.44 9.05
N ALA C 404 -3.95 60.68 10.35
CA ALA C 404 -4.49 61.89 10.96
C ALA C 404 -3.89 63.15 10.34
N ASN C 405 -2.63 63.08 9.92
CA ASN C 405 -1.99 64.24 9.29
C ASN C 405 -2.51 64.46 7.88
N LEU C 406 -2.98 63.41 7.20
CA LEU C 406 -3.55 63.59 5.88
C LEU C 406 -4.75 64.53 5.90
N SER C 407 -5.61 64.37 6.90
CA SER C 407 -6.78 65.23 7.07
C SER C 407 -7.66 65.27 5.83
N SER D 2 -57.58 23.68 30.21
CA SER D 2 -56.93 23.22 31.43
C SER D 2 -55.50 22.77 31.16
N ILE D 3 -55.19 22.56 29.88
CA ILE D 3 -53.84 22.16 29.45
C ILE D 3 -53.40 23.09 28.34
N TYR D 4 -52.23 23.70 28.49
CA TYR D 4 -51.67 24.60 27.48
C TYR D 4 -50.25 24.13 27.15
N GLN D 5 -49.93 24.11 25.86
CA GLN D 5 -48.57 23.82 25.41
C GLN D 5 -48.15 24.89 24.42
N GLY D 6 -47.21 25.74 24.84
CA GLY D 6 -46.77 26.84 23.99
C GLY D 6 -47.76 27.97 23.90
N GLY D 7 -48.66 28.10 24.86
CA GLY D 7 -49.67 29.13 24.85
C GLY D 7 -50.95 28.76 24.15
N ASN D 8 -50.98 27.63 23.44
CA ASN D 8 -52.16 27.17 22.74
C ASN D 8 -52.96 26.22 23.63
N LYS D 9 -53.92 25.52 23.04
CA LYS D 9 -54.77 24.57 23.74
C LYS D 9 -54.39 23.14 23.36
N LEU D 10 -54.55 22.22 24.31
CA LEU D 10 -54.21 20.82 24.09
C LEU D 10 -55.33 19.95 24.62
N ASN D 11 -55.44 18.75 24.06
CA ASN D 11 -56.45 17.77 24.46
C ASN D 11 -55.78 16.61 25.20
N GLU D 12 -56.63 15.71 25.73
CA GLU D 12 -56.16 14.70 26.66
C GLU D 12 -55.33 13.62 25.97
N ASP D 13 -55.79 13.14 24.81
CA ASP D 13 -55.10 12.03 24.15
C ASP D 13 -53.71 12.45 23.68
N ASP D 14 -53.60 13.64 23.09
CA ASP D 14 -52.29 14.14 22.68
C ASP D 14 -51.38 14.37 23.88
N PHE D 15 -51.95 14.83 25.01
CA PHE D 15 -51.15 15.00 26.22
C PHE D 15 -50.61 13.66 26.69
N ARG D 16 -51.44 12.61 26.68
CA ARG D 16 -50.99 11.29 27.09
C ARG D 16 -49.90 10.77 26.17
N SER D 17 -50.06 10.96 24.85
CA SER D 17 -49.03 10.54 23.91
C SER D 17 -47.72 11.28 24.16
N HIS D 18 -47.79 12.59 24.40
CA HIS D 18 -46.59 13.37 24.66
C HIS D 18 -45.91 12.90 25.94
N VAL D 19 -46.70 12.61 26.99
CA VAL D 19 -46.12 12.12 28.24
C VAL D 19 -45.45 10.78 28.02
N TYR D 20 -46.07 9.90 27.23
CA TYR D 20 -45.44 8.61 26.94
C TYR D 20 -44.13 8.79 26.19
N SER D 21 -44.09 9.73 25.24
CA SER D 21 -42.87 9.91 24.45
C SER D 21 -41.74 10.52 25.27
N LEU D 22 -42.07 11.22 26.36
CA LEU D 22 -41.03 11.87 27.16
C LEU D 22 -40.26 10.86 28.00
N CYS D 23 -40.89 9.75 28.39
CA CYS D 23 -40.26 8.79 29.28
C CYS D 23 -39.15 7.99 28.62
N GLN D 24 -38.99 8.09 27.30
CA GLN D 24 -37.97 7.34 26.58
C GLN D 24 -36.68 8.12 26.39
N LEU D 25 -36.56 9.28 27.03
CA LEU D 25 -35.37 10.11 26.90
C LEU D 25 -34.25 9.59 27.80
N ASP D 26 -33.06 10.17 27.62
CA ASP D 26 -31.89 9.68 28.36
C ASP D 26 -32.00 10.00 29.85
N ASN D 27 -32.42 11.20 30.19
CA ASN D 27 -32.45 11.65 31.58
C ASN D 27 -33.87 12.06 31.97
N VAL D 28 -34.32 11.56 33.12
CA VAL D 28 -35.65 11.86 33.64
C VAL D 28 -35.53 12.21 35.12
N GLY D 29 -36.18 13.28 35.54
CA GLY D 29 -36.09 13.73 36.92
C GLY D 29 -37.44 14.18 37.44
N VAL D 30 -37.52 14.28 38.77
CA VAL D 30 -38.75 14.70 39.45
C VAL D 30 -38.39 15.73 40.51
N LEU D 31 -39.20 16.78 40.62
CA LEU D 31 -39.03 17.80 41.65
C LEU D 31 -40.34 17.92 42.42
N LEU D 32 -40.30 17.58 43.70
CA LEU D 32 -41.49 17.59 44.55
C LEU D 32 -41.50 18.81 45.46
N GLY D 33 -42.63 19.03 46.10
CA GLY D 33 -42.79 20.15 47.01
C GLY D 33 -43.42 19.75 48.33
N ALA D 34 -43.99 20.72 49.05
CA ALA D 34 -44.60 20.48 50.34
C ALA D 34 -46.07 20.10 50.24
N GLY D 35 -46.63 20.08 49.03
CA GLY D 35 -48.01 19.69 48.87
C GLY D 35 -48.17 18.23 48.50
N ALA D 36 -47.07 17.60 48.05
CA ALA D 36 -47.12 16.20 47.67
C ALA D 36 -47.30 15.28 48.87
N SER D 37 -47.02 15.76 50.07
CA SER D 37 -47.16 14.97 51.29
C SER D 37 -48.44 15.29 52.06
N VAL D 38 -49.37 16.01 51.44
CA VAL D 38 -50.63 16.34 52.11
C VAL D 38 -51.44 15.07 52.37
N GLY D 39 -51.46 14.16 51.40
CA GLY D 39 -52.21 12.93 51.57
C GLY D 39 -51.72 12.07 52.72
N CYS D 40 -50.40 12.01 52.89
CA CYS D 40 -49.82 11.18 53.95
C CYS D 40 -50.08 11.74 55.34
N GLY D 41 -50.41 13.02 55.45
CA GLY D 41 -50.68 13.62 56.74
C GLY D 41 -49.85 14.86 57.02
N GLY D 42 -49.26 15.43 55.98
CA GLY D 42 -48.47 16.64 56.12
C GLY D 42 -49.33 17.88 56.20
N LYS D 43 -48.67 19.01 56.45
CA LYS D 43 -49.33 20.29 56.56
C LYS D 43 -48.56 21.33 55.76
N THR D 44 -49.28 22.35 55.30
CA THR D 44 -48.68 23.46 54.56
C THR D 44 -48.37 24.61 55.52
N MET D 45 -47.78 25.67 54.94
CA MET D 45 -47.36 26.80 55.77
C MET D 45 -48.57 27.57 56.32
N LYS D 46 -49.68 27.58 55.60
CA LYS D 46 -50.89 28.23 56.10
C LYS D 46 -51.38 27.54 57.38
N ASP D 47 -51.36 26.21 57.40
CA ASP D 47 -51.74 25.49 58.61
C ASP D 47 -50.77 25.79 59.74
N VAL D 48 -49.49 25.94 59.43
CA VAL D 48 -48.50 26.29 60.45
C VAL D 48 -48.82 27.65 61.04
N TRP D 49 -49.15 28.63 60.20
CA TRP D 49 -49.50 29.95 60.70
C TRP D 49 -50.76 29.92 61.54
N LYS D 50 -51.77 29.14 61.11
CA LYS D 50 -52.99 29.03 61.90
C LYS D 50 -52.71 28.39 63.25
N SER D 51 -51.87 27.37 63.30
CA SER D 51 -51.51 26.74 64.56
C SER D 51 -50.76 27.72 65.47
N PHE D 52 -49.85 28.51 64.89
CA PHE D 52 -49.13 29.50 65.69
C PHE D 52 -50.08 30.56 66.23
N LYS D 53 -51.10 30.92 65.44
CA LYS D 53 -52.10 31.87 65.93
C LYS D 53 -52.91 31.27 67.06
N GLN D 54 -53.28 30.00 66.95
CA GLN D 54 -54.13 29.38 67.95
C GLN D 54 -53.47 29.35 69.33
N ASN D 55 -52.19 29.00 69.37
CA ASN D 55 -51.42 29.04 70.60
C ASN D 55 -50.71 30.38 70.73
N TYR D 56 -49.99 30.55 71.84
CA TYR D 56 -49.20 31.74 72.14
C TYR D 56 -49.96 33.04 71.85
N PRO D 57 -51.07 33.30 72.53
CA PRO D 57 -51.83 34.52 72.28
C PRO D 57 -51.18 35.80 72.79
N GLU D 58 -50.06 35.71 73.49
CA GLU D 58 -49.37 36.87 74.03
C GLU D 58 -48.23 37.37 73.15
N LEU D 59 -47.52 36.48 72.47
CA LEU D 59 -46.45 36.91 71.57
C LEU D 59 -47.02 37.61 70.34
N LEU D 60 -48.19 37.18 69.86
CA LEU D 60 -48.82 37.84 68.73
C LEU D 60 -49.18 39.28 69.05
N GLY D 61 -49.66 39.53 70.27
CA GLY D 61 -50.00 40.89 70.65
C GLY D 61 -48.81 41.83 70.60
N ALA D 62 -47.68 41.39 71.15
CA ALA D 62 -46.46 42.19 71.06
C ALA D 62 -46.02 42.35 69.61
N LEU D 63 -46.04 41.26 68.84
CA LEU D 63 -45.61 41.28 67.45
C LEU D 63 -46.46 42.21 66.61
N ILE D 64 -47.71 42.45 66.99
CA ILE D 64 -48.60 43.34 66.27
C ILE D 64 -48.47 44.79 66.75
N ASP D 65 -48.54 45.01 68.06
CA ASP D 65 -48.68 46.37 68.58
C ASP D 65 -47.33 47.03 68.88
N LYS D 66 -46.36 46.27 69.39
CA LYS D 66 -45.13 46.89 69.86
C LYS D 66 -44.08 47.03 68.76
N TYR D 67 -43.70 45.93 68.12
CA TYR D 67 -42.59 45.94 67.18
C TYR D 67 -43.01 46.21 65.74
N LEU D 68 -44.28 46.02 65.40
CA LEU D 68 -44.82 46.33 64.09
C LEU D 68 -44.11 45.56 62.97
N LEU D 69 -44.22 44.23 63.04
CA LEU D 69 -43.74 43.37 61.96
C LEU D 69 -44.85 42.79 61.10
N VAL D 70 -46.07 42.65 61.61
CA VAL D 70 -47.18 42.09 60.85
C VAL D 70 -48.38 43.02 60.97
N SER D 71 -49.29 42.88 60.01
CA SER D 71 -50.51 43.67 59.96
C SER D 71 -51.69 42.84 60.40
N GLN D 72 -52.72 43.51 60.92
CA GLN D 72 -53.89 42.81 61.44
C GLN D 72 -54.70 42.18 60.31
N ILE D 73 -54.75 42.82 59.15
CA ILE D 73 -55.55 42.31 58.04
C ILE D 73 -54.98 40.97 57.55
N ASP D 74 -53.67 40.92 57.33
CA ASP D 74 -53.04 39.68 56.88
C ASP D 74 -53.14 38.58 57.94
N SER D 75 -53.03 38.96 59.21
CA SER D 75 -53.19 37.98 60.29
C SER D 75 -54.58 37.39 60.30
N ASP D 76 -55.60 38.24 60.10
CA ASP D 76 -56.98 37.75 60.10
C ASP D 76 -57.27 36.91 58.87
N ASN D 77 -56.72 37.29 57.72
CA ASN D 77 -56.98 36.57 56.47
C ASN D 77 -55.98 35.45 56.21
N ASN D 78 -55.00 35.25 57.09
CA ASN D 78 -54.01 34.18 56.97
C ASN D 78 -53.24 34.28 55.64
N LEU D 79 -52.54 35.41 55.48
CA LEU D 79 -51.69 35.63 54.32
C LEU D 79 -50.25 35.95 54.71
N VAL D 80 -49.88 35.66 55.96
CA VAL D 80 -48.55 35.99 56.46
C VAL D 80 -47.54 34.97 55.94
N ASN D 81 -46.39 35.47 55.50
CA ASN D 81 -45.29 34.64 55.01
C ASN D 81 -44.31 34.41 56.15
N VAL D 82 -44.09 33.14 56.50
CA VAL D 82 -43.21 32.82 57.62
C VAL D 82 -41.74 32.92 57.19
N GLU D 83 -41.46 32.73 55.91
CA GLU D 83 -40.08 32.77 55.42
C GLU D 83 -39.44 34.13 55.68
N LEU D 84 -40.18 35.20 55.43
CA LEU D 84 -39.69 36.55 55.71
C LEU D 84 -39.74 36.89 57.19
N LEU D 85 -40.73 36.36 57.92
CA LEU D 85 -40.84 36.65 59.34
C LEU D 85 -39.64 36.09 60.11
N ILE D 86 -39.19 34.89 59.74
CA ILE D 86 -38.03 34.30 60.42
C ILE D 86 -36.79 35.16 60.18
N ASP D 87 -36.57 35.60 58.94
CA ASP D 87 -35.41 36.43 58.63
C ASP D 87 -35.47 37.76 59.38
N GLU D 88 -36.65 38.38 59.43
CA GLU D 88 -36.78 39.65 60.15
C GLU D 88 -36.52 39.47 61.64
N ALA D 89 -37.02 38.37 62.22
CA ALA D 89 -36.75 38.11 63.63
C ALA D 89 -35.26 37.92 63.89
N THR D 90 -34.58 37.18 63.00
CA THR D 90 -33.14 36.99 63.16
C THR D 90 -32.40 38.32 63.06
N LYS D 91 -32.81 39.18 62.11
CA LYS D 91 -32.17 40.49 61.98
C LYS D 91 -32.37 41.33 63.23
N PHE D 92 -33.58 41.33 63.78
CA PHE D 92 -33.84 42.09 65.00
C PHE D 92 -33.01 41.56 66.16
N LEU D 93 -32.91 40.24 66.30
CA LEU D 93 -32.11 39.66 67.37
C LEU D 93 -30.63 40.03 67.21
N SER D 94 -30.12 39.97 65.98
CA SER D 94 -28.72 40.32 65.74
C SER D 94 -28.46 41.78 66.07
N VAL D 95 -29.38 42.67 65.70
CA VAL D 95 -29.20 44.08 66.03
C VAL D 95 -29.24 44.29 67.54
N ALA D 96 -30.19 43.65 68.23
CA ALA D 96 -30.33 43.84 69.67
C ALA D 96 -29.18 43.22 70.47
N LYS D 97 -28.52 42.19 69.96
CA LYS D 97 -27.39 41.60 70.65
C LYS D 97 -26.18 42.53 70.74
N THR D 98 -25.86 43.24 69.67
CA THR D 98 -24.70 44.13 69.68
C THR D 98 -24.88 45.28 70.65
N ARG D 99 -26.08 45.84 70.74
CA ARG D 99 -26.34 46.98 71.60
C ARG D 99 -26.50 46.62 73.07
N ARG D 100 -26.46 45.33 73.40
CA ARG D 100 -26.51 44.84 74.78
C ARG D 100 -27.82 45.26 75.46
N CYS D 101 -28.92 44.76 74.94
CA CYS D 101 -30.25 44.93 75.52
C CYS D 101 -30.84 43.54 75.73
N GLU D 102 -30.85 43.09 76.99
CA GLU D 102 -31.12 41.68 77.27
C GLU D 102 -32.59 41.31 77.15
N ASP D 103 -33.49 42.19 77.56
CA ASP D 103 -34.92 41.86 77.56
C ASP D 103 -35.43 41.60 76.16
N GLU D 104 -35.07 42.46 75.21
CA GLU D 104 -35.50 42.26 73.82
C GLU D 104 -34.86 41.00 73.24
N GLU D 105 -33.61 40.73 73.60
CA GLU D 105 -32.95 39.51 73.16
C GLU D 105 -33.71 38.28 73.62
N GLU D 106 -34.13 38.27 74.90
CA GLU D 106 -34.89 37.15 75.42
C GLU D 106 -36.24 37.02 74.72
N GLU D 107 -36.91 38.15 74.48
CA GLU D 107 -38.21 38.10 73.83
C GLU D 107 -38.09 37.50 72.43
N PHE D 108 -37.10 37.95 71.66
CA PHE D 108 -36.93 37.43 70.31
C PHE D 108 -36.45 35.98 70.32
N ARG D 109 -35.66 35.59 71.31
CA ARG D 109 -35.29 34.18 71.43
C ARG D 109 -36.51 33.31 71.67
N LYS D 110 -37.41 33.75 72.55
CA LYS D 110 -38.65 33.00 72.77
C LYS D 110 -39.48 32.92 71.49
N ILE D 111 -39.58 34.03 70.76
CA ILE D 111 -40.36 34.03 69.53
C ILE D 111 -39.78 33.05 68.52
N LEU D 112 -38.46 33.06 68.37
CA LEU D 112 -37.82 32.17 67.41
C LEU D 112 -37.99 30.71 67.80
N SER D 113 -37.85 30.39 69.09
CA SER D 113 -38.04 29.02 69.53
C SER D 113 -39.47 28.54 69.29
N SER D 114 -40.45 29.40 69.59
CA SER D 114 -41.84 29.05 69.35
C SER D 114 -42.11 28.83 67.87
N LEU D 115 -41.52 29.66 67.01
CA LEU D 115 -41.68 29.48 65.57
C LEU D 115 -41.06 28.17 65.11
N TYR D 116 -39.87 27.83 65.62
CA TYR D 116 -39.19 26.62 65.17
C TYR D 116 -39.90 25.35 65.64
N LYS D 117 -40.53 25.39 66.82
CA LYS D 117 -41.20 24.19 67.31
C LYS D 117 -42.33 23.76 66.39
N GLU D 118 -43.10 24.72 65.87
CA GLU D 118 -44.24 24.38 65.01
C GLU D 118 -43.77 23.73 63.71
N VAL D 119 -42.75 24.30 63.06
CA VAL D 119 -42.26 23.70 61.83
C VAL D 119 -41.56 22.38 62.09
N THR D 120 -41.04 22.18 63.31
CA THR D 120 -40.47 20.89 63.66
C THR D 120 -41.52 19.80 63.83
N LYS D 121 -42.65 20.10 64.47
CA LYS D 121 -43.65 19.09 64.78
C LYS D 121 -44.63 18.84 63.64
N ALA D 122 -44.47 19.49 62.51
CA ALA D 122 -45.37 19.33 61.38
C ALA D 122 -44.84 18.37 60.32
N ALA D 123 -43.75 17.67 60.59
CA ALA D 123 -43.14 16.77 59.62
C ALA D 123 -43.07 15.33 60.09
N LEU D 124 -43.70 14.99 61.22
CA LEU D 124 -43.64 13.61 61.70
C LEU D 124 -44.50 12.69 60.85
N LEU D 125 -45.67 13.17 60.42
CA LEU D 125 -46.58 12.46 59.52
C LEU D 125 -47.29 11.30 60.20
N THR D 126 -46.90 10.96 61.42
CA THR D 126 -47.54 9.87 62.15
C THR D 126 -47.75 10.17 63.64
N GLY D 127 -47.31 11.31 64.14
CA GLY D 127 -47.46 11.63 65.55
C GLY D 127 -46.52 10.84 66.44
N GLU D 128 -47.09 10.00 67.31
CA GLU D 128 -46.30 9.24 68.27
C GLU D 128 -45.75 7.95 67.68
N GLN D 129 -46.10 7.61 66.45
CA GLN D 129 -45.61 6.40 65.79
C GLN D 129 -44.34 6.64 64.99
N PHE D 130 -43.72 7.81 65.15
CA PHE D 130 -42.51 8.15 64.40
C PHE D 130 -41.32 7.28 64.76
N ARG D 131 -41.29 6.69 65.95
CA ARG D 131 -40.15 5.92 66.42
C ARG D 131 -40.26 4.43 66.17
N GLU D 132 -41.36 3.96 65.57
CA GLU D 132 -41.55 2.54 65.36
C GLU D 132 -40.85 2.09 64.08
N LYS D 133 -41.03 0.82 63.73
CA LYS D 133 -40.44 0.23 62.54
C LYS D 133 -41.54 -0.22 61.59
N ASN D 134 -41.14 -0.45 60.34
CA ASN D 134 -42.05 -0.91 59.29
C ASN D 134 -43.19 0.08 59.07
N GLN D 135 -42.84 1.35 58.90
CA GLN D 135 -43.82 2.39 58.65
C GLN D 135 -44.22 2.50 57.19
N GLY D 136 -43.52 1.81 56.29
CA GLY D 136 -43.83 1.82 54.89
C GLY D 136 -44.86 0.80 54.45
N LYS D 137 -45.37 -0.01 55.38
CA LYS D 137 -46.36 -1.02 55.06
C LYS D 137 -47.79 -0.51 55.17
N LYS D 138 -47.98 0.73 55.63
CA LYS D 138 -49.32 1.28 55.77
C LYS D 138 -49.89 1.65 54.41
N ASP D 139 -51.18 2.00 54.39
CA ASP D 139 -51.89 2.28 53.16
C ASP D 139 -51.64 3.67 52.60
N ALA D 140 -51.07 4.58 53.39
CA ALA D 140 -50.89 5.96 52.95
C ALA D 140 -49.71 6.14 52.00
N PHE D 141 -48.84 5.15 51.87
CA PHE D 141 -47.64 5.27 51.05
C PHE D 141 -47.67 4.41 49.80
N LYS D 142 -48.86 4.08 49.30
CA LYS D 142 -48.92 3.23 48.11
C LYS D 142 -48.59 4.00 46.84
N TYR D 143 -48.94 5.28 46.80
CA TYR D 143 -48.69 6.07 45.60
C TYR D 143 -47.22 6.41 45.43
N HIS D 144 -46.50 6.60 46.54
CA HIS D 144 -45.06 6.77 46.44
C HIS D 144 -44.39 5.51 45.90
N LYS D 145 -44.84 4.34 46.35
CA LYS D 145 -44.34 3.08 45.82
C LYS D 145 -44.62 2.97 44.33
N GLU D 146 -45.83 3.32 43.91
CA GLU D 146 -46.17 3.26 42.49
C GLU D 146 -45.32 4.22 41.68
N LEU D 147 -45.08 5.43 42.20
CA LEU D 147 -44.24 6.38 41.50
C LEU D 147 -42.83 5.84 41.32
N ILE D 148 -42.25 5.28 42.38
CA ILE D 148 -40.90 4.75 42.29
C ILE D 148 -40.83 3.59 41.31
N SER D 149 -41.80 2.67 41.38
CA SER D 149 -41.79 1.52 40.50
C SER D 149 -41.95 1.93 39.03
N LYS D 150 -42.86 2.87 38.76
CA LYS D 150 -43.06 3.32 37.39
C LYS D 150 -41.84 4.05 36.86
N LEU D 151 -41.19 4.85 37.71
CA LEU D 151 -40.03 5.60 37.26
C LEU D 151 -38.82 4.69 37.02
N ILE D 152 -38.68 3.62 37.79
CA ILE D 152 -37.52 2.75 37.64
C ILE D 152 -37.73 1.71 36.54
N SER D 153 -38.97 1.23 36.36
CA SER D 153 -39.21 0.06 35.52
C SER D 153 -38.80 0.30 34.07
N ASN D 154 -39.17 1.45 33.50
CA ASN D 154 -39.01 1.68 32.06
C ASN D 154 -37.69 2.40 31.77
N ARG D 155 -36.61 1.69 32.06
CA ARG D 155 -35.25 2.15 31.75
C ARG D 155 -34.55 1.07 30.94
N GLN D 156 -34.19 1.38 29.71
CA GLN D 156 -33.46 0.43 28.88
C GLN D 156 -32.02 0.29 29.39
N PRO D 157 -31.40 -0.88 29.20
CA PRO D 157 -30.02 -1.05 29.63
C PRO D 157 -29.08 -0.11 28.90
N GLY D 158 -28.05 0.34 29.61
CA GLY D 158 -27.11 1.30 29.08
C GLY D 158 -27.46 2.75 29.35
N GLN D 159 -28.61 3.02 29.94
CA GLN D 159 -29.01 4.38 30.29
C GLN D 159 -28.67 4.67 31.74
N SER D 160 -29.03 5.88 32.20
CA SER D 160 -28.69 6.33 33.54
C SER D 160 -29.88 6.16 34.48
N ALA D 161 -29.58 6.19 35.78
CA ALA D 161 -30.58 6.03 36.81
C ALA D 161 -31.37 7.33 37.02
N PRO D 162 -32.61 7.23 37.47
CA PRO D 162 -33.41 8.44 37.71
C PRO D 162 -32.92 9.21 38.92
N ALA D 163 -33.29 10.49 38.95
CA ALA D 163 -32.93 11.39 40.03
C ALA D 163 -34.19 12.01 40.62
N ILE D 164 -34.19 12.21 41.93
CA ILE D 164 -35.33 12.74 42.67
C ILE D 164 -34.87 13.93 43.49
N PHE D 165 -35.50 15.08 43.30
CA PHE D 165 -35.24 16.28 44.08
C PHE D 165 -36.46 16.63 44.93
N THR D 166 -36.22 17.13 46.13
CA THR D 166 -37.32 17.47 47.02
C THR D 166 -36.88 18.60 47.94
N THR D 167 -37.87 19.33 48.47
CA THR D 167 -37.65 20.42 49.39
C THR D 167 -38.41 20.21 50.70
N ASN D 168 -38.56 18.96 51.11
CA ASN D 168 -39.28 18.61 52.33
C ASN D 168 -38.32 18.19 53.43
N TYR D 169 -38.87 17.87 54.60
CA TYR D 169 -38.11 17.38 55.73
C TYR D 169 -38.51 15.98 56.18
N ASP D 170 -39.66 15.49 55.75
CA ASP D 170 -40.17 14.21 56.21
C ASP D 170 -39.44 13.05 55.53
N LEU D 171 -39.76 11.84 55.96
CA LEU D 171 -39.10 10.62 55.51
C LEU D 171 -40.09 9.71 54.77
N ALA D 172 -40.93 10.29 53.92
CA ALA D 172 -41.90 9.50 53.18
C ALA D 172 -41.23 8.65 52.11
N LEU D 173 -40.31 9.24 51.35
CA LEU D 173 -39.67 8.51 50.27
C LEU D 173 -38.78 7.38 50.80
N GLU D 174 -38.04 7.64 51.88
CA GLU D 174 -37.21 6.59 52.47
C GLU D 174 -38.05 5.43 52.96
N TRP D 175 -39.15 5.74 53.67
CA TRP D 175 -40.01 4.68 54.18
C TRP D 175 -40.63 3.89 53.04
N ALA D 176 -41.07 4.57 51.98
CA ALA D 176 -41.65 3.87 50.85
C ALA D 176 -40.63 2.98 50.14
N ALA D 177 -39.40 3.48 49.97
CA ALA D 177 -38.38 2.73 49.25
C ALA D 177 -37.79 1.59 50.06
N GLU D 178 -37.87 1.64 51.39
CA GLU D 178 -37.34 0.57 52.21
C GLU D 178 -38.26 -0.62 52.31
N ASP D 179 -39.47 -0.54 51.75
CA ASP D 179 -40.40 -1.67 51.75
C ASP D 179 -40.29 -2.53 50.50
N LEU D 180 -39.79 -1.98 49.39
CA LEU D 180 -39.63 -2.74 48.17
C LEU D 180 -38.29 -3.46 48.11
N GLY D 181 -37.23 -2.85 48.66
CA GLY D 181 -35.89 -3.39 48.59
C GLY D 181 -34.92 -2.54 47.77
N ILE D 182 -35.35 -1.42 47.21
CA ILE D 182 -34.44 -0.57 46.45
C ILE D 182 -33.51 0.17 47.40
N GLN D 183 -32.33 0.52 46.89
CA GLN D 183 -31.32 1.25 47.65
C GLN D 183 -31.14 2.64 47.05
N LEU D 184 -31.25 3.66 47.89
CA LEU D 184 -31.11 5.05 47.48
C LEU D 184 -29.78 5.60 47.97
N PHE D 185 -29.04 6.25 47.08
CA PHE D 185 -27.78 6.89 47.44
C PHE D 185 -28.04 8.34 47.80
N ASN D 186 -27.61 8.75 48.99
CA ASN D 186 -27.85 10.11 49.45
C ASN D 186 -26.59 10.76 50.02
N GLY D 187 -25.42 10.21 49.72
CA GLY D 187 -24.17 10.84 50.04
C GLY D 187 -23.52 10.42 51.34
N PHE D 188 -24.22 9.68 52.18
CA PHE D 188 -23.69 9.26 53.48
C PHE D 188 -23.17 7.84 53.40
N SER D 189 -22.30 7.50 54.36
CA SER D 189 -21.71 6.17 54.41
C SER D 189 -21.45 5.80 55.87
N GLY D 190 -21.40 4.49 56.13
CA GLY D 190 -21.16 3.98 57.46
C GLY D 190 -22.44 3.80 58.27
N LEU D 191 -22.34 2.98 59.32
CA LEU D 191 -23.47 2.71 60.19
C LEU D 191 -23.24 3.16 61.63
N HIS D 192 -22.14 2.73 62.25
CA HIS D 192 -21.88 3.13 63.63
C HIS D 192 -21.53 4.61 63.72
N THR D 193 -20.76 5.11 62.75
CA THR D 193 -20.47 6.53 62.63
C THR D 193 -20.68 6.92 61.17
N ARG D 194 -21.75 7.66 60.92
CA ARG D 194 -22.20 7.97 59.56
C ARG D 194 -21.85 9.41 59.23
N GLN D 195 -21.13 9.61 58.13
CA GLN D 195 -20.64 10.94 57.75
C GLN D 195 -20.98 11.23 56.29
N PHE D 196 -20.72 12.47 55.89
CA PHE D 196 -21.08 12.97 54.57
C PHE D 196 -19.83 13.04 53.69
N TYR D 197 -19.78 12.17 52.68
CA TYR D 197 -18.71 12.21 51.68
C TYR D 197 -19.30 12.62 50.34
N PRO D 198 -18.94 13.79 49.81
CA PRO D 198 -19.56 14.24 48.55
C PRO D 198 -19.23 13.37 47.34
N GLN D 199 -18.16 12.57 47.38
CA GLN D 199 -17.82 11.74 46.25
C GLN D 199 -18.73 10.53 46.11
N ASN D 200 -19.59 10.26 47.08
CA ASN D 200 -20.49 9.12 47.02
C ASN D 200 -21.65 9.31 46.05
N PHE D 201 -21.67 10.39 45.27
CA PHE D 201 -22.67 10.60 44.24
C PHE D 201 -22.25 10.08 42.88
N ASP D 202 -21.11 9.38 42.80
CA ASP D 202 -20.56 8.91 41.54
C ASP D 202 -20.29 7.41 41.61
N LEU D 203 -21.22 6.64 42.17
CA LEU D 203 -21.06 5.21 42.33
C LEU D 203 -22.26 4.48 41.73
N ALA D 204 -22.04 3.21 41.37
CA ALA D 204 -23.10 2.38 40.83
C ALA D 204 -22.78 0.92 41.10
N PHE D 205 -23.81 0.08 41.05
CA PHE D 205 -23.65 -1.35 41.27
C PHE D 205 -23.21 -2.05 39.99
N ARG D 206 -22.70 -3.28 40.18
CA ARG D 206 -22.25 -4.11 39.07
C ARG D 206 -22.25 -5.56 39.54
N ASN D 207 -22.97 -6.43 38.84
CA ASN D 207 -22.99 -7.83 39.21
C ASN D 207 -21.64 -8.47 38.94
N VAL D 208 -21.26 -9.42 39.80
CA VAL D 208 -19.95 -10.07 39.69
C VAL D 208 -20.03 -11.45 39.07
N ASN D 209 -21.23 -11.99 38.87
CA ASN D 209 -21.36 -13.33 38.31
C ASN D 209 -20.80 -13.41 36.89
N ALA D 210 -21.06 -12.39 36.08
CA ALA D 210 -20.55 -12.36 34.72
C ALA D 210 -20.46 -10.92 34.20
N GLY D 217 -29.10 -7.87 41.49
CA GLY D 217 -30.10 -6.88 41.83
C GLY D 217 -29.61 -5.45 41.64
N HIS D 218 -29.51 -5.02 40.39
CA HIS D 218 -29.01 -3.68 40.08
C HIS D 218 -30.16 -2.70 39.85
N TYR D 219 -30.94 -2.49 40.90
CA TYR D 219 -31.86 -1.37 41.00
C TYR D 219 -31.34 -0.37 42.03
N HIS D 220 -31.27 0.90 41.64
CA HIS D 220 -30.83 1.96 42.52
C HIS D 220 -31.31 3.28 41.94
N ALA D 221 -31.25 4.32 42.75
CA ALA D 221 -31.65 5.66 42.34
C ALA D 221 -30.88 6.67 43.19
N TYR D 222 -31.21 7.95 43.05
CA TYR D 222 -30.53 9.01 43.78
C TYR D 222 -31.56 9.88 44.47
N LEU D 223 -31.16 10.48 45.59
CA LEU D 223 -32.06 11.29 46.40
C LEU D 223 -31.31 12.52 46.89
N TYR D 224 -31.65 13.68 46.32
CA TYR D 224 -31.09 14.95 46.73
C TYR D 224 -32.12 15.71 47.55
N LYS D 225 -31.72 16.14 48.75
CA LYS D 225 -32.57 16.98 49.59
C LYS D 225 -31.94 18.37 49.65
N LEU D 226 -32.70 19.37 49.21
CA LEU D 226 -32.18 20.73 49.07
C LEU D 226 -32.36 21.58 50.32
N HIS D 227 -33.02 21.07 51.36
CA HIS D 227 -33.30 21.88 52.54
C HIS D 227 -33.02 21.15 53.85
N GLY D 228 -32.29 20.03 53.81
CA GLY D 228 -31.96 19.32 55.03
C GLY D 228 -33.06 18.35 55.45
N SER D 229 -32.85 17.77 56.62
CA SER D 229 -33.76 16.75 57.15
C SER D 229 -33.67 16.74 58.66
N LEU D 230 -34.66 16.09 59.29
CA LEU D 230 -34.69 16.01 60.75
C LEU D 230 -33.56 15.17 61.31
N THR D 231 -33.16 14.11 60.61
CA THR D 231 -32.21 13.15 61.13
C THR D 231 -30.76 13.62 61.05
N TRP D 232 -30.48 14.69 60.30
CA TRP D 232 -29.12 15.18 60.17
C TRP D 232 -28.81 16.19 61.27
N TYR D 233 -27.55 16.22 61.71
CA TYR D 233 -27.09 17.23 62.65
C TYR D 233 -25.62 17.50 62.42
N GLN D 234 -25.17 18.66 62.89
CA GLN D 234 -23.79 19.09 62.75
C GLN D 234 -23.17 19.26 64.13
N ASN D 235 -21.95 18.74 64.30
CA ASN D 235 -21.23 18.82 65.57
C ASN D 235 -20.36 20.06 65.68
N ASP D 236 -20.62 21.08 64.86
CA ASP D 236 -19.86 22.33 64.87
C ASP D 236 -18.37 22.07 64.65
N SER D 237 -18.03 21.04 63.88
CA SER D 237 -16.65 20.70 63.57
C SER D 237 -16.51 20.31 62.10
N LEU D 238 -17.34 20.89 61.24
CA LEU D 238 -17.33 20.60 59.81
C LEU D 238 -17.55 19.09 59.57
N THR D 239 -18.48 18.52 60.34
CA THR D 239 -18.89 17.14 60.16
C THR D 239 -20.40 17.08 60.25
N VAL D 240 -21.02 16.26 59.40
CA VAL D 240 -22.46 16.06 59.40
C VAL D 240 -22.72 14.56 59.60
N ASN D 241 -23.61 14.24 60.55
CA ASN D 241 -23.91 12.86 60.89
C ASN D 241 -25.39 12.59 60.69
N GLU D 242 -25.69 11.34 60.30
CA GLU D 242 -27.06 10.88 60.12
C GLU D 242 -27.41 9.83 61.16
N VAL D 243 -28.64 9.88 61.65
CA VAL D 243 -29.10 9.05 62.74
C VAL D 243 -30.48 8.51 62.40
N SER D 244 -30.72 7.25 62.75
CA SER D 244 -32.01 6.63 62.48
C SER D 244 -33.12 7.34 63.26
N ALA D 245 -34.37 7.06 62.86
CA ALA D 245 -35.50 7.81 63.39
C ALA D 245 -35.68 7.59 64.89
N SER D 246 -35.57 6.34 65.34
CA SER D 246 -35.79 6.05 66.75
C SER D 246 -34.75 6.73 67.63
N GLN D 247 -33.48 6.63 67.25
CA GLN D 247 -32.42 7.26 68.04
C GLN D 247 -32.55 8.77 68.06
N ALA D 248 -32.85 9.38 66.91
CA ALA D 248 -33.00 10.83 66.86
C ALA D 248 -34.18 11.30 67.71
N TYR D 249 -35.31 10.57 67.65
CA TYR D 249 -36.47 10.92 68.45
C TYR D 249 -36.18 10.78 69.94
N ASP D 250 -35.46 9.73 70.33
CA ASP D 250 -35.10 9.56 71.73
C ASP D 250 -34.01 10.51 72.19
N GLU D 251 -33.26 11.10 71.26
CA GLU D 251 -32.13 11.96 71.61
C GLU D 251 -32.52 13.44 71.68
N TYR D 252 -33.04 14.01 70.58
CA TYR D 252 -33.17 15.47 70.58
C TYR D 252 -34.47 15.98 69.95
N ILE D 253 -35.50 15.15 69.81
CA ILE D 253 -36.77 15.60 69.24
C ILE D 253 -37.85 15.69 70.32
N ASN D 254 -37.83 14.80 71.31
CA ASN D 254 -38.80 14.89 72.39
C ASN D 254 -38.65 16.19 73.17
N ASP D 255 -37.40 16.57 73.47
CA ASP D 255 -37.16 17.80 74.22
C ASP D 255 -37.63 19.02 73.44
N ILE D 256 -37.43 19.02 72.12
CA ILE D 256 -37.91 20.13 71.30
C ILE D 256 -39.43 20.23 71.39
N ILE D 257 -40.12 19.09 71.31
CA ILE D 257 -41.57 19.10 71.24
C ILE D 257 -42.18 19.53 72.57
N ASN D 258 -41.78 18.89 73.67
CA ASN D 258 -42.47 19.10 74.94
C ASN D 258 -41.50 19.28 76.10
N LYS D 259 -40.47 20.11 75.91
CA LYS D 259 -39.63 20.51 77.04
C LYS D 259 -39.25 21.99 76.97
N ASP D 260 -39.88 22.77 76.10
CA ASP D 260 -39.73 24.23 75.99
C ASP D 260 -38.29 24.69 76.21
N ASP D 261 -37.36 24.01 75.55
CA ASP D 261 -35.95 24.36 75.59
C ASP D 261 -35.60 25.26 74.41
N PHE D 262 -34.73 26.23 74.65
CA PHE D 262 -34.29 27.12 73.58
C PHE D 262 -33.60 26.32 72.47
N TYR D 263 -33.98 26.60 71.23
CA TYR D 263 -33.45 25.85 70.11
C TYR D 263 -32.02 26.27 69.81
N ARG D 264 -31.14 25.29 69.68
CA ARG D 264 -29.78 25.48 69.22
C ARG D 264 -29.58 24.63 67.96
N GLY D 265 -28.32 24.52 67.52
CA GLY D 265 -28.04 23.77 66.31
C GLY D 265 -28.16 22.27 66.51
N GLN D 266 -29.34 21.82 66.96
CA GLN D 266 -29.54 20.41 67.22
C GLN D 266 -29.75 19.62 65.93
N HIS D 267 -30.39 20.24 64.93
CA HIS D 267 -30.51 19.66 63.60
C HIS D 267 -30.55 20.79 62.58
N LEU D 268 -29.86 20.60 61.45
CA LEU D 268 -29.71 21.64 60.46
C LEU D 268 -30.85 21.57 59.44
N ILE D 269 -31.63 22.64 59.36
CA ILE D 269 -32.65 22.83 58.34
C ILE D 269 -32.55 24.27 57.85
N TYR D 270 -33.18 24.53 56.71
CA TYR D 270 -33.16 25.85 56.08
C TYR D 270 -34.59 26.32 55.84
N PRO D 271 -35.31 26.73 56.89
CA PRO D 271 -36.65 27.28 56.70
C PRO D 271 -36.70 28.78 56.42
N GLY D 272 -35.54 29.44 56.28
CA GLY D 272 -35.49 30.86 56.01
C GLY D 272 -35.61 31.16 54.52
N ALA D 273 -35.38 32.43 54.20
CA ALA D 273 -35.47 32.90 52.82
C ALA D 273 -34.15 33.39 52.24
N ASN D 274 -33.14 33.64 53.07
CA ASN D 274 -31.85 34.13 52.58
C ASN D 274 -30.96 32.99 52.13
N LYS D 275 -30.70 32.03 53.01
CA LYS D 275 -29.95 30.80 52.76
C LYS D 275 -28.47 31.03 52.49
N TYR D 276 -28.01 32.28 52.44
CA TYR D 276 -26.61 32.58 52.27
C TYR D 276 -25.97 33.19 53.50
N SER D 277 -26.76 33.52 54.53
CA SER D 277 -26.18 33.98 55.79
C SER D 277 -25.43 32.86 56.50
N HIS D 278 -25.87 31.61 56.33
CA HIS D 278 -25.17 30.46 56.89
C HIS D 278 -23.96 30.16 56.01
N THR D 279 -22.87 30.89 56.28
CA THR D 279 -21.65 30.75 55.50
C THR D 279 -20.84 29.51 55.88
N ILE D 280 -21.17 28.86 57.01
CA ILE D 280 -20.42 27.70 57.48
C ILE D 280 -20.94 26.40 56.88
N GLY D 281 -22.05 26.43 56.16
CA GLY D 281 -22.65 25.23 55.59
C GLY D 281 -22.18 25.00 54.17
N PHE D 282 -21.79 23.76 53.88
CA PHE D 282 -21.31 23.38 52.56
C PHE D 282 -22.13 22.28 51.91
N VAL D 283 -23.11 21.70 52.61
CA VAL D 283 -23.99 20.73 52.00
C VAL D 283 -24.93 21.41 51.01
N TYR D 284 -25.40 22.61 51.36
CA TYR D 284 -26.35 23.33 50.51
C TYR D 284 -25.76 23.59 49.13
N GLY D 285 -24.52 24.09 49.08
CA GLY D 285 -23.87 24.31 47.80
C GLY D 285 -23.63 23.02 47.03
N GLU D 286 -23.32 21.93 47.74
CA GLU D 286 -23.12 20.65 47.08
C GLU D 286 -24.40 20.17 46.41
N MET D 287 -25.55 20.34 47.07
CA MET D 287 -26.80 19.95 46.44
C MET D 287 -27.16 20.87 45.28
N PHE D 288 -26.98 22.18 45.44
CA PHE D 288 -27.38 23.10 44.39
C PHE D 288 -26.42 23.16 43.21
N ARG D 289 -25.21 22.62 43.33
CA ARG D 289 -24.39 22.47 42.13
C ARG D 289 -24.73 21.20 41.36
N ARG D 290 -25.13 20.13 42.04
CA ARG D 290 -25.64 18.95 41.35
C ARG D 290 -26.97 19.23 40.67
N PHE D 291 -27.81 20.06 41.28
CA PHE D 291 -29.05 20.47 40.62
C PHE D 291 -28.75 21.26 39.35
N GLY D 292 -27.82 22.22 39.43
CA GLY D 292 -27.50 23.01 38.25
C GLY D 292 -26.83 22.21 37.17
N GLU D 293 -26.00 21.23 37.56
CA GLU D 293 -25.30 20.41 36.57
C GLU D 293 -26.26 19.49 35.82
N PHE D 294 -27.31 19.02 36.51
CA PHE D 294 -28.16 17.98 35.93
C PHE D 294 -28.94 18.48 34.73
N ILE D 295 -29.54 19.67 34.83
CA ILE D 295 -30.45 20.16 33.80
C ILE D 295 -29.66 20.88 32.70
N SER D 296 -28.34 20.81 32.76
CA SER D 296 -27.50 21.33 31.70
C SER D 296 -27.16 20.30 30.64
N LYS D 297 -27.52 19.04 30.85
CA LYS D 297 -27.27 17.98 29.89
C LYS D 297 -28.32 18.01 28.77
N PRO D 298 -27.95 17.54 27.58
CA PRO D 298 -28.95 17.41 26.50
C PRO D 298 -29.85 16.22 26.72
N GLN D 299 -31.01 16.27 26.06
CA GLN D 299 -32.03 15.23 26.13
C GLN D 299 -32.49 15.01 27.58
N THR D 300 -33.12 16.05 28.12
CA THR D 300 -33.55 16.07 29.50
C THR D 300 -35.07 16.26 29.59
N ALA D 301 -35.66 15.71 30.64
CA ALA D 301 -37.08 15.90 30.93
C ALA D 301 -37.24 16.06 32.43
N LEU D 302 -38.17 16.93 32.83
CA LEU D 302 -38.41 17.21 34.24
C LEU D 302 -39.90 17.28 34.51
N PHE D 303 -40.32 16.75 35.66
CA PHE D 303 -41.70 16.82 36.11
C PHE D 303 -41.74 17.54 37.45
N ILE D 304 -42.64 18.50 37.58
CA ILE D 304 -42.76 19.32 38.78
C ILE D 304 -44.16 19.16 39.36
N ASN D 305 -44.24 18.90 40.66
CA ASN D 305 -45.52 18.76 41.33
C ASN D 305 -45.38 19.20 42.78
N GLY D 306 -46.42 19.86 43.29
CA GLY D 306 -46.45 20.30 44.66
C GLY D 306 -45.67 21.55 44.98
N PHE D 307 -45.10 22.21 43.97
CA PHE D 307 -44.28 23.40 44.18
C PHE D 307 -45.12 24.66 43.97
N GLY D 308 -45.03 25.58 44.92
CA GLY D 308 -45.79 26.81 44.90
C GLY D 308 -45.11 27.99 44.23
N PHE D 309 -43.91 27.82 43.70
CA PHE D 309 -43.16 28.87 43.01
C PHE D 309 -42.99 30.10 43.90
N GLY D 310 -42.39 29.87 45.06
CA GLY D 310 -42.16 30.95 46.00
C GLY D 310 -40.69 31.18 46.32
N ASP D 311 -39.84 30.24 45.93
CA ASP D 311 -38.41 30.33 46.17
C ASP D 311 -37.73 31.11 45.05
N TYR D 312 -36.97 32.13 45.43
CA TYR D 312 -36.31 32.96 44.42
C TYR D 312 -35.18 32.22 43.74
N HIS D 313 -34.39 31.46 44.50
CA HIS D 313 -33.18 30.85 43.93
C HIS D 313 -33.52 29.75 42.94
N ILE D 314 -34.66 29.07 43.11
CA ILE D 314 -34.97 27.94 42.26
C ILE D 314 -35.51 28.40 40.91
N ASN D 315 -36.49 29.31 40.92
CA ASN D 315 -37.09 29.74 39.66
C ASN D 315 -36.25 30.82 38.98
N ARG D 316 -34.94 30.62 38.96
CA ARG D 316 -34.03 31.41 38.14
C ARG D 316 -33.18 30.45 37.33
N ILE D 317 -32.95 29.26 37.90
CA ILE D 317 -32.30 28.19 37.16
C ILE D 317 -33.25 27.63 36.11
N ILE D 318 -34.54 27.52 36.44
CA ILE D 318 -35.52 27.00 35.49
C ILE D 318 -35.61 27.91 34.28
N LEU D 319 -35.69 29.23 34.51
CA LEU D 319 -35.74 30.16 33.40
C LEU D 319 -34.43 30.21 32.64
N GLY D 320 -33.30 29.98 33.32
CA GLY D 320 -32.02 30.01 32.65
C GLY D 320 -31.73 28.81 31.79
N ALA D 321 -32.41 27.69 32.04
CA ALA D 321 -32.17 26.46 31.30
C ALA D 321 -33.09 26.30 30.10
N LEU D 322 -33.97 27.26 29.84
CA LEU D 322 -34.91 27.16 28.73
C LEU D 322 -34.30 27.59 27.40
N LEU D 323 -33.05 28.03 27.40
CA LEU D 323 -32.33 28.37 26.18
C LEU D 323 -31.60 27.19 25.57
N ASN D 324 -31.66 26.03 26.21
CA ASN D 324 -31.14 24.77 25.70
C ASN D 324 -32.18 24.11 24.82
N PRO D 325 -31.90 23.82 23.55
CA PRO D 325 -32.92 23.28 22.65
C PRO D 325 -33.26 21.82 22.86
N SER D 326 -32.85 21.20 23.97
CA SER D 326 -33.18 19.80 24.24
C SER D 326 -33.58 19.64 25.70
N PHE D 327 -34.42 20.55 26.21
CA PHE D 327 -34.88 20.51 27.60
C PHE D 327 -36.38 20.70 27.61
N HIS D 328 -37.10 19.71 28.13
CA HIS D 328 -38.55 19.74 28.22
C HIS D 328 -38.99 19.70 29.68
N VAL D 329 -39.98 20.52 30.01
CA VAL D 329 -40.47 20.64 31.38
C VAL D 329 -41.99 20.61 31.39
N VAL D 330 -42.56 19.91 32.36
CA VAL D 330 -44.02 19.83 32.56
C VAL D 330 -44.33 20.31 33.97
N ILE D 331 -45.26 21.26 34.08
CA ILE D 331 -45.56 21.93 35.34
C ILE D 331 -47.01 21.69 35.70
N TYR D 332 -47.25 21.34 36.96
CA TYR D 332 -48.59 21.12 37.50
C TYR D 332 -48.94 22.27 38.44
N TYR D 333 -50.11 22.89 38.21
CA TYR D 333 -50.57 23.98 39.06
C TYR D 333 -52.09 23.88 39.21
N PRO D 334 -52.59 23.60 40.43
CA PRO D 334 -54.04 23.39 40.60
C PRO D 334 -54.90 24.57 40.20
N GLU D 335 -54.67 25.73 40.81
CA GLU D 335 -55.50 26.91 40.59
C GLU D 335 -54.80 27.84 39.59
N LEU D 336 -55.07 27.61 38.31
CA LEU D 336 -54.46 28.40 37.25
C LEU D 336 -55.37 29.50 36.73
N LYS D 337 -56.69 29.29 36.75
CA LYS D 337 -57.62 30.32 36.26
C LYS D 337 -57.57 31.56 37.13
N GLU D 338 -57.51 31.38 38.45
CA GLU D 338 -57.49 32.51 39.37
C GLU D 338 -56.25 33.37 39.14
N ALA D 339 -55.10 32.73 38.92
CA ALA D 339 -53.87 33.47 38.67
C ALA D 339 -53.99 34.33 37.41
N ILE D 340 -54.52 33.76 36.33
CA ILE D 340 -54.67 34.51 35.09
C ILE D 340 -55.63 35.68 35.28
N THR D 341 -56.76 35.43 35.94
CA THR D 341 -57.75 36.48 36.15
C THR D 341 -57.17 37.61 36.99
N LYS D 342 -56.43 37.28 38.05
CA LYS D 342 -55.87 38.29 38.93
C LYS D 342 -54.69 39.03 38.32
N VAL D 343 -53.93 38.38 37.43
CA VAL D 343 -52.82 39.07 36.79
C VAL D 343 -53.28 39.95 35.64
N SER D 344 -54.36 39.57 34.95
CA SER D 344 -54.84 40.37 33.82
C SER D 344 -55.18 41.80 34.25
N LYS D 345 -55.81 41.95 35.41
CA LYS D 345 -56.14 43.27 35.94
C LYS D 345 -54.93 44.00 36.51
N GLY D 346 -53.79 43.32 36.65
CA GLY D 346 -52.59 43.96 37.14
C GLY D 346 -52.40 43.95 38.64
N GLY D 347 -53.09 43.07 39.35
CA GLY D 347 -52.98 43.02 40.79
C GLY D 347 -52.54 41.67 41.33
N GLY D 348 -51.61 41.02 40.63
CA GLY D 348 -51.11 39.73 41.06
C GLY D 348 -50.01 39.83 42.10
N SER D 349 -49.60 38.67 42.59
CA SER D 349 -48.52 38.55 43.56
C SER D 349 -47.21 38.18 42.86
N GLU D 350 -46.17 37.95 43.66
CA GLU D 350 -44.88 37.58 43.12
C GLU D 350 -44.78 36.10 42.77
N ALA D 351 -45.76 35.29 43.16
CA ALA D 351 -45.80 33.88 42.81
C ALA D 351 -46.68 33.60 41.60
N GLU D 352 -47.79 34.33 41.44
CA GLU D 352 -48.65 34.14 40.27
C GLU D 352 -48.04 34.74 39.02
N LYS D 353 -47.27 35.82 39.16
CA LYS D 353 -46.65 36.44 37.98
C LYS D 353 -45.68 35.49 37.31
N ALA D 354 -44.90 34.74 38.10
CA ALA D 354 -43.93 33.81 37.54
C ALA D 354 -44.63 32.69 36.76
N ILE D 355 -45.72 32.14 37.31
CA ILE D 355 -46.39 31.04 36.63
C ILE D 355 -47.15 31.53 35.41
N VAL D 356 -47.67 32.76 35.45
CA VAL D 356 -48.32 33.32 34.27
C VAL D 356 -47.30 33.59 33.17
N THR D 357 -46.09 34.05 33.55
CA THR D 357 -45.05 34.31 32.57
C THR D 357 -44.66 33.04 31.83
N LEU D 358 -44.53 31.92 32.54
CA LEU D 358 -44.15 30.67 31.90
C LEU D 358 -45.23 30.19 30.94
N LYS D 359 -46.50 30.37 31.28
CA LYS D 359 -47.59 29.89 30.45
C LYS D 359 -47.69 30.64 29.13
N ASN D 360 -47.27 31.90 29.08
CA ASN D 360 -47.43 32.75 27.91
C ASN D 360 -46.29 32.63 26.89
N MET D 361 -45.33 31.74 27.13
CA MET D 361 -44.20 31.59 26.23
C MET D 361 -44.65 31.03 24.88
N ALA D 362 -43.73 31.07 23.91
CA ALA D 362 -44.01 30.63 22.55
C ALA D 362 -43.12 29.46 22.14
N PHE D 363 -42.74 28.62 23.10
CA PHE D 363 -41.92 27.45 22.84
C PHE D 363 -42.73 26.19 23.09
N ASN D 364 -42.43 25.13 22.34
CA ASN D 364 -43.08 23.85 22.52
C ASN D 364 -42.46 23.03 23.65
N GLN D 365 -41.42 23.54 24.29
CA GLN D 365 -40.74 22.81 25.36
C GLN D 365 -41.37 23.04 26.73
N VAL D 366 -42.41 23.86 26.82
CA VAL D 366 -43.06 24.17 28.09
C VAL D 366 -44.52 23.77 28.01
N THR D 367 -44.99 23.02 29.00
CA THR D 367 -46.38 22.60 29.09
C THR D 367 -46.87 22.81 30.53
N VAL D 368 -48.05 23.42 30.65
CA VAL D 368 -48.63 23.72 31.96
C VAL D 368 -49.98 23.04 32.07
N VAL D 369 -50.22 22.40 33.22
CA VAL D 369 -51.43 21.63 33.47
C VAL D 369 -52.16 22.24 34.65
N GLY D 370 -53.45 22.52 34.47
CA GLY D 370 -54.28 23.04 35.54
C GLY D 370 -55.59 22.29 35.67
N GLY D 371 -56.57 22.90 36.34
CA GLY D 371 -57.87 22.30 36.44
C GLY D 371 -58.32 21.90 37.83
N GLY D 372 -57.81 22.61 38.84
CA GLY D 372 -58.24 22.34 40.20
C GLY D 372 -57.78 20.97 40.67
N SER D 373 -58.74 20.14 41.08
CA SER D 373 -58.44 18.83 41.65
C SER D 373 -57.96 17.81 40.62
N LYS D 374 -57.82 18.19 39.36
CA LYS D 374 -57.35 17.29 38.33
C LYS D 374 -55.84 17.30 38.17
N ALA D 375 -55.13 18.06 38.99
CA ALA D 375 -53.67 18.15 38.91
C ALA D 375 -53.03 17.82 40.26
N TYR D 376 -53.55 16.82 40.96
CA TYR D 376 -53.01 16.42 42.24
C TYR D 376 -51.95 15.33 42.07
N PHE D 377 -51.38 14.90 43.19
CA PHE D 377 -50.31 13.91 43.16
C PHE D 377 -50.80 12.58 42.59
N ASN D 378 -52.00 12.16 42.97
CA ASN D 378 -52.53 10.87 42.52
C ASN D 378 -52.70 10.86 41.01
N SER D 379 -53.24 11.94 40.45
CA SER D 379 -53.40 12.02 39.00
C SER D 379 -52.05 12.03 38.30
N PHE D 380 -51.07 12.73 38.88
CA PHE D 380 -49.73 12.76 38.31
C PHE D 380 -49.12 11.37 38.25
N VAL D 381 -49.28 10.60 39.33
CA VAL D 381 -48.76 9.23 39.34
C VAL D 381 -49.52 8.37 38.33
N GLU D 382 -50.83 8.58 38.21
CA GLU D 382 -51.62 7.78 37.28
C GLU D 382 -51.22 8.03 35.83
N HIS D 383 -50.89 9.28 35.49
CA HIS D 383 -50.61 9.61 34.09
C HIS D 383 -49.38 8.89 33.57
N LEU D 384 -48.44 8.54 34.43
CA LEU D 384 -47.24 7.85 33.98
C LEU D 384 -47.58 6.44 33.49
N PRO D 385 -47.02 6.02 32.36
CA PRO D 385 -47.40 4.74 31.77
C PRO D 385 -46.49 3.58 32.20
N TYR D 386 -46.99 2.38 31.98
CA TYR D 386 -46.24 1.14 32.13
C TYR D 386 -45.53 0.79 30.82
N PRO D 387 -44.39 0.12 30.89
CA PRO D 387 -43.65 -0.23 29.67
C PRO D 387 -44.29 -1.41 28.96
N VAL D 388 -43.90 -1.59 27.71
CA VAL D 388 -44.27 -2.75 26.91
C VAL D 388 -43.02 -3.59 26.70
N LEU D 389 -43.11 -4.88 27.01
CA LEU D 389 -41.95 -5.75 26.98
C LEU D 389 -41.76 -6.43 25.63
N PHE D 390 -42.86 -6.86 25.01
CA PHE D 390 -42.82 -7.59 23.74
C PHE D 390 -43.69 -6.85 22.73
N PRO D 391 -43.09 -5.94 21.93
CA PRO D 391 -43.82 -5.16 20.93
C PRO D 391 -43.98 -5.91 19.61
N ASP D 393 -47.75 -9.28 17.75
CA ASP D 393 -46.87 -8.45 16.95
C ASP D 393 -47.57 -7.23 16.35
N ASN D 394 -48.91 -7.20 16.38
CA ASN D 394 -49.72 -6.08 15.90
C ASN D 394 -49.56 -5.83 14.41
N ILE D 395 -49.11 -6.83 13.66
CA ILE D 395 -49.02 -6.72 12.21
C ILE D 395 -49.88 -7.76 11.50
N VAL D 396 -50.16 -8.89 12.12
CA VAL D 396 -51.06 -9.89 11.54
C VAL D 396 -52.50 -9.62 11.97
N ASP D 397 -52.71 -9.22 13.22
CA ASP D 397 -54.05 -8.91 13.69
C ASP D 397 -54.66 -7.73 12.92
N GLU D 398 -53.82 -6.87 12.36
CA GLU D 398 -54.33 -5.76 11.55
C GLU D 398 -55.03 -6.27 10.30
N LEU D 399 -54.65 -7.45 9.81
CA LEU D 399 -55.34 -8.06 8.69
C LEU D 399 -56.75 -8.51 9.07
N VAL D 400 -57.01 -8.70 10.36
CA VAL D 400 -58.34 -9.05 10.85
C VAL D 400 -59.01 -7.78 11.35
N GLU D 401 -58.21 -6.87 11.93
CA GLU D 401 -58.74 -5.61 12.44
C GLU D 401 -59.25 -4.71 11.31
N ALA D 402 -58.77 -4.91 10.08
CA ALA D 402 -59.17 -4.07 8.96
C ALA D 402 -60.60 -4.33 8.51
N ILE D 403 -61.22 -5.43 8.95
CA ILE D 403 -62.57 -5.77 8.51
C ILE D 403 -63.50 -5.86 9.71
N ALA D 404 -63.22 -5.06 10.74
CA ALA D 404 -63.99 -5.07 11.98
C ALA D 404 -65.09 -4.01 11.99
N ASN D 405 -65.32 -3.32 10.87
CA ASN D 405 -66.32 -2.26 10.81
C ASN D 405 -67.69 -2.74 10.38
N LEU D 406 -67.81 -3.99 9.92
CA LEU D 406 -69.09 -4.48 9.41
C LEU D 406 -70.12 -4.61 10.54
N SER D 407 -69.70 -5.06 11.72
CA SER D 407 -70.63 -5.23 12.82
C SER D 407 -71.25 -3.92 13.25
N LYS D 408 -70.48 -2.83 13.19
CA LYS D 408 -71.00 -1.51 13.57
C LYS D 408 -70.61 -0.47 12.53
N SER E 2 11.22 -22.72 63.79
CA SER E 2 10.17 -23.74 63.78
C SER E 2 9.19 -23.48 62.64
N ILE E 3 9.69 -23.53 61.41
CA ILE E 3 8.88 -23.30 60.21
C ILE E 3 9.03 -24.56 59.36
N TYR E 4 8.06 -25.46 59.45
CA TYR E 4 8.10 -26.75 58.78
C TYR E 4 7.22 -26.69 57.53
N GLN E 5 7.81 -27.00 56.38
CA GLN E 5 7.08 -27.14 55.12
C GLN E 5 7.24 -28.58 54.65
N GLY E 6 6.18 -29.39 54.81
CA GLY E 6 6.28 -30.79 54.46
C GLY E 6 7.19 -31.59 55.36
N GLY E 7 7.46 -31.10 56.58
CA GLY E 7 8.34 -31.77 57.51
C GLY E 7 9.77 -31.25 57.52
N ASN E 8 10.12 -30.35 56.61
CA ASN E 8 11.48 -29.85 56.50
C ASN E 8 11.52 -28.37 56.87
N LYS E 9 12.50 -28.00 57.68
CA LYS E 9 12.61 -26.64 58.17
C LYS E 9 13.04 -25.68 57.06
N LEU E 10 12.61 -24.44 57.17
CA LEU E 10 12.99 -23.36 56.26
C LEU E 10 13.50 -22.17 57.06
N ASN E 11 14.33 -21.37 56.41
CA ASN E 11 14.85 -20.15 57.01
C ASN E 11 13.94 -18.96 56.68
N GLU E 12 14.29 -17.80 57.23
CA GLU E 12 13.38 -16.66 57.20
C GLU E 12 13.18 -16.11 55.79
N ASP E 13 14.27 -15.97 55.03
CA ASP E 13 14.16 -15.34 53.71
C ASP E 13 13.32 -16.18 52.76
N ASP E 14 13.49 -17.50 52.79
CA ASP E 14 12.67 -18.37 51.93
C ASP E 14 11.20 -18.28 52.29
N PHE E 15 10.89 -18.26 53.59
CA PHE E 15 9.49 -18.12 54.01
C PHE E 15 8.91 -16.78 53.58
N ARG E 16 9.71 -15.71 53.69
CA ARG E 16 9.24 -14.40 53.25
C ARG E 16 8.97 -14.39 51.75
N SER E 17 9.86 -14.99 50.96
CA SER E 17 9.64 -15.07 49.53
C SER E 17 8.38 -15.88 49.21
N HIS E 18 8.17 -16.98 49.93
CA HIS E 18 7.00 -17.80 49.71
C HIS E 18 5.71 -17.04 50.02
N VAL E 19 5.68 -16.32 51.14
CA VAL E 19 4.48 -15.58 51.50
C VAL E 19 4.26 -14.40 50.56
N TYR E 20 5.35 -13.82 50.03
CA TYR E 20 5.20 -12.80 49.00
C TYR E 20 4.64 -13.39 47.71
N SER E 21 4.97 -14.64 47.42
CA SER E 21 4.46 -15.28 46.20
C SER E 21 2.99 -15.67 46.33
N LEU E 22 2.53 -16.01 47.53
CA LEU E 22 1.15 -16.46 47.71
C LEU E 22 0.15 -15.31 47.78
N CYS E 23 0.60 -14.06 47.84
CA CYS E 23 -0.29 -12.92 47.95
C CYS E 23 -0.72 -12.37 46.59
N GLN E 24 -0.33 -13.01 45.50
CA GLN E 24 -0.67 -12.54 44.16
C GLN E 24 -1.33 -13.63 43.35
N LEU E 25 -2.20 -14.41 43.99
CA LEU E 25 -2.99 -15.41 43.29
C LEU E 25 -4.34 -14.80 42.87
N ASP E 26 -5.20 -15.63 42.29
CA ASP E 26 -6.50 -15.15 41.86
C ASP E 26 -7.40 -14.82 43.05
N ASN E 27 -7.46 -15.72 44.03
CA ASN E 27 -8.31 -15.56 45.20
C ASN E 27 -7.48 -15.63 46.47
N VAL E 28 -7.77 -14.75 47.42
CA VAL E 28 -7.11 -14.74 48.72
C VAL E 28 -8.18 -14.64 49.80
N GLY E 29 -7.79 -15.03 51.01
CA GLY E 29 -8.71 -15.00 52.14
C GLY E 29 -7.97 -15.19 53.44
N VAL E 30 -8.61 -14.74 54.51
CA VAL E 30 -8.04 -14.80 55.86
C VAL E 30 -9.10 -15.32 56.82
N LEU E 31 -8.68 -16.24 57.69
CA LEU E 31 -9.56 -16.79 58.72
C LEU E 31 -8.96 -16.46 60.08
N LEU E 32 -9.77 -15.86 60.95
CA LEU E 32 -9.33 -15.44 62.27
C LEU E 32 -10.10 -16.23 63.34
N GLY E 33 -9.85 -15.87 64.59
CA GLY E 33 -10.48 -16.54 65.71
C GLY E 33 -10.50 -15.64 66.93
N ALA E 34 -10.78 -16.26 68.08
CA ALA E 34 -10.83 -15.50 69.32
C ALA E 34 -9.46 -15.11 69.84
N GLY E 35 -8.38 -15.71 69.32
CA GLY E 35 -7.04 -15.36 69.75
C GLY E 35 -6.49 -14.08 69.16
N ALA E 36 -7.09 -13.59 68.08
CA ALA E 36 -6.62 -12.38 67.43
C ALA E 36 -7.12 -11.11 68.10
N SER E 37 -8.10 -11.20 69.00
CA SER E 37 -8.65 -10.05 69.68
C SER E 37 -8.21 -9.95 71.14
N VAL E 38 -7.26 -10.79 71.56
CA VAL E 38 -6.79 -10.74 72.94
C VAL E 38 -5.90 -9.52 73.18
N GLY E 39 -5.29 -8.98 72.12
CA GLY E 39 -4.46 -7.81 72.25
C GLY E 39 -5.20 -6.50 72.35
N CYS E 40 -6.52 -6.51 72.20
CA CYS E 40 -7.33 -5.32 72.30
C CYS E 40 -8.08 -5.21 73.61
N GLY E 41 -8.20 -6.29 74.36
CA GLY E 41 -8.94 -6.28 75.61
C GLY E 41 -9.83 -7.49 75.77
N GLY E 42 -9.78 -8.41 74.81
CA GLY E 42 -10.56 -9.63 74.85
C GLY E 42 -9.90 -10.72 75.66
N LYS E 43 -10.55 -11.89 75.64
CA LYS E 43 -10.05 -13.07 76.35
C LYS E 43 -10.32 -14.30 75.50
N THR E 44 -9.82 -15.44 75.97
CA THR E 44 -9.94 -16.70 75.27
C THR E 44 -11.05 -17.55 75.89
N MET E 45 -11.32 -18.70 75.26
CA MET E 45 -12.41 -19.55 75.70
C MET E 45 -12.12 -20.17 77.07
N LYS E 46 -10.89 -20.62 77.29
CA LYS E 46 -10.56 -21.25 78.57
C LYS E 46 -10.41 -20.25 79.70
N ASP E 47 -10.27 -18.97 79.40
CA ASP E 47 -10.26 -17.94 80.42
C ASP E 47 -11.65 -17.63 80.96
N VAL E 48 -12.68 -17.75 80.14
CA VAL E 48 -14.05 -17.47 80.58
C VAL E 48 -14.53 -18.54 81.56
N TRP E 49 -14.17 -19.80 81.31
CA TRP E 49 -14.65 -20.89 82.16
C TRP E 49 -14.14 -20.76 83.59
N LYS E 50 -12.88 -20.34 83.77
CA LYS E 50 -12.35 -20.15 85.10
C LYS E 50 -13.15 -19.09 85.85
N SER E 51 -13.43 -17.96 85.19
CA SER E 51 -14.21 -16.91 85.82
C SER E 51 -15.62 -17.39 86.17
N PHE E 52 -16.23 -18.17 85.26
CA PHE E 52 -17.58 -18.65 85.52
C PHE E 52 -17.61 -19.60 86.72
N LYS E 53 -16.70 -20.57 86.76
CA LYS E 53 -16.70 -21.55 87.83
C LYS E 53 -16.09 -21.02 89.11
N GLN E 54 -15.49 -19.82 89.07
CA GLN E 54 -15.11 -19.14 90.30
C GLN E 54 -16.22 -18.26 90.84
N ASN E 55 -17.00 -17.62 89.97
CA ASN E 55 -18.05 -16.71 90.40
C ASN E 55 -19.33 -17.43 90.79
N TYR E 56 -19.63 -18.58 90.18
CA TYR E 56 -20.85 -19.34 90.47
C TYR E 56 -20.51 -20.79 90.72
N PRO E 57 -19.86 -21.10 91.85
CA PRO E 57 -19.55 -22.51 92.15
C PRO E 57 -20.77 -23.36 92.46
N GLU E 58 -21.91 -22.76 92.79
CA GLU E 58 -23.09 -23.55 93.17
C GLU E 58 -23.71 -24.25 91.96
N LEU E 59 -23.80 -23.55 90.82
CA LEU E 59 -24.42 -24.13 89.64
C LEU E 59 -23.63 -25.30 89.09
N LEU E 60 -22.31 -25.31 89.29
CA LEU E 60 -21.50 -26.40 88.78
C LEU E 60 -21.87 -27.74 89.42
N GLY E 61 -22.25 -27.73 90.69
CA GLY E 61 -22.66 -28.95 91.34
C GLY E 61 -23.97 -29.50 90.83
N ALA E 62 -24.93 -28.60 90.54
CA ALA E 62 -26.24 -29.01 90.08
C ALA E 62 -26.33 -29.17 88.57
N LEU E 63 -25.27 -28.82 87.84
CA LEU E 63 -25.25 -28.95 86.40
C LEU E 63 -24.58 -30.23 85.91
N ILE E 64 -23.74 -30.85 86.71
CA ILE E 64 -23.06 -32.07 86.31
C ILE E 64 -23.81 -33.32 86.74
N ASP E 65 -24.35 -33.33 87.97
CA ASP E 65 -24.95 -34.54 88.54
C ASP E 65 -26.35 -34.81 87.99
N LYS E 66 -27.18 -33.78 87.85
CA LYS E 66 -28.57 -33.99 87.49
C LYS E 66 -28.76 -34.10 85.97
N TYR E 67 -28.39 -33.05 85.24
CA TYR E 67 -28.69 -32.97 83.82
C TYR E 67 -27.60 -33.55 82.93
N LEU E 68 -26.42 -33.86 83.48
CA LEU E 68 -25.33 -34.48 82.73
C LEU E 68 -24.99 -33.66 81.47
N LEU E 69 -24.68 -32.39 81.69
CA LEU E 69 -24.35 -31.50 80.58
C LEU E 69 -22.87 -31.37 80.33
N VAL E 70 -22.04 -31.39 81.37
CA VAL E 70 -20.59 -31.31 81.22
C VAL E 70 -19.95 -32.36 82.12
N SER E 71 -18.89 -32.98 81.62
CA SER E 71 -18.17 -34.00 82.36
C SER E 71 -17.36 -33.38 83.49
N GLN E 72 -17.12 -34.17 84.54
CA GLN E 72 -16.32 -33.69 85.66
C GLN E 72 -14.84 -33.55 85.29
N ILE E 73 -14.34 -34.42 84.41
CA ILE E 73 -12.93 -34.37 84.03
C ILE E 73 -12.61 -33.05 83.32
N ASP E 74 -13.48 -32.63 82.40
CA ASP E 74 -13.21 -31.42 81.63
C ASP E 74 -13.34 -30.17 82.49
N SER E 75 -14.24 -30.19 83.47
CA SER E 75 -14.43 -29.01 84.31
C SER E 75 -13.19 -28.69 85.12
N ASP E 76 -12.47 -29.71 85.57
CA ASP E 76 -11.23 -29.52 86.33
C ASP E 76 -10.01 -29.29 85.45
N ASN E 77 -10.17 -29.34 84.13
CA ASN E 77 -9.06 -29.18 83.20
C ASN E 77 -9.23 -28.01 82.26
N ASN E 78 -10.40 -27.38 82.23
CA ASN E 78 -10.69 -26.23 81.37
C ASN E 78 -10.60 -26.60 79.89
N LEU E 79 -11.40 -27.59 79.51
CA LEU E 79 -11.52 -28.04 78.12
C LEU E 79 -12.99 -28.18 77.75
N VAL E 80 -13.78 -27.16 78.07
CA VAL E 80 -15.22 -27.17 77.84
C VAL E 80 -15.54 -26.26 76.67
N ASN E 81 -16.65 -26.55 75.98
CA ASN E 81 -17.12 -25.75 74.86
C ASN E 81 -18.35 -24.98 75.32
N VAL E 82 -18.26 -23.65 75.30
CA VAL E 82 -19.30 -22.83 75.94
C VAL E 82 -20.49 -22.63 75.02
N GLU E 83 -20.24 -22.18 73.79
CA GLU E 83 -21.34 -21.91 72.87
C GLU E 83 -22.08 -23.18 72.45
N LEU E 84 -21.44 -24.34 72.57
CA LEU E 84 -22.15 -25.59 72.35
C LEU E 84 -23.02 -25.95 73.55
N LEU E 85 -22.59 -25.58 74.76
CA LEU E 85 -23.41 -25.80 75.95
C LEU E 85 -24.63 -24.88 75.94
N ILE E 86 -24.48 -23.67 75.41
CA ILE E 86 -25.59 -22.71 75.39
C ILE E 86 -26.73 -23.25 74.51
N ASP E 87 -26.38 -23.89 73.40
CA ASP E 87 -27.41 -24.47 72.53
C ASP E 87 -28.21 -25.54 73.25
N GLU E 88 -27.52 -26.43 73.98
CA GLU E 88 -28.22 -27.45 74.75
C GLU E 88 -29.10 -26.84 75.83
N ALA E 89 -28.61 -25.78 76.49
CA ALA E 89 -29.42 -25.11 77.51
C ALA E 89 -30.69 -24.54 76.90
N THR E 90 -30.57 -23.91 75.72
CA THR E 90 -31.75 -23.36 75.07
C THR E 90 -32.73 -24.45 74.66
N LYS E 91 -32.23 -25.57 74.16
CA LYS E 91 -33.12 -26.68 73.81
C LYS E 91 -33.86 -27.20 75.04
N PHE E 92 -33.14 -27.37 76.16
CA PHE E 92 -33.78 -27.83 77.38
C PHE E 92 -34.86 -26.86 77.84
N LEU E 93 -34.56 -25.55 77.80
CA LEU E 93 -35.54 -24.56 78.22
C LEU E 93 -36.78 -24.60 77.32
N SER E 94 -36.58 -24.69 76.01
CA SER E 94 -37.73 -24.72 75.09
C SER E 94 -38.60 -25.94 75.33
N VAL E 95 -37.97 -27.10 75.52
CA VAL E 95 -38.74 -28.32 75.77
C VAL E 95 -39.52 -28.20 77.07
N ALA E 96 -38.86 -27.69 78.12
CA ALA E 96 -39.55 -27.53 79.40
C ALA E 96 -40.72 -26.56 79.29
N LYS E 97 -40.56 -25.47 78.55
CA LYS E 97 -41.64 -24.51 78.39
C LYS E 97 -42.81 -25.12 77.62
N THR E 98 -42.51 -25.84 76.52
CA THR E 98 -43.58 -26.42 75.73
C THR E 98 -44.33 -27.50 76.50
N ARG E 99 -43.62 -28.35 77.21
CA ARG E 99 -44.25 -29.43 77.98
C ARG E 99 -44.93 -28.92 79.25
N ARG E 100 -44.71 -27.65 79.60
CA ARG E 100 -45.29 -27.02 80.79
C ARG E 100 -44.84 -27.71 82.07
N CYS E 101 -43.54 -27.72 82.33
CA CYS E 101 -42.97 -28.16 83.60
C CYS E 101 -42.40 -26.92 84.29
N GLU E 102 -43.14 -26.43 85.29
CA GLU E 102 -42.81 -25.14 85.89
C GLU E 102 -41.44 -25.17 86.57
N ASP E 103 -41.14 -26.26 87.30
CA ASP E 103 -39.89 -26.31 88.06
C ASP E 103 -38.67 -26.29 87.14
N GLU E 104 -38.70 -27.10 86.08
CA GLU E 104 -37.57 -27.12 85.16
C GLU E 104 -37.42 -25.79 84.43
N GLU E 105 -38.54 -25.18 84.04
CA GLU E 105 -38.47 -23.88 83.38
C GLU E 105 -37.87 -22.82 84.30
N GLU E 106 -38.27 -22.83 85.58
CA GLU E 106 -37.71 -21.88 86.53
C GLU E 106 -36.22 -22.14 86.75
N GLU E 107 -35.81 -23.41 86.81
CA GLU E 107 -34.42 -23.73 87.07
C GLU E 107 -33.50 -23.29 85.94
N PHE E 108 -33.92 -23.56 84.69
CA PHE E 108 -33.04 -23.29 83.56
C PHE E 108 -32.93 -21.80 83.27
N ARG E 109 -33.96 -21.03 83.59
CA ARG E 109 -33.91 -19.59 83.34
C ARG E 109 -32.82 -18.91 84.15
N LYS E 110 -32.47 -19.46 85.32
CA LYS E 110 -31.42 -18.89 86.15
C LYS E 110 -30.02 -19.17 85.64
N ILE E 111 -29.85 -20.18 84.78
CA ILE E 111 -28.53 -20.52 84.27
C ILE E 111 -28.18 -19.74 83.02
N LEU E 112 -29.15 -19.55 82.12
CA LEU E 112 -28.89 -18.85 80.87
C LEU E 112 -28.51 -17.40 81.12
N SER E 113 -29.15 -16.74 82.09
CA SER E 113 -28.80 -15.36 82.42
C SER E 113 -27.36 -15.29 82.91
N SER E 114 -26.98 -16.22 83.80
CA SER E 114 -25.61 -16.24 84.32
C SER E 114 -24.59 -16.53 83.23
N LEU E 115 -24.94 -17.35 82.25
CA LEU E 115 -24.02 -17.61 81.14
C LEU E 115 -23.89 -16.41 80.20
N TYR E 116 -25.02 -15.79 79.83
CA TYR E 116 -24.96 -14.62 78.96
C TYR E 116 -24.25 -13.44 79.60
N LYS E 117 -24.40 -13.26 80.92
CA LYS E 117 -23.70 -12.16 81.56
C LYS E 117 -22.19 -12.30 81.40
N GLU E 118 -21.65 -13.49 81.67
CA GLU E 118 -20.21 -13.72 81.53
C GLU E 118 -19.76 -13.67 80.08
N VAL E 119 -20.59 -14.18 79.16
CA VAL E 119 -20.21 -14.17 77.75
C VAL E 119 -20.17 -12.75 77.21
N THR E 120 -21.17 -11.92 77.55
CA THR E 120 -21.25 -10.58 77.01
C THR E 120 -20.22 -9.66 77.66
N LYS E 121 -20.06 -9.75 78.99
CA LYS E 121 -19.20 -8.81 79.70
C LYS E 121 -17.76 -8.83 79.21
N ALA E 122 -17.32 -9.93 78.61
CA ALA E 122 -15.96 -10.05 78.10
C ALA E 122 -15.85 -9.68 76.62
N ALA E 123 -16.92 -9.18 76.00
CA ALA E 123 -16.91 -8.89 74.58
C ALA E 123 -17.18 -7.44 74.23
N LEU E 124 -17.45 -6.58 75.20
CA LEU E 124 -17.68 -5.16 74.89
C LEU E 124 -16.41 -4.53 74.32
N LEU E 125 -15.25 -4.97 74.77
CA LEU E 125 -13.92 -4.65 74.27
C LEU E 125 -13.49 -3.24 74.63
N THR E 126 -14.35 -2.43 75.25
CA THR E 126 -13.97 -1.08 75.66
C THR E 126 -14.63 -0.69 76.99
N GLY E 127 -15.41 -1.58 77.59
CA GLY E 127 -16.06 -1.25 78.85
C GLY E 127 -17.30 -0.40 78.64
N GLU E 128 -17.47 0.59 79.52
CA GLU E 128 -18.63 1.48 79.43
C GLU E 128 -18.60 2.33 78.16
N GLN E 129 -17.42 2.61 77.62
CA GLN E 129 -17.31 3.43 76.42
C GLN E 129 -17.60 2.61 75.18
N PHE E 130 -18.76 1.94 75.17
CA PHE E 130 -19.19 1.13 74.04
C PHE E 130 -20.24 1.82 73.19
N ARG E 131 -20.97 2.78 73.76
CA ARG E 131 -22.01 3.51 73.04
C ARG E 131 -21.54 4.84 72.47
N GLU E 132 -20.24 5.14 72.58
CA GLU E 132 -19.70 6.38 72.05
C GLU E 132 -19.33 6.20 70.58
N LYS E 133 -18.96 7.29 69.93
CA LYS E 133 -18.60 7.29 68.52
C LYS E 133 -17.11 7.57 68.36
N ASN E 134 -16.61 7.25 67.16
CA ASN E 134 -15.20 7.41 66.80
C ASN E 134 -14.30 6.62 67.76
N GLN E 135 -14.55 5.32 67.82
CA GLN E 135 -13.75 4.41 68.63
C GLN E 135 -12.59 3.80 67.86
N GLY E 136 -12.46 4.09 66.58
CA GLY E 136 -11.34 3.62 65.80
C GLY E 136 -10.12 4.51 65.82
N LYS E 137 -10.20 5.66 66.48
CA LYS E 137 -9.09 6.59 66.56
C LYS E 137 -8.11 6.28 67.68
N LYS E 138 -8.41 5.28 68.51
CA LYS E 138 -7.52 4.92 69.60
C LYS E 138 -6.40 4.02 69.10
N ASP E 139 -5.40 3.81 69.96
CA ASP E 139 -4.20 3.06 69.62
C ASP E 139 -4.34 1.57 69.82
N ALA E 140 -5.48 1.09 70.32
CA ALA E 140 -5.67 -0.34 70.52
C ALA E 140 -5.90 -1.07 69.20
N PHE E 141 -6.52 -0.42 68.23
CA PHE E 141 -6.86 -1.03 66.94
C PHE E 141 -5.87 -0.66 65.84
N LYS E 142 -4.59 -0.53 66.19
CA LYS E 142 -3.59 -0.07 65.24
C LYS E 142 -3.21 -1.13 64.20
N TYR E 143 -3.35 -2.42 64.53
CA TYR E 143 -2.93 -3.48 63.63
C TYR E 143 -4.04 -4.01 62.73
N HIS E 144 -5.29 -3.91 63.15
CA HIS E 144 -6.40 -4.28 62.26
C HIS E 144 -6.43 -3.37 61.04
N LYS E 145 -6.20 -2.06 61.25
CA LYS E 145 -6.12 -1.14 60.12
C LYS E 145 -4.97 -1.50 59.19
N GLU E 146 -3.82 -1.86 59.76
CA GLU E 146 -2.68 -2.25 58.94
C GLU E 146 -3.01 -3.48 58.11
N LEU E 147 -3.66 -4.48 58.72
CA LEU E 147 -4.03 -5.69 57.99
C LEU E 147 -4.99 -5.36 56.84
N ILE E 148 -6.00 -4.55 57.12
CA ILE E 148 -6.99 -4.21 56.09
C ILE E 148 -6.32 -3.45 54.95
N SER E 149 -5.46 -2.49 55.28
CA SER E 149 -4.79 -1.69 54.26
C SER E 149 -3.85 -2.56 53.42
N LYS E 150 -3.13 -3.48 54.05
CA LYS E 150 -2.19 -4.32 53.33
C LYS E 150 -2.92 -5.30 52.40
N LEU E 151 -4.05 -5.84 52.85
CA LEU E 151 -4.77 -6.81 52.03
C LEU E 151 -5.30 -6.18 50.74
N ILE E 152 -5.86 -4.97 50.84
CA ILE E 152 -6.49 -4.36 49.67
C ILE E 152 -5.43 -3.94 48.64
N SER E 153 -4.34 -3.35 49.11
CA SER E 153 -3.40 -2.66 48.23
C SER E 153 -2.57 -3.59 47.34
N ASN E 154 -2.61 -4.90 47.57
CA ASN E 154 -1.82 -5.84 46.79
C ASN E 154 -2.56 -6.40 45.58
N ARG E 155 -3.73 -5.88 45.26
CA ARG E 155 -4.55 -6.41 44.18
C ARG E 155 -4.31 -5.60 42.91
N GLN E 156 -4.01 -6.29 41.82
CA GLN E 156 -3.91 -5.66 40.51
C GLN E 156 -5.31 -5.31 40.01
N PRO E 157 -5.41 -4.36 39.06
CA PRO E 157 -6.73 -4.01 38.52
C PRO E 157 -7.39 -5.21 37.87
N GLY E 158 -8.72 -5.25 37.98
CA GLY E 158 -9.49 -6.37 37.47
C GLY E 158 -9.25 -7.68 38.17
N GLN E 159 -9.20 -7.67 39.50
CA GLN E 159 -9.03 -8.88 40.29
C GLN E 159 -10.01 -8.86 41.45
N SER E 160 -10.29 -10.05 41.98
CA SER E 160 -11.28 -10.20 43.04
C SER E 160 -10.80 -9.55 44.34
N ALA E 161 -11.77 -9.09 45.12
CA ALA E 161 -11.51 -8.45 46.42
C ALA E 161 -11.27 -9.50 47.49
N PRO E 162 -10.53 -9.17 48.54
CA PRO E 162 -10.29 -10.13 49.62
C PRO E 162 -11.53 -10.41 50.44
N ALA E 163 -11.57 -11.60 51.02
CA ALA E 163 -12.66 -12.05 51.88
C ALA E 163 -12.11 -12.42 53.25
N ILE E 164 -12.82 -12.01 54.30
CA ILE E 164 -12.38 -12.22 55.68
C ILE E 164 -13.47 -12.96 56.43
N PHE E 165 -13.10 -14.09 57.04
CA PHE E 165 -13.98 -14.86 57.91
C PHE E 165 -13.52 -14.71 59.35
N THR E 166 -14.45 -14.94 60.28
CA THR E 166 -14.11 -14.84 61.70
C THR E 166 -15.13 -15.62 62.52
N THR E 167 -14.64 -16.23 63.59
CA THR E 167 -15.50 -16.85 64.58
C THR E 167 -15.80 -15.93 65.77
N ASN E 168 -15.29 -14.71 65.73
CA ASN E 168 -15.57 -13.72 66.77
C ASN E 168 -16.97 -13.15 66.58
N TYR E 169 -17.41 -12.41 67.59
CA TYR E 169 -18.68 -11.68 67.51
C TYR E 169 -18.55 -10.30 68.14
N ASP E 170 -17.35 -9.73 68.07
CA ASP E 170 -17.11 -8.36 68.53
C ASP E 170 -17.05 -7.43 67.33
N LEU E 171 -16.82 -6.14 67.59
CA LEU E 171 -16.91 -5.10 66.58
C LEU E 171 -15.57 -4.44 66.29
N ALA E 172 -14.49 -5.20 66.33
CA ALA E 172 -13.16 -4.63 66.08
C ALA E 172 -12.98 -4.28 64.61
N LEU E 173 -13.35 -5.19 63.72
CA LEU E 173 -13.11 -4.98 62.29
C LEU E 173 -13.96 -3.85 61.73
N GLU E 174 -15.23 -3.77 62.13
CA GLU E 174 -16.07 -2.68 61.66
C GLU E 174 -15.57 -1.33 62.15
N TRP E 175 -15.16 -1.27 63.42
CA TRP E 175 -14.61 -0.03 63.97
C TRP E 175 -13.35 0.37 63.22
N ALA E 176 -12.48 -0.60 62.91
CA ALA E 176 -11.26 -0.28 62.17
C ALA E 176 -11.57 0.20 60.76
N ALA E 177 -12.54 -0.42 60.09
CA ALA E 177 -12.80 -0.11 58.70
C ALA E 177 -13.56 1.21 58.54
N GLU E 178 -14.43 1.55 59.49
CA GLU E 178 -15.18 2.80 59.37
C GLU E 178 -14.32 4.04 59.62
N ASP E 179 -13.02 3.87 59.83
CA ASP E 179 -12.11 4.99 60.03
C ASP E 179 -11.23 5.27 58.82
N LEU E 180 -10.73 4.23 58.15
CA LEU E 180 -9.96 4.44 56.94
C LEU E 180 -10.81 5.04 55.84
N GLY E 181 -12.04 4.55 55.69
CA GLY E 181 -12.92 5.00 54.63
C GLY E 181 -13.34 3.86 53.73
N ILE E 182 -13.19 2.64 54.20
CA ILE E 182 -13.56 1.45 53.45
C ILE E 182 -14.96 1.01 53.88
N GLN E 183 -15.68 0.40 52.95
CA GLN E 183 -17.03 -0.11 53.20
C GLN E 183 -17.02 -1.62 53.09
N LEU E 184 -17.60 -2.28 54.09
CA LEU E 184 -17.64 -3.74 54.16
C LEU E 184 -19.06 -4.22 53.88
N PHE E 185 -19.16 -5.31 53.12
CA PHE E 185 -20.44 -5.91 52.79
C PHE E 185 -20.67 -7.11 53.68
N ASN E 186 -21.69 -7.05 54.54
CA ASN E 186 -21.99 -8.14 55.47
C ASN E 186 -23.41 -8.67 55.30
N GLY E 187 -24.07 -8.38 54.19
CA GLY E 187 -25.36 -8.96 53.90
C GLY E 187 -26.56 -8.21 54.42
N PHE E 188 -26.40 -6.96 54.86
CA PHE E 188 -27.51 -6.17 55.39
C PHE E 188 -27.65 -4.89 54.60
N SER E 189 -28.88 -4.37 54.57
CA SER E 189 -29.18 -3.16 53.82
C SER E 189 -30.25 -2.35 54.54
N GLY E 190 -30.23 -1.04 54.33
CA GLY E 190 -31.19 -0.13 54.93
C GLY E 190 -30.55 0.77 55.97
N LEU E 191 -31.37 1.67 56.48
CA LEU E 191 -30.95 2.48 57.63
C LEU E 191 -31.97 2.49 58.75
N HIS E 192 -33.26 2.54 58.43
CA HIS E 192 -34.30 2.59 59.46
C HIS E 192 -34.81 1.21 59.86
N THR E 193 -34.90 0.28 58.91
CA THR E 193 -35.20 -1.12 59.22
C THR E 193 -34.22 -1.98 58.43
N ARG E 194 -33.20 -2.49 59.12
CA ARG E 194 -32.25 -3.40 58.49
C ARG E 194 -32.85 -4.79 58.35
N GLN E 195 -32.36 -5.52 57.35
CA GLN E 195 -32.84 -6.88 57.07
C GLN E 195 -31.71 -7.65 56.40
N PHE E 196 -31.84 -8.98 56.39
CA PHE E 196 -30.81 -9.86 55.86
C PHE E 196 -31.16 -10.23 54.43
N TYR E 197 -30.31 -9.82 53.48
CA TYR E 197 -30.49 -10.12 52.07
C TYR E 197 -29.31 -10.92 51.58
N PRO E 198 -29.42 -12.26 51.49
CA PRO E 198 -28.25 -13.07 51.11
C PRO E 198 -27.73 -12.79 49.71
N GLN E 199 -28.56 -12.25 48.82
CA GLN E 199 -28.17 -12.09 47.43
C GLN E 199 -27.22 -10.92 47.19
N ASN E 200 -27.00 -10.06 48.19
CA ASN E 200 -26.14 -8.90 47.97
C ASN E 200 -24.67 -9.24 48.06
N PHE E 201 -24.31 -10.48 48.38
CA PHE E 201 -22.91 -10.89 48.40
C PHE E 201 -22.29 -10.92 47.01
N ASP E 202 -23.10 -10.80 45.95
CA ASP E 202 -22.62 -10.85 44.58
C ASP E 202 -22.50 -9.47 43.94
N LEU E 203 -22.55 -8.40 44.73
CA LEU E 203 -22.52 -7.05 44.20
C LEU E 203 -21.12 -6.46 44.31
N ALA E 204 -20.95 -5.30 43.66
CA ALA E 204 -19.67 -4.60 43.68
C ALA E 204 -19.93 -3.15 43.29
N PHE E 205 -18.94 -2.30 43.59
CA PHE E 205 -19.03 -0.89 43.26
C PHE E 205 -18.25 -0.59 41.97
N ARG E 206 -18.56 0.56 41.37
CA ARG E 206 -17.98 0.96 40.10
C ARG E 206 -18.13 2.46 39.94
N ASN E 207 -17.11 3.09 39.39
CA ASN E 207 -17.12 4.53 39.13
C ASN E 207 -17.82 4.81 37.81
N VAL E 208 -18.73 5.79 37.82
CA VAL E 208 -19.51 6.12 36.63
C VAL E 208 -18.89 7.24 35.81
N ASN E 209 -17.81 7.85 36.28
CA ASN E 209 -17.15 8.92 35.53
C ASN E 209 -16.10 8.35 34.57
N ALA E 210 -15.15 7.58 35.09
CA ALA E 210 -14.09 6.95 34.30
C ALA E 210 -13.31 7.99 33.50
N GLY E 217 -13.55 4.86 45.87
CA GLY E 217 -13.77 4.27 44.57
C GLY E 217 -14.12 2.79 44.64
N HIS E 218 -13.39 1.98 43.88
CA HIS E 218 -13.61 0.53 43.85
C HIS E 218 -12.80 -0.15 44.95
N TYR E 219 -13.00 0.32 46.17
CA TYR E 219 -12.30 -0.18 47.35
C TYR E 219 -13.34 -0.71 48.34
N HIS E 220 -13.43 -2.03 48.47
CA HIS E 220 -14.41 -2.65 49.34
C HIS E 220 -13.93 -4.06 49.66
N ALA E 221 -14.60 -4.68 50.63
CA ALA E 221 -14.25 -6.03 51.05
C ALA E 221 -15.48 -6.70 51.65
N TYR E 222 -15.41 -8.02 51.78
CA TYR E 222 -16.51 -8.82 52.31
C TYR E 222 -16.16 -9.36 53.68
N LEU E 223 -17.14 -9.38 54.57
CA LEU E 223 -16.95 -9.82 55.96
C LEU E 223 -18.05 -10.81 56.31
N TYR E 224 -17.65 -12.05 56.63
CA TYR E 224 -18.58 -13.10 57.04
C TYR E 224 -18.40 -13.35 58.53
N LYS E 225 -19.49 -13.27 59.28
CA LYS E 225 -19.49 -13.55 60.71
C LYS E 225 -20.17 -14.89 60.94
N LEU E 226 -19.38 -15.90 61.29
CA LEU E 226 -19.88 -17.27 61.36
C LEU E 226 -20.64 -17.60 62.64
N HIS E 227 -20.56 -16.74 63.65
CA HIS E 227 -21.22 -17.02 64.93
C HIS E 227 -22.17 -15.92 65.38
N GLY E 228 -22.34 -14.86 64.61
CA GLY E 228 -23.28 -13.81 64.92
C GLY E 228 -22.60 -12.53 65.36
N SER E 229 -23.37 -11.70 66.07
CA SER E 229 -22.87 -10.43 66.55
C SER E 229 -23.75 -9.94 67.69
N LEU E 230 -23.23 -8.96 68.43
CA LEU E 230 -24.00 -8.40 69.54
C LEU E 230 -25.19 -7.58 69.06
N THR E 231 -25.11 -6.98 67.88
CA THR E 231 -26.13 -6.06 67.40
C THR E 231 -27.20 -6.73 66.54
N TRP E 232 -27.22 -8.06 66.50
CA TRP E 232 -28.22 -8.80 65.74
C TRP E 232 -29.25 -9.39 66.69
N TYR E 233 -30.53 -9.11 66.41
CA TYR E 233 -31.61 -9.63 67.23
C TYR E 233 -32.84 -9.83 66.35
N GLN E 234 -33.75 -10.67 66.83
CA GLN E 234 -35.00 -10.96 66.14
C GLN E 234 -36.16 -10.38 66.94
N ASN E 235 -36.97 -9.55 66.31
CA ASN E 235 -38.15 -8.99 66.95
C ASN E 235 -39.28 -10.02 66.91
N ASP E 236 -40.49 -9.58 67.23
CA ASP E 236 -41.64 -10.48 67.23
C ASP E 236 -41.88 -11.09 65.85
N SER E 237 -41.57 -10.35 64.78
CA SER E 237 -41.80 -10.84 63.43
C SER E 237 -40.74 -11.87 63.06
N LEU E 238 -40.91 -12.45 61.87
CA LEU E 238 -39.98 -13.45 61.35
C LEU E 238 -38.88 -12.78 60.50
N THR E 239 -38.28 -11.75 61.09
CA THR E 239 -37.23 -10.98 60.42
C THR E 239 -36.05 -10.80 61.36
N VAL E 240 -34.87 -10.63 60.77
CA VAL E 240 -33.62 -10.42 61.51
C VAL E 240 -33.19 -8.98 61.27
N ASN E 241 -32.93 -8.25 62.35
CA ASN E 241 -32.62 -6.83 62.27
C ASN E 241 -31.24 -6.55 62.83
N GLU E 242 -30.66 -5.42 62.42
CA GLU E 242 -29.40 -4.94 62.92
C GLU E 242 -29.55 -3.48 63.33
N VAL E 243 -28.93 -3.11 64.44
CA VAL E 243 -29.00 -1.76 64.98
C VAL E 243 -27.59 -1.23 65.18
N SER E 244 -27.50 0.01 65.64
CA SER E 244 -26.22 0.62 65.96
C SER E 244 -25.77 0.20 67.36
N ALA E 245 -24.51 0.51 67.66
CA ALA E 245 -23.96 0.15 68.97
C ALA E 245 -24.69 0.88 70.09
N SER E 246 -24.92 2.19 69.92
CA SER E 246 -25.60 2.97 70.94
C SER E 246 -27.03 2.50 71.13
N GLN E 247 -27.74 2.23 70.03
CA GLN E 247 -29.11 1.75 70.13
C GLN E 247 -29.18 0.41 70.84
N ALA E 248 -28.27 -0.50 70.50
CA ALA E 248 -28.25 -1.81 71.18
C ALA E 248 -27.95 -1.66 72.66
N TYR E 249 -26.99 -0.80 73.02
CA TYR E 249 -26.66 -0.59 74.42
C TYR E 249 -27.84 -0.03 75.19
N ASP E 250 -28.55 0.94 74.61
CA ASP E 250 -29.73 1.49 75.27
C ASP E 250 -30.88 0.48 75.30
N GLU E 251 -30.90 -0.46 74.36
CA GLU E 251 -32.03 -1.37 74.24
C GLU E 251 -31.91 -2.55 75.22
N TYR E 252 -30.89 -3.39 75.04
CA TYR E 252 -30.85 -4.62 75.82
C TYR E 252 -29.52 -4.95 76.48
N ILE E 253 -28.38 -4.43 76.02
CA ILE E 253 -27.10 -4.85 76.57
C ILE E 253 -26.95 -4.37 78.01
N ASN E 254 -27.40 -3.14 78.30
CA ASN E 254 -27.30 -2.60 79.66
C ASN E 254 -28.08 -3.45 80.65
N ASP E 255 -29.30 -3.87 80.26
CA ASP E 255 -30.10 -4.71 81.14
C ASP E 255 -29.43 -6.05 81.41
N ILE E 256 -28.83 -6.64 80.37
CA ILE E 256 -28.15 -7.93 80.54
C ILE E 256 -26.97 -7.78 81.50
N ILE E 257 -26.18 -6.71 81.34
CA ILE E 257 -24.99 -6.56 82.16
C ILE E 257 -25.37 -6.24 83.62
N ASN E 258 -26.33 -5.34 83.82
CA ASN E 258 -26.60 -4.83 85.16
C ASN E 258 -27.63 -5.68 85.92
N LYS E 259 -28.81 -5.86 85.35
CA LYS E 259 -29.87 -6.58 86.06
C LYS E 259 -29.49 -8.04 86.26
N ASP E 260 -29.98 -8.61 87.36
CA ASP E 260 -29.65 -9.98 87.74
C ASP E 260 -30.77 -10.98 87.51
N ASP E 261 -31.99 -10.50 87.23
CA ASP E 261 -33.14 -11.36 86.99
C ASP E 261 -33.79 -11.02 85.65
N PHE E 262 -32.97 -10.89 84.62
CA PHE E 262 -33.43 -10.52 83.29
C PHE E 262 -33.14 -11.63 82.30
N TYR E 263 -34.16 -12.06 81.58
CA TYR E 263 -33.99 -12.99 80.47
C TYR E 263 -35.25 -12.95 79.62
N ARG E 264 -35.09 -12.70 78.32
CA ARG E 264 -36.23 -12.58 77.41
C ARG E 264 -36.59 -13.92 76.78
N GLY E 265 -35.66 -14.52 76.05
CA GLY E 265 -35.92 -15.78 75.40
C GLY E 265 -35.32 -15.89 74.01
N GLN E 266 -36.16 -16.23 73.03
CA GLN E 266 -35.71 -16.39 71.64
C GLN E 266 -35.52 -15.01 71.01
N HIS E 267 -34.50 -14.31 71.50
CA HIS E 267 -34.23 -12.95 71.07
C HIS E 267 -32.87 -12.79 70.42
N LEU E 268 -31.80 -13.20 71.09
CA LEU E 268 -30.44 -12.94 70.62
C LEU E 268 -29.99 -14.03 69.65
N ILE E 269 -29.08 -13.65 68.75
CA ILE E 269 -28.59 -14.55 67.71
C ILE E 269 -27.09 -14.77 67.94
N TYR E 270 -26.66 -14.76 69.19
CA TYR E 270 -25.25 -15.00 69.48
C TYR E 270 -25.08 -15.71 70.81
N PRO E 271 -24.12 -16.65 70.91
CA PRO E 271 -23.38 -17.27 69.81
C PRO E 271 -24.02 -18.58 69.37
N GLY E 272 -24.65 -18.63 68.21
CA GLY E 272 -25.26 -19.88 67.76
C GLY E 272 -26.24 -20.46 68.75
N ALA E 273 -27.09 -19.62 69.33
CA ALA E 273 -27.90 -20.06 70.48
C ALA E 273 -29.12 -20.85 70.04
N ASN E 274 -30.01 -20.22 69.26
CA ASN E 274 -31.31 -20.79 68.94
C ASN E 274 -31.28 -21.33 67.51
N LYS E 275 -30.72 -22.53 67.36
CA LYS E 275 -30.64 -23.16 66.04
C LYS E 275 -31.84 -24.03 65.72
N TYR E 276 -32.67 -24.36 66.71
CA TYR E 276 -33.83 -25.21 66.46
C TYR E 276 -34.87 -24.49 65.62
N SER E 277 -34.94 -23.17 65.72
CA SER E 277 -35.87 -22.40 64.90
C SER E 277 -35.43 -22.38 63.45
N HIS E 278 -36.40 -22.36 62.55
CA HIS E 278 -36.12 -22.40 61.11
C HIS E 278 -35.93 -21.00 60.51
N THR E 279 -36.05 -19.95 61.30
CA THR E 279 -35.81 -18.59 60.83
C THR E 279 -34.45 -18.04 61.24
N ILE E 280 -33.80 -18.63 62.24
CA ILE E 280 -32.50 -18.19 62.70
C ILE E 280 -31.38 -19.02 62.07
N GLY E 281 -31.55 -20.34 62.02
CA GLY E 281 -30.56 -21.21 61.41
C GLY E 281 -30.31 -20.91 59.95
N PHE E 282 -31.27 -20.27 59.28
CA PHE E 282 -31.06 -19.84 57.90
C PHE E 282 -29.91 -18.85 57.79
N VAL E 283 -29.69 -18.04 58.84
CA VAL E 283 -28.56 -17.12 58.84
C VAL E 283 -27.25 -17.88 58.98
N TYR E 284 -27.21 -18.86 59.89
CA TYR E 284 -25.97 -19.59 60.14
C TYR E 284 -25.58 -20.46 58.95
N GLY E 285 -26.56 -21.09 58.30
CA GLY E 285 -26.23 -22.00 57.21
C GLY E 285 -25.57 -21.31 56.03
N GLU E 286 -25.97 -20.07 55.75
CA GLU E 286 -25.44 -19.36 54.59
C GLU E 286 -23.95 -19.09 54.73
N MET E 287 -23.51 -18.73 55.92
CA MET E 287 -22.08 -18.45 56.13
C MET E 287 -21.25 -19.70 55.89
N PHE E 288 -21.68 -20.85 56.41
CA PHE E 288 -20.97 -22.10 56.18
C PHE E 288 -20.98 -22.47 54.70
N ARG E 289 -22.13 -22.29 54.03
CA ARG E 289 -22.20 -22.64 52.62
C ARG E 289 -21.27 -21.78 51.78
N ARG E 290 -21.20 -20.48 52.08
CA ARG E 290 -20.32 -19.60 51.32
C ARG E 290 -18.85 -19.85 51.64
N PHE E 291 -18.55 -20.22 52.89
CA PHE E 291 -17.17 -20.61 53.23
C PHE E 291 -16.76 -21.86 52.46
N GLY E 292 -17.67 -22.83 52.35
CA GLY E 292 -17.38 -24.02 51.58
C GLY E 292 -17.23 -23.75 50.09
N GLU E 293 -18.08 -22.85 49.55
CA GLU E 293 -18.01 -22.56 48.13
C GLU E 293 -16.73 -21.82 47.77
N PHE E 294 -16.32 -20.85 48.61
CA PHE E 294 -15.12 -20.07 48.32
C PHE E 294 -13.87 -20.94 48.33
N ILE E 295 -13.78 -21.86 49.30
CA ILE E 295 -12.54 -22.61 49.52
C ILE E 295 -12.23 -23.59 48.41
N SER E 296 -13.18 -23.89 47.54
CA SER E 296 -12.99 -24.88 46.48
C SER E 296 -12.74 -24.23 45.12
N LYS E 297 -12.16 -23.04 45.12
CA LYS E 297 -11.85 -22.33 43.89
C LYS E 297 -10.51 -22.78 43.33
N PRO E 298 -10.30 -22.62 42.03
CA PRO E 298 -9.09 -23.18 41.41
C PRO E 298 -7.78 -22.62 41.96
N GLN E 299 -7.73 -21.36 42.37
CA GLN E 299 -6.46 -20.72 42.72
C GLN E 299 -6.56 -20.03 44.08
N THR E 300 -7.07 -20.74 45.08
CA THR E 300 -7.28 -20.17 46.40
C THR E 300 -6.01 -20.30 47.26
N ALA E 301 -5.76 -19.26 48.05
CA ALA E 301 -4.68 -19.27 49.04
C ALA E 301 -5.22 -18.70 50.33
N LEU E 302 -5.30 -19.53 51.37
CA LEU E 302 -5.94 -19.17 52.62
C LEU E 302 -4.93 -19.09 53.75
N PHE E 303 -5.10 -18.10 54.62
CA PHE E 303 -4.27 -17.92 55.81
C PHE E 303 -5.11 -18.20 57.05
N ILE E 304 -4.48 -18.80 58.05
CA ILE E 304 -5.15 -19.13 59.32
C ILE E 304 -4.34 -18.56 60.47
N ASN E 305 -5.03 -17.94 61.41
CA ASN E 305 -4.38 -17.38 62.59
C ASN E 305 -5.41 -17.23 63.69
N GLY E 306 -5.02 -17.57 64.92
CA GLY E 306 -5.90 -17.44 66.07
C GLY E 306 -6.91 -18.56 66.24
N PHE E 307 -6.84 -19.61 65.43
CA PHE E 307 -7.79 -20.71 65.48
C PHE E 307 -7.15 -21.91 66.16
N GLY E 308 -7.82 -22.45 67.17
CA GLY E 308 -7.32 -23.56 67.95
C GLY E 308 -7.60 -24.93 67.40
N PHE E 309 -8.23 -25.02 66.23
CA PHE E 309 -8.53 -26.31 65.58
C PHE E 309 -9.35 -27.21 66.48
N GLY E 310 -10.28 -26.62 67.21
CA GLY E 310 -11.16 -27.35 68.11
C GLY E 310 -12.52 -27.70 67.55
N ASP E 311 -12.75 -27.49 66.25
CA ASP E 311 -14.05 -27.73 65.64
C ASP E 311 -13.96 -28.86 64.63
N TYR E 312 -14.95 -29.75 64.66
CA TYR E 312 -14.98 -30.90 63.77
C TYR E 312 -15.29 -30.49 62.33
N HIS E 313 -16.29 -29.64 62.14
CA HIS E 313 -16.76 -29.34 60.78
C HIS E 313 -15.72 -28.55 59.99
N ILE E 314 -15.08 -27.56 60.62
CA ILE E 314 -14.07 -26.77 59.93
C ILE E 314 -12.88 -27.63 59.54
N ASN E 315 -12.44 -28.51 60.45
CA ASN E 315 -11.33 -29.40 60.13
C ASN E 315 -11.72 -30.36 59.00
N ARG E 316 -12.94 -30.87 59.03
CA ARG E 316 -13.40 -31.79 57.98
C ARG E 316 -13.40 -31.10 56.63
N ILE E 317 -13.89 -29.86 56.58
CA ILE E 317 -13.98 -29.17 55.30
C ILE E 317 -12.60 -28.73 54.82
N ILE E 318 -11.68 -28.45 55.75
CA ILE E 318 -10.33 -28.06 55.36
C ILE E 318 -9.57 -29.25 54.79
N LEU E 319 -9.68 -30.41 55.45
CA LEU E 319 -8.93 -31.59 55.00
C LEU E 319 -9.40 -32.06 53.63
N GLY E 320 -10.71 -32.04 53.40
CA GLY E 320 -11.22 -32.51 52.12
C GLY E 320 -10.90 -31.59 50.96
N ALA E 321 -10.65 -30.31 51.26
CA ALA E 321 -10.35 -29.33 50.22
C ALA E 321 -8.94 -29.47 49.66
N LEU E 322 -8.09 -30.30 50.26
CA LEU E 322 -6.71 -30.45 49.81
C LEU E 322 -6.56 -31.46 48.67
N LEU E 323 -7.64 -32.09 48.23
CA LEU E 323 -7.59 -32.95 47.06
C LEU E 323 -7.69 -32.10 45.80
N ASN E 324 -6.85 -31.09 45.70
CA ASN E 324 -6.85 -30.12 44.60
C ASN E 324 -5.44 -29.58 44.45
N PRO E 325 -4.83 -29.72 43.27
CA PRO E 325 -3.40 -29.43 43.14
C PRO E 325 -3.06 -27.94 43.15
N SER E 326 -4.00 -27.08 43.50
CA SER E 326 -3.73 -25.65 43.55
C SER E 326 -4.39 -25.02 44.76
N PHE E 327 -4.27 -25.67 45.91
CA PHE E 327 -4.77 -25.15 47.16
C PHE E 327 -3.61 -25.08 48.14
N HIS E 328 -3.43 -23.91 48.77
CA HIS E 328 -2.31 -23.69 49.68
C HIS E 328 -2.81 -23.11 50.99
N VAL E 329 -2.27 -23.61 52.10
CA VAL E 329 -2.72 -23.22 53.43
C VAL E 329 -1.49 -22.81 54.25
N VAL E 330 -1.70 -21.85 55.15
CA VAL E 330 -0.68 -21.41 56.10
C VAL E 330 -1.32 -21.42 57.49
N ILE E 331 -0.70 -22.13 58.42
CA ILE E 331 -1.26 -22.32 59.76
C ILE E 331 -0.32 -21.70 60.79
N TYR E 332 -0.91 -21.00 61.76
CA TYR E 332 -0.19 -20.45 62.90
C TYR E 332 -0.67 -21.15 64.17
N TYR E 333 0.27 -21.70 64.93
CA TYR E 333 -0.07 -22.40 66.17
C TYR E 333 1.12 -22.40 67.12
N PRO E 334 1.14 -21.49 68.10
CA PRO E 334 2.35 -21.35 68.93
C PRO E 334 2.46 -22.35 70.08
N GLU E 335 2.14 -23.63 69.83
CA GLU E 335 2.26 -24.64 70.87
C GLU E 335 2.77 -25.96 70.30
N LEU E 336 3.62 -25.91 69.28
CA LEU E 336 4.01 -27.12 68.57
C LEU E 336 4.78 -28.09 69.46
N LYS E 337 5.71 -27.59 70.26
CA LYS E 337 6.60 -28.47 71.02
C LYS E 337 5.81 -29.31 72.04
N GLU E 338 4.95 -28.66 72.81
CA GLU E 338 4.16 -29.37 73.80
C GLU E 338 3.22 -30.38 73.14
N ALA E 339 2.62 -30.00 72.01
CA ALA E 339 1.74 -30.91 71.30
C ALA E 339 2.49 -32.14 70.82
N ILE E 340 3.69 -31.95 70.25
CA ILE E 340 4.48 -33.08 69.77
C ILE E 340 4.87 -33.99 70.93
N THR E 341 5.31 -33.40 72.05
CA THR E 341 5.72 -34.20 73.19
C THR E 341 4.55 -34.99 73.76
N LYS E 342 3.37 -34.37 73.84
CA LYS E 342 2.21 -35.05 74.40
C LYS E 342 1.62 -36.09 73.46
N VAL E 343 1.82 -35.94 72.14
CA VAL E 343 1.31 -36.93 71.19
C VAL E 343 2.30 -38.06 70.94
N SER E 344 3.59 -37.85 71.25
CA SER E 344 4.57 -38.91 71.03
C SER E 344 4.36 -40.09 71.97
N LYS E 345 3.89 -39.83 73.19
CA LYS E 345 3.79 -40.91 74.18
C LYS E 345 2.53 -41.74 73.96
N GLY E 346 1.36 -41.11 74.09
CA GLY E 346 0.11 -41.82 73.91
C GLY E 346 -0.93 -41.04 73.13
N GLY E 347 -0.67 -39.76 72.90
CA GLY E 347 -1.61 -38.91 72.23
C GLY E 347 -2.36 -38.00 73.19
N GLY E 348 -2.38 -36.70 72.89
CA GLY E 348 -3.02 -35.70 73.73
C GLY E 348 -4.48 -35.49 73.35
N SER E 349 -4.88 -34.23 73.35
CA SER E 349 -6.25 -33.88 73.01
C SER E 349 -6.48 -34.04 71.50
N GLU E 350 -7.74 -33.88 71.10
CA GLU E 350 -8.09 -34.04 69.69
C GLU E 350 -7.45 -32.97 68.82
N ALA E 351 -7.38 -31.73 69.32
CA ALA E 351 -6.76 -30.67 68.55
C ALA E 351 -5.28 -30.93 68.33
N GLU E 352 -4.58 -31.40 69.36
CA GLU E 352 -3.17 -31.73 69.21
C GLU E 352 -2.96 -32.84 68.20
N LYS E 353 -3.80 -33.88 68.27
CA LYS E 353 -3.69 -34.97 67.30
C LYS E 353 -3.92 -34.47 65.89
N ALA E 354 -4.93 -33.61 65.70
CA ALA E 354 -5.22 -33.09 64.36
C ALA E 354 -4.06 -32.27 63.83
N ILE E 355 -3.52 -31.36 64.65
CA ILE E 355 -2.45 -30.49 64.15
C ILE E 355 -1.18 -31.30 63.89
N VAL E 356 -0.91 -32.32 64.71
CA VAL E 356 0.30 -33.11 64.51
C VAL E 356 0.17 -33.98 63.25
N THR E 357 -0.98 -34.63 63.07
CA THR E 357 -1.17 -35.42 61.85
C THR E 357 -1.27 -34.55 60.60
N LEU E 358 -1.58 -33.26 60.77
CA LEU E 358 -1.52 -32.33 59.65
C LEU E 358 -0.07 -31.93 59.34
N LYS E 359 0.77 -31.82 60.37
CA LYS E 359 2.13 -31.32 60.16
C LYS E 359 3.01 -32.38 59.50
N ASN E 360 2.88 -33.64 59.90
CA ASN E 360 3.85 -34.66 59.51
C ASN E 360 3.70 -35.14 58.08
N MET E 361 2.63 -34.77 57.38
CA MET E 361 2.47 -35.22 56.00
C MET E 361 3.50 -34.56 55.09
N ALA E 362 3.77 -35.23 53.97
CA ALA E 362 4.77 -34.78 53.01
C ALA E 362 4.06 -34.05 51.87
N PHE E 363 3.72 -32.79 52.11
CA PHE E 363 3.09 -31.93 51.12
C PHE E 363 3.79 -30.58 51.10
N ASN E 364 3.96 -30.02 49.91
CA ASN E 364 4.55 -28.70 49.73
C ASN E 364 3.53 -27.59 49.82
N GLN E 365 2.26 -27.92 50.09
CA GLN E 365 1.20 -26.93 50.21
C GLN E 365 1.00 -26.49 51.66
N VAL E 366 1.05 -27.43 52.60
CA VAL E 366 0.81 -27.11 54.00
C VAL E 366 2.06 -26.49 54.62
N THR E 367 1.83 -25.54 55.52
CA THR E 367 2.92 -24.86 56.21
C THR E 367 2.47 -24.57 57.64
N VAL E 368 3.36 -24.86 58.61
CA VAL E 368 3.05 -24.66 60.02
C VAL E 368 4.14 -23.81 60.63
N VAL E 369 3.73 -22.84 61.45
CA VAL E 369 4.64 -21.89 62.08
C VAL E 369 4.40 -21.93 63.59
N GLY E 370 5.48 -21.98 64.36
CA GLY E 370 5.38 -22.00 65.80
C GLY E 370 6.47 -21.15 66.42
N GLY E 371 6.62 -21.27 67.74
CA GLY E 371 7.65 -20.53 68.44
C GLY E 371 7.14 -19.54 69.47
N GLY E 372 6.01 -19.83 70.09
CA GLY E 372 5.48 -18.98 71.13
C GLY E 372 5.05 -17.61 70.65
N SER E 373 5.62 -16.55 71.23
CA SER E 373 5.27 -15.19 70.85
C SER E 373 5.72 -14.84 69.44
N LYS E 374 6.40 -15.74 68.74
CA LYS E 374 6.83 -15.51 67.38
C LYS E 374 5.70 -15.73 66.37
N ALA E 375 4.57 -16.29 66.80
CA ALA E 375 3.45 -16.56 65.91
C ALA E 375 2.17 -15.90 66.41
N TYR E 376 2.30 -14.77 67.10
CA TYR E 376 1.13 -14.04 67.57
C TYR E 376 0.51 -13.24 66.43
N PHE E 377 -0.66 -12.64 66.71
CA PHE E 377 -1.35 -11.85 65.70
C PHE E 377 -0.53 -10.61 65.33
N ASN E 378 0.10 -9.98 66.31
CA ASN E 378 0.90 -8.80 66.04
C ASN E 378 2.06 -9.11 65.10
N SER E 379 2.74 -10.24 65.32
CA SER E 379 3.86 -10.62 64.47
C SER E 379 3.41 -11.19 63.13
N PHE E 380 2.13 -11.55 63.00
CA PHE E 380 1.63 -12.08 61.74
C PHE E 380 1.58 -11.00 60.66
N VAL E 381 1.32 -9.75 61.05
CA VAL E 381 1.13 -8.68 60.07
C VAL E 381 2.42 -8.39 59.32
N GLU E 382 3.55 -8.32 60.04
CA GLU E 382 4.79 -7.88 59.42
C GLU E 382 5.27 -8.86 58.35
N HIS E 383 4.91 -10.14 58.45
CA HIS E 383 5.32 -11.09 57.44
C HIS E 383 4.71 -10.81 56.08
N LEU E 384 3.56 -10.13 56.03
CA LEU E 384 2.91 -9.77 54.79
C LEU E 384 3.67 -8.67 54.07
N PRO E 385 3.62 -8.63 52.73
CA PRO E 385 4.41 -7.65 51.99
C PRO E 385 3.89 -6.23 52.11
N TYR E 386 4.59 -5.27 51.50
CA TYR E 386 4.18 -3.88 51.54
C TYR E 386 4.58 -3.22 50.22
N PRO E 387 3.64 -2.52 49.55
CA PRO E 387 3.93 -1.98 48.23
C PRO E 387 4.98 -0.88 48.27
N VAL E 388 5.70 -0.76 47.15
CA VAL E 388 6.74 0.25 47.04
C VAL E 388 6.18 1.67 46.93
N LEU E 389 5.08 1.87 46.22
CA LEU E 389 4.54 3.20 45.97
C LEU E 389 3.49 3.63 46.99
N PHE E 390 3.17 2.79 47.96
CA PHE E 390 2.20 3.17 48.98
C PHE E 390 2.77 4.30 49.83
N PRO E 391 1.98 5.34 50.11
CA PRO E 391 2.51 6.49 50.86
C PRO E 391 2.67 6.17 52.34
N ARG E 392 3.91 5.90 52.75
CA ARG E 392 4.22 5.55 54.14
C ARG E 392 4.68 6.80 54.89
N ASP E 393 3.73 7.70 55.11
CA ASP E 393 4.00 8.96 55.80
C ASP E 393 2.71 9.50 56.39
N ASN E 394 2.82 10.64 57.06
CA ASN E 394 1.69 11.33 57.67
C ASN E 394 1.88 12.83 57.42
N ILE E 395 1.12 13.37 56.46
CA ILE E 395 1.21 14.78 56.12
C ILE E 395 -0.09 15.53 56.40
N VAL E 396 -1.24 14.88 56.29
CA VAL E 396 -2.53 15.54 56.45
C VAL E 396 -2.79 16.01 57.88
N ASP E 397 -2.17 15.37 58.88
CA ASP E 397 -2.47 15.70 60.27
C ASP E 397 -2.11 17.14 60.60
N GLU E 398 -0.96 17.62 60.11
CA GLU E 398 -0.56 18.99 60.39
C GLU E 398 -1.55 19.99 59.78
N LEU E 399 -1.97 19.73 58.54
CA LEU E 399 -2.94 20.63 57.91
C LEU E 399 -4.27 20.63 58.65
N VAL E 400 -4.73 19.44 59.07
CA VAL E 400 -6.01 19.36 59.79
C VAL E 400 -5.93 20.10 61.11
N GLU E 401 -4.83 19.93 61.86
CA GLU E 401 -4.72 20.62 63.14
C GLU E 401 -4.55 22.11 62.94
N ALA E 402 -3.90 22.54 61.86
CA ALA E 402 -3.81 23.96 61.56
C ALA E 402 -5.17 24.55 61.24
N ILE E 403 -5.99 23.81 60.48
CA ILE E 403 -7.35 24.26 60.20
C ILE E 403 -8.15 24.37 61.48
N ALA E 404 -8.04 23.36 62.34
CA ALA E 404 -8.77 23.37 63.61
C ALA E 404 -8.29 24.50 64.52
N ASN E 405 -7.02 24.91 64.37
CA ASN E 405 -6.50 26.00 65.20
C ASN E 405 -7.21 27.31 64.88
N LEU E 406 -7.48 27.58 63.61
CA LEU E 406 -8.12 28.83 63.22
C LEU E 406 -9.49 28.96 63.87
N SER E 407 -9.75 30.12 64.44
CA SER E 407 -10.99 30.40 65.18
C SER E 407 -11.23 29.36 66.28
N SER F 2 -59.47 -13.43 37.86
CA SER F 2 -58.97 -14.77 37.56
C SER F 2 -57.51 -14.74 37.16
N ILE F 3 -57.17 -13.81 36.26
CA ILE F 3 -55.80 -13.63 35.80
C ILE F 3 -55.38 -12.20 36.09
N TYR F 4 -54.25 -12.03 36.77
CA TYR F 4 -53.75 -10.72 37.17
C TYR F 4 -52.32 -10.55 36.69
N GLN F 5 -52.00 -9.36 36.20
CA GLN F 5 -50.64 -9.01 35.79
C GLN F 5 -50.32 -7.62 36.32
N GLY F 6 -49.43 -7.56 37.30
CA GLY F 6 -49.06 -6.28 37.88
C GLY F 6 -50.13 -5.66 38.74
N GLY F 7 -51.08 -6.45 39.24
CA GLY F 7 -52.17 -5.96 40.05
C GLY F 7 -53.45 -5.67 39.28
N ASN F 8 -53.35 -5.51 37.96
CA ASN F 8 -54.51 -5.26 37.13
C ASN F 8 -55.15 -6.58 36.71
N LYS F 9 -56.07 -6.51 35.75
CA LYS F 9 -56.75 -7.69 35.23
C LYS F 9 -56.38 -7.91 33.77
N LEU F 10 -56.25 -9.18 33.40
CA LEU F 10 -55.85 -9.57 32.05
C LEU F 10 -56.86 -10.57 31.49
N ASN F 11 -57.03 -10.55 30.17
CA ASN F 11 -57.96 -11.42 29.49
C ASN F 11 -57.27 -12.72 29.08
N GLU F 12 -57.93 -13.50 28.23
CA GLU F 12 -57.46 -14.84 27.89
C GLU F 12 -56.61 -14.86 26.62
N ASP F 13 -57.05 -14.17 25.56
CA ASP F 13 -56.32 -14.17 24.31
C ASP F 13 -54.95 -13.51 24.47
N ASP F 14 -54.91 -12.38 25.16
CA ASP F 14 -53.62 -11.73 25.44
C ASP F 14 -52.75 -12.60 26.32
N PHE F 15 -53.36 -13.34 27.25
CA PHE F 15 -52.60 -14.27 28.08
C PHE F 15 -51.96 -15.36 27.24
N ARG F 16 -52.71 -15.93 26.30
CA ARG F 16 -52.15 -16.95 25.43
C ARG F 16 -51.02 -16.39 24.56
N SER F 17 -51.23 -15.18 24.02
CA SER F 17 -50.19 -14.56 23.22
C SER F 17 -48.93 -14.30 24.04
N HIS F 18 -49.10 -13.88 25.29
CA HIS F 18 -47.95 -13.66 26.17
C HIS F 18 -47.22 -14.97 26.45
N VAL F 19 -47.97 -16.04 26.72
CA VAL F 19 -47.35 -17.33 27.01
C VAL F 19 -46.57 -17.82 25.79
N TYR F 20 -47.12 -17.62 24.60
CA TYR F 20 -46.40 -18.04 23.39
C TYR F 20 -45.09 -17.30 23.23
N SER F 21 -45.09 -15.99 23.49
CA SER F 21 -43.87 -15.21 23.35
C SER F 21 -42.87 -15.50 24.47
N LEU F 22 -43.36 -16.03 25.60
CA LEU F 22 -42.50 -16.30 26.74
C LEU F 22 -41.72 -17.60 26.59
N CYS F 23 -42.06 -18.44 25.61
CA CYS F 23 -41.37 -19.69 25.37
C CYS F 23 -40.24 -19.58 24.37
N GLN F 24 -40.01 -18.39 23.82
CA GLN F 24 -38.95 -18.17 22.84
C GLN F 24 -37.69 -17.57 23.44
N LEU F 25 -37.64 -17.40 24.76
CA LEU F 25 -36.48 -16.81 25.40
C LEU F 25 -35.32 -17.80 25.45
N ASP F 26 -34.21 -17.37 26.04
CA ASP F 26 -33.01 -18.21 26.06
C ASP F 26 -33.13 -19.33 27.08
N ASN F 27 -33.81 -19.10 28.20
CA ASN F 27 -33.91 -20.10 29.25
C ASN F 27 -35.36 -20.30 29.65
N VAL F 28 -35.79 -21.56 29.70
CA VAL F 28 -37.13 -21.91 30.14
C VAL F 28 -37.01 -23.06 31.13
N GLY F 29 -37.76 -22.98 32.23
CA GLY F 29 -37.76 -24.01 33.25
C GLY F 29 -39.10 -24.07 33.95
N VAL F 30 -39.29 -25.16 34.70
CA VAL F 30 -40.52 -25.38 35.45
C VAL F 30 -40.18 -25.80 36.87
N LEU F 31 -41.17 -25.69 37.75
CA LEU F 31 -41.05 -26.13 39.15
C LEU F 31 -42.34 -26.81 39.54
N LEU F 32 -42.28 -28.11 39.82
CA LEU F 32 -43.47 -28.92 40.07
C LEU F 32 -43.52 -29.32 41.54
N GLY F 33 -44.70 -29.19 42.14
CA GLY F 33 -44.93 -29.53 43.52
C GLY F 33 -45.54 -30.90 43.69
N ALA F 34 -46.09 -31.14 44.88
CA ALA F 34 -46.72 -32.40 45.20
C ALA F 34 -48.14 -32.53 44.65
N GLY F 35 -48.76 -31.43 44.23
CA GLY F 35 -50.08 -31.50 43.63
C GLY F 35 -50.07 -31.87 42.17
N ALA F 36 -48.90 -31.84 41.52
CA ALA F 36 -48.83 -32.16 40.10
C ALA F 36 -49.00 -33.66 39.85
N SER F 37 -48.61 -34.49 40.81
CA SER F 37 -48.69 -35.94 40.67
C SER F 37 -49.94 -36.52 41.31
N VAL F 38 -50.96 -35.69 41.52
CA VAL F 38 -52.22 -36.19 42.08
C VAL F 38 -52.97 -37.07 41.08
N GLY F 39 -52.98 -36.69 39.79
CA GLY F 39 -53.70 -37.45 38.80
C GLY F 39 -53.09 -38.80 38.48
N CYS F 40 -51.81 -38.98 38.77
CA CYS F 40 -51.13 -40.24 38.51
C CYS F 40 -51.36 -41.27 39.59
N GLY F 41 -52.00 -40.91 40.70
CA GLY F 41 -52.24 -41.83 41.79
C GLY F 41 -51.55 -41.42 43.08
N GLY F 42 -51.07 -40.18 43.12
CA GLY F 42 -50.37 -39.69 44.29
C GLY F 42 -51.31 -39.23 45.39
N LYS F 43 -50.71 -38.76 46.47
CA LYS F 43 -51.45 -38.28 47.64
C LYS F 43 -50.97 -36.88 47.99
N THR F 44 -51.56 -36.34 49.06
CA THR F 44 -51.23 -35.02 49.57
C THR F 44 -51.05 -35.13 51.07
N MET F 45 -50.28 -34.19 51.64
CA MET F 45 -49.98 -34.23 53.07
C MET F 45 -51.24 -34.18 53.93
N LYS F 46 -52.34 -33.66 53.40
CA LYS F 46 -53.61 -33.70 54.14
C LYS F 46 -54.07 -35.13 54.35
N ASP F 47 -53.97 -35.98 53.32
CA ASP F 47 -54.44 -37.35 53.44
C ASP F 47 -53.52 -38.19 54.32
N VAL F 48 -52.24 -37.82 54.41
CA VAL F 48 -51.31 -38.54 55.27
C VAL F 48 -51.75 -38.42 56.73
N TRP F 49 -52.20 -37.24 57.13
CA TRP F 49 -52.68 -37.06 58.50
C TRP F 49 -53.90 -37.93 58.78
N LYS F 50 -54.83 -37.99 57.83
CA LYS F 50 -56.02 -38.83 58.00
C LYS F 50 -55.64 -40.30 58.11
N SER F 51 -54.73 -40.76 57.27
CA SER F 51 -54.29 -42.15 57.31
C SER F 51 -53.61 -42.46 58.65
N PHE F 52 -52.75 -41.55 59.11
CA PHE F 52 -52.06 -41.77 60.38
C PHE F 52 -53.05 -41.78 61.54
N LYS F 53 -54.04 -40.90 61.51
CA LYS F 53 -55.06 -40.87 62.57
C LYS F 53 -55.88 -42.15 62.58
N GLN F 54 -56.28 -42.63 61.40
CA GLN F 54 -57.14 -43.81 61.35
C GLN F 54 -56.38 -45.08 61.71
N ASN F 55 -55.15 -45.22 61.21
CA ASN F 55 -54.43 -46.48 61.42
C ASN F 55 -53.89 -46.60 62.84
N TYR F 56 -53.51 -45.50 63.47
CA TYR F 56 -52.89 -45.51 64.80
C TYR F 56 -53.75 -44.69 65.75
N PRO F 57 -54.73 -45.31 66.41
CA PRO F 57 -55.57 -44.57 67.36
C PRO F 57 -54.97 -44.44 68.74
N GLU F 58 -53.87 -45.13 69.04
CA GLU F 58 -53.29 -45.12 70.38
C GLU F 58 -52.25 -44.01 70.55
N LEU F 59 -51.39 -43.81 69.56
CA LEU F 59 -50.33 -42.80 69.69
C LEU F 59 -50.91 -41.39 69.70
N LEU F 60 -52.05 -41.17 69.03
CA LEU F 60 -52.66 -39.85 69.02
C LEU F 60 -53.08 -39.42 70.43
N GLY F 61 -53.65 -40.35 71.20
CA GLY F 61 -54.02 -40.03 72.57
C GLY F 61 -52.83 -39.63 73.42
N ALA F 62 -51.73 -40.39 73.32
CA ALA F 62 -50.53 -40.04 74.07
C ALA F 62 -49.99 -38.68 73.64
N LEU F 63 -49.95 -38.43 72.33
CA LEU F 63 -49.44 -37.16 71.82
C LEU F 63 -50.27 -35.98 72.33
N ILE F 64 -51.60 -36.14 72.36
CA ILE F 64 -52.46 -35.03 72.78
C ILE F 64 -52.57 -34.92 74.29
N ASP F 65 -52.24 -35.97 75.04
CA ASP F 65 -52.41 -35.97 76.49
C ASP F 65 -51.11 -35.65 77.23
N LYS F 66 -50.07 -36.46 77.02
CA LYS F 66 -48.88 -36.35 77.86
C LYS F 66 -47.91 -35.27 77.38
N TYR F 67 -47.78 -35.08 76.07
CA TYR F 67 -46.76 -34.21 75.53
C TYR F 67 -47.29 -32.89 74.99
N LEU F 68 -48.60 -32.78 74.75
CA LEU F 68 -49.23 -31.53 74.32
C LEU F 68 -48.61 -31.00 73.03
N LEU F 69 -48.34 -31.90 72.09
CA LEU F 69 -47.73 -31.53 70.82
C LEU F 69 -48.75 -31.12 69.77
N VAL F 70 -50.04 -31.28 70.01
CA VAL F 70 -51.07 -30.95 69.03
C VAL F 70 -52.37 -30.66 69.77
N SER F 71 -53.13 -29.70 69.25
CA SER F 71 -54.41 -29.31 69.84
C SER F 71 -55.53 -30.22 69.33
N GLN F 72 -56.61 -30.27 70.11
CA GLN F 72 -57.70 -31.20 69.82
C GLN F 72 -58.52 -30.73 68.62
N ILE F 73 -58.83 -29.43 68.57
CA ILE F 73 -59.68 -28.92 67.50
C ILE F 73 -58.97 -28.99 66.16
N ASP F 74 -57.66 -28.72 66.14
CA ASP F 74 -56.91 -28.82 64.89
C ASP F 74 -56.83 -30.27 64.42
N SER F 75 -56.67 -31.20 65.36
CA SER F 75 -56.66 -32.62 65.00
C SER F 75 -58.00 -33.04 64.41
N ASP F 76 -59.11 -32.58 65.02
CA ASP F 76 -60.43 -32.94 64.51
C ASP F 76 -60.67 -32.32 63.13
N ASN F 77 -60.24 -31.07 62.93
CA ASN F 77 -60.47 -30.39 61.66
C ASN F 77 -59.51 -30.85 60.56
N ASN F 78 -58.47 -31.61 60.92
CA ASN F 78 -57.48 -32.11 59.96
C ASN F 78 -56.83 -30.96 59.19
N LEU F 79 -56.21 -30.06 59.94
CA LEU F 79 -55.53 -28.89 59.39
C LEU F 79 -54.18 -28.69 60.05
N VAL F 80 -53.53 -29.78 60.45
CA VAL F 80 -52.26 -29.73 61.15
C VAL F 80 -51.13 -29.90 60.15
N ASN F 81 -49.98 -29.28 60.45
CA ASN F 81 -48.83 -29.34 59.57
C ASN F 81 -47.94 -30.53 59.94
N VAL F 82 -47.71 -31.40 58.97
CA VAL F 82 -46.85 -32.56 59.18
C VAL F 82 -45.37 -32.18 59.19
N GLU F 83 -44.96 -31.26 58.31
CA GLU F 83 -43.55 -30.88 58.20
C GLU F 83 -43.03 -30.19 59.44
N LEU F 84 -43.90 -29.74 60.34
CA LEU F 84 -43.49 -29.09 61.58
C LEU F 84 -43.42 -30.05 62.77
N LEU F 85 -44.28 -31.06 62.81
CA LEU F 85 -44.29 -31.99 63.93
C LEU F 85 -43.00 -32.80 63.99
N ILE F 86 -42.37 -33.03 62.83
CA ILE F 86 -41.13 -33.79 62.79
C ILE F 86 -40.04 -33.10 63.59
N ASP F 87 -39.93 -31.78 63.45
CA ASP F 87 -38.89 -31.04 64.16
C ASP F 87 -39.09 -31.14 65.66
N GLU F 88 -40.33 -30.97 66.13
CA GLU F 88 -40.61 -31.05 67.56
C GLU F 88 -40.33 -32.45 68.09
N ALA F 89 -40.74 -33.48 67.34
CA ALA F 89 -40.48 -34.84 67.78
C ALA F 89 -38.99 -35.13 67.87
N THR F 90 -38.22 -34.67 66.88
CA THR F 90 -36.77 -34.88 66.91
C THR F 90 -36.13 -34.15 68.07
N LYS F 91 -36.57 -32.92 68.34
CA LYS F 91 -36.04 -32.19 69.49
C LYS F 91 -36.35 -32.89 70.80
N PHE F 92 -37.58 -33.40 70.95
CA PHE F 92 -37.95 -34.13 72.16
C PHE F 92 -37.11 -35.38 72.32
N LEU F 93 -36.87 -36.10 71.22
CA LEU F 93 -36.04 -37.30 71.28
C LEU F 93 -34.61 -36.96 71.68
N SER F 94 -34.06 -35.89 71.10
CA SER F 94 -32.67 -35.52 71.39
C SER F 94 -32.50 -35.06 72.84
N VAL F 95 -33.47 -34.33 73.37
CA VAL F 95 -33.37 -33.86 74.75
C VAL F 95 -33.41 -35.02 75.71
N ALA F 96 -34.32 -35.97 75.50
CA ALA F 96 -34.46 -37.09 76.43
C ALA F 96 -33.24 -37.99 76.41
N LYS F 97 -32.64 -38.19 75.23
CA LYS F 97 -31.49 -39.09 75.11
C LYS F 97 -30.28 -38.59 75.89
N THR F 98 -30.14 -37.28 76.09
CA THR F 98 -29.00 -36.76 76.83
C THR F 98 -29.09 -37.10 78.32
N ARG F 99 -30.27 -37.03 78.91
CA ARG F 99 -30.44 -37.23 80.34
C ARG F 99 -30.71 -38.68 80.71
N ARG F 100 -30.61 -39.61 79.75
CA ARG F 100 -30.76 -41.04 79.98
C ARG F 100 -32.13 -41.38 80.56
N CYS F 101 -33.16 -41.09 79.76
CA CYS F 101 -34.54 -41.42 80.09
C CYS F 101 -35.02 -42.44 79.06
N GLU F 102 -35.10 -43.70 79.47
CA GLU F 102 -35.31 -44.80 78.53
C GLU F 102 -36.75 -44.89 78.03
N ASP F 103 -37.74 -44.57 78.89
CA ASP F 103 -39.13 -44.80 78.52
C ASP F 103 -39.58 -43.89 77.39
N GLU F 104 -39.11 -42.64 77.37
CA GLU F 104 -39.53 -41.69 76.35
C GLU F 104 -38.90 -41.98 74.99
N GLU F 105 -37.68 -42.53 74.98
CA GLU F 105 -36.99 -42.77 73.72
C GLU F 105 -37.76 -43.74 72.84
N GLU F 106 -38.24 -44.84 73.42
CA GLU F 106 -39.01 -45.81 72.65
C GLU F 106 -40.32 -45.22 72.15
N GLU F 107 -41.00 -44.46 73.02
CA GLU F 107 -42.28 -43.88 72.64
C GLU F 107 -42.13 -42.87 71.50
N PHE F 108 -41.00 -42.16 71.44
CA PHE F 108 -40.79 -41.24 70.34
C PHE F 108 -40.27 -41.93 69.08
N ARG F 109 -39.47 -42.99 69.25
CA ARG F 109 -39.04 -43.78 68.11
C ARG F 109 -40.24 -44.40 67.40
N LYS F 110 -41.23 -44.86 68.17
CA LYS F 110 -42.43 -45.42 67.56
C LYS F 110 -43.16 -44.39 66.72
N ILE F 111 -43.28 -43.16 67.23
CA ILE F 111 -43.97 -42.11 66.48
C ILE F 111 -43.21 -41.80 65.20
N LEU F 112 -41.89 -41.66 65.29
CA LEU F 112 -41.10 -41.35 64.10
C LEU F 112 -41.20 -42.47 63.07
N SER F 113 -41.11 -43.73 63.51
CA SER F 113 -41.20 -44.84 62.58
C SER F 113 -42.56 -44.90 61.91
N SER F 114 -43.62 -44.69 62.68
CA SER F 114 -44.96 -44.71 62.10
C SER F 114 -45.15 -43.59 61.08
N LEU F 115 -44.71 -42.38 61.41
CA LEU F 115 -44.92 -41.25 60.51
C LEU F 115 -44.11 -41.42 59.22
N TYR F 116 -42.85 -41.88 59.35
CA TYR F 116 -42.04 -42.14 58.16
C TYR F 116 -42.63 -43.26 57.31
N LYS F 117 -43.18 -44.30 57.95
CA LYS F 117 -43.83 -45.36 57.20
C LYS F 117 -45.03 -44.83 56.44
N GLU F 118 -45.81 -43.95 57.07
CA GLU F 118 -46.96 -43.36 56.38
C GLU F 118 -46.52 -42.49 55.20
N VAL F 119 -45.41 -41.77 55.35
CA VAL F 119 -44.97 -40.86 54.29
C VAL F 119 -44.56 -41.63 53.04
N THR F 120 -43.76 -42.70 53.21
CA THR F 120 -43.16 -43.37 52.07
C THR F 120 -44.21 -44.10 51.24
N LYS F 121 -45.26 -44.63 51.88
CA LYS F 121 -46.24 -45.46 51.18
C LYS F 121 -47.02 -44.68 50.14
N ALA F 122 -47.11 -43.36 50.26
CA ALA F 122 -47.92 -42.54 49.36
C ALA F 122 -47.16 -42.11 48.11
N ALA F 123 -45.91 -42.53 47.94
CA ALA F 123 -45.11 -42.16 46.79
C ALA F 123 -44.92 -43.30 45.79
N LEU F 124 -45.57 -44.44 46.01
CA LEU F 124 -45.38 -45.58 45.10
C LEU F 124 -46.13 -45.36 43.79
N LEU F 125 -47.35 -44.83 43.85
CA LEU F 125 -48.25 -44.50 42.75
C LEU F 125 -48.89 -45.73 42.11
N THR F 126 -48.44 -46.95 42.42
CA THR F 126 -49.00 -48.13 41.79
C THR F 126 -49.21 -49.28 42.76
N GLY F 127 -48.97 -49.10 44.05
CA GLY F 127 -49.12 -50.22 44.98
C GLY F 127 -48.08 -51.29 44.75
N GLU F 128 -48.52 -52.54 44.76
CA GLU F 128 -47.61 -53.67 44.57
C GLU F 128 -47.04 -53.72 43.16
N GLN F 129 -47.63 -52.99 42.21
CA GLN F 129 -47.14 -52.96 40.85
C GLN F 129 -45.86 -52.13 40.69
N PHE F 130 -45.28 -51.67 41.80
CA PHE F 130 -44.08 -50.85 41.75
C PHE F 130 -42.87 -51.61 41.21
N ARG F 131 -42.87 -52.94 41.34
CA ARG F 131 -41.73 -53.75 40.96
C ARG F 131 -41.79 -54.28 39.53
N GLU F 132 -42.82 -53.90 38.78
CA GLU F 132 -42.93 -54.33 37.39
C GLU F 132 -42.09 -53.41 36.50
N LYS F 133 -42.17 -53.61 35.18
CA LYS F 133 -41.42 -52.82 34.22
C LYS F 133 -42.38 -52.25 33.17
N ASN F 134 -41.85 -51.30 32.40
CA ASN F 134 -42.60 -50.64 31.33
C ASN F 134 -43.88 -50.00 31.87
N GLN F 135 -43.75 -49.33 33.01
CA GLN F 135 -44.89 -48.62 33.61
C GLN F 135 -45.20 -47.31 32.90
N GLY F 136 -44.33 -46.84 32.00
CA GLY F 136 -44.55 -45.60 31.29
C GLY F 136 -45.49 -45.70 30.11
N LYS F 137 -45.95 -46.91 29.77
CA LYS F 137 -46.86 -47.11 28.67
C LYS F 137 -48.32 -46.97 29.08
N LYS F 138 -48.59 -46.70 30.36
CA LYS F 138 -49.96 -46.57 30.84
C LYS F 138 -50.56 -45.24 30.40
N ASP F 139 -51.89 -45.15 30.51
CA ASP F 139 -52.58 -43.93 30.11
C ASP F 139 -52.44 -42.82 31.14
N ALA F 140 -52.13 -43.16 32.38
CA ALA F 140 -52.00 -42.14 33.43
C ALA F 140 -50.85 -41.19 33.12
N PHE F 141 -49.72 -41.72 32.66
CA PHE F 141 -48.54 -40.90 32.36
C PHE F 141 -48.54 -40.42 30.92
N LYS F 142 -49.64 -39.81 30.48
CA LYS F 142 -49.74 -39.31 29.11
C LYS F 142 -49.56 -37.81 29.01
N TYR F 143 -49.69 -37.07 30.11
CA TYR F 143 -49.51 -35.63 30.08
C TYR F 143 -48.07 -35.21 30.36
N HIS F 144 -47.33 -36.01 31.14
CA HIS F 144 -45.91 -35.74 31.32
C HIS F 144 -45.16 -35.85 30.00
N LYS F 145 -45.53 -36.83 29.17
CA LYS F 145 -44.91 -36.96 27.85
C LYS F 145 -45.17 -35.74 26.99
N GLU F 146 -46.42 -35.24 27.00
CA GLU F 146 -46.74 -34.04 26.25
C GLU F 146 -45.96 -32.83 26.77
N LEU F 147 -45.83 -32.72 28.10
CA LEU F 147 -45.07 -31.63 28.67
C LEU F 147 -43.62 -31.66 28.20
N ILE F 148 -43.00 -32.83 28.25
CA ILE F 148 -41.60 -32.95 27.83
C ILE F 148 -41.46 -32.65 26.34
N SER F 149 -42.37 -33.20 25.52
CA SER F 149 -42.29 -32.98 24.08
C SER F 149 -42.43 -31.50 23.74
N LYS F 150 -43.38 -30.82 24.39
CA LYS F 150 -43.57 -29.40 24.12
C LYS F 150 -42.41 -28.56 24.64
N LEU F 151 -41.80 -28.96 25.76
CA LEU F 151 -40.68 -28.21 26.29
C LEU F 151 -39.45 -28.34 25.41
N ILE F 152 -39.23 -29.52 24.83
CA ILE F 152 -38.00 -29.71 24.05
C ILE F 152 -38.17 -29.31 22.58
N SER F 153 -39.35 -29.50 22.00
CA SER F 153 -39.54 -29.18 20.60
C SER F 153 -39.51 -27.68 20.33
N ASN F 154 -39.64 -26.85 21.36
CA ASN F 154 -39.61 -25.40 21.21
C ASN F 154 -38.20 -24.85 21.46
N ARG F 155 -37.25 -25.34 20.66
CA ARG F 155 -35.86 -24.93 20.79
C ARG F 155 -35.26 -24.68 19.41
N GLN F 156 -34.42 -23.66 19.33
CA GLN F 156 -33.66 -23.29 18.15
C GLN F 156 -32.20 -23.66 18.33
N PRO F 157 -31.48 -23.96 17.24
CA PRO F 157 -30.05 -24.28 17.38
C PRO F 157 -29.27 -23.12 17.97
N GLY F 158 -28.30 -23.45 18.81
CA GLY F 158 -27.50 -22.45 19.48
C GLY F 158 -28.04 -21.97 20.81
N GLN F 159 -29.04 -22.63 21.37
CA GLN F 159 -29.62 -22.30 22.66
C GLN F 159 -29.31 -23.39 23.67
N SER F 160 -29.83 -23.22 24.88
CA SER F 160 -29.58 -24.15 25.98
C SER F 160 -30.75 -25.09 26.19
N ALA F 161 -30.48 -26.20 26.86
CA ALA F 161 -31.48 -27.21 27.15
C ALA F 161 -32.37 -26.78 28.31
N PRO F 162 -33.61 -27.25 28.33
CA PRO F 162 -34.52 -26.91 29.44
C PRO F 162 -34.13 -27.63 30.72
N ALA F 163 -34.61 -27.09 31.83
CA ALA F 163 -34.35 -27.64 33.15
C ALA F 163 -35.66 -27.82 33.90
N ILE F 164 -35.73 -28.89 34.70
CA ILE F 164 -36.93 -29.23 35.45
C ILE F 164 -36.54 -29.38 36.92
N PHE F 165 -37.24 -28.66 37.79
CA PHE F 165 -37.05 -28.76 39.23
C PHE F 165 -38.29 -29.37 39.86
N THR F 166 -38.08 -30.17 40.91
CA THR F 166 -39.18 -30.86 41.55
C THR F 166 -38.88 -31.04 43.04
N THR F 167 -39.94 -31.27 43.81
CA THR F 167 -39.86 -31.50 45.24
C THR F 167 -40.69 -32.73 45.62
N ASN F 168 -40.53 -33.81 44.85
CA ASN F 168 -41.28 -35.03 45.07
C ASN F 168 -40.33 -36.21 45.21
N TYR F 169 -40.92 -37.38 45.45
CA TYR F 169 -40.16 -38.63 45.56
C TYR F 169 -40.54 -39.65 44.51
N ASP F 170 -41.72 -39.53 43.92
CA ASP F 170 -42.21 -40.52 42.97
C ASP F 170 -41.42 -40.49 41.67
N LEU F 171 -41.34 -41.65 41.02
CA LEU F 171 -40.57 -41.81 39.79
C LEU F 171 -41.45 -41.66 38.55
N ALA F 172 -42.19 -40.55 38.47
CA ALA F 172 -43.05 -40.34 37.31
C ALA F 172 -42.30 -39.74 36.13
N LEU F 173 -41.45 -38.75 36.40
CA LEU F 173 -40.69 -38.13 35.32
C LEU F 173 -39.76 -39.14 34.65
N GLU F 174 -39.10 -39.99 35.43
CA GLU F 174 -38.20 -40.97 34.86
C GLU F 174 -38.93 -41.95 33.97
N TRP F 175 -40.09 -42.45 34.43
CA TRP F 175 -40.87 -43.38 33.62
C TRP F 175 -41.35 -42.71 32.33
N ALA F 176 -41.86 -41.49 32.44
CA ALA F 176 -42.35 -40.79 31.26
C ALA F 176 -41.23 -40.54 30.25
N ALA F 177 -40.04 -40.16 30.72
CA ALA F 177 -38.94 -39.91 29.81
C ALA F 177 -38.43 -41.21 29.19
N GLU F 178 -38.33 -42.28 29.98
CA GLU F 178 -37.84 -43.55 29.44
C GLU F 178 -38.83 -44.17 28.46
N ASP F 179 -40.11 -43.84 28.59
CA ASP F 179 -41.09 -44.33 27.62
C ASP F 179 -40.78 -43.82 26.21
N LEU F 180 -40.40 -42.54 26.10
CA LEU F 180 -40.09 -41.93 24.81
C LEU F 180 -38.67 -42.22 24.33
N GLY F 181 -37.83 -42.84 25.15
CA GLY F 181 -36.48 -43.12 24.74
C GLY F 181 -35.53 -41.95 24.81
N ILE F 182 -35.78 -40.99 25.70
CA ILE F 182 -34.94 -39.81 25.84
C ILE F 182 -34.16 -39.92 27.15
N GLN F 183 -33.03 -39.23 27.22
CA GLN F 183 -32.10 -39.34 28.34
C GLN F 183 -32.12 -38.06 29.16
N LEU F 184 -32.25 -38.22 30.47
CA LEU F 184 -32.18 -37.12 31.43
C LEU F 184 -30.91 -37.24 32.26
N PHE F 185 -30.33 -36.10 32.61
CA PHE F 185 -29.09 -36.05 33.37
C PHE F 185 -29.39 -35.62 34.80
N ASN F 186 -28.92 -36.41 35.77
CA ASN F 186 -29.13 -36.06 37.18
C ASN F 186 -27.86 -36.23 38.02
N GLY F 187 -26.69 -36.21 37.40
CA GLY F 187 -25.44 -36.26 38.13
C GLY F 187 -24.93 -37.63 38.48
N PHE F 188 -25.62 -38.69 38.10
CA PHE F 188 -25.21 -40.06 38.40
C PHE F 188 -24.63 -40.73 37.17
N SER F 189 -23.81 -41.74 37.40
CA SER F 189 -23.18 -42.49 36.32
C SER F 189 -22.85 -43.89 36.81
N GLY F 190 -22.63 -44.79 35.84
CA GLY F 190 -22.34 -46.18 36.15
C GLY F 190 -23.58 -47.04 36.21
N LEU F 191 -23.36 -48.35 36.09
CA LEU F 191 -24.46 -49.32 36.11
C LEU F 191 -24.40 -50.24 37.31
N HIS F 192 -23.29 -50.94 37.52
CA HIS F 192 -23.18 -51.86 38.65
C HIS F 192 -22.94 -51.13 39.97
N THR F 193 -22.17 -50.04 39.94
CA THR F 193 -21.91 -49.21 41.11
C THR F 193 -22.15 -47.76 40.70
N ARG F 194 -23.37 -47.29 40.92
CA ARG F 194 -23.80 -45.97 40.49
C ARG F 194 -23.54 -44.98 41.63
N GLN F 195 -22.77 -43.93 41.34
CA GLN F 195 -22.36 -42.96 42.35
C GLN F 195 -22.83 -41.56 41.94
N PHE F 196 -22.53 -40.59 42.80
CA PHE F 196 -22.90 -39.20 42.61
C PHE F 196 -21.65 -38.39 42.31
N TYR F 197 -21.63 -37.72 41.16
CA TYR F 197 -20.52 -36.85 40.77
C TYR F 197 -21.08 -35.47 40.46
N PRO F 198 -20.75 -34.44 41.23
CA PRO F 198 -21.36 -33.12 41.00
C PRO F 198 -20.94 -32.48 39.68
N GLN F 199 -19.87 -32.95 39.05
CA GLN F 199 -19.38 -32.35 37.81
C GLN F 199 -20.03 -32.94 36.56
N ASN F 200 -20.98 -33.85 36.72
CA ASN F 200 -21.68 -34.44 35.58
C ASN F 200 -22.84 -33.58 35.10
N PHE F 201 -23.01 -32.39 35.65
CA PHE F 201 -24.04 -31.46 35.21
C PHE F 201 -23.58 -30.52 34.11
N ASP F 202 -22.32 -30.61 33.69
CA ASP F 202 -21.76 -29.73 32.66
C ASP F 202 -21.41 -30.50 31.39
N LEU F 203 -22.03 -31.65 31.15
CA LEU F 203 -21.75 -32.47 29.99
C LEU F 203 -22.96 -32.52 29.06
N ALA F 204 -22.70 -32.36 27.76
CA ALA F 204 -23.75 -32.33 26.76
C ALA F 204 -23.36 -33.19 25.57
N PHE F 205 -24.36 -33.61 24.81
CA PHE F 205 -24.13 -34.47 23.66
C PHE F 205 -23.49 -33.69 22.51
N ARG F 206 -23.02 -34.45 21.52
CA ARG F 206 -22.37 -33.91 20.34
C ARG F 206 -22.33 -35.02 19.29
N ASN F 207 -22.34 -34.62 18.02
CA ASN F 207 -22.33 -35.56 16.91
C ASN F 207 -20.90 -35.70 16.37
N VAL F 208 -20.40 -36.93 16.34
CA VAL F 208 -19.05 -37.15 15.83
C VAL F 208 -18.98 -36.90 14.34
N ASN F 209 -20.03 -37.25 13.60
CA ASN F 209 -20.06 -37.07 12.15
C ASN F 209 -21.28 -36.27 11.70
N GLY F 217 -29.62 -38.13 20.52
CA GLY F 217 -29.25 -37.24 19.43
C GLY F 217 -29.84 -35.86 19.55
N HIS F 218 -29.12 -34.97 20.22
CA HIS F 218 -29.49 -33.58 20.44
C HIS F 218 -30.80 -33.42 21.22
N TYR F 219 -31.31 -34.49 21.81
CA TYR F 219 -32.52 -34.46 22.63
C TYR F 219 -32.16 -34.91 24.03
N HIS F 220 -32.04 -33.97 24.96
CA HIS F 220 -31.71 -34.29 26.33
C HIS F 220 -32.16 -33.14 27.22
N ALA F 221 -32.23 -33.41 28.52
CA ALA F 221 -32.69 -32.44 29.51
C ALA F 221 -32.07 -32.75 30.85
N TYR F 222 -32.14 -31.77 31.76
CA TYR F 222 -31.64 -31.91 33.11
C TYR F 222 -32.80 -32.09 34.08
N LEU F 223 -32.50 -32.68 35.23
CA LEU F 223 -33.51 -32.93 36.26
C LEU F 223 -32.86 -32.80 37.63
N TYR F 224 -33.39 -31.91 38.46
CA TYR F 224 -32.91 -31.70 39.81
C TYR F 224 -34.01 -32.04 40.81
N LYS F 225 -33.69 -32.90 41.77
CA LYS F 225 -34.61 -33.26 42.84
C LYS F 225 -34.13 -32.59 44.12
N LEU F 226 -34.89 -31.61 44.60
CA LEU F 226 -34.43 -30.77 45.70
C LEU F 226 -34.56 -31.43 47.07
N HIS F 227 -35.32 -32.51 47.19
CA HIS F 227 -35.53 -33.19 48.46
C HIS F 227 -35.24 -34.68 48.36
N GLY F 228 -34.20 -35.04 47.62
CA GLY F 228 -33.82 -36.44 47.51
C GLY F 228 -34.81 -37.23 46.67
N SER F 229 -34.67 -38.56 46.75
CA SER F 229 -35.51 -39.48 46.00
C SER F 229 -35.82 -40.68 46.87
N LEU F 230 -36.53 -41.65 46.27
CA LEU F 230 -36.91 -42.88 46.95
C LEU F 230 -35.96 -44.03 46.67
N THR F 231 -34.91 -43.80 45.88
CA THR F 231 -33.96 -44.85 45.53
C THR F 231 -32.51 -44.44 45.80
N TRP F 232 -32.29 -43.44 46.66
CA TRP F 232 -30.95 -42.98 47.00
C TRP F 232 -30.64 -43.35 48.45
N TYR F 233 -29.49 -43.97 48.68
CA TYR F 233 -29.07 -44.33 50.02
C TYR F 233 -27.60 -43.99 50.21
N GLN F 234 -27.21 -43.80 51.47
CA GLN F 234 -25.86 -43.45 51.84
C GLN F 234 -25.29 -44.51 52.77
N ASN F 235 -24.05 -44.91 52.52
CA ASN F 235 -23.36 -45.89 53.34
C ASN F 235 -22.41 -45.26 54.36
N ASP F 236 -22.61 -43.98 54.67
CA ASP F 236 -21.84 -43.18 55.62
C ASP F 236 -20.41 -42.96 55.14
N SER F 237 -20.05 -43.42 53.95
CA SER F 237 -18.71 -43.23 53.41
C SER F 237 -18.60 -41.98 52.54
N LEU F 238 -19.42 -40.97 52.81
CA LEU F 238 -19.44 -39.71 52.04
C LEU F 238 -19.74 -39.97 50.57
N THR F 239 -20.54 -41.00 50.31
CA THR F 239 -20.95 -41.35 48.95
C THR F 239 -22.44 -41.67 48.95
N VAL F 240 -23.07 -41.48 47.80
CA VAL F 240 -24.48 -41.78 47.60
C VAL F 240 -24.63 -42.70 46.41
N ASN F 241 -25.44 -43.74 46.56
CA ASN F 241 -25.65 -44.74 45.53
C ASN F 241 -27.11 -44.74 45.08
N GLU F 242 -27.32 -45.13 43.81
CA GLU F 242 -28.65 -45.23 43.25
C GLU F 242 -28.85 -46.62 42.65
N VAL F 243 -30.03 -47.18 42.88
CA VAL F 243 -30.39 -48.50 42.42
C VAL F 243 -31.72 -48.43 41.68
N SER F 244 -32.11 -49.56 41.09
CA SER F 244 -33.37 -49.63 40.36
C SER F 244 -34.54 -49.71 41.33
N ALA F 245 -35.75 -49.76 40.77
CA ALA F 245 -36.97 -49.80 41.57
C ALA F 245 -37.22 -51.20 42.14
N SER F 246 -37.13 -52.23 41.30
CA SER F 246 -37.32 -53.60 41.77
C SER F 246 -36.26 -53.98 42.79
N GLN F 247 -35.01 -53.55 42.56
CA GLN F 247 -33.94 -53.82 43.51
C GLN F 247 -34.24 -53.18 44.86
N ALA F 248 -34.69 -51.93 44.85
CA ALA F 248 -35.00 -51.26 46.11
C ALA F 248 -36.17 -51.91 46.82
N TYR F 249 -37.20 -52.31 46.06
CA TYR F 249 -38.35 -52.97 46.67
C TYR F 249 -37.95 -54.29 47.31
N ASP F 250 -37.09 -55.06 46.64
CA ASP F 250 -36.62 -56.31 47.21
C ASP F 250 -35.68 -56.08 48.39
N GLU F 251 -34.98 -54.94 48.41
CA GLU F 251 -33.98 -54.69 49.43
C GLU F 251 -34.61 -54.19 50.74
N TYR F 252 -35.27 -53.02 50.69
CA TYR F 252 -35.70 -52.40 51.93
C TYR F 252 -37.11 -51.82 51.93
N ILE F 253 -37.69 -51.50 50.77
CA ILE F 253 -39.02 -50.89 50.77
C ILE F 253 -40.06 -51.87 51.29
N ASN F 254 -39.96 -53.14 50.88
CA ASN F 254 -40.91 -54.15 51.35
C ASN F 254 -40.83 -54.31 52.87
N ASP F 255 -39.61 -54.37 53.41
CA ASP F 255 -39.44 -54.50 54.85
C ASP F 255 -40.05 -53.32 55.59
N ILE F 256 -39.78 -52.11 55.13
CA ILE F 256 -40.30 -50.91 55.79
C ILE F 256 -41.82 -50.91 55.75
N ILE F 257 -42.40 -51.24 54.60
CA ILE F 257 -43.84 -51.16 54.44
C ILE F 257 -44.55 -52.22 55.26
N ASN F 258 -44.08 -53.46 55.22
CA ASN F 258 -44.82 -54.58 55.80
C ASN F 258 -44.31 -55.02 57.16
N LYS F 259 -43.00 -55.22 57.31
CA LYS F 259 -42.48 -55.83 58.54
C LYS F 259 -42.61 -54.90 59.74
N ASP F 260 -42.83 -53.60 59.52
CA ASP F 260 -43.08 -52.64 60.59
C ASP F 260 -41.91 -52.54 61.57
N ASP F 261 -40.69 -52.77 61.08
CA ASP F 261 -39.52 -52.62 61.92
C ASP F 261 -39.19 -51.15 62.12
N PHE F 262 -38.35 -50.88 63.13
CA PHE F 262 -37.98 -49.51 63.42
C PHE F 262 -37.21 -48.89 62.26
N TYR F 263 -37.49 -47.61 62.01
CA TYR F 263 -36.88 -46.90 60.89
C TYR F 263 -35.41 -46.58 61.19
N ARG F 264 -34.58 -46.76 60.18
CA ARG F 264 -33.17 -46.35 60.22
C ARG F 264 -32.89 -45.54 58.96
N GLY F 265 -31.61 -45.26 58.72
CA GLY F 265 -31.24 -44.51 57.54
C GLY F 265 -31.16 -45.34 56.27
N GLN F 266 -32.23 -46.07 55.95
CA GLN F 266 -32.22 -46.89 54.74
C GLN F 266 -32.14 -46.03 53.49
N HIS F 267 -32.99 -45.01 53.39
CA HIS F 267 -33.02 -44.12 52.24
C HIS F 267 -33.07 -42.67 52.74
N LEU F 268 -32.40 -41.78 52.01
CA LEU F 268 -32.28 -40.39 52.43
C LEU F 268 -33.40 -39.56 51.81
N ILE F 269 -34.16 -38.88 52.66
CA ILE F 269 -35.18 -37.94 52.25
C ILE F 269 -35.09 -36.74 53.19
N TYR F 270 -35.83 -35.68 52.86
CA TYR F 270 -35.83 -34.44 53.64
C TYR F 270 -37.25 -33.99 53.99
N PRO F 271 -37.99 -34.76 54.79
CA PRO F 271 -39.25 -34.25 55.35
C PRO F 271 -38.99 -33.47 56.64
N GLY F 272 -39.25 -32.17 56.58
CA GLY F 272 -39.04 -31.34 57.76
C GLY F 272 -38.92 -29.88 57.39
N ALA F 273 -38.86 -29.06 58.43
CA ALA F 273 -38.78 -27.61 58.27
C ALA F 273 -37.33 -27.13 58.12
N ASN F 274 -36.46 -27.53 59.05
CA ASN F 274 -35.06 -27.13 59.03
C ASN F 274 -34.27 -28.19 58.26
N LYS F 275 -33.79 -27.82 57.08
CA LYS F 275 -33.03 -28.74 56.23
C LYS F 275 -31.55 -28.77 56.57
N TYR F 276 -31.08 -27.90 57.45
CA TYR F 276 -29.67 -27.82 57.80
C TYR F 276 -29.30 -28.73 58.96
N SER F 277 -30.25 -29.50 59.50
CA SER F 277 -29.94 -30.40 60.60
C SER F 277 -28.95 -31.48 60.17
N HIS F 278 -29.12 -32.02 58.96
CA HIS F 278 -28.20 -33.02 58.43
C HIS F 278 -26.91 -32.32 58.02
N THR F 279 -25.90 -32.37 58.90
CA THR F 279 -24.67 -31.62 58.66
C THR F 279 -23.83 -32.24 57.56
N ILE F 280 -23.88 -33.56 57.40
CA ILE F 280 -23.01 -34.24 56.45
C ILE F 280 -23.67 -34.34 55.08
N GLY F 281 -24.76 -33.58 54.89
CA GLY F 281 -25.44 -33.57 53.61
C GLY F 281 -24.87 -32.56 52.65
N PHE F 282 -24.21 -33.03 51.60
CA PHE F 282 -23.59 -32.16 50.60
C PHE F 282 -24.35 -32.13 49.27
N VAL F 283 -25.46 -32.85 49.17
CA VAL F 283 -26.23 -32.85 47.93
C VAL F 283 -27.23 -31.69 47.92
N TYR F 284 -27.94 -31.49 49.02
CA TYR F 284 -28.95 -30.45 49.13
C TYR F 284 -28.36 -29.08 48.80
N GLY F 285 -27.19 -28.78 49.38
CA GLY F 285 -26.54 -27.51 49.09
C GLY F 285 -26.18 -27.36 47.63
N GLU F 286 -25.70 -28.43 47.01
CA GLU F 286 -25.33 -28.36 45.59
C GLU F 286 -26.56 -28.08 44.72
N MET F 287 -27.66 -28.79 44.97
CA MET F 287 -28.85 -28.59 44.16
C MET F 287 -29.42 -27.18 44.34
N PHE F 288 -29.44 -26.68 45.57
CA PHE F 288 -29.93 -25.33 45.77
C PHE F 288 -29.00 -24.28 45.18
N ARG F 289 -27.69 -24.54 45.18
CA ARG F 289 -26.76 -23.62 44.53
C ARG F 289 -27.01 -23.59 43.02
N ARG F 290 -27.24 -24.75 42.41
CA ARG F 290 -27.56 -24.77 40.99
C ARG F 290 -28.86 -24.04 40.69
N PHE F 291 -29.87 -24.21 41.55
CA PHE F 291 -31.13 -23.50 41.38
C PHE F 291 -30.91 -21.98 41.42
N GLY F 292 -30.19 -21.51 42.45
CA GLY F 292 -29.94 -20.09 42.57
C GLY F 292 -29.12 -19.53 41.43
N GLU F 293 -28.13 -20.30 40.95
CA GLU F 293 -27.34 -19.85 39.82
C GLU F 293 -28.16 -19.79 38.54
N PHE F 294 -29.05 -20.76 38.33
CA PHE F 294 -29.92 -20.72 37.15
C PHE F 294 -30.84 -19.52 37.19
N ILE F 295 -31.36 -19.18 38.36
CA ILE F 295 -32.30 -18.06 38.45
C ILE F 295 -31.64 -16.75 38.02
N SER F 296 -30.40 -16.52 38.44
CA SER F 296 -29.79 -15.20 38.32
C SER F 296 -29.54 -14.78 36.87
N LYS F 297 -29.34 -15.72 35.95
CA LYS F 297 -28.95 -15.38 34.59
C LYS F 297 -30.07 -14.64 33.86
N PRO F 298 -29.73 -13.74 32.95
CA PRO F 298 -30.74 -12.90 32.31
C PRO F 298 -31.52 -13.65 31.23
N GLN F 299 -32.63 -13.05 30.82
CA GLN F 299 -33.53 -13.59 29.79
C GLN F 299 -34.03 -14.97 30.19
N THR F 300 -34.77 -15.00 31.29
CA THR F 300 -35.25 -16.23 31.90
C THR F 300 -36.76 -16.17 32.11
N ALA F 301 -37.41 -17.32 31.96
CA ALA F 301 -38.82 -17.49 32.26
C ALA F 301 -39.00 -18.71 33.14
N LEU F 302 -40.01 -18.67 33.99
CA LEU F 302 -40.24 -19.74 34.96
C LEU F 302 -41.72 -19.96 35.17
N PHE F 303 -42.17 -21.21 35.02
CA PHE F 303 -43.54 -21.61 35.29
C PHE F 303 -43.60 -22.45 36.56
N ILE F 304 -44.53 -22.12 37.44
CA ILE F 304 -44.68 -22.81 38.72
C ILE F 304 -46.05 -23.46 38.76
N ASN F 305 -46.10 -24.74 39.12
CA ASN F 305 -47.36 -25.45 39.22
C ASN F 305 -47.27 -26.48 40.35
N GLY F 306 -48.36 -26.58 41.11
CA GLY F 306 -48.47 -27.57 42.16
C GLY F 306 -47.77 -27.22 43.46
N PHE F 307 -47.24 -26.01 43.59
CA PHE F 307 -46.51 -25.60 44.77
C PHE F 307 -47.45 -24.91 45.76
N GLY F 308 -47.34 -25.30 47.04
CA GLY F 308 -48.17 -24.78 48.09
C GLY F 308 -47.60 -23.61 48.87
N PHE F 309 -46.39 -23.16 48.55
CA PHE F 309 -45.75 -22.02 49.21
C PHE F 309 -45.64 -22.25 50.72
N GLY F 310 -45.27 -23.47 51.10
CA GLY F 310 -45.10 -23.80 52.50
C GLY F 310 -43.65 -23.98 52.90
N ASP F 311 -42.73 -23.50 52.08
CA ASP F 311 -41.29 -23.63 52.33
C ASP F 311 -40.68 -22.25 52.43
N TYR F 312 -39.96 -22.01 53.53
CA TYR F 312 -39.30 -20.72 53.74
C TYR F 312 -38.19 -20.49 52.70
N HIS F 313 -37.40 -21.52 52.43
CA HIS F 313 -36.22 -21.36 51.58
C HIS F 313 -36.60 -20.93 50.16
N ILE F 314 -37.55 -21.65 49.55
CA ILE F 314 -37.84 -21.43 48.14
C ILE F 314 -38.50 -20.06 47.93
N ASN F 315 -39.52 -19.74 48.74
CA ASN F 315 -40.19 -18.45 48.56
C ASN F 315 -39.39 -17.29 49.10
N ARG F 316 -38.34 -17.54 49.91
CA ARG F 316 -37.37 -16.50 50.22
C ARG F 316 -36.42 -16.26 49.06
N ILE F 317 -36.05 -17.32 48.34
CA ILE F 317 -35.18 -17.17 47.18
C ILE F 317 -35.91 -16.47 46.05
N ILE F 318 -37.19 -16.80 45.83
CA ILE F 318 -37.93 -16.25 44.70
C ILE F 318 -38.05 -14.74 44.80
N LEU F 319 -38.32 -14.22 46.00
CA LEU F 319 -38.60 -12.79 46.15
C LEU F 319 -37.41 -11.93 45.74
N GLY F 320 -36.19 -12.36 46.09
CA GLY F 320 -35.02 -11.58 45.76
C GLY F 320 -34.62 -11.59 44.30
N ALA F 321 -35.24 -12.46 43.49
CA ALA F 321 -34.89 -12.58 42.09
C ALA F 321 -35.56 -11.52 41.22
N LEU F 322 -36.51 -10.76 41.76
CA LEU F 322 -37.28 -9.81 40.96
C LEU F 322 -36.59 -8.46 40.82
N LEU F 323 -35.41 -8.29 41.41
CA LEU F 323 -34.64 -7.06 41.23
C LEU F 323 -33.84 -7.05 39.94
N ASN F 324 -33.85 -8.15 39.19
CA ASN F 324 -33.21 -8.28 37.89
C ASN F 324 -34.22 -7.97 36.80
N PRO F 325 -33.96 -6.97 35.94
CA PRO F 325 -34.93 -6.65 34.88
C PRO F 325 -34.84 -7.58 33.69
N SER F 326 -34.80 -8.89 33.94
CA SER F 326 -34.86 -9.88 32.86
C SER F 326 -35.51 -11.19 33.31
N PHE F 327 -36.21 -11.20 34.44
CA PHE F 327 -36.78 -12.41 35.02
C PHE F 327 -38.30 -12.33 34.95
N HIS F 328 -38.92 -13.33 34.33
CA HIS F 328 -40.37 -13.43 34.24
C HIS F 328 -40.84 -14.70 34.92
N VAL F 329 -41.99 -14.61 35.60
CA VAL F 329 -42.51 -15.71 36.39
C VAL F 329 -44.02 -15.81 36.18
N VAL F 330 -44.52 -17.04 36.05
CA VAL F 330 -45.94 -17.33 35.96
C VAL F 330 -46.28 -18.32 37.08
N ILE F 331 -47.28 -17.96 37.89
CA ILE F 331 -47.64 -18.73 39.08
C ILE F 331 -49.09 -19.16 38.98
N TYR F 332 -49.34 -20.44 39.26
CA TYR F 332 -50.69 -21.00 39.29
C TYR F 332 -51.09 -21.26 40.72
N TYR F 333 -52.28 -20.78 41.11
CA TYR F 333 -52.79 -20.96 42.46
C TYR F 333 -54.31 -21.09 42.36
N PRO F 334 -54.85 -22.30 42.53
CA PRO F 334 -56.29 -22.51 42.34
C PRO F 334 -57.17 -21.71 43.30
N GLU F 335 -56.95 -21.88 44.60
CA GLU F 335 -57.80 -21.25 45.61
C GLU F 335 -57.26 -19.88 46.00
N LEU F 336 -57.33 -18.95 45.05
CA LEU F 336 -56.82 -17.60 45.26
C LEU F 336 -57.87 -16.69 45.88
N LYS F 337 -59.14 -16.83 45.46
CA LYS F 337 -60.18 -15.94 45.94
C LYS F 337 -60.38 -16.07 47.45
N GLU F 338 -60.35 -17.30 47.97
CA GLU F 338 -60.51 -17.50 49.40
C GLU F 338 -59.39 -16.82 50.18
N ALA F 339 -58.15 -16.94 49.69
CA ALA F 339 -57.04 -16.29 50.36
C ALA F 339 -57.18 -14.77 50.33
N ILE F 340 -57.58 -14.22 49.18
CA ILE F 340 -57.75 -12.77 49.07
C ILE F 340 -58.82 -12.29 50.04
N THR F 341 -59.95 -13.00 50.12
CA THR F 341 -61.02 -12.60 51.02
C THR F 341 -60.59 -12.71 52.48
N LYS F 342 -59.86 -13.78 52.83
CA LYS F 342 -59.51 -14.01 54.22
C LYS F 342 -58.39 -13.11 54.72
N VAL F 343 -57.49 -12.67 53.84
CA VAL F 343 -56.44 -11.74 54.28
C VAL F 343 -57.04 -10.41 54.72
N SER F 344 -58.02 -9.89 53.97
CA SER F 344 -58.66 -8.64 54.34
C SER F 344 -59.49 -8.76 55.61
N LYS F 345 -59.83 -9.97 56.03
CA LYS F 345 -60.63 -10.18 57.24
C LYS F 345 -59.78 -10.15 58.51
N GLY F 346 -58.47 -10.05 58.39
CA GLY F 346 -57.61 -10.04 59.57
C GLY F 346 -56.33 -10.81 59.37
N GLY F 347 -56.36 -11.77 58.45
CA GLY F 347 -55.19 -12.56 58.12
C GLY F 347 -55.46 -14.05 58.24
N GLY F 348 -54.53 -14.83 57.68
CA GLY F 348 -54.61 -16.27 57.73
C GLY F 348 -53.26 -16.92 57.97
N SER F 349 -52.97 -17.99 57.24
CA SER F 349 -51.71 -18.68 57.39
C SER F 349 -50.60 -17.96 56.63
N GLU F 350 -49.35 -18.35 56.93
CA GLU F 350 -48.20 -17.73 56.28
C GLU F 350 -48.10 -18.10 54.81
N ALA F 351 -48.76 -19.19 54.38
CA ALA F 351 -48.69 -19.59 52.98
C ALA F 351 -49.46 -18.63 52.09
N GLU F 352 -50.59 -18.10 52.57
CA GLU F 352 -51.45 -17.26 51.76
C GLU F 352 -51.02 -15.80 51.73
N LYS F 353 -50.43 -15.29 52.81
CA LYS F 353 -49.94 -13.92 52.80
C LYS F 353 -48.84 -13.73 51.76
N ALA F 354 -47.99 -14.73 51.56
CA ALA F 354 -46.94 -14.64 50.55
C ALA F 354 -47.53 -14.53 49.15
N ILE F 355 -48.54 -15.35 48.84
CA ILE F 355 -49.11 -15.31 47.50
C ILE F 355 -49.93 -14.04 47.30
N VAL F 356 -50.53 -13.51 48.37
CA VAL F 356 -51.25 -12.25 48.28
C VAL F 356 -50.28 -11.10 48.02
N THR F 357 -49.13 -11.13 48.70
CA THR F 357 -48.13 -10.09 48.50
C THR F 357 -47.61 -10.08 47.07
N LEU F 358 -47.40 -11.26 46.49
CA LEU F 358 -46.89 -11.34 45.11
C LEU F 358 -47.89 -10.75 44.13
N LYS F 359 -49.19 -10.97 44.36
CA LYS F 359 -50.21 -10.49 43.44
C LYS F 359 -50.27 -8.97 43.38
N ASN F 360 -49.90 -8.28 44.45
CA ASN F 360 -50.13 -6.85 44.59
C ASN F 360 -48.95 -6.00 44.17
N MET F 361 -47.91 -6.57 43.55
CA MET F 361 -46.77 -5.78 43.15
C MET F 361 -47.12 -4.91 41.96
N ALA F 362 -46.21 -3.99 41.62
CA ALA F 362 -46.43 -3.02 40.55
C ALA F 362 -45.46 -3.19 39.39
N PHE F 363 -44.88 -4.38 39.25
CA PHE F 363 -43.99 -4.68 38.13
C PHE F 363 -44.70 -5.55 37.10
N ASN F 364 -44.46 -5.25 35.83
CA ASN F 364 -45.08 -6.05 34.76
C ASN F 364 -44.23 -7.28 34.47
N GLN F 365 -43.87 -8.03 35.51
CA GLN F 365 -43.07 -9.24 35.35
C GLN F 365 -43.59 -10.38 36.22
N VAL F 366 -44.71 -10.21 36.91
CA VAL F 366 -45.30 -11.23 37.75
C VAL F 366 -46.75 -11.44 37.32
N THR F 367 -47.12 -12.70 37.09
CA THR F 367 -48.47 -13.05 36.68
C THR F 367 -48.98 -14.18 37.56
N VAL F 368 -50.20 -14.03 38.07
CA VAL F 368 -50.83 -15.02 38.93
C VAL F 368 -52.14 -15.46 38.27
N VAL F 369 -52.34 -16.76 38.17
CA VAL F 369 -53.50 -17.35 37.52
C VAL F 369 -54.28 -18.14 38.56
N GLY F 370 -55.55 -17.81 38.73
CA GLY F 370 -56.44 -18.53 39.60
C GLY F 370 -57.58 -19.19 38.85
N GLY F 371 -58.69 -19.40 39.56
CA GLY F 371 -59.89 -19.90 38.93
C GLY F 371 -60.28 -21.31 39.32
N GLY F 372 -59.77 -21.78 40.44
CA GLY F 372 -60.14 -23.09 40.94
C GLY F 372 -59.70 -24.25 40.06
N SER F 373 -60.66 -24.89 39.40
CA SER F 373 -60.39 -26.11 38.65
C SER F 373 -59.71 -25.89 37.31
N LYS F 374 -59.69 -24.65 36.81
CA LYS F 374 -59.10 -24.37 35.50
C LYS F 374 -57.64 -23.97 35.59
N ALA F 375 -57.03 -24.04 36.78
CA ALA F 375 -55.62 -23.77 36.98
C ALA F 375 -54.89 -25.03 37.42
N TYR F 376 -55.23 -26.17 36.82
CA TYR F 376 -54.67 -27.45 37.19
C TYR F 376 -53.50 -27.80 36.27
N PHE F 377 -52.94 -28.99 36.48
CA PHE F 377 -51.81 -29.45 35.68
C PHE F 377 -52.21 -29.64 34.21
N ASN F 378 -53.38 -30.23 33.98
CA ASN F 378 -53.81 -30.50 32.60
C ASN F 378 -53.99 -29.22 31.81
N SER F 379 -54.62 -28.21 32.43
CA SER F 379 -54.80 -26.93 31.75
C SER F 379 -53.46 -26.26 31.47
N PHE F 380 -52.53 -26.35 32.42
CA PHE F 380 -51.21 -25.77 32.21
C PHE F 380 -50.50 -26.44 31.04
N VAL F 381 -50.60 -27.76 30.94
CA VAL F 381 -50.02 -28.45 29.78
C VAL F 381 -50.73 -28.04 28.50
N GLU F 382 -52.05 -27.86 28.55
CA GLU F 382 -52.79 -27.48 27.35
C GLU F 382 -52.42 -26.09 26.86
N HIS F 383 -52.06 -25.18 27.77
CA HIS F 383 -51.75 -23.81 27.37
C HIS F 383 -50.47 -23.73 26.54
N LEU F 384 -49.54 -24.65 26.73
CA LEU F 384 -48.27 -24.57 26.01
C LEU F 384 -48.50 -24.80 24.52
N PRO F 385 -47.86 -24.01 23.66
CA PRO F 385 -48.11 -24.10 22.22
C PRO F 385 -47.13 -25.03 21.51
N TYR F 386 -47.47 -25.33 20.25
CA TYR F 386 -46.63 -26.10 19.33
C TYR F 386 -45.78 -25.17 18.48
N PRO F 387 -44.62 -25.63 18.03
CA PRO F 387 -43.77 -24.79 17.17
C PRO F 387 -44.33 -24.70 15.76
N VAL F 388 -43.92 -23.63 15.06
CA VAL F 388 -44.29 -23.42 13.67
C VAL F 388 -43.05 -23.72 12.83
N LEU F 389 -43.13 -24.79 12.04
CA LEU F 389 -41.95 -25.25 11.30
C LEU F 389 -41.62 -24.33 10.14
N PHE F 390 -42.62 -23.94 9.35
CA PHE F 390 -42.41 -23.12 8.16
C PHE F 390 -43.23 -21.83 8.26
N PRO F 391 -42.58 -20.69 8.52
CA PRO F 391 -43.26 -19.39 8.62
C PRO F 391 -44.00 -19.01 7.35
N ASP F 393 -47.04 -16.46 3.10
CA ASP F 393 -46.63 -15.17 2.58
C ASP F 393 -46.97 -14.04 3.55
N ASN F 394 -48.10 -14.14 4.24
CA ASN F 394 -48.56 -13.17 5.24
C ASN F 394 -48.94 -11.85 4.60
N ILE F 395 -48.79 -11.72 3.28
CA ILE F 395 -49.23 -10.53 2.57
C ILE F 395 -50.57 -10.77 1.88
N VAL F 396 -50.83 -11.99 1.43
CA VAL F 396 -52.11 -12.33 0.81
C VAL F 396 -52.77 -13.55 1.44
N ASP F 397 -52.04 -14.36 2.21
CA ASP F 397 -52.62 -15.59 2.76
C ASP F 397 -53.82 -15.28 3.66
N GLU F 398 -53.69 -14.28 4.53
CA GLU F 398 -54.80 -13.88 5.37
C GLU F 398 -55.77 -12.93 4.67
N LEU F 399 -55.45 -12.50 3.45
CA LEU F 399 -56.33 -11.64 2.68
C LEU F 399 -57.29 -12.41 1.79
N VAL F 400 -57.14 -13.73 1.68
CA VAL F 400 -58.07 -14.53 0.89
C VAL F 400 -59.44 -14.58 1.57
N GLU F 401 -59.45 -14.68 2.90
CA GLU F 401 -60.70 -14.71 3.65
C GLU F 401 -61.42 -13.38 3.63
N ALA F 402 -60.78 -12.31 3.17
CA ALA F 402 -61.46 -11.02 3.04
C ALA F 402 -62.61 -11.10 2.06
N ILE F 403 -62.45 -11.88 0.99
CA ILE F 403 -63.55 -12.11 0.06
C ILE F 403 -64.68 -12.87 0.73
N ALA F 404 -64.33 -13.84 1.58
CA ALA F 404 -65.36 -14.65 2.24
C ALA F 404 -66.21 -13.82 3.18
N ASN F 405 -65.59 -12.93 3.96
CA ASN F 405 -66.34 -12.11 4.91
C ASN F 405 -67.01 -10.90 4.26
N LEU F 406 -66.76 -10.66 2.97
CA LEU F 406 -67.49 -9.66 2.21
C LEU F 406 -68.76 -10.22 1.58
N SER F 407 -69.27 -11.33 2.10
CA SER F 407 -70.46 -12.01 1.58
C SER F 407 -71.60 -11.92 2.59
N LYS F 408 -71.83 -10.73 3.12
CA LYS F 408 -72.89 -10.51 4.11
C LYS F 408 -74.26 -10.84 3.55
N SER G 2 9.66 -67.60 19.07
CA SER G 2 10.19 -66.97 17.87
C SER G 2 9.49 -65.64 17.61
N ILE G 3 10.26 -64.65 17.19
CA ILE G 3 9.75 -63.31 16.88
C ILE G 3 10.17 -62.99 15.45
N TYR G 4 9.27 -63.26 14.49
CA TYR G 4 9.54 -63.01 13.09
C TYR G 4 8.57 -61.96 12.56
N GLN G 5 9.07 -61.15 11.62
CA GLN G 5 8.29 -60.08 11.00
C GLN G 5 8.23 -60.35 9.51
N GLY G 6 7.24 -61.15 9.08
CA GLY G 6 7.09 -61.47 7.68
C GLY G 6 8.16 -62.38 7.13
N GLY G 7 8.83 -63.16 7.99
CA GLY G 7 9.89 -64.05 7.59
C GLY G 7 11.28 -63.58 7.96
N ASN G 8 11.43 -62.31 8.32
CA ASN G 8 12.71 -61.76 8.74
C ASN G 8 12.79 -61.67 10.25
N LYS G 9 13.97 -61.28 10.73
CA LYS G 9 14.22 -61.15 12.16
C LYS G 9 14.87 -59.81 12.44
N LEU G 10 14.38 -59.13 13.49
CA LEU G 10 14.90 -57.84 13.90
C LEU G 10 14.99 -57.81 15.42
N ASN G 11 15.81 -56.89 15.92
CA ASN G 11 15.99 -56.76 17.35
C ASN G 11 14.75 -56.14 18.01
N GLU G 12 14.79 -56.07 19.34
CA GLU G 12 13.64 -55.56 20.09
C GLU G 12 13.41 -54.08 19.82
N ASP G 13 14.47 -53.31 19.60
CA ASP G 13 14.32 -51.87 19.37
C ASP G 13 13.49 -51.58 18.13
N ASP G 14 13.71 -52.34 17.05
CA ASP G 14 12.91 -52.17 15.85
C ASP G 14 11.45 -52.49 16.12
N PHE G 15 11.18 -53.54 16.89
CA PHE G 15 9.80 -53.89 17.24
C PHE G 15 9.14 -52.76 18.03
N ARG G 16 9.85 -52.19 19.00
CA ARG G 16 9.29 -51.11 19.79
C ARG G 16 9.03 -49.87 18.94
N SER G 17 9.96 -49.54 18.04
CA SER G 17 9.74 -48.41 17.14
C SER G 17 8.54 -48.64 16.24
N HIS G 18 8.40 -49.86 15.71
CA HIS G 18 7.26 -50.17 14.84
C HIS G 18 5.95 -50.09 15.59
N VAL G 19 5.89 -50.62 16.81
CA VAL G 19 4.64 -50.57 17.56
C VAL G 19 4.33 -49.14 17.98
N TYR G 20 5.35 -48.34 18.27
CA TYR G 20 5.12 -46.93 18.58
C TYR G 20 4.56 -46.19 17.37
N SER G 21 5.11 -46.46 16.18
CA SER G 21 4.58 -45.83 14.97
C SER G 21 3.16 -46.28 14.69
N LEU G 22 2.86 -47.56 14.91
CA LEU G 22 1.50 -48.05 14.73
C LEU G 22 0.54 -47.39 15.70
N CYS G 23 0.95 -47.21 16.95
CA CYS G 23 0.10 -46.59 17.95
C CYS G 23 -0.16 -45.11 17.67
N GLN G 24 0.57 -44.51 16.74
CA GLN G 24 0.38 -43.10 16.37
C GLN G 24 -0.41 -42.95 15.09
N LEU G 25 -1.35 -43.86 14.82
CA LEU G 25 -2.20 -43.79 13.65
C LEU G 25 -3.47 -43.01 13.97
N ASP G 26 -4.43 -43.05 13.04
CA ASP G 26 -5.71 -42.37 13.21
C ASP G 26 -6.75 -43.25 13.91
N ASN G 27 -6.85 -44.50 13.50
CA ASN G 27 -7.81 -45.44 14.07
C ASN G 27 -7.07 -46.64 14.64
N VAL G 28 -7.46 -47.07 15.83
CA VAL G 28 -6.86 -48.21 16.51
C VAL G 28 -7.97 -49.11 17.02
N GLY G 29 -7.68 -50.39 17.15
CA GLY G 29 -8.64 -51.34 17.66
C GLY G 29 -7.94 -52.52 18.31
N VAL G 30 -8.59 -53.09 19.32
CA VAL G 30 -8.07 -54.22 20.07
C VAL G 30 -9.10 -55.33 20.07
N LEU G 31 -8.69 -56.53 19.67
CA LEU G 31 -9.56 -57.69 19.61
C LEU G 31 -9.07 -58.72 20.62
N LEU G 32 -9.99 -59.24 21.43
CA LEU G 32 -9.70 -60.24 22.43
C LEU G 32 -10.59 -61.46 22.24
N GLY G 33 -10.06 -62.62 22.61
CA GLY G 33 -10.80 -63.86 22.51
C GLY G 33 -11.11 -64.46 23.86
N ALA G 34 -11.54 -65.72 23.89
CA ALA G 34 -11.86 -66.38 25.15
C ALA G 34 -10.62 -66.76 25.95
N GLY G 35 -9.43 -66.71 25.35
CA GLY G 35 -8.21 -67.04 26.06
C GLY G 35 -7.66 -65.93 26.94
N ALA G 36 -8.25 -64.74 26.87
CA ALA G 36 -7.79 -63.61 27.67
C ALA G 36 -8.30 -63.64 29.10
N SER G 37 -9.30 -64.46 29.40
CA SER G 37 -9.92 -64.46 30.72
C SER G 37 -9.20 -65.35 31.72
N VAL G 38 -8.23 -66.16 31.28
CA VAL G 38 -7.56 -67.09 32.18
C VAL G 38 -6.64 -66.39 33.18
N GLY G 39 -6.41 -65.10 33.03
CA GLY G 39 -5.53 -64.38 33.94
C GLY G 39 -6.14 -64.09 35.30
N CYS G 40 -7.44 -64.33 35.48
CA CYS G 40 -8.09 -64.08 36.76
C CYS G 40 -9.08 -65.17 37.14
N GLY G 41 -9.03 -66.33 36.48
CA GLY G 41 -9.95 -67.41 36.79
C GLY G 41 -10.80 -67.86 35.63
N GLY G 42 -10.31 -67.63 34.41
CA GLY G 42 -11.02 -68.07 33.22
C GLY G 42 -10.69 -69.51 32.84
N LYS G 43 -11.52 -70.06 31.96
CA LYS G 43 -11.38 -71.43 31.51
C LYS G 43 -11.54 -71.48 30.00
N THR G 44 -10.94 -72.50 29.39
CA THR G 44 -10.96 -72.69 27.95
C THR G 44 -11.92 -73.80 27.58
N MET G 45 -12.10 -73.98 26.26
CA MET G 45 -13.01 -75.00 25.76
C MET G 45 -12.53 -76.41 26.14
N LYS G 46 -11.22 -76.63 26.09
CA LYS G 46 -10.68 -77.96 26.39
C LYS G 46 -11.05 -78.41 27.80
N ASP G 47 -10.84 -77.54 28.79
CA ASP G 47 -11.07 -77.92 30.17
C ASP G 47 -12.54 -78.22 30.44
N VAL G 48 -13.44 -77.36 29.93
CA VAL G 48 -14.86 -77.57 30.18
C VAL G 48 -15.34 -78.82 29.45
N TRP G 49 -14.84 -79.07 28.24
CA TRP G 49 -15.23 -80.29 27.54
C TRP G 49 -14.75 -81.53 28.27
N LYS G 50 -13.52 -81.51 28.79
CA LYS G 50 -13.02 -82.65 29.55
C LYS G 50 -13.85 -82.87 30.81
N SER G 51 -14.19 -81.79 31.51
CA SER G 51 -15.01 -81.93 32.71
C SER G 51 -16.39 -82.49 32.39
N PHE G 52 -17.01 -82.01 31.31
CA PHE G 52 -18.31 -82.53 30.93
C PHE G 52 -18.22 -84.00 30.53
N LYS G 53 -17.14 -84.39 29.84
CA LYS G 53 -16.96 -85.78 29.46
C LYS G 53 -16.80 -86.67 30.69
N GLN G 54 -16.03 -86.22 31.68
CA GLN G 54 -15.78 -87.04 32.85
C GLN G 54 -16.88 -86.97 33.90
N ASN G 55 -17.83 -86.03 33.78
CA ASN G 55 -18.91 -85.90 34.74
C ASN G 55 -20.22 -86.51 34.26
N TYR G 56 -20.51 -86.46 32.96
CA TYR G 56 -21.75 -87.00 32.40
C TYR G 56 -21.43 -87.91 31.22
N PRO G 57 -20.87 -89.09 31.47
CA PRO G 57 -20.55 -90.01 30.38
C PRO G 57 -21.73 -90.86 29.92
N GLU G 58 -22.85 -90.86 30.65
CA GLU G 58 -23.95 -91.74 30.30
C GLU G 58 -24.69 -91.26 29.05
N LEU G 59 -24.79 -89.94 28.87
CA LEU G 59 -25.55 -89.38 27.76
C LEU G 59 -24.69 -89.00 26.56
N LEU G 60 -23.37 -89.22 26.63
CA LEU G 60 -22.52 -88.92 25.49
C LEU G 60 -22.68 -89.97 24.39
N GLY G 61 -22.89 -91.22 24.78
CA GLY G 61 -23.09 -92.27 23.78
C GLY G 61 -24.39 -92.09 23.01
N ALA G 62 -25.44 -91.66 23.70
CA ALA G 62 -26.71 -91.40 23.02
C ALA G 62 -26.58 -90.24 22.03
N LEU G 63 -25.83 -89.21 22.40
CA LEU G 63 -25.62 -88.07 21.51
C LEU G 63 -24.89 -88.47 20.22
N ILE G 64 -24.09 -89.54 20.26
CA ILE G 64 -23.37 -89.99 19.09
C ILE G 64 -24.14 -91.03 18.29
N ASP G 65 -24.75 -92.03 18.94
CA ASP G 65 -25.43 -93.09 18.21
C ASP G 65 -26.74 -92.64 17.57
N LYS G 66 -27.56 -91.88 18.31
CA LYS G 66 -28.88 -91.52 17.83
C LYS G 66 -28.91 -90.18 17.12
N TYR G 67 -28.19 -89.19 17.62
CA TYR G 67 -28.29 -87.83 17.11
C TYR G 67 -27.14 -87.43 16.20
N LEU G 68 -25.96 -88.04 16.35
CA LEU G 68 -24.79 -87.75 15.51
C LEU G 68 -24.39 -86.28 15.58
N LEU G 69 -24.01 -85.86 16.79
CA LEU G 69 -23.58 -84.48 17.01
C LEU G 69 -22.09 -84.32 17.32
N VAL G 70 -21.44 -85.35 17.86
CA VAL G 70 -20.06 -85.26 18.30
C VAL G 70 -19.19 -86.17 17.45
N SER G 71 -18.12 -85.62 16.91
CA SER G 71 -17.14 -86.40 16.16
C SER G 71 -16.28 -87.21 17.14
N GLN G 72 -16.19 -88.52 16.89
CA GLN G 72 -15.48 -89.39 17.82
C GLN G 72 -13.99 -89.05 17.88
N ILE G 73 -13.37 -88.85 16.73
CA ILE G 73 -11.96 -88.50 16.69
C ILE G 73 -11.73 -87.16 17.37
N ASP G 74 -12.59 -86.18 17.08
CA ASP G 74 -12.47 -84.87 17.73
C ASP G 74 -12.73 -84.97 19.22
N SER G 75 -13.70 -85.79 19.63
CA SER G 75 -13.98 -85.96 21.04
C SER G 75 -12.79 -86.55 21.79
N ASP G 76 -12.15 -87.56 21.19
CA ASP G 76 -10.96 -88.14 21.82
C ASP G 76 -9.80 -87.15 21.81
N ASN G 77 -9.67 -86.36 20.74
CA ASN G 77 -8.63 -85.35 20.67
C ASN G 77 -9.02 -84.03 21.31
N ASN G 78 -10.25 -83.93 21.85
CA ASN G 78 -10.76 -82.69 22.45
C ASN G 78 -10.71 -81.54 21.45
N LEU G 79 -11.33 -81.77 20.29
CA LEU G 79 -11.36 -80.83 19.18
C LEU G 79 -12.79 -80.60 18.71
N VAL G 80 -13.69 -80.35 19.65
CA VAL G 80 -15.11 -80.18 19.37
C VAL G 80 -15.54 -78.80 19.85
N ASN G 81 -16.41 -78.16 19.07
CA ASN G 81 -16.95 -76.85 19.41
C ASN G 81 -18.31 -77.02 20.07
N VAL G 82 -18.50 -76.37 21.21
CA VAL G 82 -19.76 -76.47 21.94
C VAL G 82 -20.74 -75.37 21.58
N GLU G 83 -20.26 -74.23 21.08
CA GLU G 83 -21.16 -73.14 20.72
C GLU G 83 -22.11 -73.54 19.61
N LEU G 84 -21.60 -74.24 18.59
CA LEU G 84 -22.49 -74.75 17.54
C LEU G 84 -23.36 -75.87 18.07
N LEU G 85 -22.84 -76.68 18.99
CA LEU G 85 -23.61 -77.78 19.56
C LEU G 85 -24.84 -77.28 20.28
N ILE G 86 -24.71 -76.20 21.05
CA ILE G 86 -25.86 -75.65 21.76
C ILE G 86 -26.91 -75.15 20.79
N ASP G 87 -26.49 -74.46 19.72
CA ASP G 87 -27.43 -73.94 18.74
C ASP G 87 -28.17 -75.08 18.05
N GLU G 88 -27.46 -76.13 17.65
CA GLU G 88 -28.13 -77.26 17.00
C GLU G 88 -29.02 -78.01 17.97
N ALA G 89 -28.65 -78.08 19.25
CA ALA G 89 -29.52 -78.70 20.24
C ALA G 89 -30.82 -77.91 20.40
N THR G 90 -30.72 -76.57 20.41
CA THR G 90 -31.92 -75.75 20.48
C THR G 90 -32.79 -75.95 19.24
N LYS G 91 -32.17 -76.04 18.07
CA LYS G 91 -32.92 -76.31 16.84
C LYS G 91 -33.65 -77.64 16.93
N PHE G 92 -32.95 -78.68 17.42
CA PHE G 92 -33.56 -80.00 17.55
C PHE G 92 -34.73 -79.97 18.53
N LEU G 93 -34.56 -79.27 19.65
CA LEU G 93 -35.64 -79.17 20.62
C LEU G 93 -36.86 -78.47 20.03
N SER G 94 -36.62 -77.39 19.28
CA SER G 94 -37.72 -76.68 18.66
C SER G 94 -38.45 -77.55 17.65
N VAL G 95 -37.69 -78.31 16.84
CA VAL G 95 -38.31 -79.19 15.85
C VAL G 95 -39.13 -80.28 16.54
N ALA G 96 -38.58 -80.86 17.61
CA ALA G 96 -39.31 -81.90 18.34
C ALA G 96 -40.58 -81.35 18.96
N LYS G 97 -40.51 -80.15 19.53
CA LYS G 97 -41.70 -79.54 20.14
C LYS G 97 -42.76 -79.25 19.08
N THR G 98 -42.34 -78.75 17.92
CA THR G 98 -43.30 -78.47 16.85
C THR G 98 -43.93 -79.75 16.34
N ARG G 99 -43.14 -80.82 16.19
CA ARG G 99 -43.66 -82.09 15.70
C ARG G 99 -44.56 -82.78 16.72
N ARG G 100 -44.56 -82.31 17.97
CA ARG G 100 -45.36 -82.89 19.05
C ARG G 100 -44.96 -84.34 19.32
N CYS G 101 -43.65 -84.57 19.48
CA CYS G 101 -43.11 -85.87 19.86
C CYS G 101 -42.91 -85.86 21.37
N GLU G 102 -43.91 -86.37 22.09
CA GLU G 102 -43.93 -86.24 23.55
C GLU G 102 -42.76 -86.97 24.19
N ASP G 103 -42.44 -88.17 23.69
CA ASP G 103 -41.36 -88.95 24.28
C ASP G 103 -40.01 -88.27 24.13
N GLU G 104 -39.75 -87.70 22.95
CA GLU G 104 -38.44 -87.12 22.67
C GLU G 104 -38.29 -85.71 23.24
N GLU G 105 -39.40 -85.05 23.60
CA GLU G 105 -39.33 -83.66 24.04
C GLU G 105 -38.52 -83.52 25.33
N GLU G 106 -38.72 -84.43 26.28
CA GLU G 106 -38.04 -84.32 27.57
C GLU G 106 -36.57 -84.73 27.52
N GLU G 107 -36.12 -85.30 26.41
CA GLU G 107 -34.74 -85.81 26.34
C GLU G 107 -33.75 -84.66 26.28
N PHE G 108 -34.02 -83.64 25.45
CA PHE G 108 -33.05 -82.58 25.23
C PHE G 108 -32.93 -81.63 26.42
N ARG G 109 -33.93 -81.61 27.31
CA ARG G 109 -33.84 -80.76 28.49
C ARG G 109 -32.64 -81.12 29.34
N LYS G 110 -32.38 -82.41 29.53
CA LYS G 110 -31.25 -82.83 30.36
C LYS G 110 -29.93 -82.36 29.77
N ILE G 111 -29.73 -82.56 28.46
CA ILE G 111 -28.45 -82.19 27.86
C ILE G 111 -28.29 -80.67 27.86
N LEU G 112 -29.35 -79.92 27.57
CA LEU G 112 -29.24 -78.47 27.61
C LEU G 112 -28.95 -77.96 29.01
N SER G 113 -29.62 -78.52 30.02
CA SER G 113 -29.38 -78.10 31.39
C SER G 113 -27.96 -78.40 31.82
N SER G 114 -27.46 -79.59 31.48
CA SER G 114 -26.09 -79.95 31.83
C SER G 114 -25.09 -79.04 31.14
N LEU G 115 -25.30 -78.76 29.85
CA LEU G 115 -24.38 -77.90 29.12
C LEU G 115 -24.36 -76.50 29.69
N TYR G 116 -25.54 -75.96 30.02
CA TYR G 116 -25.59 -74.60 30.57
C TYR G 116 -25.01 -74.55 31.97
N LYS G 117 -25.20 -75.61 32.77
CA LYS G 117 -24.57 -75.68 34.08
C LYS G 117 -23.06 -75.68 33.96
N GLU G 118 -22.52 -76.45 33.03
CA GLU G 118 -21.07 -76.50 32.85
C GLU G 118 -20.54 -75.17 32.32
N VAL G 119 -21.30 -74.50 31.45
CA VAL G 119 -20.81 -73.26 30.84
C VAL G 119 -20.74 -72.14 31.87
N THR G 120 -21.79 -71.97 32.66
CA THR G 120 -21.89 -70.80 33.54
C THR G 120 -20.97 -70.89 34.75
N LYS G 121 -20.44 -72.08 35.05
CA LYS G 121 -19.57 -72.23 36.21
C LYS G 121 -18.22 -71.56 36.01
N ALA G 122 -17.83 -71.28 34.77
CA ALA G 122 -16.51 -70.74 34.45
C ALA G 122 -16.59 -69.31 33.92
N ALA G 123 -17.55 -68.53 34.41
CA ALA G 123 -17.69 -67.15 33.96
C ALA G 123 -17.94 -66.16 35.08
N LEU G 124 -18.09 -66.60 36.33
CA LEU G 124 -18.36 -65.67 37.41
C LEU G 124 -17.11 -64.89 37.81
N LEU G 125 -15.95 -65.54 37.79
CA LEU G 125 -14.64 -64.92 38.03
C LEU G 125 -14.44 -64.52 39.48
N THR G 126 -15.49 -64.64 40.30
CA THR G 126 -15.37 -64.32 41.71
C THR G 126 -16.17 -65.28 42.61
N GLY G 127 -16.85 -66.27 42.04
CA GLY G 127 -17.59 -67.21 42.85
C GLY G 127 -18.74 -66.56 43.58
N GLU G 128 -18.85 -66.85 44.87
CA GLU G 128 -19.97 -66.37 45.67
C GLU G 128 -19.91 -64.87 45.93
N GLN G 129 -18.75 -64.25 45.76
CA GLN G 129 -18.61 -62.81 45.93
C GLN G 129 -18.96 -62.02 44.68
N PHE G 130 -19.74 -62.62 43.77
CA PHE G 130 -20.10 -61.95 42.52
C PHE G 130 -21.12 -60.84 42.72
N ARG G 131 -21.83 -60.81 43.84
CA ARG G 131 -22.91 -59.87 44.06
C ARG G 131 -22.52 -58.74 45.02
N GLU G 132 -21.23 -58.46 45.13
CA GLU G 132 -20.72 -57.39 45.98
C GLU G 132 -20.51 -56.12 45.14
N LYS G 133 -19.94 -55.09 45.78
CA LYS G 133 -19.68 -53.82 45.12
C LYS G 133 -18.18 -53.55 45.07
N ASN G 134 -17.80 -52.68 44.13
CA ASN G 134 -16.42 -52.24 43.96
C ASN G 134 -15.47 -53.43 43.75
N GLN G 135 -15.93 -54.41 42.99
CA GLN G 135 -15.12 -55.61 42.75
C GLN G 135 -13.96 -55.33 41.80
N GLY G 136 -13.98 -54.20 41.10
CA GLY G 136 -12.85 -53.84 40.25
C GLY G 136 -11.65 -53.32 41.01
N LYS G 137 -11.79 -53.11 42.32
CA LYS G 137 -10.71 -52.61 43.15
C LYS G 137 -9.70 -53.69 43.53
N LYS G 138 -10.03 -54.96 43.31
CA LYS G 138 -9.14 -56.06 43.66
C LYS G 138 -7.91 -56.07 42.76
N ASP G 139 -6.84 -56.68 43.26
CA ASP G 139 -5.57 -56.70 42.53
C ASP G 139 -5.63 -57.59 41.30
N ALA G 140 -6.62 -58.48 41.20
CA ALA G 140 -6.72 -59.34 40.02
C ALA G 140 -6.97 -58.50 38.76
N PHE G 141 -7.86 -57.52 38.85
CA PHE G 141 -8.17 -56.65 37.71
C PHE G 141 -7.28 -55.41 37.71
N LYS G 142 -5.96 -55.61 37.69
CA LYS G 142 -5.00 -54.52 37.75
C LYS G 142 -4.49 -54.12 36.38
N TYR G 143 -4.10 -55.09 35.54
CA TYR G 143 -3.57 -54.77 34.23
C TYR G 143 -4.65 -54.31 33.26
N HIS G 144 -5.90 -54.69 33.51
CA HIS G 144 -6.99 -54.17 32.68
C HIS G 144 -7.10 -52.66 32.82
N LYS G 145 -6.96 -52.16 34.06
CA LYS G 145 -6.95 -50.72 34.28
C LYS G 145 -5.83 -50.05 33.51
N GLU G 146 -4.63 -50.63 33.55
CA GLU G 146 -3.50 -50.07 32.81
C GLU G 146 -3.79 -50.03 31.32
N LEU G 147 -4.32 -51.13 30.78
CA LEU G 147 -4.60 -51.21 29.35
C LEU G 147 -5.60 -50.14 28.93
N ILE G 148 -6.72 -50.05 29.64
CA ILE G 148 -7.76 -49.08 29.28
C ILE G 148 -7.24 -47.66 29.43
N SER G 149 -6.55 -47.37 30.55
CA SER G 149 -6.06 -46.02 30.79
C SER G 149 -5.06 -45.59 29.73
N LYS G 150 -4.10 -46.45 29.38
CA LYS G 150 -3.14 -46.09 28.36
C LYS G 150 -3.76 -46.01 26.97
N LEU G 151 -4.72 -46.89 26.64
CA LEU G 151 -5.38 -46.80 25.34
C LEU G 151 -6.13 -45.48 25.20
N ILE G 152 -6.79 -45.04 26.27
CA ILE G 152 -7.46 -43.75 26.23
C ILE G 152 -6.43 -42.61 26.17
N SER G 153 -5.31 -42.76 26.89
CA SER G 153 -4.33 -41.68 26.98
C SER G 153 -3.59 -41.46 25.67
N ASN G 154 -3.39 -42.52 24.87
CA ASN G 154 -2.64 -42.35 23.62
C ASN G 154 -3.38 -41.43 22.65
N ARG G 155 -4.71 -41.48 22.63
CA ARG G 155 -5.47 -40.74 21.63
C ARG G 155 -5.28 -39.23 21.80
N GLN G 156 -5.01 -38.57 20.68
CA GLN G 156 -4.77 -37.13 20.60
C GLN G 156 -6.08 -36.37 20.51
N PRO G 157 -6.09 -35.10 20.91
CA PRO G 157 -7.31 -34.31 20.80
C PRO G 157 -7.77 -34.16 19.36
N GLY G 158 -9.09 -34.11 19.17
CA GLY G 158 -9.67 -33.94 17.86
C GLY G 158 -9.81 -35.20 17.03
N GLN G 159 -9.41 -36.35 17.56
CA GLN G 159 -9.46 -37.62 16.85
C GLN G 159 -10.55 -38.50 17.46
N SER G 160 -10.62 -39.74 16.96
CA SER G 160 -11.64 -40.68 17.39
C SER G 160 -11.30 -41.25 18.76
N ALA G 161 -12.10 -42.21 19.19
CA ALA G 161 -11.93 -42.89 20.47
C ALA G 161 -11.54 -44.35 20.27
N PRO G 162 -10.81 -44.94 21.21
CA PRO G 162 -10.40 -46.34 21.04
C PRO G 162 -11.59 -47.29 21.08
N ALA G 163 -11.45 -48.41 20.37
CA ALA G 163 -12.47 -49.44 20.31
C ALA G 163 -11.91 -50.74 20.89
N ILE G 164 -12.82 -51.57 21.41
CA ILE G 164 -12.45 -52.83 22.05
C ILE G 164 -13.41 -53.91 21.55
N PHE G 165 -12.87 -54.98 21.00
CA PHE G 165 -13.66 -56.14 20.60
C PHE G 165 -13.29 -57.34 21.48
N THR G 166 -14.31 -57.95 22.08
CA THR G 166 -14.09 -59.10 22.94
C THR G 166 -15.10 -60.18 22.59
N THR G 167 -14.66 -61.44 22.69
CA THR G 167 -15.52 -62.60 22.50
C THR G 167 -16.02 -63.18 23.82
N ASN G 168 -15.36 -62.86 24.93
CA ASN G 168 -15.80 -63.34 26.23
C ASN G 168 -17.17 -62.75 26.59
N TYR G 169 -17.94 -63.53 27.34
CA TYR G 169 -19.26 -63.09 27.80
C TYR G 169 -19.29 -62.98 29.31
N ASP G 170 -18.22 -62.46 29.90
CA ASP G 170 -18.12 -62.28 31.35
C ASP G 170 -17.95 -60.80 31.67
N LEU G 171 -18.46 -60.40 32.84
CA LEU G 171 -18.39 -59.00 33.26
C LEU G 171 -16.98 -58.66 33.75
N ALA G 172 -16.04 -58.51 32.82
CA ALA G 172 -14.65 -58.24 33.17
C ALA G 172 -14.29 -56.77 33.01
N LEU G 173 -14.47 -56.22 31.80
CA LEU G 173 -14.05 -54.85 31.52
C LEU G 173 -14.93 -53.81 32.17
N GLU G 174 -16.20 -54.13 32.46
CA GLU G 174 -17.11 -53.15 33.05
C GLU G 174 -16.66 -52.72 34.44
N TRP G 175 -16.21 -53.67 35.26
CA TRP G 175 -15.73 -53.31 36.60
C TRP G 175 -14.53 -52.39 36.52
N ALA G 176 -13.57 -52.70 35.64
CA ALA G 176 -12.39 -51.86 35.50
C ALA G 176 -12.76 -50.47 35.01
N ALA G 177 -13.65 -50.39 34.03
CA ALA G 177 -14.07 -49.09 33.51
C ALA G 177 -14.77 -48.27 34.58
N GLU G 178 -15.66 -48.91 35.35
CA GLU G 178 -16.40 -48.19 36.39
C GLU G 178 -15.47 -47.69 37.48
N ASP G 179 -14.59 -48.56 37.99
CA ASP G 179 -13.72 -48.16 39.08
C ASP G 179 -12.67 -47.16 38.63
N LEU G 180 -12.27 -47.21 37.36
CA LEU G 180 -11.34 -46.20 36.85
C LEU G 180 -11.97 -44.82 36.85
N GLY G 181 -13.25 -44.74 36.51
CA GLY G 181 -13.94 -43.46 36.46
C GLY G 181 -14.14 -42.96 35.04
N ILE G 182 -14.31 -43.88 34.11
CA ILE G 182 -14.50 -43.56 32.70
C ILE G 182 -15.77 -44.24 32.21
N GLN G 183 -16.61 -43.48 31.50
CA GLN G 183 -17.86 -44.00 30.97
C GLN G 183 -17.62 -44.72 29.66
N LEU G 184 -18.35 -45.81 29.44
CA LEU G 184 -18.28 -46.59 28.22
C LEU G 184 -19.67 -46.72 27.62
N PHE G 185 -19.74 -46.68 26.29
CA PHE G 185 -21.00 -46.78 25.56
C PHE G 185 -21.10 -48.16 24.93
N ASN G 186 -22.24 -48.82 25.13
CA ASN G 186 -22.46 -50.15 24.59
C ASN G 186 -23.85 -50.30 23.98
N GLY G 187 -24.42 -49.21 23.49
CA GLY G 187 -25.70 -49.27 22.82
C GLY G 187 -26.89 -49.51 23.72
N PHE G 188 -26.77 -49.22 25.02
CA PHE G 188 -27.86 -49.37 25.97
C PHE G 188 -28.05 -48.06 26.72
N SER G 189 -29.29 -47.73 27.04
CA SER G 189 -29.61 -46.50 27.72
C SER G 189 -30.75 -46.72 28.70
N GLY G 190 -30.80 -45.90 29.74
CA GLY G 190 -31.81 -45.99 30.77
C GLY G 190 -31.31 -46.71 32.01
N LEU G 191 -32.10 -46.59 33.08
CA LEU G 191 -31.82 -47.29 34.32
C LEU G 191 -32.94 -48.25 34.72
N HIS G 192 -34.18 -47.77 34.76
CA HIS G 192 -35.28 -48.62 35.21
C HIS G 192 -35.69 -49.65 34.17
N THR G 193 -35.50 -49.35 32.88
CA THR G 193 -35.83 -50.28 31.80
C THR G 193 -34.86 -50.00 30.66
N ARG G 194 -33.81 -50.81 30.55
CA ARG G 194 -32.80 -50.63 29.52
C ARG G 194 -33.20 -51.34 28.23
N GLN G 195 -32.97 -50.67 27.11
CA GLN G 195 -33.29 -51.22 25.80
C GLN G 195 -32.10 -51.02 24.86
N PHE G 196 -32.11 -51.73 23.75
CA PHE G 196 -31.01 -51.74 22.80
C PHE G 196 -31.33 -50.79 21.65
N TYR G 197 -30.60 -49.68 21.58
CA TYR G 197 -30.73 -48.72 20.48
C TYR G 197 -29.44 -48.70 19.68
N PRO G 198 -29.43 -49.29 18.48
CA PRO G 198 -28.15 -49.40 17.74
C PRO G 198 -27.51 -48.07 17.40
N GLN G 199 -28.30 -47.02 17.22
CA GLN G 199 -27.77 -45.74 16.75
C GLN G 199 -27.00 -44.96 17.80
N ASN G 200 -26.67 -45.58 18.93
CA ASN G 200 -25.95 -44.87 19.99
C ASN G 200 -24.43 -44.86 19.79
N PHE G 201 -23.92 -45.55 18.77
CA PHE G 201 -22.49 -45.68 18.57
C PHE G 201 -21.86 -44.47 17.87
N ASP G 202 -22.56 -43.34 17.81
CA ASP G 202 -21.99 -42.14 17.20
C ASP G 202 -22.20 -40.89 18.08
N LEU G 203 -22.32 -41.05 19.39
CA LEU G 203 -22.48 -39.93 20.29
C LEU G 203 -21.13 -39.50 20.84
N ALA G 204 -21.12 -38.33 21.49
CA ALA G 204 -19.90 -37.78 22.05
C ALA G 204 -20.26 -36.81 23.17
N PHE G 205 -19.25 -36.47 23.96
CA PHE G 205 -19.41 -35.52 25.05
C PHE G 205 -18.60 -34.26 24.77
N ARG G 206 -19.05 -33.15 25.35
CA ARG G 206 -18.37 -31.87 25.23
C ARG G 206 -18.82 -30.97 26.35
N ASN G 207 -17.86 -30.33 27.02
CA ASN G 207 -18.17 -29.42 28.12
C ASN G 207 -18.72 -28.12 27.56
N VAL G 208 -19.84 -27.66 28.12
CA VAL G 208 -20.45 -26.43 27.65
C VAL G 208 -19.57 -25.22 27.96
N ASN G 209 -18.86 -25.27 29.09
CA ASN G 209 -17.98 -24.17 29.49
C ASN G 209 -16.67 -24.22 28.71
N HIS G 218 -12.87 -36.32 30.17
CA HIS G 218 -14.28 -36.35 29.78
C HIS G 218 -14.44 -37.07 28.45
N TYR G 219 -13.93 -38.30 28.39
CA TYR G 219 -13.95 -39.09 27.17
C TYR G 219 -14.67 -40.42 27.43
N HIS G 220 -14.64 -41.30 26.43
CA HIS G 220 -15.36 -42.56 26.50
C HIS G 220 -14.75 -43.54 25.52
N ALA G 221 -15.25 -44.77 25.55
CA ALA G 221 -14.77 -45.84 24.68
C ALA G 221 -15.93 -46.74 24.31
N TYR G 222 -15.74 -47.50 23.24
CA TYR G 222 -16.77 -48.38 22.71
C TYR G 222 -16.40 -49.83 22.95
N LEU G 223 -17.41 -50.64 23.29
CA LEU G 223 -17.23 -52.06 23.56
C LEU G 223 -18.25 -52.86 22.77
N TYR G 224 -17.80 -53.95 22.15
CA TYR G 224 -18.65 -54.82 21.34
C TYR G 224 -18.57 -56.23 21.88
N LYS G 225 -19.67 -56.73 22.43
CA LYS G 225 -19.77 -58.10 22.90
C LYS G 225 -20.30 -58.95 21.74
N LEU G 226 -19.41 -59.75 21.14
CA LEU G 226 -19.80 -60.51 19.95
C LEU G 226 -20.84 -61.57 20.28
N HIS G 227 -20.69 -62.27 21.41
CA HIS G 227 -21.55 -63.40 21.73
C HIS G 227 -22.47 -63.13 22.92
N GLY G 228 -22.66 -61.88 23.30
CA GLY G 228 -23.56 -61.54 24.37
C GLY G 228 -22.87 -61.46 25.72
N SER G 229 -23.67 -61.62 26.77
CA SER G 229 -23.17 -61.54 28.14
C SER G 229 -24.13 -62.30 29.05
N LEU G 230 -23.75 -62.41 30.32
CA LEU G 230 -24.56 -63.08 31.32
C LEU G 230 -25.78 -62.27 31.75
N THR G 231 -25.80 -60.97 31.48
CA THR G 231 -26.87 -60.08 31.91
C THR G 231 -27.93 -59.86 30.84
N TRP G 232 -27.53 -59.81 29.57
CA TRP G 232 -28.49 -59.57 28.50
C TRP G 232 -29.44 -60.75 28.37
N TYR G 233 -30.74 -60.46 28.44
CA TYR G 233 -31.74 -61.52 28.35
C TYR G 233 -33.02 -60.95 27.73
N GLN G 234 -33.75 -61.82 27.06
CA GLN G 234 -34.99 -61.45 26.37
C GLN G 234 -36.16 -61.95 27.22
N ASN G 235 -36.98 -61.01 27.72
CA ASN G 235 -38.05 -61.34 28.63
C ASN G 235 -39.26 -61.89 27.85
N ASP G 236 -40.41 -61.97 28.52
CA ASP G 236 -41.61 -62.47 27.88
C ASP G 236 -41.98 -61.61 26.67
N SER G 237 -41.91 -60.29 26.82
CA SER G 237 -42.14 -59.40 25.70
C SER G 237 -41.04 -59.55 24.66
N LEU G 238 -41.37 -59.24 23.41
CA LEU G 238 -40.42 -59.38 22.32
C LEU G 238 -39.46 -58.20 22.28
N THR G 239 -38.75 -57.97 23.38
CA THR G 239 -37.77 -56.89 23.47
C THR G 239 -36.54 -57.42 24.18
N VAL G 240 -35.43 -56.71 24.00
CA VAL G 240 -34.16 -57.05 24.63
C VAL G 240 -33.92 -56.10 25.79
N ASN G 241 -33.54 -56.67 26.95
CA ASN G 241 -33.33 -55.86 28.15
C ASN G 241 -31.94 -56.05 28.71
N GLU G 242 -31.69 -55.45 29.88
CA GLU G 242 -30.41 -55.57 30.57
C GLU G 242 -30.65 -55.35 32.05
N VAL G 243 -29.95 -56.13 32.88
CA VAL G 243 -30.09 -56.06 34.32
C VAL G 243 -28.71 -55.99 34.96
N SER G 244 -28.68 -55.61 36.23
CA SER G 244 -27.45 -55.56 37.00
C SER G 244 -27.07 -56.96 37.49
N ALA G 245 -25.86 -57.07 38.02
CA ALA G 245 -25.36 -58.37 38.46
C ALA G 245 -26.21 -58.94 39.58
N SER G 246 -26.57 -58.11 40.57
CA SER G 246 -27.34 -58.59 41.70
C SER G 246 -28.73 -59.06 41.28
N GLN G 247 -29.38 -58.29 40.41
CA GLN G 247 -30.72 -58.67 39.97
C GLN G 247 -30.70 -59.96 39.17
N ALA G 248 -29.72 -60.11 38.27
CA ALA G 248 -29.62 -61.35 37.50
C ALA G 248 -29.32 -62.54 38.41
N TYR G 249 -28.44 -62.36 39.39
CA TYR G 249 -28.13 -63.43 40.33
C TYR G 249 -29.36 -63.84 41.11
N ASP G 250 -30.15 -62.87 41.59
CA ASP G 250 -31.37 -63.18 42.30
C ASP G 250 -32.41 -63.83 41.40
N GLU G 251 -32.40 -63.50 40.10
CA GLU G 251 -33.44 -63.98 39.22
C GLU G 251 -33.16 -65.39 38.70
N TYR G 252 -32.09 -65.57 37.93
CA TYR G 252 -31.94 -66.83 37.22
C TYR G 252 -30.56 -67.47 37.33
N ILE G 253 -29.52 -66.67 37.57
CA ILE G 253 -28.17 -67.23 37.61
C ILE G 253 -28.02 -68.20 38.77
N ASN G 254 -28.52 -67.83 39.95
CA ASN G 254 -28.36 -68.67 41.13
C ASN G 254 -29.08 -70.00 40.97
N ASP G 255 -30.29 -69.97 40.39
CA ASP G 255 -31.11 -71.18 40.35
C ASP G 255 -30.47 -72.25 39.46
N ILE G 256 -30.04 -71.87 38.25
CA ILE G 256 -29.55 -72.87 37.30
C ILE G 256 -28.33 -73.59 37.84
N ILE G 257 -27.55 -72.92 38.70
CA ILE G 257 -26.39 -73.55 39.29
C ILE G 257 -26.76 -74.41 40.49
N ASN G 258 -27.85 -74.08 41.18
CA ASN G 258 -28.22 -74.75 42.42
C ASN G 258 -29.66 -75.29 42.35
N LYS G 259 -29.98 -75.95 41.24
CA LYS G 259 -31.27 -76.62 41.09
C LYS G 259 -31.07 -77.92 40.34
N ASP G 260 -32.05 -78.83 40.50
CA ASP G 260 -31.93 -80.15 39.90
C ASP G 260 -32.12 -80.11 38.39
N ASP G 261 -33.32 -79.72 37.95
CA ASP G 261 -33.65 -79.73 36.52
C ASP G 261 -34.75 -78.71 36.26
N PHE G 262 -34.42 -77.65 35.53
CA PHE G 262 -35.43 -76.70 35.07
C PHE G 262 -34.84 -75.92 33.90
N TYR G 263 -35.65 -75.76 32.84
CA TYR G 263 -35.23 -75.05 31.64
C TYR G 263 -36.38 -74.21 31.13
N ARG G 264 -36.13 -72.92 30.89
CA ARG G 264 -37.16 -72.03 30.38
C ARG G 264 -37.33 -72.16 28.88
N GLY G 265 -36.28 -71.86 28.13
CA GLY G 265 -36.33 -71.93 26.68
C GLY G 265 -35.64 -70.76 26.00
N GLN G 266 -36.35 -70.09 25.09
CA GLN G 266 -35.82 -68.95 24.36
C GLN G 266 -35.83 -67.73 25.27
N HIS G 267 -34.92 -67.73 26.23
CA HIS G 267 -34.85 -66.68 27.25
C HIS G 267 -33.52 -65.95 27.26
N LEU G 268 -32.40 -66.67 27.19
CA LEU G 268 -31.08 -66.09 27.37
C LEU G 268 -30.40 -65.90 26.03
N ILE G 269 -29.47 -64.94 25.99
CA ILE G 269 -28.86 -64.51 24.73
C ILE G 269 -27.35 -64.72 24.79
N TYR G 270 -26.90 -65.76 25.48
CA TYR G 270 -25.49 -66.11 25.50
C TYR G 270 -25.33 -67.61 25.60
N PRO G 271 -24.23 -68.16 25.09
CA PRO G 271 -23.20 -67.50 24.28
C PRO G 271 -23.42 -67.71 22.78
N GLY G 272 -23.81 -66.67 22.05
CA GLY G 272 -24.07 -66.77 20.62
C GLY G 272 -24.97 -67.93 20.26
N ALA G 273 -26.01 -68.16 21.07
CA ALA G 273 -26.78 -69.39 20.98
C ALA G 273 -27.98 -69.27 20.04
N ASN G 274 -28.88 -68.33 20.32
CA ASN G 274 -30.16 -68.25 19.62
C ASN G 274 -30.01 -67.31 18.43
N LYS G 275 -29.43 -67.82 17.35
CA LYS G 275 -29.29 -67.09 16.11
C LYS G 275 -30.41 -67.37 15.13
N TYR G 276 -31.36 -68.23 15.48
CA TYR G 276 -32.46 -68.59 14.59
C TYR G 276 -33.70 -67.73 14.81
N SER G 277 -33.64 -66.75 15.71
CA SER G 277 -34.73 -65.81 15.93
C SER G 277 -34.26 -64.41 15.53
N HIS G 278 -35.07 -63.74 14.71
CA HIS G 278 -34.68 -62.42 14.22
C HIS G 278 -34.54 -61.41 15.35
N THR G 279 -35.45 -61.45 16.32
CA THR G 279 -35.38 -60.56 17.46
C THR G 279 -34.08 -60.75 18.24
N ILE G 280 -33.49 -61.94 18.20
CA ILE G 280 -32.30 -62.24 18.98
C ILE G 280 -31.08 -62.16 18.07
N GLY G 281 -31.27 -62.49 16.79
CA GLY G 281 -30.17 -62.40 15.83
C GLY G 281 -29.86 -61.01 15.33
N PHE G 282 -30.75 -60.05 15.56
CA PHE G 282 -30.51 -58.69 15.09
C PHE G 282 -29.28 -58.09 15.74
N VAL G 283 -29.12 -58.29 17.05
CA VAL G 283 -27.96 -57.73 17.75
C VAL G 283 -26.67 -58.39 17.26
N TYR G 284 -26.68 -59.70 17.05
CA TYR G 284 -25.49 -60.38 16.54
C TYR G 284 -25.11 -59.84 15.17
N GLY G 285 -26.11 -59.68 14.29
CA GLY G 285 -25.85 -59.09 12.99
C GLY G 285 -25.31 -57.67 13.09
N GLU G 286 -25.81 -56.90 14.06
CA GLU G 286 -25.31 -55.55 14.26
C GLU G 286 -23.84 -55.56 14.66
N MET G 287 -23.46 -56.44 15.59
CA MET G 287 -22.06 -56.52 15.99
C MET G 287 -21.18 -56.93 14.82
N PHE G 288 -21.63 -57.92 14.04
CA PHE G 288 -20.85 -58.34 12.87
C PHE G 288 -20.67 -57.20 11.88
N ARG G 289 -21.75 -56.46 11.61
CA ARG G 289 -21.68 -55.35 10.67
C ARG G 289 -20.76 -54.25 11.17
N ARG G 290 -20.83 -53.92 12.45
CA ARG G 290 -19.96 -52.87 12.98
C ARG G 290 -18.49 -53.29 12.93
N PHE G 291 -18.21 -54.56 13.25
CA PHE G 291 -16.86 -55.07 13.11
C PHE G 291 -16.37 -54.93 11.68
N GLY G 292 -17.19 -55.37 10.72
CA GLY G 292 -16.79 -55.28 9.32
C GLY G 292 -16.57 -53.84 8.86
N GLU G 293 -17.44 -52.93 9.31
CA GLU G 293 -17.30 -51.53 8.94
C GLU G 293 -16.02 -50.93 9.51
N PHE G 294 -15.71 -51.24 10.77
CA PHE G 294 -14.50 -50.70 11.37
C PHE G 294 -13.25 -51.27 10.68
N ILE G 295 -13.29 -52.55 10.30
CA ILE G 295 -12.11 -53.18 9.73
C ILE G 295 -11.73 -52.53 8.40
N SER G 296 -12.72 -52.09 7.62
CA SER G 296 -12.50 -51.64 6.25
C SER G 296 -12.33 -50.12 6.16
N LYS G 297 -11.72 -49.50 7.16
CA LYS G 297 -11.42 -48.08 7.15
C LYS G 297 -9.94 -47.84 6.89
N PRO G 298 -9.57 -46.70 6.33
CA PRO G 298 -8.15 -46.42 6.08
C PRO G 298 -7.37 -46.17 7.35
N GLN G 299 -6.07 -46.38 7.25
CA GLN G 299 -5.08 -46.17 8.32
C GLN G 299 -5.59 -46.68 9.68
N THR G 300 -5.86 -47.98 9.71
CA THR G 300 -6.29 -48.67 10.92
C THR G 300 -5.27 -49.71 11.33
N ALA G 301 -5.10 -49.89 12.64
CA ALA G 301 -4.22 -50.90 13.20
C ALA G 301 -4.99 -51.73 14.21
N LEU G 302 -4.89 -53.06 14.08
CA LEU G 302 -5.64 -53.97 14.92
C LEU G 302 -4.67 -54.89 15.66
N PHE G 303 -4.90 -55.05 16.96
CA PHE G 303 -4.10 -55.92 17.82
C PHE G 303 -4.95 -57.13 18.20
N ILE G 304 -4.44 -58.32 17.90
CA ILE G 304 -5.17 -59.56 18.16
C ILE G 304 -4.50 -60.30 19.32
N ASN G 305 -5.33 -60.88 20.18
CA ASN G 305 -4.81 -61.62 21.33
C ASN G 305 -5.90 -62.56 21.84
N GLY G 306 -5.50 -63.77 22.22
CA GLY G 306 -6.40 -64.71 22.85
C GLY G 306 -7.39 -65.40 21.95
N PHE G 307 -7.24 -65.28 20.63
CA PHE G 307 -8.16 -65.89 19.68
C PHE G 307 -7.50 -67.11 19.04
N GLY G 308 -8.21 -68.23 19.04
CA GLY G 308 -7.70 -69.49 18.52
C GLY G 308 -7.86 -69.70 17.03
N PHE G 309 -8.41 -68.72 16.31
CA PHE G 309 -8.58 -68.80 14.86
C PHE G 309 -9.45 -70.00 14.45
N GLY G 310 -10.40 -70.36 15.30
CA GLY G 310 -11.27 -71.49 15.06
C GLY G 310 -12.58 -71.17 14.36
N ASP G 311 -12.75 -69.95 13.85
CA ASP G 311 -13.98 -69.52 13.20
C ASP G 311 -13.77 -69.42 11.70
N TYR G 312 -14.73 -69.94 10.95
CA TYR G 312 -14.69 -69.86 9.49
C TYR G 312 -15.02 -68.48 8.95
N HIS G 313 -15.49 -67.56 9.79
CA HIS G 313 -15.98 -66.27 9.35
C HIS G 313 -15.01 -65.13 9.64
N ILE G 314 -14.43 -65.08 10.83
CA ILE G 314 -13.54 -63.98 11.19
C ILE G 314 -12.26 -64.04 10.37
N ASN G 315 -11.74 -65.24 10.15
CA ASN G 315 -10.49 -65.38 9.38
C ASN G 315 -10.67 -64.90 7.95
N ARG G 316 -11.78 -65.27 7.31
CA ARG G 316 -11.97 -64.91 5.91
C ARG G 316 -12.23 -63.41 5.76
N ILE G 317 -12.96 -62.81 6.70
CA ILE G 317 -13.22 -61.37 6.60
C ILE G 317 -11.95 -60.58 6.90
N ILE G 318 -11.09 -61.11 7.78
CA ILE G 318 -9.79 -60.48 8.00
C ILE G 318 -8.92 -60.59 6.75
N LEU G 319 -8.92 -61.76 6.11
CA LEU G 319 -8.11 -61.97 4.92
C LEU G 319 -8.56 -61.07 3.78
N GLY G 320 -9.87 -60.89 3.61
CA GLY G 320 -10.36 -60.07 2.52
C GLY G 320 -9.97 -58.61 2.64
N ALA G 321 -9.90 -58.10 3.88
CA ALA G 321 -9.59 -56.69 4.10
C ALA G 321 -8.14 -56.35 3.84
N LEU G 322 -7.27 -57.33 3.62
CA LEU G 322 -5.85 -57.08 3.40
C LEU G 322 -5.55 -56.46 2.04
N LEU G 323 -6.58 -56.17 1.23
CA LEU G 323 -6.34 -55.55 -0.07
C LEU G 323 -5.73 -54.17 0.07
N ASN G 324 -6.18 -53.38 1.04
CA ASN G 324 -5.64 -52.05 1.23
C ASN G 324 -4.18 -52.12 1.68
N PRO G 325 -3.33 -51.23 1.17
CA PRO G 325 -1.92 -51.22 1.61
C PRO G 325 -1.69 -50.57 2.96
N SER G 326 -2.72 -50.02 3.60
CA SER G 326 -2.58 -49.33 4.88
C SER G 326 -3.35 -50.02 6.00
N PHE G 327 -3.44 -51.35 5.95
CA PHE G 327 -4.15 -52.14 6.96
C PHE G 327 -3.13 -53.05 7.63
N HIS G 328 -2.74 -52.70 8.86
CA HIS G 328 -1.74 -53.46 9.60
C HIS G 328 -2.41 -54.43 10.56
N VAL G 329 -1.84 -55.64 10.65
CA VAL G 329 -2.34 -56.67 11.54
C VAL G 329 -1.16 -57.21 12.35
N VAL G 330 -1.37 -57.33 13.66
CA VAL G 330 -0.38 -57.90 14.57
C VAL G 330 -1.06 -59.01 15.36
N ILE G 331 -0.46 -60.20 15.34
CA ILE G 331 -1.04 -61.39 15.96
C ILE G 331 -0.13 -61.88 17.08
N TYR G 332 -0.75 -62.36 18.16
CA TYR G 332 -0.04 -62.88 19.34
C TYR G 332 -0.45 -64.35 19.52
N TYR G 333 0.27 -65.26 18.88
CA TYR G 333 0.00 -66.69 19.00
C TYR G 333 1.25 -67.40 19.53
N PRO G 334 1.22 -67.92 20.76
CA PRO G 334 2.45 -68.44 21.37
C PRO G 334 3.04 -69.67 20.70
N GLU G 335 2.23 -70.72 20.53
CA GLU G 335 2.72 -72.01 20.04
C GLU G 335 2.99 -71.96 18.53
N LEU G 336 4.09 -71.28 18.18
CA LEU G 336 4.45 -71.14 16.77
C LEU G 336 5.42 -72.22 16.32
N LYS G 337 6.43 -72.53 17.13
CA LYS G 337 7.40 -73.54 16.74
C LYS G 337 6.77 -74.93 16.68
N GLU G 338 5.85 -75.23 17.60
CA GLU G 338 5.12 -76.49 17.52
C GLU G 338 4.29 -76.55 16.24
N ALA G 339 3.69 -75.41 15.87
CA ALA G 339 2.93 -75.34 14.62
C ALA G 339 3.83 -75.63 13.42
N ILE G 340 5.04 -75.06 13.42
CA ILE G 340 5.96 -75.31 12.32
C ILE G 340 6.34 -76.79 12.26
N THR G 341 6.60 -77.39 13.43
CA THR G 341 6.95 -78.81 13.46
C THR G 341 5.82 -79.68 12.92
N LYS G 342 4.58 -79.37 13.31
CA LYS G 342 3.44 -80.12 12.79
C LYS G 342 3.29 -79.92 11.28
N VAL G 343 3.53 -78.69 10.80
CA VAL G 343 3.46 -78.42 9.37
C VAL G 343 4.51 -79.20 8.60
N SER G 344 5.69 -79.41 9.22
CA SER G 344 6.79 -80.07 8.53
C SER G 344 6.40 -81.47 8.07
N LYS G 345 5.70 -82.21 8.91
CA LYS G 345 5.25 -83.55 8.55
C LYS G 345 4.00 -83.47 7.67
N GLY G 346 3.51 -84.64 7.25
CA GLY G 346 2.36 -84.68 6.39
C GLY G 346 1.07 -84.22 7.07
N GLY G 347 0.90 -84.59 8.34
CA GLY G 347 -0.31 -84.22 9.05
C GLY G 347 -0.37 -82.73 9.34
N GLY G 348 -1.60 -82.23 9.45
CA GLY G 348 -1.81 -80.82 9.72
C GLY G 348 -3.28 -80.54 9.89
N SER G 349 -3.57 -79.29 10.23
CA SER G 349 -4.93 -78.82 10.45
C SER G 349 -5.19 -77.58 9.60
N GLU G 350 -6.45 -77.41 9.18
CA GLU G 350 -6.81 -76.28 8.35
C GLU G 350 -6.66 -74.97 9.10
N ALA G 351 -6.96 -74.96 10.39
CA ALA G 351 -6.80 -73.74 11.18
C ALA G 351 -5.33 -73.32 11.24
N GLU G 352 -4.44 -74.27 11.53
CA GLU G 352 -3.03 -73.94 11.60
C GLU G 352 -2.46 -73.64 10.22
N LYS G 353 -2.96 -74.30 9.18
CA LYS G 353 -2.57 -73.97 7.82
C LYS G 353 -2.93 -72.52 7.50
N ALA G 354 -4.10 -72.08 7.96
CA ALA G 354 -4.48 -70.68 7.81
C ALA G 354 -3.54 -69.77 8.61
N ILE G 355 -3.17 -70.19 9.82
CA ILE G 355 -2.29 -69.38 10.65
C ILE G 355 -0.92 -69.22 10.00
N VAL G 356 -0.35 -70.33 9.52
CA VAL G 356 0.99 -70.28 8.93
C VAL G 356 0.96 -69.67 7.53
N THR G 357 -0.22 -69.52 6.93
CA THR G 357 -0.31 -68.89 5.62
C THR G 357 0.15 -67.44 5.67
N LEU G 358 -0.19 -66.73 6.75
CA LEU G 358 0.18 -65.32 6.87
C LEU G 358 1.69 -65.14 6.91
N LYS G 359 2.43 -66.18 7.29
CA LYS G 359 3.89 -66.10 7.29
C LYS G 359 4.47 -66.13 5.88
N ASN G 360 3.67 -66.42 4.86
CA ASN G 360 4.13 -66.46 3.48
C ASN G 360 3.99 -65.12 2.77
N MET G 361 4.02 -64.01 3.52
CA MET G 361 3.85 -62.68 2.95
C MET G 361 5.20 -61.99 2.84
N ALA G 362 5.36 -61.15 1.82
CA ALA G 362 6.60 -60.46 1.53
C ALA G 362 6.46 -58.94 1.67
N PHE G 363 5.74 -58.51 2.71
CA PHE G 363 5.57 -57.09 2.98
C PHE G 363 5.55 -56.88 4.49
N ASN G 364 6.12 -55.74 4.92
CA ASN G 364 6.35 -55.49 6.34
C ASN G 364 5.11 -54.81 6.96
N GLN G 365 4.05 -55.58 7.08
CA GLN G 365 2.86 -55.17 7.79
C GLN G 365 2.41 -56.17 8.84
N VAL G 366 2.61 -57.45 8.61
CA VAL G 366 2.23 -58.49 9.54
C VAL G 366 3.40 -58.78 10.47
N THR G 367 3.09 -59.03 11.74
CA THR G 367 4.12 -59.35 12.73
C THR G 367 3.51 -60.36 13.69
N VAL G 368 4.04 -61.58 13.67
CA VAL G 368 3.56 -62.68 14.51
C VAL G 368 4.57 -62.93 15.61
N VAL G 369 4.09 -62.99 16.85
CA VAL G 369 4.92 -63.22 18.02
C VAL G 369 4.52 -64.56 18.63
N GLY G 370 5.51 -65.43 18.86
CA GLY G 370 5.24 -66.75 19.40
C GLY G 370 6.24 -67.12 20.48
N GLY G 371 5.95 -68.24 21.15
CA GLY G 371 6.81 -68.73 22.20
C GLY G 371 6.09 -69.09 23.47
N GLY G 372 6.65 -68.70 24.61
CA GLY G 372 6.03 -68.93 25.89
C GLY G 372 5.37 -67.68 26.44
N SER G 373 6.07 -66.98 27.34
CA SER G 373 5.59 -65.69 27.82
C SER G 373 5.68 -64.61 26.76
N LYS G 374 6.22 -64.93 25.58
CA LYS G 374 6.29 -63.95 24.49
C LYS G 374 4.91 -63.51 24.05
N ALA G 375 3.98 -64.44 23.94
CA ALA G 375 2.61 -64.15 23.49
C ALA G 375 1.63 -64.65 24.56
N TYR G 376 1.40 -63.83 25.58
CA TYR G 376 0.36 -64.05 26.57
C TYR G 376 -0.49 -62.80 26.66
N PHE G 377 -1.72 -62.96 27.14
CA PHE G 377 -2.62 -61.81 27.27
C PHE G 377 -2.08 -60.81 28.28
N ASN G 378 -1.52 -61.30 29.39
CA ASN G 378 -0.90 -60.40 30.36
C ASN G 378 0.31 -59.71 29.76
N SER G 379 1.23 -60.47 29.17
CA SER G 379 2.43 -59.89 28.60
C SER G 379 2.11 -58.90 27.49
N PHE G 380 1.02 -59.13 26.77
CA PHE G 380 0.61 -58.20 25.71
C PHE G 380 0.20 -56.86 26.31
N VAL G 381 -0.26 -56.86 27.56
CA VAL G 381 -0.71 -55.61 28.18
C VAL G 381 0.47 -54.68 28.44
N GLU G 382 1.56 -55.20 29.02
CA GLU G 382 2.70 -54.36 29.38
C GLU G 382 3.64 -54.08 28.22
N HIS G 383 3.20 -54.28 26.98
CA HIS G 383 4.01 -53.92 25.82
C HIS G 383 3.75 -52.50 25.33
N LEU G 384 2.54 -51.99 25.53
CA LEU G 384 2.22 -50.64 25.11
C LEU G 384 2.91 -49.61 26.01
N PRO G 385 3.23 -48.43 25.49
CA PRO G 385 3.99 -47.45 26.27
C PRO G 385 3.19 -46.89 27.43
N TYR G 386 3.91 -46.42 28.44
CA TYR G 386 3.29 -45.77 29.59
C TYR G 386 2.74 -44.39 29.18
N PRO G 387 1.74 -43.88 29.91
CA PRO G 387 1.14 -42.57 29.65
C PRO G 387 2.16 -41.45 29.51
N ILE G 395 -0.60 -40.31 48.91
CA ILE G 395 -1.45 -39.72 47.89
C ILE G 395 -2.89 -39.59 48.39
N VAL G 396 -3.85 -39.85 47.50
CA VAL G 396 -5.26 -39.74 47.86
C VAL G 396 -5.62 -40.71 48.98
N ASP G 397 -4.96 -41.87 49.02
CA ASP G 397 -5.27 -42.86 50.05
C ASP G 397 -4.99 -42.32 51.44
N GLU G 398 -3.87 -41.60 51.61
CA GLU G 398 -3.53 -41.07 52.92
C GLU G 398 -4.58 -40.07 53.41
N LEU G 399 -4.99 -39.15 52.54
CA LEU G 399 -6.01 -38.17 52.93
C LEU G 399 -7.34 -38.84 53.19
N VAL G 400 -7.70 -39.85 52.39
CA VAL G 400 -8.95 -40.57 52.59
C VAL G 400 -8.95 -41.25 53.96
N GLU G 401 -7.83 -41.89 54.31
CA GLU G 401 -7.73 -42.53 55.61
C GLU G 401 -7.76 -41.51 56.75
N ALA G 402 -7.09 -40.37 56.55
CA ALA G 402 -7.09 -39.34 57.59
C ALA G 402 -8.49 -38.80 57.84
N ILE G 403 -9.26 -38.59 56.76
CA ILE G 403 -10.65 -38.15 56.92
C ILE G 403 -11.47 -39.25 57.57
N ALA G 404 -11.27 -40.51 57.17
CA ALA G 404 -12.04 -41.62 57.71
C ALA G 404 -11.72 -41.90 59.17
N ASN G 405 -10.65 -41.30 59.71
CA ASN G 405 -10.32 -41.53 61.11
C ASN G 405 -11.40 -41.01 62.04
N LEU G 406 -12.22 -40.07 61.58
CA LEU G 406 -13.30 -39.53 62.38
C LEU G 406 -14.65 -40.00 61.85
N SER H 2 -59.18 -38.15 7.00
CA SER H 2 -58.40 -39.10 7.77
C SER H 2 -56.90 -38.84 7.60
N ILE H 3 -56.49 -37.59 7.82
CA ILE H 3 -55.10 -37.17 7.72
C ILE H 3 -54.68 -36.62 9.08
N TYR H 4 -53.61 -37.18 9.64
CA TYR H 4 -53.19 -36.84 10.99
C TYR H 4 -51.72 -36.44 11.02
N GLN H 5 -51.41 -35.45 11.85
CA GLN H 5 -50.02 -35.15 12.20
C GLN H 5 -49.99 -34.76 13.67
N GLY H 6 -49.07 -35.39 14.41
CA GLY H 6 -48.98 -35.13 15.84
C GLY H 6 -50.19 -35.56 16.64
N GLY H 7 -51.02 -36.45 16.10
CA GLY H 7 -52.21 -36.90 16.76
C GLY H 7 -53.45 -36.10 16.47
N ASN H 8 -53.30 -34.88 15.93
CA ASN H 8 -54.43 -34.04 15.59
C ASN H 8 -54.85 -34.29 14.15
N LYS H 9 -55.71 -33.44 13.61
CA LYS H 9 -56.22 -33.58 12.25
C LYS H 9 -56.00 -32.28 11.48
N LEU H 10 -55.92 -32.40 10.16
CA LEU H 10 -55.74 -31.26 9.28
C LEU H 10 -56.45 -31.51 7.96
N ASN H 11 -56.71 -30.43 7.23
CA ASN H 11 -57.51 -30.48 6.01
C ASN H 11 -56.62 -30.66 4.79
N GLU H 12 -57.24 -30.57 3.61
CA GLU H 12 -56.54 -30.85 2.36
C GLU H 12 -55.60 -29.72 1.96
N ASP H 13 -56.05 -28.47 2.11
CA ASP H 13 -55.25 -27.34 1.65
C ASP H 13 -53.96 -27.20 2.45
N ASP H 14 -54.04 -27.36 3.78
CA ASP H 14 -52.84 -27.31 4.59
C ASP H 14 -51.90 -28.45 4.26
N PHE H 15 -52.46 -29.64 3.99
CA PHE H 15 -51.62 -30.77 3.59
C PHE H 15 -50.90 -30.50 2.28
N ARG H 16 -51.59 -29.91 1.30
CA ARG H 16 -50.95 -29.61 0.03
C ARG H 16 -49.88 -28.53 0.18
N SER H 17 -50.13 -27.52 1.01
CA SER H 17 -49.11 -26.52 1.27
C SER H 17 -47.89 -27.13 1.94
N HIS H 18 -48.11 -28.03 2.90
CA HIS H 18 -47.00 -28.72 3.56
C HIS H 18 -46.22 -29.58 2.56
N VAL H 19 -46.92 -30.26 1.66
CA VAL H 19 -46.26 -31.08 0.64
C VAL H 19 -45.41 -30.20 -0.26
N TYR H 20 -45.93 -29.05 -0.66
CA TYR H 20 -45.15 -28.12 -1.49
C TYR H 20 -43.92 -27.64 -0.73
N SER H 21 -44.06 -27.36 0.56
CA SER H 21 -42.92 -26.89 1.36
C SER H 21 -41.85 -27.95 1.47
N LEU H 22 -42.25 -29.23 1.61
CA LEU H 22 -41.29 -30.30 1.86
C LEU H 22 -40.40 -30.55 0.65
N CYS H 23 -40.91 -30.31 -0.56
CA CYS H 23 -40.20 -30.71 -1.76
C CYS H 23 -38.97 -29.86 -2.04
N GLN H 24 -38.80 -28.74 -1.34
CA GLN H 24 -37.68 -27.83 -1.58
C GLN H 24 -36.68 -27.85 -0.42
N LEU H 25 -36.45 -29.02 0.15
CA LEU H 25 -35.48 -29.16 1.23
C LEU H 25 -34.12 -29.57 0.66
N ASP H 26 -33.15 -29.74 1.56
CA ASP H 26 -31.80 -30.11 1.13
C ASP H 26 -31.77 -31.51 0.53
N ASN H 27 -32.48 -32.46 1.15
CA ASN H 27 -32.48 -33.84 0.69
C ASN H 27 -33.91 -34.35 0.59
N VAL H 28 -34.19 -35.09 -0.49
CA VAL H 28 -35.50 -35.68 -0.73
C VAL H 28 -35.30 -37.12 -1.17
N GLY H 29 -36.17 -38.01 -0.68
CA GLY H 29 -36.09 -39.41 -1.00
C GLY H 29 -37.47 -40.03 -1.07
N VAL H 30 -37.51 -41.32 -1.39
CA VAL H 30 -38.77 -42.05 -1.51
C VAL H 30 -38.48 -43.52 -1.27
N LEU H 31 -39.48 -44.23 -0.76
CA LEU H 31 -39.36 -45.66 -0.47
C LEU H 31 -40.64 -46.35 -0.91
N LEU H 32 -40.51 -47.30 -1.84
CA LEU H 32 -41.66 -48.01 -2.38
C LEU H 32 -41.70 -49.43 -1.82
N GLY H 33 -42.78 -50.13 -2.15
CA GLY H 33 -42.96 -51.50 -1.71
C GLY H 33 -43.58 -52.37 -2.78
N ALA H 34 -44.17 -53.50 -2.38
CA ALA H 34 -44.80 -54.41 -3.32
C ALA H 34 -46.20 -53.98 -3.72
N GLY H 35 -46.75 -52.94 -3.09
CA GLY H 35 -48.08 -52.46 -3.41
C GLY H 35 -48.09 -51.50 -4.58
N ALA H 36 -46.93 -50.92 -4.90
CA ALA H 36 -46.85 -49.97 -6.01
C ALA H 36 -46.86 -50.66 -7.37
N SER H 37 -46.51 -51.95 -7.43
CA SER H 37 -46.50 -52.69 -8.67
C SER H 37 -47.82 -53.39 -8.97
N VAL H 38 -48.85 -53.17 -8.14
CA VAL H 38 -50.15 -53.78 -8.39
C VAL H 38 -50.75 -53.26 -9.69
N GLY H 39 -50.64 -51.95 -9.92
CA GLY H 39 -51.22 -51.36 -11.13
C GLY H 39 -50.52 -51.76 -12.41
N CYS H 40 -49.26 -52.19 -12.32
CA CYS H 40 -48.51 -52.61 -13.50
C CYS H 40 -48.72 -54.08 -13.85
N GLY H 41 -49.52 -54.81 -13.08
CA GLY H 41 -49.76 -56.21 -13.32
C GLY H 41 -49.18 -57.17 -12.30
N GLY H 42 -48.65 -56.67 -11.18
CA GLY H 42 -48.09 -57.52 -10.16
C GLY H 42 -49.15 -58.07 -9.21
N LYS H 43 -48.69 -58.89 -8.27
CA LYS H 43 -49.56 -59.51 -7.28
C LYS H 43 -48.88 -59.50 -5.93
N THR H 44 -49.69 -59.61 -4.88
CA THR H 44 -49.19 -59.61 -3.52
C THR H 44 -48.99 -61.04 -3.02
N MET H 45 -48.48 -61.18 -1.79
CA MET H 45 -48.20 -62.50 -1.23
C MET H 45 -49.46 -63.32 -1.01
N LYS H 46 -50.61 -62.68 -0.80
CA LYS H 46 -51.85 -63.42 -0.62
C LYS H 46 -52.20 -64.22 -1.88
N ASP H 47 -52.07 -63.58 -3.04
CA ASP H 47 -52.29 -64.29 -4.30
C ASP H 47 -51.27 -65.40 -4.50
N VAL H 48 -50.03 -65.18 -4.03
CA VAL H 48 -49.01 -66.23 -4.12
C VAL H 48 -49.44 -67.45 -3.32
N TRP H 49 -49.93 -67.24 -2.10
CA TRP H 49 -50.39 -68.36 -1.28
C TRP H 49 -51.61 -69.03 -1.90
N LYS H 50 -52.53 -68.23 -2.47
CA LYS H 50 -53.71 -68.81 -3.11
C LYS H 50 -53.32 -69.68 -4.30
N SER H 51 -52.34 -69.24 -5.09
CA SER H 51 -51.87 -70.07 -6.20
C SER H 51 -51.17 -71.32 -5.69
N PHE H 52 -50.36 -71.20 -4.64
CA PHE H 52 -49.62 -72.35 -4.14
C PHE H 52 -50.55 -73.42 -3.59
N LYS H 53 -51.57 -73.01 -2.83
CA LYS H 53 -52.48 -73.99 -2.26
C LYS H 53 -53.26 -74.72 -3.35
N GLN H 54 -53.55 -74.04 -4.46
CA GLN H 54 -54.26 -74.69 -5.56
C GLN H 54 -53.36 -75.63 -6.35
N ASN H 55 -52.11 -75.23 -6.61
CA ASN H 55 -51.24 -75.99 -7.49
C ASN H 55 -50.58 -77.19 -6.82
N TYR H 56 -50.53 -77.25 -5.50
CA TYR H 56 -49.87 -78.34 -4.77
C TYR H 56 -50.78 -78.85 -3.67
N PRO H 57 -51.73 -79.73 -4.01
CA PRO H 57 -52.66 -80.25 -3.00
C PRO H 57 -52.00 -81.18 -2.00
N GLU H 58 -51.22 -82.15 -2.51
CA GLU H 58 -50.65 -83.17 -1.63
C GLU H 58 -49.59 -82.59 -0.70
N LEU H 59 -48.85 -81.58 -1.17
CA LEU H 59 -47.86 -80.94 -0.30
C LEU H 59 -48.55 -80.21 0.86
N LEU H 60 -49.64 -79.50 0.57
CA LEU H 60 -50.40 -78.84 1.62
C LEU H 60 -51.00 -79.85 2.59
N GLY H 61 -51.52 -80.96 2.06
CA GLY H 61 -52.06 -82.00 2.92
C GLY H 61 -51.01 -82.59 3.85
N ALA H 62 -49.83 -82.87 3.31
CA ALA H 62 -48.74 -83.39 4.13
C ALA H 62 -48.33 -82.38 5.20
N LEU H 63 -48.23 -81.10 4.82
CA LEU H 63 -47.85 -80.06 5.77
C LEU H 63 -48.88 -79.97 6.90
N ILE H 64 -50.16 -80.06 6.58
CA ILE H 64 -51.19 -79.99 7.61
C ILE H 64 -51.14 -81.23 8.49
N ASP H 65 -50.97 -82.41 7.90
CA ASP H 65 -51.13 -83.66 8.65
C ASP H 65 -49.89 -84.00 9.46
N LYS H 66 -48.76 -84.20 8.80
CA LYS H 66 -47.58 -84.75 9.46
C LYS H 66 -46.70 -83.65 10.06
N TYR H 67 -46.24 -82.72 9.21
CA TYR H 67 -45.24 -81.75 9.65
C TYR H 67 -45.85 -80.70 10.58
N LEU H 68 -47.15 -80.47 10.49
CA LEU H 68 -47.89 -79.59 11.40
C LEU H 68 -47.39 -78.15 11.39
N LEU H 69 -46.82 -77.68 10.28
CA LEU H 69 -46.36 -76.30 10.21
C LEU H 69 -47.51 -75.31 10.27
N VAL H 70 -48.61 -75.60 9.57
CA VAL H 70 -49.73 -74.69 9.46
C VAL H 70 -50.99 -75.37 10.00
N SER H 71 -51.73 -74.66 10.85
CA SER H 71 -52.97 -75.16 11.38
C SER H 71 -54.08 -75.10 10.35
N GLN H 72 -55.08 -75.97 10.51
CA GLN H 72 -56.17 -76.05 9.55
C GLN H 72 -57.01 -74.78 9.49
N ILE H 73 -57.08 -74.03 10.59
CA ILE H 73 -57.97 -72.87 10.68
C ILE H 73 -57.24 -71.63 10.18
N ASP H 74 -55.91 -71.64 10.26
CA ASP H 74 -55.15 -70.47 9.82
C ASP H 74 -55.05 -70.41 8.30
N SER H 75 -54.99 -71.57 7.64
CA SER H 75 -54.73 -71.60 6.21
C SER H 75 -55.95 -71.14 5.41
N ASP H 76 -57.14 -71.62 5.78
CA ASP H 76 -58.31 -71.38 4.94
C ASP H 76 -58.74 -69.91 4.97
N ASN H 77 -58.52 -69.23 6.10
CA ASN H 77 -58.91 -67.83 6.23
C ASN H 77 -57.88 -66.87 5.64
N ASN H 78 -56.81 -67.39 5.03
CA ASN H 78 -55.80 -66.58 4.36
C ASN H 78 -55.11 -65.62 5.33
N LEU H 79 -54.46 -66.20 6.34
CA LEU H 79 -53.67 -65.43 7.30
C LEU H 79 -52.25 -65.98 7.45
N VAL H 80 -51.82 -66.86 6.54
CA VAL H 80 -50.49 -67.43 6.67
C VAL H 80 -49.43 -66.41 6.27
N ASN H 81 -48.18 -66.73 6.60
CA ASN H 81 -47.04 -65.91 6.25
C ASN H 81 -46.07 -66.72 5.41
N VAL H 82 -45.35 -66.03 4.53
CA VAL H 82 -44.43 -66.70 3.62
C VAL H 82 -43.01 -66.74 4.18
N GLU H 83 -42.55 -65.63 4.76
CA GLU H 83 -41.19 -65.56 5.28
C GLU H 83 -40.98 -66.56 6.42
N LEU H 84 -41.88 -66.57 7.39
CA LEU H 84 -41.76 -67.51 8.50
C LEU H 84 -41.92 -68.95 8.04
N LEU H 85 -42.80 -69.22 7.09
CA LEU H 85 -42.95 -70.57 6.57
C LEU H 85 -41.66 -71.04 5.90
N ILE H 86 -41.03 -70.16 5.11
CA ILE H 86 -39.78 -70.49 4.46
C ILE H 86 -38.69 -70.76 5.49
N ASP H 87 -38.61 -69.91 6.52
CA ASP H 87 -37.57 -70.09 7.54
C ASP H 87 -37.77 -71.40 8.30
N GLU H 88 -39.01 -71.71 8.67
CA GLU H 88 -39.29 -72.95 9.38
C GLU H 88 -39.01 -74.17 8.50
N ALA H 89 -39.36 -74.09 7.21
CA ALA H 89 -39.06 -75.19 6.30
C ALA H 89 -37.56 -75.39 6.16
N THR H 90 -36.79 -74.29 6.09
CA THR H 90 -35.33 -74.41 6.02
C THR H 90 -34.77 -75.05 7.28
N LYS H 91 -35.29 -74.65 8.44
CA LYS H 91 -34.83 -75.25 9.70
C LYS H 91 -35.14 -76.75 9.74
N PHE H 92 -36.35 -77.13 9.30
CA PHE H 92 -36.70 -78.55 9.29
C PHE H 92 -35.83 -79.32 8.31
N LEU H 93 -35.53 -78.74 7.15
CA LEU H 93 -34.63 -79.40 6.20
C LEU H 93 -33.25 -79.58 6.80
N SER H 94 -32.75 -78.56 7.50
CA SER H 94 -31.42 -78.68 8.11
C SER H 94 -31.39 -79.76 9.17
N VAL H 95 -32.41 -79.82 10.03
CA VAL H 95 -32.40 -80.83 11.08
C VAL H 95 -32.62 -82.22 10.49
N ALA H 96 -33.36 -82.32 9.39
CA ALA H 96 -33.50 -83.60 8.70
C ALA H 96 -32.16 -84.05 8.12
N LYS H 97 -31.40 -83.12 7.54
CA LYS H 97 -30.07 -83.46 7.04
C LYS H 97 -29.15 -83.88 8.17
N THR H 98 -29.23 -83.20 9.32
CA THR H 98 -28.40 -83.58 10.46
C THR H 98 -28.76 -84.97 10.98
N ARG H 99 -30.06 -85.30 11.00
CA ARG H 99 -30.51 -86.62 11.44
C ARG H 99 -30.34 -87.70 10.38
N ARG H 100 -29.75 -87.36 9.22
CA ARG H 100 -29.48 -88.30 8.14
C ARG H 100 -30.74 -88.98 7.63
N CYS H 101 -31.87 -88.29 7.62
CA CYS H 101 -33.09 -88.86 7.09
C CYS H 101 -33.05 -88.90 5.57
N GLU H 102 -33.96 -89.69 4.99
CA GLU H 102 -33.99 -89.89 3.54
C GLU H 102 -35.25 -89.32 2.89
N ASP H 103 -36.44 -89.72 3.33
CA ASP H 103 -37.66 -89.24 2.70
C ASP H 103 -37.95 -87.79 3.06
N GLU H 104 -37.69 -87.41 4.32
CA GLU H 104 -37.93 -86.05 4.74
C GLU H 104 -37.05 -85.06 3.97
N GLU H 105 -35.79 -85.44 3.72
CA GLU H 105 -34.88 -84.59 2.97
C GLU H 105 -35.44 -84.24 1.60
N GLU H 106 -35.82 -85.26 0.82
CA GLU H 106 -36.30 -85.02 -0.53
C GLU H 106 -37.66 -84.31 -0.51
N GLU H 107 -38.51 -84.66 0.47
CA GLU H 107 -39.82 -84.01 0.53
C GLU H 107 -39.69 -82.52 0.82
N PHE H 108 -38.81 -82.15 1.76
CA PHE H 108 -38.62 -80.74 2.05
C PHE H 108 -37.89 -80.02 0.93
N ARG H 109 -36.99 -80.72 0.22
CA ARG H 109 -36.38 -80.12 -0.97
C ARG H 109 -37.45 -79.79 -2.00
N LYS H 110 -38.38 -80.71 -2.23
CA LYS H 110 -39.47 -80.45 -3.17
C LYS H 110 -40.35 -79.30 -2.70
N ILE H 111 -40.65 -79.26 -1.40
CA ILE H 111 -41.48 -78.19 -0.85
C ILE H 111 -40.81 -76.83 -1.05
N LEU H 112 -39.50 -76.76 -0.76
CA LEU H 112 -38.78 -75.50 -0.91
C LEU H 112 -38.70 -75.10 -2.38
N SER H 113 -38.45 -76.06 -3.27
CA SER H 113 -38.33 -75.73 -4.69
C SER H 113 -39.66 -75.36 -5.31
N SER H 114 -40.77 -75.80 -4.73
CA SER H 114 -42.09 -75.49 -5.29
C SER H 114 -42.59 -74.10 -4.91
N LEU H 115 -41.88 -73.39 -4.04
CA LEU H 115 -42.34 -72.09 -3.55
C LEU H 115 -41.73 -70.91 -4.31
N TYR H 116 -40.44 -70.98 -4.65
CA TYR H 116 -39.79 -69.89 -5.38
C TYR H 116 -40.37 -69.70 -6.78
N LYS H 117 -40.99 -70.75 -7.33
CA LYS H 117 -41.58 -70.65 -8.66
C LYS H 117 -42.70 -69.63 -8.69
N GLU H 118 -43.53 -69.60 -7.65
CA GLU H 118 -44.62 -68.62 -7.60
C GLU H 118 -44.09 -67.20 -7.57
N VAL H 119 -43.03 -66.95 -6.78
CA VAL H 119 -42.45 -65.61 -6.71
C VAL H 119 -41.88 -65.21 -8.06
N THR H 120 -41.14 -66.11 -8.70
CA THR H 120 -40.56 -65.79 -10.00
C THR H 120 -41.66 -65.54 -11.04
N LYS H 121 -42.73 -66.33 -11.00
CA LYS H 121 -43.84 -66.11 -11.92
C LYS H 121 -44.51 -64.76 -11.70
N ALA H 122 -44.72 -64.38 -10.44
CA ALA H 122 -45.40 -63.12 -10.14
C ALA H 122 -44.50 -61.91 -10.32
N ALA H 123 -43.18 -62.10 -10.43
CA ALA H 123 -42.26 -60.98 -10.54
C ALA H 123 -42.00 -60.54 -11.99
N LEU H 124 -42.69 -61.13 -12.96
CA LEU H 124 -42.40 -60.81 -14.36
C LEU H 124 -43.11 -59.54 -14.82
N LEU H 125 -44.36 -59.35 -14.38
CA LEU H 125 -45.17 -58.17 -14.66
C LEU H 125 -45.66 -58.11 -16.11
N THR H 126 -45.21 -59.04 -16.95
CA THR H 126 -45.59 -59.01 -18.35
C THR H 126 -45.87 -60.39 -18.95
N GLY H 127 -45.38 -61.46 -18.34
CA GLY H 127 -45.61 -62.79 -18.87
C GLY H 127 -44.61 -63.21 -19.93
N GLU H 128 -45.10 -63.65 -21.09
CA GLU H 128 -44.22 -64.16 -22.13
C GLU H 128 -43.37 -63.06 -22.76
N GLN H 129 -43.79 -61.81 -22.67
CA GLN H 129 -43.07 -60.69 -23.28
C GLN H 129 -41.93 -60.17 -22.42
N PHE H 130 -41.43 -60.97 -21.48
CA PHE H 130 -40.33 -60.52 -20.63
C PHE H 130 -39.08 -60.24 -21.44
N ARG H 131 -38.78 -61.09 -22.42
CA ARG H 131 -37.58 -60.95 -23.24
C ARG H 131 -37.93 -60.23 -24.55
N GLU H 132 -38.26 -58.95 -24.41
CA GLU H 132 -38.55 -58.11 -25.58
C GLU H 132 -38.04 -56.72 -25.31
N LYS H 133 -38.10 -55.87 -26.32
CA LYS H 133 -37.55 -54.53 -26.27
C LYS H 133 -38.67 -53.49 -26.21
N ASN H 134 -38.29 -52.28 -25.80
CA ASN H 134 -39.20 -51.13 -25.72
C ASN H 134 -40.41 -51.44 -24.84
N GLN H 135 -40.16 -52.10 -23.71
CA GLN H 135 -41.25 -52.44 -22.81
C GLN H 135 -41.78 -51.23 -22.04
N GLY H 136 -41.02 -50.13 -22.01
CA GLY H 136 -41.42 -48.93 -21.31
C GLY H 136 -42.30 -47.99 -22.09
N LYS H 137 -42.69 -48.36 -23.31
CA LYS H 137 -43.51 -47.49 -24.15
C LYS H 137 -45.00 -47.72 -23.97
N LYS H 138 -45.40 -48.69 -23.15
CA LYS H 138 -46.81 -48.97 -22.94
C LYS H 138 -47.42 -47.93 -22.00
N ASP H 139 -48.70 -48.13 -21.66
CA ASP H 139 -49.43 -47.23 -20.79
C ASP H 139 -49.46 -47.70 -19.34
N ALA H 140 -48.76 -48.80 -19.03
CA ALA H 140 -48.72 -49.31 -17.66
C ALA H 140 -47.59 -48.70 -16.84
N PHE H 141 -46.74 -47.87 -17.44
CA PHE H 141 -45.64 -47.24 -16.73
C PHE H 141 -45.67 -45.72 -16.84
N LYS H 142 -46.83 -45.14 -17.14
CA LYS H 142 -46.92 -43.69 -17.27
C LYS H 142 -46.66 -42.98 -15.94
N TYR H 143 -47.24 -43.51 -14.86
CA TYR H 143 -47.12 -42.83 -13.57
C TYR H 143 -45.70 -42.89 -13.02
N HIS H 144 -44.98 -43.97 -13.29
CA HIS H 144 -43.57 -44.02 -12.88
C HIS H 144 -42.75 -42.95 -13.59
N LYS H 145 -42.99 -42.78 -14.90
CA LYS H 145 -42.32 -41.72 -15.64
C LYS H 145 -42.68 -40.35 -15.09
N GLU H 146 -43.95 -40.14 -14.76
CA GLU H 146 -44.37 -38.86 -14.17
C GLU H 146 -43.68 -38.62 -12.84
N LEU H 147 -43.59 -39.66 -12.00
CA LEU H 147 -42.93 -39.52 -10.71
C LEU H 147 -41.46 -39.16 -10.88
N ILE H 148 -40.77 -39.83 -11.81
CA ILE H 148 -39.35 -39.54 -12.02
C ILE H 148 -39.16 -38.11 -12.52
N SER H 149 -40.00 -37.68 -13.47
CA SER H 149 -39.88 -36.33 -14.00
C SER H 149 -40.14 -35.29 -12.91
N LYS H 150 -41.16 -35.51 -12.09
CA LYS H 150 -41.48 -34.57 -11.03
C LYS H 150 -40.36 -34.50 -9.99
N LEU H 151 -39.78 -35.66 -9.64
CA LEU H 151 -38.69 -35.65 -8.67
C LEU H 151 -37.47 -34.93 -9.21
N ILE H 152 -37.11 -35.18 -10.47
CA ILE H 152 -35.89 -34.59 -11.02
C ILE H 152 -36.07 -33.09 -11.25
N SER H 153 -37.24 -32.67 -11.72
CA SER H 153 -37.42 -31.28 -12.15
C SER H 153 -37.29 -30.29 -11.01
N ASN H 154 -37.80 -30.65 -9.82
CA ASN H 154 -37.90 -29.68 -8.73
C ASN H 154 -36.55 -29.24 -8.19
N ARG H 155 -35.48 -29.98 -8.47
CA ARG H 155 -34.18 -29.68 -7.87
C ARG H 155 -33.60 -28.37 -8.40
N GLN H 156 -32.81 -27.71 -7.55
CA GLN H 156 -32.12 -26.46 -7.82
C GLN H 156 -30.62 -26.71 -7.95
N PRO H 157 -29.91 -25.86 -8.70
CA PRO H 157 -28.45 -26.06 -8.83
C PRO H 157 -27.75 -25.94 -7.48
N GLY H 158 -26.72 -26.75 -7.30
CA GLY H 158 -25.99 -26.79 -6.06
C GLY H 158 -26.57 -27.69 -4.99
N GLN H 159 -27.55 -28.52 -5.33
CA GLN H 159 -28.17 -29.45 -4.39
C GLN H 159 -27.75 -30.88 -4.71
N SER H 160 -28.36 -31.82 -3.99
CA SER H 160 -28.03 -33.23 -4.13
C SER H 160 -29.09 -33.96 -4.94
N ALA H 161 -28.67 -34.97 -5.69
CA ALA H 161 -29.56 -35.71 -6.55
C ALA H 161 -30.54 -36.55 -5.72
N PRO H 162 -31.74 -36.78 -6.24
CA PRO H 162 -32.72 -37.60 -5.51
C PRO H 162 -32.29 -39.06 -5.44
N ALA H 163 -32.82 -39.75 -4.43
CA ALA H 163 -32.52 -41.16 -4.20
C ALA H 163 -33.83 -41.94 -4.07
N ILE H 164 -33.82 -43.17 -4.55
CA ILE H 164 -35.00 -44.03 -4.57
C ILE H 164 -34.64 -45.38 -3.95
N PHE H 165 -35.44 -45.83 -3.00
CA PHE H 165 -35.31 -47.13 -2.39
C PHE H 165 -36.51 -48.00 -2.73
N THR H 166 -36.27 -49.29 -2.88
CA THR H 166 -37.36 -50.22 -3.16
C THR H 166 -36.98 -51.60 -2.63
N THR H 167 -38.02 -52.39 -2.35
CA THR H 167 -37.86 -53.76 -1.86
C THR H 167 -38.54 -54.74 -2.80
N ASN H 168 -38.39 -54.50 -4.10
CA ASN H 168 -39.05 -55.31 -5.13
C ASN H 168 -38.02 -56.11 -5.91
N TYR H 169 -38.52 -57.09 -6.66
CA TYR H 169 -37.69 -57.91 -7.53
C TYR H 169 -37.87 -57.58 -9.00
N ASP H 170 -38.85 -56.76 -9.33
CA ASP H 170 -39.23 -56.50 -10.71
C ASP H 170 -38.45 -55.31 -11.28
N LEU H 171 -38.78 -54.94 -12.52
CA LEU H 171 -38.07 -53.90 -13.24
C LEU H 171 -39.01 -52.79 -13.71
N ALA H 172 -39.98 -52.41 -12.88
CA ALA H 172 -40.93 -51.37 -13.28
C ALA H 172 -40.25 -50.02 -13.40
N LEU H 173 -39.14 -49.81 -12.68
CA LEU H 173 -38.48 -48.50 -12.68
C LEU H 173 -37.45 -48.36 -13.79
N GLU H 174 -36.67 -49.41 -14.08
CA GLU H 174 -35.66 -49.31 -15.12
C GLU H 174 -36.30 -49.13 -16.50
N TRP H 175 -37.39 -49.83 -16.78
CA TRP H 175 -38.06 -49.67 -18.06
C TRP H 175 -38.60 -48.26 -18.23
N ALA H 176 -39.17 -47.68 -17.16
CA ALA H 176 -39.67 -46.32 -17.25
C ALA H 176 -38.54 -45.31 -17.40
N ALA H 177 -37.42 -45.52 -16.68
CA ALA H 177 -36.32 -44.57 -16.72
C ALA H 177 -35.52 -44.64 -18.02
N GLU H 178 -35.49 -45.79 -18.67
CA GLU H 178 -34.74 -45.94 -19.93
C GLU H 178 -35.48 -45.36 -21.12
N ASP H 179 -36.79 -45.14 -21.00
CA ASP H 179 -37.55 -44.52 -22.09
C ASP H 179 -37.30 -43.03 -22.20
N LEU H 180 -37.14 -42.35 -21.05
CA LEU H 180 -36.94 -40.90 -21.05
C LEU H 180 -35.51 -40.50 -21.35
N GLY H 181 -34.56 -41.42 -21.29
CA GLY H 181 -33.16 -41.10 -21.48
C GLY H 181 -32.39 -40.79 -20.22
N ILE H 182 -33.04 -40.90 -19.05
CA ILE H 182 -32.33 -40.65 -17.80
C ILE H 182 -31.33 -41.76 -17.52
N GLN H 183 -30.19 -41.37 -16.96
CA GLN H 183 -29.09 -42.29 -16.67
C GLN H 183 -29.06 -42.57 -15.17
N LEU H 184 -29.64 -43.70 -14.77
CA LEU H 184 -29.61 -44.10 -13.37
C LEU H 184 -28.27 -44.73 -13.01
N PHE H 185 -27.86 -44.54 -11.76
CA PHE H 185 -26.66 -45.17 -11.24
C PHE H 185 -27.07 -46.32 -10.31
N ASN H 186 -26.62 -47.52 -10.63
CA ASN H 186 -27.04 -48.73 -9.92
C ASN H 186 -25.93 -49.37 -9.10
N GLY H 187 -24.67 -49.12 -9.43
CA GLY H 187 -23.57 -49.77 -8.73
C GLY H 187 -22.92 -50.85 -9.57
N PHE H 188 -22.95 -50.68 -10.89
CA PHE H 188 -22.35 -51.63 -11.82
C PHE H 188 -21.64 -50.84 -12.92
N SER H 189 -20.75 -51.53 -13.64
CA SER H 189 -20.00 -50.90 -14.70
C SER H 189 -19.70 -51.93 -15.78
N GLY H 190 -19.42 -51.43 -16.98
CA GLY H 190 -19.09 -52.28 -18.12
C GLY H 190 -20.32 -52.81 -18.84
N LEU H 191 -20.07 -53.38 -20.02
CA LEU H 191 -21.13 -53.95 -20.85
C LEU H 191 -21.00 -55.45 -21.01
N HIS H 192 -19.85 -55.93 -21.48
CA HIS H 192 -19.65 -57.36 -21.67
C HIS H 192 -19.38 -58.10 -20.37
N THR H 193 -19.02 -57.38 -19.30
CA THR H 193 -18.82 -58.00 -18.00
C THR H 193 -19.15 -56.94 -16.94
N ARG H 194 -20.25 -57.12 -16.24
CA ARG H 194 -20.71 -56.15 -15.24
C ARG H 194 -20.37 -56.65 -13.85
N GLN H 195 -19.68 -55.80 -13.09
CA GLN H 195 -19.22 -56.14 -11.74
C GLN H 195 -19.73 -55.10 -10.75
N PHE H 196 -19.94 -55.55 -9.52
CA PHE H 196 -20.45 -54.71 -8.44
C PHE H 196 -19.25 -54.07 -7.73
N TYR H 197 -19.02 -52.79 -8.01
CA TYR H 197 -17.97 -52.03 -7.33
C TYR H 197 -18.61 -51.07 -6.34
N PRO H 198 -18.43 -51.26 -5.03
CA PRO H 198 -19.09 -50.38 -4.07
C PRO H 198 -18.62 -48.94 -4.11
N GLN H 199 -17.48 -48.65 -4.75
CA GLN H 199 -16.91 -47.33 -4.73
C GLN H 199 -17.50 -46.39 -5.78
N ASN H 200 -18.43 -46.85 -6.61
CA ASN H 200 -19.00 -46.02 -7.66
C ASN H 200 -20.25 -45.28 -7.22
N PHE H 201 -20.63 -45.39 -5.94
CA PHE H 201 -21.79 -44.69 -5.41
C PHE H 201 -21.51 -43.24 -5.06
N ASP H 202 -20.36 -42.71 -5.47
CA ASP H 202 -19.97 -41.33 -5.18
C ASP H 202 -19.52 -40.61 -6.43
N LEU H 203 -20.05 -41.00 -7.59
CA LEU H 203 -19.67 -40.42 -8.88
C LEU H 203 -20.82 -39.58 -9.42
N ALA H 204 -20.49 -38.38 -9.89
CA ALA H 204 -21.48 -37.45 -10.42
C ALA H 204 -21.03 -36.93 -11.78
N PHE H 205 -22.01 -36.62 -12.62
CA PHE H 205 -21.73 -36.12 -13.96
C PHE H 205 -21.16 -34.70 -13.92
N ARG H 206 -20.53 -34.31 -15.02
CA ARG H 206 -19.99 -32.96 -15.17
C ARG H 206 -19.77 -32.64 -16.64
N ASN H 207 -20.29 -31.50 -17.09
CA ASN H 207 -20.13 -31.05 -18.46
C ASN H 207 -18.99 -30.05 -18.55
N VAL H 208 -18.15 -30.19 -19.57
CA VAL H 208 -17.05 -29.26 -19.76
C VAL H 208 -17.56 -27.86 -20.08
N ASN H 209 -18.76 -27.77 -20.65
CA ASN H 209 -19.40 -26.49 -20.97
C ASN H 209 -20.64 -26.37 -20.11
N ALA H 210 -20.54 -25.59 -19.04
CA ALA H 210 -21.67 -25.39 -18.12
C ALA H 210 -21.64 -23.98 -17.52
N GLY H 217 -27.33 -35.90 -19.64
CA GLY H 217 -26.61 -34.65 -19.42
C GLY H 217 -26.54 -34.25 -17.96
N HIS H 218 -27.41 -33.33 -17.57
CA HIS H 218 -27.46 -32.83 -16.20
C HIS H 218 -28.46 -33.57 -15.32
N TYR H 219 -29.22 -34.51 -15.90
CA TYR H 219 -30.26 -35.23 -15.18
C TYR H 219 -29.78 -36.65 -14.87
N HIS H 220 -29.82 -37.02 -13.59
CA HIS H 220 -29.46 -38.36 -13.16
C HIS H 220 -30.00 -38.58 -11.76
N ALA H 221 -30.04 -39.83 -11.34
CA ALA H 221 -30.55 -40.20 -10.02
C ALA H 221 -29.93 -41.53 -9.62
N TYR H 222 -30.04 -41.84 -8.33
CA TYR H 222 -29.51 -43.06 -7.75
C TYR H 222 -30.62 -44.03 -7.39
N LEU H 223 -30.32 -45.32 -7.46
CA LEU H 223 -31.29 -46.36 -7.17
C LEU H 223 -30.66 -47.42 -6.28
N TYR H 224 -31.37 -47.80 -5.22
CA TYR H 224 -30.95 -48.86 -4.31
C TYR H 224 -32.03 -49.93 -4.26
N LYS H 225 -31.63 -51.18 -4.44
CA LYS H 225 -32.52 -52.34 -4.32
C LYS H 225 -32.13 -53.10 -3.06
N LEU H 226 -33.01 -53.07 -2.05
CA LEU H 226 -32.66 -53.60 -0.73
C LEU H 226 -32.67 -55.12 -0.69
N HIS H 227 -33.47 -55.77 -1.51
CA HIS H 227 -33.61 -57.22 -1.48
C HIS H 227 -33.19 -57.86 -2.79
N GLY H 228 -32.10 -57.36 -3.38
CA GLY H 228 -31.61 -57.96 -4.60
C GLY H 228 -32.52 -57.68 -5.79
N SER H 229 -32.32 -58.48 -6.84
CA SER H 229 -33.07 -58.31 -8.08
C SER H 229 -33.14 -59.63 -8.80
N LEU H 230 -34.05 -59.70 -9.79
CA LEU H 230 -34.25 -60.91 -10.57
C LEU H 230 -33.22 -61.10 -11.66
N THR H 231 -32.34 -60.12 -11.87
CA THR H 231 -31.34 -60.18 -12.94
C THR H 231 -29.93 -60.21 -12.36
N TRP H 232 -29.79 -60.76 -11.16
CA TRP H 232 -28.49 -60.88 -10.49
C TRP H 232 -28.23 -62.35 -10.18
N TYR H 233 -27.05 -62.84 -10.54
CA TYR H 233 -26.62 -64.18 -10.19
C TYR H 233 -25.20 -64.14 -9.67
N GLN H 234 -24.91 -65.00 -8.70
CA GLN H 234 -23.62 -65.06 -8.05
C GLN H 234 -22.83 -66.25 -8.58
N ASN H 235 -21.61 -65.99 -9.05
CA ASN H 235 -20.74 -67.05 -9.54
C ASN H 235 -20.00 -67.71 -8.36
N ASP H 236 -19.35 -68.83 -8.65
CA ASP H 236 -18.54 -69.51 -7.64
C ASP H 236 -17.35 -68.68 -7.20
N SER H 237 -16.95 -67.70 -8.00
CA SER H 237 -15.83 -66.82 -7.68
C SER H 237 -16.20 -65.71 -6.70
N LEU H 238 -17.35 -65.82 -6.04
CA LEU H 238 -17.83 -64.82 -5.08
C LEU H 238 -17.95 -63.44 -5.74
N THR H 239 -18.50 -63.42 -6.96
CA THR H 239 -18.71 -62.20 -7.70
C THR H 239 -20.18 -62.06 -8.08
N VAL H 240 -20.62 -60.82 -8.25
CA VAL H 240 -22.00 -60.51 -8.63
C VAL H 240 -21.99 -59.96 -10.06
N ASN H 241 -22.78 -60.57 -10.92
CA ASN H 241 -22.87 -60.18 -12.32
C ASN H 241 -24.31 -59.83 -12.69
N GLU H 242 -24.45 -58.87 -13.60
CA GLU H 242 -25.74 -58.43 -14.09
C GLU H 242 -25.79 -58.58 -15.60
N VAL H 243 -26.92 -59.07 -16.10
CA VAL H 243 -27.12 -59.26 -17.53
C VAL H 243 -28.36 -58.48 -17.96
N SER H 244 -28.71 -58.59 -19.24
CA SER H 244 -29.95 -58.00 -19.73
C SER H 244 -31.12 -58.94 -19.44
N ALA H 245 -32.32 -58.52 -19.84
CA ALA H 245 -33.50 -59.34 -19.63
C ALA H 245 -33.54 -60.55 -20.55
N SER H 246 -33.13 -60.35 -21.81
CA SER H 246 -33.19 -61.44 -22.78
C SER H 246 -32.26 -62.58 -22.40
N GLN H 247 -31.01 -62.26 -22.06
CA GLN H 247 -30.05 -63.30 -21.68
C GLN H 247 -30.47 -64.00 -20.40
N ALA H 248 -30.98 -63.23 -19.43
CA ALA H 248 -31.45 -63.83 -18.18
C ALA H 248 -32.60 -64.79 -18.43
N TYR H 249 -33.53 -64.40 -19.29
CA TYR H 249 -34.63 -65.30 -19.63
C TYR H 249 -34.12 -66.54 -20.37
N ASP H 250 -33.14 -66.36 -21.26
CA ASP H 250 -32.70 -67.47 -22.10
C ASP H 250 -31.92 -68.50 -21.30
N GLU H 251 -31.04 -68.07 -20.40
CA GLU H 251 -30.06 -69.03 -19.89
C GLU H 251 -30.52 -69.77 -18.64
N TYR H 252 -31.07 -69.08 -17.63
CA TYR H 252 -31.27 -69.73 -16.34
C TYR H 252 -32.68 -69.61 -15.75
N ILE H 253 -33.52 -68.70 -16.21
CA ILE H 253 -34.84 -68.52 -15.62
C ILE H 253 -35.94 -69.22 -16.40
N ASN H 254 -35.68 -69.62 -17.65
CA ASN H 254 -36.70 -70.32 -18.43
C ASN H 254 -37.01 -71.68 -17.84
N ASP H 255 -35.99 -72.39 -17.36
CA ASP H 255 -36.18 -73.76 -16.88
C ASP H 255 -36.98 -73.80 -15.58
N ILE H 256 -37.00 -72.70 -14.82
CA ILE H 256 -37.71 -72.71 -13.54
C ILE H 256 -39.20 -72.89 -13.75
N ILE H 257 -39.78 -72.12 -14.69
CA ILE H 257 -41.23 -72.14 -14.89
C ILE H 257 -41.66 -73.46 -15.53
N ASN H 258 -40.94 -73.90 -16.56
CA ASN H 258 -41.37 -75.08 -17.31
C ASN H 258 -41.13 -76.37 -16.54
N LYS H 259 -39.97 -76.48 -15.88
CA LYS H 259 -39.59 -77.69 -15.18
C LYS H 259 -39.81 -77.53 -13.68
N ASP H 260 -39.47 -78.57 -12.92
CA ASP H 260 -39.67 -78.59 -11.48
C ASP H 260 -38.42 -79.12 -10.79
N ASP H 261 -38.23 -78.67 -9.54
CA ASP H 261 -37.15 -79.14 -8.68
C ASP H 261 -35.77 -78.92 -9.33
N PHE H 262 -35.52 -77.68 -9.76
CA PHE H 262 -34.25 -77.32 -10.36
C PHE H 262 -33.75 -75.97 -9.87
N TYR H 263 -34.03 -75.64 -8.62
CA TYR H 263 -33.59 -74.37 -8.02
C TYR H 263 -32.30 -74.60 -7.26
N ARG H 264 -31.19 -74.05 -7.76
CA ARG H 264 -29.89 -74.12 -7.09
C ARG H 264 -29.27 -72.72 -7.13
N GLY H 265 -29.66 -71.87 -6.19
CA GLY H 265 -29.12 -70.52 -6.06
C GLY H 265 -28.95 -69.77 -7.37
N GLN H 266 -29.92 -69.90 -8.27
CA GLN H 266 -29.77 -69.34 -9.61
C GLN H 266 -29.88 -67.82 -9.59
N HIS H 267 -30.82 -67.26 -8.83
CA HIS H 267 -30.99 -65.83 -8.73
C HIS H 267 -30.93 -65.40 -7.27
N LEU H 268 -30.43 -64.18 -7.06
CA LEU H 268 -30.18 -63.65 -5.72
C LEU H 268 -31.45 -62.96 -5.21
N ILE H 269 -32.18 -63.65 -4.33
CA ILE H 269 -33.39 -63.09 -3.73
C ILE H 269 -33.37 -63.41 -2.24
N TYR H 270 -34.13 -62.64 -1.47
CA TYR H 270 -34.23 -62.83 -0.02
C TYR H 270 -35.70 -62.86 0.40
N PRO H 271 -36.42 -63.96 0.16
CA PRO H 271 -37.80 -64.05 0.64
C PRO H 271 -37.89 -64.39 2.12
N GLY H 272 -36.76 -64.32 2.83
CA GLY H 272 -36.70 -64.74 4.22
C GLY H 272 -36.87 -63.59 5.19
N ALA H 273 -37.43 -63.90 6.36
CA ALA H 273 -37.60 -62.89 7.40
C ALA H 273 -36.25 -62.44 7.95
N ASN H 274 -35.32 -63.38 8.13
CA ASN H 274 -34.00 -63.07 8.65
C ASN H 274 -32.96 -63.34 7.58
N LYS H 275 -32.04 -62.38 7.39
CA LYS H 275 -31.00 -62.47 6.38
C LYS H 275 -29.61 -62.54 6.97
N TYR H 276 -29.45 -62.35 8.28
CA TYR H 276 -28.12 -62.37 8.88
C TYR H 276 -27.58 -63.78 8.99
N SER H 277 -28.47 -64.78 9.03
CA SER H 277 -28.01 -66.17 9.03
C SER H 277 -27.27 -66.50 7.74
N HIS H 278 -27.77 -66.02 6.61
CA HIS H 278 -27.07 -66.19 5.34
C HIS H 278 -25.80 -65.36 5.35
N THR H 279 -24.65 -66.03 5.20
CA THR H 279 -23.35 -65.43 5.42
C THR H 279 -22.52 -65.35 4.13
N ILE H 280 -23.19 -65.10 3.01
CA ILE H 280 -22.48 -64.96 1.74
C ILE H 280 -22.89 -63.65 1.07
N GLY H 281 -23.96 -63.03 1.59
CA GLY H 281 -24.46 -61.80 1.01
C GLY H 281 -23.88 -60.55 1.67
N PHE H 282 -23.09 -59.79 0.92
CA PHE H 282 -22.52 -58.54 1.44
C PHE H 282 -23.12 -57.31 0.78
N VAL H 283 -23.76 -57.44 -0.39
CA VAL H 283 -24.45 -56.31 -0.99
C VAL H 283 -25.65 -55.90 -0.14
N TYR H 284 -26.30 -56.88 0.48
CA TYR H 284 -27.44 -56.58 1.35
C TYR H 284 -27.01 -55.69 2.51
N GLY H 285 -25.83 -55.94 3.07
CA GLY H 285 -25.28 -55.03 4.06
C GLY H 285 -24.75 -53.74 3.48
N GLU H 286 -24.43 -53.73 2.19
CA GLU H 286 -23.98 -52.50 1.55
C GLU H 286 -25.11 -51.50 1.40
N MET H 287 -26.27 -51.96 0.96
CA MET H 287 -27.40 -51.05 0.75
C MET H 287 -27.90 -50.45 2.06
N PHE H 288 -27.91 -51.24 3.13
CA PHE H 288 -28.45 -50.77 4.39
C PHE H 288 -27.55 -49.73 5.05
N ARG H 289 -26.24 -49.80 4.80
CA ARG H 289 -25.35 -48.75 5.29
C ARG H 289 -25.69 -47.41 4.66
N ARG H 290 -25.92 -47.39 3.34
CA ARG H 290 -26.33 -46.17 2.67
C ARG H 290 -27.69 -45.69 3.16
N PHE H 291 -28.62 -46.63 3.36
CA PHE H 291 -29.93 -46.25 3.89
C PHE H 291 -29.81 -45.60 5.26
N GLY H 292 -29.00 -46.18 6.14
CA GLY H 292 -28.82 -45.59 7.46
C GLY H 292 -28.12 -44.26 7.43
N GLU H 293 -27.15 -44.10 6.53
CA GLU H 293 -26.43 -42.84 6.42
C GLU H 293 -27.31 -41.74 5.83
N PHE H 294 -28.27 -42.11 4.98
CA PHE H 294 -29.11 -41.10 4.34
C PHE H 294 -30.05 -40.43 5.33
N ILE H 295 -30.53 -41.17 6.32
CA ILE H 295 -31.57 -40.67 7.22
C ILE H 295 -30.98 -40.09 8.49
N SER H 296 -29.69 -39.75 8.49
CA SER H 296 -29.04 -39.11 9.62
C SER H 296 -28.37 -37.82 9.20
N LYS H 297 -29.05 -37.04 8.38
CA LYS H 297 -28.56 -35.76 7.89
C LYS H 297 -29.63 -34.70 8.12
N PRO H 298 -29.23 -33.45 8.34
CA PRO H 298 -30.21 -32.39 8.57
C PRO H 298 -30.94 -32.00 7.30
N GLN H 299 -32.16 -31.48 7.50
CA GLN H 299 -33.02 -31.00 6.42
C GLN H 299 -33.31 -32.12 5.42
N THR H 300 -33.99 -33.15 5.92
CA THR H 300 -34.28 -34.36 5.16
C THR H 300 -35.77 -34.64 5.19
N ALA H 301 -36.30 -35.12 4.05
CA ALA H 301 -37.69 -35.54 3.93
C ALA H 301 -37.74 -36.90 3.26
N LEU H 302 -38.81 -37.64 3.53
CA LEU H 302 -38.95 -38.99 3.02
C LEU H 302 -40.41 -39.32 2.83
N PHE H 303 -40.74 -39.93 1.69
CA PHE H 303 -42.10 -40.37 1.39
C PHE H 303 -42.14 -41.89 1.31
N ILE H 304 -43.15 -42.50 1.91
CA ILE H 304 -43.33 -43.94 1.94
C ILE H 304 -44.68 -44.28 1.35
N ASN H 305 -44.69 -45.22 0.41
CA ASN H 305 -45.93 -45.70 -0.19
C ASN H 305 -45.76 -47.16 -0.59
N GLY H 306 -46.81 -47.95 -0.40
CA GLY H 306 -46.78 -49.36 -0.74
C GLY H 306 -46.12 -50.25 0.27
N PHE H 307 -45.68 -49.72 1.41
CA PHE H 307 -45.04 -50.51 2.44
C PHE H 307 -46.06 -50.95 3.48
N GLY H 308 -45.98 -52.22 3.89
CA GLY H 308 -46.95 -52.78 4.80
C GLY H 308 -46.47 -52.94 6.23
N PHE H 309 -45.27 -52.46 6.52
CA PHE H 309 -44.66 -52.54 7.85
C PHE H 309 -44.59 -53.99 8.33
N GLY H 310 -43.96 -54.83 7.49
CA GLY H 310 -43.78 -56.22 7.82
C GLY H 310 -42.33 -56.60 8.03
N ASP H 311 -41.45 -55.61 8.05
CA ASP H 311 -40.02 -55.83 8.19
C ASP H 311 -39.54 -55.26 9.52
N TYR H 312 -38.81 -56.08 10.28
CA TYR H 312 -38.31 -55.65 11.58
C TYR H 312 -37.26 -54.55 11.44
N HIS H 313 -36.27 -54.77 10.59
CA HIS H 313 -35.14 -53.85 10.49
C HIS H 313 -35.59 -52.47 10.03
N ILE H 314 -36.48 -52.41 9.04
CA ILE H 314 -36.95 -51.13 8.53
C ILE H 314 -37.74 -50.39 9.61
N ASN H 315 -38.60 -51.10 10.33
CA ASN H 315 -39.36 -50.47 11.41
C ASN H 315 -38.43 -49.90 12.47
N ARG H 316 -37.43 -50.68 12.89
CA ARG H 316 -36.50 -50.21 13.92
C ARG H 316 -35.71 -49.00 13.43
N ILE H 317 -35.23 -49.04 12.20
CA ILE H 317 -34.39 -47.95 11.71
C ILE H 317 -35.21 -46.68 11.49
N ILE H 318 -36.49 -46.83 11.13
CA ILE H 318 -37.34 -45.65 10.98
C ILE H 318 -37.67 -45.06 12.34
N LEU H 319 -38.00 -45.90 13.31
CA LEU H 319 -38.36 -45.42 14.64
C LEU H 319 -37.18 -44.71 15.30
N GLY H 320 -35.98 -45.26 15.16
CA GLY H 320 -34.81 -44.68 15.81
C GLY H 320 -34.28 -43.42 15.14
N ALA H 321 -34.78 -43.10 13.95
CA ALA H 321 -34.31 -41.93 13.21
C ALA H 321 -35.14 -40.68 13.49
N LEU H 322 -36.15 -40.77 14.36
CA LEU H 322 -37.01 -39.63 14.66
C LEU H 322 -36.45 -38.74 15.77
N LEU H 323 -35.30 -39.08 16.34
CA LEU H 323 -34.71 -38.28 17.39
C LEU H 323 -34.02 -37.03 16.86
N ASN H 324 -33.78 -36.95 15.56
CA ASN H 324 -33.22 -35.74 14.98
C ASN H 324 -34.30 -34.66 14.88
N PRO H 325 -33.92 -33.39 15.08
CA PRO H 325 -34.91 -32.30 15.00
C PRO H 325 -35.13 -31.74 13.60
N SER H 326 -34.59 -32.36 12.56
CA SER H 326 -34.72 -31.88 11.18
C SER H 326 -35.08 -33.02 10.25
N PHE H 327 -36.02 -33.87 10.68
CA PHE H 327 -36.46 -35.01 9.90
C PHE H 327 -37.98 -34.98 9.77
N HIS H 328 -38.47 -35.06 8.54
CA HIS H 328 -39.89 -35.04 8.24
C HIS H 328 -40.24 -36.27 7.41
N VAL H 329 -41.37 -36.89 7.73
CA VAL H 329 -41.76 -38.15 7.10
C VAL H 329 -43.26 -38.14 6.83
N VAL H 330 -43.64 -38.70 5.69
CA VAL H 330 -45.04 -38.86 5.30
C VAL H 330 -45.29 -40.33 5.00
N ILE H 331 -46.36 -40.89 5.57
CA ILE H 331 -46.65 -42.32 5.49
C ILE H 331 -48.05 -42.50 4.90
N TYR H 332 -48.16 -43.38 3.91
CA TYR H 332 -49.43 -43.73 3.31
C TYR H 332 -49.83 -45.13 3.76
N TYR H 333 -51.06 -45.27 4.25
CA TYR H 333 -51.55 -46.55 4.75
C TYR H 333 -53.06 -46.55 4.60
N PRO H 334 -53.58 -47.32 3.63
CA PRO H 334 -55.00 -47.17 3.26
C PRO H 334 -55.99 -47.63 4.31
N GLU H 335 -55.77 -48.78 4.93
CA GLU H 335 -56.73 -49.38 5.86
C GLU H 335 -56.34 -48.97 7.28
N LEU H 336 -56.63 -47.73 7.63
CA LEU H 336 -56.21 -47.14 8.90
C LEU H 336 -57.24 -47.22 9.99
N LYS H 337 -58.53 -47.03 9.67
CA LYS H 337 -59.56 -47.07 10.70
C LYS H 337 -59.69 -48.46 11.30
N GLU H 338 -59.55 -49.49 10.46
CA GLU H 338 -59.66 -50.87 10.95
C GLU H 338 -58.56 -51.19 11.94
N ALA H 339 -57.34 -50.71 11.69
CA ALA H 339 -56.25 -50.96 12.62
C ALA H 339 -56.53 -50.32 13.98
N ILE H 340 -57.03 -49.09 13.99
CA ILE H 340 -57.38 -48.43 15.25
C ILE H 340 -58.48 -49.20 15.97
N THR H 341 -59.50 -49.63 15.21
CA THR H 341 -60.59 -50.38 15.83
C THR H 341 -60.10 -51.67 16.47
N LYS H 342 -59.22 -52.40 15.78
CA LYS H 342 -58.71 -53.65 16.33
C LYS H 342 -57.78 -53.42 17.52
N VAL H 343 -56.98 -52.36 17.47
CA VAL H 343 -56.10 -52.05 18.60
C VAL H 343 -56.88 -51.59 19.82
N SER H 344 -58.04 -50.95 19.63
CA SER H 344 -58.83 -50.47 20.77
C SER H 344 -59.20 -51.60 21.71
N LYS H 345 -59.32 -52.83 21.21
CA LYS H 345 -59.57 -54.00 22.05
C LYS H 345 -58.29 -54.58 22.63
N GLY H 346 -57.13 -54.01 22.31
CA GLY H 346 -55.86 -54.53 22.78
C GLY H 346 -55.26 -55.60 21.90
N GLY H 347 -55.93 -56.02 20.84
CA GLY H 347 -55.45 -57.03 19.94
C GLY H 347 -54.86 -56.45 18.67
N GLY H 348 -54.71 -57.31 17.67
CA GLY H 348 -54.16 -56.93 16.39
C GLY H 348 -52.73 -57.42 16.22
N SER H 349 -52.31 -57.51 14.95
CA SER H 349 -50.96 -57.94 14.63
C SER H 349 -49.95 -56.88 15.00
N GLU H 350 -48.67 -57.28 15.02
CA GLU H 350 -47.60 -56.33 15.32
C GLU H 350 -47.53 -55.24 14.25
N ALA H 351 -47.77 -55.59 13.00
CA ALA H 351 -47.82 -54.58 11.94
C ALA H 351 -48.95 -53.59 12.19
N GLU H 352 -50.10 -54.09 12.65
CA GLU H 352 -51.22 -53.21 12.97
C GLU H 352 -50.99 -52.38 14.22
N LYS H 353 -49.99 -52.73 15.04
CA LYS H 353 -49.64 -51.93 16.20
C LYS H 353 -48.56 -50.90 15.91
N ALA H 354 -47.61 -51.22 15.03
CA ALA H 354 -46.54 -50.29 14.72
C ALA H 354 -47.08 -49.00 14.11
N ILE H 355 -48.09 -49.12 13.23
CA ILE H 355 -48.64 -47.93 12.58
C ILE H 355 -49.44 -47.09 13.58
N VAL H 356 -50.22 -47.73 14.45
CA VAL H 356 -51.05 -46.97 15.38
C VAL H 356 -50.19 -46.30 16.45
N THR H 357 -49.05 -46.91 16.80
CA THR H 357 -48.14 -46.25 17.72
C THR H 357 -47.55 -44.98 17.11
N LEU H 358 -47.24 -45.01 15.83
CA LEU H 358 -46.67 -43.84 15.17
C LEU H 358 -47.67 -42.70 15.10
N LYS H 359 -48.95 -43.00 14.86
CA LYS H 359 -49.98 -41.99 14.71
C LYS H 359 -50.21 -41.17 15.98
N ASN H 360 -49.87 -41.71 17.15
CA ASN H 360 -50.18 -41.07 18.42
C ASN H 360 -49.02 -40.25 18.97
N MET H 361 -48.01 -39.98 18.16
CA MET H 361 -46.87 -39.19 18.63
C MET H 361 -47.28 -37.74 18.82
N ALA H 362 -46.48 -37.02 19.60
CA ALA H 362 -46.74 -35.63 19.93
C ALA H 362 -45.87 -34.66 19.15
N PHE H 363 -45.19 -35.13 18.11
CA PHE H 363 -44.31 -34.29 17.30
C PHE H 363 -45.01 -33.84 16.03
N ASN H 364 -44.62 -32.67 15.54
CA ASN H 364 -45.12 -32.15 14.28
C ASN H 364 -44.35 -32.68 13.07
N GLN H 365 -43.39 -33.56 13.29
CA GLN H 365 -42.50 -34.05 12.23
C GLN H 365 -42.96 -35.37 11.62
N VAL H 366 -44.15 -35.85 11.98
CA VAL H 366 -44.68 -37.10 11.45
C VAL H 366 -46.09 -36.86 10.94
N THR H 367 -46.44 -37.51 9.83
CA THR H 367 -47.74 -37.38 9.21
C THR H 367 -48.18 -38.75 8.69
N VAL H 368 -49.46 -39.08 8.93
CA VAL H 368 -50.03 -40.35 8.49
C VAL H 368 -51.29 -40.06 7.70
N VAL H 369 -51.41 -40.70 6.53
CA VAL H 369 -52.53 -40.49 5.63
C VAL H 369 -53.24 -41.82 5.41
N GLY H 370 -54.57 -41.81 5.56
CA GLY H 370 -55.37 -42.97 5.26
C GLY H 370 -56.44 -42.68 4.23
N GLY H 371 -57.64 -43.23 4.40
CA GLY H 371 -58.76 -42.92 3.54
C GLY H 371 -59.18 -44.02 2.59
N GLY H 372 -58.47 -45.14 2.54
CA GLY H 372 -58.86 -46.23 1.66
C GLY H 372 -58.30 -46.11 0.26
N SER H 373 -59.12 -45.64 -0.67
CA SER H 373 -58.70 -45.48 -2.06
C SER H 373 -58.05 -44.13 -2.33
N LYS H 374 -58.01 -43.24 -1.34
CA LYS H 374 -57.36 -41.95 -1.50
C LYS H 374 -55.87 -41.99 -1.24
N ALA H 375 -55.34 -43.13 -0.79
CA ALA H 375 -53.92 -43.29 -0.48
C ALA H 375 -53.28 -44.34 -1.38
N TYR H 376 -53.64 -44.33 -2.66
CA TYR H 376 -53.06 -45.25 -3.61
C TYR H 376 -51.88 -44.59 -4.34
N PHE H 377 -51.19 -45.40 -5.14
CA PHE H 377 -50.01 -44.92 -5.86
C PHE H 377 -50.38 -43.84 -6.87
N ASN H 378 -51.51 -44.01 -7.55
CA ASN H 378 -51.92 -43.02 -8.54
C ASN H 378 -52.16 -41.66 -7.91
N SER H 379 -52.82 -41.63 -6.74
CA SER H 379 -53.05 -40.37 -6.06
C SER H 379 -51.78 -39.82 -5.43
N PHE H 380 -50.83 -40.69 -5.09
CA PHE H 380 -49.58 -40.23 -4.48
C PHE H 380 -48.81 -39.34 -5.44
N VAL H 381 -48.73 -39.71 -6.71
CA VAL H 381 -48.03 -38.90 -7.70
C VAL H 381 -48.73 -37.57 -7.91
N GLU H 382 -50.07 -37.54 -7.87
CA GLU H 382 -50.81 -36.32 -8.13
C GLU H 382 -50.57 -35.22 -7.11
N HIS H 383 -50.28 -35.58 -5.86
CA HIS H 383 -50.04 -34.57 -4.83
C HIS H 383 -48.72 -33.84 -5.01
N LEU H 384 -47.79 -34.41 -5.76
CA LEU H 384 -46.50 -33.75 -5.99
C LEU H 384 -46.71 -32.47 -6.79
N PRO H 385 -46.03 -31.39 -6.43
CA PRO H 385 -46.25 -30.10 -7.10
C PRO H 385 -45.34 -29.87 -8.29
N TYR H 386 -45.91 -29.25 -9.32
CA TYR H 386 -45.10 -28.80 -10.45
C TYR H 386 -44.32 -27.55 -10.07
N PRO H 387 -43.10 -27.41 -10.57
CA PRO H 387 -42.31 -26.22 -10.24
C PRO H 387 -42.86 -24.98 -10.92
N VAL H 388 -42.59 -23.83 -10.31
CA VAL H 388 -42.91 -22.53 -10.88
C VAL H 388 -41.62 -21.98 -11.50
N LEU H 389 -41.71 -21.57 -12.77
CA LEU H 389 -40.48 -21.32 -13.53
C LEU H 389 -39.93 -19.92 -13.28
N PHE H 390 -40.62 -18.90 -13.78
CA PHE H 390 -40.05 -17.55 -13.81
C PHE H 390 -40.16 -16.81 -12.47
N PRO H 391 -41.34 -16.81 -11.81
CA PRO H 391 -41.32 -16.15 -10.49
C PRO H 391 -40.39 -16.86 -9.50
N ASP H 393 -44.81 -11.60 -11.73
CA ASP H 393 -44.20 -10.93 -10.60
C ASP H 393 -44.55 -11.63 -9.28
N ASN H 394 -45.78 -12.14 -9.18
CA ASN H 394 -46.34 -12.86 -8.03
C ASN H 394 -46.57 -11.93 -6.83
N ILE H 395 -46.21 -10.65 -6.93
CA ILE H 395 -46.48 -9.69 -5.86
C ILE H 395 -47.53 -8.67 -6.27
N VAL H 396 -47.80 -8.51 -7.56
CA VAL H 396 -48.91 -7.67 -8.00
C VAL H 396 -50.16 -8.50 -8.26
N ASP H 397 -49.99 -9.78 -8.62
CA ASP H 397 -51.14 -10.65 -8.83
C ASP H 397 -51.88 -10.92 -7.53
N GLU H 398 -51.17 -10.92 -6.41
CA GLU H 398 -51.84 -11.09 -5.11
C GLU H 398 -52.76 -9.92 -4.81
N LEU H 399 -52.45 -8.73 -5.34
CA LEU H 399 -53.39 -7.62 -5.25
C LEU H 399 -54.65 -7.91 -6.06
N VAL H 400 -54.49 -8.51 -7.25
CA VAL H 400 -55.62 -8.88 -8.09
C VAL H 400 -56.37 -10.09 -7.55
N GLU H 401 -55.80 -10.77 -6.56
CA GLU H 401 -56.43 -11.97 -5.99
C GLU H 401 -57.81 -11.63 -5.44
N ALA H 402 -57.95 -10.49 -4.77
CA ALA H 402 -59.24 -10.09 -4.25
C ALA H 402 -60.17 -9.63 -5.36
N ILE H 403 -59.63 -8.97 -6.38
CA ILE H 403 -60.46 -8.43 -7.46
C ILE H 403 -61.05 -9.53 -8.32
N ALA H 404 -60.29 -10.60 -8.59
CA ALA H 404 -60.70 -11.59 -9.56
C ALA H 404 -61.99 -12.29 -9.13
N ASN H 405 -62.11 -12.65 -7.86
CA ASN H 405 -63.26 -13.37 -7.34
C ASN H 405 -64.29 -12.36 -6.86
N LEU H 406 -65.30 -12.09 -7.68
CA LEU H 406 -66.36 -11.15 -7.35
C LEU H 406 -67.72 -11.69 -7.77
N SER H 407 -67.98 -12.96 -7.45
CA SER H 407 -69.27 -13.56 -7.80
C SER H 407 -70.41 -12.89 -7.05
N LYS H 408 -70.25 -12.71 -5.74
CA LYS H 408 -71.27 -12.05 -4.92
C LYS H 408 -70.69 -11.61 -3.59
N SER I 2 16.29 -45.17 -41.41
CA SER I 2 15.42 -45.57 -40.31
C SER I 2 14.44 -44.45 -39.96
N ILE I 3 14.98 -43.32 -39.52
CA ILE I 3 14.19 -42.17 -39.10
C ILE I 3 14.58 -40.98 -39.98
N TYR I 4 13.59 -40.35 -40.59
CA TYR I 4 13.81 -39.22 -41.47
C TYR I 4 12.86 -38.09 -41.09
N GLN I 5 13.34 -36.85 -41.21
CA GLN I 5 12.48 -35.67 -40.98
C GLN I 5 13.02 -34.55 -41.87
N GLY I 6 12.42 -34.39 -43.04
CA GLY I 6 12.85 -33.39 -43.99
C GLY I 6 14.14 -33.70 -44.71
N GLY I 7 14.74 -34.86 -44.47
CA GLY I 7 15.96 -35.24 -45.15
C GLY I 7 17.17 -35.51 -44.26
N ASN I 8 16.99 -35.66 -42.96
CA ASN I 8 18.09 -35.92 -42.05
C ASN I 8 17.77 -37.12 -41.17
N LYS I 9 18.82 -37.72 -40.60
CA LYS I 9 18.67 -38.91 -39.78
C LYS I 9 18.55 -38.51 -38.30
N LEU I 10 18.19 -39.49 -37.48
CA LEU I 10 18.07 -39.31 -36.04
C LEU I 10 18.43 -40.61 -35.35
N ASN I 11 18.71 -40.52 -34.05
CA ASN I 11 19.05 -41.69 -33.24
C ASN I 11 17.88 -42.06 -32.35
N GLU I 12 18.12 -43.04 -31.46
CA GLU I 12 17.06 -43.51 -30.58
C GLU I 12 16.77 -42.49 -29.48
N ASP I 13 17.81 -41.92 -28.88
CA ASP I 13 17.60 -41.03 -27.74
C ASP I 13 16.91 -39.73 -28.15
N ASP I 14 17.34 -39.12 -29.25
CA ASP I 14 16.69 -37.89 -29.71
C ASP I 14 15.25 -38.16 -30.13
N PHE I 15 15.00 -39.30 -30.76
CA PHE I 15 13.64 -39.66 -31.12
C PHE I 15 12.76 -39.84 -29.89
N ARG I 16 13.30 -40.48 -28.85
CA ARG I 16 12.55 -40.63 -27.60
C ARG I 16 12.27 -39.28 -26.97
N SER I 17 13.25 -38.38 -26.96
CA SER I 17 13.03 -37.05 -26.41
C SER I 17 11.99 -36.28 -27.21
N HIS I 18 12.02 -36.41 -28.54
CA HIS I 18 11.03 -35.75 -29.39
C HIS I 18 9.63 -36.30 -29.12
N VAL I 19 9.52 -37.61 -28.95
CA VAL I 19 8.21 -38.22 -28.65
C VAL I 19 7.70 -37.74 -27.30
N TYR I 20 8.59 -37.70 -26.30
CA TYR I 20 8.19 -37.24 -24.97
C TYR I 20 7.79 -35.77 -24.99
N SER I 21 8.46 -34.96 -25.79
CA SER I 21 8.09 -33.55 -25.90
C SER I 21 6.71 -33.37 -26.52
N LEU I 22 6.42 -34.13 -27.59
CA LEU I 22 5.13 -34.01 -28.27
C LEU I 22 4.00 -34.61 -27.46
N CYS I 23 4.28 -35.46 -26.49
CA CYS I 23 3.25 -36.08 -25.66
C CYS I 23 2.86 -35.21 -24.48
N GLN I 24 3.17 -33.91 -24.53
CA GLN I 24 2.84 -32.98 -23.46
C GLN I 24 1.88 -31.88 -23.89
N LEU I 25 1.53 -31.78 -25.16
CA LEU I 25 0.63 -30.74 -25.64
C LEU I 25 -0.78 -30.95 -25.09
N ASP I 26 -1.67 -30.02 -25.41
CA ASP I 26 -3.02 -30.05 -24.85
C ASP I 26 -3.79 -31.28 -25.32
N ASN I 27 -3.80 -31.53 -26.62
CA ASN I 27 -4.59 -32.61 -27.20
C ASN I 27 -3.68 -33.64 -27.84
N VAL I 28 -3.91 -34.90 -27.53
CA VAL I 28 -3.16 -36.02 -28.09
C VAL I 28 -4.14 -37.07 -28.58
N GLY I 29 -3.91 -37.58 -29.78
CA GLY I 29 -4.78 -38.60 -30.35
C GLY I 29 -4.00 -39.51 -31.27
N VAL I 30 -4.47 -40.76 -31.36
CA VAL I 30 -3.83 -41.79 -32.15
C VAL I 30 -4.85 -42.36 -33.13
N LEU I 31 -4.39 -42.65 -34.36
CA LEU I 31 -5.21 -43.27 -35.39
C LEU I 31 -4.65 -44.64 -35.69
N LEU I 32 -5.49 -45.67 -35.59
CA LEU I 32 -5.08 -47.05 -35.78
C LEU I 32 -5.79 -47.64 -36.99
N GLY I 33 -5.12 -48.59 -37.63
CA GLY I 33 -5.68 -49.25 -38.80
C GLY I 33 -5.78 -50.76 -38.62
N ALA I 34 -6.10 -51.46 -39.72
CA ALA I 34 -6.23 -52.91 -39.65
C ALA I 34 -4.88 -53.62 -39.47
N GLY I 35 -3.78 -52.91 -39.72
CA GLY I 35 -2.47 -53.53 -39.59
C GLY I 35 -2.03 -53.76 -38.15
N ALA I 36 -2.62 -53.05 -37.20
CA ALA I 36 -2.25 -53.20 -35.80
C ALA I 36 -2.95 -54.39 -35.13
N SER I 37 -3.92 -55.00 -35.79
CA SER I 37 -4.65 -56.13 -35.22
C SER I 37 -4.06 -57.48 -35.60
N VAL I 38 -3.06 -57.52 -36.48
CA VAL I 38 -2.48 -58.79 -36.88
C VAL I 38 -1.62 -59.38 -35.77
N GLY I 39 -1.13 -58.54 -34.86
CA GLY I 39 -0.28 -59.01 -33.79
C GLY I 39 -0.98 -59.80 -32.71
N CYS I 40 -2.31 -59.90 -32.76
CA CYS I 40 -3.05 -60.65 -31.75
C CYS I 40 -4.02 -61.66 -32.37
N GLY I 41 -3.85 -61.98 -33.65
CA GLY I 41 -4.70 -62.93 -34.33
C GLY I 41 -5.54 -62.39 -35.47
N GLY I 42 -5.22 -61.21 -36.00
CA GLY I 42 -5.95 -60.63 -37.11
C GLY I 42 -5.38 -61.04 -38.46
N LYS I 43 -6.02 -60.54 -39.51
CA LYS I 43 -5.60 -60.81 -40.87
C LYS I 43 -5.66 -59.53 -41.69
N THR I 44 -4.78 -59.44 -42.68
CA THR I 44 -4.77 -58.30 -43.59
C THR I 44 -5.90 -58.41 -44.60
N MET I 45 -6.30 -57.27 -45.15
CA MET I 45 -7.40 -57.25 -46.11
C MET I 45 -7.04 -58.02 -47.38
N LYS I 46 -5.82 -57.84 -47.89
CA LYS I 46 -5.41 -58.57 -49.08
C LYS I 46 -5.34 -60.07 -48.81
N ASP I 47 -5.03 -60.45 -47.56
CA ASP I 47 -5.12 -61.86 -47.19
C ASP I 47 -6.55 -62.37 -47.33
N VAL I 48 -7.52 -61.57 -46.90
CA VAL I 48 -8.92 -61.96 -47.05
C VAL I 48 -9.29 -62.10 -48.51
N TRP I 49 -8.86 -61.15 -49.35
CA TRP I 49 -9.17 -61.23 -50.77
C TRP I 49 -8.56 -62.46 -51.42
N LYS I 50 -7.29 -62.76 -51.12
CA LYS I 50 -6.63 -63.88 -51.76
C LYS I 50 -7.17 -65.21 -51.24
N SER I 51 -7.60 -65.27 -49.99
CA SER I 51 -8.26 -66.45 -49.46
C SER I 51 -9.69 -66.60 -49.97
N PHE I 52 -10.31 -65.50 -50.40
CA PHE I 52 -11.66 -65.54 -50.96
C PHE I 52 -11.68 -66.00 -52.40
N LYS I 53 -10.80 -65.45 -53.25
CA LYS I 53 -10.86 -65.78 -54.68
C LYS I 53 -10.53 -67.26 -54.91
N GLN I 54 -9.62 -67.82 -54.10
CA GLN I 54 -9.27 -69.22 -54.27
C GLN I 54 -10.37 -70.14 -53.74
N ASN I 55 -11.12 -69.69 -52.72
CA ASN I 55 -12.16 -70.53 -52.15
C ASN I 55 -13.38 -70.59 -53.04
N TYR I 56 -13.68 -69.50 -53.76
CA TYR I 56 -14.85 -69.43 -54.64
C TYR I 56 -14.40 -68.96 -56.03
N PRO I 57 -13.68 -69.81 -56.76
CA PRO I 57 -13.25 -69.41 -58.11
C PRO I 57 -14.41 -69.19 -59.07
N GLU I 58 -15.53 -69.88 -58.87
CA GLU I 58 -16.68 -69.71 -59.75
C GLU I 58 -17.26 -68.30 -59.66
N LEU I 59 -17.34 -67.77 -58.44
CA LEU I 59 -17.93 -66.44 -58.25
C LEU I 59 -17.04 -65.35 -58.83
N LEU I 60 -15.71 -65.56 -58.79
CA LEU I 60 -14.79 -64.53 -59.26
C LEU I 60 -15.00 -64.20 -60.73
N GLY I 61 -15.45 -65.16 -61.53
CA GLY I 61 -15.70 -64.89 -62.93
C GLY I 61 -16.82 -63.90 -63.15
N ALA I 62 -17.91 -64.05 -62.40
CA ALA I 62 -19.05 -63.16 -62.56
C ALA I 62 -18.73 -61.73 -62.13
N LEU I 63 -17.96 -61.57 -61.06
CA LEU I 63 -17.61 -60.23 -60.58
C LEU I 63 -16.78 -59.44 -61.58
N ILE I 64 -16.08 -60.13 -62.49
CA ILE I 64 -15.20 -59.46 -63.44
C ILE I 64 -15.79 -59.39 -64.84
N ASP I 65 -16.52 -60.41 -65.29
CA ASP I 65 -16.99 -60.51 -66.66
C ASP I 65 -18.33 -59.81 -66.89
N LYS I 66 -19.33 -60.10 -66.07
CA LYS I 66 -20.68 -59.66 -66.34
C LYS I 66 -21.03 -58.32 -65.70
N TYR I 67 -20.49 -58.02 -64.51
CA TYR I 67 -20.86 -56.82 -63.79
C TYR I 67 -19.76 -55.77 -63.73
N LEU I 68 -18.53 -56.10 -64.13
CA LEU I 68 -17.44 -55.12 -64.24
C LEU I 68 -17.19 -54.39 -62.92
N LEU I 69 -17.26 -55.13 -61.81
CA LEU I 69 -17.06 -54.52 -60.50
C LEU I 69 -15.61 -54.60 -60.01
N VAL I 70 -14.80 -55.48 -60.59
CA VAL I 70 -13.42 -55.66 -60.16
C VAL I 70 -12.51 -55.56 -61.39
N SER I 71 -11.37 -54.89 -61.20
CA SER I 71 -10.36 -54.78 -62.23
C SER I 71 -9.41 -55.97 -62.13
N GLN I 72 -9.14 -56.61 -63.27
CA GLN I 72 -8.37 -57.85 -63.27
C GLN I 72 -6.94 -57.63 -62.80
N ILE I 73 -6.35 -56.47 -63.12
CA ILE I 73 -4.98 -56.19 -62.72
C ILE I 73 -4.86 -56.14 -61.20
N ASP I 74 -5.80 -55.45 -60.55
CA ASP I 74 -5.79 -55.38 -59.09
C ASP I 74 -6.04 -56.75 -58.47
N SER I 75 -6.89 -57.57 -59.09
CA SER I 75 -7.11 -58.92 -58.60
C SER I 75 -5.83 -59.74 -58.67
N ASP I 76 -5.06 -59.59 -59.75
CA ASP I 76 -3.76 -60.26 -59.83
C ASP I 76 -2.83 -59.74 -58.74
N ASN I 77 -2.81 -58.42 -58.53
CA ASN I 77 -1.92 -57.83 -57.54
C ASN I 77 -2.54 -57.74 -56.15
N ASN I 78 -3.75 -58.27 -55.96
CA ASN I 78 -4.43 -58.27 -54.65
C ASN I 78 -4.57 -56.86 -54.11
N LEU I 79 -5.04 -55.94 -54.97
CA LEU I 79 -5.24 -54.54 -54.62
C LEU I 79 -6.72 -54.18 -54.61
N VAL I 80 -7.57 -55.10 -54.19
CA VAL I 80 -9.01 -54.89 -54.18
C VAL I 80 -9.43 -54.44 -52.78
N ASN I 81 -10.21 -53.36 -52.71
CA ASN I 81 -10.69 -52.83 -51.44
C ASN I 81 -12.02 -53.50 -51.10
N VAL I 82 -12.05 -54.18 -49.96
CA VAL I 82 -13.23 -54.97 -49.59
C VAL I 82 -14.39 -54.05 -49.21
N GLU I 83 -14.11 -52.96 -48.50
CA GLU I 83 -15.18 -52.08 -48.02
C GLU I 83 -15.96 -51.49 -49.18
N LEU I 84 -15.26 -50.94 -50.17
CA LEU I 84 -15.92 -50.36 -51.33
C LEU I 84 -16.69 -51.42 -52.11
N LEU I 85 -16.11 -52.62 -52.22
CA LEU I 85 -16.78 -53.72 -52.90
C LEU I 85 -18.12 -54.03 -52.24
N ILE I 86 -18.12 -54.17 -50.92
CA ILE I 86 -19.35 -54.50 -50.21
C ILE I 86 -20.36 -53.37 -50.32
N ASP I 87 -19.90 -52.11 -50.16
CA ASP I 87 -20.82 -50.98 -50.23
C ASP I 87 -21.47 -50.89 -51.61
N GLU I 88 -20.70 -51.12 -52.67
CA GLU I 88 -21.26 -51.01 -54.01
C GLU I 88 -22.13 -52.23 -54.35
N ALA I 89 -21.82 -53.39 -53.76
CA ALA I 89 -22.60 -54.58 -54.03
C ALA I 89 -23.94 -54.59 -53.31
N THR I 90 -24.03 -53.90 -52.16
CA THR I 90 -25.31 -53.88 -51.44
C THR I 90 -26.42 -53.22 -52.24
N LYS I 91 -26.11 -52.12 -52.95
CA LYS I 91 -27.18 -51.39 -53.64
C LYS I 91 -27.69 -52.11 -54.87
N PHE I 92 -26.87 -52.99 -55.47
CA PHE I 92 -27.35 -53.79 -56.60
C PHE I 92 -28.51 -54.68 -56.19
N LEU I 93 -28.40 -55.33 -55.02
CA LEU I 93 -29.48 -56.17 -54.53
C LEU I 93 -30.73 -55.34 -54.26
N SER I 94 -30.58 -54.14 -53.70
CA SER I 94 -31.72 -53.28 -53.45
C SER I 94 -32.40 -52.88 -54.75
N VAL I 95 -31.62 -52.54 -55.78
CA VAL I 95 -32.21 -52.17 -57.06
C VAL I 95 -32.95 -53.35 -57.68
N ALA I 96 -32.34 -54.54 -57.63
CA ALA I 96 -32.99 -55.73 -58.18
C ALA I 96 -34.29 -56.03 -57.45
N LYS I 97 -34.29 -55.91 -56.13
CA LYS I 97 -35.51 -56.14 -55.36
C LYS I 97 -36.58 -55.11 -55.70
N THR I 98 -36.18 -53.84 -55.84
CA THR I 98 -37.15 -52.79 -56.16
C THR I 98 -37.78 -53.01 -57.52
N ARG I 99 -36.99 -53.42 -58.52
CA ARG I 99 -37.51 -53.63 -59.86
C ARG I 99 -38.04 -55.05 -60.07
N ARG I 100 -37.95 -55.91 -59.06
CA ARG I 100 -38.47 -57.27 -59.10
C ARG I 100 -37.86 -58.08 -60.25
N CYS I 101 -36.54 -58.25 -60.17
CA CYS I 101 -35.79 -59.10 -61.08
C CYS I 101 -35.33 -60.32 -60.28
N GLU I 102 -36.06 -61.42 -60.42
CA GLU I 102 -35.81 -62.59 -59.57
C GLU I 102 -34.44 -63.19 -59.82
N ASP I 103 -34.01 -63.24 -61.08
CA ASP I 103 -32.73 -63.86 -61.41
C ASP I 103 -31.57 -63.08 -60.81
N GLU I 104 -31.55 -61.77 -61.03
CA GLU I 104 -30.47 -60.94 -60.48
C GLU I 104 -30.51 -60.97 -58.95
N GLU I 105 -31.70 -60.93 -58.36
CA GLU I 105 -31.82 -60.94 -56.91
C GLU I 105 -31.26 -62.23 -56.33
N GLU I 106 -31.64 -63.38 -56.89
CA GLU I 106 -31.16 -64.65 -56.35
C GLU I 106 -29.67 -64.83 -56.62
N GLU I 107 -29.16 -64.28 -57.72
CA GLU I 107 -27.73 -64.33 -57.97
C GLU I 107 -26.97 -63.49 -56.96
N PHE I 108 -27.48 -62.30 -56.63
CA PHE I 108 -26.77 -61.42 -55.72
C PHE I 108 -26.90 -61.87 -54.27
N ARG I 109 -27.96 -62.60 -53.93
CA ARG I 109 -28.12 -63.08 -52.56
C ARG I 109 -27.04 -64.09 -52.16
N LYS I 110 -26.32 -64.66 -53.13
CA LYS I 110 -25.33 -65.69 -52.85
C LYS I 110 -23.93 -65.12 -52.61
N ILE I 111 -23.57 -64.03 -53.30
CA ILE I 111 -22.23 -63.47 -53.17
C ILE I 111 -22.04 -62.83 -51.81
N LEU I 112 -23.05 -62.12 -51.31
CA LEU I 112 -22.93 -61.40 -50.06
C LEU I 112 -22.75 -62.35 -48.87
N SER I 113 -23.40 -63.51 -48.91
CA SER I 113 -23.24 -64.47 -47.83
C SER I 113 -21.80 -64.94 -47.73
N SER I 114 -21.19 -65.28 -48.87
CA SER I 114 -19.79 -65.71 -48.87
C SER I 114 -18.87 -64.58 -48.44
N LEU I 115 -19.12 -63.36 -48.92
CA LEU I 115 -18.30 -62.22 -48.54
C LEU I 115 -18.36 -61.98 -47.03
N TYR I 116 -19.55 -62.04 -46.45
CA TYR I 116 -19.69 -61.80 -45.02
C TYR I 116 -19.08 -62.94 -44.21
N LYS I 117 -19.19 -64.18 -44.69
CA LYS I 117 -18.53 -65.29 -44.02
C LYS I 117 -17.02 -65.11 -44.02
N GLU I 118 -16.48 -64.60 -45.13
CA GLU I 118 -15.04 -64.34 -45.20
C GLU I 118 -14.64 -63.23 -44.23
N VAL I 119 -15.38 -62.12 -44.23
CA VAL I 119 -14.95 -60.97 -43.43
C VAL I 119 -15.11 -61.25 -41.94
N THR I 120 -16.17 -61.96 -41.54
CA THR I 120 -16.41 -62.17 -40.12
C THR I 120 -15.60 -63.31 -39.53
N LYS I 121 -14.97 -64.13 -40.38
CA LYS I 121 -14.17 -65.25 -39.87
C LYS I 121 -12.95 -64.76 -39.11
N ALA I 122 -12.28 -63.72 -39.60
CA ALA I 122 -11.04 -63.25 -39.04
C ALA I 122 -11.23 -62.19 -37.95
N ALA I 123 -12.48 -61.78 -37.69
CA ALA I 123 -12.73 -60.72 -36.72
C ALA I 123 -13.01 -61.25 -35.31
N LEU I 124 -13.13 -62.56 -35.14
CA LEU I 124 -13.45 -63.11 -33.82
C LEU I 124 -12.27 -63.00 -32.88
N LEU I 125 -11.06 -63.33 -33.37
CA LEU I 125 -9.79 -63.28 -32.64
C LEU I 125 -9.68 -64.34 -31.56
N THR I 126 -10.74 -65.10 -31.26
CA THR I 126 -10.62 -66.14 -30.25
C THR I 126 -11.30 -67.43 -30.68
N GLY I 127 -11.96 -67.48 -31.84
CA GLY I 127 -12.61 -68.69 -32.25
C GLY I 127 -13.89 -68.94 -31.48
N GLU I 128 -14.07 -70.18 -31.04
CA GLU I 128 -15.30 -70.56 -30.34
C GLU I 128 -15.41 -69.86 -28.99
N GLN I 129 -14.28 -69.61 -28.33
CA GLN I 129 -14.26 -68.99 -27.01
C GLN I 129 -14.68 -67.52 -27.03
N PHE I 130 -15.11 -67.00 -28.17
CA PHE I 130 -15.53 -65.61 -28.28
C PHE I 130 -16.67 -65.26 -27.33
N ARG I 131 -17.49 -66.25 -26.95
CA ARG I 131 -18.67 -66.01 -26.13
C ARG I 131 -18.42 -66.36 -24.66
N GLU I 132 -17.22 -66.10 -24.16
CA GLU I 132 -16.86 -66.41 -22.79
C GLU I 132 -16.56 -65.12 -22.02
N LYS I 133 -16.17 -65.27 -20.76
CA LYS I 133 -16.01 -64.16 -19.85
C LYS I 133 -14.54 -63.85 -19.61
N ASN I 134 -14.25 -62.57 -19.36
CA ASN I 134 -12.91 -62.10 -19.00
C ASN I 134 -11.87 -62.48 -20.05
N GLN I 135 -12.20 -62.23 -21.32
CA GLN I 135 -11.27 -62.49 -22.40
C GLN I 135 -10.05 -61.57 -22.39
N GLY I 136 -10.12 -60.46 -21.64
CA GLY I 136 -9.01 -59.52 -21.62
C GLY I 136 -7.81 -59.95 -20.81
N LYS I 137 -7.93 -61.03 -20.04
CA LYS I 137 -6.81 -61.51 -19.23
C LYS I 137 -5.82 -62.36 -20.02
N LYS I 138 -6.11 -62.64 -21.29
CA LYS I 138 -5.25 -63.50 -22.08
C LYS I 138 -3.94 -62.80 -22.45
N ASP I 139 -2.98 -63.59 -22.93
CA ASP I 139 -1.64 -63.06 -23.20
C ASP I 139 -1.66 -62.07 -24.35
N ALA I 140 -2.49 -62.30 -25.36
CA ALA I 140 -2.47 -61.46 -26.56
C ALA I 140 -2.82 -60.02 -26.25
N PHE I 141 -3.52 -59.77 -25.15
CA PHE I 141 -3.94 -58.43 -24.76
C PHE I 141 -3.06 -57.83 -23.68
N LYS I 142 -1.82 -58.31 -23.55
CA LYS I 142 -0.87 -57.72 -22.61
C LYS I 142 -0.38 -56.35 -23.06
N TYR I 143 -0.34 -56.10 -24.37
CA TYR I 143 0.17 -54.84 -24.89
C TYR I 143 -0.89 -53.74 -24.86
N HIS I 144 -2.14 -54.09 -25.13
CA HIS I 144 -3.20 -53.07 -25.16
C HIS I 144 -3.41 -52.44 -23.79
N LYS I 145 -3.38 -53.25 -22.73
CA LYS I 145 -3.51 -52.70 -21.39
C LYS I 145 -2.36 -51.75 -21.08
N GLU I 146 -1.13 -52.12 -21.46
CA GLU I 146 0.00 -51.25 -21.23
C GLU I 146 -0.12 -49.94 -22.00
N LEU I 147 -0.58 -50.02 -23.25
CA LEU I 147 -0.75 -48.80 -24.05
C LEU I 147 -1.80 -47.88 -23.43
N ILE I 148 -2.93 -48.45 -23.01
CA ILE I 148 -3.99 -47.64 -22.42
C ILE I 148 -3.53 -47.02 -21.11
N SER I 149 -2.82 -47.80 -20.27
CA SER I 149 -2.33 -47.27 -19.01
C SER I 149 -1.30 -46.17 -19.23
N LYS I 150 -0.41 -46.34 -20.20
CA LYS I 150 0.58 -45.31 -20.49
C LYS I 150 -0.07 -44.04 -21.01
N LEU I 151 -1.09 -44.18 -21.87
CA LEU I 151 -1.76 -43.00 -22.40
C LEU I 151 -2.48 -42.22 -21.30
N ILE I 152 -3.20 -42.93 -20.43
CA ILE I 152 -4.00 -42.26 -19.41
C ILE I 152 -3.10 -41.63 -18.35
N SER I 153 -2.11 -42.39 -17.85
CA SER I 153 -1.31 -41.93 -16.73
C SER I 153 -0.38 -40.78 -17.09
N ASN I 154 -0.21 -40.47 -18.37
CA ASN I 154 0.68 -39.39 -18.80
C ASN I 154 -0.03 -38.06 -18.91
N ARG I 155 -1.31 -37.98 -18.56
CA ARG I 155 -2.07 -36.74 -18.64
C ARG I 155 -1.98 -35.99 -17.31
N GLN I 156 -1.62 -34.72 -17.38
CA GLN I 156 -1.51 -33.89 -16.19
C GLN I 156 -2.89 -33.64 -15.58
N PRO I 157 -2.95 -33.41 -14.27
CA PRO I 157 -4.24 -33.10 -13.64
C PRO I 157 -4.84 -31.82 -14.22
N GLY I 158 -6.16 -31.80 -14.33
CA GLY I 158 -6.85 -30.68 -14.92
C GLY I 158 -6.57 -30.51 -16.40
N GLN I 159 -6.59 -31.61 -17.14
CA GLN I 159 -6.33 -31.60 -18.58
C GLN I 159 -7.39 -32.41 -19.29
N SER I 160 -7.41 -32.30 -20.61
CA SER I 160 -8.38 -33.02 -21.42
C SER I 160 -8.08 -34.52 -21.44
N ALA I 161 -9.10 -35.31 -21.74
CA ALA I 161 -9.01 -36.75 -21.78
C ALA I 161 -8.35 -37.22 -23.07
N PRO I 162 -7.69 -38.37 -23.06
CA PRO I 162 -7.09 -38.90 -24.29
C PRO I 162 -8.15 -39.31 -25.31
N ALA I 163 -7.76 -39.25 -26.58
CA ALA I 163 -8.63 -39.60 -27.69
C ALA I 163 -8.03 -40.75 -28.47
N ILE I 164 -8.85 -41.73 -28.82
CA ILE I 164 -8.42 -42.92 -29.56
C ILE I 164 -9.30 -43.07 -30.79
N PHE I 165 -8.68 -43.23 -31.96
CA PHE I 165 -9.36 -43.50 -33.20
C PHE I 165 -8.94 -44.85 -33.72
N THR I 166 -9.84 -45.51 -34.46
CA THR I 166 -9.54 -46.84 -34.97
C THR I 166 -10.38 -47.10 -36.22
N THR I 167 -9.98 -48.13 -36.96
CA THR I 167 -10.67 -48.54 -38.17
C THR I 167 -11.14 -49.99 -38.14
N ASN I 168 -10.43 -50.87 -37.43
CA ASN I 168 -10.87 -52.25 -37.30
C ASN I 168 -12.16 -52.33 -36.50
N TYR I 169 -13.02 -53.28 -36.88
CA TYR I 169 -14.35 -53.42 -36.30
C TYR I 169 -14.44 -54.57 -35.31
N ASP I 170 -13.32 -54.91 -34.66
CA ASP I 170 -13.28 -55.98 -33.69
C ASP I 170 -13.41 -55.42 -32.27
N LEU I 171 -13.41 -56.31 -31.30
CA LEU I 171 -13.54 -55.96 -29.89
C LEU I 171 -12.22 -55.97 -29.14
N ALA I 172 -11.10 -56.06 -29.86
CA ALA I 172 -9.80 -56.21 -29.20
C ALA I 172 -9.50 -55.04 -28.28
N LEU I 173 -9.76 -53.82 -28.74
CA LEU I 173 -9.46 -52.64 -27.96
C LEU I 173 -10.47 -52.40 -26.83
N GLU I 174 -11.62 -53.06 -26.88
CA GLU I 174 -12.62 -52.94 -25.82
C GLU I 174 -12.48 -54.01 -24.73
N TRP I 175 -11.92 -55.17 -25.08
CA TRP I 175 -11.73 -56.22 -24.08
C TRP I 175 -10.80 -55.77 -22.98
N ALA I 176 -9.73 -55.05 -23.32
CA ALA I 176 -8.76 -54.63 -22.32
C ALA I 176 -9.33 -53.59 -21.37
N ALA I 177 -10.23 -52.74 -21.87
CA ALA I 177 -10.76 -51.65 -21.05
C ALA I 177 -11.53 -52.18 -19.85
N GLU I 178 -12.36 -53.21 -20.06
CA GLU I 178 -13.15 -53.76 -18.96
C GLU I 178 -12.26 -54.40 -17.90
N ASP I 179 -11.24 -55.16 -18.32
CA ASP I 179 -10.37 -55.82 -17.36
C ASP I 179 -9.50 -54.81 -16.62
N LEU I 180 -9.08 -53.74 -17.31
CA LEU I 180 -8.28 -52.71 -16.65
C LEU I 180 -9.07 -52.00 -15.56
N GLY I 181 -10.34 -51.71 -15.83
CA GLY I 181 -11.20 -51.08 -14.86
C GLY I 181 -11.58 -49.63 -15.13
N ILE I 182 -11.57 -49.19 -16.38
CA ILE I 182 -11.90 -47.82 -16.72
C ILE I 182 -13.17 -47.79 -17.55
N GLN I 183 -13.64 -46.58 -17.85
CA GLN I 183 -14.88 -46.37 -18.59
C GLN I 183 -14.57 -45.75 -19.94
N LEU I 184 -15.09 -46.34 -21.01
CA LEU I 184 -14.96 -45.82 -22.36
C LEU I 184 -16.34 -45.43 -22.87
N PHE I 185 -16.47 -44.19 -23.35
CA PHE I 185 -17.74 -43.69 -23.88
C PHE I 185 -17.70 -43.83 -25.39
N ASN I 186 -18.42 -44.82 -25.91
CA ASN I 186 -18.49 -45.07 -27.35
C ASN I 186 -19.75 -44.47 -27.98
N GLY I 187 -20.41 -43.55 -27.28
CA GLY I 187 -21.59 -42.89 -27.80
C GLY I 187 -22.90 -43.55 -27.46
N PHE I 188 -22.88 -44.70 -26.79
CA PHE I 188 -24.08 -45.42 -26.41
C PHE I 188 -24.31 -45.32 -24.91
N SER I 189 -25.54 -45.61 -24.50
CA SER I 189 -25.91 -45.59 -23.09
C SER I 189 -27.18 -46.39 -22.83
N GLY I 190 -27.14 -47.29 -21.86
CA GLY I 190 -28.27 -48.14 -21.54
C GLY I 190 -27.92 -49.61 -21.49
N LEU I 191 -28.71 -50.40 -20.79
CA LEU I 191 -28.45 -51.84 -20.66
C LEU I 191 -29.55 -52.69 -21.29
N HIS I 192 -30.80 -52.51 -20.86
CA HIS I 192 -31.87 -53.37 -21.38
C HIS I 192 -32.27 -52.99 -22.79
N THR I 193 -32.21 -51.70 -23.14
CA THR I 193 -32.47 -51.25 -24.50
C THR I 193 -31.47 -50.12 -24.78
N ARG I 194 -30.33 -50.48 -25.36
CA ARG I 194 -29.22 -49.56 -25.56
C ARG I 194 -29.39 -48.83 -26.89
N GLN I 195 -29.30 -47.50 -26.86
CA GLN I 195 -29.53 -46.68 -28.04
C GLN I 195 -28.33 -45.75 -28.26
N PHE I 196 -28.41 -44.96 -29.31
CA PHE I 196 -27.32 -44.08 -29.74
C PHE I 196 -27.68 -42.63 -29.46
N TYR I 197 -26.80 -41.94 -28.72
CA TYR I 197 -27.00 -40.54 -28.38
C TYR I 197 -25.73 -39.75 -28.71
N PRO I 198 -25.75 -38.92 -29.76
CA PRO I 198 -24.52 -38.19 -30.14
C PRO I 198 -24.01 -37.25 -29.06
N GLN I 199 -24.88 -36.75 -28.18
CA GLN I 199 -24.44 -35.81 -27.15
C GLN I 199 -23.64 -36.48 -26.04
N ASN I 200 -23.55 -37.81 -26.04
CA ASN I 200 -22.83 -38.52 -24.99
C ASN I 200 -21.35 -38.15 -24.93
N PHE I 201 -20.81 -37.60 -26.01
CA PHE I 201 -19.38 -37.27 -26.06
C PHE I 201 -19.03 -35.99 -25.29
N ASP I 202 -19.90 -35.47 -24.44
CA ASP I 202 -19.64 -34.24 -23.68
C ASP I 202 -19.95 -34.45 -22.20
N LEU I 203 -19.43 -35.54 -21.64
CA LEU I 203 -19.64 -35.87 -20.24
C LEU I 203 -18.31 -36.20 -19.58
N ALA I 204 -18.30 -36.16 -18.25
CA ALA I 204 -17.10 -36.43 -17.48
C ALA I 204 -17.50 -36.77 -16.04
N PHE I 205 -16.74 -37.66 -15.43
CA PHE I 205 -16.99 -38.08 -14.06
C PHE I 205 -16.26 -37.17 -13.07
N ARG I 206 -16.63 -37.29 -11.80
CA ARG I 206 -16.02 -36.55 -10.70
C ARG I 206 -16.42 -37.23 -9.41
N ASN I 207 -15.78 -36.84 -8.31
CA ASN I 207 -16.06 -37.38 -6.99
C ASN I 207 -16.74 -36.32 -6.15
N VAL I 208 -17.93 -36.63 -5.64
CA VAL I 208 -18.66 -35.67 -4.82
C VAL I 208 -17.97 -35.46 -3.48
N ASN I 209 -17.41 -36.52 -2.90
CA ASN I 209 -16.71 -36.45 -1.63
C ASN I 209 -15.33 -37.09 -1.79
N ALA I 210 -14.29 -36.27 -1.81
CA ALA I 210 -12.93 -36.76 -1.97
C ALA I 210 -12.23 -36.87 -0.62
N HIS I 218 -12.64 -40.24 -12.68
CA HIS I 218 -11.36 -39.79 -13.22
C HIS I 218 -10.91 -40.67 -14.37
N TYR I 219 -11.41 -41.90 -14.40
CA TYR I 219 -11.04 -42.89 -15.41
C TYR I 219 -12.08 -42.85 -16.52
N HIS I 220 -11.75 -42.18 -17.61
CA HIS I 220 -12.65 -42.10 -18.76
C HIS I 220 -11.85 -41.72 -20.00
N ALA I 221 -12.15 -42.38 -21.10
CA ALA I 221 -11.52 -42.10 -22.39
C ALA I 221 -12.57 -42.21 -23.49
N TYR I 222 -12.31 -41.53 -24.61
CA TYR I 222 -13.25 -41.47 -25.72
C TYR I 222 -12.73 -42.33 -26.86
N LEU I 223 -13.61 -43.17 -27.42
CA LEU I 223 -13.27 -44.05 -28.52
C LEU I 223 -14.26 -43.85 -29.66
N TYR I 224 -13.74 -43.76 -30.88
CA TYR I 224 -14.54 -43.63 -32.08
C TYR I 224 -14.24 -44.77 -33.03
N LYS I 225 -15.28 -45.34 -33.62
CA LYS I 225 -15.15 -46.40 -34.62
C LYS I 225 -15.69 -45.86 -35.94
N LEU I 226 -14.79 -45.67 -36.91
CA LEU I 226 -15.18 -45.05 -38.18
C LEU I 226 -15.89 -46.02 -39.12
N HIS I 227 -15.88 -47.33 -38.82
CA HIS I 227 -16.50 -48.31 -39.71
C HIS I 227 -17.46 -49.23 -38.98
N GLY I 228 -17.83 -48.92 -37.74
CA GLY I 228 -18.83 -49.72 -37.04
C GLY I 228 -18.24 -50.76 -36.11
N SER I 229 -18.99 -51.84 -35.90
CA SER I 229 -18.58 -52.92 -35.01
C SER I 229 -19.45 -54.13 -35.31
N LEU I 230 -19.14 -55.25 -34.65
CA LEU I 230 -19.89 -56.48 -34.84
C LEU I 230 -21.14 -56.56 -33.98
N THR I 231 -21.31 -55.67 -33.01
CA THR I 231 -22.43 -55.71 -32.09
C THR I 231 -23.49 -54.67 -32.38
N TRP I 232 -23.44 -54.02 -33.55
CA TRP I 232 -24.38 -52.99 -33.92
C TRP I 232 -25.32 -53.50 -35.01
N TYR I 233 -26.62 -53.29 -34.83
CA TYR I 233 -27.59 -53.73 -35.81
C TYR I 233 -28.87 -52.91 -35.67
N GLN I 234 -29.66 -52.91 -36.74
CA GLN I 234 -30.93 -52.17 -36.79
C GLN I 234 -32.05 -53.21 -36.93
N ASN I 235 -32.80 -53.41 -35.86
CA ASN I 235 -33.80 -54.48 -35.79
C ASN I 235 -35.17 -54.02 -36.27
N ASP I 236 -35.24 -53.45 -37.47
CA ASP I 236 -36.45 -53.06 -38.17
C ASP I 236 -37.20 -51.93 -37.46
N SER I 237 -36.72 -51.45 -36.33
CA SER I 237 -37.36 -50.37 -35.59
C SER I 237 -36.87 -48.99 -36.03
N LEU I 238 -36.02 -48.94 -37.06
CA LEU I 238 -35.44 -47.68 -37.55
C LEU I 238 -34.64 -46.99 -36.45
N THR I 239 -34.04 -47.79 -35.56
CA THR I 239 -33.17 -47.29 -34.51
C THR I 239 -31.99 -48.24 -34.37
N VAL I 240 -30.88 -47.72 -33.85
CA VAL I 240 -29.65 -48.48 -33.70
C VAL I 240 -29.57 -49.02 -32.28
N ASN I 241 -29.03 -50.23 -32.14
CA ASN I 241 -28.94 -50.90 -30.85
C ASN I 241 -27.59 -51.56 -30.72
N GLU I 242 -27.21 -51.85 -29.47
CA GLU I 242 -25.99 -52.56 -29.15
C GLU I 242 -26.30 -53.68 -28.18
N VAL I 243 -25.58 -54.79 -28.33
CA VAL I 243 -25.78 -55.99 -27.51
C VAL I 243 -24.43 -56.48 -27.02
N SER I 244 -24.45 -57.51 -26.19
CA SER I 244 -23.23 -58.12 -25.68
C SER I 244 -22.69 -59.15 -26.67
N ALA I 245 -21.50 -59.66 -26.37
CA ALA I 245 -20.87 -60.64 -27.26
C ALA I 245 -21.66 -61.93 -27.31
N SER I 246 -22.07 -62.45 -26.15
CA SER I 246 -22.83 -63.69 -26.10
C SER I 246 -24.16 -63.53 -26.82
N GLN I 247 -24.85 -62.41 -26.58
CA GLN I 247 -26.14 -62.18 -27.24
C GLN I 247 -25.98 -62.09 -28.75
N ALA I 248 -24.96 -61.38 -29.22
CA ALA I 248 -24.74 -61.26 -30.67
C ALA I 248 -24.43 -62.62 -31.28
N TYR I 249 -23.58 -63.42 -30.63
CA TYR I 249 -23.25 -64.73 -31.14
C TYR I 249 -24.47 -65.63 -31.20
N ASP I 250 -25.30 -65.59 -30.16
CA ASP I 250 -26.52 -66.40 -30.17
C ASP I 250 -27.51 -65.89 -31.21
N GLU I 251 -27.49 -64.59 -31.53
CA GLU I 251 -28.46 -64.04 -32.46
C GLU I 251 -28.09 -64.34 -33.91
N TYR I 252 -26.95 -63.82 -34.38
CA TYR I 252 -26.69 -63.92 -35.81
C TYR I 252 -25.29 -64.40 -36.20
N ILE I 253 -24.27 -64.25 -35.36
CA ILE I 253 -22.91 -64.59 -35.77
C ILE I 253 -22.78 -66.08 -36.04
N ASN I 254 -23.32 -66.91 -35.15
CA ASN I 254 -23.18 -68.35 -35.29
C ASN I 254 -23.85 -68.85 -36.57
N ASP I 255 -25.04 -68.34 -36.88
CA ASP I 255 -25.73 -68.74 -38.10
C ASP I 255 -24.94 -68.32 -39.34
N ILE I 256 -24.37 -67.11 -39.32
CA ILE I 256 -23.61 -66.64 -40.47
C ILE I 256 -22.39 -67.52 -40.70
N ILE I 257 -21.65 -67.83 -39.63
CA ILE I 257 -20.41 -68.58 -39.78
C ILE I 257 -20.69 -70.03 -40.14
N ASN I 258 -21.65 -70.66 -39.47
CA ASN I 258 -21.84 -72.10 -39.63
C ASN I 258 -22.69 -72.44 -40.85
N LYS I 259 -23.88 -71.84 -40.95
CA LYS I 259 -24.76 -72.15 -42.07
C LYS I 259 -24.15 -71.67 -43.38
N ASP I 260 -24.37 -72.45 -44.44
CA ASP I 260 -23.77 -72.14 -45.73
C ASP I 260 -24.47 -70.95 -46.40
N ASP I 261 -25.80 -70.89 -46.32
CA ASP I 261 -26.59 -69.84 -46.95
C ASP I 261 -27.48 -69.20 -45.91
N PHE I 262 -27.13 -68.00 -45.47
CA PHE I 262 -27.95 -67.27 -44.51
C PHE I 262 -27.68 -65.77 -44.71
N TYR I 263 -28.61 -65.10 -45.41
CA TYR I 263 -28.54 -63.65 -45.58
C TYR I 263 -29.93 -63.09 -45.39
N ARG I 264 -30.03 -61.92 -44.74
CA ARG I 264 -31.31 -61.34 -44.39
C ARG I 264 -31.54 -59.98 -45.08
N GLY I 265 -30.55 -59.10 -45.05
CA GLY I 265 -30.70 -57.82 -45.73
C GLY I 265 -29.95 -56.72 -45.01
N GLN I 266 -30.48 -55.50 -45.14
CA GLN I 266 -29.89 -54.31 -44.53
C GLN I 266 -30.16 -54.34 -43.03
N HIS I 267 -29.40 -55.17 -42.32
CA HIS I 267 -29.60 -55.39 -40.90
C HIS I 267 -28.33 -55.23 -40.06
N LEU I 268 -27.16 -55.53 -40.60
CA LEU I 268 -25.91 -55.41 -39.86
C LEU I 268 -25.22 -54.11 -40.23
N ILE I 269 -24.42 -53.60 -39.29
CA ILE I 269 -23.64 -52.38 -39.51
C ILE I 269 -22.18 -52.75 -39.33
N TYR I 270 -21.55 -53.21 -40.41
CA TYR I 270 -20.11 -53.36 -40.60
C TYR I 270 -19.85 -53.92 -41.99
N PRO I 271 -18.70 -53.64 -42.61
CA PRO I 271 -17.65 -52.70 -42.19
C PRO I 271 -17.87 -51.33 -42.80
N GLY I 272 -19.11 -50.85 -42.83
CA GLY I 272 -19.41 -49.58 -43.47
C GLY I 272 -20.42 -49.74 -44.60
N ALA I 273 -21.22 -50.80 -44.53
CA ALA I 273 -22.21 -51.08 -45.55
C ALA I 273 -23.51 -50.35 -45.27
N ASN I 274 -24.43 -50.41 -46.24
CA ASN I 274 -25.76 -49.82 -46.13
C ASN I 274 -25.70 -48.33 -45.85
N LYS I 275 -24.74 -47.64 -46.50
CA LYS I 275 -24.67 -46.19 -46.40
C LYS I 275 -25.79 -45.49 -47.16
N TYR I 276 -26.49 -46.20 -48.05
CA TYR I 276 -27.53 -45.56 -48.84
C TYR I 276 -28.72 -45.13 -48.01
N SER I 277 -29.06 -45.90 -46.98
CA SER I 277 -30.18 -45.54 -46.11
C SER I 277 -29.87 -44.27 -45.34
N HIS I 278 -30.90 -43.49 -45.05
CA HIS I 278 -30.75 -42.23 -44.32
C HIS I 278 -30.73 -42.41 -42.82
N THR I 279 -30.86 -43.64 -42.33
CA THR I 279 -30.80 -43.92 -40.90
C THR I 279 -29.45 -44.46 -40.45
N ILE I 280 -28.80 -45.27 -41.29
CA ILE I 280 -27.52 -45.85 -40.92
C ILE I 280 -26.35 -44.88 -41.18
N GLY I 281 -26.42 -44.10 -42.25
CA GLY I 281 -25.35 -43.16 -42.56
C GLY I 281 -25.14 -42.09 -41.52
N PHE I 282 -26.11 -41.91 -40.61
CA PHE I 282 -25.99 -40.92 -39.55
C PHE I 282 -24.76 -41.19 -38.69
N VAL I 283 -24.54 -42.45 -38.32
CA VAL I 283 -23.43 -42.80 -37.44
C VAL I 283 -22.09 -42.51 -38.12
N TYR I 284 -21.96 -42.94 -39.39
CA TYR I 284 -20.71 -42.70 -40.11
C TYR I 284 -20.46 -41.21 -40.28
N GLY I 285 -21.49 -40.45 -40.63
CA GLY I 285 -21.32 -39.01 -40.78
C GLY I 285 -20.91 -38.35 -39.48
N GLU I 286 -21.53 -38.73 -38.37
CA GLU I 286 -21.18 -38.15 -37.08
C GLU I 286 -19.74 -38.47 -36.70
N MET I 287 -19.32 -39.73 -36.90
CA MET I 287 -17.95 -40.12 -36.55
C MET I 287 -16.94 -39.37 -37.41
N PHE I 288 -17.22 -39.24 -38.71
CA PHE I 288 -16.29 -38.53 -39.59
C PHE I 288 -16.22 -37.05 -39.22
N ARG I 289 -17.36 -36.44 -38.89
CA ARG I 289 -17.36 -35.03 -38.50
C ARG I 289 -16.58 -34.81 -37.21
N ARG I 290 -16.75 -35.70 -36.24
CA ARG I 290 -15.98 -35.59 -35.00
C ARG I 290 -14.50 -35.78 -35.24
N PHE I 291 -14.12 -36.70 -36.14
CA PHE I 291 -12.72 -36.87 -36.50
C PHE I 291 -12.16 -35.60 -37.14
N GLY I 292 -12.93 -34.98 -38.04
CA GLY I 292 -12.46 -33.77 -38.70
C GLY I 292 -12.32 -32.60 -37.75
N GLU I 293 -13.24 -32.48 -36.79
CA GLU I 293 -13.21 -31.36 -35.86
C GLU I 293 -12.00 -31.44 -34.93
N PHE I 294 -11.59 -32.65 -34.55
CA PHE I 294 -10.54 -32.81 -33.54
C PHE I 294 -9.21 -32.25 -34.02
N ILE I 295 -8.85 -32.48 -35.27
CA ILE I 295 -7.51 -32.15 -35.75
C ILE I 295 -7.46 -30.69 -36.22
N SER I 296 -8.55 -29.96 -36.01
CA SER I 296 -8.60 -28.54 -36.34
C SER I 296 -8.36 -27.64 -35.13
N LYS I 297 -8.13 -28.22 -33.94
CA LYS I 297 -7.88 -27.46 -32.73
C LYS I 297 -6.39 -27.14 -32.59
N PRO I 298 -6.05 -26.04 -31.92
CA PRO I 298 -4.64 -25.73 -31.66
C PRO I 298 -4.05 -26.68 -30.63
N GLN I 299 -2.72 -26.83 -30.69
CA GLN I 299 -1.95 -27.64 -29.76
C GLN I 299 -2.43 -29.09 -29.75
N THR I 300 -2.26 -29.74 -30.90
CA THR I 300 -2.67 -31.13 -31.08
C THR I 300 -1.48 -31.97 -31.54
N ALA I 301 -1.50 -33.24 -31.14
CA ALA I 301 -0.49 -34.21 -31.55
C ALA I 301 -1.18 -35.46 -32.05
N LEU I 302 -0.77 -35.94 -33.23
CA LEU I 302 -1.39 -37.08 -33.87
C LEU I 302 -0.35 -38.18 -34.14
N PHE I 303 -0.73 -39.42 -33.87
CA PHE I 303 0.12 -40.57 -34.10
C PHE I 303 -0.60 -41.55 -35.03
N ILE I 304 0.09 -41.99 -36.08
CA ILE I 304 -0.48 -42.88 -37.07
C ILE I 304 0.42 -44.11 -37.20
N ASN I 305 -0.19 -45.30 -37.15
CA ASN I 305 0.54 -46.53 -37.41
C ASN I 305 -0.45 -47.59 -37.89
N GLY I 306 0.05 -48.49 -38.74
CA GLY I 306 -0.80 -49.55 -39.26
C GLY I 306 -1.83 -49.11 -40.28
N PHE I 307 -1.63 -47.95 -40.91
CA PHE I 307 -2.57 -47.42 -41.89
C PHE I 307 -1.94 -47.49 -43.27
N GLY I 308 -2.66 -48.06 -44.23
CA GLY I 308 -2.18 -48.20 -45.59
C GLY I 308 -2.31 -46.99 -46.47
N PHE I 309 -2.89 -45.90 -45.96
CA PHE I 309 -3.05 -44.66 -46.71
C PHE I 309 -3.80 -44.88 -48.01
N GLY I 310 -4.83 -45.73 -47.96
CA GLY I 310 -5.64 -46.01 -49.12
C GLY I 310 -6.95 -45.25 -49.16
N ASP I 311 -7.27 -44.56 -48.07
CA ASP I 311 -8.52 -43.80 -47.97
C ASP I 311 -8.25 -42.38 -48.47
N TYR I 312 -8.86 -42.02 -49.59
CA TYR I 312 -8.61 -40.72 -50.20
C TYR I 312 -9.06 -39.58 -49.29
N HIS I 313 -10.23 -39.73 -48.64
CA HIS I 313 -10.77 -38.66 -47.82
C HIS I 313 -9.88 -38.37 -46.61
N ILE I 314 -9.35 -39.42 -45.97
CA ILE I 314 -8.47 -39.22 -44.82
C ILE I 314 -7.20 -38.50 -45.24
N ASN I 315 -6.62 -38.91 -46.37
CA ASN I 315 -5.43 -38.24 -46.88
C ASN I 315 -5.70 -36.77 -47.18
N ARG I 316 -6.85 -36.49 -47.80
CA ARG I 316 -7.18 -35.11 -48.15
C ARG I 316 -7.37 -34.26 -46.91
N ILE I 317 -8.07 -34.79 -45.89
CA ILE I 317 -8.29 -34.01 -44.67
C ILE I 317 -6.99 -33.84 -43.89
N ILE I 318 -6.08 -34.81 -43.97
CA ILE I 318 -4.79 -34.67 -43.30
C ILE I 318 -3.94 -33.61 -43.99
N LEU I 319 -3.89 -33.64 -45.32
CA LEU I 319 -3.08 -32.67 -46.06
C LEU I 319 -3.58 -31.25 -45.85
N GLY I 320 -4.91 -31.07 -45.88
CA GLY I 320 -5.46 -29.73 -45.72
C GLY I 320 -5.32 -29.17 -44.32
N ALA I 321 -5.12 -30.01 -43.31
CA ALA I 321 -5.01 -29.57 -41.94
C ALA I 321 -3.63 -29.08 -41.57
N LEU I 322 -2.65 -29.19 -42.47
CA LEU I 322 -1.29 -28.77 -42.17
C LEU I 322 -1.07 -27.27 -42.30
N LEU I 323 -2.07 -26.52 -42.78
CA LEU I 323 -1.93 -25.08 -42.88
C LEU I 323 -1.80 -24.41 -41.52
N ASN I 324 -2.29 -25.06 -40.47
CA ASN I 324 -2.10 -24.57 -39.11
C ASN I 324 -0.66 -24.83 -38.67
N PRO I 325 0.11 -23.81 -38.30
CA PRO I 325 1.50 -24.03 -37.89
C PRO I 325 1.69 -24.60 -36.50
N SER I 326 0.62 -25.09 -35.86
CA SER I 326 0.69 -25.73 -34.55
C SER I 326 0.05 -27.11 -34.60
N PHE I 327 0.38 -27.87 -35.65
CA PHE I 327 -0.18 -29.19 -35.88
C PHE I 327 0.97 -30.17 -36.09
N HIS I 328 0.92 -31.30 -35.39
CA HIS I 328 2.00 -32.28 -35.39
C HIS I 328 1.45 -33.65 -35.75
N VAL I 329 2.22 -34.40 -36.54
CA VAL I 329 1.84 -35.76 -36.96
C VAL I 329 3.07 -36.66 -36.90
N VAL I 330 2.85 -37.90 -36.46
CA VAL I 330 3.87 -38.95 -36.49
C VAL I 330 3.31 -40.13 -37.26
N ILE I 331 4.07 -40.58 -38.27
CA ILE I 331 3.58 -41.58 -39.21
C ILE I 331 4.60 -42.70 -39.34
N TYR I 332 4.12 -43.93 -39.33
CA TYR I 332 4.94 -45.12 -39.50
C TYR I 332 4.61 -45.78 -40.82
N TYR I 333 5.64 -46.23 -41.54
CA TYR I 333 5.43 -46.90 -42.82
C TYR I 333 6.52 -47.95 -43.04
N PRO I 334 6.25 -49.22 -42.75
CA PRO I 334 7.29 -50.25 -42.88
C PRO I 334 7.77 -50.51 -44.30
N GLU I 335 7.05 -50.05 -45.32
CA GLU I 335 7.36 -50.37 -46.71
C GLU I 335 7.78 -49.14 -47.50
N LEU I 336 8.63 -48.30 -46.90
CA LEU I 336 9.10 -47.09 -47.58
C LEU I 336 10.17 -47.40 -48.62
N LYS I 337 10.92 -48.49 -48.45
CA LYS I 337 12.00 -48.80 -49.40
C LYS I 337 11.45 -49.13 -50.77
N GLU I 338 10.46 -50.02 -50.84
CA GLU I 338 9.84 -50.33 -52.12
C GLU I 338 9.16 -49.10 -52.71
N ALA I 339 8.63 -48.22 -51.85
CA ALA I 339 8.02 -46.99 -52.32
C ALA I 339 9.04 -46.10 -53.01
N ILE I 340 10.19 -45.88 -52.37
CA ILE I 340 11.19 -44.97 -52.94
C ILE I 340 11.81 -45.59 -54.18
N THR I 341 11.95 -46.92 -54.22
CA THR I 341 12.43 -47.56 -55.44
C THR I 341 11.41 -47.40 -56.58
N LYS I 342 10.13 -47.56 -56.27
CA LYS I 342 9.10 -47.44 -57.30
C LYS I 342 8.99 -46.01 -57.82
N VAL I 343 9.06 -45.02 -56.92
CA VAL I 343 8.89 -43.64 -57.32
C VAL I 343 10.10 -43.11 -58.09
N SER I 344 11.25 -43.80 -58.00
CA SER I 344 12.43 -43.36 -58.73
C SER I 344 12.21 -43.40 -60.23
N LYS I 345 11.37 -44.32 -60.71
CA LYS I 345 11.03 -44.41 -62.13
C LYS I 345 9.77 -43.63 -62.47
N GLY I 346 9.21 -42.89 -61.51
CA GLY I 346 7.98 -42.14 -61.74
C GLY I 346 6.77 -43.02 -61.97
N GLY I 347 6.64 -44.10 -61.19
CA GLY I 347 5.50 -44.99 -61.34
C GLY I 347 5.09 -45.57 -60.00
N GLY I 348 3.86 -46.08 -59.97
CA GLY I 348 3.32 -46.68 -58.76
C GLY I 348 1.86 -46.35 -58.55
N SER I 349 1.29 -46.86 -57.45
CA SER I 349 -0.11 -46.60 -57.15
C SER I 349 -0.27 -45.24 -56.46
N GLU I 350 -1.53 -44.88 -56.22
CA GLU I 350 -1.82 -43.60 -55.57
C GLU I 350 -1.28 -43.56 -54.15
N ALA I 351 -1.37 -44.68 -53.43
CA ALA I 351 -0.85 -44.73 -52.07
C ALA I 351 0.66 -44.52 -52.05
N GLU I 352 1.37 -45.05 -53.06
CA GLU I 352 2.80 -44.84 -53.16
C GLU I 352 3.13 -43.35 -53.28
N LYS I 353 2.42 -42.66 -54.17
CA LYS I 353 2.64 -41.22 -54.33
C LYS I 353 2.31 -40.47 -53.05
N ALA I 354 1.21 -40.86 -52.38
CA ALA I 354 0.82 -40.18 -51.15
C ALA I 354 1.88 -40.34 -50.06
N ILE I 355 2.42 -41.54 -49.92
CA ILE I 355 3.40 -41.77 -48.85
C ILE I 355 4.75 -41.15 -49.20
N VAL I 356 5.14 -41.18 -50.47
CA VAL I 356 6.45 -40.65 -50.85
C VAL I 356 6.45 -39.13 -50.83
N THR I 357 5.38 -38.52 -51.36
CA THR I 357 5.34 -37.06 -51.50
C THR I 357 5.47 -36.35 -50.15
N LEU I 358 4.97 -36.97 -49.09
CA LEU I 358 4.98 -36.37 -47.75
C LEU I 358 6.40 -36.27 -47.15
N LYS I 359 7.44 -36.64 -47.91
CA LYS I 359 8.82 -36.54 -47.47
C LYS I 359 9.60 -35.44 -48.17
N ASN I 360 9.33 -35.21 -49.46
CA ASN I 360 10.07 -34.24 -50.25
C ASN I 360 9.49 -32.84 -50.16
N MET I 361 8.76 -32.52 -49.09
CA MET I 361 8.18 -31.21 -48.88
C MET I 361 8.85 -30.52 -47.71
N ALA I 362 8.78 -29.18 -47.72
CA ALA I 362 9.53 -28.35 -46.76
C ALA I 362 8.64 -28.04 -45.57
N PHE I 363 8.75 -28.88 -44.53
CA PHE I 363 8.10 -28.63 -43.24
C PHE I 363 8.71 -29.53 -42.18
N ASN I 364 9.15 -28.93 -41.07
CA ASN I 364 9.88 -29.66 -40.04
C ASN I 364 8.98 -30.36 -39.03
N GLN I 365 7.66 -30.22 -39.16
CA GLN I 365 6.72 -30.87 -38.25
C GLN I 365 6.22 -32.21 -38.77
N VAL I 366 6.67 -32.65 -39.95
CA VAL I 366 6.21 -33.90 -40.55
C VAL I 366 7.30 -34.95 -40.34
N THR I 367 6.92 -36.09 -39.75
CA THR I 367 7.84 -37.18 -39.48
C THR I 367 7.40 -38.42 -40.22
N VAL I 368 8.36 -39.07 -40.89
CA VAL I 368 8.11 -40.29 -41.65
C VAL I 368 9.12 -41.34 -41.21
N VAL I 369 8.63 -42.56 -40.97
CA VAL I 369 9.46 -43.68 -40.56
C VAL I 369 9.35 -44.77 -41.61
N GLY I 370 10.49 -45.25 -42.10
CA GLY I 370 10.53 -46.29 -43.10
C GLY I 370 11.53 -47.39 -42.80
N GLY I 371 11.65 -47.77 -41.53
CA GLY I 371 12.69 -48.68 -41.09
C GLY I 371 12.46 -50.15 -41.40
N GLY I 372 11.63 -50.44 -42.40
CA GLY I 372 11.43 -51.81 -42.83
C GLY I 372 10.59 -52.63 -41.88
N SER I 373 11.12 -52.91 -40.70
CA SER I 373 10.36 -53.60 -39.66
C SER I 373 10.48 -52.89 -38.32
N LYS I 374 11.09 -51.70 -38.28
CA LYS I 374 11.23 -50.94 -37.05
C LYS I 374 9.92 -50.29 -36.60
N ALA I 375 8.91 -50.25 -37.48
CA ALA I 375 7.67 -49.53 -37.22
C ALA I 375 6.54 -50.48 -36.84
N TYR I 376 6.84 -51.50 -36.05
CA TYR I 376 5.82 -52.45 -35.61
C TYR I 376 5.17 -51.97 -34.32
N PHE I 377 3.96 -52.50 -34.06
CA PHE I 377 3.11 -51.97 -33.00
C PHE I 377 3.75 -52.15 -31.62
N ASN I 378 4.36 -53.31 -31.38
CA ASN I 378 4.95 -53.57 -30.07
C ASN I 378 6.11 -52.64 -29.78
N SER I 379 6.82 -52.18 -30.82
CA SER I 379 7.85 -51.18 -30.61
C SER I 379 7.25 -49.80 -30.40
N PHE I 380 6.15 -49.51 -31.10
CA PHE I 380 5.49 -48.21 -30.97
C PHE I 380 4.97 -48.01 -29.55
N VAL I 381 4.35 -49.05 -28.98
CA VAL I 381 3.89 -48.95 -27.58
C VAL I 381 5.09 -48.87 -26.64
N GLU I 382 6.22 -49.47 -27.03
CA GLU I 382 7.42 -49.39 -26.20
C GLU I 382 7.97 -47.98 -26.16
N HIS I 383 7.88 -47.24 -27.27
CA HIS I 383 8.45 -45.90 -27.34
C HIS I 383 7.79 -44.93 -26.36
N LEU I 384 6.58 -45.21 -25.90
CA LEU I 384 5.88 -44.29 -25.02
C LEU I 384 6.59 -44.17 -23.68
N PRO I 385 6.60 -42.99 -23.07
CA PRO I 385 7.24 -42.83 -21.76
C PRO I 385 6.52 -43.63 -20.69
N TYR I 386 7.29 -44.12 -19.73
CA TYR I 386 6.79 -44.94 -18.65
C TYR I 386 7.49 -44.56 -17.35
N PRO I 387 6.84 -44.74 -16.21
CA PRO I 387 7.50 -44.43 -14.93
C PRO I 387 8.66 -45.37 -14.65
N VAL I 388 9.65 -44.85 -13.95
CA VAL I 388 10.84 -45.63 -13.61
C VAL I 388 10.72 -46.18 -12.19
N ASN I 394 0.30 -56.24 -8.92
CA ASN I 394 0.76 -57.61 -8.70
C ASN I 394 0.69 -57.98 -7.23
N ILE I 395 0.19 -57.05 -6.40
CA ILE I 395 0.06 -57.30 -4.97
C ILE I 395 -1.04 -58.31 -4.67
N VAL I 396 -1.92 -58.58 -5.64
CA VAL I 396 -3.04 -59.51 -5.44
C VAL I 396 -2.62 -60.90 -5.87
N ASP I 397 -1.31 -61.12 -6.02
CA ASP I 397 -0.81 -62.40 -6.50
C ASP I 397 -0.80 -63.50 -5.45
N GLU I 398 -0.98 -63.16 -4.17
CA GLU I 398 -0.92 -64.14 -3.10
C GLU I 398 -2.28 -64.57 -2.57
N LEU I 399 -3.33 -63.76 -2.79
CA LEU I 399 -4.67 -64.13 -2.32
C LEU I 399 -5.26 -65.30 -3.10
N VAL I 400 -4.66 -65.68 -4.23
CA VAL I 400 -5.15 -66.83 -4.98
C VAL I 400 -5.05 -68.10 -4.15
N GLU I 401 -3.92 -68.26 -3.43
CA GLU I 401 -3.77 -69.42 -2.56
C GLU I 401 -4.80 -69.41 -1.44
N ALA I 402 -5.07 -68.24 -0.86
CA ALA I 402 -6.07 -68.15 0.20
C ALA I 402 -7.45 -68.52 -0.33
N ILE I 403 -7.78 -68.08 -1.55
CA ILE I 403 -9.05 -68.47 -2.15
C ILE I 403 -9.09 -69.97 -2.39
N ALA I 404 -8.00 -70.54 -2.91
CA ALA I 404 -7.96 -71.97 -3.19
C ALA I 404 -8.02 -72.80 -1.92
N ASN I 405 -7.66 -72.21 -0.77
CA ASN I 405 -7.74 -72.94 0.49
C ASN I 405 -9.17 -73.34 0.82
N LEU I 406 -10.12 -72.43 0.62
CA LEU I 406 -11.52 -72.66 0.93
C LEU I 406 -12.32 -72.68 -0.36
N SER I 407 -12.90 -73.83 -0.69
CA SER I 407 -13.70 -73.98 -1.90
C SER I 407 -14.76 -75.06 -1.75
N SER J 2 -56.57 -24.35 -28.91
CA SER J 2 -56.03 -25.41 -28.07
C SER J 2 -54.53 -25.23 -27.87
N ILE J 3 -54.13 -24.90 -26.65
CA ILE J 3 -52.73 -24.71 -26.30
C ILE J 3 -52.40 -25.64 -25.14
N TYR J 4 -51.34 -26.43 -25.29
CA TYR J 4 -50.92 -27.39 -24.29
C TYR J 4 -49.55 -27.03 -23.74
N GLN J 5 -49.29 -27.47 -22.52
CA GLN J 5 -47.97 -27.28 -21.90
C GLN J 5 -47.74 -28.43 -20.92
N GLY J 6 -46.85 -29.34 -21.27
CA GLY J 6 -46.58 -30.48 -20.43
C GLY J 6 -47.76 -31.42 -20.28
N GLY J 7 -48.54 -31.59 -21.34
CA GLY J 7 -49.68 -32.49 -21.33
C GLY J 7 -50.97 -31.88 -20.83
N ASN J 8 -50.93 -30.72 -20.19
CA ASN J 8 -52.12 -30.08 -19.66
C ASN J 8 -52.68 -29.11 -20.70
N LYS J 9 -53.64 -28.28 -20.28
CA LYS J 9 -54.23 -27.27 -21.15
C LYS J 9 -53.98 -25.88 -20.58
N LEU J 10 -53.80 -24.91 -21.47
CA LEU J 10 -53.45 -23.56 -21.07
C LEU J 10 -54.32 -22.57 -21.83
N ASN J 11 -54.56 -21.40 -21.21
CA ASN J 11 -55.41 -20.38 -21.77
C ASN J 11 -54.58 -19.27 -22.42
N GLU J 12 -55.28 -18.36 -23.10
CA GLU J 12 -54.62 -17.33 -23.89
C GLU J 12 -53.81 -16.38 -23.02
N ASP J 13 -54.37 -15.96 -21.88
CA ASP J 13 -53.69 -14.96 -21.05
C ASP J 13 -52.37 -15.51 -20.51
N ASP J 14 -52.40 -16.73 -19.97
CA ASP J 14 -51.16 -17.34 -19.49
C ASP J 14 -50.19 -17.60 -20.63
N PHE J 15 -50.70 -17.91 -21.83
CA PHE J 15 -49.83 -18.11 -22.97
C PHE J 15 -49.09 -16.81 -23.32
N ARG J 16 -49.81 -15.69 -23.34
CA ARG J 16 -49.16 -14.42 -23.65
C ARG J 16 -48.20 -14.00 -22.55
N SER J 17 -48.55 -14.28 -21.29
CA SER J 17 -47.63 -13.98 -20.19
C SER J 17 -46.35 -14.80 -20.32
N HIS J 18 -46.48 -16.08 -20.69
CA HIS J 18 -45.29 -16.91 -20.90
C HIS J 18 -44.47 -16.41 -22.08
N VAL J 19 -45.12 -15.99 -23.16
CA VAL J 19 -44.41 -15.50 -24.33
C VAL J 19 -43.62 -14.25 -23.98
N TYR J 20 -44.22 -13.34 -23.22
CA TYR J 20 -43.54 -12.10 -22.86
C TYR J 20 -42.30 -12.37 -22.02
N SER J 21 -42.39 -13.32 -21.07
CA SER J 21 -41.26 -13.58 -20.18
C SER J 21 -40.12 -14.32 -20.88
N LEU J 22 -40.40 -15.03 -21.97
CA LEU J 22 -39.37 -15.79 -22.66
C LEU J 22 -38.45 -14.90 -23.50
N CYS J 23 -38.90 -13.71 -23.88
CA CYS J 23 -38.15 -12.83 -24.77
C CYS J 23 -37.12 -11.98 -24.03
N GLN J 24 -36.76 -12.34 -22.80
CA GLN J 24 -35.78 -11.57 -22.03
C GLN J 24 -34.68 -12.47 -21.49
N LEU J 25 -34.42 -13.59 -22.16
CA LEU J 25 -33.36 -14.50 -21.75
C LEU J 25 -32.06 -14.12 -22.44
N ASP J 26 -31.01 -14.92 -22.23
CA ASP J 26 -29.70 -14.61 -22.80
C ASP J 26 -29.59 -14.99 -24.27
N ASN J 27 -30.46 -15.85 -24.77
CA ASN J 27 -30.40 -16.28 -26.16
C ASN J 27 -31.82 -16.42 -26.70
N VAL J 28 -32.04 -15.89 -27.90
CA VAL J 28 -33.32 -16.01 -28.59
C VAL J 28 -33.05 -16.39 -30.04
N GLY J 29 -33.81 -17.36 -30.55
CA GLY J 29 -33.65 -17.82 -31.90
C GLY J 29 -35.00 -18.15 -32.52
N VAL J 30 -34.97 -18.44 -33.82
CA VAL J 30 -36.19 -18.78 -34.56
C VAL J 30 -35.81 -19.68 -35.72
N LEU J 31 -36.66 -20.66 -35.99
CA LEU J 31 -36.45 -21.61 -37.08
C LEU J 31 -37.67 -21.59 -37.98
N LEU J 32 -37.45 -21.29 -39.26
CA LEU J 32 -38.54 -21.16 -40.23
C LEU J 32 -38.45 -22.27 -41.26
N GLY J 33 -39.62 -22.79 -41.65
CA GLY J 33 -39.71 -23.83 -42.64
C GLY J 33 -40.18 -23.33 -43.99
N ALA J 34 -40.77 -24.23 -44.76
CA ALA J 34 -41.24 -23.90 -46.11
C ALA J 34 -42.63 -23.31 -46.13
N GLY J 35 -43.32 -23.25 -44.99
CA GLY J 35 -44.66 -22.70 -44.96
C GLY J 35 -44.68 -21.22 -44.68
N ALA J 36 -43.57 -20.68 -44.17
CA ALA J 36 -43.51 -19.26 -43.84
C ALA J 36 -43.48 -18.37 -45.07
N SER J 37 -43.19 -18.94 -46.25
CA SER J 37 -43.13 -18.18 -47.49
C SER J 37 -44.42 -18.27 -48.29
N VAL J 38 -45.46 -18.90 -47.76
CA VAL J 38 -46.71 -19.05 -48.50
C VAL J 38 -47.39 -17.71 -48.72
N GLY J 39 -47.34 -16.82 -47.72
CA GLY J 39 -47.98 -15.52 -47.84
C GLY J 39 -47.34 -14.61 -48.89
N CYS J 40 -46.07 -14.83 -49.20
CA CYS J 40 -45.37 -14.00 -50.16
C CYS J 40 -45.48 -14.50 -51.60
N GLY J 41 -45.91 -15.74 -51.78
CA GLY J 41 -46.03 -16.30 -53.12
C GLY J 41 -45.29 -17.61 -53.30
N GLY J 42 -44.96 -18.27 -52.19
CA GLY J 42 -44.28 -19.55 -52.24
C GLY J 42 -45.24 -20.70 -52.47
N LYS J 43 -44.66 -21.89 -52.61
CA LYS J 43 -45.43 -23.11 -52.83
C LYS J 43 -44.89 -24.21 -51.93
N THR J 44 -45.72 -25.23 -51.73
CA THR J 44 -45.37 -26.39 -50.94
C THR J 44 -45.05 -27.58 -51.85
N MET J 45 -44.63 -28.69 -51.24
CA MET J 45 -44.26 -29.87 -52.02
C MET J 45 -45.46 -30.46 -52.75
N LYS J 46 -46.65 -30.32 -52.18
CA LYS J 46 -47.85 -30.82 -52.86
C LYS J 46 -48.04 -30.14 -54.21
N ASP J 47 -47.88 -28.82 -54.24
CA ASP J 47 -48.00 -28.09 -55.50
C ASP J 47 -46.92 -28.50 -56.48
N VAL J 48 -45.72 -28.81 -55.98
CA VAL J 48 -44.64 -29.28 -56.85
C VAL J 48 -45.04 -30.60 -57.50
N TRP J 49 -45.60 -31.52 -56.71
CA TRP J 49 -46.04 -32.80 -57.27
C TRP J 49 -47.16 -32.61 -58.28
N LYS J 50 -48.11 -31.72 -57.98
CA LYS J 50 -49.19 -31.45 -58.92
C LYS J 50 -48.64 -30.92 -60.25
N SER J 51 -47.73 -29.95 -60.18
CA SER J 51 -47.16 -29.38 -61.39
C SER J 51 -46.38 -30.42 -62.18
N PHE J 52 -45.60 -31.25 -61.48
CA PHE J 52 -44.83 -32.27 -62.20
C PHE J 52 -45.73 -33.29 -62.88
N LYS J 53 -46.80 -33.73 -62.20
CA LYS J 53 -47.67 -34.72 -62.80
C LYS J 53 -48.55 -34.12 -63.89
N GLN J 54 -48.75 -32.80 -63.87
CA GLN J 54 -49.52 -32.14 -64.91
C GLN J 54 -48.69 -31.74 -66.13
N ASN J 55 -47.39 -31.55 -65.96
CA ASN J 55 -46.55 -31.05 -67.05
C ASN J 55 -45.84 -32.14 -67.83
N TYR J 56 -45.66 -33.34 -67.26
CA TYR J 56 -44.91 -34.42 -67.90
C TYR J 56 -45.75 -35.69 -67.88
N PRO J 57 -46.68 -35.85 -68.83
CA PRO J 57 -47.50 -37.06 -68.85
C PRO J 57 -46.72 -38.31 -69.22
N GLU J 58 -45.94 -38.26 -70.30
CA GLU J 58 -45.25 -39.45 -70.78
C GLU J 58 -44.16 -39.89 -69.81
N LEU J 59 -43.49 -38.95 -69.16
CA LEU J 59 -42.46 -39.31 -68.18
C LEU J 59 -43.07 -40.02 -66.98
N LEU J 60 -44.31 -39.69 -66.63
CA LEU J 60 -44.98 -40.37 -65.53
C LEU J 60 -45.35 -41.80 -65.91
N GLY J 61 -45.64 -42.04 -67.19
CA GLY J 61 -46.07 -43.37 -67.61
C GLY J 61 -45.02 -44.44 -67.37
N ALA J 62 -43.75 -44.09 -67.55
CA ALA J 62 -42.68 -45.04 -67.35
C ALA J 62 -42.28 -45.21 -65.89
N LEU J 63 -42.82 -44.38 -64.99
CA LEU J 63 -42.42 -44.42 -63.60
C LEU J 63 -43.24 -45.41 -62.76
N ILE J 64 -44.37 -45.89 -63.28
CA ILE J 64 -45.16 -46.88 -62.56
C ILE J 64 -45.06 -48.23 -63.24
N ASP J 65 -45.16 -48.25 -64.57
CA ASP J 65 -45.23 -49.49 -65.31
C ASP J 65 -43.90 -50.24 -65.33
N LYS J 66 -42.80 -49.55 -65.58
CA LYS J 66 -41.52 -50.23 -65.75
C LYS J 66 -40.72 -50.31 -64.46
N TYR J 67 -40.58 -49.18 -63.76
CA TYR J 67 -39.72 -49.12 -62.57
C TYR J 67 -40.49 -49.26 -61.26
N LEU J 68 -41.80 -49.04 -61.28
CA LEU J 68 -42.66 -49.21 -60.10
C LEU J 68 -42.15 -48.38 -58.93
N LEU J 69 -41.71 -47.15 -59.22
CA LEU J 69 -41.22 -46.28 -58.16
C LEU J 69 -42.34 -45.70 -57.32
N VAL J 70 -43.51 -45.45 -57.92
CA VAL J 70 -44.66 -44.89 -57.22
C VAL J 70 -45.89 -45.74 -57.54
N SER J 71 -46.88 -45.64 -56.67
CA SER J 71 -48.13 -46.38 -56.81
C SER J 71 -49.22 -45.48 -57.38
N GLN J 72 -50.20 -46.12 -58.02
CA GLN J 72 -51.29 -45.36 -58.63
C GLN J 72 -52.14 -44.63 -57.59
N ILE J 73 -52.36 -45.27 -56.43
CA ILE J 73 -53.19 -44.66 -55.39
C ILE J 73 -52.54 -43.38 -54.88
N ASP J 74 -51.23 -43.44 -54.63
CA ASP J 74 -50.52 -42.26 -54.13
C ASP J 74 -50.55 -41.12 -55.14
N SER J 75 -50.37 -41.45 -56.43
CA SER J 75 -50.46 -40.42 -57.47
C SER J 75 -51.86 -39.81 -57.53
N ASP J 76 -52.89 -40.64 -57.41
CA ASP J 76 -54.25 -40.13 -57.45
C ASP J 76 -54.56 -39.24 -56.25
N ASN J 77 -54.07 -39.60 -55.07
CA ASN J 77 -54.34 -38.86 -53.85
C ASN J 77 -53.27 -37.82 -53.53
N ASN J 78 -52.26 -37.68 -54.39
CA ASN J 78 -51.20 -36.69 -54.24
C ASN J 78 -50.48 -36.84 -52.90
N LEU J 79 -50.03 -38.06 -52.63
CA LEU J 79 -49.32 -38.39 -51.41
C LEU J 79 -47.98 -39.05 -51.72
N VAL J 80 -47.27 -38.52 -52.70
CA VAL J 80 -45.96 -39.02 -53.09
C VAL J 80 -44.91 -38.07 -52.52
N ASN J 81 -44.06 -38.59 -51.65
CA ASN J 81 -42.97 -37.78 -51.11
C ASN J 81 -42.00 -37.42 -52.23
N VAL J 82 -41.58 -36.15 -52.26
CA VAL J 82 -40.75 -35.64 -53.33
C VAL J 82 -39.26 -35.70 -52.96
N GLU J 83 -38.94 -36.28 -51.81
CA GLU J 83 -37.56 -36.34 -51.34
C GLU J 83 -36.94 -37.73 -51.43
N LEU J 84 -37.71 -38.80 -51.19
CA LEU J 84 -37.18 -40.14 -51.38
C LEU J 84 -37.06 -40.49 -52.86
N LEU J 85 -37.93 -39.91 -53.69
CA LEU J 85 -37.91 -40.20 -55.12
C LEU J 85 -36.57 -39.79 -55.75
N ILE J 86 -36.04 -38.63 -55.33
CA ILE J 86 -34.77 -38.16 -55.86
C ILE J 86 -33.64 -39.11 -55.49
N ASP J 87 -33.61 -39.57 -54.24
CA ASP J 87 -32.57 -40.50 -53.82
C ASP J 87 -32.68 -41.82 -54.57
N GLU J 88 -33.90 -42.34 -54.75
CA GLU J 88 -34.06 -43.57 -55.51
C GLU J 88 -33.61 -43.40 -56.95
N ALA J 89 -33.95 -42.27 -57.57
CA ALA J 89 -33.51 -42.02 -58.94
C ALA J 89 -31.99 -41.93 -59.03
N THR J 90 -31.36 -41.28 -58.05
CA THR J 90 -29.91 -41.19 -58.04
C THR J 90 -29.26 -42.57 -57.91
N LYS J 91 -29.81 -43.41 -57.02
CA LYS J 91 -29.26 -44.76 -56.86
C LYS J 91 -29.41 -45.57 -58.14
N PHE J 92 -30.58 -45.50 -58.78
CA PHE J 92 -30.79 -46.22 -60.02
C PHE J 92 -29.85 -45.72 -61.11
N LEU J 93 -29.65 -44.40 -61.19
CA LEU J 93 -28.75 -43.84 -62.19
C LEU J 93 -27.31 -44.29 -61.95
N SER J 94 -26.87 -44.32 -60.69
CA SER J 94 -25.52 -44.81 -60.40
C SER J 94 -25.36 -46.27 -60.77
N VAL J 95 -26.37 -47.09 -60.49
CA VAL J 95 -26.31 -48.50 -60.86
C VAL J 95 -26.22 -48.66 -62.36
N ALA J 96 -27.05 -47.91 -63.10
CA ALA J 96 -27.04 -47.99 -64.56
C ALA J 96 -25.70 -47.53 -65.12
N LYS J 97 -25.12 -46.48 -64.54
CA LYS J 97 -23.81 -46.01 -64.99
C LYS J 97 -22.74 -47.04 -64.75
N THR J 98 -22.77 -47.71 -63.59
CA THR J 98 -21.79 -48.75 -63.32
C THR J 98 -21.95 -49.92 -64.27
N ARG J 99 -23.20 -50.31 -64.57
CA ARG J 99 -23.44 -51.41 -65.51
C ARG J 99 -23.26 -50.99 -66.96
N ARG J 100 -23.13 -49.68 -67.23
CA ARG J 100 -22.91 -49.15 -68.57
C ARG J 100 -24.11 -49.41 -69.49
N CYS J 101 -25.30 -49.05 -69.02
CA CYS J 101 -26.51 -49.12 -69.83
C CYS J 101 -26.92 -47.70 -70.20
N GLU J 102 -26.49 -47.26 -71.39
CA GLU J 102 -26.64 -45.87 -71.78
C GLU J 102 -28.09 -45.51 -72.06
N ASP J 103 -28.83 -46.42 -72.70
CA ASP J 103 -30.21 -46.13 -73.08
C ASP J 103 -31.08 -45.91 -71.85
N GLU J 104 -30.89 -46.72 -70.81
CA GLU J 104 -31.57 -46.49 -69.54
C GLU J 104 -30.92 -45.38 -68.72
N GLU J 105 -29.67 -45.03 -69.03
CA GLU J 105 -29.03 -43.91 -68.35
C GLU J 105 -29.66 -42.59 -68.75
N GLU J 106 -29.92 -42.40 -70.04
CA GLU J 106 -30.53 -41.16 -70.52
C GLU J 106 -31.92 -40.96 -69.94
N GLU J 107 -32.70 -42.05 -69.87
CA GLU J 107 -34.05 -41.95 -69.30
C GLU J 107 -34.01 -41.53 -67.84
N PHE J 108 -33.08 -42.08 -67.06
CA PHE J 108 -32.97 -41.72 -65.66
C PHE J 108 -32.38 -40.33 -65.46
N ARG J 109 -31.59 -39.84 -66.41
CA ARG J 109 -31.13 -38.46 -66.38
C ARG J 109 -32.23 -37.45 -66.70
N LYS J 110 -33.12 -37.77 -67.63
CA LYS J 110 -34.19 -36.84 -67.99
C LYS J 110 -35.11 -36.58 -66.81
N ILE J 111 -35.45 -37.61 -66.04
CA ILE J 111 -36.35 -37.44 -64.91
C ILE J 111 -35.73 -36.53 -63.87
N LEU J 112 -34.45 -36.72 -63.56
CA LEU J 112 -33.77 -35.86 -62.60
C LEU J 112 -33.68 -34.43 -63.10
N SER J 113 -33.39 -34.25 -64.39
CA SER J 113 -33.35 -32.91 -64.96
C SER J 113 -34.70 -32.20 -64.89
N SER J 114 -35.80 -32.91 -65.14
CA SER J 114 -37.12 -32.33 -65.01
C SER J 114 -37.51 -32.06 -63.57
N LEU J 115 -37.09 -32.91 -62.63
CA LEU J 115 -37.39 -32.69 -61.22
C LEU J 115 -36.66 -31.45 -60.69
N TYR J 116 -35.41 -31.27 -61.08
CA TYR J 116 -34.65 -30.12 -60.59
C TYR J 116 -35.12 -28.80 -61.17
N LYS J 117 -36.00 -28.83 -62.18
CA LYS J 117 -36.53 -27.62 -62.79
C LYS J 117 -37.75 -27.06 -62.05
N GLU J 118 -38.61 -27.93 -61.54
CA GLU J 118 -39.84 -27.49 -60.90
C GLU J 118 -39.61 -26.93 -59.50
N VAL J 119 -38.52 -27.33 -58.83
CA VAL J 119 -38.23 -26.83 -57.50
C VAL J 119 -37.84 -25.36 -57.55
N THR J 120 -36.99 -24.99 -58.51
CA THR J 120 -36.50 -23.61 -58.58
C THR J 120 -37.62 -22.65 -58.98
N LYS J 121 -38.52 -23.08 -59.86
CA LYS J 121 -39.59 -22.19 -60.31
C LYS J 121 -40.51 -21.77 -59.17
N ALA J 122 -40.59 -22.58 -58.12
CA ALA J 122 -41.40 -22.24 -56.95
C ALA J 122 -40.63 -21.39 -55.93
N ALA J 123 -39.34 -21.17 -56.14
CA ALA J 123 -38.54 -20.31 -55.27
C ALA J 123 -38.50 -18.86 -55.72
N LEU J 124 -38.81 -18.59 -56.99
CA LEU J 124 -38.93 -17.22 -57.46
C LEU J 124 -40.25 -16.63 -56.96
N LEU J 125 -40.20 -15.99 -55.79
CA LEU J 125 -41.44 -15.55 -55.14
C LEU J 125 -42.21 -14.54 -55.99
N THR J 126 -41.50 -13.69 -56.74
CA THR J 126 -42.16 -12.64 -57.49
C THR J 126 -42.39 -13.01 -58.95
N GLY J 127 -41.56 -13.85 -59.54
CA GLY J 127 -41.75 -14.29 -60.93
C GLY J 127 -40.73 -13.64 -61.86
N GLU J 128 -41.20 -12.79 -62.76
CA GLU J 128 -40.31 -12.14 -63.71
C GLU J 128 -39.52 -11.00 -63.06
N GLN J 129 -40.06 -10.37 -62.04
CA GLN J 129 -39.39 -9.27 -61.36
C GLN J 129 -38.29 -9.73 -60.42
N PHE J 130 -37.86 -10.98 -60.52
CA PHE J 130 -36.77 -11.48 -59.68
C PHE J 130 -35.47 -10.72 -59.91
N ARG J 131 -35.29 -10.12 -61.09
CA ARG J 131 -34.06 -9.45 -61.46
C ARG J 131 -34.11 -7.94 -61.25
N GLU J 132 -35.16 -7.42 -60.62
CA GLU J 132 -35.33 -5.99 -60.44
C GLU J 132 -34.73 -5.56 -59.10
N LYS J 133 -34.85 -4.27 -58.78
CA LYS J 133 -34.32 -3.72 -57.54
C LYS J 133 -35.47 -3.23 -56.67
N ASN J 134 -35.16 -3.03 -55.38
CA ASN J 134 -36.11 -2.52 -54.40
C ASN J 134 -37.36 -3.42 -54.33
N GLN J 135 -37.12 -4.72 -54.14
CA GLN J 135 -38.21 -5.68 -54.04
C GLN J 135 -38.81 -5.75 -52.64
N GLY J 136 -38.14 -5.18 -51.63
CA GLY J 136 -38.67 -5.18 -50.28
C GLY J 136 -39.67 -4.10 -49.98
N LYS J 137 -39.93 -3.19 -50.93
CA LYS J 137 -40.89 -2.13 -50.73
C LYS J 137 -42.34 -2.60 -50.89
N LYS J 138 -42.55 -3.80 -51.43
CA LYS J 138 -43.89 -4.29 -51.65
C LYS J 138 -44.55 -4.72 -50.34
N ASP J 139 -45.87 -4.83 -50.37
CA ASP J 139 -46.65 -5.10 -49.17
C ASP J 139 -46.58 -6.56 -48.74
N ALA J 140 -46.09 -7.45 -49.61
CA ALA J 140 -46.06 -8.87 -49.26
C ALA J 140 -45.04 -9.16 -48.16
N PHE J 141 -44.04 -8.29 -48.00
CA PHE J 141 -42.98 -8.48 -47.02
C PHE J 141 -43.14 -7.59 -45.80
N LYS J 142 -44.38 -7.32 -45.38
CA LYS J 142 -44.61 -6.47 -44.21
C LYS J 142 -44.26 -7.20 -42.92
N TYR J 143 -44.74 -8.44 -42.76
CA TYR J 143 -44.52 -9.17 -41.52
C TYR J 143 -43.08 -9.63 -41.38
N HIS J 144 -42.36 -9.83 -42.49
CA HIS J 144 -40.94 -10.11 -42.40
C HIS J 144 -40.17 -8.94 -41.80
N LYS J 145 -40.54 -7.70 -42.17
CA LYS J 145 -39.96 -6.53 -41.53
C LYS J 145 -40.40 -6.44 -40.07
N GLU J 146 -41.67 -6.76 -39.79
CA GLU J 146 -42.17 -6.66 -38.42
C GLU J 146 -41.42 -7.62 -37.48
N LEU J 147 -41.17 -8.84 -37.93
CA LEU J 147 -40.46 -9.81 -37.11
C LEU J 147 -39.05 -9.33 -36.77
N ILE J 148 -38.33 -8.80 -37.77
CA ILE J 148 -36.98 -8.32 -37.55
C ILE J 148 -36.99 -7.11 -36.61
N SER J 149 -37.97 -6.22 -36.78
CA SER J 149 -38.06 -5.05 -35.90
C SER J 149 -38.33 -5.47 -34.46
N LYS J 150 -39.21 -6.46 -34.26
CA LYS J 150 -39.55 -6.88 -32.90
C LYS J 150 -38.41 -7.65 -32.24
N LEU J 151 -37.70 -8.47 -33.02
CA LEU J 151 -36.65 -9.30 -32.43
C LEU J 151 -35.50 -8.45 -31.90
N ILE J 152 -35.04 -7.48 -32.68
CA ILE J 152 -33.86 -6.71 -32.32
C ILE J 152 -34.14 -5.77 -31.16
N SER J 153 -35.28 -5.09 -31.18
CA SER J 153 -35.55 -4.02 -30.22
C SER J 153 -35.80 -4.52 -28.81
N ASN J 154 -35.94 -5.84 -28.60
CA ASN J 154 -36.20 -6.39 -27.28
C ASN J 154 -34.93 -6.74 -26.52
N ARG J 155 -33.76 -6.41 -27.07
CA ARG J 155 -32.50 -6.70 -26.41
C ARG J 155 -32.09 -5.54 -25.51
N GLN J 156 -31.13 -5.82 -24.63
CA GLN J 156 -30.56 -4.85 -23.71
C GLN J 156 -29.05 -4.92 -23.80
N PRO J 157 -28.35 -3.84 -23.45
CA PRO J 157 -26.89 -3.83 -23.57
C PRO J 157 -26.25 -4.94 -22.74
N GLY J 158 -25.19 -5.54 -23.29
CA GLY J 158 -24.53 -6.64 -22.65
C GLY J 158 -25.01 -8.01 -23.05
N GLN J 159 -25.90 -8.11 -24.05
CA GLN J 159 -26.46 -9.37 -24.49
C GLN J 159 -26.12 -9.61 -25.95
N SER J 160 -26.30 -10.85 -26.38
CA SER J 160 -25.94 -11.25 -27.74
C SER J 160 -27.06 -10.89 -28.72
N ALA J 161 -26.75 -11.08 -30.00
CA ALA J 161 -27.66 -10.78 -31.10
C ALA J 161 -28.52 -11.98 -31.45
N PRO J 162 -29.72 -11.76 -31.99
CA PRO J 162 -30.58 -12.88 -32.36
C PRO J 162 -30.02 -13.65 -33.55
N ALA J 163 -30.41 -14.93 -33.61
CA ALA J 163 -30.03 -15.82 -34.69
C ALA J 163 -31.26 -16.29 -35.45
N ILE J 164 -31.12 -16.48 -36.75
CA ILE J 164 -32.22 -16.87 -37.62
C ILE J 164 -31.78 -18.05 -38.46
N PHE J 165 -32.38 -19.22 -38.23
CA PHE J 165 -32.14 -20.40 -39.05
C PHE J 165 -33.31 -20.61 -40.01
N THR J 166 -32.99 -21.08 -41.21
CA THR J 166 -34.02 -21.32 -42.21
C THR J 166 -33.60 -22.46 -43.12
N THR J 167 -34.59 -23.11 -43.72
CA THR J 167 -34.37 -24.22 -44.63
C THR J 167 -34.97 -23.94 -46.02
N ASN J 168 -34.88 -22.70 -46.47
CA ASN J 168 -35.46 -22.27 -47.73
C ASN J 168 -34.38 -21.87 -48.71
N TYR J 169 -34.80 -21.61 -49.96
CA TYR J 169 -33.91 -21.08 -50.97
C TYR J 169 -34.25 -19.67 -51.41
N ASP J 170 -35.49 -19.23 -51.18
CA ASP J 170 -35.91 -17.92 -51.65
C ASP J 170 -35.25 -16.81 -50.84
N LEU J 171 -35.18 -15.64 -51.43
CA LEU J 171 -34.56 -14.46 -50.83
C LEU J 171 -35.68 -13.59 -50.26
N ALA J 172 -36.19 -13.96 -49.09
CA ALA J 172 -37.28 -13.23 -48.46
C ALA J 172 -36.87 -12.45 -47.23
N LEU J 173 -35.83 -12.89 -46.51
CA LEU J 173 -35.34 -12.14 -45.35
C LEU J 173 -34.32 -11.09 -45.76
N GLU J 174 -33.50 -11.37 -46.76
CA GLU J 174 -32.55 -10.38 -47.25
C GLU J 174 -33.27 -9.17 -47.84
N TRP J 175 -34.29 -9.42 -48.67
CA TRP J 175 -35.03 -8.33 -49.28
C TRP J 175 -35.70 -7.45 -48.22
N ALA J 176 -36.30 -8.08 -47.21
CA ALA J 176 -36.95 -7.30 -46.15
C ALA J 176 -35.93 -6.53 -45.32
N ALA J 177 -34.81 -7.16 -44.97
CA ALA J 177 -33.85 -6.52 -44.08
C ALA J 177 -33.08 -5.42 -44.79
N GLU J 178 -32.97 -5.47 -46.12
CA GLU J 178 -32.26 -4.42 -46.84
C GLU J 178 -33.05 -3.12 -46.92
N ASP J 179 -34.34 -3.13 -46.56
CA ASP J 179 -35.13 -1.90 -46.53
C ASP J 179 -35.02 -1.18 -45.20
N LEU J 180 -34.79 -1.91 -44.11
CA LEU J 180 -34.62 -1.28 -42.81
C LEU J 180 -33.19 -0.76 -42.60
N GLY J 181 -32.26 -1.14 -43.46
CA GLY J 181 -30.87 -0.76 -43.31
C GLY J 181 -30.07 -1.67 -42.41
N ILE J 182 -30.68 -2.70 -41.83
CA ILE J 182 -29.96 -3.62 -40.95
C ILE J 182 -29.05 -4.52 -41.78
N GLN J 183 -27.89 -4.85 -41.22
CA GLN J 183 -26.92 -5.71 -41.87
C GLN J 183 -26.99 -7.11 -41.29
N LEU J 184 -27.06 -8.12 -42.17
CA LEU J 184 -27.11 -9.52 -41.77
C LEU J 184 -25.80 -10.19 -42.14
N PHE J 185 -25.19 -10.87 -41.17
CA PHE J 185 -23.95 -11.60 -41.39
C PHE J 185 -24.26 -13.02 -41.84
N ASN J 186 -23.86 -13.36 -43.06
CA ASN J 186 -24.12 -14.69 -43.61
C ASN J 186 -22.86 -15.45 -44.01
N GLY J 187 -21.69 -14.96 -43.62
CA GLY J 187 -20.45 -15.70 -43.80
C GLY J 187 -19.64 -15.36 -45.04
N PHE J 188 -20.05 -14.38 -45.83
CA PHE J 188 -19.36 -14.01 -47.05
C PHE J 188 -18.75 -12.61 -46.91
N SER J 189 -17.76 -12.33 -47.74
CA SER J 189 -17.05 -11.06 -47.70
C SER J 189 -16.54 -10.71 -49.10
N GLY J 190 -16.49 -9.41 -49.39
CA GLY J 190 -16.07 -8.92 -50.68
C GLY J 190 -17.23 -8.37 -51.49
N LEU J 191 -16.90 -7.76 -52.62
CA LEU J 191 -17.89 -7.37 -53.60
C LEU J 191 -17.65 -7.97 -54.97
N HIS J 192 -16.43 -7.86 -55.50
CA HIS J 192 -16.13 -8.36 -56.83
C HIS J 192 -15.95 -9.87 -56.87
N THR J 193 -15.43 -10.46 -55.79
CA THR J 193 -15.28 -11.92 -55.70
C THR J 193 -15.68 -12.32 -54.28
N ARG J 194 -16.93 -12.74 -54.11
CA ARG J 194 -17.37 -13.25 -52.83
C ARG J 194 -16.71 -14.59 -52.53
N GLN J 195 -16.54 -14.86 -51.23
CA GLN J 195 -15.94 -16.11 -50.80
C GLN J 195 -16.50 -16.47 -49.44
N PHE J 196 -16.42 -17.75 -49.11
CA PHE J 196 -16.93 -18.28 -47.84
C PHE J 196 -15.78 -18.42 -46.85
N TYR J 197 -15.90 -17.75 -45.71
CA TYR J 197 -14.91 -17.84 -44.65
C TYR J 197 -15.58 -18.29 -43.36
N PRO J 198 -15.25 -19.46 -42.82
CA PRO J 198 -15.91 -19.93 -41.59
C PRO J 198 -15.70 -19.00 -40.40
N GLN J 199 -14.55 -18.33 -40.31
CA GLN J 199 -14.27 -17.48 -39.17
C GLN J 199 -15.06 -16.17 -39.17
N ASN J 200 -15.77 -15.87 -40.27
CA ASN J 200 -16.54 -14.63 -40.34
C ASN J 200 -17.74 -14.61 -39.41
N PHE J 201 -18.11 -15.75 -38.83
CA PHE J 201 -19.27 -15.83 -37.95
C PHE J 201 -18.98 -15.34 -36.54
N ASP J 202 -17.82 -14.72 -36.31
CA ASP J 202 -17.43 -14.27 -34.97
C ASP J 202 -17.17 -12.77 -34.91
N LEU J 203 -17.58 -12.01 -35.91
CA LEU J 203 -17.33 -10.58 -35.96
C LEU J 203 -18.54 -9.80 -35.45
N ALA J 204 -18.30 -8.54 -35.11
CA ALA J 204 -19.35 -7.66 -34.62
C ALA J 204 -18.96 -6.21 -34.86
N PHE J 205 -19.96 -5.33 -34.87
CA PHE J 205 -19.73 -3.91 -35.05
C PHE J 205 -19.25 -3.26 -33.76
N ARG J 206 -18.80 -2.02 -33.90
CA ARG J 206 -18.32 -1.19 -32.80
C ARG J 206 -18.17 0.23 -33.32
N ASN J 207 -18.52 1.20 -32.48
CA ASN J 207 -18.38 2.61 -32.83
C ASN J 207 -17.00 3.10 -32.43
N VAL J 208 -16.39 3.93 -33.29
CA VAL J 208 -15.05 4.41 -33.03
C VAL J 208 -15.02 5.33 -31.81
N ASN J 209 -16.08 6.12 -31.63
CA ASN J 209 -16.17 7.02 -30.48
C ASN J 209 -16.79 6.28 -29.30
N ALA J 210 -16.00 6.11 -28.24
CA ALA J 210 -16.45 5.38 -27.07
C ALA J 210 -16.55 6.28 -25.85
N HIS J 218 -25.89 -0.50 -31.83
CA HIS J 218 -26.11 -0.58 -33.26
C HIS J 218 -26.90 -1.86 -33.55
N TYR J 219 -27.47 -1.97 -34.75
CA TYR J 219 -28.37 -3.07 -35.09
C TYR J 219 -27.69 -4.02 -36.08
N HIS J 220 -27.71 -5.30 -35.76
CA HIS J 220 -27.20 -6.35 -36.65
C HIS J 220 -27.73 -7.69 -36.14
N ALA J 221 -27.54 -8.72 -36.95
CA ALA J 221 -28.01 -10.07 -36.62
C ALA J 221 -27.22 -11.08 -37.44
N TYR J 222 -27.62 -12.35 -37.37
CA TYR J 222 -26.98 -13.44 -38.08
C TYR J 222 -28.03 -14.23 -38.85
N LEU J 223 -27.58 -14.91 -39.90
CA LEU J 223 -28.46 -15.70 -40.76
C LEU J 223 -27.73 -16.96 -41.19
N TYR J 224 -28.27 -18.12 -40.80
CA TYR J 224 -27.74 -19.42 -41.21
C TYR J 224 -28.75 -20.08 -42.14
N LYS J 225 -28.29 -20.45 -43.34
CA LYS J 225 -29.13 -21.15 -44.31
C LYS J 225 -28.67 -22.60 -44.36
N LEU J 226 -29.54 -23.50 -43.90
CA LEU J 226 -29.15 -24.90 -43.72
C LEU J 226 -29.11 -25.66 -45.05
N HIS J 227 -29.96 -25.34 -46.00
CA HIS J 227 -30.08 -26.10 -47.25
C HIS J 227 -29.65 -25.28 -48.45
N GLY J 228 -28.57 -24.51 -48.32
CA GLY J 228 -28.05 -23.77 -49.45
C GLY J 228 -28.92 -22.58 -49.83
N SER J 229 -28.59 -21.99 -50.97
CA SER J 229 -29.29 -20.82 -51.48
C SER J 229 -29.39 -20.91 -52.99
N LEU J 230 -30.12 -19.95 -53.56
CA LEU J 230 -30.38 -19.91 -54.99
C LEU J 230 -29.39 -19.03 -55.75
N THR J 231 -28.45 -18.38 -55.04
CA THR J 231 -27.46 -17.51 -55.66
C THR J 231 -26.04 -17.98 -55.38
N TRP J 232 -25.86 -19.26 -55.06
CA TRP J 232 -24.54 -19.82 -54.77
C TRP J 232 -24.17 -20.82 -55.85
N TYR J 233 -22.87 -20.93 -56.11
CA TYR J 233 -22.37 -21.92 -57.06
C TYR J 233 -20.94 -22.28 -56.67
N GLN J 234 -20.47 -23.40 -57.21
CA GLN J 234 -19.16 -23.95 -56.89
C GLN J 234 -18.31 -24.02 -58.14
N ASN J 235 -17.01 -23.77 -57.98
CA ASN J 235 -16.04 -23.85 -59.06
C ASN J 235 -15.35 -25.21 -59.13
N ASP J 236 -15.74 -26.16 -58.26
CA ASP J 236 -15.08 -27.45 -58.15
C ASP J 236 -13.60 -27.29 -57.82
N SER J 237 -13.29 -26.28 -57.00
CA SER J 237 -11.94 -26.03 -56.54
C SER J 237 -11.93 -25.64 -55.07
N LEU J 238 -12.89 -26.16 -54.29
CA LEU J 238 -13.03 -25.84 -52.87
C LEU J 238 -13.19 -24.34 -52.64
N THR J 239 -13.94 -23.69 -53.52
CA THR J 239 -14.30 -22.29 -53.38
C THR J 239 -15.77 -22.13 -53.71
N VAL J 240 -16.46 -21.28 -52.94
CA VAL J 240 -17.87 -20.99 -53.14
C VAL J 240 -18.02 -19.48 -53.29
N ASN J 241 -18.78 -19.06 -54.30
CA ASN J 241 -18.97 -17.66 -54.60
C ASN J 241 -20.46 -17.30 -54.54
N GLU J 242 -20.75 -16.12 -54.01
CA GLU J 242 -22.11 -15.57 -54.00
C GLU J 242 -22.24 -14.50 -55.08
N VAL J 243 -23.45 -14.36 -55.59
CA VAL J 243 -23.75 -13.44 -56.69
C VAL J 243 -25.08 -12.76 -56.39
N SER J 244 -25.20 -11.51 -56.81
CA SER J 244 -26.46 -10.80 -56.63
C SER J 244 -27.56 -11.45 -57.46
N ALA J 245 -28.80 -11.07 -57.18
CA ALA J 245 -29.95 -11.72 -57.80
C ALA J 245 -30.05 -11.39 -59.29
N SER J 246 -29.60 -10.21 -59.70
CA SER J 246 -29.75 -9.75 -61.07
C SER J 246 -28.71 -10.33 -62.02
N GLN J 247 -27.70 -11.03 -61.50
CA GLN J 247 -26.69 -11.66 -62.34
C GLN J 247 -26.87 -13.17 -62.48
N ALA J 248 -27.32 -13.84 -61.41
CA ALA J 248 -27.56 -15.27 -61.50
C ALA J 248 -28.67 -15.58 -62.51
N TYR J 249 -29.70 -14.73 -62.54
CA TYR J 249 -30.78 -14.91 -63.50
C TYR J 249 -30.27 -14.87 -64.94
N ASP J 250 -29.39 -13.92 -65.24
CA ASP J 250 -28.84 -13.82 -66.58
C ASP J 250 -27.78 -14.88 -66.86
N GLU J 251 -27.15 -15.42 -65.83
CA GLU J 251 -26.10 -16.42 -66.04
C GLU J 251 -26.69 -17.81 -66.27
N TYR J 252 -27.40 -18.35 -65.28
CA TYR J 252 -27.80 -19.75 -65.41
C TYR J 252 -29.29 -20.02 -65.16
N ILE J 253 -29.94 -19.21 -64.33
CA ILE J 253 -31.34 -19.50 -63.97
C ILE J 253 -32.23 -19.43 -65.20
N ASN J 254 -32.08 -18.39 -66.01
CA ASN J 254 -32.90 -18.27 -67.21
C ASN J 254 -32.57 -19.35 -68.23
N ASP J 255 -31.33 -19.86 -68.23
CA ASP J 255 -30.95 -20.89 -69.18
C ASP J 255 -31.39 -22.27 -68.72
N ILE J 256 -31.80 -22.41 -67.46
CA ILE J 256 -32.31 -23.69 -66.96
C ILE J 256 -33.80 -23.61 -66.67
N ILE J 257 -34.44 -22.48 -66.91
CA ILE J 257 -35.89 -22.39 -66.85
C ILE J 257 -36.56 -22.42 -68.22
N ASN J 258 -36.00 -21.74 -69.23
CA ASN J 258 -36.66 -21.62 -70.52
C ASN J 258 -35.85 -22.24 -71.65
N LYS J 259 -35.04 -23.26 -71.36
CA LYS J 259 -34.23 -23.90 -72.39
C LYS J 259 -34.22 -25.42 -72.34
N ASP J 260 -34.84 -26.03 -71.33
CA ASP J 260 -34.91 -27.50 -71.17
C ASP J 260 -33.56 -28.18 -71.42
N ASP J 261 -32.48 -27.50 -71.04
CA ASP J 261 -31.14 -28.03 -71.23
C ASP J 261 -30.81 -29.02 -70.11
N PHE J 262 -29.60 -29.58 -70.15
CA PHE J 262 -29.16 -30.49 -69.11
C PHE J 262 -28.86 -29.70 -67.83
N TYR J 263 -28.77 -30.44 -66.72
CA TYR J 263 -28.53 -29.85 -65.41
C TYR J 263 -27.29 -30.46 -64.78
N ARG J 264 -26.42 -29.61 -64.26
CA ARG J 264 -25.23 -30.02 -63.52
C ARG J 264 -25.21 -29.34 -62.17
N GLY J 265 -24.06 -29.32 -61.51
CA GLY J 265 -23.94 -28.60 -60.25
C GLY J 265 -23.86 -27.10 -60.43
N GLN J 266 -24.76 -26.54 -61.25
CA GLN J 266 -24.72 -25.12 -61.55
C GLN J 266 -24.99 -24.27 -60.31
N HIS J 267 -25.97 -24.66 -59.51
CA HIS J 267 -26.23 -24.04 -58.22
C HIS J 267 -26.47 -25.13 -57.19
N LEU J 268 -25.90 -24.99 -56.00
CA LEU J 268 -25.91 -26.05 -55.01
C LEU J 268 -27.16 -25.92 -54.13
N ILE J 269 -27.92 -27.02 -54.06
CA ILE J 269 -29.05 -27.15 -53.16
C ILE J 269 -29.08 -28.59 -52.66
N TYR J 270 -29.76 -28.81 -51.54
CA TYR J 270 -29.84 -30.12 -50.92
C TYR J 270 -31.31 -30.53 -50.77
N PRO J 271 -31.96 -30.93 -51.87
CA PRO J 271 -33.36 -31.37 -51.79
C PRO J 271 -33.54 -32.84 -51.46
N GLY J 272 -32.46 -33.57 -51.18
CA GLY J 272 -32.55 -34.98 -50.87
C GLY J 272 -32.77 -35.23 -49.39
N ALA J 273 -32.55 -36.49 -49.00
CA ALA J 273 -32.73 -36.91 -47.62
C ALA J 273 -31.45 -37.44 -46.96
N ASN J 274 -30.40 -37.71 -47.71
CA ASN J 274 -29.13 -38.17 -47.17
C ASN J 274 -28.07 -37.14 -47.54
N LYS J 275 -27.90 -36.14 -46.68
CA LYS J 275 -26.97 -35.05 -46.95
C LYS J 275 -25.52 -35.45 -46.78
N TYR J 276 -25.25 -36.56 -46.09
CA TYR J 276 -23.88 -37.00 -45.89
C TYR J 276 -23.32 -37.78 -47.08
N SER J 277 -24.16 -38.13 -48.05
CA SER J 277 -23.65 -38.77 -49.26
C SER J 277 -22.72 -37.82 -50.02
N HIS J 278 -23.07 -36.55 -50.10
CA HIS J 278 -22.23 -35.53 -50.73
C HIS J 278 -21.09 -35.22 -49.77
N THR J 279 -19.98 -35.93 -49.93
CA THR J 279 -18.86 -35.85 -49.01
C THR J 279 -18.04 -34.57 -49.17
N ILE J 280 -18.01 -33.98 -50.37
CA ILE J 280 -17.16 -32.83 -50.64
C ILE J 280 -17.83 -31.52 -50.22
N GLY J 281 -18.95 -31.58 -49.52
CA GLY J 281 -19.64 -30.39 -49.08
C GLY J 281 -19.34 -30.03 -47.64
N PHE J 282 -18.50 -29.03 -47.42
CA PHE J 282 -18.13 -28.59 -46.09
C PHE J 282 -18.93 -27.39 -45.61
N VAL J 283 -19.77 -26.80 -46.46
CA VAL J 283 -20.64 -25.72 -46.02
C VAL J 283 -21.74 -26.25 -45.11
N TYR J 284 -22.30 -27.42 -45.46
CA TYR J 284 -23.36 -28.03 -44.67
C TYR J 284 -22.88 -28.34 -43.25
N GLY J 285 -21.66 -28.87 -43.13
CA GLY J 285 -21.13 -29.22 -41.82
C GLY J 285 -20.99 -28.02 -40.91
N GLU J 286 -20.52 -26.90 -41.45
CA GLU J 286 -20.36 -25.69 -40.64
C GLU J 286 -21.71 -25.20 -40.14
N MET J 287 -22.72 -25.16 -41.00
CA MET J 287 -24.03 -24.68 -40.59
C MET J 287 -24.64 -25.58 -39.52
N PHE J 288 -24.53 -26.89 -39.70
CA PHE J 288 -25.13 -27.77 -38.70
C PHE J 288 -24.33 -27.80 -37.41
N ARG J 289 -23.01 -27.60 -37.48
CA ARG J 289 -22.22 -27.47 -36.25
C ARG J 289 -22.63 -26.21 -35.48
N ARG J 290 -22.86 -25.10 -36.20
CA ARG J 290 -23.30 -23.88 -35.53
C ARG J 290 -24.69 -24.04 -34.94
N PHE J 291 -25.57 -24.78 -35.63
CA PHE J 291 -26.88 -25.08 -35.07
C PHE J 291 -26.75 -25.90 -33.79
N GLY J 292 -25.91 -26.94 -33.82
CA GLY J 292 -25.75 -27.78 -32.64
C GLY J 292 -25.15 -27.04 -31.47
N GLU J 293 -24.23 -26.11 -31.73
CA GLU J 293 -23.59 -25.38 -30.65
C GLU J 293 -24.55 -24.41 -29.97
N PHE J 294 -25.49 -23.85 -30.73
CA PHE J 294 -26.37 -22.81 -30.19
C PHE J 294 -27.25 -23.35 -29.07
N ILE J 295 -27.81 -24.55 -29.24
CA ILE J 295 -28.82 -25.06 -28.30
C ILE J 295 -28.21 -25.68 -27.06
N SER J 296 -26.88 -25.78 -26.97
CA SER J 296 -26.23 -26.34 -25.79
C SER J 296 -25.90 -25.30 -24.74
N LYS J 297 -26.14 -24.02 -25.02
CA LYS J 297 -25.88 -22.97 -24.07
C LYS J 297 -27.01 -22.85 -23.06
N PRO J 298 -26.73 -22.37 -21.85
CA PRO J 298 -27.79 -22.13 -20.88
C PRO J 298 -28.59 -20.88 -21.22
N GLN J 299 -29.81 -20.81 -20.68
CA GLN J 299 -30.72 -19.69 -20.86
C GLN J 299 -31.01 -19.46 -22.35
N THR J 300 -31.65 -20.47 -22.94
CA THR J 300 -31.93 -20.49 -24.37
C THR J 300 -33.42 -20.68 -24.62
N ALA J 301 -33.93 -19.95 -25.62
CA ALA J 301 -35.31 -20.08 -26.07
C ALA J 301 -35.32 -20.21 -27.58
N LEU J 302 -36.35 -20.89 -28.10
CA LEU J 302 -36.45 -21.16 -29.53
C LEU J 302 -37.91 -21.21 -29.93
N PHE J 303 -38.25 -20.53 -31.02
CA PHE J 303 -39.60 -20.55 -31.58
C PHE J 303 -39.57 -21.24 -32.94
N ILE J 304 -40.42 -22.25 -33.12
CA ILE J 304 -40.50 -23.01 -34.36
C ILE J 304 -41.82 -22.70 -35.03
N ASN J 305 -41.77 -22.37 -36.31
CA ASN J 305 -42.98 -22.03 -37.06
C ASN J 305 -42.79 -22.38 -38.52
N GLY J 306 -43.85 -22.90 -39.13
CA GLY J 306 -43.82 -23.24 -40.54
C GLY J 306 -43.07 -24.49 -40.90
N PHE J 307 -42.66 -25.28 -39.92
CA PHE J 307 -41.84 -26.47 -40.14
C PHE J 307 -42.70 -27.72 -39.98
N GLY J 308 -42.87 -28.47 -41.07
CA GLY J 308 -43.50 -29.76 -41.00
C GLY J 308 -42.48 -30.84 -40.69
N PHE J 309 -42.67 -31.59 -39.62
CA PHE J 309 -41.65 -32.50 -39.11
C PHE J 309 -41.51 -33.67 -40.09
N GLY J 310 -40.49 -33.59 -40.94
CA GLY J 310 -40.25 -34.64 -41.91
C GLY J 310 -38.77 -34.91 -42.12
N ASP J 311 -37.94 -34.33 -41.27
CA ASP J 311 -36.49 -34.47 -41.34
C ASP J 311 -35.99 -35.29 -40.16
N TYR J 312 -34.94 -36.09 -40.40
CA TYR J 312 -34.41 -36.94 -39.35
C TYR J 312 -33.37 -36.22 -38.50
N HIS J 313 -32.46 -35.50 -39.16
CA HIS J 313 -31.37 -34.84 -38.44
C HIS J 313 -31.90 -33.79 -37.47
N ILE J 314 -32.83 -32.95 -37.94
CA ILE J 314 -33.39 -31.91 -37.08
C ILE J 314 -34.19 -32.53 -35.95
N ASN J 315 -34.93 -33.60 -36.24
CA ASN J 315 -35.71 -34.29 -35.21
C ASN J 315 -34.82 -34.81 -34.11
N ARG J 316 -33.70 -35.45 -34.48
CA ARG J 316 -32.78 -35.95 -33.47
C ARG J 316 -32.10 -34.82 -32.71
N ILE J 317 -31.81 -33.72 -33.41
CA ILE J 317 -31.15 -32.59 -32.74
C ILE J 317 -32.06 -31.97 -31.70
N ILE J 318 -33.34 -31.76 -32.03
CA ILE J 318 -34.26 -31.11 -31.09
C ILE J 318 -34.57 -32.01 -29.92
N LEU J 319 -34.76 -33.31 -30.16
CA LEU J 319 -35.12 -34.23 -29.08
C LEU J 319 -33.99 -34.35 -28.06
N GLY J 320 -32.75 -34.34 -28.52
CA GLY J 320 -31.62 -34.53 -27.63
C GLY J 320 -31.21 -33.32 -26.81
N ALA J 321 -31.83 -32.16 -27.04
CA ALA J 321 -31.50 -30.95 -26.31
C ALA J 321 -32.42 -30.72 -25.12
N LEU J 322 -33.34 -31.63 -24.85
CA LEU J 322 -34.29 -31.48 -23.75
C LEU J 322 -33.72 -31.96 -22.43
N LEU J 323 -32.50 -32.49 -22.40
CA LEU J 323 -31.84 -32.87 -21.16
C LEU J 323 -31.12 -31.69 -20.50
N ASN J 324 -31.33 -30.48 -21.02
CA ASN J 324 -30.77 -29.27 -20.46
C ASN J 324 -31.84 -28.59 -19.62
N PRO J 325 -31.58 -28.27 -18.35
CA PRO J 325 -32.64 -27.73 -17.48
C PRO J 325 -32.99 -26.27 -17.75
N SER J 326 -32.44 -25.64 -18.77
CA SER J 326 -32.71 -24.24 -19.08
C SER J 326 -32.92 -24.04 -20.57
N PHE J 327 -33.69 -24.93 -21.18
CA PHE J 327 -33.99 -24.85 -22.61
C PHE J 327 -35.50 -24.90 -22.79
N HIS J 328 -36.05 -23.89 -23.45
CA HIS J 328 -37.49 -23.79 -23.68
C HIS J 328 -37.78 -23.71 -25.17
N VAL J 329 -38.86 -24.36 -25.60
CA VAL J 329 -39.24 -24.42 -27.00
C VAL J 329 -40.73 -24.21 -27.13
N VAL J 330 -41.14 -23.45 -28.16
CA VAL J 330 -42.54 -23.23 -28.49
C VAL J 330 -42.74 -23.69 -29.94
N ILE J 331 -43.70 -24.59 -30.15
CA ILE J 331 -43.91 -25.23 -31.44
C ILE J 331 -45.30 -24.89 -31.95
N TYR J 332 -45.38 -24.46 -33.20
CA TYR J 332 -46.64 -24.17 -33.88
C TYR J 332 -46.93 -25.29 -34.88
N TYR J 333 -48.14 -25.83 -34.83
CA TYR J 333 -48.54 -26.92 -35.73
C TYR J 333 -50.04 -26.82 -35.95
N PRO J 334 -50.46 -26.39 -37.14
CA PRO J 334 -51.90 -26.20 -37.40
C PRO J 334 -52.74 -27.47 -37.27
N GLU J 335 -52.40 -28.50 -38.04
CA GLU J 335 -53.22 -29.71 -38.11
C GLU J 335 -52.84 -30.68 -36.99
N LEU J 336 -53.16 -30.26 -35.77
CA LEU J 336 -52.90 -31.07 -34.59
C LEU J 336 -54.05 -32.00 -34.24
N LYS J 337 -55.29 -31.55 -34.45
CA LYS J 337 -56.45 -32.38 -34.11
C LYS J 337 -56.50 -33.64 -34.97
N GLU J 338 -56.23 -33.51 -36.26
CA GLU J 338 -56.28 -34.65 -37.17
C GLU J 338 -55.14 -35.65 -36.94
N ALA J 339 -54.13 -35.28 -36.17
CA ALA J 339 -53.00 -36.17 -35.92
C ALA J 339 -53.25 -37.10 -34.74
N ILE J 340 -53.88 -36.58 -33.67
CA ILE J 340 -54.11 -37.38 -32.48
C ILE J 340 -55.07 -38.53 -32.79
N THR J 341 -56.12 -38.26 -33.55
CA THR J 341 -57.07 -39.30 -33.91
C THR J 341 -56.40 -40.40 -34.72
N LYS J 342 -55.56 -40.02 -35.69
CA LYS J 342 -54.88 -41.01 -36.51
C LYS J 342 -53.90 -41.83 -35.69
N VAL J 343 -53.17 -41.19 -34.77
CA VAL J 343 -52.22 -41.92 -33.94
C VAL J 343 -52.94 -42.90 -33.02
N SER J 344 -54.04 -42.46 -32.41
CA SER J 344 -54.74 -43.31 -31.45
C SER J 344 -55.53 -44.42 -32.14
N LYS J 345 -55.78 -44.31 -33.43
CA LYS J 345 -56.58 -45.29 -34.15
C LYS J 345 -55.75 -46.42 -34.77
N GLY J 346 -54.44 -46.45 -34.53
CA GLY J 346 -53.64 -47.55 -35.01
C GLY J 346 -52.27 -47.18 -35.55
N GLY J 347 -52.14 -45.99 -36.12
CA GLY J 347 -50.86 -45.56 -36.64
C GLY J 347 -51.00 -44.44 -37.64
N GLY J 348 -49.85 -43.97 -38.10
CA GLY J 348 -49.81 -42.89 -39.05
C GLY J 348 -48.40 -42.64 -39.55
N SER J 349 -48.23 -41.51 -40.22
CA SER J 349 -46.93 -41.14 -40.76
C SER J 349 -45.97 -40.78 -39.63
N GLU J 350 -44.73 -40.45 -40.00
CA GLU J 350 -43.70 -40.14 -39.02
C GLU J 350 -43.88 -38.77 -38.38
N ALA J 351 -44.46 -37.81 -39.10
CA ALA J 351 -44.69 -36.48 -38.52
C ALA J 351 -45.65 -36.56 -37.35
N GLU J 352 -46.75 -37.30 -37.50
CA GLU J 352 -47.72 -37.42 -36.43
C GLU J 352 -47.12 -38.06 -35.19
N LYS J 353 -46.33 -39.11 -35.38
CA LYS J 353 -45.71 -39.78 -34.23
C LYS J 353 -44.82 -38.82 -33.45
N ALA J 354 -43.96 -38.08 -34.16
CA ALA J 354 -43.04 -37.16 -33.51
C ALA J 354 -43.78 -36.04 -32.78
N ILE J 355 -44.79 -35.46 -33.44
CA ILE J 355 -45.48 -34.33 -32.84
C ILE J 355 -46.29 -34.78 -31.63
N VAL J 356 -46.92 -35.96 -31.69
CA VAL J 356 -47.68 -36.45 -30.54
C VAL J 356 -46.73 -36.83 -29.40
N THR J 357 -45.59 -37.42 -29.73
CA THR J 357 -44.62 -37.75 -28.69
C THR J 357 -44.10 -36.50 -27.98
N LEU J 358 -43.85 -35.43 -28.75
CA LEU J 358 -43.45 -34.17 -28.13
C LEU J 358 -44.58 -33.60 -27.29
N LYS J 359 -45.82 -33.72 -27.75
CA LYS J 359 -46.95 -33.12 -27.05
C LYS J 359 -47.17 -33.75 -25.68
N ASN J 360 -46.96 -35.05 -25.57
CA ASN J 360 -47.29 -35.79 -24.36
C ASN J 360 -46.16 -35.82 -23.33
N MET J 361 -45.06 -35.12 -23.56
CA MET J 361 -43.98 -35.07 -22.59
C MET J 361 -44.43 -34.37 -21.32
N ALA J 362 -43.91 -34.84 -20.18
CA ALA J 362 -44.33 -34.36 -18.87
C ALA J 362 -43.51 -33.18 -18.37
N PHE J 363 -42.59 -32.66 -19.17
CA PHE J 363 -41.79 -31.50 -18.75
C PHE J 363 -42.54 -30.20 -19.06
N ASN J 364 -42.24 -29.18 -18.27
CA ASN J 364 -42.81 -27.85 -18.47
C ASN J 364 -42.03 -27.01 -19.48
N GLN J 365 -40.94 -27.55 -20.03
CA GLN J 365 -40.13 -26.83 -21.00
C GLN J 365 -40.64 -26.96 -22.42
N VAL J 366 -41.71 -27.71 -22.65
CA VAL J 366 -42.24 -27.94 -23.99
C VAL J 366 -43.64 -27.37 -24.07
N THR J 367 -43.90 -26.62 -25.14
CA THR J 367 -45.20 -26.02 -25.37
C THR J 367 -45.60 -26.25 -26.83
N VAL J 368 -46.85 -26.66 -27.04
CA VAL J 368 -47.37 -26.94 -28.36
C VAL J 368 -48.61 -26.09 -28.60
N VAL J 369 -48.70 -25.53 -29.81
CA VAL J 369 -49.80 -24.65 -30.18
C VAL J 369 -50.45 -25.18 -31.44
N GLY J 370 -51.77 -25.31 -31.43
CA GLY J 370 -52.51 -25.75 -32.60
C GLY J 370 -53.76 -24.93 -32.83
N GLY J 371 -54.63 -25.37 -33.74
CA GLY J 371 -55.89 -24.70 -33.94
C GLY J 371 -56.11 -24.18 -35.35
N GLY J 372 -55.48 -24.80 -36.34
CA GLY J 372 -55.69 -24.42 -37.73
C GLY J 372 -55.19 -23.02 -38.05
N SER J 373 -56.09 -22.16 -38.53
CA SER J 373 -55.72 -20.81 -38.96
C SER J 373 -55.34 -19.90 -37.81
N LYS J 374 -55.30 -20.39 -36.57
CA LYS J 374 -54.85 -19.60 -35.44
C LYS J 374 -53.36 -19.78 -35.14
N ALA J 375 -52.66 -20.58 -35.94
CA ALA J 375 -51.24 -20.85 -35.75
C ALA J 375 -50.46 -20.58 -37.03
N TYR J 376 -50.77 -19.48 -37.69
CA TYR J 376 -50.12 -19.10 -38.93
C TYR J 376 -49.00 -18.11 -38.65
N PHE J 377 -48.31 -17.69 -39.72
CA PHE J 377 -47.19 -16.77 -39.56
C PHE J 377 -47.64 -15.41 -39.02
N ASN J 378 -48.76 -14.90 -39.53
CA ASN J 378 -49.24 -13.58 -39.10
C ASN J 378 -49.59 -13.59 -37.61
N SER J 379 -50.27 -14.63 -37.15
CA SER J 379 -50.61 -14.72 -35.74
C SER J 379 -49.35 -14.88 -34.90
N PHE J 380 -48.38 -15.64 -35.39
CA PHE J 380 -47.12 -15.80 -34.66
C PHE J 380 -46.41 -14.47 -34.50
N VAL J 381 -46.42 -13.63 -35.54
CA VAL J 381 -45.83 -12.31 -35.44
C VAL J 381 -46.64 -11.45 -34.48
N GLU J 382 -47.97 -11.56 -34.50
CA GLU J 382 -48.80 -10.76 -33.61
C GLU J 382 -48.60 -11.12 -32.15
N HIS J 383 -48.23 -12.37 -31.85
CA HIS J 383 -48.06 -12.79 -30.46
C HIS J 383 -46.87 -12.11 -29.80
N LEU J 384 -45.83 -11.76 -30.58
CA LEU J 384 -44.64 -11.17 -30.00
C LEU J 384 -44.94 -9.77 -29.47
N PRO J 385 -44.31 -9.38 -28.36
CA PRO J 385 -44.63 -8.12 -27.71
C PRO J 385 -43.74 -6.96 -28.17
N TYR J 386 -44.09 -5.75 -27.70
CA TYR J 386 -43.34 -4.52 -27.81
C TYR J 386 -42.67 -4.19 -26.48
N PRO J 387 -41.47 -3.61 -26.50
CA PRO J 387 -40.79 -3.27 -25.25
C PRO J 387 -41.43 -2.07 -24.57
N VAL J 388 -41.22 -1.99 -23.25
CA VAL J 388 -41.66 -0.85 -22.46
C VAL J 388 -40.46 0.05 -22.22
N LEU J 389 -40.56 1.31 -22.66
CA LEU J 389 -39.41 2.19 -22.64
C LEU J 389 -39.10 2.68 -21.22
N PHE J 390 -40.13 3.09 -20.47
CA PHE J 390 -39.96 3.71 -19.16
C PHE J 390 -40.83 2.99 -18.15
N PRO J 391 -40.37 1.84 -17.63
CA PRO J 391 -41.13 1.06 -16.64
C PRO J 391 -41.31 1.79 -15.31
N ASP J 393 -44.89 2.18 -14.73
CA ASP J 393 -44.56 1.56 -13.46
C ASP J 393 -45.53 0.44 -13.11
N ASN J 394 -46.79 0.56 -13.56
CA ASN J 394 -47.84 -0.43 -13.29
C ASN J 394 -48.03 -0.67 -11.80
N ILE J 395 -47.96 0.41 -11.00
CA ILE J 395 -48.15 0.33 -9.57
C ILE J 395 -49.27 1.26 -9.09
N VAL J 396 -49.24 2.52 -9.50
CA VAL J 396 -50.28 3.46 -9.08
C VAL J 396 -51.62 3.10 -9.70
N ASP J 397 -51.61 2.66 -10.96
CA ASP J 397 -52.86 2.28 -11.61
C ASP J 397 -53.50 1.07 -10.93
N GLU J 398 -52.69 0.05 -10.62
CA GLU J 398 -53.21 -1.12 -9.91
C GLU J 398 -53.71 -0.75 -8.53
N LEU J 399 -52.98 0.12 -7.82
CA LEU J 399 -53.40 0.54 -6.48
C LEU J 399 -54.72 1.28 -6.51
N VAL J 400 -54.90 2.17 -7.49
CA VAL J 400 -56.11 2.98 -7.58
C VAL J 400 -57.31 2.14 -8.04
N GLU J 401 -57.13 1.30 -9.05
CA GLU J 401 -58.26 0.59 -9.65
C GLU J 401 -58.85 -0.47 -8.72
N ALA J 402 -58.13 -0.86 -7.68
CA ALA J 402 -58.53 -1.97 -6.81
C ALA J 402 -59.40 -1.52 -5.64
N ILE J 403 -59.79 -0.25 -5.57
CA ILE J 403 -60.46 0.27 -4.38
C ILE J 403 -61.98 0.24 -4.53
N ALA J 404 -62.49 0.69 -5.68
CA ALA J 404 -63.93 0.88 -5.83
C ALA J 404 -64.68 -0.45 -5.82
N ASN J 405 -64.11 -1.48 -6.44
CA ASN J 405 -64.82 -2.75 -6.59
C ASN J 405 -65.09 -3.42 -5.24
N LEU J 406 -64.21 -3.23 -4.27
CA LEU J 406 -64.36 -3.92 -2.98
C LEU J 406 -65.62 -3.49 -2.26
N SER J 407 -65.94 -2.20 -2.29
CA SER J 407 -67.13 -1.71 -1.59
C SER J 407 -68.41 -2.29 -2.18
N LYS J 408 -68.50 -2.34 -3.50
CA LYS J 408 -69.70 -2.83 -4.18
C LYS J 408 -69.85 -4.34 -4.01
N SER K 2 18.91 16.60 -53.41
CA SER K 2 17.67 16.07 -53.96
C SER K 2 16.57 16.05 -52.91
N ILE K 3 16.97 15.84 -51.65
CA ILE K 3 16.04 15.78 -50.52
C ILE K 3 16.26 17.03 -49.68
N TYR K 4 15.27 17.91 -49.65
CA TYR K 4 15.35 19.16 -48.91
C TYR K 4 14.31 19.18 -47.78
N GLN K 5 14.71 19.69 -46.63
CA GLN K 5 13.76 20.06 -45.59
C GLN K 5 14.30 21.29 -44.87
N GLY K 6 13.48 22.32 -44.76
CA GLY K 6 13.93 23.57 -44.18
C GLY K 6 14.93 24.33 -45.03
N GLY K 7 15.09 23.97 -46.29
CA GLY K 7 16.06 24.62 -47.16
C GLY K 7 17.45 24.04 -47.10
N ASN K 8 17.61 22.82 -46.60
CA ASN K 8 18.91 22.18 -46.47
C ASN K 8 18.85 20.76 -47.02
N LYS K 9 19.96 20.31 -47.58
CA LYS K 9 20.02 18.96 -48.14
C LYS K 9 20.06 17.92 -47.03
N LEU K 10 19.83 16.66 -47.41
CA LEU K 10 19.77 15.57 -46.45
C LEU K 10 20.16 14.29 -47.17
N ASN K 11 20.82 13.39 -46.43
CA ASN K 11 21.31 12.15 -47.00
C ASN K 11 20.26 11.04 -46.90
N GLU K 12 20.60 9.85 -47.39
CA GLU K 12 19.63 8.77 -47.48
C GLU K 12 19.32 8.17 -46.12
N ASP K 13 20.34 7.91 -45.31
CA ASP K 13 20.12 7.22 -44.04
C ASP K 13 19.29 8.07 -43.08
N ASP K 14 19.59 9.36 -42.97
CA ASP K 14 18.81 10.22 -42.08
C ASP K 14 17.38 10.35 -42.56
N PHE K 15 17.18 10.44 -43.87
CA PHE K 15 15.82 10.49 -44.41
C PHE K 15 15.05 9.23 -44.09
N ARG K 16 15.69 8.06 -44.25
CA ARG K 16 15.01 6.80 -43.95
C ARG K 16 14.69 6.68 -42.47
N SER K 17 15.57 7.18 -41.61
CA SER K 17 15.29 7.17 -40.18
C SER K 17 14.17 8.15 -39.83
N HIS K 18 14.09 9.26 -40.57
CA HIS K 18 13.03 10.23 -40.33
C HIS K 18 11.67 9.68 -40.74
N VAL K 19 11.62 8.97 -41.87
CA VAL K 19 10.34 8.42 -42.34
C VAL K 19 9.78 7.42 -41.35
N TYR K 20 10.65 6.57 -40.78
CA TYR K 20 10.17 5.57 -39.83
C TYR K 20 9.57 6.21 -38.59
N SER K 21 10.19 7.30 -38.10
CA SER K 21 9.69 7.95 -36.90
C SER K 21 8.32 8.58 -37.12
N LEU K 22 7.97 8.93 -38.36
CA LEU K 22 6.68 9.53 -38.67
C LEU K 22 5.55 8.52 -38.74
N CYS K 23 5.87 7.22 -38.79
CA CYS K 23 4.85 6.18 -38.90
C CYS K 23 4.33 5.71 -37.54
N GLN K 24 4.85 6.25 -36.45
CA GLN K 24 4.42 5.88 -35.11
C GLN K 24 3.42 6.87 -34.50
N LEU K 25 3.02 7.89 -35.25
CA LEU K 25 2.07 8.87 -34.73
C LEU K 25 0.68 8.25 -34.66
N ASP K 26 -0.28 9.06 -34.17
CA ASP K 26 -1.63 8.56 -33.97
C ASP K 26 -2.35 8.36 -35.30
N ASN K 27 -2.24 9.31 -36.21
CA ASN K 27 -2.97 9.29 -37.48
C ASN K 27 -1.99 9.24 -38.63
N VAL K 28 -2.23 8.33 -39.58
CA VAL K 28 -1.40 8.17 -40.76
C VAL K 28 -2.31 8.10 -41.98
N GLY K 29 -1.95 8.84 -43.03
CA GLY K 29 -2.75 8.84 -44.25
C GLY K 29 -1.90 9.19 -45.44
N VAL K 30 -2.37 8.74 -46.61
CA VAL K 30 -1.67 8.96 -47.87
C VAL K 30 -2.62 9.61 -48.86
N LEU K 31 -2.04 10.22 -49.89
CA LEU K 31 -2.80 10.87 -50.95
C LEU K 31 -2.13 10.56 -52.29
N LEU K 32 -2.88 9.91 -53.18
CA LEU K 32 -2.35 9.46 -54.45
C LEU K 32 -3.03 10.20 -55.61
N GLY K 33 -2.35 10.22 -56.75
CA GLY K 33 -2.88 10.87 -57.93
C GLY K 33 -2.91 9.96 -59.14
N ALA K 34 -3.11 10.53 -60.33
CA ALA K 34 -3.18 9.72 -61.54
C ALA K 34 -1.84 9.14 -61.95
N GLY K 35 -0.73 9.62 -61.38
CA GLY K 35 0.56 9.07 -61.71
C GLY K 35 0.87 7.74 -61.03
N ALA K 36 0.18 7.43 -59.95
CA ALA K 36 0.44 6.19 -59.22
C ALA K 36 -0.05 4.95 -59.95
N SER K 37 -0.89 5.11 -60.97
CA SER K 37 -1.41 3.98 -61.73
C SER K 37 -0.79 3.87 -63.13
N VAL K 38 0.24 4.65 -63.42
CA VAL K 38 0.90 4.58 -64.71
C VAL K 38 1.63 3.25 -64.89
N GLY K 39 2.24 2.73 -63.83
CA GLY K 39 2.96 1.48 -63.94
C GLY K 39 2.09 0.25 -64.06
N CYS K 40 0.78 0.38 -63.86
CA CYS K 40 -0.15 -0.74 -64.01
C CYS K 40 -0.86 -0.73 -65.36
N GLY K 41 -0.57 0.25 -66.22
CA GLY K 41 -1.21 0.35 -67.50
C GLY K 41 -2.14 1.52 -67.68
N GLY K 42 -1.92 2.62 -66.95
CA GLY K 42 -2.76 3.79 -67.07
C GLY K 42 -2.16 4.86 -67.96
N LYS K 43 -2.76 6.04 -67.91
CA LYS K 43 -2.32 7.17 -68.71
C LYS K 43 -2.51 8.45 -67.91
N THR K 44 -1.62 9.42 -68.15
CA THR K 44 -1.77 10.73 -67.52
C THR K 44 -2.64 11.64 -68.39
N MET K 45 -2.89 12.85 -67.89
CA MET K 45 -3.82 13.75 -68.55
C MET K 45 -3.26 14.26 -69.88
N LYS K 46 -1.94 14.44 -69.95
CA LYS K 46 -1.33 14.90 -71.20
C LYS K 46 -1.54 13.89 -72.32
N ASP K 47 -1.38 12.60 -72.03
CA ASP K 47 -1.61 11.57 -73.03
C ASP K 47 -3.07 11.56 -73.48
N VAL K 48 -3.99 11.74 -72.53
CA VAL K 48 -5.41 11.76 -72.87
C VAL K 48 -5.73 12.92 -73.81
N TRP K 49 -5.20 14.11 -73.49
CA TRP K 49 -5.46 15.26 -74.35
C TRP K 49 -4.81 15.07 -75.72
N LYS K 50 -3.61 14.51 -75.77
CA LYS K 50 -2.96 14.25 -77.06
C LYS K 50 -3.82 13.31 -77.91
N SER K 51 -4.28 12.21 -77.32
CA SER K 51 -5.09 11.25 -78.06
C SER K 51 -6.40 11.89 -78.53
N PHE K 52 -7.03 12.70 -77.68
CA PHE K 52 -8.29 13.32 -78.08
C PHE K 52 -8.09 14.28 -79.23
N LYS K 53 -7.13 15.21 -79.11
CA LYS K 53 -6.94 16.18 -80.17
C LYS K 53 -6.34 15.56 -81.44
N GLN K 54 -5.81 14.34 -81.34
CA GLN K 54 -5.37 13.65 -82.55
C GLN K 54 -6.52 12.94 -83.26
N ASN K 55 -7.32 12.16 -82.51
CA ASN K 55 -8.35 11.34 -83.13
C ASN K 55 -9.56 12.14 -83.60
N TYR K 56 -9.83 13.29 -83.00
CA TYR K 56 -11.00 14.10 -83.32
C TYR K 56 -10.57 15.53 -83.60
N PRO K 57 -9.98 15.78 -84.77
CA PRO K 57 -9.48 17.13 -85.06
C PRO K 57 -10.56 18.12 -85.50
N GLU K 58 -11.68 17.64 -86.04
CA GLU K 58 -12.73 18.54 -86.50
C GLU K 58 -13.52 19.16 -85.36
N LEU K 59 -13.53 18.52 -84.18
CA LEU K 59 -14.31 19.01 -83.06
C LEU K 59 -13.59 20.08 -82.25
N LEU K 60 -12.29 20.27 -82.46
CA LEU K 60 -11.56 21.30 -81.72
C LEU K 60 -12.02 22.70 -82.11
N GLY K 61 -12.43 22.89 -83.37
CA GLY K 61 -12.90 24.20 -83.79
C GLY K 61 -14.14 24.64 -83.05
N ALA K 62 -15.11 23.73 -82.90
CA ALA K 62 -16.33 24.08 -82.18
C ALA K 62 -16.05 24.40 -80.72
N LEU K 63 -15.05 23.74 -80.12
CA LEU K 63 -14.72 23.99 -78.73
C LEU K 63 -13.96 25.31 -78.55
N ILE K 64 -13.11 25.66 -79.51
CA ILE K 64 -12.20 26.79 -79.35
C ILE K 64 -12.79 28.08 -79.89
N ASP K 65 -13.30 28.09 -81.12
CA ASP K 65 -13.67 29.33 -81.79
C ASP K 65 -15.11 29.76 -81.56
N LYS K 66 -16.02 28.81 -81.30
CA LYS K 66 -17.44 29.12 -81.20
C LYS K 66 -17.95 29.21 -79.77
N TYR K 67 -17.77 28.16 -78.98
CA TYR K 67 -18.29 28.13 -77.62
C TYR K 67 -17.31 28.62 -76.57
N LEU K 68 -16.06 28.92 -76.97
CA LEU K 68 -15.07 29.53 -76.08
C LEU K 68 -14.84 28.69 -74.82
N LEU K 69 -14.81 27.37 -74.99
CA LEU K 69 -14.58 26.48 -73.86
C LEU K 69 -13.10 26.19 -73.61
N VAL K 70 -12.28 26.22 -74.64
CA VAL K 70 -10.86 25.92 -74.53
C VAL K 70 -10.07 27.04 -75.19
N SER K 71 -8.94 27.40 -74.58
CA SER K 71 -8.06 28.43 -75.11
C SER K 71 -6.98 27.79 -75.98
N GLN K 72 -6.56 28.53 -77.01
CA GLN K 72 -5.59 28.00 -77.96
C GLN K 72 -4.24 27.74 -77.31
N ILE K 73 -3.79 28.65 -76.45
CA ILE K 73 -2.46 28.52 -75.84
C ILE K 73 -2.40 27.27 -74.97
N ASP K 74 -3.42 27.04 -74.15
CA ASP K 74 -3.46 25.84 -73.32
C ASP K 74 -3.58 24.58 -74.18
N SER K 75 -4.33 24.66 -75.28
CA SER K 75 -4.47 23.51 -76.16
C SER K 75 -3.15 23.11 -76.79
N ASP K 76 -2.34 24.11 -77.18
CA ASP K 76 -1.06 23.81 -77.82
C ASP K 76 -0.11 23.10 -76.88
N ASN K 77 -0.07 23.52 -75.61
CA ASN K 77 0.90 23.01 -74.65
C ASN K 77 0.41 21.77 -73.91
N ASN K 78 -0.83 21.32 -74.17
CA ASN K 78 -1.41 20.14 -73.52
C ASN K 78 -1.45 20.31 -71.99
N LEU K 79 -2.15 21.35 -71.57
CA LEU K 79 -2.32 21.67 -70.15
C LEU K 79 -3.78 21.99 -69.86
N VAL K 80 -4.69 21.14 -70.36
CA VAL K 80 -6.12 21.39 -70.27
C VAL K 80 -6.71 20.50 -69.18
N ASN K 81 -7.51 21.11 -68.31
CA ASN K 81 -8.20 20.40 -67.24
C ASN K 81 -9.41 19.69 -67.84
N VAL K 82 -9.31 18.37 -67.99
CA VAL K 82 -10.33 17.60 -68.71
C VAL K 82 -11.62 17.53 -67.91
N GLU K 83 -11.52 17.24 -66.60
CA GLU K 83 -12.73 17.07 -65.79
C GLU K 83 -13.51 18.37 -65.68
N LEU K 84 -12.82 19.51 -65.57
CA LEU K 84 -13.51 20.79 -65.58
C LEU K 84 -14.22 21.02 -66.91
N LEU K 85 -13.59 20.62 -68.01
CA LEU K 85 -14.23 20.75 -69.32
C LEU K 85 -15.48 19.90 -69.40
N ILE K 86 -15.42 18.66 -68.90
CA ILE K 86 -16.60 17.78 -68.90
C ILE K 86 -17.71 18.38 -68.04
N ASP K 87 -17.35 18.88 -66.86
CA ASP K 87 -18.34 19.48 -65.98
C ASP K 87 -18.99 20.69 -66.63
N GLU K 88 -18.21 21.52 -67.32
CA GLU K 88 -18.78 22.70 -67.94
C GLU K 88 -19.59 22.35 -69.19
N ALA K 89 -19.25 21.27 -69.88
CA ALA K 89 -20.01 20.85 -71.04
C ALA K 89 -21.33 20.20 -70.65
N THR K 90 -21.39 19.53 -69.51
CA THR K 90 -22.65 18.93 -69.07
C THR K 90 -23.68 19.96 -68.66
N LYS K 91 -23.37 21.26 -68.74
CA LYS K 91 -24.28 22.34 -68.39
C LYS K 91 -24.94 22.97 -69.60
N PHE K 92 -24.18 23.16 -70.68
CA PHE K 92 -24.74 23.66 -71.93
C PHE K 92 -25.83 22.73 -72.43
N LEU K 93 -25.61 21.42 -72.34
CA LEU K 93 -26.60 20.46 -72.79
C LEU K 93 -27.90 20.58 -72.00
N SER K 94 -27.80 20.72 -70.68
CA SER K 94 -29.00 20.86 -69.86
C SER K 94 -29.74 22.15 -70.19
N VAL K 95 -29.00 23.24 -70.36
CA VAL K 95 -29.66 24.52 -70.68
C VAL K 95 -30.36 24.44 -72.03
N ALA K 96 -29.69 23.85 -73.03
CA ALA K 96 -30.28 23.71 -74.35
C ALA K 96 -31.51 22.81 -74.32
N LYS K 97 -31.44 21.71 -73.57
CA LYS K 97 -32.58 20.82 -73.45
C LYS K 97 -33.77 21.53 -72.80
N THR K 98 -33.52 22.30 -71.73
CA THR K 98 -34.61 23.00 -71.07
C THR K 98 -35.21 24.08 -71.98
N ARG K 99 -34.37 24.82 -72.70
CA ARG K 99 -34.80 25.93 -73.53
C ARG K 99 -35.38 25.48 -74.87
N ARG K 100 -35.27 24.20 -75.20
CA ARG K 100 -35.78 23.63 -76.44
C ARG K 100 -35.07 24.23 -77.67
N CYS K 101 -33.76 23.98 -77.73
CA CYS K 101 -32.92 24.33 -78.87
C CYS K 101 -32.35 23.02 -79.41
N GLU K 102 -32.84 22.60 -80.57
CA GLU K 102 -32.57 21.23 -81.04
C GLU K 102 -31.12 21.05 -81.50
N ASP K 103 -30.60 21.98 -82.30
CA ASP K 103 -29.27 21.79 -82.87
C ASP K 103 -28.19 21.84 -81.80
N GLU K 104 -28.31 22.75 -80.84
CA GLU K 104 -27.37 22.80 -79.74
C GLU K 104 -27.44 21.53 -78.90
N GLU K 105 -28.64 21.01 -78.69
CA GLU K 105 -28.80 19.75 -77.97
C GLU K 105 -28.13 18.61 -78.72
N GLU K 106 -28.23 18.61 -80.05
CA GLU K 106 -27.69 17.55 -80.88
C GLU K 106 -26.17 17.57 -80.97
N GLU K 107 -25.56 18.76 -80.99
CA GLU K 107 -24.10 18.83 -81.10
C GLU K 107 -23.39 18.36 -79.83
N PHE K 108 -23.91 18.78 -78.67
CA PHE K 108 -23.25 18.43 -77.42
C PHE K 108 -23.36 16.94 -77.11
N ARG K 109 -24.36 16.24 -77.65
CA ARG K 109 -24.39 14.79 -77.53
C ARG K 109 -23.15 14.17 -78.16
N LYS K 110 -22.81 14.58 -79.38
CA LYS K 110 -21.62 14.07 -80.05
C LYS K 110 -20.36 14.46 -79.29
N ILE K 111 -20.30 15.72 -78.82
CA ILE K 111 -19.11 16.17 -78.11
C ILE K 111 -18.88 15.34 -76.85
N LEU K 112 -19.94 15.17 -76.04
CA LEU K 112 -19.80 14.42 -74.79
C LEU K 112 -19.56 12.95 -75.05
N SER K 113 -20.16 12.39 -76.10
CA SER K 113 -19.91 10.99 -76.44
C SER K 113 -18.44 10.77 -76.78
N SER K 114 -17.86 11.67 -77.57
CA SER K 114 -16.44 11.56 -77.90
C SER K 114 -15.57 11.68 -76.65
N LEU K 115 -15.90 12.65 -75.78
CA LEU K 115 -15.10 12.85 -74.57
C LEU K 115 -15.15 11.61 -73.68
N TYR K 116 -16.35 11.07 -73.43
CA TYR K 116 -16.47 9.88 -72.59
C TYR K 116 -15.81 8.67 -73.22
N LYS K 117 -15.96 8.49 -74.53
CA LYS K 117 -15.32 7.35 -75.19
C LYS K 117 -13.81 7.43 -75.05
N GLU K 118 -13.24 8.63 -75.14
CA GLU K 118 -11.79 8.76 -75.02
C GLU K 118 -11.33 8.59 -73.57
N VAL K 119 -12.10 9.09 -72.61
CA VAL K 119 -11.62 9.07 -71.23
C VAL K 119 -11.88 7.73 -70.55
N THR K 120 -12.87 6.96 -71.01
CA THR K 120 -13.20 5.70 -70.34
C THR K 120 -12.18 4.62 -70.66
N LYS K 121 -11.71 4.57 -71.92
CA LYS K 121 -10.86 3.48 -72.37
C LYS K 121 -9.52 3.43 -71.65
N ALA K 122 -9.12 4.53 -71.01
CA ALA K 122 -7.79 4.63 -70.40
C ALA K 122 -7.79 4.19 -68.93
N ALA K 123 -8.90 3.68 -68.42
CA ALA K 123 -8.99 3.31 -67.01
C ALA K 123 -9.32 1.85 -66.75
N LEU K 124 -9.54 1.03 -67.78
CA LEU K 124 -9.86 -0.37 -67.56
C LEU K 124 -8.68 -1.12 -66.98
N LEU K 125 -7.47 -0.83 -67.45
CA LEU K 125 -6.17 -1.36 -67.02
C LEU K 125 -5.93 -2.80 -67.46
N THR K 126 -6.93 -3.50 -68.00
CA THR K 126 -6.72 -4.88 -68.43
C THR K 126 -7.36 -5.15 -69.79
N GLY K 127 -8.23 -4.25 -70.23
CA GLY K 127 -8.87 -4.42 -71.53
C GLY K 127 -10.09 -5.29 -71.42
N GLU K 128 -10.16 -6.32 -72.28
CA GLU K 128 -11.34 -7.18 -72.32
C GLU K 128 -11.47 -8.07 -71.09
N GLN K 129 -10.38 -8.30 -70.36
CA GLN K 129 -10.41 -9.09 -69.14
C GLN K 129 -10.86 -8.28 -67.93
N PHE K 130 -11.48 -7.12 -68.16
CA PHE K 130 -11.97 -6.29 -67.06
C PHE K 130 -13.15 -6.92 -66.34
N ARG K 131 -13.87 -7.83 -67.00
CA ARG K 131 -15.05 -8.45 -66.42
C ARG K 131 -14.79 -9.85 -65.88
N GLU K 132 -13.54 -10.26 -65.76
CA GLU K 132 -13.20 -11.58 -65.25
C GLU K 132 -13.08 -11.52 -63.73
N LYS K 133 -12.58 -12.59 -63.14
CA LYS K 133 -12.41 -12.69 -61.69
C LYS K 133 -10.95 -12.89 -61.33
N ASN K 134 -10.64 -12.69 -60.05
CA ASN K 134 -9.29 -12.88 -59.52
C ASN K 134 -8.26 -12.01 -60.26
N GLN K 135 -8.65 -10.78 -60.58
CA GLN K 135 -7.74 -9.87 -61.26
C GLN K 135 -6.60 -9.40 -60.35
N GLY K 136 -6.72 -9.62 -59.04
CA GLY K 136 -5.69 -9.21 -58.11
C GLY K 136 -4.53 -10.17 -57.97
N LYS K 137 -4.57 -11.32 -58.64
CA LYS K 137 -3.51 -12.30 -58.55
C LYS K 137 -2.42 -12.09 -59.59
N LYS K 138 -2.57 -11.10 -60.47
CA LYS K 138 -1.56 -10.85 -61.49
C LYS K 138 -0.35 -10.16 -60.88
N ASP K 139 0.64 -9.88 -61.73
CA ASP K 139 1.89 -9.29 -61.28
C ASP K 139 1.96 -7.78 -61.46
N ALA K 140 0.98 -7.17 -62.14
CA ALA K 140 1.00 -5.73 -62.32
C ALA K 140 0.64 -5.00 -61.02
N PHE K 141 -0.06 -5.67 -60.11
CA PHE K 141 -0.50 -5.08 -58.85
C PHE K 141 0.36 -5.55 -57.68
N LYS K 142 1.67 -5.75 -57.91
CA LYS K 142 2.54 -6.29 -56.87
C LYS K 142 2.88 -5.27 -55.80
N TYR K 143 2.89 -3.98 -56.12
CA TYR K 143 3.34 -2.97 -55.18
C TYR K 143 2.21 -2.38 -54.34
N HIS K 144 0.97 -2.38 -54.86
CA HIS K 144 -0.15 -1.92 -54.06
C HIS K 144 -0.37 -2.82 -52.84
N LYS K 145 -0.22 -4.14 -53.03
CA LYS K 145 -0.32 -5.06 -51.90
C LYS K 145 0.78 -4.80 -50.89
N GLU K 146 2.00 -4.50 -51.37
CA GLU K 146 3.10 -4.19 -50.46
C GLU K 146 2.79 -2.95 -49.64
N LEU K 147 2.27 -1.91 -50.29
CA LEU K 147 1.92 -0.68 -49.58
C LEU K 147 0.85 -0.95 -48.51
N ILE K 148 -0.20 -1.69 -48.89
CA ILE K 148 -1.29 -1.96 -47.96
C ILE K 148 -0.79 -2.78 -46.78
N SER K 149 0.03 -3.80 -47.04
CA SER K 149 0.56 -4.61 -45.95
C SER K 149 1.50 -3.81 -45.06
N LYS K 150 2.29 -2.91 -45.64
CA LYS K 150 3.20 -2.08 -44.85
C LYS K 150 2.44 -1.15 -43.92
N LEU K 151 1.38 -0.52 -44.42
CA LEU K 151 0.68 0.46 -43.60
C LEU K 151 -0.07 -0.21 -42.44
N ILE K 152 -0.57 -1.43 -42.65
CA ILE K 152 -1.36 -2.09 -41.62
C ILE K 152 -0.50 -2.68 -40.51
N SER K 153 0.67 -3.23 -40.83
CA SER K 153 1.48 -3.95 -39.85
C SER K 153 2.31 -3.03 -38.95
N ASN K 154 2.23 -1.72 -39.15
CA ASN K 154 2.98 -0.77 -38.33
C ASN K 154 2.12 -0.12 -37.25
N ARG K 155 0.91 -0.63 -37.02
CA ARG K 155 -0.02 -0.05 -36.05
C ARG K 155 -0.07 -0.92 -34.81
N GLN K 156 0.22 -0.32 -33.66
CA GLN K 156 0.10 -1.02 -32.39
C GLN K 156 -1.37 -1.11 -31.99
N PRO K 157 -1.74 -2.13 -31.19
CA PRO K 157 -3.13 -2.28 -30.79
C PRO K 157 -3.63 -1.07 -30.01
N GLY K 158 -4.90 -0.74 -30.23
CA GLY K 158 -5.52 0.41 -29.61
C GLY K 158 -5.41 1.69 -30.40
N GLN K 159 -4.69 1.69 -31.51
CA GLN K 159 -4.53 2.87 -32.35
C GLN K 159 -5.56 2.85 -33.48
N SER K 160 -5.66 3.99 -34.18
CA SER K 160 -6.61 4.14 -35.27
C SER K 160 -6.14 3.35 -36.49
N ALA K 161 -6.97 3.38 -37.54
CA ALA K 161 -6.69 2.67 -38.77
C ALA K 161 -6.24 3.63 -39.86
N PRO K 162 -5.37 3.18 -40.77
CA PRO K 162 -4.90 4.08 -41.84
C PRO K 162 -6.01 4.45 -42.80
N ALA K 163 -5.89 5.66 -43.36
CA ALA K 163 -6.85 6.19 -44.31
C ALA K 163 -6.15 6.50 -45.62
N ILE K 164 -6.83 6.22 -46.73
CA ILE K 164 -6.26 6.39 -48.07
C ILE K 164 -7.18 7.28 -48.88
N PHE K 165 -6.61 8.32 -49.50
CA PHE K 165 -7.33 9.23 -50.38
C PHE K 165 -6.75 9.12 -51.78
N THR K 166 -7.61 9.32 -52.78
CA THR K 166 -7.16 9.21 -54.17
C THR K 166 -8.07 10.03 -55.07
N THR K 167 -7.55 10.41 -56.24
CA THR K 167 -8.30 11.12 -57.25
C THR K 167 -8.53 10.29 -58.51
N ASN K 168 -8.34 8.98 -58.42
CA ASN K 168 -8.55 8.07 -59.54
C ASN K 168 -9.95 7.49 -59.49
N TYR K 169 -10.35 6.89 -60.61
CA TYR K 169 -11.62 6.19 -60.71
C TYR K 169 -11.43 4.82 -61.34
N ASP K 170 -10.37 4.13 -60.97
CA ASP K 170 -10.13 2.76 -61.38
C ASP K 170 -10.16 1.84 -60.17
N LEU K 171 -10.12 0.53 -60.43
CA LEU K 171 -10.34 -0.48 -59.41
C LEU K 171 -9.05 -1.16 -58.97
N ALA K 172 -7.93 -0.43 -58.93
CA ALA K 172 -6.66 -1.05 -58.57
C ALA K 172 -6.62 -1.40 -57.09
N LEU K 173 -7.03 -0.46 -56.22
CA LEU K 173 -6.88 -0.68 -54.79
C LEU K 173 -7.86 -1.74 -54.27
N GLU K 174 -9.08 -1.76 -54.80
CA GLU K 174 -10.03 -2.79 -54.41
C GLU K 174 -9.53 -4.17 -54.80
N TRP K 175 -9.02 -4.30 -56.03
CA TRP K 175 -8.48 -5.59 -56.49
C TRP K 175 -7.31 -6.02 -55.62
N ALA K 176 -6.42 -5.08 -55.29
CA ALA K 176 -5.27 -5.41 -54.46
C ALA K 176 -5.70 -5.83 -53.06
N ALA K 177 -6.70 -5.15 -52.48
CA ALA K 177 -7.06 -5.41 -51.10
C ALA K 177 -7.88 -6.70 -50.97
N GLU K 178 -8.68 -7.03 -51.98
CA GLU K 178 -9.51 -8.23 -51.89
C GLU K 178 -8.66 -9.49 -51.86
N ASP K 179 -7.51 -9.50 -52.55
CA ASP K 179 -6.65 -10.67 -52.56
C ASP K 179 -6.03 -10.91 -51.18
N LEU K 180 -5.62 -9.84 -50.50
CA LEU K 180 -4.94 -9.99 -49.22
C LEU K 180 -5.87 -10.49 -48.13
N GLY K 181 -7.18 -10.26 -48.25
CA GLY K 181 -8.10 -10.62 -47.19
C GLY K 181 -8.35 -9.46 -46.24
N ILE K 182 -8.44 -8.26 -46.80
CA ILE K 182 -8.65 -7.04 -46.03
C ILE K 182 -9.94 -6.38 -46.51
N GLN K 183 -10.72 -5.87 -45.57
CA GLN K 183 -12.01 -5.25 -45.86
C GLN K 183 -11.86 -3.74 -45.81
N LEU K 184 -12.26 -3.08 -46.90
CA LEU K 184 -12.21 -1.63 -47.00
C LEU K 184 -13.61 -1.06 -46.85
N PHE K 185 -13.72 0.04 -46.10
CA PHE K 185 -14.99 0.74 -45.92
C PHE K 185 -15.01 1.93 -46.86
N ASN K 186 -16.02 1.97 -47.75
CA ASN K 186 -16.18 3.10 -48.67
C ASN K 186 -17.58 3.67 -48.60
N GLY K 187 -18.26 3.51 -47.47
CA GLY K 187 -19.56 4.12 -47.28
C GLY K 187 -20.70 3.48 -48.03
N PHE K 188 -20.59 2.22 -48.40
CA PHE K 188 -21.65 1.52 -49.12
C PHE K 188 -21.98 0.22 -48.38
N SER K 189 -23.24 -0.19 -48.47
CA SER K 189 -23.69 -1.40 -47.82
C SER K 189 -24.79 -2.06 -48.65
N GLY K 190 -24.91 -3.38 -48.50
CA GLY K 190 -25.91 -4.14 -49.20
C GLY K 190 -25.35 -4.87 -50.41
N LEU K 191 -26.06 -5.91 -50.83
CA LEU K 191 -25.65 -6.71 -51.98
C LEU K 191 -26.64 -6.61 -53.14
N HIS K 192 -27.91 -6.95 -52.92
CA HIS K 192 -28.89 -6.88 -54.00
C HIS K 192 -29.35 -5.46 -54.28
N THR K 193 -29.13 -4.54 -53.34
CA THR K 193 -29.41 -3.12 -53.56
C THR K 193 -28.42 -2.34 -52.68
N ARG K 194 -27.32 -1.89 -53.29
CA ARG K 194 -26.25 -1.23 -52.57
C ARG K 194 -26.46 0.27 -52.59
N GLN K 195 -26.38 0.91 -51.43
CA GLN K 195 -26.69 2.32 -51.28
C GLN K 195 -25.58 3.01 -50.50
N PHE K 196 -25.66 4.34 -50.43
CA PHE K 196 -24.64 5.19 -49.83
C PHE K 196 -25.15 5.67 -48.48
N TYR K 197 -24.45 5.30 -47.42
CA TYR K 197 -24.76 5.76 -46.06
C TYR K 197 -23.57 6.52 -45.50
N PRO K 198 -23.65 7.84 -45.34
CA PRO K 198 -22.48 8.61 -44.89
C PRO K 198 -22.01 8.26 -43.49
N GLN K 199 -22.85 7.64 -42.67
CA GLN K 199 -22.47 7.33 -41.30
C GLN K 199 -21.66 6.04 -41.18
N ASN K 200 -21.43 5.31 -42.28
CA ASN K 200 -20.67 4.08 -42.23
C ASN K 200 -19.19 4.32 -41.95
N PHE K 201 -18.71 5.56 -42.05
CA PHE K 201 -17.31 5.87 -41.82
C PHE K 201 -16.95 5.90 -40.34
N ASP K 202 -17.85 5.47 -39.44
CA ASP K 202 -17.62 5.52 -38.01
C ASP K 202 -17.81 4.14 -37.37
N LEU K 203 -17.45 3.08 -38.08
CA LEU K 203 -17.63 1.72 -37.58
C LEU K 203 -16.30 0.97 -37.60
N ALA K 204 -16.21 -0.03 -36.73
CA ALA K 204 -15.02 -0.87 -36.65
C ALA K 204 -15.44 -2.24 -36.16
N PHE K 205 -14.61 -3.23 -36.44
CA PHE K 205 -14.88 -4.62 -36.10
C PHE K 205 -14.24 -5.00 -34.77
N ARG K 206 -14.75 -6.08 -34.19
CA ARG K 206 -14.17 -6.66 -32.98
C ARG K 206 -14.50 -8.15 -32.94
N ASN K 207 -13.70 -8.90 -32.19
CA ASN K 207 -13.87 -10.34 -32.09
C ASN K 207 -14.45 -10.72 -30.74
N VAL K 208 -15.18 -11.84 -30.71
CA VAL K 208 -15.83 -12.31 -29.50
C VAL K 208 -15.35 -13.73 -29.24
N ASN K 209 -14.41 -14.20 -30.06
CA ASN K 209 -13.91 -15.56 -30.00
C ASN K 209 -12.43 -15.58 -29.68
N ALA K 210 -12.04 -14.77 -28.70
CA ALA K 210 -10.66 -14.68 -28.24
C ALA K 210 -9.68 -14.36 -29.36
N HIS K 218 -11.88 -7.56 -38.42
CA HIS K 218 -10.67 -7.82 -37.66
C HIS K 218 -9.57 -6.85 -38.08
N TYR K 219 -9.26 -6.84 -39.38
CA TYR K 219 -8.32 -5.90 -39.98
C TYR K 219 -9.01 -5.17 -41.11
N HIS K 220 -8.87 -3.85 -41.14
CA HIS K 220 -9.61 -3.04 -42.09
C HIS K 220 -8.88 -1.73 -42.33
N ALA K 221 -9.36 -0.98 -43.31
CA ALA K 221 -8.84 0.33 -43.64
C ALA K 221 -9.96 1.13 -44.30
N TYR K 222 -9.67 2.39 -44.61
CA TYR K 222 -10.66 3.29 -45.19
C TYR K 222 -10.19 3.80 -46.54
N LEU K 223 -11.14 4.00 -47.45
CA LEU K 223 -10.84 4.46 -48.80
C LEU K 223 -11.81 5.56 -49.18
N TYR K 224 -11.28 6.75 -49.46
CA TYR K 224 -12.08 7.89 -49.89
C TYR K 224 -11.72 8.20 -51.34
N LYS K 225 -12.74 8.24 -52.21
CA LYS K 225 -12.56 8.55 -53.63
C LYS K 225 -13.13 9.95 -53.87
N LEU K 226 -12.25 10.90 -54.17
CA LEU K 226 -12.67 12.29 -54.31
C LEU K 226 -13.27 12.61 -55.66
N HIS K 227 -13.17 11.72 -56.65
CA HIS K 227 -13.69 11.98 -57.98
C HIS K 227 -14.65 10.92 -58.50
N GLY K 228 -14.97 9.92 -57.71
CA GLY K 228 -15.95 8.92 -58.09
C GLY K 228 -15.30 7.60 -58.46
N SER K 229 -16.09 6.77 -59.15
CA SER K 229 -15.63 5.46 -59.58
C SER K 229 -16.45 5.03 -60.79
N LEU K 230 -15.96 4.01 -61.48
CA LEU K 230 -16.61 3.53 -62.69
C LEU K 230 -17.88 2.72 -62.41
N THR K 231 -18.06 2.24 -61.19
CA THR K 231 -19.16 1.33 -60.87
C THR K 231 -20.30 2.02 -60.13
N TRP K 232 -20.33 3.35 -60.11
CA TRP K 232 -21.37 4.11 -59.45
C TRP K 232 -22.27 4.76 -60.49
N TYR K 233 -23.59 4.63 -60.31
CA TYR K 233 -24.53 5.22 -61.24
C TYR K 233 -25.85 5.49 -60.51
N GLN K 234 -26.69 6.29 -61.14
CA GLN K 234 -28.02 6.61 -60.65
C GLN K 234 -29.04 6.33 -61.74
N ASN K 235 -30.07 5.54 -61.41
CA ASN K 235 -31.04 5.07 -62.41
C ASN K 235 -32.47 5.41 -61.96
N ASP K 236 -32.89 6.64 -62.26
CA ASP K 236 -34.27 7.08 -62.09
C ASP K 236 -34.82 6.77 -60.70
N SER K 237 -33.99 6.90 -59.67
CA SER K 237 -34.44 6.60 -58.32
C SER K 237 -34.04 7.64 -57.30
N LEU K 238 -33.35 8.71 -57.69
CA LEU K 238 -32.85 9.73 -56.76
C LEU K 238 -32.01 9.11 -55.65
N THR K 239 -31.19 8.14 -56.04
CA THR K 239 -30.28 7.49 -55.11
C THR K 239 -29.10 6.94 -55.90
N VAL K 240 -28.03 6.60 -55.20
CA VAL K 240 -26.78 6.16 -55.81
C VAL K 240 -26.60 4.67 -55.52
N ASN K 241 -26.31 3.91 -56.57
CA ASN K 241 -26.10 2.47 -56.47
C ASN K 241 -24.69 2.11 -56.87
N GLU K 242 -24.22 0.98 -56.36
CA GLU K 242 -22.92 0.42 -56.70
C GLU K 242 -23.11 -1.00 -57.20
N VAL K 243 -22.37 -1.36 -58.26
CA VAL K 243 -22.45 -2.67 -58.87
C VAL K 243 -21.04 -3.24 -58.99
N SER K 244 -20.96 -4.50 -59.38
CA SER K 244 -19.67 -5.12 -59.63
C SER K 244 -19.20 -4.81 -61.05
N ALA K 245 -17.96 -5.20 -61.35
CA ALA K 245 -17.38 -4.89 -62.66
C ALA K 245 -18.16 -5.59 -63.78
N SER K 246 -18.57 -6.84 -63.55
CA SER K 246 -19.29 -7.59 -64.58
C SER K 246 -20.60 -6.91 -64.95
N GLN K 247 -21.36 -6.46 -63.95
CA GLN K 247 -22.65 -5.83 -64.25
C GLN K 247 -22.45 -4.53 -65.01
N ALA K 248 -21.48 -3.72 -64.60
CA ALA K 248 -21.21 -2.46 -65.29
C ALA K 248 -20.81 -2.70 -66.74
N TYR K 249 -19.92 -3.67 -66.96
CA TYR K 249 -19.48 -3.97 -68.32
C TYR K 249 -20.63 -4.49 -69.17
N ASP K 250 -21.47 -5.35 -68.61
CA ASP K 250 -22.61 -5.87 -69.37
C ASP K 250 -23.71 -4.85 -69.55
N GLU K 251 -23.73 -3.78 -68.74
CA GLU K 251 -24.82 -2.81 -68.80
C GLU K 251 -24.48 -1.62 -69.71
N TYR K 252 -23.42 -0.88 -69.39
CA TYR K 252 -23.16 0.35 -70.12
C TYR K 252 -21.73 0.57 -70.59
N ILE K 253 -20.73 -0.07 -69.99
CA ILE K 253 -19.35 0.18 -70.41
C ILE K 253 -19.11 -0.36 -71.82
N ASN K 254 -19.64 -1.54 -72.11
CA ASN K 254 -19.45 -2.12 -73.44
C ASN K 254 -20.10 -1.25 -74.52
N ASP K 255 -21.29 -0.72 -74.23
CA ASP K 255 -21.95 0.17 -75.17
C ASP K 255 -21.15 1.46 -75.37
N ILE K 256 -20.58 1.99 -74.29
CA ILE K 256 -19.79 3.21 -74.38
C ILE K 256 -18.56 3.00 -75.27
N ILE K 257 -17.85 1.89 -75.04
CA ILE K 257 -16.60 1.68 -75.77
C ILE K 257 -16.82 1.33 -77.24
N ASN K 258 -17.85 0.55 -77.57
CA ASN K 258 -17.98 -0.07 -78.89
C ASN K 258 -19.28 0.33 -79.57
N LYS K 259 -19.58 1.62 -79.57
CA LYS K 259 -20.72 2.14 -80.33
C LYS K 259 -20.37 3.51 -80.87
N ASP K 260 -21.10 3.91 -81.92
CA ASP K 260 -20.80 5.17 -82.59
C ASP K 260 -21.31 6.36 -81.80
N ASP K 261 -22.62 6.44 -81.58
CA ASP K 261 -23.23 7.52 -80.82
C ASP K 261 -24.16 6.92 -79.78
N PHE K 262 -23.81 7.07 -78.51
CA PHE K 262 -24.60 6.52 -77.42
C PHE K 262 -24.33 7.36 -76.18
N TYR K 263 -25.27 8.23 -75.83
CA TYR K 263 -25.16 9.04 -74.63
C TYR K 263 -26.50 9.12 -73.93
N ARG K 264 -26.45 9.16 -72.60
CA ARG K 264 -27.64 9.29 -71.76
C ARG K 264 -27.41 10.45 -70.80
N GLY K 265 -28.47 10.83 -70.09
CA GLY K 265 -28.40 12.02 -69.24
C GLY K 265 -27.68 11.80 -67.93
N GLN K 266 -28.24 12.33 -66.83
CA GLN K 266 -27.60 12.27 -65.52
C GLN K 266 -27.62 10.83 -65.04
N HIS K 267 -26.63 10.07 -65.47
CA HIS K 267 -26.56 8.66 -65.13
C HIS K 267 -25.24 8.23 -64.53
N LEU K 268 -24.12 8.77 -65.01
CA LEU K 268 -22.80 8.34 -64.59
C LEU K 268 -22.24 9.29 -63.54
N ILE K 269 -21.58 8.72 -62.54
CA ILE K 269 -20.90 9.54 -61.54
C ILE K 269 -19.40 9.34 -61.68
N TYR K 270 -18.78 10.08 -62.61
CA TYR K 270 -17.34 10.28 -62.74
C TYR K 270 -17.10 11.19 -63.95
N PRO K 271 -16.03 11.99 -63.95
CA PRO K 271 -15.11 12.29 -62.85
C PRO K 271 -15.55 13.54 -62.10
N GLY K 272 -16.82 13.62 -61.73
CA GLY K 272 -17.37 14.82 -61.14
C GLY K 272 -18.07 15.70 -62.17
N ALA K 273 -18.97 15.10 -62.94
CA ALA K 273 -19.59 15.79 -64.07
C ALA K 273 -20.91 16.46 -63.69
N ASN K 274 -21.89 15.69 -63.22
CA ASN K 274 -23.24 16.21 -62.98
C ASN K 274 -23.33 16.78 -61.56
N LYS K 275 -22.70 17.94 -61.39
CA LYS K 275 -22.68 18.63 -60.10
C LYS K 275 -23.83 19.61 -59.92
N TYR K 276 -24.68 19.79 -60.93
CA TYR K 276 -25.79 20.73 -60.82
C TYR K 276 -27.04 20.12 -60.21
N SER K 277 -27.00 18.84 -59.85
CA SER K 277 -28.11 18.17 -59.19
C SER K 277 -27.76 17.97 -57.72
N HIS K 278 -28.68 18.34 -56.84
CA HIS K 278 -28.44 18.26 -55.41
C HIS K 278 -28.29 16.82 -54.92
N THR K 279 -28.73 15.83 -55.70
CA THR K 279 -28.59 14.44 -55.28
C THR K 279 -27.17 13.93 -55.46
N ILE K 280 -26.48 14.34 -56.52
CA ILE K 280 -25.16 13.82 -56.85
C ILE K 280 -24.05 14.57 -56.12
N GLY K 281 -24.17 15.89 -55.99
CA GLY K 281 -23.14 16.66 -55.33
C GLY K 281 -22.97 16.32 -53.86
N PHE K 282 -23.93 15.62 -53.27
CA PHE K 282 -23.83 15.22 -51.87
C PHE K 282 -22.62 14.32 -51.63
N VAL K 283 -22.38 13.37 -52.55
CA VAL K 283 -21.28 12.43 -52.39
C VAL K 283 -19.94 13.17 -52.43
N TYR K 284 -19.76 14.03 -53.43
CA TYR K 284 -18.52 14.80 -53.53
C TYR K 284 -18.33 15.69 -52.31
N GLY K 285 -19.41 16.35 -51.88
CA GLY K 285 -19.30 17.22 -50.71
C GLY K 285 -18.84 16.47 -49.48
N GLU K 286 -19.46 15.31 -49.21
CA GLU K 286 -19.06 14.54 -48.03
C GLU K 286 -17.62 14.04 -48.16
N MET K 287 -17.24 13.55 -49.33
CA MET K 287 -15.89 13.03 -49.51
C MET K 287 -14.85 14.11 -49.31
N PHE K 288 -15.11 15.32 -49.81
CA PHE K 288 -14.15 16.41 -49.63
C PHE K 288 -14.17 16.96 -48.22
N ARG K 289 -15.32 16.94 -47.55
CA ARG K 289 -15.41 17.45 -46.18
C ARG K 289 -14.66 16.56 -45.21
N ARG K 290 -14.74 15.25 -45.39
CA ARG K 290 -14.01 14.34 -44.49
C ARG K 290 -12.49 14.53 -44.63
N PHE K 291 -12.01 14.85 -45.83
CA PHE K 291 -10.60 15.12 -46.01
C PHE K 291 -10.15 16.33 -45.20
N GLY K 292 -10.91 17.43 -45.30
CA GLY K 292 -10.57 18.61 -44.52
C GLY K 292 -10.68 18.38 -43.03
N GLU K 293 -11.64 17.56 -42.62
CA GLU K 293 -11.79 17.25 -41.20
C GLU K 293 -10.64 16.38 -40.68
N PHE K 294 -10.07 15.54 -41.54
CA PHE K 294 -9.04 14.61 -41.08
C PHE K 294 -7.75 15.31 -40.70
N ILE K 295 -7.31 16.29 -41.50
CA ILE K 295 -5.97 16.85 -41.33
C ILE K 295 -5.97 17.98 -40.30
N SER K 296 -7.08 18.14 -39.57
CA SER K 296 -7.16 19.14 -38.52
C SER K 296 -6.98 18.53 -37.14
N LYS K 297 -6.65 17.25 -37.05
CA LYS K 297 -6.43 16.58 -35.78
C LYS K 297 -4.99 16.72 -35.34
N PRO K 298 -4.73 16.71 -34.03
CA PRO K 298 -3.34 16.72 -33.55
C PRO K 298 -2.61 15.43 -33.90
N GLN K 299 -1.30 15.55 -34.07
CA GLN K 299 -0.40 14.42 -34.30
C GLN K 299 -0.79 13.65 -35.57
N THR K 300 -0.68 14.35 -36.69
CA THR K 300 -1.04 13.80 -37.99
C THR K 300 0.14 13.87 -38.95
N ALA K 301 0.31 12.82 -39.75
CA ALA K 301 1.36 12.75 -40.74
C ALA K 301 0.75 12.32 -42.08
N LEU K 302 1.16 13.01 -43.15
CA LEU K 302 0.58 12.79 -44.47
C LEU K 302 1.68 12.64 -45.51
N PHE K 303 1.54 11.65 -46.39
CA PHE K 303 2.41 11.46 -47.54
C PHE K 303 1.67 11.80 -48.82
N ILE K 304 2.40 12.36 -49.78
CA ILE K 304 1.82 12.72 -51.08
C ILE K 304 2.70 12.11 -52.16
N ASN K 305 2.06 11.49 -53.15
CA ASN K 305 2.78 10.84 -54.24
C ASN K 305 1.89 10.80 -55.46
N GLY K 306 2.37 11.34 -56.58
CA GLY K 306 1.65 11.31 -57.83
C GLY K 306 0.69 12.47 -58.06
N PHE K 307 0.64 13.44 -57.14
CA PHE K 307 -0.26 14.58 -57.27
C PHE K 307 0.44 15.72 -58.01
N GLY K 308 -0.24 16.28 -58.99
CA GLY K 308 0.32 17.33 -59.82
C GLY K 308 0.18 18.74 -59.31
N PHE K 309 -0.47 18.95 -58.16
CA PHE K 309 -0.64 20.26 -57.56
C PHE K 309 -1.31 21.25 -58.50
N GLY K 310 -2.26 20.77 -59.29
CA GLY K 310 -3.03 21.61 -60.18
C GLY K 310 -4.38 22.04 -59.66
N ASP K 311 -4.66 21.85 -58.37
CA ASP K 311 -5.95 22.15 -57.79
C ASP K 311 -5.82 23.27 -56.77
N TYR K 312 -6.77 24.20 -56.80
CA TYR K 312 -6.72 25.37 -55.93
C TYR K 312 -7.19 25.03 -54.51
N HIS K 313 -8.33 24.35 -54.40
CA HIS K 313 -8.92 24.10 -53.09
C HIS K 313 -8.04 23.20 -52.24
N ILE K 314 -7.46 22.16 -52.83
CA ILE K 314 -6.60 21.26 -52.08
C ILE K 314 -5.35 22.00 -51.61
N ASN K 315 -4.78 22.85 -52.47
CA ASN K 315 -3.62 23.66 -52.07
C ASN K 315 -3.97 24.56 -50.89
N ARG K 316 -5.14 25.23 -50.97
CA ARG K 316 -5.55 26.12 -49.89
C ARG K 316 -5.75 25.36 -48.58
N ILE K 317 -6.37 24.18 -48.66
CA ILE K 317 -6.60 23.38 -47.46
C ILE K 317 -5.29 22.93 -46.86
N ILE K 318 -4.35 22.47 -47.69
CA ILE K 318 -3.07 21.99 -47.18
C ILE K 318 -2.28 23.12 -46.54
N LEU K 319 -2.27 24.28 -47.19
CA LEU K 319 -1.50 25.41 -46.65
C LEU K 319 -2.05 25.86 -45.30
N GLY K 320 -3.37 25.90 -45.15
CA GLY K 320 -3.95 26.33 -43.89
C GLY K 320 -3.65 25.39 -42.73
N ALA K 321 -3.53 24.10 -43.01
CA ALA K 321 -3.34 23.11 -41.96
C ALA K 321 -1.95 23.15 -41.34
N LEU K 322 -1.02 23.93 -41.89
CA LEU K 322 0.33 24.01 -41.37
C LEU K 322 0.46 24.97 -40.20
N LEU K 323 -0.60 25.71 -39.86
CA LEU K 323 -0.55 26.59 -38.70
C LEU K 323 -0.48 25.82 -37.39
N ASN K 324 -1.01 24.60 -37.34
CA ASN K 324 -0.90 23.78 -36.16
C ASN K 324 0.53 23.24 -36.03
N PRO K 325 1.05 23.16 -34.81
CA PRO K 325 2.44 22.73 -34.61
C PRO K 325 2.67 21.23 -34.56
N SER K 326 1.71 20.41 -34.98
CA SER K 326 1.84 18.96 -34.93
C SER K 326 1.31 18.33 -36.21
N PHE K 327 1.67 18.92 -37.36
CA PHE K 327 1.29 18.40 -38.66
C PHE K 327 2.53 18.35 -39.55
N HIS K 328 2.87 17.17 -40.03
CA HIS K 328 4.05 16.95 -40.85
C HIS K 328 3.65 16.37 -42.20
N VAL K 329 4.31 16.84 -43.26
CA VAL K 329 3.97 16.45 -44.63
C VAL K 329 5.26 16.09 -45.37
N VAL K 330 5.15 15.11 -46.27
CA VAL K 330 6.25 14.68 -47.13
C VAL K 330 5.74 14.68 -48.56
N ILE K 331 6.46 15.36 -49.46
CA ILE K 331 6.03 15.54 -50.84
C ILE K 331 7.03 14.89 -51.78
N TYR K 332 6.51 14.40 -52.91
CA TYR K 332 7.32 13.81 -53.98
C TYR K 332 7.07 14.60 -55.26
N TYR K 333 8.14 14.95 -55.96
CA TYR K 333 8.00 15.73 -57.19
C TYR K 333 9.14 15.41 -58.16
N PRO K 334 8.86 14.67 -59.23
CA PRO K 334 9.95 14.26 -60.14
C PRO K 334 10.65 15.41 -60.85
N GLU K 335 9.97 16.52 -61.12
CA GLU K 335 10.48 17.58 -61.98
C GLU K 335 10.86 18.83 -61.19
N LEU K 336 11.49 18.64 -60.03
CA LEU K 336 11.85 19.78 -59.20
C LEU K 336 12.84 20.71 -59.90
N LYS K 337 13.83 20.16 -60.58
CA LYS K 337 14.89 20.97 -61.18
C LYS K 337 14.35 21.91 -62.24
N GLU K 338 13.47 21.40 -63.12
CA GLU K 338 12.91 22.23 -64.18
C GLU K 338 12.05 23.34 -63.59
N ALA K 339 11.28 23.04 -62.54
CA ALA K 339 10.46 24.07 -61.90
C ALA K 339 11.33 25.14 -61.26
N ILE K 340 12.43 24.73 -60.61
CA ILE K 340 13.33 25.71 -60.00
C ILE K 340 13.95 26.60 -61.07
N THR K 341 14.40 25.99 -62.18
CA THR K 341 15.04 26.76 -63.24
C THR K 341 14.07 27.73 -63.89
N LYS K 342 12.85 27.27 -64.17
CA LYS K 342 11.88 28.12 -64.87
C LYS K 342 11.44 29.30 -64.01
N VAL K 343 11.21 29.06 -62.71
CA VAL K 343 10.70 30.12 -61.84
C VAL K 343 11.75 31.20 -61.63
N SER K 344 13.03 30.82 -61.51
CA SER K 344 14.09 31.78 -61.28
C SER K 344 14.23 32.78 -62.41
N LYS K 345 13.72 32.47 -63.59
CA LYS K 345 13.72 33.38 -64.72
C LYS K 345 12.48 34.25 -64.79
N GLY K 346 11.60 34.17 -63.79
CA GLY K 346 10.39 34.95 -63.76
C GLY K 346 9.17 34.30 -64.39
N GLY K 347 9.29 33.08 -64.90
CA GLY K 347 8.20 32.37 -65.50
C GLY K 347 7.72 31.21 -64.65
N GLY K 348 7.01 30.29 -65.28
CA GLY K 348 6.50 29.11 -64.63
C GLY K 348 4.98 29.15 -64.48
N SER K 349 4.43 27.98 -64.15
CA SER K 349 3.00 27.80 -63.99
C SER K 349 2.63 27.80 -62.52
N GLU K 350 1.34 27.65 -62.25
CA GLU K 350 0.84 27.74 -60.88
C GLU K 350 1.37 26.62 -60.00
N ALA K 351 1.39 25.38 -60.52
CA ALA K 351 1.90 24.26 -59.73
C ALA K 351 3.37 24.44 -59.40
N GLU K 352 4.17 24.87 -60.38
CA GLU K 352 5.59 25.11 -60.14
C GLU K 352 5.80 26.23 -59.13
N LYS K 353 5.04 27.31 -59.25
CA LYS K 353 5.16 28.40 -58.30
C LYS K 353 4.81 27.94 -56.89
N ALA K 354 3.74 27.15 -56.76
CA ALA K 354 3.33 26.67 -55.44
C ALA K 354 4.39 25.76 -54.83
N ILE K 355 4.93 24.83 -55.63
CA ILE K 355 5.91 23.90 -55.07
C ILE K 355 7.21 24.62 -54.73
N VAL K 356 7.61 25.61 -55.53
CA VAL K 356 8.81 26.37 -55.22
C VAL K 356 8.60 27.22 -53.97
N THR K 357 7.43 27.81 -53.81
CA THR K 357 7.13 28.57 -52.60
C THR K 357 7.16 27.68 -51.37
N LEU K 358 6.61 26.47 -51.48
CA LEU K 358 6.69 25.53 -50.37
C LEU K 358 8.12 25.15 -50.05
N LYS K 359 8.94 24.91 -51.08
CA LYS K 359 10.32 24.49 -50.86
C LYS K 359 11.14 25.59 -50.21
N ASN K 360 10.99 26.83 -50.70
CA ASN K 360 11.82 27.92 -50.20
C ASN K 360 11.51 28.27 -48.75
N MET K 361 10.24 28.22 -48.37
CA MET K 361 9.83 28.62 -47.03
C MET K 361 10.46 27.71 -45.98
N ALA K 362 10.91 28.31 -44.88
CA ALA K 362 11.72 27.63 -43.87
C ALA K 362 10.80 26.97 -42.85
N PHE K 363 10.68 25.64 -42.95
CA PHE K 363 9.98 24.83 -41.95
C PHE K 363 10.65 23.48 -41.84
N ASN K 364 10.67 22.94 -40.63
CA ASN K 364 11.11 21.58 -40.40
C ASN K 364 9.99 20.57 -40.56
N GLN K 365 8.78 21.03 -40.87
CA GLN K 365 7.63 20.17 -41.06
C GLN K 365 7.43 19.75 -42.52
N VAL K 366 8.20 20.32 -43.45
CA VAL K 366 8.01 20.10 -44.87
C VAL K 366 9.27 19.46 -45.44
N THR K 367 9.09 18.34 -46.15
CA THR K 367 10.18 17.67 -46.85
C THR K 367 9.78 17.49 -48.31
N VAL K 368 10.67 17.83 -49.22
CA VAL K 368 10.44 17.70 -50.65
C VAL K 368 11.49 16.76 -51.21
N VAL K 369 11.05 15.76 -51.95
CA VAL K 369 11.94 14.76 -52.55
C VAL K 369 11.79 14.85 -54.06
N GLY K 370 12.90 15.11 -54.75
CA GLY K 370 12.90 15.17 -56.19
C GLY K 370 14.20 14.67 -56.78
N GLY K 371 14.13 13.70 -57.68
CA GLY K 371 15.33 13.18 -58.32
C GLY K 371 15.10 12.63 -59.71
N GLY K 372 13.90 12.84 -60.25
CA GLY K 372 13.56 12.27 -61.54
C GLY K 372 12.99 10.87 -61.42
N SER K 373 13.82 9.86 -61.65
CA SER K 373 13.39 8.47 -61.55
C SER K 373 13.39 7.96 -60.12
N LYS K 374 13.92 8.73 -59.17
CA LYS K 374 13.90 8.34 -57.76
C LYS K 374 12.65 8.79 -57.04
N ALA K 375 11.77 9.55 -57.69
CA ALA K 375 10.54 10.05 -57.10
C ALA K 375 9.32 9.39 -57.72
N TYR K 376 9.41 8.11 -58.02
CA TYR K 376 8.33 7.36 -58.63
C TYR K 376 7.60 6.53 -57.57
N PHE K 377 6.47 5.95 -57.98
CA PHE K 377 5.67 5.15 -57.05
C PHE K 377 6.42 3.92 -56.57
N ASN K 378 7.19 3.29 -57.46
CA ASN K 378 7.92 2.08 -57.08
C ASN K 378 8.97 2.38 -56.02
N SER K 379 9.63 3.54 -56.12
CA SER K 379 10.63 3.91 -55.12
C SER K 379 9.99 4.35 -53.82
N PHE K 380 8.79 4.94 -53.89
CA PHE K 380 8.12 5.40 -52.68
C PHE K 380 7.80 4.25 -51.73
N VAL K 381 7.32 3.14 -52.27
CA VAL K 381 6.98 1.98 -51.46
C VAL K 381 8.19 1.39 -50.74
N GLU K 382 9.37 1.47 -51.35
CA GLU K 382 10.58 0.91 -50.77
C GLU K 382 11.02 1.60 -49.49
N HIS K 383 10.77 2.92 -49.36
CA HIS K 383 11.26 3.66 -48.21
C HIS K 383 10.57 3.24 -46.91
N LEU K 384 9.30 2.86 -46.97
CA LEU K 384 8.60 2.43 -45.77
C LEU K 384 9.22 1.16 -45.21
N PRO K 385 9.21 0.99 -43.88
CA PRO K 385 10.03 -0.07 -43.27
C PRO K 385 9.34 -1.42 -43.11
N TYR K 386 10.10 -2.47 -43.40
CA TYR K 386 9.72 -3.83 -43.05
C TYR K 386 9.91 -4.05 -41.56
N PRO K 387 8.91 -4.56 -40.84
CA PRO K 387 9.17 -5.07 -39.49
C PRO K 387 10.17 -6.22 -39.54
N VAL K 388 11.05 -6.29 -38.53
CA VAL K 388 12.09 -7.31 -38.53
C VAL K 388 11.50 -8.71 -38.39
N LEU K 389 10.52 -8.88 -37.51
CA LEU K 389 9.94 -10.19 -37.24
C LEU K 389 8.85 -10.57 -38.24
N PHE K 390 8.74 -9.86 -39.35
CA PHE K 390 7.72 -10.19 -40.33
C PHE K 390 8.13 -11.43 -41.11
N PRO K 391 7.31 -12.48 -41.14
CA PRO K 391 7.69 -13.71 -41.85
C PRO K 391 7.58 -13.55 -43.35
N ARG K 392 8.15 -14.51 -44.06
CA ARG K 392 8.10 -14.55 -45.52
C ARG K 392 7.75 -15.94 -46.02
N ASN K 394 5.28 -19.88 -51.89
CA ASN K 394 5.95 -20.53 -50.77
C ASN K 394 5.49 -21.98 -50.61
N ILE K 395 5.49 -22.45 -49.36
CA ILE K 395 5.02 -23.80 -49.07
C ILE K 395 3.54 -23.93 -49.39
N VAL K 396 2.80 -22.83 -49.30
CA VAL K 396 1.36 -22.86 -49.58
C VAL K 396 1.12 -23.25 -51.03
N ASP K 397 1.94 -22.76 -51.96
CA ASP K 397 1.78 -23.14 -53.36
C ASP K 397 2.01 -24.63 -53.56
N GLU K 398 3.02 -25.19 -52.90
CA GLU K 398 3.26 -26.63 -53.00
C GLU K 398 2.10 -27.43 -52.42
N LEU K 399 1.55 -26.98 -51.29
CA LEU K 399 0.42 -27.68 -50.69
C LEU K 399 -0.81 -27.62 -51.61
N VAL K 400 -1.07 -26.46 -52.22
CA VAL K 400 -2.21 -26.32 -53.11
C VAL K 400 -2.04 -27.20 -54.34
N GLU K 401 -0.83 -27.22 -54.90
CA GLU K 401 -0.58 -28.08 -56.06
C GLU K 401 -0.75 -29.55 -55.70
N ALA K 402 -0.25 -29.96 -54.53
CA ALA K 402 -0.39 -31.35 -54.11
C ALA K 402 -1.86 -31.72 -53.92
N ILE K 403 -2.64 -30.82 -53.33
CA ILE K 403 -4.07 -31.07 -53.15
C ILE K 403 -4.76 -31.18 -54.50
N ALA K 404 -4.45 -30.26 -55.42
CA ALA K 404 -5.09 -30.27 -56.73
C ALA K 404 -4.77 -31.55 -57.49
N ASN K 405 -3.50 -31.98 -57.46
CA ASN K 405 -3.11 -33.19 -58.17
C ASN K 405 -3.57 -34.46 -57.47
N LEU K 406 -4.07 -34.37 -56.24
CA LEU K 406 -4.57 -35.53 -55.51
C LEU K 406 -5.96 -35.85 -56.02
N SER K 407 -6.08 -36.94 -56.77
CA SER K 407 -7.37 -37.37 -57.33
C SER K 407 -8.26 -37.97 -56.24
N SER L 2 -55.26 12.85 -33.05
CA SER L 2 -54.58 12.09 -34.09
C SER L 2 -53.09 11.97 -33.79
N ILE L 3 -52.75 11.03 -32.91
CA ILE L 3 -51.36 10.79 -32.51
C ILE L 3 -51.03 9.33 -32.72
N TYR L 4 -49.90 9.09 -33.38
CA TYR L 4 -49.45 7.73 -33.69
C TYR L 4 -48.09 7.49 -33.05
N GLN L 5 -47.84 6.24 -32.69
CA GLN L 5 -46.55 5.84 -32.13
C GLN L 5 -46.25 4.42 -32.60
N GLY L 6 -45.39 4.30 -33.60
CA GLY L 6 -45.07 3.00 -34.15
C GLY L 6 -46.14 2.40 -35.02
N GLY L 7 -47.02 3.22 -35.60
CA GLY L 7 -48.09 2.76 -36.44
C GLY L 7 -49.43 2.60 -35.74
N ASN L 8 -49.42 2.52 -34.41
CA ASN L 8 -50.65 2.39 -33.65
C ASN L 8 -51.24 3.77 -33.38
N LYS L 9 -52.23 3.86 -32.50
CA LYS L 9 -52.82 5.12 -32.10
C LYS L 9 -52.58 5.35 -30.62
N LEU L 10 -52.56 6.62 -30.23
CA LEU L 10 -52.22 7.01 -28.86
C LEU L 10 -53.19 8.08 -28.39
N ASN L 11 -53.42 8.10 -27.08
CA ASN L 11 -54.33 9.06 -26.47
C ASN L 11 -53.56 10.12 -25.70
N GLU L 12 -54.29 11.16 -25.29
CA GLU L 12 -53.65 12.33 -24.68
C GLU L 12 -53.08 12.02 -23.30
N ASP L 13 -53.78 11.17 -22.53
CA ASP L 13 -53.32 10.87 -21.18
C ASP L 13 -51.96 10.19 -21.19
N ASP L 14 -51.75 9.25 -22.11
CA ASP L 14 -50.45 8.61 -22.22
C ASP L 14 -49.42 9.52 -22.89
N PHE L 15 -49.85 10.36 -23.83
CA PHE L 15 -48.92 11.26 -24.50
C PHE L 15 -48.31 12.26 -23.52
N ARG L 16 -49.13 12.83 -22.63
CA ARG L 16 -48.61 13.80 -21.68
C ARG L 16 -47.64 13.14 -20.69
N SER L 17 -47.93 11.92 -20.27
CA SER L 17 -47.01 11.22 -19.38
C SER L 17 -45.73 10.83 -20.10
N HIS L 18 -45.82 10.55 -21.40
CA HIS L 18 -44.64 10.22 -22.18
C HIS L 18 -43.73 11.44 -22.35
N VAL L 19 -44.32 12.60 -22.64
CA VAL L 19 -43.53 13.81 -22.84
C VAL L 19 -42.78 14.17 -21.57
N TYR L 20 -43.44 14.07 -20.41
CA TYR L 20 -42.79 14.44 -19.16
C TYR L 20 -41.59 13.56 -18.88
N SER L 21 -41.72 12.24 -19.07
CA SER L 21 -40.62 11.33 -18.80
C SER L 21 -39.50 11.43 -19.82
N LEU L 22 -39.70 12.15 -20.91
CA LEU L 22 -38.69 12.31 -21.95
C LEU L 22 -37.81 13.53 -21.72
N CYS L 23 -38.10 14.33 -20.70
CA CYS L 23 -37.35 15.55 -20.41
C CYS L 23 -36.34 15.38 -19.29
N GLN L 24 -36.24 14.18 -18.71
CA GLN L 24 -35.21 13.88 -17.72
C GLN L 24 -34.04 13.10 -18.29
N LEU L 25 -33.94 13.01 -19.62
CA LEU L 25 -32.83 12.32 -20.25
C LEU L 25 -31.58 13.20 -20.22
N ASP L 26 -30.45 12.58 -20.56
CA ASP L 26 -29.17 13.27 -20.46
C ASP L 26 -29.09 14.43 -21.45
N ASN L 27 -29.60 14.25 -22.66
CA ASN L 27 -29.51 15.27 -23.70
C ASN L 27 -30.90 15.65 -24.19
N VAL L 28 -31.11 16.95 -24.38
CA VAL L 28 -32.38 17.48 -24.87
C VAL L 28 -32.08 18.59 -25.87
N GLY L 29 -32.82 18.58 -26.98
CA GLY L 29 -32.66 19.59 -28.01
C GLY L 29 -33.92 19.81 -28.78
N VAL L 30 -33.92 20.86 -29.61
CA VAL L 30 -35.06 21.22 -30.44
C VAL L 30 -34.57 21.59 -31.84
N LEU L 31 -35.51 21.67 -32.77
CA LEU L 31 -35.20 22.08 -34.14
C LEU L 31 -36.42 22.83 -34.68
N LEU L 32 -36.27 24.13 -34.89
CA LEU L 32 -37.37 25.01 -35.29
C LEU L 32 -37.23 25.37 -36.76
N GLY L 33 -38.34 25.30 -37.49
CA GLY L 33 -38.37 25.67 -38.89
C GLY L 33 -38.81 27.10 -39.10
N ALA L 34 -39.35 27.36 -40.28
CA ALA L 34 -39.80 28.69 -40.65
C ALA L 34 -41.26 28.95 -40.30
N GLY L 35 -41.95 27.98 -39.71
CA GLY L 35 -43.33 28.16 -39.31
C GLY L 35 -43.47 28.57 -37.87
N ALA L 36 -42.36 28.50 -37.11
CA ALA L 36 -42.39 28.88 -35.71
C ALA L 36 -42.44 30.39 -35.53
N SER L 37 -42.16 31.16 -36.57
CA SER L 37 -42.13 32.62 -36.48
C SER L 37 -43.24 33.27 -37.29
N VAL L 38 -44.38 32.59 -37.43
CA VAL L 38 -45.52 33.18 -38.12
C VAL L 38 -46.37 34.03 -37.17
N GLY L 39 -46.43 33.68 -35.89
CA GLY L 39 -47.13 34.52 -34.93
C GLY L 39 -46.41 35.79 -34.55
N CYS L 40 -45.10 35.86 -34.81
CA CYS L 40 -44.33 37.06 -34.53
C CYS L 40 -44.38 38.08 -35.67
N GLY L 41 -44.71 37.65 -36.87
CA GLY L 41 -44.81 38.56 -38.00
C GLY L 41 -44.07 38.09 -39.24
N GLY L 42 -43.66 36.83 -39.25
CA GLY L 42 -42.93 36.27 -40.37
C GLY L 42 -43.86 35.81 -41.48
N LYS L 43 -43.23 35.31 -42.55
CA LYS L 43 -43.95 34.80 -43.70
C LYS L 43 -43.33 33.49 -44.15
N THR L 44 -44.13 32.68 -44.83
CA THR L 44 -43.68 31.41 -45.38
C THR L 44 -43.29 31.56 -46.84
N MET L 45 -42.82 30.46 -47.43
CA MET L 45 -42.39 30.47 -48.83
C MET L 45 -43.55 30.65 -49.80
N LYS L 46 -44.79 30.40 -49.38
CA LYS L 46 -45.93 30.57 -50.26
C LYS L 46 -46.30 32.03 -50.50
N ASP L 47 -45.98 32.92 -49.56
CA ASP L 47 -46.31 34.34 -49.69
C ASP L 47 -45.25 35.13 -50.44
N VAL L 48 -43.99 34.68 -50.40
CA VAL L 48 -42.95 35.33 -51.18
C VAL L 48 -43.26 35.25 -52.67
N TRP L 49 -43.74 34.08 -53.12
CA TRP L 49 -44.11 33.93 -54.52
C TRP L 49 -45.24 34.86 -54.90
N LYS L 50 -46.25 35.00 -54.02
CA LYS L 50 -47.36 35.92 -54.30
C LYS L 50 -46.86 37.35 -54.42
N SER L 51 -45.98 37.76 -53.49
CA SER L 51 -45.47 39.13 -53.53
C SER L 51 -44.65 39.37 -54.80
N PHE L 52 -43.80 38.40 -55.17
CA PHE L 52 -43.01 38.55 -56.39
C PHE L 52 -43.91 38.62 -57.63
N LYS L 53 -44.95 37.78 -57.66
CA LYS L 53 -45.85 37.77 -58.82
C LYS L 53 -46.59 39.08 -58.95
N GLN L 54 -47.08 39.64 -57.83
CA GLN L 54 -47.86 40.86 -57.91
C GLN L 54 -47.02 42.13 -57.90
N ASN L 55 -45.70 42.03 -57.71
CA ASN L 55 -44.84 43.20 -57.72
C ASN L 55 -44.03 43.35 -59.00
N TYR L 56 -43.66 42.25 -59.65
CA TYR L 56 -42.85 42.29 -60.87
C TYR L 56 -43.53 41.43 -61.94
N PRO L 57 -44.54 41.99 -62.62
CA PRO L 57 -45.24 41.20 -63.64
C PRO L 57 -44.46 41.02 -64.93
N GLU L 58 -43.68 42.02 -65.33
CA GLU L 58 -42.94 41.92 -66.59
C GLU L 58 -41.89 40.81 -66.55
N LEU L 59 -41.16 40.70 -65.43
CA LEU L 59 -40.19 39.63 -65.29
C LEU L 59 -40.86 38.27 -65.27
N LEU L 60 -42.02 38.16 -64.62
CA LEU L 60 -42.77 36.92 -64.62
C LEU L 60 -43.18 36.53 -66.03
N GLY L 61 -43.70 37.49 -66.80
CA GLY L 61 -44.09 37.20 -68.17
C GLY L 61 -42.92 36.79 -69.04
N ALA L 62 -41.79 37.49 -68.90
CA ALA L 62 -40.60 37.16 -69.68
C ALA L 62 -40.05 35.78 -69.31
N LEU L 63 -40.14 35.41 -68.03
CA LEU L 63 -39.69 34.10 -67.60
C LEU L 63 -40.65 32.99 -68.02
N ILE L 64 -41.94 33.31 -68.18
CA ILE L 64 -42.91 32.29 -68.53
C ILE L 64 -43.09 32.10 -70.03
N ASP L 65 -42.75 33.10 -70.84
CA ASP L 65 -42.97 32.97 -72.29
C ASP L 65 -41.75 32.47 -73.05
N LYS L 66 -40.55 32.96 -72.72
CA LYS L 66 -39.36 32.71 -73.53
C LYS L 66 -38.50 31.58 -72.96
N TYR L 67 -38.03 31.73 -71.73
CA TYR L 67 -37.10 30.76 -71.16
C TYR L 67 -37.78 29.50 -70.67
N LEU L 68 -39.09 29.53 -70.44
CA LEU L 68 -39.88 28.36 -70.05
C LEU L 68 -39.33 27.72 -68.77
N LEU L 69 -39.34 28.51 -67.70
CA LEU L 69 -38.91 28.03 -66.39
C LEU L 69 -40.07 27.67 -65.47
N VAL L 70 -41.23 28.31 -65.64
CA VAL L 70 -42.40 28.06 -64.80
C VAL L 70 -43.61 27.90 -65.71
N SER L 71 -44.39 26.85 -65.45
CA SER L 71 -45.61 26.60 -66.21
C SER L 71 -46.73 27.48 -65.70
N GLN L 72 -47.64 27.86 -66.62
CA GLN L 72 -48.76 28.72 -66.24
C GLN L 72 -49.67 28.07 -65.23
N ILE L 73 -49.96 26.78 -65.39
CA ILE L 73 -50.86 26.09 -64.48
C ILE L 73 -50.28 26.07 -63.07
N ASP L 74 -48.99 25.78 -62.94
CA ASP L 74 -48.37 25.74 -61.62
C ASP L 74 -48.28 27.12 -60.98
N SER L 75 -48.01 28.16 -61.77
CA SER L 75 -47.94 29.51 -61.23
C SER L 75 -49.31 30.08 -60.89
N ASP L 76 -50.38 29.56 -61.49
CA ASP L 76 -51.71 30.03 -61.16
C ASP L 76 -52.19 29.50 -59.81
N ASN L 77 -51.65 28.37 -59.37
CA ASN L 77 -52.03 27.78 -58.09
C ASN L 77 -51.08 28.14 -56.96
N ASN L 78 -50.07 28.96 -57.21
CA ASN L 78 -49.07 29.35 -56.21
C ASN L 78 -48.39 28.12 -55.61
N LEU L 79 -48.06 27.15 -56.45
CA LEU L 79 -47.38 25.93 -56.04
C LEU L 79 -46.01 25.82 -56.71
N VAL L 80 -45.30 26.94 -56.79
CA VAL L 80 -43.99 27.00 -57.44
C VAL L 80 -42.91 26.99 -56.37
N ASN L 81 -41.97 26.06 -56.49
CA ASN L 81 -40.85 25.98 -55.56
C ASN L 81 -39.88 27.12 -55.85
N VAL L 82 -39.49 27.85 -54.80
CA VAL L 82 -38.58 28.98 -54.99
C VAL L 82 -37.12 28.54 -54.89
N GLU L 83 -36.83 27.45 -54.19
CA GLU L 83 -35.44 27.05 -53.99
C GLU L 83 -34.81 26.56 -55.30
N LEU L 84 -35.57 25.83 -56.12
CA LEU L 84 -35.03 25.34 -57.38
C LEU L 84 -34.90 26.44 -58.42
N LEU L 85 -35.77 27.44 -58.36
CA LEU L 85 -35.72 28.54 -59.33
C LEU L 85 -34.41 29.29 -59.23
N ILE L 86 -33.92 29.51 -58.01
CA ILE L 86 -32.67 30.24 -57.82
C ILE L 86 -31.51 29.46 -58.44
N ASP L 87 -31.46 28.15 -58.22
CA ASP L 87 -30.38 27.35 -58.78
C ASP L 87 -30.44 27.34 -60.31
N GLU L 88 -31.64 27.22 -60.88
CA GLU L 88 -31.74 27.22 -62.34
C GLU L 88 -31.38 28.58 -62.92
N ALA L 89 -31.76 29.67 -62.23
CA ALA L 89 -31.36 31.00 -62.69
C ALA L 89 -29.86 31.18 -62.64
N THR L 90 -29.21 30.67 -61.58
CA THR L 90 -27.75 30.77 -61.51
C THR L 90 -27.10 29.97 -62.63
N LYS L 91 -27.64 28.79 -62.94
CA LYS L 91 -27.10 28.00 -64.05
C LYS L 91 -27.22 28.76 -65.36
N PHE L 92 -28.39 29.34 -65.63
CA PHE L 92 -28.59 30.10 -66.86
C PHE L 92 -27.62 31.28 -66.94
N LEU L 93 -27.46 31.99 -65.82
CA LEU L 93 -26.57 33.15 -65.80
C LEU L 93 -25.12 32.74 -66.06
N SER L 94 -24.67 31.64 -65.45
CA SER L 94 -23.31 31.19 -65.66
C SER L 94 -23.08 30.80 -67.12
N VAL L 95 -24.03 30.08 -67.70
CA VAL L 95 -23.89 29.67 -69.10
C VAL L 95 -23.85 30.90 -70.01
N ALA L 96 -24.72 31.88 -69.75
CA ALA L 96 -24.72 33.08 -70.57
C ALA L 96 -23.42 33.85 -70.42
N LYS L 97 -22.88 33.92 -69.21
CA LYS L 97 -21.63 34.62 -68.98
C LYS L 97 -20.46 33.96 -69.71
N THR L 98 -20.42 32.62 -69.70
CA THR L 98 -19.28 31.93 -70.28
C THR L 98 -19.15 32.19 -71.77
N ARG L 99 -20.27 32.17 -72.50
CA ARG L 99 -20.25 32.31 -73.95
C ARG L 99 -20.36 33.76 -74.42
N ARG L 100 -20.22 34.73 -73.51
CA ARG L 100 -20.14 36.15 -73.85
C ARG L 100 -21.42 36.63 -74.55
N CYS L 101 -22.53 36.56 -73.82
CA CYS L 101 -23.78 37.18 -74.24
C CYS L 101 -24.09 38.33 -73.29
N GLU L 102 -24.14 39.54 -73.81
CA GLU L 102 -24.33 40.74 -73.00
C GLU L 102 -25.78 41.20 -72.91
N ASP L 103 -26.71 40.48 -73.54
CA ASP L 103 -28.13 40.79 -73.41
C ASP L 103 -28.85 39.83 -72.48
N GLU L 104 -28.44 38.57 -72.45
CA GLU L 104 -28.99 37.57 -71.55
C GLU L 104 -28.35 37.61 -70.17
N GLU L 105 -27.26 38.37 -70.00
CA GLU L 105 -26.54 38.42 -68.75
C GLU L 105 -27.08 39.47 -67.79
N GLU L 106 -28.03 40.31 -68.21
CA GLU L 106 -28.60 41.35 -67.36
C GLU L 106 -30.00 41.01 -66.87
N GLU L 107 -30.80 40.33 -67.68
CA GLU L 107 -32.14 39.95 -67.26
C GLU L 107 -32.09 39.00 -66.06
N PHE L 108 -31.16 38.04 -66.09
CA PHE L 108 -31.03 37.13 -64.96
C PHE L 108 -30.45 37.83 -63.74
N ARG L 109 -29.58 38.82 -63.93
CA ARG L 109 -29.14 39.65 -62.81
C ARG L 109 -30.33 40.34 -62.15
N LYS L 110 -31.21 40.92 -62.97
CA LYS L 110 -32.39 41.58 -62.42
C LYS L 110 -33.30 40.59 -61.69
N ILE L 111 -33.48 39.40 -62.26
CA ILE L 111 -34.35 38.40 -61.64
C ILE L 111 -33.78 37.99 -60.28
N LEU L 112 -32.48 37.72 -60.22
CA LEU L 112 -31.86 37.31 -58.97
C LEU L 112 -31.93 38.43 -57.93
N SER L 113 -31.69 39.68 -58.35
CA SER L 113 -31.80 40.80 -57.42
C SER L 113 -33.22 40.91 -56.86
N SER L 114 -34.22 40.77 -57.73
CA SER L 114 -35.61 40.86 -57.26
C SER L 114 -35.93 39.76 -56.26
N LEU L 115 -35.50 38.53 -56.56
CA LEU L 115 -35.78 37.42 -55.65
C LEU L 115 -35.09 37.62 -54.31
N TYR L 116 -33.82 38.04 -54.32
CA TYR L 116 -33.10 38.24 -53.07
C TYR L 116 -33.69 39.38 -52.26
N LYS L 117 -34.15 40.44 -52.94
CA LYS L 117 -34.81 41.53 -52.23
C LYS L 117 -36.11 41.05 -51.58
N GLU L 118 -36.89 40.24 -52.31
CA GLU L 118 -38.16 39.76 -51.77
C GLU L 118 -37.95 38.85 -50.57
N VAL L 119 -36.93 37.99 -50.62
CA VAL L 119 -36.69 37.08 -49.49
C VAL L 119 -36.25 37.85 -48.26
N THR L 120 -35.37 38.84 -48.43
CA THR L 120 -34.81 39.57 -47.30
C THR L 120 -35.90 40.34 -46.54
N LYS L 121 -36.82 40.97 -47.26
CA LYS L 121 -37.81 41.85 -46.64
C LYS L 121 -38.75 41.11 -45.70
N ALA L 122 -38.86 39.79 -45.82
CA ALA L 122 -39.82 39.02 -45.05
C ALA L 122 -39.26 38.51 -43.72
N ALA L 123 -38.02 38.86 -43.38
CA ALA L 123 -37.40 38.35 -42.15
C ALA L 123 -37.17 39.43 -41.10
N LEU L 124 -37.66 40.65 -41.33
CA LEU L 124 -37.46 41.72 -40.35
C LEU L 124 -38.38 41.56 -39.14
N LEU L 125 -39.60 41.08 -39.37
CA LEU L 125 -40.57 40.75 -38.33
C LEU L 125 -41.16 41.97 -37.66
N THR L 126 -40.66 43.17 -37.98
CA THR L 126 -41.20 44.39 -37.38
C THR L 126 -41.29 45.55 -38.36
N GLY L 127 -40.55 45.55 -39.45
CA GLY L 127 -40.63 46.62 -40.43
C GLY L 127 -39.62 47.71 -40.14
N GLU L 128 -40.09 48.96 -40.08
CA GLU L 128 -39.22 50.11 -39.91
C GLU L 128 -38.62 50.22 -38.52
N GLN L 129 -39.16 49.49 -37.53
CA GLN L 129 -38.64 49.49 -36.18
C GLN L 129 -37.61 48.40 -35.95
N PHE L 130 -36.95 47.94 -37.00
CA PHE L 130 -35.91 46.91 -36.89
C PHE L 130 -34.63 47.45 -36.27
N ARG L 131 -34.43 48.77 -36.27
CA ARG L 131 -33.20 49.39 -35.81
C ARG L 131 -33.34 50.07 -34.45
N GLU L 132 -34.27 49.59 -33.62
CA GLU L 132 -34.52 50.17 -32.31
C GLU L 132 -34.31 49.12 -31.23
N LYS L 133 -34.09 49.59 -30.01
CA LYS L 133 -33.75 48.73 -28.89
C LYS L 133 -34.99 48.28 -28.13
N ASN L 134 -34.80 47.29 -27.27
CA ASN L 134 -35.86 46.75 -26.41
C ASN L 134 -37.03 46.21 -27.24
N GLN L 135 -36.71 45.43 -28.27
CA GLN L 135 -37.75 44.84 -29.10
C GLN L 135 -38.27 43.52 -28.53
N GLY L 136 -37.63 42.96 -27.51
CA GLY L 136 -38.06 41.74 -26.91
C GLY L 136 -39.05 41.88 -25.77
N LYS L 137 -39.50 43.10 -25.49
CA LYS L 137 -40.45 43.38 -24.42
C LYS L 137 -41.89 43.43 -24.90
N LYS L 138 -42.13 43.14 -26.18
CA LYS L 138 -43.47 43.19 -26.73
C LYS L 138 -44.22 41.89 -26.42
N ASP L 139 -45.50 41.86 -26.74
CA ASP L 139 -46.35 40.71 -26.46
C ASP L 139 -46.25 39.62 -27.53
N ALA L 140 -45.66 39.91 -28.69
CA ALA L 140 -45.56 38.90 -29.73
C ALA L 140 -44.53 37.83 -29.39
N PHE L 141 -43.55 38.16 -28.55
CA PHE L 141 -42.50 37.23 -28.16
C PHE L 141 -42.79 36.56 -26.82
N LYS L 142 -44.06 36.34 -26.50
CA LYS L 142 -44.41 35.81 -25.18
C LYS L 142 -44.04 34.34 -25.03
N TYR L 143 -44.09 33.57 -26.12
CA TYR L 143 -43.93 32.12 -26.02
C TYR L 143 -42.48 31.66 -26.22
N HIS L 144 -41.65 32.45 -26.91
CA HIS L 144 -40.24 32.12 -26.98
C HIS L 144 -39.60 32.19 -25.59
N LYS L 145 -39.98 33.20 -24.81
CA LYS L 145 -39.50 33.29 -23.44
C LYS L 145 -39.94 32.08 -22.62
N GLU L 146 -41.19 31.65 -22.81
CA GLU L 146 -41.68 30.47 -22.08
C GLU L 146 -40.89 29.22 -22.48
N LEU L 147 -40.61 29.06 -23.76
CA LEU L 147 -39.83 27.91 -24.22
C LEU L 147 -38.44 27.91 -23.59
N ILE L 148 -37.77 29.06 -23.62
CA ILE L 148 -36.42 29.15 -23.06
C ILE L 148 -36.45 28.90 -21.56
N SER L 149 -37.44 29.45 -20.86
CA SER L 149 -37.54 29.27 -19.42
C SER L 149 -37.79 27.80 -19.06
N LYS L 150 -38.64 27.13 -19.84
CA LYS L 150 -38.97 25.74 -19.53
C LYS L 150 -37.81 24.82 -19.84
N LEU L 151 -37.11 25.04 -20.96
CA LEU L 151 -36.02 24.15 -21.32
C LEU L 151 -34.89 24.19 -20.31
N ILE L 152 -34.54 25.39 -19.81
CA ILE L 152 -33.39 25.54 -18.93
C ILE L 152 -33.67 24.93 -17.55
N SER L 153 -34.86 25.17 -17.01
CA SER L 153 -35.14 24.89 -15.60
C SER L 153 -35.54 23.45 -15.32
N ASN L 154 -35.20 22.50 -16.20
CA ASN L 154 -35.40 21.08 -15.92
C ASN L 154 -34.08 20.32 -15.81
N ARG L 155 -32.95 21.00 -15.71
CA ARG L 155 -31.65 20.36 -15.67
C ARG L 155 -31.15 20.28 -14.23
N GLN L 156 -30.92 19.07 -13.75
CA GLN L 156 -30.30 18.87 -12.45
C GLN L 156 -28.80 19.13 -12.56
N PRO L 157 -28.15 19.48 -11.45
CA PRO L 157 -26.70 19.70 -11.49
C PRO L 157 -25.97 18.42 -11.91
N GLY L 158 -24.93 18.59 -12.70
CA GLY L 158 -24.22 17.47 -13.27
C GLY L 158 -24.68 17.03 -14.64
N GLN L 159 -25.47 17.84 -15.34
CA GLN L 159 -25.97 17.52 -16.67
C GLN L 159 -25.62 18.66 -17.62
N SER L 160 -25.88 18.43 -18.91
CA SER L 160 -25.49 19.37 -19.96
C SER L 160 -26.60 20.38 -20.24
N ALA L 161 -26.21 21.50 -20.80
CA ALA L 161 -27.13 22.57 -21.15
C ALA L 161 -27.89 22.22 -22.43
N PRO L 162 -29.08 22.81 -22.63
CA PRO L 162 -29.85 22.52 -23.85
C PRO L 162 -29.20 23.13 -25.08
N ALA L 163 -29.61 22.62 -26.24
CA ALA L 163 -29.12 23.08 -27.53
C ALA L 163 -30.29 23.37 -28.44
N ILE L 164 -30.21 24.48 -29.18
CA ILE L 164 -31.27 24.92 -30.07
C ILE L 164 -30.71 25.00 -31.49
N PHE L 165 -31.37 24.34 -32.44
CA PHE L 165 -31.04 24.42 -33.85
C PHE L 165 -32.16 25.14 -34.59
N THR L 166 -31.79 25.94 -35.59
CA THR L 166 -32.78 26.68 -36.36
C THR L 166 -32.28 26.90 -37.77
N THR L 167 -33.21 27.16 -38.69
CA THR L 167 -32.91 27.40 -40.09
C THR L 167 -33.54 28.71 -40.56
N ASN L 168 -33.60 29.69 -39.68
CA ASN L 168 -34.18 31.00 -39.98
C ASN L 168 -33.10 32.07 -39.98
N TYR L 169 -33.45 33.23 -40.54
CA TYR L 169 -32.56 34.38 -40.58
C TYR L 169 -32.92 35.46 -39.58
N ASP L 170 -34.06 35.34 -38.91
CA ASP L 170 -34.57 36.40 -38.05
C ASP L 170 -34.06 36.25 -36.63
N LEU L 171 -34.02 37.37 -35.91
CA LEU L 171 -33.49 37.41 -34.54
C LEU L 171 -34.64 37.25 -33.54
N ALA L 172 -35.41 36.19 -33.70
CA ALA L 172 -36.56 35.94 -32.84
C ALA L 172 -36.19 35.26 -31.53
N LEU L 173 -34.98 34.72 -31.41
CA LEU L 173 -34.54 34.09 -30.17
C LEU L 173 -33.54 34.94 -29.40
N GLU L 174 -32.75 35.76 -30.10
CA GLU L 174 -31.80 36.64 -29.41
C GLU L 174 -32.52 37.70 -28.59
N TRP L 175 -33.59 38.28 -29.14
CA TRP L 175 -34.32 39.33 -28.44
C TRP L 175 -34.91 38.81 -27.14
N ALA L 176 -35.56 37.65 -27.18
CA ALA L 176 -36.19 37.10 -25.98
C ALA L 176 -35.14 36.74 -24.94
N ALA L 177 -34.04 36.12 -25.36
CA ALA L 177 -32.99 35.74 -24.42
C ALA L 177 -32.37 36.96 -23.77
N GLU L 178 -32.14 38.02 -24.56
CA GLU L 178 -31.59 39.25 -23.98
C GLU L 178 -32.58 39.91 -23.03
N ASP L 179 -33.88 39.83 -23.32
CA ASP L 179 -34.86 40.37 -22.40
C ASP L 179 -34.86 39.60 -21.08
N LEU L 180 -34.76 38.28 -21.14
CA LEU L 180 -34.69 37.50 -19.91
C LEU L 180 -33.40 37.76 -19.15
N GLY L 181 -32.28 37.90 -19.87
CA GLY L 181 -30.98 38.04 -19.25
C GLY L 181 -30.08 36.82 -19.38
N ILE L 182 -30.41 35.88 -20.25
CA ILE L 182 -29.64 34.65 -20.40
C ILE L 182 -28.58 34.88 -21.47
N GLN L 183 -27.48 34.13 -21.36
CA GLN L 183 -26.37 34.21 -22.31
C GLN L 183 -26.42 33.01 -23.26
N LEU L 184 -26.36 33.29 -24.55
CA LEU L 184 -26.38 32.26 -25.59
C LEU L 184 -25.01 32.24 -26.28
N PHE L 185 -24.40 31.05 -26.34
CA PHE L 185 -23.13 30.91 -27.02
C PHE L 185 -23.36 30.55 -28.49
N ASN L 186 -22.71 31.29 -29.40
CA ASN L 186 -22.88 31.03 -30.81
C ASN L 186 -21.58 31.07 -31.60
N GLY L 187 -20.42 31.03 -30.95
CA GLY L 187 -19.15 30.94 -31.63
C GLY L 187 -18.48 32.25 -31.98
N PHE L 188 -18.99 33.38 -31.46
CA PHE L 188 -18.41 34.69 -31.72
C PHE L 188 -17.90 35.29 -30.42
N SER L 189 -16.93 36.20 -30.54
CA SER L 189 -16.33 36.83 -29.38
C SER L 189 -15.87 38.24 -29.75
N GLY L 190 -15.88 39.12 -28.76
CA GLY L 190 -15.45 40.50 -28.94
C GLY L 190 -16.63 41.44 -29.12
N LEU L 191 -16.32 42.74 -29.06
CA LEU L 191 -17.31 43.77 -29.32
C LEU L 191 -16.92 44.67 -30.49
N HIS L 192 -15.72 45.25 -30.47
CA HIS L 192 -15.33 46.18 -31.53
C HIS L 192 -14.98 45.44 -32.81
N THR L 193 -14.58 44.18 -32.72
CA THR L 193 -14.26 43.35 -33.87
C THR L 193 -14.65 41.92 -33.53
N ARG L 194 -15.84 41.51 -33.95
CA ARG L 194 -16.33 40.16 -33.67
C ARG L 194 -15.92 39.23 -34.79
N GLN L 195 -15.41 38.05 -34.41
CA GLN L 195 -14.93 37.08 -35.37
C GLN L 195 -15.49 35.70 -34.99
N PHE L 196 -15.28 34.73 -35.88
CA PHE L 196 -15.80 33.39 -35.73
C PHE L 196 -14.66 32.45 -35.39
N TYR L 197 -14.76 31.77 -34.25
CA TYR L 197 -13.76 30.79 -33.83
C TYR L 197 -14.49 29.49 -33.53
N PRO L 198 -14.13 28.38 -34.18
CA PRO L 198 -14.83 27.12 -33.90
C PRO L 198 -14.65 26.62 -32.48
N GLN L 199 -13.67 27.12 -31.74
CA GLN L 199 -13.38 26.62 -30.40
C GLN L 199 -14.30 27.17 -29.33
N ASN L 200 -15.16 28.14 -29.65
CA ASN L 200 -16.02 28.75 -28.65
C ASN L 200 -17.23 27.90 -28.28
N PHE L 201 -17.45 26.78 -28.94
CA PHE L 201 -18.52 25.87 -28.58
C PHE L 201 -18.16 24.93 -27.45
N ASP L 202 -16.99 25.12 -26.84
CA ASP L 202 -16.53 24.25 -25.76
C ASP L 202 -16.25 25.05 -24.49
N LEU L 203 -17.14 25.97 -24.14
CA LEU L 203 -16.95 26.84 -22.99
C LEU L 203 -18.15 26.74 -22.06
N ALA L 204 -17.94 27.15 -20.81
CA ALA L 204 -18.98 27.10 -19.79
C ALA L 204 -18.66 28.10 -18.69
N PHE L 205 -19.66 28.35 -17.84
CA PHE L 205 -19.49 29.25 -16.70
C PHE L 205 -19.25 28.47 -15.41
N ARG L 206 -18.65 29.16 -14.45
CA ARG L 206 -18.49 28.66 -13.09
C ARG L 206 -18.25 29.85 -12.17
N ASN L 207 -18.56 29.66 -10.89
CA ASN L 207 -18.37 30.71 -9.90
C ASN L 207 -17.02 30.58 -9.23
N VAL L 208 -16.47 31.72 -8.79
CA VAL L 208 -15.13 31.75 -8.22
C VAL L 208 -15.11 31.49 -6.72
N ASN L 209 -16.25 31.57 -6.04
CA ASN L 209 -16.33 31.35 -4.60
C ASN L 209 -16.70 29.93 -4.25
N ALA L 210 -16.82 29.03 -5.22
CA ALA L 210 -17.18 27.65 -4.96
C ALA L 210 -16.08 26.91 -4.21
N HIS L 218 -25.38 27.96 -13.06
CA HIS L 218 -25.76 29.20 -13.72
C HIS L 218 -26.48 28.87 -15.03
N TYR L 219 -27.16 29.85 -15.61
CA TYR L 219 -28.03 29.62 -16.75
C TYR L 219 -27.35 30.04 -18.05
N HIS L 220 -27.31 29.13 -19.02
CA HIS L 220 -26.78 29.42 -20.35
C HIS L 220 -27.26 28.32 -21.29
N ALA L 221 -27.08 28.56 -22.59
CA ALA L 221 -27.51 27.61 -23.61
C ALA L 221 -26.72 27.87 -24.88
N TYR L 222 -26.90 26.99 -25.87
CA TYR L 222 -26.22 27.06 -27.15
C TYR L 222 -27.22 27.29 -28.28
N LEU L 223 -26.77 27.98 -29.32
CA LEU L 223 -27.61 28.29 -30.47
C LEU L 223 -26.81 28.07 -31.75
N TYR L 224 -27.27 27.16 -32.59
CA TYR L 224 -26.65 26.88 -33.88
C TYR L 224 -27.58 27.34 -35.00
N LYS L 225 -27.08 28.18 -35.89
CA LYS L 225 -27.82 28.64 -37.05
C LYS L 225 -27.27 27.93 -38.28
N LEU L 226 -28.07 27.07 -38.88
CA LEU L 226 -27.60 26.23 -39.98
C LEU L 226 -27.64 26.92 -41.33
N HIS L 227 -28.26 28.11 -41.45
CA HIS L 227 -28.41 28.78 -42.73
C HIS L 227 -28.00 30.24 -42.67
N GLY L 228 -27.12 30.62 -41.74
CA GLY L 228 -26.68 32.00 -41.66
C GLY L 228 -27.69 32.92 -40.99
N SER L 229 -27.42 34.21 -41.09
CA SER L 229 -28.27 35.23 -40.47
C SER L 229 -28.17 36.51 -41.30
N LEU L 230 -28.90 37.52 -40.86
CA LEU L 230 -28.93 38.82 -41.54
C LEU L 230 -27.81 39.75 -41.11
N THR L 231 -27.08 39.43 -40.04
CA THR L 231 -26.04 40.29 -39.51
C THR L 231 -24.65 39.69 -39.68
N TRP L 232 -24.49 38.72 -40.57
CA TRP L 232 -23.20 38.09 -40.84
C TRP L 232 -22.76 38.47 -42.24
N TYR L 233 -21.52 38.94 -42.38
CA TYR L 233 -20.95 39.25 -43.68
C TYR L 233 -19.51 38.78 -43.73
N GLN L 234 -19.04 38.52 -44.95
CA GLN L 234 -17.69 38.03 -45.18
C GLN L 234 -16.93 39.02 -46.06
N ASN L 235 -15.66 39.25 -45.71
CA ASN L 235 -14.79 40.16 -46.46
C ASN L 235 -13.92 39.42 -47.46
N ASP L 236 -14.31 38.20 -47.82
CA ASP L 236 -13.60 37.36 -48.80
C ASP L 236 -12.17 37.04 -48.36
N SER L 237 -11.83 37.30 -47.10
CA SER L 237 -10.53 36.96 -46.55
C SER L 237 -10.61 35.76 -45.62
N LEU L 238 -11.63 34.92 -45.79
CA LEU L 238 -11.86 33.75 -44.94
C LEU L 238 -12.04 34.15 -43.48
N THR L 239 -12.65 35.30 -43.25
CA THR L 239 -13.04 35.75 -41.93
C THR L 239 -14.49 36.22 -41.97
N VAL L 240 -15.24 35.91 -40.92
CA VAL L 240 -16.65 36.27 -40.82
C VAL L 240 -16.84 37.19 -39.63
N ASN L 241 -17.57 38.28 -39.85
CA ASN L 241 -17.80 39.30 -38.84
C ASN L 241 -19.29 39.39 -38.50
N GLU L 242 -19.57 39.93 -37.32
CA GLU L 242 -20.94 40.13 -36.86
C GLU L 242 -21.11 41.55 -36.37
N VAL L 243 -22.31 42.09 -36.54
CA VAL L 243 -22.67 43.43 -36.12
C VAL L 243 -24.02 43.37 -35.40
N SER L 244 -24.52 44.53 -35.01
CA SER L 244 -25.81 44.65 -34.38
C SER L 244 -26.87 45.03 -35.40
N ALA L 245 -28.13 45.05 -34.95
CA ALA L 245 -29.24 45.33 -35.87
C ALA L 245 -29.16 46.75 -36.41
N SER L 246 -28.90 47.73 -35.55
CA SER L 246 -28.85 49.12 -35.99
C SER L 246 -27.71 49.36 -36.96
N GLN L 247 -26.54 48.81 -36.67
CA GLN L 247 -25.38 49.01 -37.53
C GLN L 247 -25.52 48.32 -38.88
N ALA L 248 -26.21 47.17 -38.93
CA ALA L 248 -26.46 46.51 -40.20
C ALA L 248 -27.51 47.27 -41.01
N TYR L 249 -28.57 47.74 -40.34
CA TYR L 249 -29.60 48.50 -41.04
C TYR L 249 -29.03 49.79 -41.62
N ASP L 250 -28.17 50.47 -40.87
CA ASP L 250 -27.55 51.70 -41.34
C ASP L 250 -26.47 51.45 -42.38
N GLU L 251 -26.11 50.20 -42.65
CA GLU L 251 -24.99 49.89 -43.53
C GLU L 251 -25.44 49.27 -44.85
N TYR L 252 -26.18 48.16 -44.85
CA TYR L 252 -26.55 47.57 -46.13
C TYR L 252 -28.00 47.13 -46.27
N ILE L 253 -28.74 46.88 -45.20
CA ILE L 253 -30.12 46.41 -45.36
C ILE L 253 -31.00 47.50 -45.94
N ASN L 254 -30.80 48.74 -45.52
CA ASN L 254 -31.61 49.84 -46.04
C ASN L 254 -31.40 50.02 -47.53
N ASP L 255 -30.16 49.92 -48.00
CA ASP L 255 -29.88 50.06 -49.43
C ASP L 255 -30.58 48.95 -50.23
N ILE L 256 -30.52 47.71 -49.75
CA ILE L 256 -31.18 46.61 -50.44
C ILE L 256 -32.69 46.84 -50.47
N ILE L 257 -33.25 47.30 -49.35
CA ILE L 257 -34.70 47.43 -49.26
C ILE L 257 -35.21 48.55 -50.17
N ASN L 258 -34.55 49.71 -50.15
CA ASN L 258 -35.12 50.89 -50.78
C ASN L 258 -34.43 51.34 -52.07
N LYS L 259 -33.11 51.15 -52.18
CA LYS L 259 -32.36 51.69 -53.31
C LYS L 259 -32.53 50.89 -54.59
N ASP L 260 -32.92 49.60 -54.49
CA ASP L 260 -33.04 48.72 -55.65
C ASP L 260 -31.71 48.62 -56.40
N ASP L 261 -30.72 48.05 -55.72
CA ASP L 261 -29.38 47.89 -56.26
C ASP L 261 -29.04 46.41 -56.38
N PHE L 262 -28.07 46.10 -57.24
CA PHE L 262 -27.66 44.73 -57.45
C PHE L 262 -27.07 44.13 -56.19
N TYR L 263 -27.11 42.80 -56.10
CA TYR L 263 -26.72 42.07 -54.90
C TYR L 263 -25.31 41.54 -55.06
N ARG L 264 -24.44 41.92 -54.15
CA ARG L 264 -23.12 41.33 -53.97
C ARG L 264 -23.13 40.47 -52.72
N GLY L 265 -21.96 40.00 -52.30
CA GLY L 265 -21.88 39.20 -51.09
C GLY L 265 -22.08 40.03 -49.85
N GLN L 266 -23.22 40.71 -49.74
CA GLN L 266 -23.45 41.66 -48.67
C GLN L 266 -23.68 40.96 -47.34
N HIS L 267 -24.67 40.07 -47.28
CA HIS L 267 -24.93 39.29 -46.08
C HIS L 267 -24.96 37.81 -46.43
N LEU L 268 -24.66 36.98 -45.43
CA LEU L 268 -24.42 35.56 -45.64
C LEU L 268 -25.69 34.76 -45.36
N ILE L 269 -26.37 34.33 -46.42
CA ILE L 269 -27.53 33.46 -46.32
C ILE L 269 -27.39 32.36 -47.36
N TYR L 270 -28.15 31.27 -47.15
CA TYR L 270 -28.08 30.09 -48.01
C TYR L 270 -29.47 29.69 -48.49
N PRO L 271 -30.07 30.47 -49.40
CA PRO L 271 -31.27 29.99 -50.08
C PRO L 271 -30.92 29.23 -51.35
N GLY L 272 -31.36 27.99 -51.46
CA GLY L 272 -31.07 27.19 -52.62
C GLY L 272 -30.88 25.73 -52.23
N ALA L 273 -31.15 24.84 -53.21
CA ALA L 273 -31.10 23.41 -52.95
C ALA L 273 -29.67 22.90 -52.82
N ASN L 274 -28.76 23.42 -53.64
CA ASN L 274 -27.38 22.95 -53.67
C ASN L 274 -26.51 23.90 -52.86
N LYS L 275 -26.05 23.43 -51.69
CA LYS L 275 -25.23 24.24 -50.80
C LYS L 275 -23.77 23.80 -50.78
N TYR L 276 -23.41 22.75 -51.50
CA TYR L 276 -22.01 22.34 -51.63
C TYR L 276 -21.29 23.03 -52.78
N SER L 277 -22.02 23.76 -53.64
CA SER L 277 -21.35 24.52 -54.70
C SER L 277 -20.45 25.60 -54.11
N HIS L 278 -20.90 26.28 -53.07
CA HIS L 278 -20.10 27.27 -52.35
C HIS L 278 -19.16 26.50 -51.41
N THR L 279 -18.04 26.05 -51.97
CA THR L 279 -17.10 25.20 -51.25
C THR L 279 -16.11 25.99 -50.39
N ILE L 280 -16.17 27.32 -50.40
CA ILE L 280 -15.25 28.13 -49.62
C ILE L 280 -15.90 28.49 -48.29
N GLY L 281 -17.11 27.97 -48.06
CA GLY L 281 -17.82 28.23 -46.83
C GLY L 281 -17.45 27.29 -45.71
N PHE L 282 -16.63 27.77 -44.77
CA PHE L 282 -16.18 26.98 -43.64
C PHE L 282 -17.07 27.12 -42.41
N VAL L 283 -18.12 27.93 -42.48
CA VAL L 283 -19.08 28.04 -41.38
C VAL L 283 -20.19 27.02 -41.51
N TYR L 284 -20.69 26.81 -42.74
CA TYR L 284 -21.74 25.83 -42.97
C TYR L 284 -21.27 24.42 -42.65
N GLY L 285 -19.99 24.13 -42.87
CA GLY L 285 -19.46 22.80 -42.62
C GLY L 285 -19.18 22.47 -41.17
N GLU L 286 -19.28 23.45 -40.27
CA GLU L 286 -19.08 23.20 -38.85
C GLU L 286 -20.40 22.95 -38.12
N MET L 287 -21.45 23.68 -38.51
CA MET L 287 -22.75 23.50 -37.86
C MET L 287 -23.30 22.10 -38.08
N PHE L 288 -23.15 21.57 -39.30
CA PHE L 288 -23.65 20.23 -39.56
C PHE L 288 -22.79 19.16 -38.91
N ARG L 289 -21.48 19.40 -38.78
CA ARG L 289 -20.65 18.50 -38.01
C ARG L 289 -21.09 18.45 -36.56
N ARG L 290 -21.39 19.62 -35.98
CA ARG L 290 -21.89 19.66 -34.61
C ARG L 290 -23.23 18.95 -34.48
N PHE L 291 -24.13 19.14 -35.46
CA PHE L 291 -25.42 18.46 -35.44
C PHE L 291 -25.25 16.95 -35.48
N GLY L 292 -24.43 16.45 -36.40
CA GLY L 292 -24.21 15.02 -36.50
C GLY L 292 -23.55 14.45 -35.26
N GLU L 293 -22.65 15.22 -34.65
CA GLU L 293 -22.05 14.78 -33.39
C GLU L 293 -23.08 14.74 -32.27
N PHE L 294 -24.01 15.69 -32.25
CA PHE L 294 -25.01 15.74 -31.19
C PHE L 294 -25.98 14.56 -31.28
N ILE L 295 -26.50 14.29 -32.48
CA ILE L 295 -27.53 13.26 -32.61
C ILE L 295 -27.02 11.84 -32.34
N SER L 296 -25.71 11.61 -32.46
CA SER L 296 -25.16 10.26 -32.27
C SER L 296 -24.58 10.17 -30.86
N LYS L 297 -25.48 10.04 -29.89
CA LYS L 297 -25.09 10.01 -28.49
C LYS L 297 -26.19 9.37 -27.66
N PRO L 298 -25.86 8.52 -26.69
CA PRO L 298 -26.91 7.83 -25.93
C PRO L 298 -27.75 8.78 -25.09
N GLN L 299 -28.99 8.36 -24.84
CA GLN L 299 -29.95 9.10 -24.02
C GLN L 299 -30.19 10.51 -24.58
N THR L 300 -30.79 10.52 -25.78
CA THR L 300 -31.05 11.75 -26.51
C THR L 300 -32.54 11.87 -26.82
N ALA L 301 -33.02 13.12 -26.84
CA ALA L 301 -34.38 13.42 -27.24
C ALA L 301 -34.38 14.65 -28.12
N LEU L 302 -35.31 14.71 -29.06
CA LEU L 302 -35.37 15.81 -30.02
C LEU L 302 -36.81 16.11 -30.37
N PHE L 303 -37.19 17.39 -30.30
CA PHE L 303 -38.51 17.85 -30.68
C PHE L 303 -38.40 18.68 -31.95
N ILE L 304 -39.27 18.41 -32.91
CA ILE L 304 -39.27 19.09 -34.20
C ILE L 304 -40.59 19.83 -34.36
N ASN L 305 -40.51 21.09 -34.75
CA ASN L 305 -41.71 21.92 -34.94
C ASN L 305 -41.40 23.00 -35.95
N GLY L 306 -42.27 23.14 -36.96
CA GLY L 306 -42.13 24.16 -37.97
C GLY L 306 -41.40 23.73 -39.23
N PHE L 307 -40.74 22.57 -39.20
CA PHE L 307 -40.00 22.09 -40.35
C PHE L 307 -40.94 21.38 -41.32
N GLY L 308 -40.89 21.75 -42.59
CA GLY L 308 -41.77 21.23 -43.61
C GLY L 308 -41.23 20.06 -44.41
N PHE L 309 -40.08 19.50 -44.04
CA PHE L 309 -39.49 18.34 -44.70
C PHE L 309 -39.28 18.60 -46.21
N GLY L 310 -38.63 19.71 -46.50
CA GLY L 310 -38.32 20.07 -47.87
C GLY L 310 -36.82 20.17 -48.12
N ASP L 311 -36.03 19.46 -47.32
CA ASP L 311 -34.58 19.48 -47.40
C ASP L 311 -34.05 18.07 -47.51
N TYR L 312 -32.91 17.91 -48.20
CA TYR L 312 -32.35 16.59 -48.44
C TYR L 312 -31.38 16.19 -47.33
N HIS L 313 -30.45 17.07 -46.98
CA HIS L 313 -29.40 16.72 -46.03
C HIS L 313 -29.99 16.41 -44.66
N ILE L 314 -30.96 17.22 -44.21
CA ILE L 314 -31.55 17.01 -42.89
C ILE L 314 -32.34 15.70 -42.85
N ASN L 315 -33.07 15.40 -43.93
CA ASN L 315 -33.79 14.14 -43.99
C ASN L 315 -32.83 12.95 -43.95
N ARG L 316 -31.72 13.04 -44.69
CA ARG L 316 -30.75 11.95 -44.67
C ARG L 316 -30.13 11.77 -43.29
N ILE L 317 -29.88 12.89 -42.58
CA ILE L 317 -29.35 12.79 -41.22
C ILE L 317 -30.36 12.13 -40.30
N ILE L 318 -31.63 12.55 -40.38
CA ILE L 318 -32.64 12.05 -39.45
C ILE L 318 -32.90 10.56 -39.69
N LEU L 319 -33.02 10.16 -40.96
CA LEU L 319 -33.33 8.76 -41.25
C LEU L 319 -32.22 7.82 -40.77
N GLY L 320 -30.96 8.22 -40.96
CA GLY L 320 -29.85 7.35 -40.59
C GLY L 320 -29.55 7.33 -39.11
N ALA L 321 -30.21 8.18 -38.33
CA ALA L 321 -29.95 8.24 -36.89
C ALA L 321 -30.80 7.27 -36.09
N LEU L 322 -31.76 6.59 -36.72
CA LEU L 322 -32.70 5.72 -36.02
C LEU L 322 -32.16 4.31 -35.83
N LEU L 323 -30.87 4.09 -36.11
CA LEU L 323 -30.21 2.82 -35.81
C LEU L 323 -29.55 2.84 -34.44
N ASN L 324 -29.69 3.94 -33.70
CA ASN L 324 -29.18 4.04 -32.34
C ASN L 324 -30.26 3.53 -31.39
N PRO L 325 -29.98 2.53 -30.54
CA PRO L 325 -31.03 1.98 -29.68
C PRO L 325 -31.65 2.97 -28.70
N SER L 326 -30.97 4.06 -28.40
CA SER L 326 -31.45 4.98 -27.37
C SER L 326 -31.60 6.40 -27.88
N PHE L 327 -32.22 6.56 -29.04
CA PHE L 327 -32.50 7.87 -29.62
C PHE L 327 -34.00 7.98 -29.86
N HIS L 328 -34.62 9.03 -29.31
CA HIS L 328 -36.05 9.24 -29.41
C HIS L 328 -36.33 10.55 -30.11
N VAL L 329 -37.45 10.61 -30.83
CA VAL L 329 -37.83 11.79 -31.60
C VAL L 329 -39.34 11.99 -31.53
N VAL L 330 -39.76 13.26 -31.59
CA VAL L 330 -41.17 13.63 -31.63
C VAL L 330 -41.33 14.67 -32.74
N ILE L 331 -42.32 14.47 -33.61
CA ILE L 331 -42.47 15.28 -34.82
C ILE L 331 -43.88 15.87 -34.85
N TYR L 332 -43.97 17.15 -35.18
CA TYR L 332 -45.23 17.86 -35.32
C TYR L 332 -45.50 18.14 -36.79
N TYR L 333 -46.72 17.85 -37.23
CA TYR L 333 -47.12 18.07 -38.62
C TYR L 333 -48.60 18.38 -38.70
N PRO L 334 -48.99 19.61 -39.07
CA PRO L 334 -50.41 19.97 -39.07
C PRO L 334 -51.25 19.18 -40.06
N GLU L 335 -50.89 19.21 -41.34
CA GLU L 335 -51.68 18.59 -42.40
C GLU L 335 -51.14 17.18 -42.64
N LEU L 336 -51.63 16.22 -41.84
CA LEU L 336 -51.23 14.84 -41.94
C LEU L 336 -52.24 13.96 -42.65
N LYS L 337 -53.53 14.25 -42.52
CA LYS L 337 -54.56 13.41 -43.15
C LYS L 337 -54.50 13.52 -44.67
N GLU L 338 -54.35 14.74 -45.19
CA GLU L 338 -54.30 14.92 -46.64
C GLU L 338 -53.09 14.22 -47.24
N ALA L 339 -51.97 14.22 -46.53
CA ALA L 339 -50.79 13.50 -47.01
C ALA L 339 -51.07 12.01 -47.15
N ILE L 340 -51.73 11.42 -46.16
CA ILE L 340 -52.03 9.99 -46.20
C ILE L 340 -52.99 9.69 -47.35
N THR L 341 -54.04 10.52 -47.49
CA THR L 341 -55.00 10.29 -48.57
C THR L 341 -54.35 10.43 -49.94
N LYS L 342 -53.40 11.35 -50.09
CA LYS L 342 -52.76 11.55 -51.38
C LYS L 342 -51.78 10.43 -51.71
N VAL L 343 -50.98 10.00 -50.72
CA VAL L 343 -50.01 8.94 -50.96
C VAL L 343 -50.72 7.59 -51.16
N SER L 344 -51.88 7.40 -50.53
CA SER L 344 -52.56 6.11 -50.63
C SER L 344 -52.93 5.77 -52.08
N LYS L 345 -53.40 6.76 -52.83
CA LYS L 345 -53.82 6.57 -54.22
C LYS L 345 -52.98 7.47 -55.12
N GLY L 346 -51.93 6.90 -55.71
CA GLY L 346 -51.09 7.65 -56.62
C GLY L 346 -49.79 8.11 -55.99
N GLY L 347 -49.65 9.42 -55.81
CA GLY L 347 -48.45 9.97 -55.20
C GLY L 347 -48.59 11.46 -55.03
N GLY L 348 -47.63 12.03 -54.31
CA GLY L 348 -47.57 13.46 -54.05
C GLY L 348 -46.19 14.00 -54.35
N SER L 349 -45.70 14.84 -53.46
CA SER L 349 -44.36 15.40 -53.58
C SER L 349 -43.39 14.56 -52.74
N GLU L 350 -42.15 15.03 -52.60
CA GLU L 350 -41.18 14.30 -51.79
C GLU L 350 -41.45 14.46 -50.29
N ALA L 351 -41.95 15.63 -49.89
CA ALA L 351 -42.26 15.85 -48.48
C ALA L 351 -43.35 14.91 -48.00
N GLU L 352 -44.39 14.71 -48.81
CA GLU L 352 -45.49 13.83 -48.44
C GLU L 352 -44.99 12.41 -48.20
N LYS L 353 -44.19 11.88 -49.15
CA LYS L 353 -43.65 10.54 -49.01
C LYS L 353 -42.73 10.45 -47.82
N ALA L 354 -41.90 11.46 -47.60
CA ALA L 354 -40.95 11.44 -46.48
C ALA L 354 -41.69 11.40 -45.14
N ILE L 355 -42.74 12.20 -45.00
CA ILE L 355 -43.45 12.22 -43.72
C ILE L 355 -44.29 10.95 -43.54
N VAL L 356 -44.84 10.42 -44.63
CA VAL L 356 -45.64 9.20 -44.52
C VAL L 356 -44.77 8.01 -44.15
N THR L 357 -43.55 7.94 -44.72
CA THR L 357 -42.66 6.82 -44.44
C THR L 357 -42.29 6.76 -42.96
N LEU L 358 -42.04 7.91 -42.34
CA LEU L 358 -41.69 7.94 -40.93
C LEU L 358 -42.84 7.47 -40.05
N LYS L 359 -44.08 7.77 -40.45
CA LYS L 359 -45.24 7.41 -39.66
C LYS L 359 -45.49 5.90 -39.63
N ASN L 360 -45.06 5.18 -40.67
CA ASN L 360 -45.37 3.77 -40.82
C ASN L 360 -44.28 2.84 -40.31
N MET L 361 -43.30 3.37 -39.59
CA MET L 361 -42.24 2.55 -39.04
C MET L 361 -42.79 1.65 -37.93
N ALA L 362 -42.01 0.64 -37.55
CA ALA L 362 -42.40 -0.34 -36.54
C ALA L 362 -41.54 -0.22 -35.29
N PHE L 363 -41.02 0.97 -35.01
CA PHE L 363 -40.24 1.23 -33.81
C PHE L 363 -41.01 2.13 -32.87
N ASN L 364 -40.89 1.87 -31.57
CA ASN L 364 -41.55 2.67 -30.55
C ASN L 364 -40.81 3.98 -30.25
N GLN L 365 -39.82 4.33 -31.06
CA GLN L 365 -39.03 5.54 -30.85
C GLN L 365 -39.41 6.66 -31.81
N VAL L 366 -40.56 6.54 -32.46
CA VAL L 366 -41.06 7.57 -33.37
C VAL L 366 -42.48 7.94 -32.96
N THR L 367 -42.74 9.24 -32.89
CA THR L 367 -44.08 9.75 -32.57
C THR L 367 -44.42 10.87 -33.51
N VAL L 368 -45.63 10.84 -34.07
CA VAL L 368 -46.09 11.84 -35.02
C VAL L 368 -47.40 12.43 -34.50
N VAL L 369 -47.50 13.76 -34.56
CA VAL L 369 -48.66 14.49 -34.06
C VAL L 369 -49.27 15.29 -35.20
N GLY L 370 -50.58 15.17 -35.36
CA GLY L 370 -51.30 15.91 -36.38
C GLY L 370 -52.59 16.47 -35.81
N GLY L 371 -53.33 17.17 -36.68
CA GLY L 371 -54.62 17.71 -36.28
C GLY L 371 -54.81 19.19 -36.55
N GLY L 372 -53.97 19.76 -37.40
CA GLY L 372 -54.12 21.16 -37.77
C GLY L 372 -53.77 22.13 -36.66
N SER L 373 -54.77 22.82 -36.11
CA SER L 373 -54.53 23.84 -35.10
C SER L 373 -54.00 23.26 -33.79
N LYS L 374 -54.11 21.95 -33.59
CA LYS L 374 -53.59 21.34 -32.38
C LYS L 374 -52.07 21.13 -32.44
N ALA L 375 -51.44 21.35 -33.59
CA ALA L 375 -50.03 21.12 -33.78
C ALA L 375 -49.30 22.40 -34.16
N TYR L 376 -49.59 23.49 -33.47
CA TYR L 376 -48.95 24.76 -33.70
C TYR L 376 -47.90 25.02 -32.62
N PHE L 377 -47.22 26.16 -32.74
CA PHE L 377 -46.14 26.48 -31.80
C PHE L 377 -46.67 26.68 -30.38
N ASN L 378 -47.82 27.35 -30.24
CA ASN L 378 -48.36 27.63 -28.91
C ASN L 378 -48.71 26.34 -28.19
N SER L 379 -49.35 25.41 -28.88
CA SER L 379 -49.64 24.11 -28.28
C SER L 379 -48.36 23.37 -27.91
N PHE L 380 -47.33 23.47 -28.76
CA PHE L 380 -46.07 22.80 -28.48
C PHE L 380 -45.45 23.31 -27.19
N VAL L 381 -45.34 24.63 -27.05
CA VAL L 381 -44.74 25.17 -25.83
C VAL L 381 -45.66 24.95 -24.64
N GLU L 382 -46.97 24.78 -24.88
CA GLU L 382 -47.89 24.49 -23.80
C GLU L 382 -47.79 23.06 -23.29
N HIS L 383 -47.37 22.11 -24.13
CA HIS L 383 -47.30 20.72 -23.74
C HIS L 383 -46.12 20.41 -22.82
N LEU L 384 -45.05 21.22 -22.85
CA LEU L 384 -43.90 20.96 -22.01
C LEU L 384 -44.26 21.16 -20.54
N PRO L 385 -43.69 20.35 -19.64
CA PRO L 385 -44.11 20.39 -18.24
C PRO L 385 -43.26 21.32 -17.37
N TYR L 386 -43.87 21.74 -16.27
CA TYR L 386 -43.17 22.47 -15.21
C TYR L 386 -42.49 21.48 -14.26
N PRO L 387 -41.38 21.88 -13.65
CA PRO L 387 -40.69 20.98 -12.72
C PRO L 387 -41.41 20.91 -11.37
N VAL L 388 -41.09 19.86 -10.62
CA VAL L 388 -41.58 19.67 -9.26
C VAL L 388 -40.39 19.82 -8.33
N LEU L 389 -40.46 20.79 -7.43
CA LEU L 389 -39.31 21.14 -6.60
C LEU L 389 -39.18 20.22 -5.40
N PHE L 390 -40.24 20.09 -4.60
CA PHE L 390 -40.24 19.29 -3.38
C PHE L 390 -41.20 18.13 -3.55
N PRO L 391 -40.70 16.93 -3.89
CA PRO L 391 -41.54 15.74 -4.06
C PRO L 391 -42.23 15.31 -2.77
N ASP L 393 -45.60 11.98 1.59
CA ASP L 393 -44.60 10.94 1.34
C ASP L 393 -44.76 10.33 -0.05
N ASN L 394 -45.93 10.46 -0.66
CA ASN L 394 -46.26 10.03 -2.02
C ASN L 394 -46.27 8.51 -2.19
N ILE L 395 -45.92 7.74 -1.17
CA ILE L 395 -45.97 6.28 -1.25
C ILE L 395 -46.85 5.75 -0.13
N VAL L 396 -46.92 6.50 0.97
CA VAL L 396 -47.77 6.13 2.09
C VAL L 396 -49.10 6.89 2.07
N ASP L 397 -49.14 8.10 1.53
CA ASP L 397 -50.35 8.90 1.47
C ASP L 397 -51.22 8.58 0.27
N GLU L 398 -50.79 7.65 -0.59
CA GLU L 398 -51.60 7.30 -1.76
C GLU L 398 -52.94 6.70 -1.35
N LEU L 399 -52.94 5.85 -0.32
CA LEU L 399 -54.18 5.25 0.17
C LEU L 399 -55.06 6.24 0.91
N VAL L 400 -54.57 7.45 1.17
CA VAL L 400 -55.32 8.45 1.92
C VAL L 400 -56.12 9.28 0.93
N GLU L 401 -56.15 8.83 -0.33
CA GLU L 401 -56.80 9.57 -1.40
C GLU L 401 -58.09 8.96 -1.91
N ALA L 402 -58.30 7.64 -1.75
CA ALA L 402 -59.45 6.97 -2.32
C ALA L 402 -60.27 6.22 -1.26
N ILE L 403 -60.37 6.79 -0.05
CA ILE L 403 -61.18 6.19 1.00
C ILE L 403 -62.51 6.89 1.20
N ALA L 404 -62.83 7.87 0.36
CA ALA L 404 -64.09 8.61 0.53
C ALA L 404 -65.30 7.72 0.25
N ASN L 405 -65.26 6.97 -0.86
CA ASN L 405 -66.42 6.17 -1.24
C ASN L 405 -66.55 4.90 -0.42
N LEU L 406 -65.48 4.47 0.28
CA LEU L 406 -65.54 3.23 1.04
C LEU L 406 -66.33 3.37 2.33
N SER L 407 -66.51 4.60 2.84
CA SER L 407 -67.27 4.80 4.06
C SER L 407 -68.73 4.41 3.87
N LYS L 408 -69.31 4.76 2.74
CA LYS L 408 -70.71 4.45 2.46
C LYS L 408 -70.84 3.09 1.77
N LEU M 3 -11.47 8.43 51.70
CA LEU M 3 -10.24 8.95 52.28
C LEU M 3 -9.06 8.02 52.02
N PHE M 4 -9.31 6.96 51.26
CA PHE M 4 -8.29 5.96 50.96
C PHE M 4 -7.75 6.19 49.56
N LYS M 5 -6.44 6.43 49.46
CA LYS M 5 -5.77 6.62 48.18
C LYS M 5 -4.65 5.59 48.06
N LEU M 6 -4.69 4.80 46.99
CA LEU M 6 -3.72 3.72 46.84
C LEU M 6 -2.35 4.25 46.42
N THR M 7 -2.33 5.30 45.59
CA THR M 7 -1.09 5.91 45.14
C THR M 7 -1.17 7.41 45.33
N GLU M 8 -0.02 8.01 45.65
CA GLU M 8 0.07 9.46 45.80
C GLU M 8 0.40 10.17 44.51
N ILE M 9 0.72 9.45 43.44
CA ILE M 9 1.11 10.02 42.16
C ILE M 9 0.20 9.47 41.08
N SER M 10 -0.22 10.36 40.17
CA SER M 10 -1.18 9.99 39.13
C SER M 10 -0.52 9.15 38.05
N ALA M 11 -1.33 8.33 37.39
CA ALA M 11 -0.88 7.49 36.30
C ALA M 11 -0.91 8.26 34.98
N ILE M 12 -0.23 7.69 33.97
CA ILE M 12 -0.13 8.31 32.65
C ILE M 12 -0.66 7.38 31.56
N GLY M 13 -0.21 6.13 31.54
CA GLY M 13 -0.60 5.19 30.51
C GLY M 13 -0.56 3.77 31.02
N TYR M 14 -0.87 2.84 30.12
CA TYR M 14 -0.88 1.42 30.45
C TYR M 14 -0.26 0.62 29.31
N VAL M 15 0.30 -0.54 29.66
CA VAL M 15 0.96 -1.40 28.70
C VAL M 15 -0.06 -2.26 27.97
N VAL M 16 0.13 -2.41 26.66
CA VAL M 16 -0.83 -3.16 25.84
C VAL M 16 -0.15 -4.29 25.09
N GLY M 17 1.17 -4.26 24.99
CA GLY M 17 1.86 -5.29 24.23
C GLY M 17 3.34 -5.44 24.48
N LEU M 18 3.80 -6.68 24.60
CA LEU M 18 5.21 -7.02 24.68
C LEU M 18 5.59 -7.85 23.47
N GLU M 19 6.66 -7.43 22.78
CA GLU M 19 7.14 -8.10 21.58
C GLU M 19 8.63 -8.38 21.71
N GLY M 20 9.03 -8.91 22.86
CA GLY M 20 10.43 -9.12 23.16
C GLY M 20 10.91 -8.19 24.25
N GLU M 21 11.74 -7.21 23.89
CA GLU M 21 12.15 -6.17 24.81
C GLU M 21 11.65 -4.80 24.38
N ARG M 22 10.64 -4.77 23.51
CA ARG M 22 10.03 -3.53 23.03
C ARG M 22 8.65 -3.42 23.65
N ILE M 23 8.48 -2.50 24.59
CA ILE M 23 7.24 -2.33 25.33
C ILE M 23 6.41 -1.25 24.65
N ARG M 24 5.14 -1.55 24.39
CA ARG M 24 4.22 -0.62 23.74
C ARG M 24 3.24 -0.09 24.76
N ILE M 25 3.09 1.24 24.82
CA ILE M 25 2.25 1.90 25.81
C ILE M 25 1.34 2.89 25.09
N ASN M 26 0.06 2.86 25.42
CA ASN M 26 -0.90 3.86 24.95
C ASN M 26 -1.04 4.96 26.00
N LEU M 27 -1.32 6.16 25.51
CA LEU M 27 -1.37 7.35 26.36
C LEU M 27 -2.81 7.71 26.69
N HIS M 28 -3.01 8.22 27.91
CA HIS M 28 -4.33 8.65 28.34
C HIS M 28 -4.68 10.00 27.71
N GLU M 29 -5.85 10.52 28.09
CA GLU M 29 -6.33 11.80 27.59
C GLU M 29 -6.23 12.92 28.63
N GLY M 30 -6.07 12.58 29.91
CA GLY M 30 -5.98 13.60 30.94
C GLY M 30 -4.73 14.45 30.87
N LEU M 31 -3.70 13.98 30.17
CA LEU M 31 -2.47 14.74 29.99
C LEU M 31 -2.61 15.65 28.79
N GLN M 32 -2.44 16.95 29.00
CA GLN M 32 -2.59 17.94 27.94
C GLN M 32 -1.39 18.86 27.79
N GLY M 33 -0.72 19.19 28.88
CA GLY M 33 0.36 20.15 28.82
C GLY M 33 1.73 19.58 29.12
N ARG M 34 1.97 18.34 28.68
CA ARG M 34 3.26 17.65 28.77
C ARG M 34 3.90 17.77 30.16
N LEU M 35 3.06 17.90 31.18
CA LEU M 35 3.56 18.08 32.54
C LEU M 35 2.66 17.35 33.52
N ALA M 36 3.22 17.06 34.69
CA ALA M 36 2.48 16.41 35.77
C ALA M 36 3.05 16.89 37.10
N SER M 37 2.17 17.19 38.05
CA SER M 37 2.55 17.77 39.32
C SER M 37 2.23 16.82 40.46
N HIS M 38 3.03 16.88 41.52
CA HIS M 38 2.88 16.03 42.69
C HIS M 38 3.38 16.79 43.91
N ARG M 39 3.60 16.07 45.01
CA ARG M 39 3.93 16.70 46.28
C ARG M 39 5.30 17.38 46.27
N LYS M 40 6.18 17.03 45.34
CA LYS M 40 7.53 17.58 45.32
C LYS M 40 7.79 18.57 44.20
N GLY M 41 7.10 18.45 43.07
CA GLY M 41 7.36 19.34 41.96
C GLY M 41 6.62 18.93 40.71
N VAL M 42 7.16 19.34 39.56
CA VAL M 42 6.54 19.11 38.26
C VAL M 42 7.53 18.34 37.38
N SER M 43 7.05 17.30 36.73
CA SER M 43 7.88 16.43 35.90
C SER M 43 7.30 16.31 34.50
N SER M 44 8.19 16.13 33.52
CA SER M 44 7.80 15.98 32.12
C SER M 44 8.19 14.60 31.62
N VAL M 45 7.39 14.06 30.72
CA VAL M 45 7.56 12.68 30.27
C VAL M 45 7.49 12.59 28.74
N THR M 46 7.10 13.68 28.09
CA THR M 46 6.78 13.64 26.67
C THR M 46 7.99 13.82 25.76
N GLN M 47 9.20 13.93 26.31
CA GLN M 47 10.39 14.10 25.49
C GLN M 47 11.11 12.77 25.36
N PRO M 48 11.28 12.24 24.15
CA PRO M 48 11.97 10.95 24.00
C PRO M 48 13.39 11.02 24.53
N GLY M 49 13.83 9.92 25.16
CA GLY M 49 15.14 9.85 25.76
C GLY M 49 15.17 10.03 27.27
N ASP M 50 14.01 10.21 27.91
CA ASP M 50 13.95 10.34 29.36
C ASP M 50 13.73 8.97 29.99
N LEU M 51 13.42 8.95 31.28
CA LEU M 51 13.22 7.71 32.03
C LEU M 51 11.81 7.63 32.56
N ILE M 52 11.24 6.43 32.54
CA ILE M 52 9.91 6.14 33.07
C ILE M 52 10.02 4.96 34.03
N GLY M 53 8.88 4.55 34.57
CA GLY M 53 8.86 3.45 35.50
C GLY M 53 7.54 2.72 35.47
N PHE M 54 7.59 1.41 35.72
CA PHE M 54 6.41 0.57 35.82
C PHE M 54 6.35 -0.05 37.20
N ASP M 55 5.18 -0.03 37.82
CA ASP M 55 4.98 -0.57 39.16
C ASP M 55 4.32 -1.94 39.07
N ALA M 56 4.96 -2.95 39.64
CA ALA M 56 4.44 -4.31 39.67
C ALA M 56 4.79 -4.93 41.02
N GLY M 57 3.86 -4.83 41.97
CA GLY M 57 4.09 -5.42 43.27
C GLY M 57 5.23 -4.75 44.01
N ASN M 58 6.16 -5.57 44.51
CA ASN M 58 7.25 -5.10 45.36
C ASN M 58 8.49 -4.68 44.57
N ILE M 59 8.37 -4.47 43.26
CA ILE M 59 9.46 -3.99 42.44
C ILE M 59 8.97 -2.85 41.56
N LEU M 60 9.90 -2.00 41.14
CA LEU M 60 9.63 -0.92 40.22
C LEU M 60 10.60 -1.05 39.04
N VAL M 61 10.07 -1.24 37.84
CA VAL M 61 10.86 -1.47 36.65
C VAL M 61 11.15 -0.12 36.01
N VAL M 62 12.43 0.20 35.84
CA VAL M 62 12.87 1.46 35.27
C VAL M 62 13.17 1.26 33.80
N ALA M 63 12.64 2.14 32.95
CA ALA M 63 12.74 1.99 31.50
C ALA M 63 13.26 3.29 30.88
N ARG M 64 13.58 3.21 29.58
CA ARG M 64 14.09 4.35 28.83
C ARG M 64 13.31 4.47 27.53
N VAL M 65 12.80 5.66 27.26
CA VAL M 65 11.94 5.89 26.09
C VAL M 65 12.80 5.95 24.83
N THR M 66 12.30 5.35 23.75
CA THR M 66 13.04 5.29 22.50
C THR M 66 12.26 5.94 21.35
N ASP M 67 10.96 5.70 21.28
CA ASP M 67 10.15 6.19 20.17
C ASP M 67 8.89 6.87 20.69
N MET M 68 8.25 7.64 19.81
CA MET M 68 7.03 8.36 20.12
C MET M 68 6.43 8.87 18.82
N ALA M 69 5.12 8.69 18.65
CA ALA M 69 4.44 9.09 17.43
C ALA M 69 2.93 9.06 17.64
N PHE M 70 2.21 9.58 16.66
CA PHE M 70 0.76 9.44 16.62
C PHE M 70 0.36 8.03 16.18
N VAL M 71 -0.92 7.85 15.96
CA VAL M 71 -1.45 6.56 15.51
C VAL M 71 -0.94 6.24 14.11
N ILE M 89 -9.78 10.14 15.81
CA ILE M 89 -9.37 10.19 17.20
C ILE M 89 -7.85 10.10 17.30
N PRO M 90 -7.22 11.12 17.87
CA PRO M 90 -5.75 11.13 17.98
C PRO M 90 -5.28 10.17 19.08
N LEU M 91 -4.41 9.24 18.70
CA LEU M 91 -3.82 8.29 19.62
C LEU M 91 -2.30 8.42 19.60
N ARG M 92 -1.68 8.18 20.75
CA ARG M 92 -0.24 8.30 20.91
C ARG M 92 0.32 7.00 21.49
N GLN M 93 1.52 6.64 21.04
CA GLN M 93 2.18 5.42 21.49
C GLN M 93 3.63 5.70 21.81
N ILE M 94 4.18 4.91 22.73
CA ILE M 94 5.55 5.09 23.21
C ILE M 94 6.21 3.72 23.31
N ILE M 95 7.47 3.64 22.86
CA ILE M 95 8.27 2.42 22.95
C ILE M 95 9.42 2.67 23.91
N ALA M 96 9.70 1.67 24.75
CA ALA M 96 10.70 1.83 25.80
C ALA M 96 11.44 0.51 26.02
N TYR M 97 12.62 0.63 26.63
CA TYR M 97 13.47 -0.49 26.98
C TYR M 97 13.78 -0.45 28.47
N ALA M 98 13.83 -1.62 29.10
CA ALA M 98 14.09 -1.74 30.52
C ALA M 98 15.58 -1.90 30.79
N ILE M 99 16.03 -1.30 31.89
CA ILE M 99 17.46 -1.30 32.22
C ILE M 99 17.71 -1.82 33.64
N GLY M 100 16.69 -1.82 34.48
CA GLY M 100 16.88 -2.26 35.84
C GLY M 100 15.61 -2.13 36.65
N PHE M 101 15.75 -2.37 37.97
CA PHE M 101 14.61 -2.34 38.88
C PHE M 101 15.06 -1.85 40.24
N VAL M 102 14.08 -1.44 41.05
CA VAL M 102 14.32 -0.85 42.36
C VAL M 102 13.70 -1.75 43.43
N LYS M 103 14.44 -1.92 44.53
CA LYS M 103 14.04 -2.84 45.58
C LYS M 103 14.04 -2.11 46.93
N ARG M 104 13.16 -2.56 47.82
CA ARG M 104 13.08 -2.09 49.19
C ARG M 104 13.49 -3.23 50.11
N GLU M 105 14.50 -3.00 50.95
CA GLU M 105 15.09 -4.09 51.72
C GLU M 105 14.85 -3.96 53.23
N LEU M 106 15.30 -2.87 53.87
CA LEU M 106 15.11 -2.73 55.31
C LEU M 106 14.27 -1.51 55.67
N ASN M 107 14.73 -0.31 55.32
CA ASN M 107 13.97 0.90 55.57
C ASN M 107 14.09 1.93 54.47
N GLY M 108 14.79 1.62 53.38
CA GLY M 108 14.95 2.55 52.28
C GLY M 108 14.79 1.87 50.94
N TYR M 109 15.68 2.17 49.99
CA TYR M 109 15.59 1.58 48.67
C TYR M 109 16.99 1.34 48.13
N VAL M 110 17.07 0.42 47.16
CA VAL M 110 18.33 0.06 46.51
C VAL M 110 18.04 -0.25 45.05
N PHE M 111 19.02 0.05 44.20
CA PHE M 111 18.92 -0.16 42.76
C PHE M 111 19.80 -1.32 42.33
N ILE M 112 19.26 -2.18 41.47
CA ILE M 112 19.95 -3.35 40.98
C ILE M 112 20.06 -3.24 39.45
N SER M 113 21.02 -3.97 38.88
CA SER M 113 21.40 -3.74 37.50
C SER M 113 21.22 -4.97 36.60
N GLU M 114 20.07 -5.63 36.68
CA GLU M 114 19.70 -6.67 35.73
C GLU M 114 18.41 -6.28 35.03
N ASP M 115 18.35 -6.51 33.73
CA ASP M 115 17.22 -6.11 32.89
C ASP M 115 16.53 -7.32 32.27
N TRP M 116 16.58 -8.46 32.97
CA TRP M 116 15.90 -9.66 32.52
C TRP M 116 14.48 -9.79 33.08
N ARG M 117 14.04 -8.82 33.87
CA ARG M 117 12.68 -8.79 34.41
C ARG M 117 11.85 -7.79 33.62
N LEU M 118 10.64 -8.18 33.27
CA LEU M 118 9.75 -7.37 32.44
C LEU M 118 8.39 -7.26 33.13
N PRO M 119 7.65 -6.18 32.87
CA PRO M 119 6.34 -6.01 33.50
C PRO M 119 5.29 -6.89 32.83
N ALA M 120 4.08 -6.81 33.37
CA ALA M 120 2.94 -7.57 32.87
C ALA M 120 1.95 -6.66 32.16
N LEU M 121 1.06 -7.27 31.38
CA LEU M 121 0.08 -6.50 30.64
C LEU M 121 -0.89 -5.82 31.59
N GLY M 122 -1.29 -4.60 31.23
CA GLY M 122 -2.18 -3.81 32.05
C GLY M 122 -1.51 -3.00 33.12
N SER M 123 -0.19 -3.11 33.27
CA SER M 123 0.52 -2.36 34.29
C SER M 123 0.48 -0.87 33.99
N SER M 124 0.39 -0.07 35.05
CA SER M 124 0.34 1.37 34.91
C SER M 124 1.73 1.94 34.64
N ALA M 125 1.76 3.11 34.00
CA ALA M 125 2.99 3.82 33.70
C ALA M 125 3.01 5.12 34.50
N VAL M 126 4.11 5.35 35.20
CA VAL M 126 4.23 6.53 36.07
C VAL M 126 5.63 7.12 35.94
N PRO M 127 5.76 8.43 35.80
CA PRO M 127 7.10 9.04 35.83
C PRO M 127 7.71 8.96 37.22
N LEU M 128 9.03 8.94 37.26
CA LEU M 128 9.77 8.85 38.50
C LEU M 128 10.33 10.22 38.88
N THR M 129 10.20 10.57 40.15
CA THR M 129 10.58 11.89 40.63
C THR M 129 12.07 11.92 40.95
N SER M 130 12.52 13.02 41.59
CA SER M 130 13.93 13.18 41.89
C SER M 130 14.37 12.28 43.04
N ASP M 131 13.45 11.92 43.94
CA ASP M 131 13.78 11.02 45.04
C ASP M 131 14.22 9.66 44.50
N PHE M 132 13.54 9.15 43.48
CA PHE M 132 13.96 7.90 42.87
C PHE M 132 15.21 8.08 42.03
N LEU M 133 15.38 9.27 41.43
CA LEU M 133 16.56 9.52 40.62
C LEU M 133 17.82 9.55 41.47
N ASN M 134 17.71 10.01 42.71
CA ASN M 134 18.87 10.03 43.60
C ASN M 134 19.37 8.63 43.87
N ILE M 135 18.47 7.66 43.99
CA ILE M 135 18.87 6.30 44.34
C ILE M 135 19.65 5.65 43.21
N ILE M 136 19.23 5.85 41.97
CA ILE M 136 19.85 5.17 40.84
C ILE M 136 21.30 5.61 40.67
N TYR M 137 21.54 6.91 40.69
CA TYR M 137 22.90 7.46 40.55
C TYR M 137 23.52 7.70 41.92
N SER M 138 23.55 6.62 42.71
CA SER M 138 24.08 6.68 44.07
C SER M 138 24.95 5.46 44.32
N ILE M 139 25.78 5.57 45.36
CA ILE M 139 26.65 4.49 45.81
C ILE M 139 26.54 4.37 47.33
N ASP M 140 27.38 3.52 47.91
CA ASP M 140 27.26 3.17 49.32
C ASP M 140 27.30 4.40 50.21
N LYS M 141 26.42 4.42 51.21
CA LYS M 141 26.36 5.57 52.11
C LYS M 141 27.61 5.67 52.97
N GLU M 142 28.24 4.53 53.27
CA GLU M 142 29.43 4.54 54.12
C GLU M 142 30.59 5.26 53.45
N GLU M 143 30.66 5.25 52.12
CA GLU M 143 31.76 5.87 51.39
C GLU M 143 31.57 7.37 51.21
N LEU M 144 30.42 7.92 51.61
CA LEU M 144 30.18 9.35 51.43
C LEU M 144 31.27 10.23 52.04
N PRO M 145 31.78 10.00 53.26
CA PRO M 145 32.95 10.75 53.70
C PRO M 145 34.21 10.43 52.91
N LYS M 146 34.26 9.30 52.20
CA LYS M 146 35.43 8.90 51.44
C LYS M 146 35.30 9.19 49.95
N ALA M 147 34.37 10.05 49.57
CA ALA M 147 34.04 10.30 48.17
C ALA M 147 34.67 11.59 47.68
N VAL M 148 34.58 11.78 46.37
CA VAL M 148 35.01 13.01 45.71
C VAL M 148 33.90 13.47 44.78
N GLU M 149 33.59 14.76 44.81
CA GLU M 149 32.53 15.30 43.96
C GLU M 149 33.09 15.65 42.59
N LEU M 150 32.35 15.26 41.55
CA LEU M 150 32.74 15.50 40.17
C LEU M 150 31.85 16.52 39.47
N GLY M 151 30.55 16.31 39.49
CA GLY M 151 29.65 17.23 38.83
C GLY M 151 28.21 16.88 39.11
N VAL M 152 27.32 17.47 38.31
CA VAL M 152 25.89 17.26 38.46
C VAL M 152 25.36 16.53 37.23
N ASP M 153 24.12 16.06 37.34
CA ASP M 153 23.46 15.41 36.21
C ASP M 153 23.27 16.43 35.08
N SER M 154 23.35 15.95 33.84
CA SER M 154 23.28 16.85 32.70
C SER M 154 21.85 17.14 32.29
N ARG M 155 21.00 16.10 32.23
CA ARG M 155 19.64 16.29 31.71
C ARG M 155 18.76 17.08 32.65
N THR M 156 18.93 16.92 33.97
CA THR M 156 18.07 17.57 34.94
C THR M 156 18.79 18.58 35.83
N LYS M 157 20.09 18.39 36.08
CA LYS M 157 20.88 19.27 36.94
C LYS M 157 20.27 19.35 38.35
N THR M 158 19.83 18.20 38.86
CA THR M 158 19.26 18.11 40.19
C THR M 158 19.90 17.01 41.04
N VAL M 159 20.91 16.31 40.52
CA VAL M 159 21.54 15.21 41.22
C VAL M 159 23.04 15.45 41.24
N LYS M 160 23.67 15.04 42.35
CA LYS M 160 25.11 15.12 42.50
C LYS M 160 25.75 13.78 42.16
N ILE M 161 26.99 13.83 41.70
CA ILE M 161 27.73 12.65 41.28
C ILE M 161 28.99 12.53 42.12
N PHE M 162 29.21 11.35 42.70
CA PHE M 162 30.38 11.07 43.51
C PHE M 162 31.08 9.82 43.00
N ALA M 163 32.38 9.73 43.26
CA ALA M 163 33.19 8.60 42.82
C ALA M 163 34.06 8.13 43.98
N SER M 164 34.50 6.88 43.89
CA SER M 164 35.32 6.25 44.91
C SER M 164 36.76 6.17 44.43
N VAL M 165 37.68 6.74 45.21
CA VAL M 165 39.08 6.78 44.81
C VAL M 165 39.70 5.38 44.87
N ASP M 166 39.31 4.58 45.86
CA ASP M 166 39.88 3.25 46.00
C ASP M 166 39.55 2.36 44.81
N LYS M 167 38.30 2.42 44.34
CA LYS M 167 37.89 1.57 43.22
C LYS M 167 38.43 2.07 41.88
N LEU M 168 38.84 3.34 41.81
CA LEU M 168 39.42 3.86 40.57
C LEU M 168 40.76 3.20 40.28
N LEU M 169 41.52 2.86 41.32
CA LEU M 169 42.84 2.24 41.17
C LEU M 169 42.81 0.75 41.46
N SER M 170 41.65 0.12 41.30
CA SER M 170 41.52 -1.33 41.39
C SER M 170 41.36 -1.95 40.01
N ARG M 171 40.36 -1.51 39.25
CA ARG M 171 40.20 -1.91 37.86
C ARG M 171 40.92 -0.90 36.97
N HIS M 172 40.66 -0.97 35.67
CA HIS M 172 41.32 -0.07 34.72
C HIS M 172 40.53 1.23 34.56
N LEU M 173 41.27 2.30 34.26
CA LEU M 173 40.69 3.61 33.97
C LEU M 173 41.39 4.16 32.73
N ALA M 174 40.75 5.12 32.07
CA ALA M 174 41.37 5.77 30.92
C ALA M 174 40.77 7.16 30.75
N VAL M 175 41.53 8.03 30.07
CA VAL M 175 41.10 9.39 29.79
C VAL M 175 41.35 9.68 28.31
N LEU M 176 40.42 10.42 27.71
CA LEU M 176 40.53 10.86 26.33
C LEU M 176 40.06 12.31 26.27
N GLY M 177 39.82 12.81 25.07
CA GLY M 177 39.26 14.14 24.89
C GLY M 177 39.80 14.81 23.66
N SER M 178 39.08 15.83 23.20
CA SER M 178 39.48 16.65 22.06
C SER M 178 40.26 17.86 22.57
N THR M 179 40.48 18.83 21.69
CA THR M 179 41.22 20.03 22.05
C THR M 179 40.26 21.15 22.45
N GLY M 180 40.64 21.90 23.48
CA GLY M 180 39.85 23.03 23.95
C GLY M 180 38.48 22.67 24.48
N TYR M 181 38.40 21.63 25.31
CA TYR M 181 37.12 21.20 25.87
C TYR M 181 37.15 20.92 27.37
N GLY M 182 38.31 20.95 28.02
CA GLY M 182 38.35 20.79 29.47
C GLY M 182 39.09 19.56 29.95
N LYS M 183 40.03 19.07 29.14
CA LYS M 183 40.86 17.94 29.55
C LYS M 183 41.74 18.30 30.74
N SER M 184 42.49 19.41 30.62
CA SER M 184 43.37 19.83 31.70
C SER M 184 42.57 20.24 32.93
N ASN M 185 41.39 20.82 32.72
CA ASN M 185 40.51 21.18 33.83
C ASN M 185 40.15 19.95 34.66
N PHE M 186 39.69 18.89 34.00
CA PHE M 186 39.35 17.66 34.70
C PHE M 186 40.59 17.05 35.35
N ASN M 187 41.73 17.09 34.65
CA ASN M 187 42.95 16.53 35.22
C ASN M 187 43.31 17.23 36.54
N ALA M 188 43.33 18.56 36.53
CA ALA M 188 43.66 19.30 37.75
C ALA M 188 42.63 19.07 38.85
N LEU M 189 41.35 19.07 38.49
CA LEU M 189 40.31 18.88 39.49
C LEU M 189 40.41 17.51 40.15
N LEU M 190 40.70 16.48 39.36
CA LEU M 190 40.84 15.14 39.93
C LEU M 190 42.11 15.01 40.75
N THR M 191 43.21 15.60 40.29
CA THR M 191 44.48 15.45 41.00
C THR M 191 44.47 16.17 42.34
N ARG M 192 43.87 17.37 42.39
CA ARG M 192 43.92 18.15 43.63
C ARG M 192 43.17 17.47 44.76
N LYS M 193 41.99 16.91 44.46
CA LYS M 193 41.15 16.34 45.51
C LYS M 193 41.81 15.13 46.16
N VAL M 194 42.55 14.34 45.38
CA VAL M 194 43.23 13.18 45.95
C VAL M 194 44.27 13.63 46.96
N SER M 195 45.05 14.66 46.63
CA SER M 195 46.02 15.19 47.58
C SER M 195 45.34 15.78 48.81
N GLU M 196 44.21 16.46 48.62
CA GLU M 196 43.50 17.03 49.76
C GLU M 196 42.97 15.93 50.69
N LYS M 197 42.51 14.82 50.13
CA LYS M 197 41.95 13.74 50.93
C LYS M 197 43.02 12.77 51.44
N TYR M 198 43.90 12.32 50.54
CA TYR M 198 44.97 11.38 50.88
C TYR M 198 46.30 12.00 50.49
N PRO M 199 46.90 12.79 51.38
CA PRO M 199 48.22 13.39 51.06
C PRO M 199 49.31 12.35 50.83
N ASN M 200 49.16 11.14 51.36
CA ASN M 200 50.17 10.10 51.26
C ASN M 200 49.69 9.02 50.30
N SER M 201 50.35 8.90 49.15
CA SER M 201 50.03 7.89 48.15
C SER M 201 51.23 7.73 47.24
N ARG M 202 51.25 6.62 46.50
CA ARG M 202 52.31 6.31 45.56
C ARG M 202 51.74 6.29 44.15
N ILE M 203 51.94 7.38 43.42
CA ILE M 203 51.44 7.53 42.05
C ILE M 203 52.54 8.10 41.18
N VAL M 204 52.73 7.51 40.00
CA VAL M 204 53.68 8.00 39.00
C VAL M 204 52.88 8.48 37.80
N ILE M 205 53.20 9.69 37.32
CA ILE M 205 52.45 10.35 36.26
C ILE M 205 53.44 10.84 35.20
N PHE M 206 52.95 10.94 33.98
CA PHE M 206 53.74 11.42 32.85
C PHE M 206 53.24 12.79 32.41
N ASP M 207 54.17 13.72 32.23
CA ASP M 207 53.87 15.09 31.83
C ASP M 207 54.43 15.35 30.44
N ILE M 208 53.67 16.06 29.62
CA ILE M 208 54.06 16.31 28.23
C ILE M 208 54.15 17.81 27.97
N ASN M 209 53.41 18.60 28.77
CA ASN M 209 53.34 20.04 28.57
C ASN M 209 53.86 20.85 29.75
N GLY M 210 54.20 20.19 30.86
CA GLY M 210 54.64 20.91 32.04
C GLY M 210 53.55 21.76 32.65
N GLU M 211 52.35 21.21 32.74
CA GLU M 211 51.19 21.93 33.27
C GLU M 211 50.72 21.39 34.61
N TYR M 212 51.46 20.48 35.22
CA TYR M 212 51.11 19.91 36.51
C TYR M 212 51.75 20.65 37.68
N ALA M 213 52.48 21.73 37.43
CA ALA M 213 53.24 22.40 38.48
C ALA M 213 52.35 23.24 39.39
N GLN M 214 51.34 23.90 38.83
CA GLN M 214 50.50 24.81 39.62
C GLN M 214 49.42 24.10 40.42
N ALA M 215 49.24 22.79 40.21
CA ALA M 215 48.23 22.01 40.93
C ALA M 215 48.67 21.63 42.34
N PHE M 216 49.70 22.28 42.88
CA PHE M 216 50.22 22.00 44.21
C PHE M 216 50.46 23.30 44.98
N THR M 217 49.45 24.17 44.97
CA THR M 217 49.56 25.49 45.59
C THR M 217 49.73 25.34 47.10
N GLY M 218 50.94 25.56 47.59
CA GLY M 218 51.22 25.50 49.01
C GLY M 218 51.01 24.13 49.62
N ILE M 219 51.46 23.09 48.94
CA ILE M 219 51.29 21.72 49.41
C ILE M 219 52.63 21.02 49.43
N PRO M 220 53.04 20.43 50.55
CA PRO M 220 54.34 19.73 50.60
C PRO M 220 54.26 18.30 50.09
N ASN M 221 55.38 17.58 50.19
CA ASN M 221 55.45 16.15 49.87
C ASN M 221 55.09 15.88 48.41
N VAL M 222 55.88 16.47 47.51
CA VAL M 222 55.75 16.21 46.08
C VAL M 222 57.07 16.57 45.41
N LYS M 223 57.47 15.76 44.44
CA LYS M 223 58.74 15.91 43.74
C LYS M 223 58.51 16.03 42.24
N HIS M 224 59.32 16.85 41.59
CA HIS M 224 59.22 17.07 40.15
C HIS M 224 60.60 16.84 39.55
N THR M 225 60.67 16.01 38.50
CA THR M 225 61.92 15.66 37.85
C THR M 225 61.77 15.81 36.35
N ILE M 226 62.81 16.35 35.70
CA ILE M 226 62.86 16.51 34.25
C ILE M 226 63.82 15.48 33.68
N LEU M 227 63.37 14.73 32.68
CA LEU M 227 64.17 13.68 32.08
C LEU M 227 65.02 14.25 30.95
N GLY M 228 66.30 13.89 30.93
CA GLY M 228 67.20 14.33 29.89
C GLY M 228 68.49 14.93 30.41
N GLU M 229 69.09 15.83 29.65
CA GLU M 229 70.30 16.53 30.04
C GLU M 229 70.02 18.01 30.16
N SER M 230 70.70 18.67 31.08
CA SER M 230 70.48 20.10 31.32
C SER M 230 71.15 20.93 30.24
N PRO M 231 70.42 21.72 29.47
CA PRO M 231 71.08 22.67 28.57
C PRO M 231 71.89 23.72 29.33
N ASN M 232 71.45 24.12 30.51
CA ASN M 232 72.20 25.05 31.34
C ASN M 232 73.38 24.34 31.99
N VAL M 233 74.41 25.12 32.34
CA VAL M 233 75.56 24.57 33.03
C VAL M 233 75.16 24.10 34.44
N ASP M 234 74.31 24.87 35.11
CA ASP M 234 73.85 24.54 36.45
C ASP M 234 72.33 24.57 36.49
N SER M 235 71.77 23.82 37.43
CA SER M 235 70.32 23.69 37.56
C SER M 235 69.92 23.74 39.03
N LEU M 236 68.65 24.09 39.25
CA LEU M 236 68.09 24.18 40.60
C LEU M 236 67.51 22.81 40.96
N GLU M 237 68.30 22.00 41.65
CA GLU M 237 67.95 20.61 41.95
C GLU M 237 68.04 20.37 43.44
N LYS M 238 66.89 20.09 44.07
CA LYS M 238 66.82 19.67 45.47
C LYS M 238 65.87 18.49 45.57
N LYS M 239 65.57 18.08 46.81
CA LYS M 239 64.65 17.00 47.08
C LYS M 239 63.85 17.32 48.33
N GLN M 240 62.71 16.64 48.47
CA GLN M 240 61.80 16.88 49.58
C GLN M 240 62.41 16.39 50.88
N GLN M 241 62.71 17.32 51.78
CA GLN M 241 63.29 16.98 53.08
C GLN M 241 62.21 16.82 54.16
N LYS M 242 61.18 16.03 53.85
CA LYS M 242 60.14 15.63 54.80
C LYS M 242 59.58 16.84 55.56
N GLY M 243 58.91 17.70 54.81
CA GLY M 243 58.24 18.85 55.41
C GLY M 243 58.56 20.20 54.79
N GLU M 244 59.04 20.21 53.55
CA GLU M 244 59.25 21.43 52.81
C GLU M 244 58.12 21.63 51.81
N LEU M 245 57.67 22.88 51.66
CA LEU M 245 56.58 23.19 50.75
C LEU M 245 57.06 23.06 49.30
N TYR M 246 56.14 23.31 48.37
CA TYR M 246 56.41 23.13 46.95
C TYR M 246 55.96 24.35 46.17
N SER M 247 56.59 24.57 45.02
CA SER M 247 56.26 25.67 44.14
C SER M 247 56.62 25.29 42.71
N GLU M 248 56.17 26.12 41.77
CA GLU M 248 56.44 25.88 40.35
C GLU M 248 57.92 25.98 40.02
N GLU M 249 58.72 26.62 40.87
CA GLU M 249 60.14 26.85 40.63
C GLU M 249 61.01 25.67 41.06
N TYR M 250 60.44 24.46 41.14
CA TYR M 250 61.20 23.28 41.56
C TYR M 250 61.24 22.28 40.41
N TYR M 251 62.44 21.76 40.14
CA TYR M 251 62.63 20.77 39.09
C TYR M 251 63.90 19.98 39.41
N CYS M 252 64.08 18.88 38.69
CA CYS M 252 65.25 18.03 38.87
C CYS M 252 65.66 17.46 37.52
N TYR M 253 66.91 17.04 37.43
CA TYR M 253 67.46 16.43 36.22
C TYR M 253 68.09 15.09 36.57
N LYS M 254 68.01 14.14 35.63
CA LYS M 254 68.52 12.80 35.85
C LYS M 254 68.91 12.19 34.51
N LYS M 255 69.85 11.25 34.56
CA LYS M 255 70.32 10.53 33.38
C LYS M 255 69.99 9.06 33.51
N ILE M 256 69.95 8.38 32.37
CA ILE M 256 69.54 6.97 32.28
C ILE M 256 70.68 6.18 31.66
N PRO M 257 71.15 5.12 32.29
CA PRO M 257 72.22 4.32 31.69
C PRO M 257 71.73 3.52 30.49
N TYR M 258 72.68 3.13 29.63
CA TYR M 258 72.34 2.36 28.44
C TYR M 258 72.13 0.88 28.75
N GLN M 259 72.57 0.41 29.91
CA GLN M 259 72.36 -0.99 30.27
C GLN M 259 70.94 -1.27 30.75
N ALA M 260 70.11 -0.25 30.93
CA ALA M 260 68.73 -0.42 31.36
C ALA M 260 67.77 -0.59 30.19
N LEU M 261 68.27 -0.63 28.96
CA LEU M 261 67.40 -0.83 27.80
C LEU M 261 66.71 -2.19 27.84
N GLY M 262 67.45 -3.21 28.22
CA GLY M 262 66.92 -4.57 28.25
C GLY M 262 67.38 -5.38 27.06
N PHE M 263 67.40 -6.71 27.24
CA PHE M 263 67.83 -7.59 26.16
C PHE M 263 66.87 -7.53 24.98
N ALA M 264 65.56 -7.47 25.26
CA ALA M 264 64.58 -7.39 24.18
C ALA M 264 64.55 -6.01 23.54
N GLY M 265 64.91 -4.96 24.30
CA GLY M 265 64.86 -3.62 23.76
C GLY M 265 65.80 -3.41 22.59
N LEU M 266 67.05 -3.90 22.73
CA LEU M 266 68.01 -3.77 21.65
C LEU M 266 67.55 -4.53 20.41
N ILE M 267 66.99 -5.73 20.61
CA ILE M 267 66.51 -6.53 19.48
C ILE M 267 65.36 -5.82 18.77
N LYS M 268 64.42 -5.25 19.53
CA LYS M 268 63.32 -4.52 18.92
C LYS M 268 63.83 -3.29 18.17
N LEU M 269 64.79 -2.58 18.75
CA LEU M 269 65.33 -1.38 18.09
C LEU M 269 66.05 -1.74 16.79
N LEU M 270 66.86 -2.79 16.81
CA LEU M 270 67.66 -3.14 15.64
C LEU M 270 66.87 -3.95 14.62
N ARG M 271 66.02 -4.87 15.09
CA ARG M 271 65.27 -5.79 14.25
C ARG M 271 66.23 -6.56 13.33
N PRO M 272 67.07 -7.43 13.87
CA PRO M 272 68.08 -8.11 13.06
C PRO M 272 67.49 -9.31 12.33
N SER M 273 68.38 -10.04 11.66
CA SER M 273 68.04 -11.27 10.97
C SER M 273 68.58 -12.47 11.74
N ASP M 274 68.09 -13.66 11.37
CA ASP M 274 68.45 -14.89 12.06
C ASP M 274 69.55 -15.66 11.35
N LYS M 275 70.30 -15.02 10.45
CA LYS M 275 71.34 -15.70 9.68
C LYS M 275 72.74 -15.21 10.03
N THR M 276 73.00 -13.90 9.90
CA THR M 276 74.35 -13.37 10.03
C THR M 276 74.47 -12.28 11.08
N GLN M 277 73.47 -12.09 11.94
CA GLN M 277 73.55 -11.03 12.94
C GLN M 277 73.26 -11.54 14.35
N LEU M 278 72.40 -12.56 14.47
CA LEU M 278 72.06 -13.06 15.80
C LEU M 278 73.25 -13.67 16.54
N PRO M 279 74.00 -14.63 15.98
CA PRO M 279 75.12 -15.20 16.75
C PRO M 279 76.23 -14.20 17.01
N ALA M 280 76.54 -13.36 16.02
CA ALA M 280 77.59 -12.36 16.21
C ALA M 280 77.21 -11.37 17.31
N LEU M 281 75.96 -10.89 17.30
CA LEU M 281 75.52 -9.96 18.33
C LEU M 281 75.50 -10.62 19.71
N ARG M 282 75.04 -11.87 19.78
CA ARG M 282 75.04 -12.57 21.06
C ARG M 282 76.46 -12.75 21.60
N ASN M 283 77.39 -13.15 20.74
CA ASN M 283 78.78 -13.31 21.18
C ASN M 283 79.39 -11.97 21.59
N ALA M 284 79.07 -10.91 20.85
CA ALA M 284 79.59 -9.59 21.20
C ALA M 284 79.07 -9.12 22.56
N LEU M 285 77.78 -9.34 22.83
CA LEU M 285 77.23 -8.94 24.12
C LEU M 285 77.72 -9.86 25.24
N SER M 286 78.12 -11.09 24.90
CA SER M 286 78.57 -12.02 25.93
C SER M 286 79.85 -11.55 26.62
N ALA M 287 80.79 -11.01 25.84
CA ALA M 287 82.12 -10.67 26.35
C ALA M 287 82.31 -9.17 26.56
N ILE M 288 81.26 -8.47 27.01
CA ILE M 288 81.38 -7.04 27.27
C ILE M 288 82.21 -6.75 28.52
N ASN M 289 82.24 -7.68 29.48
CA ASN M 289 82.90 -7.44 30.76
C ASN M 289 84.40 -7.25 30.64
N ARG M 290 85.01 -7.59 29.50
CA ARG M 290 86.45 -7.47 29.29
C ARG M 290 86.74 -6.71 28.00
N THR M 291 86.06 -5.59 27.81
CA THR M 291 86.23 -4.74 26.64
C THR M 291 86.81 -3.40 27.05
N HIS M 292 87.62 -2.80 26.18
CA HIS M 292 88.34 -1.57 26.48
C HIS M 292 88.20 -0.59 25.32
N PHE M 293 88.65 0.64 25.55
CA PHE M 293 88.57 1.72 24.58
C PHE M 293 89.44 2.88 25.05
N LYS M 294 90.18 3.48 24.12
CA LYS M 294 90.98 4.66 24.43
C LYS M 294 91.40 5.35 23.15
N SER M 295 91.33 6.70 23.16
CA SER M 295 91.83 7.53 22.07
C SER M 295 91.24 7.11 20.71
N ARG M 296 89.92 6.86 20.70
CA ARG M 296 89.22 6.38 19.52
C ARG M 296 89.83 5.09 18.98
N ASN M 297 90.37 4.27 19.87
CA ASN M 297 90.93 2.97 19.54
C ASN M 297 90.45 1.95 20.55
N ILE M 298 90.40 0.68 20.12
CA ILE M 298 89.97 -0.43 20.96
C ILE M 298 91.13 -1.40 21.08
N TYR M 299 91.47 -1.78 22.32
CA TYR M 299 92.63 -2.60 22.58
C TYR M 299 92.27 -3.74 23.53
N LEU M 300 93.03 -4.82 23.45
CA LEU M 300 92.90 -5.96 24.34
C LEU M 300 94.23 -6.19 25.05
N GLU M 301 94.17 -6.44 26.35
CA GLU M 301 95.35 -6.59 27.18
C GLU M 301 95.38 -7.98 27.80
N LYS M 302 96.59 -8.51 27.95
CA LYS M 302 96.81 -9.81 28.56
C LYS M 302 97.50 -9.64 29.92
N ASP M 303 97.28 -10.61 30.80
CA ASP M 303 97.90 -10.56 32.13
C ASP M 303 99.40 -10.56 32.03
N ASP M 304 99.97 -11.40 31.16
CA ASP M 304 101.42 -11.44 30.94
C ASP M 304 101.63 -11.82 29.48
N GLY M 305 101.80 -10.84 28.62
CA GLY M 305 101.98 -11.10 27.21
C GLY M 305 102.19 -9.83 26.42
N GLU M 306 101.98 -9.93 25.12
CA GLU M 306 102.21 -8.82 24.21
C GLU M 306 100.94 -8.01 24.00
N THR M 307 101.12 -6.77 23.56
CA THR M 307 100.00 -5.87 23.30
C THR M 307 99.58 -5.95 21.83
N PHE M 308 98.40 -5.39 21.55
CA PHE M 308 97.86 -5.40 20.20
C PHE M 308 96.88 -4.25 20.07
N LEU M 309 96.83 -3.66 18.87
CA LEU M 309 95.98 -2.51 18.59
C LEU M 309 94.92 -2.90 17.57
N LEU M 310 93.66 -2.64 17.90
CA LEU M 310 92.53 -2.85 17.00
C LEU M 310 91.96 -1.48 16.64
N TYR M 311 91.85 -1.19 15.35
CA TYR M 311 91.33 0.07 14.87
C TYR M 311 89.88 -0.10 14.41
N ASP M 312 89.05 0.90 14.72
CA ASP M 312 87.67 0.87 14.26
C ASP M 312 87.58 0.90 12.73
N ASP M 313 88.61 1.42 12.06
CA ASP M 313 88.66 1.38 10.62
C ASP M 313 89.08 0.00 10.12
N CYS M 314 88.96 -0.21 8.81
CA CYS M 314 89.23 -1.50 8.19
C CYS M 314 90.64 -1.58 7.60
N ARG M 315 91.60 -0.90 8.21
CA ARG M 315 92.97 -0.94 7.74
C ARG M 315 93.62 -2.28 8.09
N ASP M 316 94.75 -2.54 7.44
CA ASP M 316 95.47 -3.81 7.61
C ASP M 316 96.64 -3.59 8.57
N THR M 317 96.64 -4.36 9.66
CA THR M 317 97.75 -4.31 10.63
C THR M 317 97.79 -5.65 11.34
N ASN M 318 98.75 -6.50 10.94
CA ASN M 318 98.92 -7.83 11.53
C ASN M 318 97.62 -8.63 11.44
N GLN M 319 96.97 -8.59 10.28
CA GLN M 319 95.70 -9.25 10.05
C GLN M 319 95.85 -10.70 9.60
N SER M 320 97.07 -11.23 9.56
CA SER M 320 97.31 -12.58 9.07
C SER M 320 96.94 -13.66 10.08
N LYS M 321 96.71 -13.31 11.34
CA LYS M 321 96.42 -14.29 12.39
C LYS M 321 95.12 -13.93 13.10
N LEU M 322 94.10 -13.53 12.32
CA LEU M 322 92.80 -13.22 12.92
C LEU M 322 92.14 -14.47 13.51
N ALA M 323 92.28 -15.61 12.84
CA ALA M 323 91.65 -16.83 13.31
C ALA M 323 92.22 -17.26 14.66
N GLU M 324 93.54 -17.16 14.83
CA GLU M 324 94.15 -17.52 16.10
C GLU M 324 93.68 -16.59 17.22
N TRP M 325 93.58 -15.29 16.93
CA TRP M 325 93.10 -14.34 17.92
C TRP M 325 91.66 -14.65 18.34
N LEU M 326 90.80 -14.96 17.36
CA LEU M 326 89.42 -15.29 17.69
C LEU M 326 89.32 -16.59 18.46
N ASP M 327 90.12 -17.59 18.10
CA ASP M 327 90.11 -18.86 18.83
C ASP M 327 90.57 -18.67 20.27
N LEU M 328 91.61 -17.86 20.47
CA LEU M 328 92.04 -17.56 21.83
C LEU M 328 90.96 -16.82 22.61
N LEU M 329 90.26 -15.90 21.94
CA LEU M 329 89.18 -15.16 22.59
C LEU M 329 87.99 -16.05 22.93
N ARG M 330 87.86 -17.20 22.27
CA ARG M 330 86.75 -18.11 22.57
C ARG M 330 86.83 -18.62 24.00
N ARG M 331 88.04 -18.93 24.48
CA ARG M 331 88.20 -19.36 25.86
C ARG M 331 88.02 -18.21 26.84
N ARG M 332 88.12 -16.97 26.39
CA ARG M 332 87.95 -15.77 27.22
C ARG M 332 88.92 -15.78 28.41
N ARG M 333 90.21 -15.75 28.09
CA ARG M 333 91.28 -15.82 29.06
C ARG M 333 92.24 -14.64 28.90
N LEU M 334 91.69 -13.45 28.81
CA LEU M 334 92.48 -12.22 28.66
C LEU M 334 92.11 -11.24 29.77
N LYS M 335 93.00 -10.27 29.97
CA LYS M 335 92.88 -9.34 31.10
C LYS M 335 91.73 -8.38 30.88
N ARG M 336 91.24 -7.83 32.00
CA ARG M 336 90.17 -6.84 32.02
C ARG M 336 90.63 -5.62 32.80
N THR M 337 89.78 -4.59 32.80
CA THR M 337 90.08 -3.32 33.46
C THR M 337 89.04 -3.03 34.53
N ASN M 338 89.24 -1.92 35.23
CA ASN M 338 88.30 -1.45 36.25
C ASN M 338 87.66 -0.12 35.90
N VAL M 339 87.89 0.40 34.70
CA VAL M 339 87.29 1.64 34.24
C VAL M 339 86.17 1.30 33.27
N TRP M 340 85.40 2.32 32.90
CA TRP M 340 84.22 2.13 32.05
C TRP M 340 84.47 2.72 30.67
N PRO M 341 84.73 1.90 29.66
CA PRO M 341 84.86 2.41 28.30
C PRO M 341 83.50 2.56 27.66
N PRO M 342 83.40 3.36 26.59
CA PRO M 342 82.10 3.50 25.91
C PRO M 342 81.67 2.21 25.22
N PHE M 343 80.37 2.10 24.98
CA PHE M 343 79.78 0.93 24.34
C PHE M 343 80.18 0.79 22.88
N LYS M 344 80.76 1.84 22.28
CA LYS M 344 81.08 1.81 20.85
C LYS M 344 82.12 0.75 20.49
N SER M 345 82.83 0.20 21.49
CA SER M 345 83.84 -0.81 21.20
C SER M 345 83.24 -2.10 20.65
N LEU M 346 81.94 -2.32 20.87
CA LEU M 346 81.29 -3.51 20.32
C LEU M 346 81.24 -3.51 18.80
N ALA M 347 81.44 -2.35 18.17
CA ALA M 347 81.37 -2.27 16.71
C ALA M 347 82.44 -3.13 16.05
N THR M 348 83.67 -3.08 16.58
CA THR M 348 84.75 -3.87 16.00
C THR M 348 84.51 -5.37 16.19
N LEU M 349 84.00 -5.76 17.36
CA LEU M 349 83.75 -7.18 17.60
C LEU M 349 82.71 -7.74 16.64
N VAL M 350 81.61 -7.01 16.43
CA VAL M 350 80.58 -7.46 15.50
C VAL M 350 81.13 -7.48 14.08
N ALA M 351 81.91 -6.48 13.71
CA ALA M 351 82.50 -6.44 12.37
C ALA M 351 83.40 -7.64 12.14
N GLU M 352 84.23 -7.99 13.13
CA GLU M 352 85.11 -9.15 12.99
C GLU M 352 84.30 -10.44 12.93
N PHE M 353 83.28 -10.56 13.78
CA PHE M 353 82.47 -11.79 13.79
C PHE M 353 81.75 -11.99 12.47
N GLY M 354 81.18 -10.92 11.90
CA GLY M 354 80.47 -11.03 10.64
C GLY M 354 81.34 -10.92 9.41
N CYS M 355 82.64 -10.64 9.57
CA CYS M 355 83.54 -10.52 8.44
C CYS M 355 84.72 -11.48 8.47
N VAL M 356 84.81 -12.33 9.50
CA VAL M 356 85.92 -13.28 9.57
C VAL M 356 85.75 -14.34 8.49
N ALA M 357 86.86 -14.69 7.85
CA ALA M 357 86.88 -15.75 6.85
C ALA M 357 88.19 -16.49 6.95
N ALA M 358 88.19 -17.72 6.44
CA ALA M 358 89.36 -18.59 6.45
C ALA M 358 89.91 -18.72 5.04
N ASP M 359 91.22 -18.55 4.89
CA ASP M 359 91.89 -18.67 3.61
C ASP M 359 92.44 -20.08 3.45
N ARG M 360 92.52 -20.52 2.19
CA ARG M 360 93.00 -21.87 1.90
C ARG M 360 94.46 -22.05 2.30
N SER M 361 95.29 -21.03 2.05
CA SER M 361 96.71 -21.15 2.28
C SER M 361 97.09 -20.80 3.72
N ASN M 362 96.41 -21.39 4.69
CA ASN M 362 96.73 -21.27 6.11
C ASN M 362 96.91 -19.80 6.52
N GLY M 363 95.87 -19.02 6.23
CA GLY M 363 95.90 -17.60 6.53
C GLY M 363 94.50 -17.06 6.71
N SER M 364 94.41 -15.75 6.94
CA SER M 364 93.15 -15.05 7.12
C SER M 364 92.98 -14.02 6.02
N LYS M 365 91.86 -14.09 5.31
CA LYS M 365 91.52 -13.15 4.26
C LYS M 365 90.19 -12.49 4.59
N ARG M 366 90.16 -11.16 4.54
CA ARG M 366 88.98 -10.39 4.94
C ARG M 366 88.08 -10.21 3.71
N ASP M 367 87.34 -11.28 3.40
CA ASP M 367 86.42 -11.25 2.27
C ASP M 367 85.24 -10.34 2.58
N ALA M 368 84.90 -9.48 1.63
CA ALA M 368 83.78 -8.56 1.77
C ALA M 368 82.48 -9.10 1.15
N PHE M 369 82.51 -10.31 0.58
CA PHE M 369 81.31 -10.86 -0.04
C PHE M 369 80.21 -11.10 1.00
N GLY M 370 80.58 -11.68 2.14
CA GLY M 370 79.63 -11.86 3.22
C GLY M 370 79.47 -10.67 4.13
N PHE M 371 80.37 -9.68 4.04
CA PHE M 371 80.28 -8.49 4.88
C PHE M 371 79.09 -7.61 4.50
N SER M 372 78.59 -7.73 3.26
CA SER M 372 77.44 -6.92 2.85
C SER M 372 76.21 -7.27 3.66
N ASN M 373 75.98 -8.56 3.91
CA ASN M 373 74.81 -8.99 4.67
C ASN M 373 74.95 -8.70 6.17
N VAL M 374 76.15 -8.38 6.64
CA VAL M 374 76.35 -7.99 8.03
C VAL M 374 76.70 -6.51 8.18
N LEU M 375 76.96 -5.81 7.07
CA LEU M 375 77.23 -4.38 7.14
C LEU M 375 76.13 -3.56 7.82
N PRO M 376 74.83 -3.80 7.59
CA PRO M 376 73.82 -2.96 8.25
C PRO M 376 73.93 -2.95 9.77
N LEU M 377 74.25 -4.08 10.39
CA LEU M 377 74.32 -4.12 11.85
C LEU M 377 75.41 -3.21 12.39
N VAL M 378 76.63 -3.35 11.86
CA VAL M 378 77.75 -2.54 12.35
C VAL M 378 77.57 -1.08 11.96
N LYS M 379 77.01 -0.82 10.77
CA LYS M 379 76.74 0.56 10.38
C LYS M 379 75.74 1.22 11.32
N ILE M 380 74.66 0.51 11.65
CA ILE M 380 73.66 1.05 12.55
C ILE M 380 74.26 1.29 13.93
N ILE M 381 75.06 0.34 14.42
CA ILE M 381 75.70 0.52 15.72
C ILE M 381 76.58 1.77 15.72
N GLN M 382 77.44 1.90 14.70
CA GLN M 382 78.38 3.01 14.66
C GLN M 382 77.66 4.35 14.53
N GLN M 383 76.62 4.41 13.69
CA GLN M 383 75.91 5.67 13.51
C GLN M 383 75.07 6.03 14.73
N LEU M 384 74.36 5.05 15.30
CA LEU M 384 73.48 5.33 16.44
C LEU M 384 74.27 5.68 17.68
N ALA M 385 75.46 5.09 17.86
CA ALA M 385 76.32 5.51 18.96
C ALA M 385 76.74 6.96 18.81
N GLU M 386 76.93 7.42 17.56
CA GLU M 386 77.22 8.82 17.30
C GLU M 386 75.97 9.64 16.99
N ASP M 387 74.81 9.00 16.84
CA ASP M 387 73.58 9.73 16.58
C ASP M 387 73.16 10.53 17.81
N ILE M 388 72.67 11.74 17.58
CA ILE M 388 72.39 12.65 18.69
C ILE M 388 71.26 12.14 19.56
N ARG M 389 70.20 11.60 18.95
CA ARG M 389 69.03 11.20 19.72
C ARG M 389 69.31 10.01 20.63
N PHE M 390 70.05 9.02 20.13
CA PHE M 390 70.30 7.81 20.90
C PHE M 390 71.11 8.12 22.15
N LYS M 391 72.12 8.99 22.03
CA LYS M 391 72.91 9.40 23.18
C LYS M 391 72.27 10.53 23.98
N SER M 392 71.20 11.14 23.46
CA SER M 392 70.52 12.21 24.20
C SER M 392 69.45 11.62 25.13
N ILE M 393 68.56 10.80 24.57
CA ILE M 393 67.55 10.16 25.41
C ILE M 393 68.19 9.18 26.38
N VAL M 394 69.16 8.41 25.92
CA VAL M 394 69.83 7.39 26.72
C VAL M 394 71.29 7.76 26.87
N ASN M 395 71.77 7.83 28.11
CA ASN M 395 73.16 8.16 28.41
C ASN M 395 74.00 6.90 28.34
N LEU M 396 75.17 7.01 27.69
CA LEU M 396 76.06 5.86 27.48
C LEU M 396 77.44 6.07 28.10
N ASN M 397 77.55 7.00 29.06
CA ASN M 397 78.84 7.29 29.67
C ASN M 397 79.20 6.36 30.82
N GLY M 398 78.25 5.54 31.29
CA GLY M 398 78.53 4.65 32.39
C GLY M 398 78.89 5.40 33.65
N GLY M 399 80.02 5.03 34.25
CA GLY M 399 80.50 5.69 35.46
C GLY M 399 80.02 5.06 36.77
N GLY M 400 79.12 4.09 36.71
CA GLY M 400 78.63 3.45 37.91
C GLY M 400 79.54 2.32 38.39
N GLU M 401 79.15 1.73 39.52
CA GLU M 401 79.90 0.62 40.09
C GLU M 401 79.31 -0.71 39.65
N LEU M 402 80.10 -1.77 39.80
CA LEU M 402 79.68 -3.11 39.42
C LEU M 402 80.45 -4.13 40.24
N ALA M 403 79.80 -5.24 40.53
CA ALA M 403 80.38 -6.33 41.30
C ALA M 403 80.52 -7.57 40.42
N ASP M 404 81.62 -8.30 40.62
CA ASP M 404 81.89 -9.47 39.80
C ASP M 404 80.83 -10.54 40.00
N GLY M 405 80.53 -11.26 38.92
CA GLY M 405 79.53 -12.31 38.97
C GLY M 405 78.52 -12.24 37.85
N GLY M 406 78.43 -11.08 37.20
CA GLY M 406 77.47 -10.89 36.12
C GLY M 406 76.02 -10.98 36.57
N THR M 407 75.70 -10.39 37.71
CA THR M 407 74.35 -10.41 38.26
C THR M 407 73.63 -9.09 38.07
N HIS M 408 74.10 -8.23 37.16
CA HIS M 408 73.44 -6.95 36.94
C HIS M 408 72.08 -7.11 36.27
N TRP M 409 71.79 -8.28 35.71
CA TRP M 409 70.55 -8.49 34.98
C TRP M 409 69.34 -8.21 35.84
N ASP M 410 69.35 -8.70 37.08
CA ASP M 410 68.28 -8.42 38.02
C ASP M 410 68.55 -7.18 38.86
N LYS M 411 69.82 -6.84 39.08
CA LYS M 411 70.16 -5.68 39.91
C LYS M 411 69.67 -4.39 39.27
N ALA M 412 69.88 -4.24 37.96
CA ALA M 412 69.42 -3.02 37.27
C ALA M 412 67.91 -2.90 37.34
N MET M 413 67.20 -4.01 37.11
CA MET M 413 65.74 -4.00 37.19
C MET M 413 65.27 -3.63 38.59
N SER M 414 65.91 -4.19 39.62
CA SER M 414 65.54 -3.87 40.98
C SER M 414 65.79 -2.39 41.29
N ASP M 415 66.91 -1.85 40.80
CA ASP M 415 67.22 -0.45 41.05
C ASP M 415 66.21 0.47 40.37
N GLU M 416 65.85 0.18 39.12
CA GLU M 416 64.90 1.05 38.42
C GLU M 416 63.51 0.91 39.03
N VAL M 417 63.16 -0.28 39.52
CA VAL M 417 61.88 -0.46 40.21
C VAL M 417 61.86 0.36 41.49
N ASP M 418 62.96 0.33 42.24
CA ASP M 418 63.02 1.07 43.50
C ASP M 418 62.92 2.57 43.25
N TYR M 419 63.60 3.07 42.21
CA TYR M 419 63.59 4.52 41.99
C TYR M 419 62.28 4.99 41.37
N PHE M 420 61.71 4.21 40.44
CA PHE M 420 60.53 4.68 39.71
C PHE M 420 59.26 4.49 40.52
N PHE M 421 58.93 3.24 40.86
CA PHE M 421 57.64 2.92 41.48
C PHE M 421 57.75 2.77 43.00
N GLY M 422 58.63 3.54 43.63
CA GLY M 422 58.75 3.52 45.07
C GLY M 422 59.60 2.39 45.59
N LYS M 423 60.53 2.72 46.49
CA LYS M 423 61.35 1.70 47.13
C LYS M 423 60.49 0.82 48.02
N GLU M 424 60.70 -0.49 47.95
CA GLU M 424 59.92 -1.42 48.74
C GLU M 424 60.23 -1.24 50.23
N LYS M 425 59.44 -1.93 51.06
CA LYS M 425 59.58 -1.80 52.51
C LYS M 425 60.99 -2.19 52.95
N GLY M 426 61.57 -1.38 53.83
CA GLY M 426 62.93 -1.55 54.27
C GLY M 426 63.86 -0.41 53.90
N GLN M 427 63.42 0.54 53.08
CA GLN M 427 64.23 1.71 52.72
C GLN M 427 63.39 2.96 52.94
N GLU M 428 63.94 3.92 53.69
CA GLU M 428 63.20 5.14 53.98
C GLU M 428 63.04 5.98 52.73
N ASN M 429 61.87 6.61 52.60
CA ASN M 429 61.55 7.45 51.44
C ASN M 429 61.05 8.79 51.95
N ASP M 430 61.85 9.84 51.73
CA ASP M 430 61.46 11.18 52.14
C ASP M 430 60.41 11.80 51.24
N TRP M 431 60.19 11.22 50.05
CA TRP M 431 59.20 11.70 49.10
C TRP M 431 58.26 10.56 48.73
N ASN M 432 56.97 10.87 48.63
CA ASN M 432 55.96 9.86 48.33
C ASN M 432 55.66 9.77 46.84
N VAL M 433 55.19 10.87 46.25
CA VAL M 433 54.77 10.89 44.86
C VAL M 433 55.93 11.36 43.99
N HIS M 434 55.86 11.02 42.70
CA HIS M 434 56.87 11.40 41.73
C HIS M 434 56.21 11.55 40.38
N ILE M 435 56.26 12.75 39.81
CA ILE M 435 55.71 13.04 38.49
C ILE M 435 56.87 13.33 37.56
N VAL M 436 57.02 12.53 36.51
CA VAL M 436 58.15 12.61 35.61
C VAL M 436 57.71 13.27 34.31
N ASN M 437 58.31 14.40 33.98
CA ASN M 437 58.05 15.07 32.72
C ASN M 437 58.78 14.37 31.59
N MET M 438 58.12 14.29 30.43
CA MET M 438 58.71 13.66 29.25
C MET M 438 58.18 14.41 28.02
N LYS M 439 58.97 15.38 27.54
CA LYS M 439 58.53 16.22 26.43
C LYS M 439 59.63 16.48 25.41
N ASN M 440 60.64 15.60 25.33
CA ASN M 440 61.70 15.73 24.36
C ASN M 440 61.82 14.56 23.41
N LEU M 441 61.12 13.45 23.66
CA LEU M 441 61.21 12.26 22.83
C LEU M 441 60.29 12.40 21.62
N ALA M 442 60.83 12.16 20.44
CA ALA M 442 60.03 12.22 19.23
C ALA M 442 59.04 11.06 19.17
N GLN M 443 57.87 11.31 18.57
CA GLN M 443 56.86 10.27 18.46
C GLN M 443 57.28 9.17 17.51
N ASP M 444 58.11 9.49 16.51
CA ASP M 444 58.56 8.48 15.56
C ASP M 444 59.40 7.42 16.25
N HIS M 445 60.27 7.83 17.17
CA HIS M 445 61.12 6.90 17.92
C HIS M 445 60.44 6.38 19.18
N ALA M 446 59.24 6.85 19.48
CA ALA M 446 58.52 6.38 20.67
C ALA M 446 58.23 4.87 20.64
N PRO M 447 57.74 4.28 19.54
CA PRO M 447 57.48 2.84 19.57
C PRO M 447 58.73 2.00 19.76
N MET M 448 59.91 2.52 19.48
CA MET M 448 61.16 1.79 19.64
C MET M 448 61.89 2.12 20.94
N LEU M 449 61.70 3.33 21.48
CA LEU M 449 62.39 3.76 22.67
C LEU M 449 61.51 3.72 23.93
N LEU M 450 60.30 3.17 23.82
CA LEU M 450 59.42 3.05 24.98
C LEU M 450 58.73 1.70 25.10
N SER M 451 58.85 0.82 24.10
CA SER M 451 58.18 -0.48 24.16
C SER M 451 58.85 -1.44 25.13
N ALA M 452 60.04 -1.10 25.66
CA ALA M 452 60.75 -1.99 26.57
C ALA M 452 60.43 -1.72 28.04
N LEU M 453 60.12 -0.47 28.39
CA LEU M 453 59.82 -0.15 29.79
C LEU M 453 58.57 -0.88 30.27
N LEU M 454 57.52 -0.91 29.44
CA LEU M 454 56.29 -1.59 29.85
C LEU M 454 56.51 -3.10 29.98
N GLU M 455 57.31 -3.68 29.10
CA GLU M 455 57.57 -5.12 29.17
C GLU M 455 58.25 -5.50 30.46
N MET M 456 59.36 -4.83 30.80
CA MET M 456 60.06 -5.12 32.04
C MET M 456 59.20 -4.78 33.26
N PHE M 457 58.43 -3.70 33.18
CA PHE M 457 57.53 -3.34 34.28
C PHE M 457 56.52 -4.45 34.54
N ALA M 458 55.86 -4.93 33.50
CA ALA M 458 54.86 -6.00 33.66
C ALA M 458 55.51 -7.29 34.15
N GLU M 459 56.68 -7.63 33.60
CA GLU M 459 57.34 -8.86 34.02
C GLU M 459 57.73 -8.80 35.49
N ILE M 460 58.29 -7.67 35.93
CA ILE M 460 58.70 -7.53 37.32
C ILE M 460 57.49 -7.55 38.24
N LEU M 461 56.41 -6.85 37.86
CA LEU M 461 55.22 -6.85 38.69
C LEU M 461 54.63 -8.24 38.81
N PHE M 462 54.62 -9.01 37.72
CA PHE M 462 54.02 -10.34 37.75
C PHE M 462 54.88 -11.32 38.55
N ARG M 463 56.18 -11.34 38.31
CA ARG M 463 57.03 -12.36 38.91
C ARG M 463 57.63 -11.96 40.25
N ARG M 464 57.44 -10.72 40.69
CA ARG M 464 57.95 -10.29 41.99
C ARG M 464 57.09 -10.81 43.13
N GLY M 465 55.78 -10.82 42.95
CA GLY M 465 54.86 -11.23 43.99
C GLY M 465 54.26 -10.03 44.71
N GLN M 466 53.00 -10.18 45.12
CA GLN M 466 52.28 -9.11 45.79
C GLN M 466 52.65 -8.99 47.27
N GLU M 467 53.43 -9.92 47.81
CA GLU M 467 53.84 -9.88 49.21
C GLU M 467 55.15 -9.15 49.44
N ARG M 468 55.81 -8.67 48.38
CA ARG M 468 57.10 -8.02 48.55
C ARG M 468 57.29 -6.78 47.67
N SER M 469 56.22 -6.27 47.05
CA SER M 469 56.33 -5.11 46.18
C SER M 469 55.18 -4.14 46.46
N TYR M 470 55.50 -2.85 46.48
CA TYR M 470 54.47 -1.83 46.61
C TYR M 470 53.60 -1.79 45.35
N PRO M 471 52.30 -1.54 45.49
CA PRO M 471 51.45 -1.38 44.32
C PRO M 471 51.60 0.02 43.73
N THR M 472 51.81 0.07 42.42
CA THR M 472 52.06 1.32 41.71
C THR M 472 50.85 1.69 40.87
N VAL M 473 50.57 2.99 40.79
CA VAL M 473 49.44 3.51 40.04
C VAL M 473 49.97 4.24 38.81
N LEU M 474 49.23 4.13 37.71
CA LEU M 474 49.62 4.71 36.44
C LEU M 474 48.59 5.74 36.01
N LEU M 475 49.04 6.69 35.18
CA LEU M 475 48.17 7.62 34.47
C LEU M 475 48.83 7.86 33.11
N LEU M 476 48.44 7.06 32.12
CA LEU M 476 49.13 7.00 30.84
C LEU M 476 48.27 7.62 29.74
N GLU M 477 48.93 8.35 28.84
CA GLU M 477 48.27 8.95 27.70
C GLU M 477 49.17 8.80 26.47
N GLU M 478 48.55 8.95 25.30
CA GLU M 478 49.22 8.71 24.01
C GLU M 478 49.82 7.32 23.95
N ALA M 479 49.12 6.34 24.55
CA ALA M 479 49.69 5.01 24.71
C ALA M 479 49.74 4.22 23.41
N HIS M 480 48.73 4.39 22.53
CA HIS M 480 48.65 3.56 21.34
C HIS M 480 49.82 3.76 20.39
N HIS M 481 50.60 4.84 20.58
CA HIS M 481 51.86 4.96 19.87
C HIS M 481 52.82 3.84 20.26
N TYR M 482 52.83 3.46 21.53
CA TYR M 482 53.81 2.53 22.08
C TYR M 482 53.16 1.49 22.98
N LEU M 483 51.96 1.02 22.64
CA LEU M 483 51.26 0.01 23.42
C LEU M 483 50.96 -1.22 22.56
N ARG M 484 51.95 -1.64 21.77
CA ARG M 484 51.77 -2.80 20.89
C ARG M 484 53.12 -3.43 20.55
N GLU M 498 48.78 -6.31 26.82
CA GLU M 498 48.32 -7.45 26.04
C GLU M 498 48.96 -8.75 26.52
N ARG M 499 49.90 -8.63 27.45
CA ARG M 499 50.60 -9.78 28.00
C ARG M 499 50.39 -9.95 29.50
N LEU M 500 50.24 -8.87 30.25
CA LEU M 500 50.08 -8.92 31.70
C LEU M 500 48.70 -9.42 32.13
N ALA M 501 47.76 -9.55 31.21
CA ALA M 501 46.39 -9.89 31.55
C ALA M 501 46.16 -11.39 31.75
N LYS M 502 47.19 -12.21 31.57
CA LYS M 502 47.02 -13.66 31.71
C LYS M 502 46.70 -14.04 33.15
N GLU M 503 47.51 -13.55 34.11
CA GLU M 503 47.24 -13.81 35.52
C GLU M 503 47.40 -12.56 36.38
N GLY M 504 47.38 -11.37 35.79
CA GLY M 504 47.56 -10.15 36.55
C GLY M 504 46.31 -9.58 37.20
N ARG M 505 45.16 -10.23 37.02
CA ARG M 505 43.92 -9.70 37.60
C ARG M 505 43.87 -9.89 39.11
N LYS M 506 44.35 -11.04 39.59
CA LYS M 506 44.22 -11.36 41.01
C LYS M 506 45.05 -10.42 41.89
N PHE M 507 46.18 -9.94 41.37
CA PHE M 507 47.10 -9.10 42.14
C PHE M 507 46.68 -7.63 42.18
N LYS M 508 45.44 -7.33 41.80
CA LYS M 508 44.88 -5.98 41.88
C LYS M 508 45.75 -4.97 41.12
N CYS M 509 45.83 -5.17 39.81
CA CYS M 509 46.63 -4.33 38.93
C CYS M 509 45.76 -3.25 38.32
N SER M 510 46.22 -2.01 38.40
CA SER M 510 45.52 -0.86 37.82
C SER M 510 46.40 -0.25 36.73
N LEU M 511 45.83 -0.09 35.54
CA LEU M 511 46.55 0.44 34.40
C LEU M 511 45.68 1.48 33.70
N ILE M 512 46.31 2.20 32.76
CA ILE M 512 45.62 3.22 31.97
C ILE M 512 46.07 3.01 30.52
N VAL M 513 45.22 2.40 29.70
CA VAL M 513 45.48 2.25 28.28
C VAL M 513 44.81 3.40 27.55
N SER M 514 45.55 4.08 26.69
CA SER M 514 45.08 5.29 26.02
C SER M 514 45.18 5.10 24.51
N THR M 515 44.06 5.34 23.82
CA THR M 515 44.04 5.24 22.37
C THR M 515 42.87 6.06 21.83
N GLN M 516 43.17 7.11 21.08
CA GLN M 516 42.15 7.83 20.33
C GLN M 516 41.93 7.24 18.95
N ARG M 517 42.73 6.24 18.57
CA ARG M 517 42.56 5.51 17.32
C ARG M 517 42.59 4.02 17.64
N PRO M 518 41.54 3.50 18.28
CA PRO M 518 41.59 2.12 18.78
C PRO M 518 41.52 1.05 17.71
N SER M 519 41.39 1.43 16.43
CA SER M 519 41.25 0.44 15.37
C SER M 519 42.50 -0.42 15.26
N GLU M 520 43.68 0.18 15.41
CA GLU M 520 44.94 -0.55 15.28
C GLU M 520 45.40 -1.09 16.63
N LEU M 521 44.51 -1.78 17.33
CA LEU M 521 44.82 -2.38 18.62
C LEU M 521 43.87 -3.54 18.87
N SER M 522 44.32 -4.47 19.72
CA SER M 522 43.51 -5.65 20.02
C SER M 522 42.28 -5.26 20.84
N PRO M 523 41.11 -5.78 20.49
CA PRO M 523 39.93 -5.52 21.34
C PRO M 523 40.06 -6.09 22.73
N THR M 524 40.93 -7.08 22.94
CA THR M 524 41.15 -7.63 24.27
C THR M 524 41.73 -6.60 25.23
N VAL M 525 42.44 -5.61 24.69
CA VAL M 525 42.88 -4.47 25.50
C VAL M 525 41.67 -3.70 26.01
N LEU M 526 40.62 -3.58 25.20
CA LEU M 526 39.44 -2.82 25.54
C LEU M 526 38.41 -3.64 26.31
N ALA M 527 38.32 -4.94 26.02
CA ALA M 527 37.31 -5.77 26.67
C ALA M 527 37.73 -6.23 28.06
N MET M 528 39.01 -6.13 28.39
CA MET M 528 39.51 -6.51 29.71
C MET M 528 39.80 -5.28 30.58
N CYS M 529 38.95 -4.26 30.46
CA CYS M 529 39.13 -3.02 31.18
C CYS M 529 37.76 -2.49 31.59
N SER M 530 37.75 -1.59 32.57
CA SER M 530 36.50 -1.16 33.20
C SER M 530 36.14 0.29 32.92
N ASN M 531 36.99 1.24 33.29
CA ASN M 531 36.61 2.65 33.30
C ASN M 531 37.21 3.39 32.12
N TRP M 532 36.49 4.42 31.66
CA TRP M 532 36.95 5.26 30.57
C TRP M 532 36.37 6.66 30.74
N PHE M 533 37.03 7.63 30.12
CA PHE M 533 36.55 9.01 30.08
C PHE M 533 36.73 9.53 28.66
N SER M 534 35.74 10.29 28.19
CA SER M 534 35.78 10.77 26.82
C SER M 534 34.88 11.99 26.68
N LEU M 535 35.45 13.08 26.17
CA LEU M 535 34.67 14.26 25.78
C LEU M 535 34.28 14.13 24.32
N ARG M 536 33.86 15.24 23.71
CA ARG M 536 33.45 15.23 22.31
C ARG M 536 34.57 14.71 21.42
N LEU M 537 34.23 13.79 20.52
CA LEU M 537 35.21 13.19 19.62
C LEU M 537 34.51 12.88 18.30
N THR M 538 34.93 13.55 17.23
CA THR M 538 34.28 13.46 15.93
C THR M 538 35.19 12.72 14.94
N ASN M 539 34.98 11.40 14.85
CA ASN M 539 35.64 10.57 13.86
C ASN M 539 34.93 9.22 13.76
N GLU M 540 34.58 8.80 12.54
CA GLU M 540 33.78 7.60 12.35
C GLU M 540 34.58 6.30 12.52
N ARG M 541 35.87 6.32 12.25
CA ARG M 541 36.69 5.11 12.29
C ARG M 541 37.37 4.90 13.64
N ASP M 542 37.06 5.71 14.64
CA ASP M 542 37.66 5.61 15.95
C ASP M 542 36.83 4.79 16.93
N LEU M 543 35.78 4.12 16.46
CA LEU M 543 34.86 3.42 17.34
C LEU M 543 34.70 1.93 17.03
N GLN M 544 35.49 1.39 16.10
CA GLN M 544 35.32 -0.02 15.73
C GLN M 544 35.60 -0.94 16.90
N ALA M 545 36.72 -0.71 17.60
CA ALA M 545 37.04 -1.52 18.77
C ALA M 545 35.99 -1.34 19.85
N LEU M 546 35.51 -0.12 20.05
CA LEU M 546 34.44 0.12 21.02
C LEU M 546 33.16 -0.56 20.57
N ARG M 547 32.93 -0.62 19.26
CA ARG M 547 31.73 -1.27 18.74
C ARG M 547 31.76 -2.78 18.99
N TYR M 548 32.94 -3.41 18.82
CA TYR M 548 33.01 -4.86 18.92
C TYR M 548 33.24 -5.36 20.35
N ALA M 549 34.07 -4.68 21.14
CA ALA M 549 34.55 -5.24 22.39
C ALA M 549 33.42 -5.51 23.37
N MET M 550 32.49 -4.56 23.49
CA MET M 550 31.42 -4.70 24.48
C MET M 550 30.48 -5.84 24.12
N GLU M 551 29.96 -6.52 25.15
CA GLU M 551 29.07 -7.63 24.94
C GLU M 551 27.69 -7.13 24.48
N SER M 552 26.87 -8.07 24.02
CA SER M 552 25.54 -7.74 23.53
C SER M 552 24.67 -7.21 24.66
N GLY M 553 23.85 -6.20 24.34
CA GLY M 553 22.93 -5.63 25.30
C GLY M 553 22.76 -4.13 25.16
N ASN M 554 23.70 -3.45 24.52
CA ASN M 554 23.59 -2.02 24.31
C ASN M 554 24.51 -1.54 23.18
N GLU M 555 23.92 -0.86 22.20
CA GLU M 555 24.70 -0.29 21.10
C GLU M 555 24.26 1.11 20.70
N GLN M 556 23.16 1.63 21.25
CA GLN M 556 22.59 2.91 20.84
C GLN M 556 23.19 4.09 21.59
N ILE M 557 24.06 3.86 22.57
CA ILE M 557 24.54 4.91 23.46
C ILE M 557 25.82 5.56 22.93
N LEU M 558 26.33 5.11 21.79
CA LEU M 558 27.53 5.69 21.20
C LEU M 558 27.23 6.83 20.24
N LYS M 559 25.96 7.12 19.96
CA LYS M 559 25.61 8.14 19.00
C LYS M 559 25.87 9.55 19.54
N GLN M 560 25.59 9.76 20.83
CA GLN M 560 25.61 11.10 21.41
C GLN M 560 27.00 11.56 21.82
N ILE M 561 28.02 10.73 21.64
CA ILE M 561 29.39 11.10 22.03
C ILE M 561 29.96 12.08 21.01
N SER M 562 29.27 12.24 19.88
CA SER M 562 29.74 13.08 18.78
C SER M 562 29.13 14.47 18.78
N GLY M 563 28.35 14.82 19.79
CA GLY M 563 27.71 16.12 19.82
C GLY M 563 27.65 16.77 21.18
N LEU M 564 28.49 16.31 22.10
CA LEU M 564 28.49 16.86 23.45
C LEU M 564 28.97 18.30 23.43
N PRO M 565 28.24 19.23 24.05
CA PRO M 565 28.71 20.62 24.11
C PRO M 565 29.90 20.77 25.04
N ARG M 566 30.44 21.98 25.06
CA ARG M 566 31.61 22.27 25.88
C ARG M 566 31.31 22.07 27.36
N GLY M 567 32.20 21.39 28.07
CA GLY M 567 32.06 21.14 29.48
C GLY M 567 31.34 19.87 29.85
N ASP M 568 30.79 19.13 28.88
CA ASP M 568 30.11 17.88 29.14
C ASP M 568 31.00 16.70 28.80
N ALA M 569 30.82 15.61 29.54
CA ALA M 569 31.65 14.43 29.35
C ALA M 569 30.82 13.18 29.64
N VAL M 570 31.27 12.06 29.11
CA VAL M 570 30.62 10.76 29.30
C VAL M 570 31.60 9.84 30.00
N ALA M 571 31.19 9.27 31.12
CA ALA M 571 32.02 8.37 31.90
C ALA M 571 31.24 7.11 32.23
N PHE M 572 31.95 5.97 32.17
CA PHE M 572 31.34 4.68 32.47
C PHE M 572 32.46 3.71 32.84
N GLY M 573 32.18 2.84 33.79
CA GLY M 573 33.17 1.88 34.22
C GLY M 573 32.73 1.18 35.49
N SER M 574 33.71 0.57 36.16
CA SER M 574 33.43 -0.18 37.38
C SER M 574 32.98 0.75 38.51
N ALA M 575 33.54 1.97 38.56
CA ALA M 575 33.19 2.89 39.63
C ALA M 575 31.75 3.38 39.53
N PHE M 576 31.08 3.13 38.41
CA PHE M 576 29.70 3.54 38.20
C PHE M 576 28.84 2.33 37.91
N ASN M 577 27.64 2.30 38.50
CA ASN M 577 26.73 1.18 38.28
C ASN M 577 26.32 1.09 36.82
N LEU M 578 25.99 2.22 36.21
CA LEU M 578 25.55 2.30 34.83
C LEU M 578 26.15 3.55 34.21
N PRO M 579 26.29 3.58 32.88
CA PRO M 579 26.85 4.78 32.23
C PRO M 579 25.99 6.02 32.52
N VAL M 580 26.67 7.13 32.72
CA VAL M 580 26.03 8.38 33.11
C VAL M 580 26.76 9.54 32.43
N ARG M 581 26.00 10.59 32.12
CA ARG M 581 26.52 11.79 31.46
C ARG M 581 26.74 12.86 32.53
N ILE M 582 27.97 13.38 32.58
CA ILE M 582 28.39 14.27 33.65
C ILE M 582 28.70 15.65 33.10
N SER M 583 28.26 16.67 33.83
CA SER M 583 28.63 18.07 33.58
C SER M 583 29.65 18.46 34.64
N ILE M 584 30.88 18.71 34.22
CA ILE M 584 31.99 18.91 35.16
C ILE M 584 32.08 20.39 35.53
N ASN M 585 32.14 20.65 36.84
CA ASN M 585 32.29 22.01 37.33
C ASN M 585 33.72 22.50 37.14
N GLN M 586 33.86 23.82 37.10
CA GLN M 586 35.18 24.44 36.98
C GLN M 586 36.01 24.19 38.22
N ALA M 587 37.32 24.05 38.03
CA ALA M 587 38.26 23.86 39.13
C ALA M 587 38.83 25.22 39.52
N ARG M 588 38.79 25.51 40.81
CA ARG M 588 39.27 26.79 41.34
C ARG M 588 40.36 26.52 42.37
N PRO M 589 41.57 27.10 42.23
CA PRO M 589 42.00 28.02 41.17
C PRO M 589 42.18 27.31 39.83
N GLY M 590 42.02 28.03 38.73
CA GLY M 590 42.00 27.41 37.41
C GLY M 590 43.39 27.11 36.91
N PRO M 591 43.44 26.45 35.75
CA PRO M 591 44.72 26.17 35.10
C PRO M 591 45.35 27.41 34.49
N LYS M 592 46.41 27.21 33.69
CA LYS M 592 47.10 28.32 33.04
C LYS M 592 46.10 29.23 32.34
N SER M 593 46.43 30.53 32.31
CA SER M 593 45.54 31.54 31.77
C SER M 593 45.21 31.28 30.30
N SER M 594 46.23 31.35 29.44
CA SER M 594 46.05 31.12 28.01
C SER M 594 47.39 31.06 27.30
N ASP M 595 47.37 30.85 25.98
CA ASP M 595 48.59 30.88 25.19
C ASP M 595 48.92 32.32 24.81
N ALA M 596 49.92 32.47 23.93
CA ALA M 596 50.35 33.78 23.51
C ALA M 596 49.27 34.47 22.67
N VAL M 597 49.23 35.79 22.76
CA VAL M 597 48.30 36.62 21.99
C VAL M 597 49.12 37.43 20.99
N PHE M 598 48.73 37.34 19.72
CA PHE M 598 49.48 37.96 18.64
C PHE M 598 49.00 39.36 18.31
N SER M 599 48.01 39.88 19.04
CA SER M 599 47.53 41.24 18.80
C SER M 599 48.60 42.28 19.14
N GLU M 600 49.32 42.06 20.24
CA GLU M 600 50.33 43.03 20.67
C GLU M 600 51.53 43.03 19.72
N GLU M 601 51.92 41.85 19.23
CA GLU M 601 53.10 41.76 18.37
C GLU M 601 52.90 42.54 17.07
N TRP M 602 51.71 42.48 16.50
CA TRP M 602 51.40 43.12 15.23
C TRP M 602 50.81 44.51 15.38
N ALA M 603 50.78 45.04 16.60
CA ALA M 603 50.27 46.39 16.84
C ALA M 603 51.24 47.44 16.34
N ASN M 604 52.42 47.00 15.89
CA ASN M 604 53.44 47.91 15.39
C ASN M 604 52.99 48.67 14.15
N CYS M 605 51.99 48.15 13.42
CA CYS M 605 51.51 48.80 12.21
C CYS M 605 50.88 50.16 12.53
N LEU N 3 -6.74 42.91 15.67
CA LEU N 3 -5.73 43.89 16.05
C LEU N 3 -4.78 43.33 17.10
N PHE N 4 -5.28 42.38 17.90
CA PHE N 4 -4.45 41.66 18.86
C PHE N 4 -4.04 40.34 18.24
N LYS N 5 -2.73 40.15 18.04
CA LYS N 5 -2.21 38.99 17.33
C LYS N 5 -1.13 38.31 18.15
N LEU N 6 -1.18 36.98 18.20
CA LEU N 6 -0.19 36.19 18.92
C LEU N 6 1.09 35.96 18.12
N THR N 7 1.03 36.05 16.78
CA THR N 7 2.18 35.82 15.93
C THR N 7 1.92 36.49 14.59
N GLU N 8 2.94 37.12 14.03
CA GLU N 8 2.85 37.79 12.74
C GLU N 8 3.43 36.95 11.61
N ILE N 9 3.79 35.70 11.87
CA ILE N 9 4.32 34.80 10.86
C ILE N 9 3.45 33.56 10.81
N SER N 10 2.96 33.24 9.62
CA SER N 10 2.08 32.09 9.46
C SER N 10 2.87 30.79 9.48
N ALA N 11 2.21 29.72 9.93
CA ALA N 11 2.84 28.42 10.07
C ALA N 11 2.73 27.63 8.78
N ILE N 12 3.37 26.46 8.75
CA ILE N 12 3.33 25.59 7.58
C ILE N 12 2.84 24.19 7.89
N GLY N 13 3.00 23.67 9.10
CA GLY N 13 2.58 22.33 9.39
C GLY N 13 2.63 22.02 10.87
N TYR N 14 2.73 20.72 11.18
CA TYR N 14 2.81 20.28 12.56
C TYR N 14 3.55 18.96 12.62
N VAL N 15 4.06 18.65 13.81
CA VAL N 15 4.87 17.45 14.02
C VAL N 15 3.95 16.26 14.28
N VAL N 16 4.23 15.13 13.63
CA VAL N 16 3.41 13.94 13.77
C VAL N 16 4.27 12.72 14.11
N GLY N 17 5.48 12.94 14.62
CA GLY N 17 6.30 11.80 14.99
C GLY N 17 7.75 12.13 15.32
N LEU N 18 8.34 11.35 16.23
CA LEU N 18 9.74 11.50 16.63
C LEU N 18 10.32 10.09 16.74
N GLU N 19 10.91 9.60 15.66
CA GLU N 19 11.45 8.25 15.59
C GLU N 19 12.96 8.26 15.89
N GLY N 20 13.31 8.76 17.07
CA GLY N 20 14.70 8.87 17.46
C GLY N 20 15.23 10.28 17.30
N GLU N 21 16.00 10.51 16.23
CA GLU N 21 16.55 11.82 15.94
C GLU N 21 15.87 12.50 14.76
N ARG N 22 14.91 11.84 14.12
CA ARG N 22 14.23 12.39 12.96
C ARG N 22 12.89 13.00 13.37
N ILE N 23 12.32 13.80 12.46
CA ILE N 23 11.07 14.49 12.71
C ILE N 23 10.17 14.31 11.49
N ARG N 24 8.86 14.18 11.73
CA ARG N 24 7.87 14.09 10.67
C ARG N 24 6.96 15.30 10.72
N ILE N 25 6.71 15.89 9.55
CA ILE N 25 5.91 17.11 9.44
C ILE N 25 4.84 16.89 8.39
N ASN N 26 3.62 17.34 8.68
CA ASN N 26 2.52 17.30 7.72
C ASN N 26 2.23 18.71 7.24
N LEU N 27 2.33 18.92 5.92
CA LEU N 27 2.18 20.25 5.35
C LEU N 27 0.71 20.60 5.15
N HIS N 28 0.45 21.89 5.04
CA HIS N 28 -0.90 22.37 4.76
C HIS N 28 -1.21 22.27 3.28
N GLU N 29 -2.46 22.56 2.92
CA GLU N 29 -2.93 22.42 1.56
C GLU N 29 -2.83 23.75 0.82
N GLY N 30 -2.51 23.68 -0.46
CA GLY N 30 -2.44 24.85 -1.30
C GLY N 30 -1.07 25.50 -1.33
N LEU N 31 -1.03 26.83 -1.44
CA LEU N 31 0.20 27.58 -1.43
C LEU N 31 0.63 28.01 -0.03
N GLN N 32 -0.16 27.66 0.99
CA GLN N 32 0.20 27.99 2.36
C GLN N 32 1.42 27.21 2.84
N GLY N 33 1.59 25.98 2.38
CA GLY N 33 2.65 25.10 2.82
C GLY N 33 3.96 25.22 2.06
N ARG N 34 4.11 26.22 1.20
CA ARG N 34 5.35 26.37 0.43
C ARG N 34 5.91 27.77 0.54
N LEU N 35 5.05 28.77 0.67
CA LEU N 35 5.47 30.16 0.66
C LEU N 35 4.71 30.95 1.72
N ALA N 36 5.33 32.00 2.22
CA ALA N 36 4.73 32.85 3.25
C ALA N 36 5.07 34.30 2.96
N SER N 37 4.53 35.19 3.78
CA SER N 37 4.78 36.62 3.66
C SER N 37 4.76 37.24 5.05
N HIS N 38 5.51 38.33 5.21
CA HIS N 38 5.64 38.99 6.50
C HIS N 38 6.01 40.45 6.27
N ARG N 39 6.40 41.14 7.34
CA ARG N 39 6.65 42.57 7.27
C ARG N 39 7.95 42.89 6.53
N LYS N 40 8.93 41.98 6.56
CA LYS N 40 10.24 42.26 6.00
C LYS N 40 10.44 41.75 4.59
N GLY N 41 9.56 40.86 4.12
CA GLY N 41 9.70 40.35 2.76
C GLY N 41 8.95 39.06 2.53
N VAL N 42 9.58 38.11 1.83
CA VAL N 42 8.96 36.83 1.52
C VAL N 42 9.94 35.72 1.90
N SER N 43 9.39 34.53 2.18
CA SER N 43 10.18 33.38 2.57
C SER N 43 9.57 32.13 1.97
N SER N 44 10.39 31.10 1.82
CA SER N 44 9.92 29.86 1.22
C SER N 44 10.81 28.70 1.65
N VAL N 45 10.20 27.51 1.74
CA VAL N 45 10.91 26.26 1.98
C VAL N 45 10.56 25.35 0.81
N THR N 46 11.56 25.03 -0.02
CA THR N 46 11.27 24.34 -1.27
C THR N 46 12.02 23.03 -1.44
N GLN N 47 13.29 22.97 -1.07
CA GLN N 47 14.13 21.83 -1.39
C GLN N 47 14.92 21.40 -0.15
N PRO N 48 15.37 20.15 -0.11
CA PRO N 48 16.25 19.72 0.99
C PRO N 48 17.51 20.56 1.06
N GLY N 49 17.95 20.85 2.27
CA GLY N 49 19.05 21.75 2.51
C GLY N 49 18.66 23.11 3.07
N ASP N 50 17.38 23.33 3.36
CA ASP N 50 16.90 24.58 3.92
C ASP N 50 16.82 24.48 5.45
N LEU N 51 16.52 25.62 6.07
CA LEU N 51 16.39 25.72 7.51
C LEU N 51 14.93 25.98 7.88
N ILE N 52 14.45 25.25 8.88
CA ILE N 52 13.09 25.39 9.39
C ILE N 52 13.16 25.49 10.91
N GLY N 53 12.15 26.14 11.48
CA GLY N 53 12.15 26.39 12.91
C GLY N 53 10.85 25.96 13.54
N PHE N 54 10.95 25.48 14.78
CA PHE N 54 9.82 24.98 15.55
C PHE N 54 9.68 25.82 16.81
N ASP N 55 8.49 26.37 17.03
CA ASP N 55 8.23 27.14 18.24
C ASP N 55 7.97 26.20 19.41
N ALA N 56 8.60 26.49 20.55
CA ALA N 56 8.47 25.64 21.74
C ALA N 56 8.30 26.50 22.98
N GLY N 57 7.62 27.63 22.85
CA GLY N 57 7.36 28.48 24.00
C GLY N 57 8.47 29.48 24.26
N ASN N 58 9.36 29.15 25.19
CA ASN N 58 10.44 30.05 25.57
C ASN N 58 11.72 29.84 24.77
N ILE N 59 11.75 28.84 23.89
CA ILE N 59 12.90 28.60 23.01
C ILE N 59 12.38 28.37 21.59
N LEU N 60 13.33 28.25 20.66
CA LEU N 60 13.01 28.06 19.25
C LEU N 60 14.02 27.09 18.65
N VAL N 61 13.57 25.89 18.31
CA VAL N 61 14.46 24.86 17.78
C VAL N 61 14.73 25.12 16.31
N VAL N 62 15.95 24.79 15.87
CA VAL N 62 16.37 24.98 14.48
C VAL N 62 16.70 23.63 13.89
N ALA N 63 16.21 23.39 12.67
CA ALA N 63 16.35 22.09 12.02
C ALA N 63 16.71 22.27 10.55
N ARG N 64 17.17 21.19 9.94
CA ARG N 64 17.58 21.17 8.55
C ARG N 64 16.78 20.11 7.78
N VAL N 65 16.31 20.47 6.59
CA VAL N 65 15.45 19.61 5.79
C VAL N 65 16.28 18.54 5.10
N THR N 66 15.76 17.31 5.05
CA THR N 66 16.48 16.21 4.43
C THR N 66 15.70 15.57 3.29
N ASP N 67 14.40 15.33 3.48
CA ASP N 67 13.61 14.58 2.52
C ASP N 67 12.26 15.25 2.29
N MET N 68 11.74 15.07 1.09
CA MET N 68 10.42 15.54 0.71
C MET N 68 9.81 14.56 -0.27
N ALA N 69 8.55 14.22 -0.08
CA ALA N 69 7.90 13.23 -0.94
C ALA N 69 6.40 13.26 -0.71
N PHE N 70 5.67 12.68 -1.65
CA PHE N 70 4.25 12.41 -1.51
C PHE N 70 4.04 11.16 -0.66
N VAL N 71 2.77 10.89 -0.34
CA VAL N 71 2.43 9.68 0.39
C VAL N 71 1.47 8.83 -0.43
N ILE N 89 -6.77 14.68 -3.82
CA ILE N 89 -5.56 15.46 -3.58
C ILE N 89 -4.60 14.68 -2.68
N PRO N 90 -3.31 14.73 -3.00
CA PRO N 90 -2.32 13.96 -2.22
C PRO N 90 -1.86 14.70 -0.97
N LEU N 91 -0.90 14.11 -0.26
CA LEU N 91 -0.35 14.67 0.95
C LEU N 91 1.16 14.58 0.93
N ARG N 92 1.82 15.48 1.65
CA ARG N 92 3.27 15.59 1.64
C ARG N 92 3.81 15.60 3.06
N GLN N 93 5.05 15.15 3.22
CA GLN N 93 5.67 15.15 4.54
C GLN N 93 7.18 15.27 4.39
N ILE N 94 7.83 15.74 5.46
CA ILE N 94 9.23 16.10 5.47
C ILE N 94 9.93 15.41 6.64
N ILE N 95 11.23 15.16 6.47
CA ILE N 95 12.07 14.62 7.52
C ILE N 95 13.23 15.59 7.77
N ALA N 96 13.49 15.90 9.04
CA ALA N 96 14.47 16.91 9.39
C ALA N 96 15.30 16.46 10.58
N TYR N 97 16.44 17.12 10.78
CA TYR N 97 17.34 16.89 11.89
C TYR N 97 17.59 18.19 12.63
N ALA N 98 17.83 18.09 13.94
CA ALA N 98 17.97 19.26 14.79
C ALA N 98 19.42 19.71 14.88
N ILE N 99 19.60 21.00 15.18
CA ILE N 99 20.93 21.59 15.33
C ILE N 99 21.09 22.23 16.70
N GLY N 100 20.26 23.24 16.99
CA GLY N 100 20.37 23.98 18.22
C GLY N 100 19.09 24.70 18.56
N PHE N 101 19.21 25.80 19.30
CA PHE N 101 18.04 26.57 19.70
C PHE N 101 18.45 28.02 19.96
N VAL N 102 17.44 28.87 20.15
CA VAL N 102 17.61 30.30 20.34
C VAL N 102 16.82 30.72 21.57
N LYS N 103 17.35 31.69 22.32
CA LYS N 103 16.66 32.16 23.53
C LYS N 103 17.02 33.62 23.78
N ARG N 104 16.16 34.29 24.54
CA ARG N 104 16.40 35.66 24.96
C ARG N 104 17.43 35.71 26.08
N GLU N 105 18.29 36.73 26.05
CA GLU N 105 19.29 36.89 27.11
C GLU N 105 19.06 38.16 27.91
N LEU N 106 19.20 39.35 27.32
CA LEU N 106 18.86 40.60 28.00
C LEU N 106 17.85 41.42 27.21
N ASN N 107 18.17 41.77 25.97
CA ASN N 107 17.25 42.49 25.09
C ASN N 107 17.32 41.99 23.66
N GLY N 108 18.13 40.97 23.38
CA GLY N 108 18.21 40.39 22.06
C GLY N 108 18.06 38.88 22.14
N TYR N 109 18.92 38.15 21.42
CA TYR N 109 18.83 36.70 21.39
C TYR N 109 20.26 36.14 21.35
N VAL N 110 20.36 34.81 21.38
CA VAL N 110 21.63 34.12 21.37
C VAL N 110 21.41 32.74 20.78
N PHE N 111 22.46 32.17 20.20
CA PHE N 111 22.40 30.85 19.57
C PHE N 111 23.27 29.87 20.34
N ILE N 112 22.69 28.73 20.70
CA ILE N 112 23.42 27.66 21.37
C ILE N 112 23.52 26.48 20.40
N SER N 113 24.51 25.63 20.63
CA SER N 113 24.81 24.56 19.70
C SER N 113 24.63 23.17 20.33
N GLU N 114 23.52 22.98 21.03
CA GLU N 114 23.16 21.70 21.62
C GLU N 114 22.09 21.03 20.76
N ASP N 115 22.26 19.74 20.49
CA ASP N 115 21.46 19.03 19.51
C ASP N 115 20.84 17.76 20.08
N TRP N 116 20.26 17.86 21.27
CA TRP N 116 19.44 16.76 21.79
C TRP N 116 18.04 17.20 22.21
N ARG N 117 17.71 18.48 22.07
CA ARG N 117 16.40 19.00 22.43
C ARG N 117 15.47 18.93 21.23
N LEU N 118 14.30 18.34 21.42
CA LEU N 118 13.33 18.11 20.38
C LEU N 118 11.99 18.71 20.79
N PRO N 119 11.16 19.10 19.83
CA PRO N 119 9.85 19.68 20.15
C PRO N 119 8.83 18.59 20.47
N ALA N 120 7.63 19.03 20.82
CA ALA N 120 6.53 18.14 21.17
C ALA N 120 5.59 17.96 19.99
N LEU N 121 4.77 16.92 20.08
CA LEU N 121 3.82 16.62 19.00
C LEU N 121 2.76 17.71 18.90
N GLY N 122 2.42 18.07 17.66
CA GLY N 122 1.43 19.09 17.40
C GLY N 122 1.97 20.50 17.31
N SER N 123 3.26 20.70 17.57
CA SER N 123 3.85 22.03 17.48
C SER N 123 3.92 22.49 16.02
N SER N 124 3.61 23.76 15.80
CA SER N 124 3.60 24.30 14.45
C SER N 124 5.03 24.49 13.94
N ALA N 125 5.15 24.65 12.62
CA ALA N 125 6.42 24.83 11.94
C ALA N 125 6.43 26.15 11.19
N VAL N 126 7.53 26.89 11.33
CA VAL N 126 7.66 28.20 10.66
C VAL N 126 9.00 28.28 9.98
N PRO N 127 9.08 29.05 8.90
CA PRO N 127 10.37 29.30 8.26
C PRO N 127 11.17 30.33 9.03
N LEU N 128 12.44 30.46 8.66
CA LEU N 128 13.37 31.36 9.33
C LEU N 128 13.54 32.63 8.50
N THR N 129 13.30 33.78 9.13
CA THR N 129 13.46 35.07 8.49
C THR N 129 14.92 35.51 8.59
N SER N 130 15.27 36.57 7.83
CA SER N 130 16.63 37.08 7.86
C SER N 130 17.00 37.61 9.25
N ASP N 131 16.02 38.08 10.02
CA ASP N 131 16.30 38.55 11.37
C ASP N 131 16.85 37.42 12.24
N PHE N 132 16.26 36.23 12.12
CA PHE N 132 16.76 35.07 12.85
C PHE N 132 17.97 34.43 12.17
N LEU N 133 18.22 34.73 10.89
CA LEU N 133 19.42 34.25 10.23
C LEU N 133 20.66 35.06 10.60
N ASN N 134 20.48 36.34 10.92
CA ASN N 134 21.62 37.15 11.36
C ASN N 134 22.20 36.61 12.67
N ILE N 135 21.33 36.16 13.58
CA ILE N 135 21.78 35.72 14.90
C ILE N 135 22.61 34.45 14.80
N ILE N 136 22.22 33.52 13.92
CA ILE N 136 22.93 32.24 13.82
C ILE N 136 24.36 32.41 13.31
N TYR N 137 24.62 33.42 12.50
CA TYR N 137 25.93 33.61 11.87
C TYR N 137 26.63 34.86 12.40
N SER N 138 26.57 35.07 13.72
CA SER N 138 27.17 36.25 14.34
C SER N 138 28.27 35.83 15.31
N ILE N 139 28.92 36.83 15.90
CA ILE N 139 29.99 36.62 16.86
C ILE N 139 29.49 37.05 18.25
N ASP N 140 30.30 36.75 19.25
CA ASP N 140 29.82 36.78 20.65
C ASP N 140 29.83 38.18 21.26
N LYS N 141 29.26 39.15 20.54
CA LYS N 141 28.83 40.42 21.12
C LYS N 141 29.99 41.26 21.68
N GLU N 142 31.20 40.72 21.65
CA GLU N 142 32.34 41.39 22.25
C GLU N 142 33.53 41.56 21.31
N GLU N 143 33.61 40.80 20.22
CA GLU N 143 34.67 40.93 19.24
C GLU N 143 34.22 41.71 18.01
N LEU N 144 33.08 42.39 18.09
CA LEU N 144 32.60 43.19 16.95
C LEU N 144 33.59 44.26 16.50
N PRO N 145 34.18 45.07 17.39
CA PRO N 145 35.15 46.07 16.92
C PRO N 145 36.42 45.46 16.33
N LYS N 146 36.68 44.18 16.57
CA LYS N 146 37.88 43.49 16.09
C LYS N 146 37.52 42.41 15.09
N ALA N 147 36.62 42.73 14.16
CA ALA N 147 36.11 41.77 13.19
C ALA N 147 36.48 42.18 11.78
N VAL N 148 36.69 41.19 10.93
CA VAL N 148 37.01 41.41 9.52
C VAL N 148 35.91 40.80 8.67
N GLU N 149 35.52 41.55 7.63
CA GLU N 149 34.50 41.12 6.69
C GLU N 149 35.15 40.34 5.55
N LEU N 150 34.61 39.16 5.26
CA LEU N 150 35.13 38.30 4.20
C LEU N 150 34.16 38.21 3.02
N GLY N 151 32.92 37.82 3.26
CA GLY N 151 31.96 37.69 2.18
C GLY N 151 30.53 37.51 2.65
N VAL N 152 29.72 36.85 1.83
CA VAL N 152 28.30 36.66 2.11
C VAL N 152 27.97 35.19 1.88
N ASP N 153 26.95 34.70 2.58
CA ASP N 153 26.55 33.31 2.41
C ASP N 153 26.05 33.05 0.99
N SER N 154 25.98 31.77 0.63
CA SER N 154 25.70 31.38 -0.75
C SER N 154 24.22 31.15 -1.01
N ARG N 155 23.54 30.42 -0.13
CA ARG N 155 22.16 30.01 -0.40
C ARG N 155 21.22 31.21 -0.49
N THR N 156 21.36 32.16 0.43
CA THR N 156 20.46 33.30 0.49
C THR N 156 21.09 34.62 0.07
N LYS N 157 22.42 34.70 0.03
CA LYS N 157 23.17 35.90 -0.31
C LYS N 157 22.54 37.17 0.27
N THR N 158 22.30 37.13 1.58
CA THR N 158 21.71 38.26 2.29
C THR N 158 22.39 38.57 3.62
N VAL N 159 23.19 37.65 4.16
CA VAL N 159 23.77 37.79 5.49
C VAL N 159 25.29 37.82 5.36
N LYS N 160 25.91 38.81 5.99
CA LYS N 160 27.36 38.97 5.95
C LYS N 160 28.04 38.00 6.92
N ILE N 161 29.35 37.84 6.74
CA ILE N 161 30.16 36.95 7.56
C ILE N 161 31.32 37.72 8.13
N PHE N 162 31.56 37.57 9.43
CA PHE N 162 32.66 38.24 10.11
C PHE N 162 33.46 37.21 10.90
N ALA N 163 34.75 37.50 11.09
CA ALA N 163 35.64 36.62 11.80
C ALA N 163 36.53 37.43 12.74
N SER N 164 37.01 36.77 13.80
CA SER N 164 37.83 37.42 14.81
C SER N 164 39.29 37.34 14.41
N VAL N 165 40.00 38.48 14.56
CA VAL N 165 41.41 38.53 14.17
C VAL N 165 42.24 37.60 15.05
N ASP N 166 42.02 37.64 16.36
CA ASP N 166 42.83 36.83 17.28
C ASP N 166 42.56 35.34 17.08
N LYS N 167 41.34 34.97 16.71
CA LYS N 167 41.01 33.56 16.55
C LYS N 167 41.57 32.99 15.25
N LEU N 168 41.68 33.80 14.20
CA LEU N 168 42.15 33.29 12.92
C LEU N 168 43.66 33.11 12.90
N LEU N 169 44.41 34.20 13.08
CA LEU N 169 45.87 34.17 12.95
C LEU N 169 46.50 33.94 14.33
N SER N 170 46.28 32.72 14.84
CA SER N 170 46.88 32.29 16.09
C SER N 170 47.49 30.91 16.03
N ARG N 171 47.10 30.06 15.08
CA ARG N 171 47.63 28.72 14.93
C ARG N 171 47.79 28.44 13.44
N HIS N 172 47.96 27.16 13.10
CA HIS N 172 48.11 26.78 11.71
C HIS N 172 46.86 27.13 10.90
N LEU N 173 47.07 27.74 9.74
CA LEU N 173 46.00 28.05 8.81
C LEU N 173 46.31 27.38 7.48
N ALA N 174 45.29 26.80 6.86
CA ALA N 174 45.48 26.02 5.64
C ALA N 174 44.52 26.47 4.56
N VAL N 175 45.02 26.47 3.31
CA VAL N 175 44.22 26.76 2.14
C VAL N 175 44.41 25.60 1.17
N LEU N 176 43.30 25.06 0.65
CA LEU N 176 43.34 23.87 -0.16
C LEU N 176 42.77 24.15 -1.54
N GLY N 177 42.92 23.18 -2.43
CA GLY N 177 42.47 23.33 -3.80
C GLY N 177 42.96 22.16 -4.63
N SER N 178 42.82 22.32 -5.95
CA SER N 178 43.20 21.29 -6.89
C SER N 178 44.03 21.89 -8.03
N THR N 179 44.89 21.07 -8.61
CA THR N 179 45.67 21.50 -9.76
C THR N 179 44.75 21.78 -10.94
N GLY N 180 45.11 22.76 -11.75
CA GLY N 180 44.26 23.15 -12.86
C GLY N 180 42.91 23.66 -12.43
N TYR N 181 42.78 24.16 -11.20
CA TYR N 181 41.52 24.62 -10.66
C TYR N 181 41.59 25.97 -9.97
N GLY N 182 42.76 26.56 -9.82
CA GLY N 182 42.85 27.89 -9.27
C GLY N 182 43.62 28.00 -7.98
N LYS N 183 44.43 26.98 -7.65
CA LYS N 183 45.24 27.05 -6.44
C LYS N 183 46.11 28.31 -6.45
N SER N 184 46.74 28.59 -7.59
CA SER N 184 47.44 29.86 -7.74
C SER N 184 46.47 31.03 -7.63
N ASN N 185 45.37 30.96 -8.39
CA ASN N 185 44.40 32.05 -8.41
C ASN N 185 43.74 32.24 -7.05
N PHE N 186 43.21 31.16 -6.46
CA PHE N 186 42.55 31.27 -5.17
C PHE N 186 43.52 31.67 -4.07
N ASN N 187 44.73 31.11 -4.10
CA ASN N 187 45.76 31.51 -3.15
C ASN N 187 46.00 33.01 -3.23
N ALA N 188 46.21 33.52 -4.44
CA ALA N 188 46.49 34.94 -4.61
C ALA N 188 45.33 35.80 -4.12
N LEU N 189 44.11 35.47 -4.53
CA LEU N 189 42.95 36.28 -4.14
C LEU N 189 42.74 36.27 -2.64
N LEU N 190 42.79 35.09 -2.01
CA LEU N 190 42.51 35.00 -0.59
C LEU N 190 43.60 35.67 0.23
N THR N 191 44.88 35.47 -0.14
CA THR N 191 45.94 36.11 0.63
C THR N 191 45.98 37.61 0.36
N ARG N 192 45.43 38.04 -0.79
CA ARG N 192 45.29 39.47 -1.03
C ARG N 192 44.24 40.08 -0.11
N LYS N 193 43.06 39.46 -0.03
CA LYS N 193 41.99 40.04 0.75
C LYS N 193 42.15 39.82 2.26
N VAL N 194 42.96 38.85 2.67
CA VAL N 194 43.14 38.57 4.09
C VAL N 194 44.33 39.29 4.71
N SER N 195 45.44 39.43 3.97
CA SER N 195 46.71 39.88 4.55
C SER N 195 47.07 41.30 4.10
N GLU N 196 46.09 42.20 4.01
CA GLU N 196 46.38 43.59 3.67
C GLU N 196 46.78 44.43 4.89
N LYS N 197 45.89 44.54 5.86
CA LYS N 197 46.08 45.52 6.93
C LYS N 197 47.23 45.14 7.85
N TYR N 198 47.44 43.85 8.08
CA TYR N 198 48.46 43.35 9.00
C TYR N 198 49.37 42.37 8.27
N PRO N 199 50.31 42.85 7.45
CA PRO N 199 51.23 41.95 6.77
C PRO N 199 52.29 41.34 7.67
N ASN N 200 52.26 41.62 8.98
CA ASN N 200 53.33 41.22 9.88
C ASN N 200 53.43 39.71 10.07
N SER N 201 52.44 38.94 9.62
CA SER N 201 52.52 37.50 9.69
C SER N 201 53.54 36.99 8.67
N ARG N 202 53.95 35.74 8.86
CA ARG N 202 55.03 35.14 8.07
C ARG N 202 54.47 34.12 7.10
N ILE N 203 54.89 34.23 5.83
CA ILE N 203 54.61 33.23 4.80
C ILE N 203 55.95 32.89 4.17
N VAL N 204 56.61 31.85 4.67
CA VAL N 204 57.86 31.39 4.09
C VAL N 204 57.55 30.69 2.77
N ILE N 205 58.05 31.25 1.67
CA ILE N 205 57.61 30.87 0.33
C ILE N 205 58.72 30.08 -0.35
N PHE N 206 58.38 28.87 -0.79
CA PHE N 206 59.13 28.12 -1.79
C PHE N 206 58.21 27.99 -3.00
N ASP N 207 58.23 29.01 -3.86
CA ASP N 207 57.31 29.11 -4.97
C ASP N 207 57.63 28.05 -6.02
N ILE N 208 56.60 27.37 -6.52
CA ILE N 208 56.79 26.37 -7.56
C ILE N 208 56.61 26.96 -8.96
N ASN N 209 55.74 27.96 -9.13
CA ASN N 209 55.49 28.55 -10.42
C ASN N 209 55.90 30.02 -10.55
N GLY N 210 56.20 30.69 -9.44
CA GLY N 210 56.53 32.11 -9.49
C GLY N 210 55.36 33.04 -9.71
N GLU N 211 54.14 32.53 -9.58
CA GLU N 211 52.92 33.30 -9.86
C GLU N 211 52.56 34.28 -8.75
N TYR N 212 53.28 34.27 -7.63
CA TYR N 212 52.97 35.14 -6.51
C TYR N 212 53.47 36.57 -6.70
N ALA N 213 54.15 36.85 -7.81
CA ALA N 213 54.66 38.20 -8.05
C ALA N 213 53.54 39.23 -8.03
N GLN N 214 52.33 38.83 -8.40
CA GLN N 214 51.18 39.74 -8.39
C GLN N 214 50.42 39.72 -7.07
N ALA N 215 50.82 38.86 -6.12
CA ALA N 215 50.05 38.73 -4.88
C ALA N 215 50.03 40.02 -4.08
N PHE N 216 50.99 40.91 -4.29
CA PHE N 216 51.08 42.16 -3.55
C PHE N 216 51.39 43.32 -4.49
N THR N 217 50.64 43.40 -5.60
CA THR N 217 50.76 44.51 -6.53
C THR N 217 50.02 45.69 -5.93
N GLY N 218 50.76 46.61 -5.33
CA GLY N 218 50.22 47.74 -4.64
C GLY N 218 50.33 47.69 -3.11
N ILE N 219 51.08 46.75 -2.56
CA ILE N 219 51.25 46.62 -1.12
C ILE N 219 52.74 46.66 -0.79
N PRO N 220 53.17 47.46 0.19
CA PRO N 220 54.60 47.62 0.45
C PRO N 220 55.23 46.43 1.17
N ASN N 221 56.56 46.51 1.36
CA ASN N 221 57.33 45.52 2.11
C ASN N 221 57.22 44.14 1.46
N VAL N 222 57.69 44.06 0.21
CA VAL N 222 57.69 42.82 -0.56
C VAL N 222 59.05 42.67 -1.24
N LYS N 223 59.55 41.43 -1.26
CA LYS N 223 60.82 41.12 -1.89
C LYS N 223 60.65 39.93 -2.83
N HIS N 224 61.28 40.02 -4.01
CA HIS N 224 61.26 38.94 -4.98
C HIS N 224 62.63 38.83 -5.61
N THR N 225 63.01 37.59 -5.95
CA THR N 225 64.33 37.32 -6.52
C THR N 225 64.27 36.02 -7.31
N ILE N 226 64.88 36.04 -8.49
CA ILE N 226 64.91 34.89 -9.39
C ILE N 226 66.20 34.11 -9.14
N LEU N 227 66.12 32.79 -9.30
CA LEU N 227 67.28 31.94 -9.09
C LEU N 227 68.32 32.15 -10.20
N GLY N 228 69.51 31.64 -9.95
CA GLY N 228 70.62 31.77 -10.88
C GLY N 228 71.44 33.02 -10.60
N GLU N 229 71.85 33.71 -11.66
CA GLU N 229 72.59 34.95 -11.54
C GLU N 229 72.07 35.94 -12.58
N SER N 230 72.18 37.22 -12.26
CA SER N 230 71.84 38.25 -13.24
C SER N 230 72.82 38.22 -14.40
N PRO N 231 72.37 38.50 -15.61
CA PRO N 231 73.30 38.52 -16.76
C PRO N 231 74.44 39.50 -16.58
N ASN N 232 74.19 40.64 -15.94
CA ASN N 232 75.23 41.59 -15.61
C ASN N 232 74.73 42.49 -14.50
N VAL N 233 75.66 42.96 -13.66
CA VAL N 233 75.30 43.86 -12.57
C VAL N 233 74.85 45.22 -13.10
N ASP N 234 75.16 45.53 -14.36
CA ASP N 234 74.76 46.80 -14.95
C ASP N 234 73.25 46.88 -15.16
N SER N 235 72.54 45.76 -15.10
CA SER N 235 71.09 45.76 -15.23
C SER N 235 70.46 46.54 -14.09
N LEU N 236 69.35 47.21 -14.40
CA LEU N 236 68.69 48.06 -13.41
C LEU N 236 68.23 47.24 -12.22
N GLU N 237 68.54 47.73 -11.02
CA GLU N 237 68.21 47.02 -9.79
C GLU N 237 68.37 47.94 -8.59
N LYS N 238 67.40 47.94 -7.69
CA LYS N 238 67.41 48.84 -6.55
C LYS N 238 66.73 48.17 -5.36
N LYS N 239 67.17 48.54 -4.16
CA LYS N 239 66.63 47.98 -2.94
C LYS N 239 65.40 48.76 -2.50
N GLN N 240 64.93 48.52 -1.28
CA GLN N 240 63.72 49.14 -0.76
C GLN N 240 63.98 49.64 0.66
N GLN N 241 63.26 50.69 1.02
CA GLN N 241 63.30 51.25 2.37
C GLN N 241 61.96 50.99 3.07
N LYS N 242 62.03 50.55 4.32
CA LYS N 242 60.84 50.16 5.04
C LYS N 242 59.94 51.36 5.32
N GLY N 243 58.63 51.12 5.25
CA GLY N 243 57.63 52.14 5.53
C GLY N 243 57.07 52.84 4.31
N GLU N 244 57.75 52.77 3.18
CA GLU N 244 57.31 53.42 1.96
C GLU N 244 56.62 52.44 1.03
N LEU N 245 55.89 52.97 0.05
CA LEU N 245 55.16 52.15 -0.90
C LEU N 245 56.12 51.36 -1.78
N TYR N 246 55.63 50.23 -2.29
CA TYR N 246 56.42 49.33 -3.12
C TYR N 246 55.77 49.15 -4.49
N SER N 247 56.61 48.98 -5.51
CA SER N 247 56.16 48.67 -6.85
C SER N 247 57.15 47.68 -7.46
N GLU N 248 57.01 47.41 -8.75
CA GLU N 248 57.91 46.47 -9.42
C GLU N 248 59.29 47.05 -9.69
N GLU N 249 59.59 48.23 -9.14
CA GLU N 249 60.90 48.85 -9.40
C GLU N 249 61.99 48.19 -8.56
N TYR N 250 61.66 47.76 -7.35
CA TYR N 250 62.66 47.38 -6.36
C TYR N 250 62.76 45.86 -6.23
N TYR N 251 63.99 45.36 -6.27
CA TYR N 251 64.30 43.95 -6.06
C TYR N 251 65.80 43.81 -5.83
N CYS N 252 66.20 42.68 -5.28
CA CYS N 252 67.61 42.41 -4.99
C CYS N 252 67.93 40.96 -5.34
N TYR N 253 69.21 40.72 -5.65
CA TYR N 253 69.71 39.40 -5.99
C TYR N 253 70.77 38.98 -4.99
N LYS N 254 70.92 37.67 -4.81
CA LYS N 254 71.91 37.12 -3.90
C LYS N 254 72.13 35.65 -4.24
N LYS N 255 73.28 35.13 -3.81
CA LYS N 255 73.61 33.72 -3.97
C LYS N 255 74.19 33.20 -2.66
N ILE N 256 73.93 31.93 -2.38
CA ILE N 256 74.30 31.30 -1.11
C ILE N 256 75.21 30.10 -1.40
N PRO N 257 76.24 29.86 -0.60
CA PRO N 257 77.11 28.69 -0.82
C PRO N 257 76.34 27.38 -0.70
N TYR N 258 76.98 26.32 -1.20
CA TYR N 258 76.37 25.00 -1.31
C TYR N 258 76.64 24.07 -0.14
N GLN N 259 77.36 24.54 0.89
CA GLN N 259 77.72 23.64 1.99
C GLN N 259 76.52 23.25 2.83
N ALA N 260 75.37 23.91 2.63
CA ALA N 260 74.18 23.57 3.41
C ALA N 260 73.66 22.17 3.12
N LEU N 261 74.12 21.55 2.03
CA LEU N 261 73.71 20.17 1.74
C LEU N 261 74.19 19.23 2.84
N GLY N 262 75.46 19.30 3.20
CA GLY N 262 75.98 18.55 4.33
C GLY N 262 76.10 17.05 4.07
N PHE N 263 76.38 16.35 5.17
CA PHE N 263 76.51 14.89 5.10
C PHE N 263 75.20 14.23 4.73
N ALA N 264 74.08 14.70 5.30
CA ALA N 264 72.79 14.10 5.02
C ALA N 264 72.30 14.41 3.61
N GLY N 265 72.79 15.48 2.99
CA GLY N 265 72.37 15.86 1.66
C GLY N 265 73.09 15.18 0.53
N LEU N 266 73.98 14.22 0.82
CA LEU N 266 74.74 13.52 -0.19
C LEU N 266 74.49 12.03 -0.23
N ILE N 267 73.95 11.43 0.84
CA ILE N 267 73.80 9.98 0.90
C ILE N 267 72.73 9.50 -0.07
N LYS N 268 71.61 10.21 -0.16
CA LYS N 268 70.49 9.76 -0.98
C LYS N 268 70.88 9.67 -2.46
N LEU N 269 71.64 10.65 -2.95
CA LEU N 269 72.01 10.69 -4.35
C LEU N 269 73.11 9.68 -4.70
N LEU N 270 73.80 9.13 -3.71
CA LEU N 270 74.87 8.16 -3.94
C LEU N 270 74.54 6.77 -3.41
N ARG N 271 74.12 6.67 -2.15
CA ARG N 271 73.75 5.41 -1.49
C ARG N 271 74.90 4.40 -1.53
N PRO N 272 76.01 4.65 -0.81
CA PRO N 272 77.11 3.67 -0.77
C PRO N 272 76.82 2.57 0.25
N SER N 273 76.43 1.40 -0.25
CA SER N 273 76.06 0.31 0.64
C SER N 273 76.51 -1.07 0.18
N ASP N 274 77.37 -1.18 -0.83
CA ASP N 274 77.61 -2.50 -1.42
C ASP N 274 78.63 -3.31 -0.62
N LYS N 275 79.90 -2.90 -0.63
CA LYS N 275 80.93 -3.66 0.08
C LYS N 275 81.71 -2.82 1.08
N THR N 276 82.35 -1.74 0.65
CA THR N 276 83.36 -1.09 1.47
C THR N 276 83.34 0.44 1.36
N GLN N 277 82.39 1.02 0.64
CA GLN N 277 82.41 2.47 0.44
C GLN N 277 82.02 3.24 1.71
N LEU N 278 81.37 2.58 2.67
CA LEU N 278 80.96 3.28 3.89
C LEU N 278 82.15 3.79 4.71
N PRO N 279 83.15 2.97 5.05
CA PRO N 279 84.28 3.51 5.83
C PRO N 279 85.12 4.53 5.06
N ALA N 280 85.02 4.57 3.73
CA ALA N 280 85.80 5.52 2.95
C ALA N 280 85.08 6.85 2.76
N LEU N 281 83.76 6.82 2.60
CA LEU N 281 83.00 8.06 2.41
C LEU N 281 83.08 8.95 3.64
N ARG N 282 83.03 8.35 4.84
CA ARG N 282 83.12 9.15 6.05
C ARG N 282 84.45 9.89 6.13
N ASN N 283 85.55 9.22 5.77
CA ASN N 283 86.85 9.87 5.77
C ASN N 283 86.94 10.93 4.69
N ALA N 284 86.38 10.64 3.50
CA ALA N 284 86.43 11.61 2.41
C ALA N 284 85.69 12.88 2.76
N LEU N 285 84.50 12.75 3.36
CA LEU N 285 83.73 13.94 3.72
C LEU N 285 84.26 14.62 4.97
N SER N 286 84.96 13.88 5.84
CA SER N 286 85.48 14.45 7.07
C SER N 286 86.87 15.07 6.92
N ALA N 287 87.51 14.91 5.77
CA ALA N 287 88.86 15.42 5.53
C ALA N 287 88.86 16.63 4.58
N ILE N 288 87.86 17.49 4.70
CA ILE N 288 87.78 18.66 3.82
C ILE N 288 88.93 19.63 4.07
N ASN N 289 89.49 19.62 5.28
CA ASN N 289 90.49 20.60 5.68
C ASN N 289 91.92 20.17 5.33
N ARG N 290 92.11 19.22 4.41
CA ARG N 290 93.45 18.82 3.99
C ARG N 290 93.51 18.59 2.49
N THR N 291 92.91 19.49 1.71
CA THR N 291 92.94 19.41 0.26
C THR N 291 93.13 20.79 -0.34
N HIS N 292 94.00 20.88 -1.35
CA HIS N 292 94.33 22.15 -1.99
C HIS N 292 94.17 22.04 -3.50
N PHE N 293 93.80 23.16 -4.11
CA PHE N 293 93.79 23.28 -5.57
C PHE N 293 93.75 24.77 -5.91
N LYS N 294 94.79 25.27 -6.58
CA LYS N 294 94.86 26.68 -6.93
C LYS N 294 94.80 26.91 -8.44
N SER N 295 95.73 26.35 -9.20
CA SER N 295 95.75 26.57 -10.65
C SER N 295 95.60 25.28 -11.45
N ARG N 296 96.54 24.34 -11.31
CA ARG N 296 96.49 23.12 -12.11
C ARG N 296 96.88 21.86 -11.34
N ASN N 297 97.31 21.95 -10.09
CA ASN N 297 97.85 20.80 -9.38
C ASN N 297 97.39 20.80 -7.94
N ILE N 298 97.38 19.61 -7.34
CA ILE N 298 97.12 19.45 -5.92
C ILE N 298 98.45 19.55 -5.18
N TYR N 299 98.48 20.36 -4.12
CA TYR N 299 99.71 20.62 -3.39
C TYR N 299 99.47 20.58 -1.89
N LEU N 300 100.54 20.30 -1.15
CA LEU N 300 100.54 20.32 0.30
C LEU N 300 101.78 21.06 0.79
N GLU N 301 101.80 21.37 2.07
CA GLU N 301 102.93 22.06 2.69
C GLU N 301 103.34 21.36 3.97
N LYS N 302 104.65 21.34 4.22
CA LYS N 302 105.22 20.71 5.40
C LYS N 302 106.32 21.62 5.93
N ASP N 303 107.15 21.08 6.82
CA ASP N 303 108.27 21.85 7.36
C ASP N 303 109.27 22.26 6.27
N ASP N 304 109.32 21.52 5.17
CA ASP N 304 110.23 21.83 4.07
C ASP N 304 109.53 22.40 2.84
N GLY N 305 108.20 22.33 2.77
CA GLY N 305 107.46 22.86 1.65
C GLY N 305 107.14 21.87 0.56
N GLU N 306 107.38 20.58 0.77
CA GLU N 306 107.09 19.58 -0.24
C GLU N 306 105.60 19.44 -0.46
N THR N 307 105.22 19.25 -1.72
CA THR N 307 103.83 19.06 -2.12
C THR N 307 103.61 17.60 -2.51
N PHE N 308 102.39 17.30 -2.97
CA PHE N 308 102.06 15.97 -3.45
C PHE N 308 100.87 16.08 -4.41
N LEU N 309 101.04 15.55 -5.61
CA LEU N 309 100.04 15.69 -6.67
C LEU N 309 99.11 14.48 -6.68
N LEU N 310 97.84 14.75 -6.99
CA LEU N 310 96.84 13.70 -7.18
C LEU N 310 96.56 13.54 -8.67
N TYR N 311 96.22 12.32 -9.06
CA TYR N 311 96.01 11.97 -10.47
C TYR N 311 94.63 11.35 -10.63
N ASP N 312 93.81 11.96 -11.49
CA ASP N 312 92.49 11.40 -11.79
C ASP N 312 92.59 10.20 -12.71
N ASP N 313 93.56 10.20 -13.63
CA ASP N 313 93.77 9.11 -14.56
C ASP N 313 94.76 8.10 -13.96
N CYS N 314 95.18 7.13 -14.77
CA CYS N 314 96.17 6.14 -14.36
C CYS N 314 97.60 6.56 -14.71
N ARG N 315 98.02 7.74 -14.28
CA ARG N 315 99.41 8.14 -14.47
C ARG N 315 100.33 7.27 -13.62
N ASP N 316 101.48 6.93 -14.18
CA ASP N 316 102.46 6.11 -13.50
C ASP N 316 103.54 6.92 -12.81
N THR N 317 103.45 8.25 -12.84
CA THR N 317 104.48 9.09 -12.26
C THR N 317 104.26 9.26 -10.76
N ASN N 318 105.29 8.96 -9.98
CA ASN N 318 105.31 9.17 -8.53
C ASN N 318 104.15 8.41 -7.86
N GLN N 319 104.20 7.08 -7.99
CA GLN N 319 103.21 6.20 -7.38
C GLN N 319 103.85 5.15 -6.48
N SER N 320 105.06 5.42 -5.99
CA SER N 320 105.79 4.47 -5.16
C SER N 320 105.72 4.78 -3.68
N LYS N 321 106.06 6.01 -3.28
CA LYS N 321 106.07 6.40 -1.88
C LYS N 321 104.73 6.99 -1.43
N LEU N 322 103.66 6.25 -1.70
CA LEU N 322 102.32 6.66 -1.29
C LEU N 322 101.94 6.13 0.09
N ALA N 323 102.40 4.91 0.41
CA ALA N 323 102.01 4.29 1.68
C ALA N 323 102.54 5.07 2.86
N GLU N 324 103.78 5.55 2.80
CA GLU N 324 104.34 6.32 3.90
C GLU N 324 103.59 7.63 4.10
N TRP N 325 103.25 8.32 2.99
CA TRP N 325 102.52 9.57 3.09
C TRP N 325 101.13 9.35 3.69
N LEU N 326 100.46 8.27 3.29
CA LEU N 326 99.14 8.00 3.83
C LEU N 326 99.21 7.58 5.29
N ASP N 327 100.25 6.85 5.67
CA ASP N 327 100.42 6.45 7.07
C ASP N 327 100.70 7.66 7.96
N LEU N 328 101.54 8.59 7.49
CA LEU N 328 101.79 9.81 8.24
C LEU N 328 100.53 10.66 8.34
N LEU N 329 99.73 10.67 7.28
CA LEU N 329 98.51 11.47 7.27
C LEU N 329 97.45 10.91 8.21
N ARG N 330 97.50 9.60 8.50
CA ARG N 330 96.44 8.97 9.27
C ARG N 330 96.44 9.43 10.72
N ARG N 331 97.60 9.86 11.23
CA ARG N 331 97.70 10.24 12.64
C ARG N 331 97.23 11.67 12.91
N ARG N 332 96.73 12.38 11.90
CA ARG N 332 96.16 13.72 11.99
C ARG N 332 96.96 14.66 12.90
N ARG N 333 98.28 14.54 12.88
CA ARG N 333 99.15 15.43 13.65
C ARG N 333 99.83 16.49 12.77
N LEU N 334 99.42 16.60 11.51
CA LEU N 334 100.03 17.55 10.59
C LEU N 334 99.32 18.90 10.69
N LYS N 335 99.71 19.84 9.85
CA LYS N 335 99.16 21.19 9.85
C LYS N 335 97.90 21.25 9.00
N ARG N 336 97.07 22.25 9.29
CA ARG N 336 95.81 22.47 8.59
C ARG N 336 96.01 23.45 7.45
N THR N 337 94.92 23.74 6.74
CA THR N 337 94.94 24.63 5.59
C THR N 337 93.80 25.64 5.70
N ASN N 338 93.70 26.51 4.69
CA ASN N 338 92.68 27.55 4.64
C ASN N 338 92.06 27.67 3.25
N VAL N 339 91.95 26.56 2.52
CA VAL N 339 91.46 26.58 1.15
C VAL N 339 90.31 25.59 1.01
N TRP N 340 89.26 26.00 0.31
CA TRP N 340 88.12 25.12 0.03
C TRP N 340 88.43 24.25 -1.18
N PRO N 341 88.33 22.93 -1.06
CA PRO N 341 88.64 22.05 -2.18
C PRO N 341 87.53 22.04 -3.21
N PRO N 342 87.80 21.58 -4.43
CA PRO N 342 86.74 21.46 -5.43
C PRO N 342 85.79 20.31 -5.11
N PHE N 343 84.61 20.38 -5.74
CA PHE N 343 83.57 19.37 -5.50
C PHE N 343 84.01 18.00 -5.99
N LYS N 344 84.68 17.94 -7.14
CA LYS N 344 85.01 16.67 -7.78
C LYS N 344 86.08 15.88 -7.04
N SER N 345 86.75 16.48 -6.04
CA SER N 345 87.84 15.81 -5.35
C SER N 345 87.38 14.78 -4.33
N LEU N 346 86.08 14.55 -4.20
CA LEU N 346 85.59 13.58 -3.22
C LEU N 346 86.03 12.17 -3.55
N ALA N 347 85.97 11.78 -4.83
CA ALA N 347 86.11 10.38 -5.20
C ALA N 347 87.55 9.89 -5.12
N THR N 348 88.52 10.79 -5.29
CA THR N 348 89.91 10.35 -5.36
C THR N 348 90.39 9.82 -4.01
N LEU N 349 89.95 10.44 -2.90
CA LEU N 349 90.32 9.93 -1.58
C LEU N 349 89.69 8.56 -1.33
N VAL N 350 88.44 8.38 -1.77
CA VAL N 350 87.80 7.07 -1.61
C VAL N 350 88.54 6.01 -2.42
N ALA N 351 88.93 6.35 -3.65
CA ALA N 351 89.69 5.39 -4.46
C ALA N 351 91.03 5.06 -3.82
N GLU N 352 91.72 6.08 -3.29
CA GLU N 352 93.00 5.83 -2.61
C GLU N 352 92.81 4.93 -1.40
N PHE N 353 91.77 5.17 -0.61
CA PHE N 353 91.49 4.31 0.54
C PHE N 353 91.17 2.89 0.11
N GLY N 354 90.48 2.74 -1.02
CA GLY N 354 90.13 1.41 -1.52
C GLY N 354 91.23 0.69 -2.24
N CYS N 355 92.32 1.37 -2.62
CA CYS N 355 93.41 0.73 -3.34
C CYS N 355 94.70 0.62 -2.56
N VAL N 356 94.97 1.53 -1.62
CA VAL N 356 96.25 1.53 -0.93
C VAL N 356 96.35 0.30 -0.03
N ALA N 357 97.49 -0.38 -0.11
CA ALA N 357 97.76 -1.59 0.65
C ALA N 357 99.22 -1.96 0.43
N ALA N 358 99.61 -3.10 0.98
CA ALA N 358 100.91 -3.70 0.71
C ALA N 358 100.73 -4.83 -0.30
N ASP N 359 101.49 -4.77 -1.39
CA ASP N 359 101.33 -5.75 -2.46
C ASP N 359 101.71 -7.14 -1.98
N ARG N 360 101.15 -8.16 -2.63
CA ARG N 360 101.39 -9.53 -2.23
C ARG N 360 102.87 -9.89 -2.34
N SER N 361 103.54 -9.44 -3.40
CA SER N 361 104.95 -9.73 -3.60
C SER N 361 105.85 -8.68 -2.96
N ASN N 362 105.56 -8.34 -1.70
CA ASN N 362 106.36 -7.43 -0.88
C ASN N 362 106.65 -6.13 -1.63
N GLY N 363 105.59 -5.40 -1.91
CA GLY N 363 105.72 -4.12 -2.58
C GLY N 363 104.49 -3.26 -2.42
N SER N 364 104.28 -2.36 -3.37
CA SER N 364 103.11 -1.50 -3.39
C SER N 364 102.85 -1.05 -4.83
N LYS N 365 101.59 -1.12 -5.23
CA LYS N 365 101.18 -0.73 -6.58
C LYS N 365 99.70 -0.43 -6.59
N ARG N 366 99.29 0.47 -7.48
CA ARG N 366 97.88 0.83 -7.64
C ARG N 366 97.18 -0.32 -8.39
N ASP N 367 96.80 -1.34 -7.63
CA ASP N 367 96.16 -2.50 -8.21
C ASP N 367 94.78 -2.15 -8.77
N ALA N 368 94.37 -2.89 -9.79
CA ALA N 368 93.07 -2.65 -10.42
C ALA N 368 91.91 -2.97 -9.48
N PHE N 369 92.15 -3.75 -8.43
CA PHE N 369 91.09 -4.12 -7.50
C PHE N 369 90.59 -2.94 -6.67
N GLY N 370 91.37 -1.85 -6.60
CA GLY N 370 90.96 -0.70 -5.81
C GLY N 370 90.21 0.34 -6.62
N PHE N 371 90.62 0.54 -7.88
CA PHE N 371 89.95 1.52 -8.72
C PHE N 371 88.58 1.04 -9.17
N SER N 372 88.39 -0.28 -9.31
CA SER N 372 87.14 -0.81 -9.81
C SER N 372 86.02 -0.77 -8.77
N ASN N 373 86.36 -0.59 -7.49
CA ASN N 373 85.32 -0.54 -6.46
C ASN N 373 84.43 0.68 -6.63
N VAL N 374 85.01 1.84 -6.95
CA VAL N 374 84.29 3.08 -7.09
C VAL N 374 84.11 3.48 -8.55
N LEU N 375 84.53 2.65 -9.49
CA LEU N 375 84.42 3.00 -10.90
C LEU N 375 82.99 3.28 -11.36
N PRO N 376 81.97 2.48 -11.01
CA PRO N 376 80.60 2.86 -11.41
C PRO N 376 80.16 4.20 -10.85
N LEU N 377 80.59 4.54 -9.63
CA LEU N 377 80.21 5.83 -9.06
C LEU N 377 80.91 6.99 -9.76
N VAL N 378 82.23 6.87 -9.97
CA VAL N 378 82.95 7.94 -10.64
C VAL N 378 82.52 8.06 -12.10
N LYS N 379 81.93 7.01 -12.67
CA LYS N 379 81.36 7.11 -14.01
C LYS N 379 80.31 8.20 -14.08
N ILE N 380 79.33 8.16 -13.18
CA ILE N 380 78.27 9.16 -13.20
C ILE N 380 78.76 10.47 -12.58
N ILE N 381 79.79 10.40 -11.73
CA ILE N 381 80.37 11.63 -11.20
C ILE N 381 81.01 12.45 -12.31
N GLN N 382 81.77 11.79 -13.18
CA GLN N 382 82.43 12.49 -14.28
C GLN N 382 81.46 12.81 -15.40
N GLN N 383 80.47 11.94 -15.63
CA GLN N 383 79.47 12.23 -16.65
C GLN N 383 78.64 13.45 -16.29
N LEU N 384 78.31 13.61 -15.01
CA LEU N 384 77.56 14.79 -14.57
C LEU N 384 78.39 16.06 -14.66
N ALA N 385 79.72 15.96 -14.62
CA ALA N 385 80.59 17.13 -14.64
C ALA N 385 80.64 17.79 -16.01
N GLU N 386 80.11 17.17 -17.05
CA GLU N 386 80.11 17.71 -18.40
C GLU N 386 78.69 17.97 -18.89
N ASP N 387 77.86 18.55 -18.02
CA ASP N 387 76.47 18.84 -18.34
C ASP N 387 76.27 20.35 -18.43
N ILE N 388 75.40 20.76 -19.36
CA ILE N 388 75.14 22.18 -19.55
C ILE N 388 74.37 22.77 -18.38
N ARG N 389 73.38 22.03 -17.88
CA ARG N 389 72.61 22.48 -16.72
C ARG N 389 73.39 22.36 -15.41
N PHE N 390 74.61 21.82 -15.45
CA PHE N 390 75.33 21.51 -14.23
C PHE N 390 75.72 22.78 -13.47
N LYS N 391 76.02 23.86 -14.19
CA LYS N 391 76.47 25.10 -13.57
C LYS N 391 75.42 26.21 -13.65
N SER N 392 74.14 25.85 -13.71
CA SER N 392 73.06 26.84 -13.75
C SER N 392 72.52 27.15 -12.36
N ILE N 393 73.02 26.51 -11.32
CA ILE N 393 72.51 26.72 -9.97
C ILE N 393 73.64 27.15 -9.03
N VAL N 394 74.69 26.34 -8.95
CA VAL N 394 75.76 26.53 -7.98
C VAL N 394 77.10 26.60 -8.69
N ASN N 395 77.94 27.52 -8.23
CA ASN N 395 79.34 27.59 -8.64
C ASN N 395 80.16 26.66 -7.76
N LEU N 396 81.06 25.90 -8.37
CA LEU N 396 81.84 24.88 -7.69
C LEU N 396 83.33 25.18 -7.72
N ASN N 397 83.70 26.43 -7.47
CA ASN N 397 85.10 26.83 -7.40
C ASN N 397 85.57 27.09 -5.97
N GLY N 398 84.75 27.72 -5.14
CA GLY N 398 85.15 28.00 -3.77
C GLY N 398 86.32 28.96 -3.73
N GLY N 399 87.20 28.75 -2.75
CA GLY N 399 88.39 29.58 -2.61
C GLY N 399 88.10 31.03 -2.33
N GLY N 400 87.13 31.32 -1.48
CA GLY N 400 86.78 32.67 -1.10
C GLY N 400 87.39 33.08 0.22
N GLU N 401 86.80 34.11 0.82
CA GLU N 401 87.25 34.58 2.13
C GLU N 401 86.59 33.75 3.22
N LEU N 402 87.42 33.23 4.13
CA LEU N 402 86.94 32.40 5.25
C LEU N 402 87.77 32.77 6.48
N ALA N 403 87.19 33.63 7.33
CA ALA N 403 87.86 34.04 8.54
C ALA N 403 87.97 32.87 9.52
N ASP N 404 89.06 32.87 10.29
CA ASP N 404 89.30 31.81 11.25
C ASP N 404 88.31 31.92 12.41
N GLY N 405 88.15 30.81 13.13
CA GLY N 405 87.23 30.74 14.23
C GLY N 405 86.51 29.40 14.31
N GLY N 406 86.70 28.56 13.29
CA GLY N 406 86.07 27.26 13.26
C GLY N 406 84.59 27.27 12.95
N THR N 407 84.09 28.36 12.37
CA THR N 407 82.67 28.49 12.05
C THR N 407 82.38 28.20 10.58
N HIS N 408 83.11 27.25 9.98
CA HIS N 408 82.83 26.86 8.60
C HIS N 408 81.42 26.29 8.48
N TRP N 409 81.02 25.48 9.46
CA TRP N 409 79.67 24.92 9.53
C TRP N 409 78.77 25.67 10.51
N ASP N 410 79.35 26.25 11.56
CA ASP N 410 78.55 26.91 12.57
C ASP N 410 77.89 28.18 12.03
N LYS N 411 78.68 29.04 11.39
CA LYS N 411 78.14 30.31 10.90
C LYS N 411 77.23 30.08 9.70
N ALA N 412 77.69 29.27 8.73
CA ALA N 412 76.91 29.00 7.52
C ALA N 412 75.66 28.19 7.80
N MET N 413 75.51 27.65 9.01
CA MET N 413 74.25 27.11 9.47
C MET N 413 73.42 28.19 10.16
N SER N 414 73.98 28.77 11.24
CA SER N 414 73.19 29.62 12.13
C SER N 414 72.68 30.86 11.40
N ASP N 415 73.58 31.61 10.75
CA ASP N 415 73.16 32.88 10.16
C ASP N 415 72.21 32.66 8.99
N GLU N 416 72.53 31.72 8.11
CA GLU N 416 71.67 31.45 6.97
C GLU N 416 70.30 30.96 7.42
N VAL N 417 70.27 30.01 8.36
CA VAL N 417 69.00 29.44 8.82
C VAL N 417 68.17 30.51 9.52
N ASP N 418 68.81 31.40 10.27
CA ASP N 418 68.09 32.52 10.88
C ASP N 418 67.52 33.43 9.81
N TYR N 419 68.23 33.60 8.69
CA TYR N 419 67.72 34.45 7.63
C TYR N 419 66.55 33.81 6.90
N PHE N 420 66.56 32.49 6.72
CA PHE N 420 65.47 31.83 6.01
C PHE N 420 64.14 32.03 6.71
N PHE N 421 64.12 31.92 8.04
CA PHE N 421 62.88 31.86 8.80
C PHE N 421 62.85 32.95 9.86
N GLY N 422 63.17 34.17 9.46
CA GLY N 422 62.98 35.32 10.32
C GLY N 422 64.05 35.52 11.37
N LYS N 423 64.45 36.76 11.58
CA LYS N 423 65.47 37.11 12.56
C LYS N 423 64.84 37.30 13.94
N GLU N 424 65.70 37.42 14.95
CA GLU N 424 65.24 37.52 16.32
C GLU N 424 64.82 38.95 16.66
N LYS N 425 64.58 39.19 17.94
CA LYS N 425 64.08 40.49 18.39
C LYS N 425 65.13 41.58 18.23
N GLY N 426 64.67 42.80 17.96
CA GLY N 426 65.53 43.95 17.89
C GLY N 426 66.08 44.27 16.51
N GLN N 427 65.88 43.40 15.53
CA GLN N 427 66.39 43.60 14.18
C GLN N 427 65.23 43.95 13.25
N GLU N 428 65.37 45.05 12.53
CA GLU N 428 64.34 45.46 11.58
C GLU N 428 64.28 44.47 10.41
N ASN N 429 63.06 44.15 9.99
CA ASN N 429 62.82 43.21 8.91
C ASN N 429 62.33 43.99 7.70
N ASP N 430 63.16 44.08 6.67
CA ASP N 430 62.83 44.86 5.48
C ASP N 430 61.81 44.17 4.58
N TRP N 431 61.50 42.90 4.83
CA TRP N 431 60.54 42.17 4.02
C TRP N 431 59.56 41.42 4.92
N ASN N 432 58.35 41.24 4.41
CA ASN N 432 57.33 40.44 5.08
C ASN N 432 56.92 39.25 4.24
N VAL N 433 56.82 39.43 2.92
CA VAL N 433 56.45 38.38 1.98
C VAL N 433 57.56 38.30 0.94
N HIS N 434 58.46 37.33 1.11
CA HIS N 434 59.61 37.15 0.23
C HIS N 434 59.30 36.01 -0.72
N ILE N 435 59.30 36.31 -2.02
CA ILE N 435 58.93 35.35 -3.06
C ILE N 435 60.18 34.95 -3.82
N VAL N 436 60.39 33.65 -3.96
CA VAL N 436 61.60 33.09 -4.56
C VAL N 436 61.19 32.33 -5.81
N ASN N 437 61.77 32.70 -6.96
CA ASN N 437 61.42 32.11 -8.24
C ASN N 437 62.20 30.80 -8.42
N MET N 438 61.70 29.75 -7.76
CA MET N 438 62.37 28.46 -7.71
C MET N 438 62.11 27.60 -8.95
N LYS N 439 61.68 28.20 -10.06
CA LYS N 439 61.38 27.43 -11.25
C LYS N 439 62.63 26.91 -11.95
N ASN N 440 63.82 27.36 -11.54
CA ASN N 440 65.07 26.94 -12.16
C ASN N 440 65.60 25.63 -11.62
N LEU N 441 65.05 25.12 -10.51
CA LEU N 441 65.52 23.89 -9.89
C LEU N 441 64.48 22.80 -10.12
N ALA N 442 64.90 21.73 -10.79
CA ALA N 442 63.97 20.66 -11.16
C ALA N 442 63.53 19.89 -9.92
N GLN N 443 62.39 19.20 -10.05
CA GLN N 443 61.82 18.44 -8.95
C GLN N 443 62.60 17.16 -8.63
N ASP N 444 63.75 16.95 -9.27
CA ASP N 444 64.55 15.76 -9.00
C ASP N 444 65.39 15.88 -7.73
N HIS N 445 65.51 17.08 -7.17
CA HIS N 445 66.30 17.28 -5.96
C HIS N 445 65.61 18.13 -4.90
N ALA N 446 64.42 18.68 -5.18
CA ALA N 446 63.72 19.48 -4.20
C ALA N 446 63.42 18.75 -2.89
N PRO N 447 62.97 17.48 -2.89
CA PRO N 447 62.74 16.80 -1.60
C PRO N 447 63.97 16.76 -0.71
N MET N 448 65.15 16.56 -1.29
CA MET N 448 66.38 16.52 -0.49
C MET N 448 66.61 17.86 0.19
N LEU N 449 66.46 18.95 -0.56
CA LEU N 449 66.64 20.29 0.02
C LEU N 449 65.61 20.56 1.11
N LEU N 450 64.35 20.19 0.86
CA LEU N 450 63.31 20.40 1.86
C LEU N 450 63.62 19.66 3.15
N SER N 451 64.00 18.38 3.03
CA SER N 451 64.31 17.58 4.21
C SER N 451 65.53 18.12 4.95
N ALA N 452 66.57 18.52 4.21
CA ALA N 452 67.76 19.07 4.85
C ALA N 452 67.44 20.36 5.59
N LEU N 453 66.64 21.24 4.98
CA LEU N 453 66.29 22.49 5.63
C LEU N 453 65.43 22.24 6.88
N LEU N 454 64.47 21.31 6.79
CA LEU N 454 63.66 20.98 7.96
C LEU N 454 64.53 20.46 9.11
N GLU N 455 65.43 19.51 8.80
CA GLU N 455 66.29 18.95 9.83
C GLU N 455 67.21 20.01 10.42
N MET N 456 67.72 20.90 9.57
CA MET N 456 68.59 21.96 10.06
C MET N 456 67.85 22.88 11.01
N PHE N 457 66.70 23.41 10.58
CA PHE N 457 66.02 24.45 11.35
C PHE N 457 65.31 23.91 12.57
N ALA N 458 64.97 22.61 12.59
CA ALA N 458 64.39 22.01 13.79
C ALA N 458 65.37 22.05 14.96
N GLU N 459 66.65 21.77 14.69
CA GLU N 459 67.64 21.74 15.76
C GLU N 459 67.83 23.12 16.39
N ILE N 460 67.96 24.17 15.56
CA ILE N 460 68.13 25.51 16.11
C ILE N 460 66.85 25.96 16.81
N LEU N 461 65.68 25.61 16.29
CA LEU N 461 64.45 25.97 16.98
C LEU N 461 64.37 25.35 18.37
N PHE N 462 64.83 24.11 18.50
CA PHE N 462 64.80 23.44 19.80
C PHE N 462 65.67 24.16 20.82
N ARG N 463 66.83 24.65 20.39
CA ARG N 463 67.75 25.35 21.27
C ARG N 463 67.57 26.86 21.25
N ARG N 464 66.60 27.37 20.48
CA ARG N 464 66.35 28.81 20.45
C ARG N 464 65.52 29.29 21.63
N GLY N 465 65.01 28.39 22.44
CA GLY N 465 64.25 28.77 23.62
C GLY N 465 62.76 28.75 23.38
N GLN N 466 62.01 28.46 24.44
CA GLN N 466 60.55 28.43 24.35
C GLN N 466 59.97 29.84 24.26
N GLU N 467 60.61 30.82 24.88
CA GLU N 467 60.13 32.20 24.88
C GLU N 467 60.35 32.90 23.54
N ARG N 468 61.39 32.53 22.80
CA ARG N 468 61.74 33.21 21.56
C ARG N 468 61.07 32.60 20.33
N SER N 469 60.16 31.64 20.52
CA SER N 469 59.47 31.02 19.39
C SER N 469 58.44 32.01 18.84
N TYR N 470 58.85 32.78 17.84
CA TYR N 470 57.99 33.77 17.22
C TYR N 470 56.99 33.09 16.28
N PRO N 471 55.86 33.73 16.00
CA PRO N 471 54.89 33.13 15.07
C PRO N 471 55.50 32.91 13.70
N THR N 472 55.43 31.66 13.24
CA THR N 472 56.04 31.27 11.97
C THR N 472 55.10 30.33 11.24
N VAL N 473 55.00 30.54 9.92
CA VAL N 473 54.20 29.70 9.05
C VAL N 473 55.03 29.34 7.83
N LEU N 474 54.93 28.08 7.41
CA LEU N 474 55.67 27.57 6.25
C LEU N 474 54.70 27.29 5.11
N LEU N 475 55.16 27.53 3.89
CA LEU N 475 54.38 27.26 2.67
C LEU N 475 55.22 26.36 1.78
N LEU N 476 54.80 25.09 1.67
CA LEU N 476 55.50 24.09 0.86
C LEU N 476 54.45 23.39 -0.01
N GLU N 477 54.38 23.77 -1.28
CA GLU N 477 53.38 23.24 -2.18
C GLU N 477 53.67 21.79 -2.55
N GLU N 478 52.60 21.06 -2.88
CA GLU N 478 52.67 19.68 -3.34
C GLU N 478 53.43 18.79 -2.35
N ALA N 479 52.80 18.63 -1.17
CA ALA N 479 53.36 17.76 -0.15
C ALA N 479 53.41 16.30 -0.57
N HIS N 480 52.65 15.89 -1.59
CA HIS N 480 52.56 14.49 -1.97
C HIS N 480 53.83 13.97 -2.65
N HIS N 481 54.79 14.83 -2.98
CA HIS N 481 55.98 14.40 -3.70
C HIS N 481 57.15 14.08 -2.77
N TYR N 482 57.16 14.62 -1.55
CA TYR N 482 58.32 14.50 -0.68
C TYR N 482 57.99 14.08 0.76
N LEU N 483 56.75 13.72 1.04
CA LEU N 483 56.33 13.43 2.42
C LEU N 483 56.43 11.94 2.75
N ARG N 484 57.37 11.23 2.13
CA ARG N 484 57.63 9.83 2.47
C ARG N 484 59.00 9.40 1.98
N LYS N 495 61.47 10.66 8.73
CA LYS N 495 61.59 10.50 10.17
C LYS N 495 62.59 11.51 10.75
N ALA N 496 63.88 11.17 10.68
CA ALA N 496 64.92 12.05 11.19
C ALA N 496 65.21 13.22 10.26
N TYR N 497 64.81 13.14 9.00
CA TYR N 497 65.07 14.20 8.04
C TYR N 497 63.89 15.16 7.86
N GLU N 498 62.81 14.97 8.62
CA GLU N 498 61.65 15.86 8.57
C GLU N 498 61.18 16.18 9.97
N ARG N 499 62.12 16.48 10.88
CA ARG N 499 61.77 16.74 12.26
C ARG N 499 60.91 18.00 12.40
N LEU N 500 61.26 19.04 11.64
CA LEU N 500 60.49 20.29 11.72
C LEU N 500 59.07 20.10 11.19
N ALA N 501 58.93 19.46 10.03
CA ALA N 501 57.61 19.31 9.42
C ALA N 501 56.67 18.50 10.30
N LYS N 502 57.15 17.38 10.83
CA LYS N 502 56.31 16.56 11.70
C LYS N 502 56.04 17.26 13.03
N GLU N 503 57.09 17.76 13.67
CA GLU N 503 56.95 18.45 14.96
C GLU N 503 56.84 19.96 14.78
N GLY N 504 55.93 20.40 13.91
CA GLY N 504 55.74 21.83 13.73
C GLY N 504 55.17 22.51 14.95
N ARG N 505 54.19 21.89 15.59
CA ARG N 505 53.55 22.50 16.76
C ARG N 505 54.52 22.59 17.94
N LYS N 506 55.39 21.59 18.08
CA LYS N 506 56.38 21.61 19.17
C LYS N 506 57.27 22.83 19.08
N PHE N 507 57.62 23.25 17.87
CA PHE N 507 58.49 24.40 17.65
C PHE N 507 57.73 25.64 17.19
N LYS N 508 56.40 25.62 17.27
CA LYS N 508 55.56 26.75 16.87
C LYS N 508 55.85 27.19 15.45
N CYS N 509 55.97 26.21 14.54
CA CYS N 509 56.25 26.45 13.14
C CYS N 509 55.12 25.84 12.32
N SER N 510 54.28 26.68 11.73
CA SER N 510 53.08 26.24 11.07
C SER N 510 53.39 25.63 9.69
N LEU N 511 52.35 25.09 9.04
CA LEU N 511 52.48 24.44 7.75
C LEU N 511 51.33 24.84 6.85
N ILE N 512 51.64 25.10 5.57
CA ILE N 512 50.62 25.32 4.55
C ILE N 512 50.95 24.45 3.35
N VAL N 513 50.20 23.38 3.15
CA VAL N 513 50.40 22.46 2.03
C VAL N 513 49.22 22.62 1.07
N SER N 514 49.53 23.00 -0.16
CA SER N 514 48.53 23.13 -1.22
C SER N 514 48.80 22.02 -2.24
N THR N 515 48.24 20.85 -1.97
CA THR N 515 48.52 19.66 -2.78
C THR N 515 47.54 19.53 -3.92
N GLN N 516 47.81 18.59 -4.82
CA GLN N 516 46.90 18.23 -5.90
C GLN N 516 46.21 16.90 -5.68
N ARG N 517 46.89 15.93 -5.05
CA ARG N 517 46.35 14.59 -4.82
C ARG N 517 46.56 14.21 -3.37
N PRO N 518 45.68 14.65 -2.47
CA PRO N 518 45.74 14.16 -1.08
C PRO N 518 45.47 12.68 -0.95
N SER N 519 44.98 12.02 -2.01
CA SER N 519 44.77 10.59 -1.96
C SER N 519 46.06 9.81 -1.74
N GLU N 520 47.21 10.45 -1.93
CA GLU N 520 48.51 9.84 -1.73
C GLU N 520 49.29 10.60 -0.67
N LEU N 521 48.62 10.90 0.44
CA LEU N 521 49.19 11.58 1.59
C LEU N 521 48.89 10.80 2.87
N SER N 522 49.82 10.87 3.83
CA SER N 522 49.58 10.29 5.14
C SER N 522 48.60 11.13 5.93
N PRO N 523 47.48 10.57 6.38
CA PRO N 523 46.51 11.38 7.13
C PRO N 523 47.06 11.96 8.42
N THR N 524 47.99 11.26 9.09
CA THR N 524 48.49 11.73 10.37
C THR N 524 49.21 13.06 10.24
N VAL N 525 50.09 13.18 9.25
CA VAL N 525 50.77 14.46 9.00
C VAL N 525 49.79 15.49 8.45
N LEU N 526 48.78 15.03 7.72
CA LEU N 526 47.89 15.95 7.01
C LEU N 526 46.88 16.61 7.94
N ALA N 527 46.61 16.02 9.11
CA ALA N 527 45.51 16.42 9.96
C ALA N 527 45.97 17.12 11.24
N MET N 528 47.00 17.97 11.15
CA MET N 528 47.51 18.63 12.33
C MET N 528 47.54 20.15 12.20
N CYS N 529 46.44 20.73 11.73
CA CYS N 529 46.27 22.18 11.63
C CYS N 529 45.07 22.60 12.49
N SER N 530 44.79 23.91 12.50
CA SER N 530 43.72 24.45 13.32
C SER N 530 42.41 24.60 12.55
N ASN N 531 42.40 25.41 11.51
CA ASN N 531 41.20 25.63 10.71
C ASN N 531 41.60 25.67 9.24
N TRP N 532 40.65 25.28 8.38
CA TRP N 532 40.93 25.01 6.98
C TRP N 532 40.06 25.85 6.06
N PHE N 533 40.49 25.94 4.80
CA PHE N 533 39.70 26.49 3.71
C PHE N 533 39.80 25.52 2.54
N SER N 534 38.77 25.51 1.69
CA SER N 534 38.74 24.53 0.60
C SER N 534 37.76 24.97 -0.47
N LEU N 535 38.25 25.12 -1.70
CA LEU N 535 37.41 25.20 -2.88
C LEU N 535 37.24 23.80 -3.49
N ARG N 536 36.80 23.77 -4.75
CA ARG N 536 36.56 22.52 -5.46
C ARG N 536 37.75 21.56 -5.33
N LEU N 537 37.42 20.30 -5.00
CA LEU N 537 38.40 19.22 -4.96
C LEU N 537 37.79 18.05 -5.73
N THR N 538 38.46 17.63 -6.80
CA THR N 538 37.82 16.81 -7.82
C THR N 538 37.83 15.32 -7.49
N ASN N 539 39.01 14.73 -7.34
CA ASN N 539 39.13 13.28 -7.26
C ASN N 539 38.42 12.75 -6.01
N GLU N 540 37.64 11.69 -6.21
CA GLU N 540 36.92 11.07 -5.09
C GLU N 540 37.89 10.51 -4.05
N ARG N 541 39.00 9.94 -4.52
CA ARG N 541 40.00 9.43 -3.59
C ARG N 541 40.64 10.55 -2.78
N ASP N 542 40.80 11.73 -3.38
CA ASP N 542 41.29 12.89 -2.64
C ASP N 542 40.33 13.24 -1.50
N LEU N 543 39.03 13.27 -1.79
CA LEU N 543 38.05 13.56 -0.76
C LEU N 543 38.05 12.49 0.33
N GLN N 544 38.19 11.23 -0.06
CA GLN N 544 38.23 10.15 0.92
C GLN N 544 39.45 10.28 1.84
N ALA N 545 40.61 10.58 1.26
CA ALA N 545 41.82 10.73 2.05
C ALA N 545 41.72 11.93 3.00
N LEU N 546 41.16 13.05 2.51
CA LEU N 546 40.98 14.21 3.39
C LEU N 546 39.98 13.89 4.50
N ARG N 547 38.94 13.12 4.18
CA ARG N 547 37.98 12.70 5.19
C ARG N 547 38.66 11.86 6.27
N TYR N 548 39.52 10.93 5.86
CA TYR N 548 40.30 10.18 6.84
C TYR N 548 41.30 11.07 7.55
N ALA N 549 41.72 12.18 6.93
CA ALA N 549 42.62 13.14 7.54
C ALA N 549 41.89 14.35 8.09
N MET N 550 40.65 14.16 8.57
CA MET N 550 39.85 15.24 9.13
C MET N 550 39.73 15.03 10.64
N GLU N 551 39.96 16.10 11.41
CA GLU N 551 39.93 16.02 12.85
C GLU N 551 38.92 16.98 13.49
N SER N 552 38.44 17.97 12.74
CA SER N 552 37.44 18.90 13.27
C SER N 552 36.42 19.16 12.16
N GLY N 553 35.32 18.43 12.20
CA GLY N 553 34.27 18.58 11.20
C GLY N 553 33.41 17.34 11.14
N ASN N 554 32.47 17.38 10.19
CA ASN N 554 31.52 16.29 9.98
C ASN N 554 31.55 15.86 8.52
N GLU N 555 30.90 14.74 8.24
CA GLU N 555 30.90 14.17 6.90
C GLU N 555 29.80 14.72 6.01
N GLN N 556 28.88 15.53 6.54
CA GLN N 556 27.80 16.07 5.74
C GLN N 556 28.25 17.17 4.79
N ILE N 557 29.22 17.99 5.19
CA ILE N 557 29.69 19.08 4.34
C ILE N 557 30.80 18.65 3.40
N LEU N 558 31.41 17.49 3.61
CA LEU N 558 32.44 16.97 2.71
C LEU N 558 31.86 16.46 1.40
N LYS N 559 30.54 16.33 1.29
CA LYS N 559 29.93 15.76 0.10
C LYS N 559 29.57 16.80 -0.95
N GLN N 560 29.83 18.08 -0.70
CA GLN N 560 29.50 19.14 -1.66
C GLN N 560 30.74 19.91 -2.10
N ILE N 561 31.93 19.44 -1.73
CA ILE N 561 33.17 20.06 -2.21
C ILE N 561 33.42 19.76 -3.68
N SER N 562 32.85 18.66 -4.19
CA SER N 562 33.13 18.24 -5.56
C SER N 562 32.66 19.27 -6.58
N GLY N 563 31.49 19.88 -6.35
CA GLY N 563 30.94 20.78 -7.34
C GLY N 563 30.80 22.22 -6.90
N LEU N 564 31.79 22.74 -6.18
CA LEU N 564 31.75 24.13 -5.75
C LEU N 564 32.15 25.04 -6.91
N PRO N 565 31.31 26.00 -7.30
CA PRO N 565 31.71 26.96 -8.33
C PRO N 565 32.85 27.85 -7.85
N ARG N 566 33.50 28.50 -8.81
CA ARG N 566 34.61 29.40 -8.49
C ARG N 566 34.12 30.54 -7.59
N GLY N 567 34.86 30.78 -6.51
CA GLY N 567 34.51 31.82 -5.57
C GLY N 567 33.60 31.41 -4.44
N ASP N 568 33.21 30.14 -4.37
CA ASP N 568 32.36 29.63 -3.30
C ASP N 568 33.16 28.61 -2.50
N ALA N 569 33.46 28.94 -1.25
CA ALA N 569 34.34 28.14 -0.42
C ALA N 569 33.59 27.62 0.81
N VAL N 570 34.17 26.60 1.42
CA VAL N 570 33.63 25.99 2.64
C VAL N 570 34.67 26.17 3.74
N ALA N 571 34.25 26.75 4.86
CA ALA N 571 35.14 27.03 5.98
C ALA N 571 34.62 26.37 7.24
N PHE N 572 35.54 25.89 8.07
CA PHE N 572 35.20 25.27 9.35
C PHE N 572 36.45 25.22 10.21
N GLY N 573 36.29 25.51 11.50
CA GLY N 573 37.43 25.49 12.40
C GLY N 573 37.08 26.09 13.75
N SER N 574 38.12 26.55 14.46
CA SER N 574 37.94 27.10 15.79
C SER N 574 37.36 28.51 15.77
N ALA N 575 37.41 29.20 14.63
CA ALA N 575 36.89 30.56 14.54
C ALA N 575 35.45 30.60 14.05
N PHE N 576 34.84 29.46 13.76
CA PHE N 576 33.46 29.39 13.30
C PHE N 576 32.66 28.50 14.24
N ASN N 577 31.50 28.99 14.68
CA ASN N 577 30.65 28.20 15.57
C ASN N 577 30.10 26.97 14.85
N LEU N 578 29.62 27.13 13.63
CA LEU N 578 29.19 26.02 12.80
C LEU N 578 29.66 26.26 11.38
N PRO N 579 29.90 25.19 10.61
CA PRO N 579 30.43 25.36 9.25
C PRO N 579 29.49 26.17 8.37
N VAL N 580 30.08 27.01 7.51
CA VAL N 580 29.34 27.92 6.66
C VAL N 580 29.84 27.75 5.22
N ARG N 581 28.96 28.08 4.27
CA ARG N 581 29.30 28.11 2.85
C ARG N 581 29.35 29.57 2.41
N ILE N 582 30.55 30.06 2.14
CA ILE N 582 30.78 31.48 1.94
C ILE N 582 30.98 31.76 0.45
N SER N 583 30.46 32.90 0.00
CA SER N 583 30.67 33.41 -1.35
C SER N 583 31.64 34.57 -1.23
N ILE N 584 32.92 34.30 -1.48
CA ILE N 584 33.96 35.31 -1.29
C ILE N 584 33.75 36.47 -2.26
N ASN N 585 34.03 37.68 -1.79
CA ASN N 585 33.76 38.89 -2.55
C ASN N 585 34.63 38.98 -3.80
N GLN N 586 34.38 40.02 -4.59
CA GLN N 586 35.02 40.17 -5.89
C GLN N 586 36.50 40.52 -5.73
N ALA N 587 37.27 40.20 -6.78
CA ALA N 587 38.72 40.40 -6.78
C ALA N 587 39.04 41.80 -7.29
N ARG N 588 39.48 42.68 -6.40
CA ARG N 588 39.91 44.03 -6.76
C ARG N 588 41.17 44.37 -5.97
N PRO N 589 42.34 44.39 -6.61
CA PRO N 589 42.60 44.09 -8.02
C PRO N 589 42.63 42.60 -8.31
N GLY N 590 42.09 42.17 -9.45
CA GLY N 590 42.06 40.77 -9.79
C GLY N 590 43.36 40.28 -10.39
N PRO N 591 43.45 38.97 -10.58
CA PRO N 591 44.64 38.40 -11.21
C PRO N 591 44.83 38.91 -12.63
N LYS N 592 46.09 39.12 -12.99
CA LYS N 592 46.43 39.67 -14.31
C LYS N 592 47.45 38.78 -15.00
N SER N 593 48.15 37.95 -14.24
CA SER N 593 49.19 37.11 -14.80
C SER N 593 48.58 36.02 -15.67
N SER N 594 49.08 35.90 -16.90
CA SER N 594 48.60 34.90 -17.85
C SER N 594 49.66 34.72 -18.92
N ASP N 595 49.50 33.65 -19.69
CA ASP N 595 50.42 33.37 -20.79
C ASP N 595 50.20 34.35 -21.94
N ALA N 596 51.24 34.51 -22.75
CA ALA N 596 51.18 35.43 -23.88
C ALA N 596 50.25 34.89 -24.97
N VAL N 597 49.65 35.82 -25.72
CA VAL N 597 48.77 35.45 -26.82
C VAL N 597 49.58 34.83 -27.94
N PHE N 598 49.14 33.68 -28.43
CA PHE N 598 49.91 32.90 -29.39
C PHE N 598 49.60 33.26 -30.84
N SER N 599 48.67 34.17 -31.10
CA SER N 599 48.37 34.55 -32.47
C SER N 599 49.51 35.36 -33.10
N GLU N 600 50.31 36.03 -32.28
CA GLU N 600 51.40 36.85 -32.81
C GLU N 600 52.56 36.00 -33.30
N GLU N 601 52.74 34.81 -32.72
CA GLU N 601 53.94 34.01 -33.00
C GLU N 601 53.99 33.53 -34.45
N TRP N 602 52.86 33.40 -35.11
CA TRP N 602 52.80 32.85 -36.47
C TRP N 602 52.61 33.92 -37.53
N ALA N 603 52.63 35.20 -37.15
CA ALA N 603 52.48 36.28 -38.11
C ALA N 603 53.10 37.57 -37.58
N PHE O 4 -3.41 32.03 -28.94
CA PHE O 4 -2.66 32.20 -27.71
C PHE O 4 -2.31 30.85 -27.08
N LYS O 5 -1.03 30.60 -26.90
CA LYS O 5 -0.56 29.37 -26.27
C LYS O 5 0.54 29.72 -25.28
N LEU O 6 0.64 28.92 -24.21
CA LEU O 6 1.64 29.15 -23.19
C LEU O 6 2.94 28.39 -23.46
N THR O 7 2.85 27.20 -24.03
CA THR O 7 4.04 26.40 -24.31
C THR O 7 3.79 25.58 -25.57
N GLU O 8 4.88 25.14 -26.19
CA GLU O 8 4.84 24.37 -27.43
C GLU O 8 5.68 23.11 -27.32
N ILE O 9 5.54 22.41 -26.20
CA ILE O 9 6.20 21.12 -26.02
C ILE O 9 5.42 20.31 -24.98
N SER O 10 5.26 19.01 -25.21
CA SER O 10 4.45 18.17 -24.36
C SER O 10 5.28 17.57 -23.23
N ALA O 11 4.70 17.55 -22.03
CA ALA O 11 5.34 16.93 -20.89
C ALA O 11 5.13 15.42 -20.92
N ILE O 12 5.99 14.70 -20.19
CA ILE O 12 5.94 13.25 -20.14
C ILE O 12 5.83 12.71 -18.73
N GLY O 13 5.72 13.55 -17.71
CA GLY O 13 5.63 13.06 -16.35
C GLY O 13 5.72 14.20 -15.35
N TYR O 14 6.01 13.84 -14.10
CA TYR O 14 6.11 14.81 -13.03
C TYR O 14 6.96 14.23 -11.91
N VAL O 15 7.47 15.12 -11.06
CA VAL O 15 8.31 14.73 -9.93
C VAL O 15 7.41 14.30 -8.77
N VAL O 16 7.81 13.21 -8.10
CA VAL O 16 6.98 12.63 -7.05
C VAL O 16 7.78 12.49 -5.75
N GLY O 17 9.09 12.58 -5.83
CA GLY O 17 9.92 12.39 -4.66
C GLY O 17 11.25 13.11 -4.78
N LEU O 18 11.83 13.43 -3.63
CA LEU O 18 13.13 14.07 -3.55
C LEU O 18 13.86 13.54 -2.32
N GLU O 19 15.06 13.03 -2.51
CA GLU O 19 15.83 12.46 -1.40
C GLU O 19 17.31 12.60 -1.70
N GLY O 20 18.05 13.25 -0.81
CA GLY O 20 19.46 13.48 -1.01
C GLY O 20 19.72 14.26 -2.29
N GLU O 21 20.26 13.58 -3.30
CA GLU O 21 20.43 14.16 -4.62
C GLU O 21 19.66 13.43 -5.71
N ARG O 22 18.88 12.41 -5.35
CA ARG O 22 18.11 11.65 -6.32
C ARG O 22 16.74 12.28 -6.53
N ILE O 23 16.15 11.98 -7.68
CA ILE O 23 14.82 12.42 -8.04
C ILE O 23 14.02 11.20 -8.48
N ARG O 24 12.71 11.24 -8.25
CA ARG O 24 11.81 10.17 -8.66
C ARG O 24 10.73 10.75 -9.55
N ILE O 25 10.58 10.20 -10.75
CA ILE O 25 9.69 10.76 -11.77
C ILE O 25 8.73 9.68 -12.22
N ASN O 26 7.45 10.03 -12.33
CA ASN O 26 6.45 9.15 -12.90
C ASN O 26 6.27 9.45 -14.38
N LEU O 27 5.51 8.59 -15.07
CA LEU O 27 5.27 8.72 -16.49
C LEU O 27 3.79 8.58 -16.80
N HIS O 28 3.32 9.35 -17.78
CA HIS O 28 1.91 9.32 -18.16
C HIS O 28 1.59 8.03 -18.91
N GLU O 29 0.30 7.68 -18.89
CA GLU O 29 -0.19 6.45 -19.51
C GLU O 29 -0.58 6.73 -20.97
N GLY O 30 -0.17 5.83 -21.86
CA GLY O 30 -0.47 5.92 -23.26
C GLY O 30 0.75 6.27 -24.10
N LEU O 31 0.47 6.74 -25.32
CA LEU O 31 1.56 7.20 -26.18
C LEU O 31 2.23 8.44 -25.61
N GLN O 32 1.49 9.24 -24.83
CA GLN O 32 2.06 10.39 -24.15
C GLN O 32 2.96 9.91 -23.02
N GLY O 33 4.27 10.00 -23.21
CA GLY O 33 5.22 9.50 -22.25
C GLY O 33 6.43 8.88 -22.91
N ARG O 34 6.30 8.61 -24.22
CA ARG O 34 7.42 8.13 -25.02
C ARG O 34 7.58 8.86 -26.34
N LEU O 35 6.54 9.52 -26.85
CA LEU O 35 6.56 10.13 -28.17
C LEU O 35 5.97 11.53 -28.07
N ALA O 36 6.42 12.40 -28.95
CA ALA O 36 5.96 13.79 -28.97
C ALA O 36 6.12 14.34 -30.37
N SER O 37 5.83 15.63 -30.54
CA SER O 37 5.99 16.30 -31.82
C SER O 37 5.97 17.81 -31.64
N HIS O 38 6.96 18.49 -32.22
CA HIS O 38 7.06 19.94 -32.11
C HIS O 38 7.49 20.49 -33.47
N ARG O 39 7.69 21.81 -33.54
CA ARG O 39 7.93 22.49 -34.80
C ARG O 39 9.32 22.25 -35.37
N LYS O 40 10.10 21.33 -34.79
CA LYS O 40 11.43 21.05 -35.30
C LYS O 40 11.71 19.57 -35.49
N GLY O 41 10.76 18.69 -35.23
CA GLY O 41 10.97 17.27 -35.45
C GLY O 41 10.20 16.47 -34.41
N VAL O 42 10.74 15.28 -34.11
CA VAL O 42 10.14 14.34 -33.17
C VAL O 42 11.15 14.05 -32.07
N SER O 43 10.68 14.04 -30.83
CA SER O 43 11.53 13.83 -29.67
C SER O 43 11.05 12.63 -28.87
N SER O 44 11.97 12.01 -28.14
CA SER O 44 11.65 10.84 -27.34
C SER O 44 12.68 10.69 -26.21
N VAL O 45 12.25 9.99 -25.15
CA VAL O 45 13.13 9.62 -24.04
C VAL O 45 12.93 8.13 -23.79
N THR O 46 13.99 7.35 -23.94
CA THR O 46 13.87 5.89 -23.89
C THR O 46 14.77 5.22 -22.87
N GLN O 47 16.03 5.65 -22.73
CA GLN O 47 17.02 4.89 -21.99
C GLN O 47 17.87 5.85 -21.16
N PRO O 48 18.55 5.33 -20.14
CA PRO O 48 19.48 6.17 -19.37
C PRO O 48 20.62 6.69 -20.23
N GLY O 49 21.15 7.85 -19.84
CA GLY O 49 22.18 8.53 -20.58
C GLY O 49 21.71 9.76 -21.33
N ASP O 50 20.40 9.91 -21.50
CA ASP O 50 19.84 11.10 -22.14
C ASP O 50 19.75 12.24 -21.13
N LEU O 51 19.33 13.41 -21.62
CA LEU O 51 19.16 14.59 -20.78
C LEU O 51 17.70 15.01 -20.80
N ILE O 52 17.21 15.46 -19.65
CA ILE O 52 15.83 15.90 -19.50
C ILE O 52 15.81 17.24 -18.78
N GLY O 53 14.68 17.93 -18.88
CA GLY O 53 14.53 19.23 -18.27
C GLY O 53 13.23 19.34 -17.50
N PHE O 54 13.24 20.23 -16.51
CA PHE O 54 12.07 20.51 -15.67
C PHE O 54 11.79 22.00 -15.73
N ASP O 55 10.53 22.35 -16.00
CA ASP O 55 10.14 23.76 -16.09
C ASP O 55 9.96 24.34 -14.71
N ALA O 56 10.64 25.47 -14.44
CA ALA O 56 10.56 26.13 -13.15
C ALA O 56 10.25 27.62 -13.30
N GLY O 57 9.77 28.04 -14.47
CA GLY O 57 9.40 29.44 -14.68
C GLY O 57 10.58 30.33 -14.98
N ASN O 58 11.36 30.67 -13.95
CA ASN O 58 12.51 31.54 -14.15
C ASN O 58 13.66 30.81 -14.84
N ILE O 59 13.89 29.54 -14.50
CA ILE O 59 14.97 28.74 -15.05
C ILE O 59 14.41 27.36 -15.39
N LEU O 60 15.24 26.56 -16.06
CA LEU O 60 14.93 25.16 -16.29
C LEU O 60 16.14 24.32 -15.90
N VAL O 61 15.90 23.29 -15.10
CA VAL O 61 16.98 22.43 -14.61
C VAL O 61 17.24 21.30 -15.59
N VAL O 62 18.51 20.98 -15.80
CA VAL O 62 18.92 19.92 -16.72
C VAL O 62 19.39 18.73 -15.89
N ALA O 63 18.85 17.55 -16.19
CA ALA O 63 19.14 16.35 -15.41
C ALA O 63 19.63 15.24 -16.34
N ARG O 64 20.06 14.14 -15.74
CA ARG O 64 20.58 12.98 -16.46
C ARG O 64 19.94 11.71 -15.93
N VAL O 65 19.40 10.90 -16.83
CA VAL O 65 18.71 9.67 -16.45
C VAL O 65 19.73 8.61 -16.04
N THR O 66 19.39 7.82 -15.01
CA THR O 66 20.30 6.78 -14.55
C THR O 66 19.63 5.42 -14.42
N ASP O 67 18.33 5.37 -14.12
CA ASP O 67 17.68 4.09 -13.85
C ASP O 67 16.22 4.14 -14.33
N MET O 68 15.73 2.97 -14.75
CA MET O 68 14.33 2.78 -15.11
C MET O 68 13.91 1.40 -14.63
N ALA O 69 12.65 1.28 -14.22
CA ALA O 69 12.12 0.01 -13.72
C ALA O 69 10.61 0.15 -13.56
N PHE O 70 9.99 -0.96 -13.15
CA PHE O 70 8.57 -1.00 -12.81
C PHE O 70 8.38 -0.81 -11.31
N VAL O 71 7.15 -0.47 -10.92
CA VAL O 71 6.86 -0.22 -9.52
C VAL O 71 6.90 -1.52 -8.71
N GLU O 72 6.36 -2.60 -9.28
CA GLU O 72 6.30 -3.87 -8.56
C GLU O 72 7.44 -4.80 -8.98
N ILE O 89 -2.11 -3.08 -15.55
CA ILE O 89 -1.76 -1.69 -15.79
C ILE O 89 -0.46 -1.31 -15.06
N PRO O 90 0.67 -1.69 -15.65
CA PRO O 90 1.96 -1.37 -15.05
C PRO O 90 2.24 0.12 -15.09
N LEU O 91 3.09 0.55 -14.15
CA LEU O 91 3.50 1.95 -14.04
C LEU O 91 5.02 2.01 -14.04
N ARG O 92 5.55 3.11 -14.59
CA ARG O 92 6.98 3.24 -14.83
C ARG O 92 7.54 4.42 -14.04
N GLN O 93 8.77 4.26 -13.54
CA GLN O 93 9.40 5.27 -12.71
C GLN O 93 10.86 5.43 -13.13
N ILE O 94 11.39 6.64 -12.89
CA ILE O 94 12.73 7.03 -13.31
C ILE O 94 13.47 7.68 -12.15
N ILE O 95 14.80 7.65 -12.23
CA ILE O 95 15.67 8.32 -11.28
C ILE O 95 16.70 9.13 -12.06
N ALA O 96 16.97 10.35 -11.57
CA ALA O 96 17.84 11.27 -12.30
C ALA O 96 18.74 12.01 -11.33
N TYR O 97 19.66 12.81 -11.89
CA TYR O 97 20.58 13.64 -11.12
C TYR O 97 20.72 14.97 -11.84
N ALA O 98 21.02 16.02 -11.07
CA ALA O 98 21.07 17.38 -11.59
C ALA O 98 22.50 17.77 -11.97
N ILE O 99 22.63 18.59 -13.01
CA ILE O 99 23.95 19.01 -13.50
C ILE O 99 24.03 20.52 -13.71
N GLY O 100 22.89 21.21 -13.77
CA GLY O 100 22.92 22.64 -13.99
C GLY O 100 21.56 23.17 -14.37
N PHE O 101 21.55 24.41 -14.87
CA PHE O 101 20.32 25.09 -15.24
C PHE O 101 20.62 26.15 -16.30
N VAL O 102 19.54 26.62 -16.95
CA VAL O 102 19.63 27.57 -18.05
C VAL O 102 18.76 28.78 -17.73
N LYS O 103 19.17 29.94 -18.24
CA LYS O 103 18.44 31.18 -18.02
C LYS O 103 18.77 32.16 -19.14
N ARG O 104 17.98 33.22 -19.23
CA ARG O 104 18.17 34.28 -20.21
C ARG O 104 19.11 35.35 -19.64
N GLU O 105 20.02 35.83 -20.48
CA GLU O 105 20.98 36.85 -20.03
C GLU O 105 20.80 38.18 -20.74
N LEU O 106 20.94 38.24 -22.07
CA LEU O 106 20.72 39.49 -22.80
C LEU O 106 19.60 39.37 -23.82
N ASN O 107 19.74 38.47 -24.79
CA ASN O 107 18.67 38.15 -25.73
C ASN O 107 18.60 36.67 -26.05
N GLY O 108 19.51 35.86 -25.53
CA GLY O 108 19.50 34.43 -25.77
C GLY O 108 19.43 33.64 -24.49
N TYR O 109 20.37 32.71 -24.30
CA TYR O 109 20.40 31.87 -23.11
C TYR O 109 21.85 31.65 -22.71
N VAL O 110 22.03 31.04 -21.53
CA VAL O 110 23.36 30.75 -21.02
C VAL O 110 23.24 29.56 -20.08
N PHE O 111 24.29 28.75 -20.02
CA PHE O 111 24.32 27.54 -19.21
C PHE O 111 25.32 27.70 -18.07
N ILE O 112 24.86 27.47 -16.85
CA ILE O 112 25.70 27.55 -15.65
C ILE O 112 25.69 26.19 -14.97
N SER O 113 26.86 25.65 -14.70
CA SER O 113 27.01 24.28 -14.21
C SER O 113 27.17 24.31 -12.68
N GLU O 114 26.10 23.97 -11.97
CA GLU O 114 26.14 23.78 -10.53
C GLU O 114 24.96 22.92 -10.10
N ASP O 115 25.20 21.94 -9.23
CA ASP O 115 24.26 20.86 -8.97
C ASP O 115 23.74 20.87 -7.54
N TRP O 116 23.38 22.05 -7.03
CA TRP O 116 22.73 22.15 -5.73
C TRP O 116 21.26 22.57 -5.83
N ARG O 117 20.73 22.67 -7.05
CA ARG O 117 19.36 23.09 -7.28
C ARG O 117 18.52 21.90 -7.73
N LEU O 118 17.33 21.78 -7.15
CA LEU O 118 16.40 20.71 -7.46
C LEU O 118 15.03 21.32 -7.71
N PRO O 119 14.20 20.66 -8.52
CA PRO O 119 12.85 21.18 -8.76
C PRO O 119 11.90 20.84 -7.62
N ALA O 120 10.73 21.48 -7.65
CA ALA O 120 9.74 21.31 -6.61
C ALA O 120 8.81 20.14 -6.94
N LEU O 121 8.05 19.72 -5.93
CA LEU O 121 7.13 18.60 -6.12
C LEU O 121 6.00 18.99 -7.07
N GLY O 122 5.63 18.05 -7.94
CA GLY O 122 4.56 18.26 -8.90
C GLY O 122 5.00 18.91 -10.19
N SER O 123 6.26 19.32 -10.31
CA SER O 123 6.74 19.97 -11.52
C SER O 123 6.81 18.97 -12.67
N SER O 124 6.45 19.44 -13.86
CA SER O 124 6.41 18.61 -15.05
C SER O 124 7.80 18.52 -15.69
N ALA O 125 8.07 17.36 -16.29
CA ALA O 125 9.34 17.10 -16.95
C ALA O 125 9.14 17.02 -18.46
N VAL O 126 10.02 17.68 -19.21
CA VAL O 126 9.91 17.74 -20.66
C VAL O 126 11.23 17.29 -21.27
N PRO O 127 11.24 16.75 -22.49
CA PRO O 127 12.51 16.40 -23.14
C PRO O 127 13.26 17.63 -23.61
N LEU O 128 14.48 17.45 -24.10
CA LEU O 128 15.32 18.54 -24.56
C LEU O 128 15.41 18.50 -26.08
N THR O 129 15.06 19.61 -26.72
CA THR O 129 15.14 19.71 -28.17
C THR O 129 16.59 19.99 -28.60
N SER O 130 16.80 20.09 -29.91
CA SER O 130 18.14 20.39 -30.41
C SER O 130 18.51 21.84 -30.17
N ASP O 131 17.53 22.73 -30.04
CA ASP O 131 17.83 24.15 -29.81
C ASP O 131 18.52 24.35 -28.47
N PHE O 132 17.96 23.79 -27.40
CA PHE O 132 18.59 23.91 -26.10
C PHE O 132 19.91 23.15 -26.04
N LEU O 133 19.95 21.97 -26.67
CA LEU O 133 21.18 21.19 -26.71
C LEU O 133 22.29 21.93 -27.44
N ASN O 134 21.95 22.84 -28.36
CA ASN O 134 22.95 23.68 -29.00
C ASN O 134 23.49 24.74 -28.05
N ILE O 135 22.80 25.01 -26.95
CA ILE O 135 23.23 26.00 -25.97
C ILE O 135 24.02 25.30 -24.87
N ILE O 136 23.64 24.06 -24.56
CA ILE O 136 24.31 23.33 -23.48
C ILE O 136 25.79 23.15 -23.80
N TYR O 137 26.10 22.75 -25.03
CA TYR O 137 27.46 22.42 -25.42
C TYR O 137 28.22 23.59 -26.04
N SER O 138 27.59 24.75 -26.19
CA SER O 138 28.24 25.87 -26.85
C SER O 138 29.25 26.53 -25.91
N ILE O 139 30.03 27.45 -26.48
CA ILE O 139 31.04 28.19 -25.71
C ILE O 139 30.68 29.66 -25.74
N ASP O 140 31.52 30.49 -25.10
CA ASP O 140 31.26 31.92 -25.02
C ASP O 140 31.24 32.53 -26.42
N LYS O 141 30.37 33.53 -26.61
CA LYS O 141 30.22 34.14 -27.92
C LYS O 141 31.43 34.97 -28.31
N GLU O 142 32.20 35.46 -27.33
CA GLU O 142 33.36 36.30 -27.64
C GLU O 142 34.48 35.53 -28.30
N GLU O 143 34.51 34.21 -28.16
CA GLU O 143 35.55 33.37 -28.73
C GLU O 143 35.16 32.75 -30.07
N LEU O 144 34.02 33.14 -30.63
CA LEU O 144 33.60 32.60 -31.92
C LEU O 144 34.60 32.88 -33.03
N PRO O 145 35.11 34.10 -33.21
CA PRO O 145 36.10 34.32 -34.28
C PRO O 145 37.41 33.57 -34.06
N LYS O 146 37.69 33.13 -32.83
CA LYS O 146 38.93 32.45 -32.50
C LYS O 146 38.68 31.00 -32.10
N ALA O 147 37.81 30.31 -32.84
CA ALA O 147 37.44 28.94 -32.54
C ALA O 147 37.70 28.06 -33.76
N VAL O 148 38.00 26.79 -33.49
CA VAL O 148 38.29 25.81 -34.53
C VAL O 148 37.39 24.59 -34.31
N GLU O 149 36.83 24.08 -35.40
CA GLU O 149 35.93 22.94 -35.32
C GLU O 149 36.69 21.66 -35.03
N LEU O 150 36.00 20.71 -34.40
CA LEU O 150 36.57 19.40 -34.12
C LEU O 150 35.71 18.23 -34.57
N GLY O 151 34.39 18.36 -34.57
CA GLY O 151 33.54 17.25 -34.97
C GLY O 151 32.08 17.44 -34.62
N VAL O 152 31.37 16.33 -34.42
CA VAL O 152 29.95 16.35 -34.12
C VAL O 152 29.70 15.46 -32.91
N ASP O 153 28.64 15.76 -32.17
CA ASP O 153 28.29 14.97 -30.99
C ASP O 153 27.92 13.54 -31.40
N SER O 154 28.15 12.61 -30.48
CA SER O 154 28.02 11.19 -30.81
C SER O 154 26.58 10.68 -30.67
N ARG O 155 25.88 11.13 -29.63
CA ARG O 155 24.56 10.56 -29.34
C ARG O 155 23.55 10.86 -30.46
N THR O 156 23.58 12.08 -30.98
CA THR O 156 22.58 12.50 -31.95
C THR O 156 23.15 12.90 -33.31
N LYS O 157 24.46 13.14 -33.42
CA LYS O 157 25.08 13.56 -34.66
C LYS O 157 24.41 14.81 -35.24
N THR O 158 24.14 15.78 -34.35
CA THR O 158 23.46 17.01 -34.74
C THR O 158 24.19 18.28 -34.31
N VAL O 159 24.91 18.27 -33.19
CA VAL O 159 25.55 19.47 -32.65
C VAL O 159 27.03 19.41 -32.97
N LYS O 160 27.57 20.52 -33.46
CA LYS O 160 28.98 20.64 -33.81
C LYS O 160 29.75 21.28 -32.66
N ILE O 161 30.90 20.72 -32.34
CA ILE O 161 31.70 21.17 -31.21
C ILE O 161 32.77 22.14 -31.69
N PHE O 162 33.16 23.05 -30.81
CA PHE O 162 34.20 24.02 -31.09
C PHE O 162 35.27 23.93 -30.00
N ALA O 163 36.21 24.86 -30.02
CA ALA O 163 37.26 24.93 -29.00
C ALA O 163 37.84 26.34 -29.02
N SER O 164 38.81 26.57 -28.13
CA SER O 164 39.50 27.85 -28.05
C SER O 164 40.99 27.60 -28.18
N VAL O 165 41.65 28.36 -29.06
CA VAL O 165 43.08 28.16 -29.29
C VAL O 165 43.89 28.50 -28.04
N ASP O 166 43.49 29.56 -27.33
CA ASP O 166 44.21 29.97 -26.13
C ASP O 166 44.06 28.93 -25.03
N LYS O 167 42.83 28.49 -24.77
CA LYS O 167 42.59 27.52 -23.71
C LYS O 167 43.13 26.14 -24.04
N LEU O 168 43.48 25.89 -25.31
CA LEU O 168 43.92 24.57 -25.73
C LEU O 168 45.42 24.48 -25.94
N LEU O 169 46.08 25.55 -26.36
CA LEU O 169 47.50 25.50 -26.69
C LEU O 169 48.38 26.25 -25.69
N SER O 170 47.81 27.01 -24.76
CA SER O 170 48.63 27.66 -23.75
C SER O 170 49.37 26.65 -22.89
N ARG O 171 48.69 25.58 -22.50
CA ARG O 171 49.27 24.47 -21.77
C ARG O 171 49.51 23.31 -22.74
N HIS O 172 49.89 22.16 -22.19
CA HIS O 172 50.16 20.99 -23.00
C HIS O 172 48.85 20.33 -23.43
N LEU O 173 48.96 19.20 -24.13
CA LEU O 173 47.81 18.41 -24.51
C LEU O 173 48.14 16.93 -24.26
N ALA O 174 47.20 16.06 -24.61
CA ALA O 174 47.40 14.63 -24.43
C ALA O 174 46.43 13.87 -25.31
N VAL O 175 46.94 12.96 -26.13
CA VAL O 175 46.13 12.07 -26.93
C VAL O 175 46.56 10.64 -26.64
N LEU O 176 45.60 9.75 -26.40
CA LEU O 176 45.85 8.37 -26.04
C LEU O 176 45.04 7.46 -26.96
N GLY O 177 45.48 6.22 -27.09
CA GLY O 177 44.74 5.26 -27.89
C GLY O 177 45.51 4.00 -28.21
N SER O 178 44.82 2.87 -28.23
CA SER O 178 45.45 1.61 -28.62
C SER O 178 45.71 1.60 -30.12
N THR O 179 46.60 0.69 -30.53
CA THR O 179 47.02 0.61 -31.92
C THR O 179 45.86 0.19 -32.81
N GLY O 180 45.75 0.84 -33.97
CA GLY O 180 44.71 0.52 -34.93
C GLY O 180 43.29 0.87 -34.50
N TYR O 181 43.11 2.02 -33.86
CA TYR O 181 41.79 2.50 -33.47
C TYR O 181 41.63 3.99 -33.75
N GLY O 182 42.20 4.46 -34.86
CA GLY O 182 42.00 5.83 -35.30
C GLY O 182 42.89 6.86 -34.65
N LYS O 183 43.94 6.45 -33.93
CA LYS O 183 44.84 7.40 -33.29
C LYS O 183 45.57 8.24 -34.34
N SER O 184 46.19 7.58 -35.32
CA SER O 184 46.95 8.30 -36.35
C SER O 184 46.04 9.18 -37.19
N ASN O 185 44.84 8.69 -37.52
CA ASN O 185 43.91 9.49 -38.31
C ASN O 185 43.51 10.77 -37.56
N PHE O 186 43.20 10.65 -36.27
CA PHE O 186 42.82 11.82 -35.49
C PHE O 186 43.98 12.79 -35.34
N ASN O 187 45.19 12.27 -35.08
CA ASN O 187 46.36 13.15 -34.99
C ASN O 187 46.60 13.88 -36.30
N ALA O 188 46.51 13.16 -37.42
CA ALA O 188 46.71 13.78 -38.72
C ALA O 188 45.66 14.85 -38.98
N LEU O 189 44.40 14.57 -38.65
CA LEU O 189 43.35 15.57 -38.88
C LEU O 189 43.56 16.81 -38.03
N LEU O 190 43.87 16.65 -36.75
CA LEU O 190 44.06 17.81 -35.89
C LEU O 190 45.28 18.62 -36.34
N THR O 191 46.38 17.94 -36.68
CA THR O 191 47.56 18.66 -37.15
C THR O 191 47.29 19.38 -38.45
N ARG O 192 46.59 18.72 -39.38
CA ARG O 192 46.26 19.34 -40.66
C ARG O 192 45.37 20.56 -40.46
N LYS O 193 44.38 20.47 -39.57
CA LYS O 193 43.50 21.61 -39.36
C LYS O 193 44.23 22.78 -38.69
N VAL O 194 45.03 22.51 -37.66
CA VAL O 194 45.75 23.59 -37.00
C VAL O 194 46.78 24.21 -37.93
N SER O 195 47.35 23.42 -38.84
CA SER O 195 48.30 23.96 -39.81
C SER O 195 47.59 24.71 -40.93
N GLU O 196 46.36 24.31 -41.27
CA GLU O 196 45.61 25.03 -42.29
C GLU O 196 45.07 26.34 -41.76
N LYS O 197 44.86 26.45 -40.44
CA LYS O 197 44.52 27.74 -39.87
C LYS O 197 45.63 28.76 -40.12
N TYR O 198 46.85 28.41 -39.76
CA TYR O 198 48.03 29.24 -40.03
C TYR O 198 49.17 28.33 -40.50
N PRO O 199 49.75 28.62 -41.67
CA PRO O 199 50.76 27.70 -42.24
C PRO O 199 51.98 27.51 -41.34
N ASN O 200 52.35 28.50 -40.54
CA ASN O 200 53.55 28.41 -39.71
C ASN O 200 53.21 27.68 -38.41
N SER O 201 53.09 26.36 -38.52
CA SER O 201 52.91 25.48 -37.37
C SER O 201 53.87 24.31 -37.50
N ARG O 202 54.69 24.11 -36.46
CA ARG O 202 55.69 23.07 -36.50
C ARG O 202 55.06 21.69 -36.48
N ILE O 203 55.60 20.79 -37.30
CA ILE O 203 55.14 19.40 -37.38
C ILE O 203 56.38 18.53 -37.32
N VAL O 204 56.69 17.99 -36.14
CA VAL O 204 57.81 17.08 -35.96
C VAL O 204 57.23 15.72 -35.62
N ILE O 205 57.51 14.73 -36.47
CA ILE O 205 56.95 13.39 -36.33
C ILE O 205 58.10 12.39 -36.24
N PHE O 206 58.06 11.55 -35.21
CA PHE O 206 58.99 10.42 -35.09
C PHE O 206 58.37 9.19 -35.76
N ASP O 207 58.19 9.31 -37.07
CA ASP O 207 57.41 8.33 -37.83
C ASP O 207 58.02 6.94 -37.70
N ILE O 208 57.16 5.95 -37.43
CA ILE O 208 57.58 4.57 -37.27
C ILE O 208 56.98 3.65 -38.34
N ASN O 209 55.79 3.95 -38.85
CA ASN O 209 55.19 3.17 -39.91
C ASN O 209 55.35 3.80 -41.29
N GLY O 210 55.66 5.09 -41.37
CA GLY O 210 55.86 5.76 -42.65
C GLY O 210 54.58 6.01 -43.42
N GLU O 211 53.69 6.84 -42.87
CA GLU O 211 52.43 7.14 -43.52
C GLU O 211 52.06 8.61 -43.53
N TYR O 212 52.79 9.48 -42.83
CA TYR O 212 52.36 10.87 -42.65
C TYR O 212 52.66 11.77 -43.85
N ALA O 213 53.34 11.25 -44.87
CA ALA O 213 53.58 12.06 -46.07
C ALA O 213 52.27 12.38 -46.79
N GLN O 214 51.36 11.41 -46.84
CA GLN O 214 50.08 11.63 -47.52
C GLN O 214 49.23 12.65 -46.77
N ALA O 215 49.26 12.63 -45.43
CA ALA O 215 48.35 13.45 -44.64
C ALA O 215 48.60 14.94 -44.86
N PHE O 216 49.86 15.35 -44.97
CA PHE O 216 50.23 16.76 -45.10
C PHE O 216 50.49 17.15 -46.54
N THR O 217 49.75 16.57 -47.48
CA THR O 217 49.92 16.90 -48.89
C THR O 217 49.35 18.28 -49.20
N GLY O 218 50.14 19.11 -49.88
CA GLY O 218 49.70 20.42 -50.32
C GLY O 218 50.02 21.56 -49.39
N ILE O 219 50.39 21.28 -48.14
CA ILE O 219 50.73 22.32 -47.17
C ILE O 219 52.16 22.78 -47.42
N PRO O 220 52.40 24.08 -47.62
CA PRO O 220 53.76 24.55 -47.88
C PRO O 220 54.65 24.46 -46.65
N ASN O 221 55.96 24.60 -46.89
CA ASN O 221 56.98 24.59 -45.84
C ASN O 221 57.00 23.24 -45.10
N VAL O 222 57.20 22.17 -45.87
CA VAL O 222 57.26 20.81 -45.33
C VAL O 222 58.47 20.11 -45.93
N LYS O 223 59.01 19.16 -45.18
CA LYS O 223 60.13 18.34 -45.65
C LYS O 223 60.08 16.99 -44.94
N HIS O 224 60.31 15.92 -45.71
CA HIS O 224 60.29 14.57 -45.18
C HIS O 224 61.51 13.81 -45.68
N THR O 225 62.33 13.33 -44.76
CA THR O 225 63.52 12.55 -45.09
C THR O 225 63.26 11.09 -44.74
N ILE O 226 63.50 10.20 -45.70
CA ILE O 226 63.23 8.78 -45.56
C ILE O 226 64.53 8.05 -45.31
N LEU O 227 64.56 7.19 -44.30
CA LEU O 227 65.73 6.38 -43.95
C LEU O 227 65.37 4.91 -44.06
N GLY O 228 66.32 4.12 -44.55
CA GLY O 228 66.11 2.69 -44.71
C GLY O 228 67.01 2.06 -45.75
N GLU O 229 66.47 1.14 -46.53
CA GLU O 229 67.21 0.46 -47.58
C GLU O 229 66.74 1.00 -48.93
N SER O 230 67.56 1.84 -49.55
CA SER O 230 67.22 2.38 -50.86
C SER O 230 67.37 1.30 -51.92
N PRO O 231 66.37 1.12 -52.79
CA PRO O 231 66.52 0.09 -53.85
C PRO O 231 67.70 0.32 -54.76
N ASN O 232 68.02 1.59 -55.07
CA ASN O 232 69.14 1.92 -55.93
C ASN O 232 69.80 3.20 -55.40
N VAL O 233 71.13 3.15 -55.26
CA VAL O 233 71.85 4.29 -54.71
C VAL O 233 71.84 5.48 -55.67
N ASP O 234 71.94 5.22 -56.98
CA ASP O 234 72.09 6.28 -57.95
C ASP O 234 70.81 7.09 -58.14
N SER O 235 70.62 8.09 -57.29
CA SER O 235 69.46 8.97 -57.36
C SER O 235 69.88 10.41 -57.12
N LEU O 236 69.07 11.33 -57.62
CA LEU O 236 69.30 12.76 -57.45
C LEU O 236 68.12 13.40 -56.73
N GLU O 237 68.42 14.30 -55.81
CA GLU O 237 67.39 14.92 -54.96
C GLU O 237 66.99 16.27 -55.52
N LYS O 238 65.68 16.54 -55.47
CA LYS O 238 65.11 17.80 -55.94
C LYS O 238 64.54 18.57 -54.75
N LYS O 239 64.81 19.87 -54.70
CA LYS O 239 64.38 20.72 -53.61
C LYS O 239 63.28 21.68 -54.07
N GLN O 240 62.49 22.14 -53.11
CA GLN O 240 61.34 23.00 -53.36
C GLN O 240 61.53 24.34 -52.67
N GLN O 241 61.01 25.39 -53.30
CA GLN O 241 61.23 26.77 -52.85
C GLN O 241 59.98 27.32 -52.17
N LYS O 242 60.07 28.60 -51.80
CA LYS O 242 59.02 29.26 -51.04
C LYS O 242 57.73 29.40 -51.85
N GLY O 243 56.60 29.33 -51.14
CA GLY O 243 55.29 29.55 -51.72
C GLY O 243 54.64 28.34 -52.35
N GLU O 244 55.43 27.51 -53.03
CA GLU O 244 54.87 26.34 -53.70
C GLU O 244 54.31 25.35 -52.68
N LEU O 245 53.22 24.70 -53.07
CA LEU O 245 52.65 23.65 -52.23
C LEU O 245 53.59 22.45 -52.20
N TYR O 246 53.77 21.88 -51.00
CA TYR O 246 54.67 20.76 -50.83
C TYR O 246 54.04 19.47 -51.34
N SER O 247 54.80 18.72 -52.12
CA SER O 247 54.39 17.42 -52.63
C SER O 247 55.47 16.39 -52.32
N GLU O 248 55.14 15.12 -52.57
CA GLU O 248 56.07 14.04 -52.29
C GLU O 248 57.26 14.09 -53.26
N GLU O 249 58.33 13.40 -52.86
CA GLU O 249 59.59 13.30 -53.60
C GLU O 249 60.36 14.61 -53.68
N TYR O 250 59.99 15.60 -52.87
CA TYR O 250 60.73 16.86 -52.76
C TYR O 250 61.26 16.97 -51.34
N TYR O 251 62.57 16.89 -51.19
CA TYR O 251 63.17 16.81 -49.86
C TYR O 251 64.67 17.08 -49.96
N CYS O 252 65.34 16.99 -48.81
CA CYS O 252 66.80 17.04 -48.73
C CYS O 252 67.27 15.85 -47.91
N TYR O 253 68.28 15.15 -48.42
CA TYR O 253 68.76 13.92 -47.80
C TYR O 253 69.65 14.24 -46.60
N LYS O 254 69.45 13.49 -45.52
CA LYS O 254 70.24 13.64 -44.30
C LYS O 254 70.34 12.29 -43.61
N LYS O 255 71.57 11.83 -43.38
CA LYS O 255 71.82 10.57 -42.71
C LYS O 255 72.02 10.80 -41.22
N ILE O 256 72.47 9.76 -40.52
CA ILE O 256 72.74 9.86 -39.09
C ILE O 256 74.25 9.85 -38.87
N PRO O 257 74.87 11.00 -38.60
CA PRO O 257 76.30 11.01 -38.26
C PRO O 257 76.49 10.64 -36.79
N TYR O 258 77.45 9.75 -36.52
CA TYR O 258 77.71 9.37 -35.14
C TYR O 258 78.28 10.51 -34.33
N GLN O 259 78.76 11.57 -34.99
CA GLN O 259 79.21 12.75 -34.26
C GLN O 259 78.06 13.42 -33.53
N ALA O 260 76.90 13.51 -34.19
CA ALA O 260 75.74 14.23 -33.63
C ALA O 260 74.90 13.29 -32.76
N LEU O 261 75.52 12.82 -31.68
CA LEU O 261 74.82 11.98 -30.71
C LEU O 261 75.03 12.50 -29.30
N GLY O 262 76.12 13.21 -29.07
CA GLY O 262 76.45 13.75 -27.76
C GLY O 262 77.55 12.91 -27.12
N PHE O 263 78.52 13.58 -26.51
CA PHE O 263 79.67 12.89 -25.93
C PHE O 263 79.21 11.94 -24.82
N ALA O 264 78.31 12.41 -23.94
CA ALA O 264 77.75 11.51 -22.94
C ALA O 264 76.97 10.38 -23.58
N GLY O 265 76.34 10.64 -24.73
CA GLY O 265 75.65 9.57 -25.45
C GLY O 265 76.59 8.47 -25.88
N LEU O 266 77.74 8.84 -26.46
CA LEU O 266 78.72 7.84 -26.86
C LEU O 266 79.32 7.14 -25.65
N ILE O 267 79.54 7.87 -24.56
CA ILE O 267 80.09 7.25 -23.35
C ILE O 267 79.13 6.20 -22.81
N LYS O 268 77.83 6.52 -22.77
CA LYS O 268 76.84 5.55 -22.33
C LYS O 268 76.72 4.39 -23.32
N LEU O 269 76.88 4.68 -24.62
CA LEU O 269 76.81 3.63 -25.62
C LEU O 269 77.94 2.62 -25.43
N LEU O 270 79.15 3.11 -25.18
CA LEU O 270 80.26 2.20 -24.90
C LEU O 270 80.06 1.47 -23.58
N ARG O 271 79.55 2.16 -22.57
CA ARG O 271 79.29 1.61 -21.24
C ARG O 271 80.58 1.04 -20.65
N PRO O 272 81.55 1.89 -20.28
CA PRO O 272 82.82 1.37 -19.75
C PRO O 272 82.64 0.68 -18.41
N SER O 273 82.87 -0.63 -18.38
CA SER O 273 82.65 -1.43 -17.18
C SER O 273 83.81 -2.41 -16.98
N ASP O 274 85.03 -1.95 -17.16
CA ASP O 274 86.22 -2.77 -16.98
C ASP O 274 87.14 -2.12 -15.96
N LYS O 275 88.33 -2.71 -15.78
CA LYS O 275 89.22 -2.30 -14.70
C LYS O 275 89.89 -0.96 -15.01
N THR O 276 90.36 -0.77 -16.23
CA THR O 276 91.17 0.40 -16.59
C THR O 276 90.69 1.00 -17.91
N GLN O 277 89.38 1.22 -18.03
CA GLN O 277 88.82 1.84 -19.22
C GLN O 277 88.30 3.25 -19.00
N LEU O 278 87.90 3.60 -17.78
CA LEU O 278 87.35 4.93 -17.53
C LEU O 278 88.44 5.98 -17.43
N PRO O 279 89.54 5.76 -16.70
CA PRO O 279 90.67 6.70 -16.81
C PRO O 279 91.20 6.79 -18.22
N ALA O 280 91.21 5.68 -18.96
CA ALA O 280 91.57 5.72 -20.37
C ALA O 280 90.58 6.56 -21.17
N LEU O 281 89.29 6.46 -20.83
CA LEU O 281 88.28 7.29 -21.50
C LEU O 281 88.52 8.76 -21.21
N ARG O 282 88.87 9.12 -19.97
CA ARG O 282 89.17 10.50 -19.64
C ARG O 282 90.40 10.99 -20.41
N ASN O 283 91.43 10.16 -20.50
CA ASN O 283 92.62 10.53 -21.26
C ASN O 283 92.27 10.75 -22.73
N ALA O 284 91.44 9.87 -23.30
CA ALA O 284 91.02 10.04 -24.68
C ALA O 284 90.25 11.34 -24.86
N LEU O 285 89.28 11.61 -23.97
CA LEU O 285 88.49 12.83 -24.07
C LEU O 285 89.38 14.07 -23.96
N SER O 286 90.42 14.01 -23.14
CA SER O 286 91.37 15.11 -23.04
C SER O 286 92.36 15.13 -24.20
N ALA O 287 92.44 14.08 -25.01
CA ALA O 287 93.43 14.02 -26.07
C ALA O 287 92.93 13.55 -27.42
N ILE O 288 91.64 13.25 -27.59
CA ILE O 288 91.14 12.78 -28.87
C ILE O 288 91.00 13.88 -29.89
N ASN O 289 90.91 15.13 -29.45
CA ASN O 289 90.77 16.28 -30.35
C ASN O 289 92.11 16.84 -30.80
N ARG O 290 93.22 16.23 -30.40
CA ARG O 290 94.56 16.67 -30.77
C ARG O 290 95.31 15.52 -31.45
N THR O 291 94.63 14.81 -32.33
CA THR O 291 95.20 13.68 -33.04
C THR O 291 94.92 13.81 -34.54
N HIS O 292 95.74 13.13 -35.34
CA HIS O 292 95.57 13.07 -36.78
C HIS O 292 95.52 11.61 -37.22
N PHE O 293 94.52 11.27 -38.02
CA PHE O 293 94.32 9.91 -38.52
C PHE O 293 94.19 9.96 -40.03
N LYS O 294 94.98 9.13 -40.73
CA LYS O 294 94.92 9.04 -42.18
C LYS O 294 94.79 7.56 -42.57
N SER O 295 93.57 7.05 -42.51
CA SER O 295 93.13 5.84 -43.21
C SER O 295 93.81 4.55 -42.74
N ARG O 296 94.81 4.65 -41.85
CA ARG O 296 95.46 3.44 -41.36
C ARG O 296 95.73 3.42 -39.86
N ASN O 297 95.97 4.57 -39.23
CA ASN O 297 96.34 4.59 -37.81
C ASN O 297 96.26 6.01 -37.30
N ILE O 298 96.04 6.15 -36.00
CA ILE O 298 95.94 7.46 -35.35
C ILE O 298 97.31 7.84 -34.82
N TYR O 299 97.78 9.03 -35.19
CA TYR O 299 99.08 9.51 -34.74
C TYR O 299 98.93 10.93 -34.19
N LEU O 300 99.71 11.22 -33.15
CA LEU O 300 99.64 12.49 -32.46
C LEU O 300 100.42 13.56 -33.22
N GLU O 301 100.38 14.79 -32.70
CA GLU O 301 101.18 15.88 -33.24
C GLU O 301 101.25 16.98 -32.20
N LYS O 302 102.46 17.34 -31.77
CA LYS O 302 102.64 18.43 -30.83
C LYS O 302 102.53 19.78 -31.53
N ASP O 303 102.52 20.84 -30.73
CA ASP O 303 102.60 22.19 -31.30
C ASP O 303 103.95 22.43 -31.99
N ASP O 304 104.97 21.66 -31.64
CA ASP O 304 106.28 21.75 -32.28
C ASP O 304 106.40 20.85 -33.50
N GLY O 305 105.41 20.00 -33.75
CA GLY O 305 105.43 19.11 -34.90
C GLY O 305 105.80 17.67 -34.59
N GLU O 306 106.23 17.37 -33.37
CA GLU O 306 106.59 16.00 -33.02
C GLU O 306 105.36 15.11 -33.01
N THR O 307 105.50 13.92 -33.61
CA THR O 307 104.39 12.99 -33.77
C THR O 307 104.73 11.66 -33.11
N PHE O 308 103.69 10.98 -32.64
CA PHE O 308 103.80 9.64 -32.07
C PHE O 308 102.93 8.70 -32.87
N LEU O 309 103.49 7.56 -33.25
CA LEU O 309 102.79 6.58 -34.09
C LEU O 309 102.21 5.48 -33.21
N LEU O 310 100.93 5.17 -33.41
CA LEU O 310 100.28 4.06 -32.75
C LEU O 310 100.20 2.88 -33.71
N TYR O 311 100.70 1.73 -33.27
CA TYR O 311 100.86 0.57 -34.12
C TYR O 311 99.82 -0.51 -33.80
N ASP O 312 99.47 -1.30 -34.82
CA ASP O 312 98.54 -2.40 -34.66
C ASP O 312 99.11 -3.72 -35.15
N ASP O 313 100.38 -3.75 -35.56
CA ASP O 313 101.04 -4.96 -36.03
C ASP O 313 101.98 -5.56 -34.99
N CYS O 314 101.77 -5.25 -33.71
CA CYS O 314 102.52 -5.83 -32.61
C CYS O 314 104.02 -5.53 -32.72
N ARG O 315 104.35 -4.24 -32.66
CA ARG O 315 105.73 -3.78 -32.58
C ARG O 315 105.87 -2.85 -31.39
N ASP O 316 107.00 -2.97 -30.70
CA ASP O 316 107.24 -2.24 -29.45
C ASP O 316 108.13 -1.01 -29.65
N THR O 317 107.95 -0.31 -30.77
CA THR O 317 108.78 0.86 -31.06
C THR O 317 108.53 1.97 -30.04
N ASN O 318 109.62 2.51 -29.49
CA ASN O 318 109.60 3.65 -28.57
C ASN O 318 108.70 3.36 -27.36
N GLN O 319 109.07 2.34 -26.60
CA GLN O 319 108.34 1.96 -25.40
C GLN O 319 108.87 2.63 -24.15
N SER O 320 109.97 3.38 -24.23
CA SER O 320 110.56 4.03 -23.07
C SER O 320 110.20 5.51 -22.97
N LYS O 321 109.89 6.16 -24.09
CA LYS O 321 109.46 7.55 -24.09
C LYS O 321 107.97 7.72 -23.83
N LEU O 322 107.25 6.61 -23.62
CA LEU O 322 105.82 6.68 -23.41
C LEU O 322 105.46 7.50 -22.18
N ALA O 323 106.34 7.55 -21.18
CA ALA O 323 106.06 8.35 -19.99
C ALA O 323 105.89 9.82 -20.33
N GLU O 324 106.87 10.40 -21.03
CA GLU O 324 106.77 11.80 -21.43
C GLU O 324 105.64 11.99 -22.44
N TRP O 325 105.45 11.02 -23.33
CA TRP O 325 104.37 11.11 -24.32
C TRP O 325 103.02 11.27 -23.63
N LEU O 326 102.70 10.36 -22.70
CA LEU O 326 101.42 10.44 -22.00
C LEU O 326 101.34 11.63 -21.05
N ASP O 327 102.47 12.04 -20.46
CA ASP O 327 102.44 13.23 -19.61
C ASP O 327 102.04 14.47 -20.42
N LEU O 328 102.69 14.68 -21.56
CA LEU O 328 102.34 15.83 -22.40
C LEU O 328 100.95 15.67 -22.99
N LEU O 329 100.55 14.44 -23.30
CA LEU O 329 99.22 14.20 -23.86
C LEU O 329 98.12 14.55 -22.86
N ARG O 330 98.31 14.17 -21.59
CA ARG O 330 97.34 14.51 -20.56
C ARG O 330 97.38 16.00 -20.23
N ARG O 331 98.56 16.61 -20.27
CA ARG O 331 98.68 18.03 -19.97
C ARG O 331 98.01 18.92 -21.02
N ARG O 332 97.64 18.37 -22.19
CA ARG O 332 96.96 19.11 -23.25
C ARG O 332 97.80 20.30 -23.71
N ARG O 333 98.99 19.99 -24.23
CA ARG O 333 99.93 21.00 -24.72
C ARG O 333 100.39 20.66 -26.13
N LEU O 334 99.49 20.15 -26.96
CA LEU O 334 99.82 19.69 -28.31
C LEU O 334 99.02 20.50 -29.34
N LYS O 335 99.16 20.09 -30.59
CA LYS O 335 98.53 20.76 -31.72
C LYS O 335 97.08 20.30 -31.88
N ARG O 336 96.22 21.25 -32.24
CA ARG O 336 94.80 20.97 -32.46
C ARG O 336 94.60 20.33 -33.83
N THR O 337 93.34 20.18 -34.23
CA THR O 337 93.00 19.62 -35.54
C THR O 337 91.62 20.14 -35.94
N ASN O 338 91.16 19.73 -37.11
CA ASN O 338 89.84 20.11 -37.59
C ASN O 338 89.11 18.92 -38.22
N VAL O 339 89.45 17.70 -37.80
CA VAL O 339 88.81 16.48 -38.30
C VAL O 339 88.41 15.63 -37.10
N TRP O 340 87.18 15.12 -37.13
CA TRP O 340 86.70 14.24 -36.07
C TRP O 340 87.22 12.83 -36.31
N PRO O 341 87.93 12.23 -35.36
CA PRO O 341 88.45 10.88 -35.59
C PRO O 341 87.32 9.87 -35.67
N PRO O 342 87.52 8.77 -36.39
CA PRO O 342 86.45 7.78 -36.53
C PRO O 342 86.17 7.06 -35.22
N PHE O 343 85.04 6.32 -35.22
CA PHE O 343 84.68 5.54 -34.04
C PHE O 343 85.70 4.44 -33.77
N LYS O 344 86.37 3.94 -34.81
CA LYS O 344 87.40 2.94 -34.64
C LYS O 344 88.61 3.47 -33.86
N SER O 345 88.79 4.79 -33.81
CA SER O 345 89.93 5.35 -33.09
C SER O 345 89.85 5.06 -31.60
N LEU O 346 88.66 5.16 -31.02
CA LEU O 346 88.51 4.93 -29.58
C LEU O 346 88.75 3.48 -29.18
N ALA O 347 88.69 2.55 -30.14
CA ALA O 347 88.95 1.15 -29.82
C ALA O 347 90.41 0.89 -29.48
N THR O 348 91.32 1.74 -29.94
CA THR O 348 92.75 1.57 -29.67
C THR O 348 93.28 2.52 -28.60
N LEU O 349 92.70 3.73 -28.49
CA LEU O 349 93.16 4.67 -27.48
C LEU O 349 92.92 4.14 -26.08
N VAL O 350 91.75 3.54 -25.83
CA VAL O 350 91.45 2.97 -24.53
C VAL O 350 92.37 1.79 -24.24
N ALA O 351 92.60 0.95 -25.25
CA ALA O 351 93.45 -0.23 -25.06
C ALA O 351 94.88 0.17 -24.73
N GLU O 352 95.42 1.17 -25.44
CA GLU O 352 96.80 1.58 -25.19
C GLU O 352 96.95 2.34 -23.88
N PHE O 353 95.95 3.13 -23.50
CA PHE O 353 96.02 3.88 -22.26
C PHE O 353 95.91 2.98 -21.03
N GLY O 354 95.17 1.88 -21.15
CA GLY O 354 94.87 1.03 -20.01
C GLY O 354 95.92 0.02 -19.64
N CYS O 355 97.05 -0.03 -20.35
CA CYS O 355 98.11 -1.00 -20.08
C CYS O 355 99.44 -0.27 -19.90
N VAL O 356 99.42 0.80 -19.11
CA VAL O 356 100.61 1.58 -18.80
C VAL O 356 100.87 1.50 -17.31
N ALA O 357 102.05 1.03 -16.94
CA ALA O 357 102.45 0.92 -15.54
C ALA O 357 103.96 1.09 -15.44
N ALA O 358 104.41 1.54 -14.27
CA ALA O 358 105.83 1.80 -14.04
C ALA O 358 106.29 1.00 -12.82
N ASP O 359 107.35 0.22 -13.00
CA ASP O 359 108.02 -0.46 -11.91
C ASP O 359 109.08 0.48 -11.32
N ARG O 360 109.99 -0.08 -10.51
CA ARG O 360 111.06 0.73 -9.94
C ARG O 360 111.85 1.45 -11.03
N SER O 361 112.13 0.77 -12.14
CA SER O 361 112.76 1.42 -13.27
C SER O 361 111.79 2.40 -13.92
N ASN O 362 112.33 3.54 -14.35
CA ASN O 362 111.49 4.57 -14.95
C ASN O 362 110.98 4.11 -16.32
N GLY O 363 109.85 4.69 -16.73
CA GLY O 363 109.22 4.36 -17.99
C GLY O 363 108.05 3.41 -17.80
N SER O 364 107.46 3.03 -18.92
CA SER O 364 106.31 2.14 -18.95
C SER O 364 106.57 1.00 -19.92
N LYS O 365 105.64 0.04 -19.93
CA LYS O 365 105.77 -1.12 -20.80
C LYS O 365 104.37 -1.67 -21.06
N ARG O 366 104.27 -2.52 -22.08
CA ARG O 366 103.01 -3.14 -22.49
C ARG O 366 103.18 -4.66 -22.38
N ASP O 367 102.53 -5.26 -21.39
CA ASP O 367 102.62 -6.69 -21.18
C ASP O 367 101.50 -7.41 -21.95
N ALA O 368 101.70 -8.71 -22.16
CA ALA O 368 100.71 -9.51 -22.87
C ALA O 368 99.46 -9.75 -22.04
N PHE O 369 99.58 -9.72 -20.71
CA PHE O 369 98.42 -9.91 -19.85
C PHE O 369 97.41 -8.78 -20.04
N GLY O 370 97.91 -7.54 -20.18
CA GLY O 370 97.01 -6.44 -20.47
C GLY O 370 96.32 -6.59 -21.81
N PHE O 371 97.04 -7.07 -22.82
CA PHE O 371 96.43 -7.31 -24.13
C PHE O 371 95.34 -8.38 -24.02
N SER O 372 95.59 -9.44 -23.26
CA SER O 372 94.56 -10.46 -23.08
C SER O 372 93.35 -9.90 -22.33
N ASN O 373 93.60 -9.05 -21.33
CA ASN O 373 92.49 -8.48 -20.55
C ASN O 373 91.64 -7.55 -21.40
N VAL O 374 92.27 -6.75 -22.26
CA VAL O 374 91.51 -5.86 -23.14
C VAL O 374 91.02 -6.56 -24.40
N LEU O 375 91.45 -7.80 -24.62
CA LEU O 375 91.02 -8.56 -25.78
C LEU O 375 89.50 -8.67 -25.94
N PRO O 376 88.70 -8.92 -24.89
CA PRO O 376 87.24 -9.00 -25.10
C PRO O 376 86.65 -7.79 -25.80
N LEU O 377 87.10 -6.58 -25.46
CA LEU O 377 86.50 -5.38 -26.04
C LEU O 377 86.81 -5.28 -27.54
N VAL O 378 88.07 -5.45 -27.91
CA VAL O 378 88.44 -5.35 -29.33
C VAL O 378 87.78 -6.46 -30.13
N LYS O 379 87.76 -7.68 -29.60
CA LYS O 379 87.14 -8.80 -30.31
C LYS O 379 85.64 -8.60 -30.47
N ILE O 380 84.96 -8.12 -29.42
CA ILE O 380 83.52 -7.91 -29.55
C ILE O 380 83.22 -6.76 -30.51
N ILE O 381 84.08 -5.74 -30.52
CA ILE O 381 83.89 -4.64 -31.48
C ILE O 381 84.06 -5.14 -32.90
N GLN O 382 85.08 -5.98 -33.14
CA GLN O 382 85.28 -6.52 -34.48
C GLN O 382 84.13 -7.42 -34.89
N GLN O 383 83.61 -8.22 -33.95
CA GLN O 383 82.45 -9.07 -34.25
C GLN O 383 81.23 -8.24 -34.57
N LEU O 384 81.01 -7.14 -33.83
CA LEU O 384 79.89 -6.26 -34.11
C LEU O 384 80.05 -5.57 -35.46
N ALA O 385 81.30 -5.33 -35.86
CA ALA O 385 81.56 -4.78 -37.20
C ALA O 385 81.14 -5.76 -38.29
N GLU O 386 81.32 -7.07 -38.04
CA GLU O 386 80.89 -8.09 -38.99
C GLU O 386 79.43 -8.44 -38.76
N ASP O 387 78.55 -7.44 -38.81
CA ASP O 387 77.13 -7.63 -38.53
C ASP O 387 76.33 -6.80 -39.53
N ILE O 388 75.03 -6.66 -39.26
CA ILE O 388 74.10 -6.05 -40.19
C ILE O 388 73.29 -4.92 -39.58
N ARG O 389 73.55 -4.54 -38.33
CA ARG O 389 72.71 -3.59 -37.62
C ARG O 389 73.40 -2.26 -37.31
N PHE O 390 74.59 -2.30 -36.71
CA PHE O 390 75.23 -1.06 -36.28
C PHE O 390 75.65 -0.20 -37.46
N LYS O 391 76.33 -0.80 -38.44
CA LYS O 391 76.79 -0.03 -39.60
C LYS O 391 75.66 0.31 -40.56
N SER O 392 74.55 -0.42 -40.51
CA SER O 392 73.41 -0.13 -41.38
C SER O 392 72.59 1.05 -40.90
N ILE O 393 72.80 1.51 -39.66
CA ILE O 393 72.05 2.64 -39.11
C ILE O 393 73.02 3.77 -38.77
N VAL O 394 74.04 3.47 -37.99
CA VAL O 394 75.02 4.46 -37.56
C VAL O 394 76.17 4.48 -38.56
N ASN O 395 76.53 5.68 -39.02
CA ASN O 395 77.60 5.87 -39.99
C ASN O 395 78.87 6.24 -39.22
N LEU O 396 79.77 5.27 -39.09
CA LEU O 396 81.03 5.45 -38.35
C LEU O 396 82.18 5.87 -39.26
N ASN O 397 81.95 6.90 -40.07
CA ASN O 397 82.99 7.39 -40.96
C ASN O 397 84.04 8.20 -40.20
N GLY O 398 83.62 9.30 -39.58
CA GLY O 398 84.54 10.14 -38.83
C GLY O 398 85.02 11.35 -39.60
N GLY O 399 84.76 12.54 -39.04
CA GLY O 399 85.20 13.78 -39.68
C GLY O 399 84.32 14.96 -39.33
N GLY O 400 84.92 16.09 -39.05
CA GLY O 400 84.17 17.28 -38.70
C GLY O 400 85.07 18.37 -38.15
N GLU O 401 84.63 19.60 -38.33
CA GLU O 401 85.40 20.76 -37.91
C GLU O 401 85.49 20.83 -36.39
N LEU O 402 86.45 21.61 -35.91
CA LEU O 402 86.78 21.75 -34.50
C LEU O 402 86.94 23.23 -34.16
N ALA O 403 85.92 24.03 -34.51
CA ALA O 403 85.90 25.46 -34.24
C ALA O 403 86.24 25.74 -32.78
N ASP O 404 87.24 26.60 -32.58
CA ASP O 404 87.82 26.81 -31.26
C ASP O 404 86.95 27.78 -30.44
N GLY O 405 87.49 28.23 -29.32
CA GLY O 405 86.79 29.11 -28.40
C GLY O 405 86.56 28.54 -27.02
N GLY O 406 86.77 27.24 -26.81
CA GLY O 406 86.53 26.62 -25.54
C GLY O 406 85.11 26.18 -25.29
N THR O 407 84.18 26.50 -26.20
CA THR O 407 82.78 26.12 -26.08
C THR O 407 82.35 25.18 -27.20
N HIS O 408 83.30 24.46 -27.80
CA HIS O 408 82.98 23.57 -28.92
C HIS O 408 82.01 22.47 -28.50
N TRP O 409 82.23 21.88 -27.32
CA TRP O 409 81.36 20.81 -26.86
C TRP O 409 79.92 21.29 -26.70
N ASP O 410 79.73 22.47 -26.12
CA ASP O 410 78.39 23.00 -25.96
C ASP O 410 77.82 23.48 -27.30
N LYS O 411 78.62 24.20 -28.08
CA LYS O 411 78.13 24.78 -29.33
C LYS O 411 77.72 23.70 -30.33
N ALA O 412 78.40 22.55 -30.29
CA ALA O 412 78.12 21.47 -31.24
C ALA O 412 76.67 21.01 -31.13
N MET O 413 76.18 20.86 -29.90
CA MET O 413 74.77 20.51 -29.72
C MET O 413 73.87 21.74 -29.59
N SER O 414 74.47 22.94 -29.49
CA SER O 414 73.64 24.14 -29.35
C SER O 414 73.18 24.67 -30.69
N ASP O 415 74.09 24.85 -31.63
CA ASP O 415 73.76 25.48 -32.92
C ASP O 415 73.41 24.48 -34.01
N GLU O 416 74.06 23.31 -34.02
CA GLU O 416 73.77 22.32 -35.05
C GLU O 416 72.33 21.80 -34.95
N VAL O 417 71.80 21.73 -33.72
CA VAL O 417 70.45 21.22 -33.52
C VAL O 417 69.39 22.27 -33.82
N ASP O 418 69.79 23.51 -34.10
CA ASP O 418 68.82 24.50 -34.58
C ASP O 418 68.16 24.05 -35.87
N TYR O 419 68.80 23.12 -36.59
CA TYR O 419 68.16 22.46 -37.72
C TYR O 419 66.94 21.65 -37.29
N PHE O 420 66.83 21.34 -35.99
CA PHE O 420 65.70 20.56 -35.51
C PHE O 420 64.56 21.43 -35.01
N PHE O 421 64.87 22.48 -34.24
CA PHE O 421 63.86 23.26 -33.56
C PHE O 421 63.91 24.75 -33.87
N GLY O 422 64.62 25.18 -34.90
CA GLY O 422 64.62 26.56 -35.32
C GLY O 422 65.63 27.41 -34.58
N LYS O 423 65.80 28.63 -35.09
CA LYS O 423 66.74 29.59 -34.54
C LYS O 423 65.99 30.64 -33.70
N GLU O 424 66.72 31.66 -33.29
CA GLU O 424 66.12 32.76 -32.54
C GLU O 424 65.15 33.54 -33.41
N LYS O 425 64.28 34.31 -32.76
CA LYS O 425 63.31 35.13 -33.48
C LYS O 425 64.02 36.22 -34.25
N GLY O 426 63.51 36.53 -35.43
CA GLY O 426 64.13 37.49 -36.34
C GLY O 426 64.68 36.87 -37.60
N GLN O 427 64.70 35.56 -37.72
CA GLN O 427 65.17 34.88 -38.91
C GLN O 427 63.99 34.60 -39.84
N GLU O 428 64.22 33.80 -40.87
CA GLU O 428 63.18 33.41 -41.82
C GLU O 428 63.16 31.90 -41.90
N ASN O 429 62.14 31.28 -41.28
CA ASN O 429 62.04 29.83 -41.20
C ASN O 429 61.28 29.33 -42.43
N ASP O 430 62.04 28.86 -43.43
CA ASP O 430 61.42 28.33 -44.64
C ASP O 430 60.84 26.94 -44.43
N TRP O 431 61.43 26.15 -43.53
CA TRP O 431 60.97 24.80 -43.25
C TRP O 431 60.25 24.78 -41.90
N ASN O 432 59.22 23.95 -41.80
CA ASN O 432 58.46 23.82 -40.56
C ASN O 432 58.18 22.35 -40.24
N VAL O 433 58.81 21.42 -40.96
CA VAL O 433 58.57 20.00 -40.77
C VAL O 433 59.90 19.27 -40.78
N HIS O 434 60.05 18.32 -39.85
CA HIS O 434 61.22 17.45 -39.80
C HIS O 434 60.77 16.08 -39.32
N ILE O 435 60.87 15.08 -40.19
CA ILE O 435 60.41 13.73 -39.89
C ILE O 435 61.52 12.74 -40.24
N VAL O 436 61.79 11.82 -39.32
CA VAL O 436 62.75 10.73 -39.54
C VAL O 436 61.96 9.43 -39.63
N ASN O 437 62.13 8.72 -40.73
CA ASN O 437 61.35 7.52 -41.02
C ASN O 437 62.20 6.28 -40.79
N MET O 438 61.68 5.35 -39.98
CA MET O 438 62.33 4.09 -39.65
C MET O 438 61.34 2.94 -39.75
N LYS O 439 60.66 2.84 -40.90
CA LYS O 439 59.58 1.87 -41.06
C LYS O 439 60.04 0.44 -40.75
N ASN O 440 61.32 0.15 -41.01
CA ASN O 440 61.93 -1.09 -40.58
C ASN O 440 62.94 -0.79 -39.47
N LEU O 441 62.68 -1.31 -38.28
CA LEU O 441 63.48 -0.97 -37.11
C LEU O 441 63.39 -2.11 -36.10
N ALA O 442 64.52 -2.40 -35.45
CA ALA O 442 64.60 -3.43 -34.44
C ALA O 442 64.11 -2.86 -33.11
N GLN O 443 63.17 -3.56 -32.48
CA GLN O 443 62.64 -3.10 -31.21
C GLN O 443 63.68 -3.13 -30.10
N ASP O 444 64.76 -3.90 -30.27
CA ASP O 444 65.80 -3.97 -29.25
C ASP O 444 66.67 -2.71 -29.27
N HIS O 445 66.95 -2.18 -30.46
CA HIS O 445 67.87 -1.06 -30.60
C HIS O 445 67.18 0.30 -30.58
N ALA O 446 65.87 0.33 -30.80
CA ALA O 446 65.14 1.60 -30.75
C ALA O 446 65.25 2.31 -29.40
N PRO O 447 65.14 1.65 -28.24
CA PRO O 447 65.24 2.39 -26.97
C PRO O 447 66.54 3.15 -26.81
N MET O 448 67.67 2.59 -27.28
CA MET O 448 68.94 3.30 -27.16
C MET O 448 68.94 4.59 -27.96
N LEU O 449 68.51 4.52 -29.22
CA LEU O 449 68.47 5.72 -30.06
C LEU O 449 67.51 6.76 -29.50
N LEU O 450 66.35 6.32 -29.03
CA LEU O 450 65.37 7.26 -28.50
C LEU O 450 65.82 7.88 -27.18
N SER O 451 66.50 7.11 -26.34
CA SER O 451 67.06 7.67 -25.10
C SER O 451 68.15 8.69 -25.42
N ALA O 452 69.00 8.39 -26.40
CA ALA O 452 70.00 9.37 -26.81
C ALA O 452 69.35 10.65 -27.35
N LEU O 453 68.29 10.49 -28.14
CA LEU O 453 67.57 11.65 -28.67
C LEU O 453 66.98 12.48 -27.53
N LEU O 454 66.37 11.83 -26.54
CA LEU O 454 65.80 12.54 -25.40
C LEU O 454 66.88 13.24 -24.59
N GLU O 455 68.03 12.58 -24.41
CA GLU O 455 69.14 13.22 -23.69
C GLU O 455 69.62 14.46 -24.41
N MET O 456 69.73 14.38 -25.74
CA MET O 456 70.11 15.57 -26.52
C MET O 456 69.05 16.66 -26.41
N PHE O 457 67.77 16.27 -26.41
CA PHE O 457 66.68 17.25 -26.36
C PHE O 457 66.65 17.97 -25.01
N ALA O 458 67.01 17.27 -23.95
CA ALA O 458 66.89 17.84 -22.60
C ALA O 458 67.74 19.09 -22.46
N GLU O 459 68.97 19.07 -22.97
CA GLU O 459 69.86 20.21 -22.80
C GLU O 459 69.51 21.36 -23.72
N ILE O 460 69.08 21.07 -24.95
CA ILE O 460 68.72 22.16 -25.87
C ILE O 460 67.45 22.85 -25.40
N LEU O 461 66.50 22.10 -24.84
CA LEU O 461 65.27 22.73 -24.34
C LEU O 461 65.57 23.69 -23.21
N PHE O 462 66.55 23.37 -22.36
CA PHE O 462 66.93 24.28 -21.29
C PHE O 462 67.49 25.59 -21.85
N ARG O 463 68.29 25.50 -22.92
CA ARG O 463 68.88 26.67 -23.54
C ARG O 463 67.92 27.34 -24.53
N ARG O 464 66.73 26.76 -24.75
CA ARG O 464 65.78 27.34 -25.68
C ARG O 464 65.36 28.74 -25.25
N GLY O 465 65.14 28.94 -23.96
CA GLY O 465 64.77 30.24 -23.44
C GLY O 465 63.29 30.51 -23.55
N GLN O 466 62.92 31.74 -23.19
CA GLN O 466 61.53 32.17 -23.17
C GLN O 466 61.09 32.77 -24.50
N GLU O 467 61.78 33.82 -24.95
CA GLU O 467 61.39 34.54 -26.15
C GLU O 467 61.74 33.81 -27.44
N ARG O 468 62.47 32.70 -27.36
CA ARG O 468 62.93 31.96 -28.52
C ARG O 468 62.33 30.56 -28.57
N SER O 469 61.03 30.46 -28.29
CA SER O 469 60.34 29.19 -28.23
C SER O 469 59.22 29.14 -29.27
N TYR O 470 58.92 27.92 -29.72
CA TYR O 470 57.91 27.66 -30.73
C TYR O 470 57.09 26.45 -30.30
N PRO O 471 55.82 26.38 -30.69
CA PRO O 471 55.04 25.16 -30.41
C PRO O 471 55.67 23.94 -31.04
N THR O 472 55.60 22.82 -30.32
CA THR O 472 56.31 21.62 -30.70
C THR O 472 55.36 20.42 -30.63
N VAL O 473 55.56 19.47 -31.53
CA VAL O 473 54.77 18.25 -31.59
C VAL O 473 55.71 17.07 -31.41
N LEU O 474 55.38 16.18 -30.46
CA LEU O 474 56.15 14.98 -30.21
C LEU O 474 55.25 13.77 -30.41
N LEU O 475 55.65 12.87 -31.31
CA LEU O 475 54.92 11.65 -31.59
C LEU O 475 55.72 10.47 -31.07
N LEU O 476 55.12 9.70 -30.17
CA LEU O 476 55.77 8.55 -29.53
C LEU O 476 54.82 7.36 -29.62
N GLU O 477 54.95 6.57 -30.69
CA GLU O 477 54.15 5.36 -30.79
C GLU O 477 54.72 4.28 -29.87
N GLU O 478 53.85 3.70 -29.04
CA GLU O 478 54.26 2.71 -28.06
C GLU O 478 55.40 3.21 -27.18
N ALA O 479 55.21 4.40 -26.60
CA ALA O 479 56.25 5.02 -25.80
C ALA O 479 56.60 4.20 -24.56
N HIS O 480 55.66 3.38 -24.09
CA HIS O 480 55.89 2.60 -22.88
C HIS O 480 57.01 1.59 -23.02
N HIS O 481 57.45 1.29 -24.24
CA HIS O 481 58.52 0.33 -24.43
C HIS O 481 59.88 0.91 -24.06
N TYR O 482 60.08 2.22 -24.27
CA TYR O 482 61.39 2.82 -24.14
C TYR O 482 61.46 4.03 -23.22
N LEU O 483 60.38 4.37 -22.51
CA LEU O 483 60.45 5.50 -21.60
C LEU O 483 61.41 5.22 -20.44
N ARG O 484 61.38 4.02 -19.90
CA ARG O 484 62.20 3.64 -18.75
C ARG O 484 63.16 2.53 -19.14
N ASP O 485 64.41 2.66 -18.69
CA ASP O 485 65.40 1.62 -18.89
C ASP O 485 65.03 0.39 -18.06
N PRO O 486 65.47 -0.80 -18.49
CA PRO O 486 65.13 -2.01 -17.72
C PRO O 486 65.59 -1.99 -16.29
N TYR O 487 66.73 -1.34 -16.00
CA TYR O 487 67.25 -1.29 -14.64
C TYR O 487 67.38 0.14 -14.14
N ALA O 488 66.34 0.95 -14.37
CA ALA O 488 66.30 2.33 -13.90
C ALA O 488 64.99 2.62 -13.19
N GLU O 489 64.57 1.70 -12.32
CA GLU O 489 63.30 1.86 -11.60
C GLU O 489 63.40 2.84 -10.44
N ILE O 490 64.60 3.13 -9.95
CA ILE O 490 64.77 4.03 -8.82
C ILE O 490 64.57 5.47 -9.29
N ASP O 491 63.93 6.27 -8.42
CA ASP O 491 63.60 7.65 -8.75
C ASP O 491 64.84 8.54 -8.93
N SER O 492 66.01 8.08 -8.51
CA SER O 492 67.24 8.84 -8.68
C SER O 492 67.87 8.69 -10.04
N GLN O 493 67.27 7.87 -10.92
CA GLN O 493 67.80 7.63 -12.27
C GLN O 493 66.92 8.24 -13.35
N ILE O 494 66.02 9.15 -12.99
CA ILE O 494 65.16 9.84 -13.95
C ILE O 494 65.46 11.33 -13.82
N LYS O 495 66.37 11.84 -14.65
CA LYS O 495 66.67 13.26 -14.73
C LYS O 495 66.43 13.81 -16.13
N ALA O 496 65.85 13.02 -17.03
CA ALA O 496 65.61 13.44 -18.40
C ALA O 496 64.15 13.75 -18.67
N TYR O 497 63.24 12.80 -18.41
CA TYR O 497 61.84 13.00 -18.73
C TYR O 497 61.21 14.09 -17.89
N GLU O 498 61.38 14.03 -16.57
CA GLU O 498 60.75 15.01 -15.69
C GLU O 498 61.34 16.40 -15.91
N ARG O 499 62.66 16.48 -16.08
CA ARG O 499 63.29 17.77 -16.38
C ARG O 499 62.80 18.30 -17.72
N LEU O 500 62.65 17.43 -18.71
CA LEU O 500 62.13 17.84 -20.01
C LEU O 500 60.72 18.39 -19.88
N ALA O 501 59.87 17.71 -19.12
CA ALA O 501 58.50 18.18 -18.94
C ALA O 501 58.45 19.51 -18.20
N LYS O 502 59.30 19.67 -17.17
CA LYS O 502 59.33 20.93 -16.44
C LYS O 502 59.79 22.08 -17.35
N GLU O 503 60.83 21.84 -18.14
CA GLU O 503 61.31 22.88 -19.06
C GLU O 503 60.26 23.22 -20.10
N GLY O 504 59.55 22.21 -20.61
CA GLY O 504 58.49 22.46 -21.57
C GLY O 504 57.35 23.25 -20.98
N ARG O 505 56.96 22.91 -19.74
CA ARG O 505 55.93 23.68 -19.06
C ARG O 505 56.36 25.12 -18.83
N LYS O 506 57.66 25.33 -18.57
CA LYS O 506 58.14 26.69 -18.35
C LYS O 506 58.18 27.49 -19.65
N PHE O 507 58.65 26.88 -20.74
CA PHE O 507 59.05 27.64 -21.93
C PHE O 507 58.49 27.03 -23.21
N LYS O 508 57.17 26.76 -23.21
CA LYS O 508 56.40 26.52 -24.43
C LYS O 508 56.95 25.33 -25.23
N CYS O 509 56.86 24.15 -24.63
CA CYS O 509 57.24 22.91 -25.32
C CYS O 509 56.30 21.80 -24.82
N SER O 510 55.26 21.54 -25.61
CA SER O 510 54.29 20.53 -25.22
C SER O 510 54.88 19.13 -25.33
N LEU O 511 54.46 18.26 -24.41
CA LEU O 511 54.82 16.84 -24.43
C LEU O 511 53.55 16.03 -24.55
N ILE O 512 53.50 15.13 -25.53
CA ILE O 512 52.34 14.29 -25.78
C ILE O 512 52.77 12.84 -25.61
N VAL O 513 52.06 12.11 -24.76
CA VAL O 513 52.36 10.72 -24.46
C VAL O 513 51.33 9.84 -25.14
N SER O 514 51.80 8.91 -25.99
CA SER O 514 50.94 7.99 -26.69
C SER O 514 51.42 6.57 -26.44
N THR O 515 50.48 5.69 -26.09
CA THR O 515 50.81 4.30 -25.79
C THR O 515 49.52 3.48 -25.86
N GLN O 516 49.61 2.19 -25.51
CA GLN O 516 48.44 1.33 -25.45
C GLN O 516 48.33 0.56 -24.14
N ARG O 517 49.25 0.77 -23.20
CA ARG O 517 49.23 0.11 -21.89
C ARG O 517 49.41 1.15 -20.81
N PRO O 518 48.38 1.97 -20.55
CA PRO O 518 48.50 2.99 -19.49
C PRO O 518 48.73 2.39 -18.11
N SER O 519 48.16 1.21 -17.84
CA SER O 519 48.29 0.61 -16.51
C SER O 519 49.74 0.28 -16.20
N GLU O 520 50.54 -0.02 -17.22
CA GLU O 520 51.96 -0.33 -17.04
C GLU O 520 52.85 0.90 -17.20
N LEU O 521 52.27 2.08 -17.41
CA LEU O 521 53.05 3.29 -17.59
C LEU O 521 53.32 3.95 -16.24
N SER O 522 54.36 4.79 -16.21
CA SER O 522 54.75 5.45 -14.98
C SER O 522 53.65 6.43 -14.54
N PRO O 523 53.35 6.50 -13.25
CA PRO O 523 52.28 7.42 -12.80
C PRO O 523 52.55 8.87 -13.11
N THR O 524 53.82 9.31 -13.02
CA THR O 524 54.13 10.71 -13.28
C THR O 524 54.03 11.03 -14.77
N VAL O 525 54.33 10.05 -15.64
CA VAL O 525 54.21 10.26 -17.08
C VAL O 525 52.77 10.58 -17.46
N LEU O 526 51.82 9.83 -16.90
CA LEU O 526 50.41 10.02 -17.20
C LEU O 526 49.85 11.32 -16.61
N ALA O 527 50.54 11.90 -15.64
CA ALA O 527 50.04 13.07 -14.91
C ALA O 527 50.63 14.38 -15.39
N MET O 528 51.30 14.40 -16.54
CA MET O 528 51.89 15.62 -17.10
C MET O 528 50.99 16.23 -18.16
N CYS O 529 49.68 16.16 -17.99
CA CYS O 529 48.72 16.60 -18.99
C CYS O 529 47.77 17.62 -18.39
N SER O 530 47.45 18.64 -19.18
CA SER O 530 46.47 19.66 -18.80
C SER O 530 45.17 19.53 -19.57
N ASN O 531 45.15 18.75 -20.65
CA ASN O 531 43.94 18.43 -21.38
C ASN O 531 44.00 16.96 -21.76
N TRP O 532 42.86 16.40 -22.14
CA TRP O 532 42.81 14.97 -22.40
C TRP O 532 41.96 14.68 -23.65
N PHE O 533 42.47 13.78 -24.48
CA PHE O 533 41.74 13.23 -25.61
C PHE O 533 42.02 11.73 -25.62
N SER O 534 41.09 10.94 -25.08
CA SER O 534 41.30 9.52 -24.87
C SER O 534 40.52 8.71 -25.89
N LEU O 535 41.16 7.71 -26.47
CA LEU O 535 40.54 6.76 -27.39
C LEU O 535 40.39 5.41 -26.70
N ARG O 536 39.95 4.42 -27.46
CA ARG O 536 39.62 3.12 -26.90
C ARG O 536 40.83 2.45 -26.27
N LEU O 537 40.61 1.84 -25.09
CA LEU O 537 41.59 0.99 -24.44
C LEU O 537 40.98 -0.37 -24.23
N THR O 538 41.73 -1.43 -24.56
CA THR O 538 41.12 -2.74 -24.80
C THR O 538 40.87 -3.50 -23.49
N ASN O 539 41.93 -3.84 -22.77
CA ASN O 539 41.82 -4.81 -21.69
C ASN O 539 41.10 -4.25 -20.47
N GLU O 540 40.42 -5.15 -19.75
CA GLU O 540 39.73 -4.78 -18.52
C GLU O 540 40.72 -4.56 -17.38
N ARG O 541 41.78 -5.36 -17.33
CA ARG O 541 42.75 -5.24 -16.24
C ARG O 541 43.48 -3.91 -16.27
N ASP O 542 43.52 -3.25 -17.44
CA ASP O 542 44.15 -1.94 -17.52
C ASP O 542 43.43 -0.89 -16.71
N LEU O 543 42.13 -1.08 -16.43
CA LEU O 543 41.37 -0.09 -15.68
C LEU O 543 41.78 -0.01 -14.22
N GLN O 544 42.51 -1.02 -13.72
CA GLN O 544 42.91 -1.01 -12.32
C GLN O 544 43.83 0.16 -12.00
N ALA O 545 44.81 0.42 -12.88
CA ALA O 545 45.68 1.57 -12.73
C ALA O 545 45.25 2.75 -13.58
N LEU O 546 44.32 2.56 -14.51
CA LEU O 546 43.77 3.65 -15.31
C LEU O 546 42.76 4.49 -14.54
N ARG O 547 42.25 3.99 -13.41
CA ARG O 547 41.30 4.75 -12.62
C ARG O 547 41.91 6.04 -12.07
N TYR O 548 43.23 6.08 -11.90
CA TYR O 548 43.92 7.29 -11.45
C TYR O 548 44.12 8.29 -12.58
N ALA O 549 43.99 7.87 -13.83
CA ALA O 549 44.36 8.73 -14.96
C ALA O 549 43.61 10.05 -14.96
N MET O 550 42.38 10.06 -14.46
CA MET O 550 41.56 11.27 -14.53
C MET O 550 42.02 12.31 -13.52
N GLU O 551 41.83 13.58 -13.89
CA GLU O 551 42.11 14.70 -13.00
C GLU O 551 40.95 15.67 -12.86
N SER O 552 40.13 15.88 -13.90
CA SER O 552 39.00 16.79 -13.84
C SER O 552 37.73 16.11 -14.37
N GLY O 553 37.57 14.82 -14.09
CA GLY O 553 36.42 14.09 -14.57
C GLY O 553 35.71 13.29 -13.50
N ASN O 554 35.07 12.19 -13.90
CA ASN O 554 34.31 11.37 -12.97
C ASN O 554 34.35 9.92 -13.46
N GLU O 555 33.47 9.09 -12.92
CA GLU O 555 33.43 7.68 -13.29
C GLU O 555 32.32 7.34 -14.27
N GLN O 556 31.34 8.24 -14.45
CA GLN O 556 30.19 7.91 -15.29
C GLN O 556 30.55 7.88 -16.76
N ILE O 557 31.54 8.67 -17.18
CA ILE O 557 31.91 8.74 -18.59
C ILE O 557 33.18 7.92 -18.89
N LEU O 558 33.95 7.57 -17.87
CA LEU O 558 35.16 6.79 -18.09
C LEU O 558 34.87 5.31 -18.28
N LYS O 559 33.65 4.86 -18.01
CA LYS O 559 33.29 3.46 -18.12
C LYS O 559 32.86 3.06 -19.52
N GLN O 560 32.87 3.98 -20.48
CA GLN O 560 32.48 3.69 -21.86
C GLN O 560 33.65 3.87 -22.82
N ILE O 561 34.87 3.68 -22.34
CA ILE O 561 36.03 3.67 -23.23
C ILE O 561 36.26 2.28 -23.82
N SER O 562 35.89 1.22 -23.11
CA SER O 562 36.08 -0.13 -23.63
C SER O 562 35.30 -0.34 -24.92
N GLY O 563 34.09 0.17 -24.99
CA GLY O 563 33.24 0.06 -26.16
C GLY O 563 33.35 1.19 -27.15
N LEU O 564 34.34 2.05 -27.03
CA LEU O 564 34.49 3.18 -27.94
C LEU O 564 34.87 2.69 -29.33
N PRO O 565 34.08 2.99 -30.37
CA PRO O 565 34.43 2.53 -31.72
C PRO O 565 35.60 3.30 -32.31
N ARG O 566 35.96 2.99 -33.55
CA ARG O 566 37.09 3.63 -34.20
C ARG O 566 36.73 5.05 -34.61
N GLY O 567 37.60 6.01 -34.27
CA GLY O 567 37.44 7.39 -34.66
C GLY O 567 36.87 8.30 -33.59
N ASP O 568 36.20 7.74 -32.58
CA ASP O 568 35.62 8.55 -31.52
C ASP O 568 36.63 8.75 -30.39
N ALA O 569 36.32 9.69 -29.51
CA ALA O 569 37.19 10.03 -28.40
C ALA O 569 36.38 10.65 -27.28
N VAL O 570 37.01 10.73 -26.11
CA VAL O 570 36.43 11.37 -24.93
C VAL O 570 37.33 12.53 -24.55
N ALA O 571 36.77 13.74 -24.49
CA ALA O 571 37.52 14.95 -24.23
C ALA O 571 37.01 15.63 -22.98
N PHE O 572 37.91 15.92 -22.04
CA PHE O 572 37.57 16.69 -20.85
C PHE O 572 38.80 17.50 -20.44
N GLY O 573 38.56 18.69 -19.92
CA GLY O 573 39.65 19.56 -19.50
C GLY O 573 39.16 20.96 -19.24
N SER O 574 40.11 21.89 -19.18
CA SER O 574 39.80 23.28 -18.91
C SER O 574 39.13 23.99 -20.07
N ALA O 575 39.12 23.38 -21.26
CA ALA O 575 38.50 23.99 -22.44
C ALA O 575 37.06 23.56 -22.65
N PHE O 576 36.53 22.66 -21.82
CA PHE O 576 35.18 22.15 -21.97
C PHE O 576 34.40 22.40 -20.68
N ASN O 577 33.16 22.86 -20.83
CA ASN O 577 32.30 23.06 -19.67
C ASN O 577 32.03 21.75 -18.94
N LEU O 578 31.72 20.70 -19.68
CA LEU O 578 31.44 19.39 -19.12
C LEU O 578 31.97 18.33 -20.07
N PRO O 579 32.31 17.14 -19.57
CA PRO O 579 32.83 16.09 -20.45
C PRO O 579 31.82 15.72 -21.53
N VAL O 580 32.33 15.52 -22.75
CA VAL O 580 31.50 15.18 -23.89
C VAL O 580 32.14 14.01 -24.63
N ARG O 581 31.32 13.26 -25.35
CA ARG O 581 31.81 12.22 -26.27
C ARG O 581 31.64 12.74 -27.69
N ILE O 582 32.77 12.97 -28.37
CA ILE O 582 32.80 13.63 -29.66
C ILE O 582 33.11 12.62 -30.74
N SER O 583 32.45 12.74 -31.89
CA SER O 583 32.70 11.89 -33.05
C SER O 583 33.51 12.70 -34.05
N ILE O 584 34.83 12.52 -34.01
CA ILE O 584 35.71 13.27 -34.90
C ILE O 584 35.52 12.81 -36.34
N ASN O 585 35.46 13.78 -37.25
CA ASN O 585 35.30 13.47 -38.66
C ASN O 585 36.51 12.72 -39.19
N GLN O 586 36.31 11.97 -40.28
CA GLN O 586 37.40 11.25 -40.91
C GLN O 586 38.28 12.20 -41.70
N ALA O 587 39.58 12.09 -41.51
CA ALA O 587 40.52 12.97 -42.19
C ALA O 587 40.56 12.67 -43.68
N ARG O 588 40.73 13.72 -44.48
CA ARG O 588 40.78 13.60 -45.94
C ARG O 588 41.93 14.47 -46.44
N PRO O 589 43.04 13.86 -46.88
CA PRO O 589 43.31 12.42 -46.97
C PRO O 589 43.71 11.80 -45.63
N GLY O 590 43.63 10.48 -45.52
CA GLY O 590 43.95 9.79 -44.29
C GLY O 590 45.26 9.03 -44.35
N PRO O 591 45.56 8.29 -43.28
CA PRO O 591 46.82 7.53 -43.24
C PRO O 591 46.79 6.34 -44.19
N LYS O 592 47.99 5.87 -44.52
CA LYS O 592 48.19 4.72 -45.39
C LYS O 592 48.84 3.58 -44.62
N SER O 593 48.90 2.42 -45.27
CA SER O 593 49.47 1.22 -44.68
C SER O 593 50.72 0.79 -45.44
N SER O 594 51.64 0.15 -44.73
CA SER O 594 52.90 -0.29 -45.31
C SER O 594 53.19 -1.76 -45.03
N ASP O 595 52.16 -2.55 -44.72
CA ASP O 595 52.31 -3.98 -44.49
C ASP O 595 51.43 -4.75 -45.46
N ALA O 596 51.98 -5.85 -45.99
CA ALA O 596 51.30 -6.63 -47.01
C ALA O 596 50.38 -7.66 -46.37
N VAL O 597 49.74 -8.46 -47.22
CA VAL O 597 48.82 -9.51 -46.81
C VAL O 597 49.27 -10.82 -47.44
N PHE O 598 49.00 -11.93 -46.74
CA PHE O 598 49.45 -13.23 -47.22
C PHE O 598 48.83 -13.59 -48.57
N SER O 599 47.62 -13.09 -48.83
CA SER O 599 46.94 -13.43 -50.09
C SER O 599 47.69 -12.86 -51.29
N GLU O 600 48.26 -11.67 -51.15
CA GLU O 600 48.99 -11.06 -52.25
C GLU O 600 50.22 -11.90 -52.62
N GLU O 601 50.94 -12.39 -51.62
CA GLU O 601 52.12 -13.23 -51.89
C GLU O 601 51.71 -14.60 -52.43
N TRP O 602 50.64 -15.19 -51.89
CA TRP O 602 50.24 -16.52 -52.31
C TRP O 602 49.68 -16.55 -53.73
N ALA O 603 49.43 -15.38 -54.32
CA ALA O 603 48.91 -15.36 -55.69
C ALA O 603 49.93 -15.92 -56.68
N ASN O 604 51.22 -15.63 -56.46
CA ASN O 604 52.30 -16.05 -57.35
C ASN O 604 52.07 -15.55 -58.78
N LEU P 3 -6.77 -15.33 -43.72
CA LEU P 3 -5.84 -15.41 -44.84
C LEU P 3 -4.61 -14.55 -44.57
N PHE P 4 -4.76 -13.56 -43.70
CA PHE P 4 -3.69 -12.64 -43.34
C PHE P 4 -3.21 -12.94 -41.93
N LYS P 5 -1.89 -13.10 -41.78
CA LYS P 5 -1.27 -13.35 -40.49
C LYS P 5 -0.12 -12.37 -40.28
N LEU P 6 0.11 -12.01 -39.02
CA LEU P 6 1.15 -11.04 -38.67
C LEU P 6 2.42 -11.71 -38.17
N THR P 7 2.33 -12.50 -37.11
CA THR P 7 3.51 -13.09 -36.48
C THR P 7 3.14 -14.46 -35.91
N GLU P 8 4.05 -15.42 -36.08
CA GLU P 8 3.83 -16.78 -35.61
C GLU P 8 4.73 -17.18 -34.44
N ILE P 9 5.69 -16.34 -34.06
CA ILE P 9 6.58 -16.67 -32.96
C ILE P 9 5.87 -16.36 -31.64
N SER P 10 5.79 -17.35 -30.77
CA SER P 10 5.10 -17.20 -29.50
C SER P 10 6.00 -16.51 -28.49
N ALA P 11 5.49 -15.45 -27.87
CA ALA P 11 6.26 -14.72 -26.86
C ALA P 11 6.33 -15.50 -25.56
N ILE P 12 7.37 -15.22 -24.78
CA ILE P 12 7.58 -15.90 -23.51
C ILE P 12 7.63 -14.94 -22.32
N GLY P 13 7.95 -13.67 -22.53
CA GLY P 13 8.04 -12.75 -21.42
C GLY P 13 8.30 -11.33 -21.88
N TYR P 14 8.64 -10.48 -20.92
CA TYR P 14 8.90 -9.07 -21.20
C TYR P 14 9.93 -8.54 -20.20
N VAL P 15 10.55 -7.42 -20.59
CA VAL P 15 11.54 -6.78 -19.73
C VAL P 15 10.84 -6.07 -18.59
N VAL P 16 11.44 -6.13 -17.39
CA VAL P 16 10.81 -5.57 -16.20
C VAL P 16 11.73 -4.60 -15.48
N GLY P 17 12.87 -4.28 -16.09
CA GLY P 17 13.78 -3.33 -15.47
C GLY P 17 15.04 -3.15 -16.30
N LEU P 18 15.74 -2.06 -16.00
CA LEU P 18 17.00 -1.75 -16.66
C LEU P 18 17.75 -0.74 -15.80
N GLU P 19 18.89 -1.13 -15.26
CA GLU P 19 19.68 -0.29 -14.35
C GLU P 19 21.11 -0.21 -14.86
N GLY P 20 21.36 0.72 -15.77
CA GLY P 20 22.67 0.85 -16.36
C GLY P 20 22.83 -0.04 -17.57
N GLU P 21 23.46 -1.20 -17.37
CA GLU P 21 23.55 -2.23 -18.39
C GLU P 21 22.74 -3.48 -18.05
N ARG P 22 22.39 -3.68 -16.78
CA ARG P 22 21.65 -4.85 -16.37
C ARG P 22 20.23 -4.83 -16.94
N ILE P 23 19.73 -6.03 -17.25
CA ILE P 23 18.39 -6.21 -17.78
C ILE P 23 17.68 -7.29 -16.96
N ARG P 24 16.39 -7.09 -16.71
CA ARG P 24 15.58 -8.03 -15.95
C ARG P 24 14.36 -8.45 -16.77
N ILE P 25 14.05 -9.75 -16.73
CA ILE P 25 12.98 -10.32 -17.53
C ILE P 25 12.10 -11.19 -16.66
N ASN P 26 10.80 -11.21 -16.98
CA ASN P 26 9.83 -12.03 -16.27
C ASN P 26 9.11 -12.94 -17.27
N LEU P 27 9.02 -14.23 -16.94
CA LEU P 27 8.37 -15.21 -17.80
C LEU P 27 6.92 -15.41 -17.38
N HIS P 28 6.19 -16.16 -18.22
CA HIS P 28 4.81 -16.50 -17.96
C HIS P 28 4.73 -17.83 -17.22
N GLU P 29 3.50 -18.29 -16.97
CA GLU P 29 3.23 -19.57 -16.34
C GLU P 29 2.32 -20.39 -17.25
N GLY P 30 2.17 -21.67 -16.90
CA GLY P 30 1.33 -22.55 -17.66
C GLY P 30 2.00 -23.06 -18.92
N LEU P 31 1.23 -23.83 -19.70
CA LEU P 31 1.77 -24.43 -20.92
C LEU P 31 2.13 -23.39 -21.96
N GLN P 32 1.48 -22.22 -21.92
CA GLN P 32 1.79 -21.17 -22.89
C GLN P 32 3.23 -20.69 -22.74
N GLY P 33 3.68 -20.49 -21.51
CA GLY P 33 5.02 -20.01 -21.22
C GLY P 33 6.08 -21.07 -21.05
N ARG P 34 5.76 -22.34 -21.29
CA ARG P 34 6.71 -23.44 -21.14
C ARG P 34 7.11 -24.07 -22.46
N LEU P 35 6.14 -24.49 -23.27
CA LEU P 35 6.40 -25.12 -24.55
C LEU P 35 5.91 -24.22 -25.67
N ALA P 36 6.77 -23.99 -26.67
CA ALA P 36 6.46 -23.14 -27.81
C ALA P 36 6.49 -23.97 -29.08
N SER P 37 5.45 -23.86 -29.89
CA SER P 37 5.32 -24.61 -31.13
C SER P 37 5.28 -23.65 -32.31
N HIS P 38 6.15 -23.88 -33.28
CA HIS P 38 6.21 -23.07 -34.49
C HIS P 38 6.34 -24.00 -35.69
N ARG P 39 6.50 -23.40 -36.88
CA ARG P 39 6.59 -24.18 -38.11
C ARG P 39 7.90 -24.94 -38.23
N LYS P 40 8.87 -24.70 -37.37
CA LYS P 40 10.18 -25.33 -37.45
C LYS P 40 10.46 -26.23 -36.26
N GLY P 41 9.44 -26.61 -35.49
CA GLY P 41 9.60 -27.52 -34.38
C GLY P 41 9.16 -26.90 -33.07
N VAL P 42 9.85 -27.27 -31.99
CA VAL P 42 9.54 -26.82 -30.64
C VAL P 42 10.72 -26.02 -30.11
N SER P 43 10.41 -24.90 -29.45
CA SER P 43 11.41 -24.01 -28.88
C SER P 43 11.25 -23.95 -27.36
N SER P 44 12.36 -24.09 -26.66
CA SER P 44 12.37 -24.04 -25.20
C SER P 44 13.76 -23.66 -24.72
N VAL P 45 13.85 -23.26 -23.46
CA VAL P 45 15.12 -22.89 -22.83
C VAL P 45 15.44 -23.92 -21.76
N THR P 46 16.72 -24.28 -21.66
CA THR P 46 17.17 -25.31 -20.73
C THR P 46 18.10 -24.75 -19.65
N GLN P 47 19.20 -24.12 -20.06
CA GLN P 47 20.22 -23.63 -19.13
C GLN P 47 20.68 -22.26 -19.60
N PRO P 48 21.24 -21.44 -18.69
CA PRO P 48 21.78 -20.14 -19.09
C PRO P 48 22.86 -20.26 -20.16
N GLY P 49 23.16 -19.15 -20.82
CA GLY P 49 24.04 -19.14 -21.97
C GLY P 49 23.32 -19.11 -23.29
N ASP P 50 22.05 -19.50 -23.32
CA ASP P 50 21.25 -19.36 -24.52
C ASP P 50 20.93 -17.89 -24.76
N LEU P 51 20.91 -17.50 -26.03
CA LEU P 51 20.63 -16.13 -26.43
C LEU P 51 19.15 -15.99 -26.75
N ILE P 52 18.50 -14.99 -26.16
CA ILE P 52 17.10 -14.71 -26.44
C ILE P 52 17.00 -13.37 -27.17
N GLY P 53 15.78 -13.01 -27.59
CA GLY P 53 15.62 -11.84 -28.43
C GLY P 53 14.55 -10.90 -27.89
N PHE P 54 14.64 -9.65 -28.37
CA PHE P 54 13.64 -8.63 -28.07
C PHE P 54 13.33 -7.87 -29.36
N ASP P 55 12.07 -7.47 -29.51
CA ASP P 55 11.65 -6.69 -30.67
C ASP P 55 11.51 -5.23 -30.30
N ALA P 56 12.04 -4.36 -31.17
CA ALA P 56 12.01 -2.92 -30.94
C ALA P 56 11.60 -2.20 -32.22
N GLY P 57 10.58 -2.71 -32.90
CA GLY P 57 10.10 -2.09 -34.13
C GLY P 57 10.84 -2.58 -35.35
N ASN P 58 11.77 -1.78 -35.85
CA ASN P 58 12.60 -2.14 -36.99
C ASN P 58 13.99 -2.60 -36.58
N ILE P 59 14.20 -2.86 -35.28
CA ILE P 59 15.48 -3.35 -34.77
C ILE P 59 15.22 -4.43 -33.73
N LEU P 60 16.00 -5.49 -33.79
CA LEU P 60 15.91 -6.60 -32.85
C LEU P 60 17.09 -6.56 -31.89
N VAL P 61 16.88 -7.06 -30.68
CA VAL P 61 17.89 -7.03 -29.62
C VAL P 61 18.07 -8.44 -29.07
N VAL P 62 19.33 -8.80 -28.84
CA VAL P 62 19.70 -10.13 -28.34
C VAL P 62 20.30 -9.99 -26.95
N ALA P 63 19.92 -10.91 -26.05
CA ALA P 63 20.42 -10.89 -24.68
C ALA P 63 20.72 -12.32 -24.23
N ARG P 64 21.59 -12.43 -23.23
CA ARG P 64 22.06 -13.71 -22.71
C ARG P 64 21.70 -13.82 -21.23
N VAL P 65 21.06 -14.94 -20.86
CA VAL P 65 20.63 -15.16 -19.48
C VAL P 65 21.84 -15.51 -18.62
N THR P 66 21.89 -14.92 -17.42
CA THR P 66 22.97 -15.19 -16.48
C THR P 66 22.51 -15.63 -15.10
N ASP P 67 21.39 -15.10 -14.58
CA ASP P 67 20.97 -15.40 -13.23
C ASP P 67 19.50 -15.78 -13.23
N MET P 68 19.14 -16.67 -12.30
CA MET P 68 17.76 -17.12 -12.16
C MET P 68 17.56 -17.65 -10.76
N ALA P 69 16.73 -16.98 -9.98
CA ALA P 69 16.43 -17.39 -8.61
C ALA P 69 15.16 -16.71 -8.14
N PHE P 70 14.29 -17.48 -7.50
CA PHE P 70 13.04 -16.92 -7.00
C PHE P 70 13.30 -16.01 -5.80
N VAL P 71 12.32 -15.15 -5.52
CA VAL P 71 12.42 -14.22 -4.40
C VAL P 71 12.40 -14.97 -3.07
N ILE P 89 0.78 -18.55 -5.67
CA ILE P 89 1.01 -18.22 -7.07
C ILE P 89 2.48 -17.86 -7.31
N PRO P 90 3.29 -18.86 -7.70
CA PRO P 90 4.69 -18.59 -8.01
C PRO P 90 4.84 -17.73 -9.26
N LEU P 91 5.92 -16.95 -9.28
CA LEU P 91 6.23 -16.07 -10.40
C LEU P 91 7.64 -16.37 -10.90
N ARG P 92 7.77 -16.60 -12.20
CA ARG P 92 9.04 -16.95 -12.82
C ARG P 92 9.66 -15.71 -13.47
N GLN P 93 10.99 -15.69 -13.51
CA GLN P 93 11.72 -14.49 -13.93
C GLN P 93 13.08 -14.88 -14.49
N ILE P 94 13.72 -13.91 -15.16
CA ILE P 94 15.01 -14.10 -15.82
C ILE P 94 15.83 -12.83 -15.68
N ILE P 95 17.14 -12.99 -15.47
CA ILE P 95 18.09 -11.88 -15.48
C ILE P 95 19.03 -12.08 -16.66
N ALA P 96 19.26 -11.01 -17.42
CA ALA P 96 20.09 -11.10 -18.63
C ALA P 96 20.81 -9.78 -18.84
N TYR P 97 21.78 -9.82 -19.76
CA TYR P 97 22.56 -8.65 -20.13
C TYR P 97 22.51 -8.47 -21.65
N ALA P 98 22.78 -7.26 -22.10
CA ALA P 98 22.70 -6.92 -23.52
C ALA P 98 24.02 -7.23 -24.22
N ILE P 99 23.94 -7.84 -25.40
CA ILE P 99 25.13 -8.24 -26.14
C ILE P 99 25.18 -7.56 -27.50
N GLY P 100 24.01 -7.30 -28.09
CA GLY P 100 23.98 -6.71 -29.41
C GLY P 100 22.60 -6.60 -30.03
N PHE P 101 22.52 -5.95 -31.19
CA PHE P 101 21.26 -5.71 -31.88
C PHE P 101 21.38 -6.09 -33.36
N VAL P 102 20.22 -6.37 -33.96
CA VAL P 102 20.13 -6.80 -35.34
C VAL P 102 19.28 -5.79 -36.11
N LYS P 103 19.62 -5.61 -37.39
CA LYS P 103 18.91 -4.66 -38.23
C LYS P 103 18.71 -5.26 -39.62
N ARG P 104 17.82 -4.65 -40.39
CA ARG P 104 17.50 -5.09 -41.74
C ARG P 104 18.08 -4.12 -42.77
N GLU P 105 18.69 -4.67 -43.81
CA GLU P 105 19.29 -3.91 -44.89
C GLU P 105 18.33 -3.88 -46.07
N LEU P 106 18.81 -3.34 -47.20
CA LEU P 106 17.97 -3.20 -48.40
C LEU P 106 17.43 -4.54 -48.87
N ASN P 107 18.30 -5.55 -48.98
CA ASN P 107 17.88 -6.89 -49.35
C ASN P 107 18.51 -7.97 -48.51
N GLY P 108 19.42 -7.63 -47.60
CA GLY P 108 20.04 -8.60 -46.72
C GLY P 108 20.14 -8.09 -45.30
N TYR P 109 21.18 -8.50 -44.59
CA TYR P 109 21.42 -8.01 -43.24
C TYR P 109 22.92 -7.92 -42.99
N VAL P 110 23.28 -7.03 -42.07
CA VAL P 110 24.66 -6.88 -41.62
C VAL P 110 24.65 -6.80 -40.09
N PHE P 111 25.83 -6.92 -39.50
CA PHE P 111 25.98 -6.91 -38.05
C PHE P 111 26.87 -5.75 -37.64
N ILE P 112 26.38 -4.92 -36.73
CA ILE P 112 27.15 -3.87 -36.09
C ILE P 112 26.77 -3.84 -34.61
N SER P 113 27.77 -3.74 -33.74
CA SER P 113 27.55 -3.79 -32.30
C SER P 113 28.23 -2.60 -31.63
N GLU P 114 27.49 -1.90 -30.78
CA GLU P 114 28.02 -0.84 -29.95
C GLU P 114 27.33 -0.91 -28.60
N ASP P 115 28.12 -0.94 -27.53
CA ASP P 115 27.57 -1.15 -26.19
C ASP P 115 27.02 0.14 -25.59
N TRP P 116 26.16 0.83 -26.32
CA TRP P 116 25.46 1.98 -25.78
C TRP P 116 23.98 2.00 -26.09
N ARG P 117 23.49 1.18 -27.01
CA ARG P 117 22.06 1.06 -27.29
C ARG P 117 21.48 -0.11 -26.50
N LEU P 118 20.35 0.13 -25.87
CA LEU P 118 19.68 -0.84 -25.01
C LEU P 118 18.23 -0.99 -25.42
N PRO P 119 17.64 -2.16 -25.20
CA PRO P 119 16.23 -2.35 -25.56
C PRO P 119 15.31 -1.53 -24.68
N ALA P 120 14.19 -1.11 -25.25
CA ALA P 120 13.19 -0.35 -24.52
C ALA P 120 12.42 -1.24 -23.56
N LEU P 121 11.81 -0.62 -22.56
CA LEU P 121 11.03 -1.34 -21.57
C LEU P 121 9.73 -1.87 -22.18
N GLY P 122 9.28 -3.01 -21.66
CA GLY P 122 8.09 -3.65 -22.16
C GLY P 122 8.28 -4.48 -23.41
N SER P 123 9.51 -4.60 -23.92
CA SER P 123 9.75 -5.37 -25.12
C SER P 123 9.46 -6.85 -24.90
N SER P 124 8.85 -7.48 -25.89
CA SER P 124 8.49 -8.89 -25.80
C SER P 124 9.73 -9.77 -25.96
N ALA P 125 9.67 -10.93 -25.33
CA ALA P 125 10.76 -11.90 -25.36
C ALA P 125 10.35 -13.14 -26.15
N VAL P 126 11.21 -13.57 -27.05
CA VAL P 126 10.94 -14.74 -27.89
C VAL P 126 12.18 -15.62 -27.95
N PRO P 127 12.00 -16.92 -28.11
CA PRO P 127 13.15 -17.80 -28.35
C PRO P 127 13.75 -17.55 -29.72
N LEU P 128 15.04 -17.88 -29.85
CA LEU P 128 15.79 -17.66 -31.07
C LEU P 128 15.83 -18.92 -31.91
N THR P 129 15.54 -18.77 -33.20
CA THR P 129 15.62 -19.87 -34.15
C THR P 129 17.05 -20.03 -34.65
N SER P 130 17.29 -21.10 -35.40
CA SER P 130 18.62 -21.34 -35.97
C SER P 130 18.95 -20.35 -37.08
N ASP P 131 17.93 -19.75 -37.72
CA ASP P 131 18.19 -18.78 -38.77
C ASP P 131 18.88 -17.54 -38.22
N PHE P 132 18.38 -17.01 -37.10
CA PHE P 132 19.02 -15.86 -36.48
C PHE P 132 20.41 -16.21 -35.97
N LEU P 133 20.59 -17.45 -35.48
CA LEU P 133 21.90 -17.89 -35.06
C LEU P 133 22.87 -17.90 -36.23
N ASN P 134 22.42 -18.37 -37.39
CA ASN P 134 23.25 -18.33 -38.59
C ASN P 134 23.58 -16.90 -38.98
N ILE P 135 22.60 -16.00 -38.88
CA ILE P 135 22.82 -14.60 -39.27
C ILE P 135 23.82 -13.93 -38.34
N ILE P 136 23.78 -14.26 -37.05
CA ILE P 136 24.63 -13.58 -36.07
C ILE P 136 26.10 -13.80 -36.38
N TYR P 137 26.48 -15.04 -36.70
CA TYR P 137 27.88 -15.36 -36.94
C TYR P 137 28.31 -15.10 -38.38
N SER P 138 27.40 -14.58 -39.22
CA SER P 138 27.74 -14.30 -40.62
C SER P 138 28.81 -13.23 -40.72
N ILE P 139 29.65 -13.32 -41.75
CA ILE P 139 30.76 -12.39 -41.96
C ILE P 139 30.39 -11.52 -43.16
N ASP P 140 31.20 -10.48 -43.37
CA ASP P 140 30.95 -9.53 -44.45
C ASP P 140 30.89 -10.23 -45.80
N LYS P 141 30.04 -9.72 -46.68
CA LYS P 141 29.82 -10.36 -47.98
C LYS P 141 31.05 -10.29 -48.88
N GLU P 142 32.03 -9.45 -48.57
CA GLU P 142 33.23 -9.31 -49.37
C GLU P 142 34.18 -10.49 -49.22
N GLU P 143 34.27 -11.10 -48.04
CA GLU P 143 35.24 -12.15 -47.77
C GLU P 143 34.57 -13.49 -47.48
N LEU P 144 33.42 -13.74 -48.09
CA LEU P 144 32.74 -15.02 -47.87
C LEU P 144 33.55 -16.22 -48.36
N PRO P 145 34.09 -16.25 -49.58
CA PRO P 145 34.79 -17.45 -50.05
C PRO P 145 36.23 -17.58 -49.58
N LYS P 146 36.64 -16.82 -48.57
CA LYS P 146 38.00 -16.87 -48.04
C LYS P 146 38.02 -17.36 -46.59
N ALA P 147 37.21 -18.37 -46.29
CA ALA P 147 37.06 -18.88 -44.93
C ALA P 147 37.34 -20.37 -44.89
N VAL P 148 37.49 -20.89 -43.67
CA VAL P 148 37.71 -22.31 -43.41
C VAL P 148 36.72 -22.76 -42.36
N GLU P 149 36.15 -23.95 -42.55
CA GLU P 149 35.18 -24.47 -41.59
C GLU P 149 35.88 -24.87 -40.31
N LEU P 150 35.21 -24.63 -39.18
CA LEU P 150 35.78 -24.96 -37.87
C LEU P 150 34.99 -26.02 -37.13
N GLY P 151 33.68 -25.84 -36.98
CA GLY P 151 32.90 -26.81 -36.23
C GLY P 151 31.43 -26.43 -36.18
N VAL P 152 30.70 -27.19 -35.39
CA VAL P 152 29.25 -27.01 -35.23
C VAL P 152 28.92 -27.02 -33.74
N ASP P 153 28.05 -26.11 -33.32
CA ASP P 153 27.69 -26.00 -31.92
C ASP P 153 26.98 -27.26 -31.44
N SER P 154 27.07 -27.51 -30.13
CA SER P 154 26.52 -28.73 -29.56
C SER P 154 25.05 -28.60 -29.18
N ARG P 155 24.58 -27.38 -28.93
CA ARG P 155 23.20 -27.20 -28.48
C ARG P 155 22.20 -27.48 -29.59
N THR P 156 22.43 -26.94 -30.78
CA THR P 156 21.50 -27.11 -31.89
C THR P 156 22.01 -28.06 -32.97
N LYS P 157 23.33 -28.16 -33.14
CA LYS P 157 23.95 -29.06 -34.12
C LYS P 157 23.46 -28.78 -35.55
N THR P 158 23.12 -27.52 -35.84
CA THR P 158 22.64 -27.16 -37.18
C THR P 158 23.24 -25.86 -37.70
N VAL P 159 24.29 -25.34 -37.08
CA VAL P 159 24.91 -24.08 -37.49
C VAL P 159 26.36 -24.36 -37.84
N LYS P 160 26.85 -23.71 -38.91
CA LYS P 160 28.21 -23.88 -39.39
C LYS P 160 29.04 -22.67 -38.96
N ILE P 161 30.23 -22.93 -38.42
CA ILE P 161 31.12 -21.90 -37.93
C ILE P 161 32.31 -21.80 -38.88
N PHE P 162 32.54 -20.61 -39.42
CA PHE P 162 33.61 -20.36 -40.38
C PHE P 162 34.69 -19.49 -39.72
N ALA P 163 35.75 -19.22 -40.48
CA ALA P 163 36.82 -18.34 -40.03
C ALA P 163 37.66 -17.87 -41.21
N SER P 164 37.77 -16.54 -41.38
CA SER P 164 38.51 -15.97 -42.48
C SER P 164 40.01 -16.24 -42.33
N VAL P 165 40.68 -16.40 -43.47
CA VAL P 165 42.11 -16.73 -43.47
C VAL P 165 42.92 -15.59 -42.87
N ASP P 166 42.49 -14.34 -43.10
CA ASP P 166 43.22 -13.17 -42.63
C ASP P 166 43.48 -13.27 -41.12
N LYS P 167 42.42 -13.28 -40.32
CA LYS P 167 42.61 -13.44 -38.89
C LYS P 167 43.00 -14.87 -38.50
N LEU P 168 42.88 -15.82 -39.43
CA LEU P 168 43.32 -17.18 -39.13
C LEU P 168 44.83 -17.27 -39.00
N LEU P 169 45.58 -16.58 -39.87
CA LEU P 169 47.02 -16.77 -39.93
C LEU P 169 47.85 -15.50 -39.91
N SER P 170 47.25 -14.31 -39.85
CA SER P 170 48.06 -13.09 -39.82
C SER P 170 48.85 -13.00 -38.52
N ARG P 171 48.17 -13.15 -37.39
CA ARG P 171 48.81 -13.05 -36.08
C ARG P 171 49.33 -14.40 -35.63
N HIS P 172 49.82 -14.45 -34.39
CA HIS P 172 50.32 -15.68 -33.79
C HIS P 172 49.19 -16.35 -33.02
N LEU P 173 49.49 -17.48 -32.37
CA LEU P 173 48.44 -18.24 -31.70
C LEU P 173 49.08 -19.15 -30.65
N ALA P 174 48.24 -19.62 -29.73
CA ALA P 174 48.66 -20.59 -28.73
C ALA P 174 47.45 -21.40 -28.31
N VAL P 175 47.67 -22.68 -28.03
CA VAL P 175 46.61 -23.62 -27.67
C VAL P 175 46.87 -24.12 -26.26
N LEU P 176 45.83 -24.06 -25.42
CA LEU P 176 45.93 -24.49 -24.02
C LEU P 176 44.87 -25.55 -23.75
N GLY P 177 45.22 -26.53 -22.94
CA GLY P 177 44.31 -27.59 -22.60
C GLY P 177 45.03 -28.73 -21.92
N SER P 178 44.25 -29.75 -21.56
CA SER P 178 44.81 -30.92 -20.90
C SER P 178 45.43 -31.86 -21.93
N THR P 179 45.91 -33.01 -21.45
CA THR P 179 46.62 -33.95 -22.30
C THR P 179 45.67 -34.71 -23.20
N GLY P 180 45.91 -34.64 -24.51
CA GLY P 180 45.13 -35.41 -25.46
C GLY P 180 43.77 -34.85 -25.79
N TYR P 181 43.46 -33.65 -25.31
CA TYR P 181 42.17 -33.01 -25.57
C TYR P 181 42.33 -32.05 -26.74
N GLY P 182 42.41 -32.62 -27.94
CA GLY P 182 42.40 -31.80 -29.15
C GLY P 182 43.52 -30.81 -29.25
N LYS P 183 44.73 -31.22 -28.87
CA LYS P 183 45.91 -30.37 -29.04
C LYS P 183 46.72 -30.76 -30.28
N SER P 184 47.20 -32.00 -30.34
CA SER P 184 47.91 -32.46 -31.52
C SER P 184 46.94 -32.74 -32.66
N ASN P 185 45.77 -33.29 -32.35
CA ASN P 185 44.76 -33.53 -33.37
C ASN P 185 44.35 -32.23 -34.04
N PHE P 186 44.15 -31.17 -33.26
CA PHE P 186 43.78 -29.89 -33.85
C PHE P 186 44.89 -29.33 -34.73
N ASN P 187 46.15 -29.45 -34.30
CA ASN P 187 47.26 -28.98 -35.13
C ASN P 187 47.30 -29.72 -36.46
N ALA P 188 47.19 -31.05 -36.42
CA ALA P 188 47.24 -31.83 -37.65
C ALA P 188 46.06 -31.50 -38.55
N LEU P 189 44.86 -31.37 -37.97
CA LEU P 189 43.67 -31.08 -38.76
C LEU P 189 43.75 -29.70 -39.40
N LEU P 190 44.20 -28.70 -38.64
CA LEU P 190 44.33 -27.34 -39.18
C LEU P 190 45.38 -27.29 -40.27
N THR P 191 46.51 -27.97 -40.08
CA THR P 191 47.54 -28.00 -41.12
C THR P 191 47.02 -28.66 -42.39
N ARG P 192 46.30 -29.78 -42.24
CA ARG P 192 45.73 -30.45 -43.40
C ARG P 192 44.74 -29.54 -44.12
N LYS P 193 43.89 -28.85 -43.37
CA LYS P 193 42.89 -27.98 -44.00
C LYS P 193 43.54 -26.81 -44.72
N VAL P 194 44.54 -26.17 -44.10
CA VAL P 194 45.18 -25.03 -44.76
C VAL P 194 45.97 -25.49 -45.97
N SER P 195 46.51 -26.72 -45.93
CA SER P 195 47.16 -27.26 -47.11
C SER P 195 46.17 -27.53 -48.23
N GLU P 196 45.00 -28.09 -47.88
CA GLU P 196 43.99 -28.39 -48.90
C GLU P 196 43.44 -27.12 -49.53
N LYS P 197 43.18 -26.10 -48.71
CA LYS P 197 42.67 -24.84 -49.25
C LYS P 197 43.68 -24.18 -50.17
N TYR P 198 44.94 -24.14 -49.75
CA TYR P 198 46.02 -23.53 -50.55
C TYR P 198 47.24 -24.44 -50.48
N PRO P 199 47.50 -25.22 -51.53
CA PRO P 199 48.71 -26.06 -51.54
C PRO P 199 50.00 -25.25 -51.48
N ASN P 200 49.96 -23.96 -51.82
CA ASN P 200 51.15 -23.12 -51.81
C ASN P 200 51.71 -22.95 -50.40
N SER P 201 50.92 -23.23 -49.37
CA SER P 201 51.36 -23.01 -47.99
C SER P 201 52.49 -23.98 -47.61
N ARG P 202 53.30 -23.55 -46.64
CA ARG P 202 54.41 -24.34 -46.13
C ARG P 202 54.22 -24.58 -44.65
N ILE P 203 54.38 -25.84 -44.23
CA ILE P 203 54.23 -26.22 -42.83
C ILE P 203 55.38 -27.14 -42.44
N VAL P 204 56.00 -26.86 -41.30
CA VAL P 204 57.12 -27.64 -40.79
C VAL P 204 56.75 -28.16 -39.41
N ILE P 205 56.91 -29.46 -39.20
CA ILE P 205 56.49 -30.13 -37.97
C ILE P 205 57.67 -30.89 -37.38
N PHE P 206 57.83 -30.80 -36.07
CA PHE P 206 58.84 -31.55 -35.33
C PHE P 206 58.11 -32.52 -34.43
N ASP P 207 57.85 -33.73 -34.94
CA ASP P 207 57.05 -34.74 -34.24
C ASP P 207 57.97 -35.56 -33.35
N ILE P 208 57.93 -35.29 -32.04
CA ILE P 208 58.66 -36.13 -31.09
C ILE P 208 58.11 -37.55 -31.10
N ASN P 209 56.78 -37.68 -31.12
CA ASN P 209 56.13 -38.99 -31.16
C ASN P 209 56.00 -39.56 -32.57
N GLY P 210 56.15 -38.73 -33.60
CA GLY P 210 56.06 -39.21 -34.97
C GLY P 210 54.72 -39.80 -35.32
N GLU P 211 53.63 -39.12 -34.96
CA GLU P 211 52.29 -39.64 -35.16
C GLU P 211 51.49 -38.89 -36.22
N TYR P 212 51.94 -37.73 -36.67
CA TYR P 212 51.19 -36.98 -37.68
C TYR P 212 51.24 -37.62 -39.06
N ALA P 213 52.08 -38.64 -39.26
CA ALA P 213 52.18 -39.27 -40.57
C ALA P 213 50.84 -39.85 -41.01
N GLN P 214 50.02 -40.32 -40.08
CA GLN P 214 48.69 -40.82 -40.41
C GLN P 214 47.70 -39.69 -40.66
N ALA P 215 48.01 -38.47 -40.23
CA ALA P 215 47.11 -37.33 -40.37
C ALA P 215 47.31 -36.55 -41.67
N PHE P 216 48.25 -36.96 -42.52
CA PHE P 216 48.51 -36.31 -43.79
C PHE P 216 48.16 -37.24 -44.95
N THR P 217 47.06 -37.98 -44.83
CA THR P 217 46.63 -38.91 -45.87
C THR P 217 45.81 -38.16 -46.90
N GLY P 218 46.42 -37.91 -48.06
CA GLY P 218 45.72 -37.22 -49.13
C GLY P 218 46.32 -35.88 -49.51
N ILE P 219 47.62 -35.71 -49.26
CA ILE P 219 48.32 -34.47 -49.59
C ILE P 219 49.44 -34.81 -50.57
N PRO P 220 49.54 -34.11 -51.70
CA PRO P 220 50.50 -34.54 -52.74
C PRO P 220 51.96 -34.31 -52.35
N ASN P 221 52.25 -33.33 -51.51
CA ASN P 221 53.64 -32.95 -51.27
C ASN P 221 54.05 -33.12 -49.81
N VAL P 222 53.73 -34.27 -49.23
CA VAL P 222 54.14 -34.58 -47.85
C VAL P 222 55.45 -35.34 -47.89
N LYS P 223 56.43 -34.84 -47.14
CA LYS P 223 57.77 -35.44 -47.07
C LYS P 223 58.11 -35.75 -45.62
N HIS P 224 58.75 -36.90 -45.40
CA HIS P 224 59.05 -37.39 -44.06
C HIS P 224 60.56 -37.39 -43.83
N THR P 225 60.96 -36.98 -42.63
CA THR P 225 62.35 -36.95 -42.22
C THR P 225 62.52 -37.75 -40.93
N ILE P 226 63.59 -38.54 -40.88
CA ILE P 226 63.87 -39.41 -39.75
C ILE P 226 65.18 -38.96 -39.10
N LEU P 227 65.14 -38.76 -37.79
CA LEU P 227 66.33 -38.41 -37.01
C LEU P 227 66.65 -39.53 -36.03
N GLY P 228 67.92 -39.88 -35.95
CA GLY P 228 68.38 -41.01 -35.17
C GLY P 228 69.27 -41.92 -35.99
N GLU P 229 69.96 -42.81 -35.28
CA GLU P 229 70.86 -43.73 -35.93
C GLU P 229 70.08 -44.69 -36.84
N SER P 230 70.61 -44.89 -38.04
CA SER P 230 69.95 -45.79 -38.99
C SER P 230 70.20 -47.24 -38.58
N PRO P 231 69.15 -48.03 -38.35
CA PRO P 231 69.38 -49.44 -37.97
C PRO P 231 70.15 -50.23 -39.01
N ASN P 232 69.94 -49.94 -40.29
CA ASN P 232 70.60 -50.63 -41.39
C ASN P 232 71.31 -49.60 -42.25
N VAL P 233 72.64 -49.58 -42.17
CA VAL P 233 73.41 -48.60 -42.93
C VAL P 233 73.32 -48.87 -44.43
N ASP P 234 73.13 -50.12 -44.82
CA ASP P 234 73.10 -50.48 -46.24
C ASP P 234 71.92 -49.86 -46.98
N SER P 235 70.92 -49.35 -46.25
CA SER P 235 69.79 -48.69 -46.89
C SER P 235 70.26 -47.46 -47.65
N LEU P 236 69.71 -47.28 -48.85
CA LEU P 236 70.11 -46.20 -49.73
C LEU P 236 69.37 -44.91 -49.35
N GLU P 237 69.63 -43.85 -50.12
CA GLU P 237 69.03 -42.54 -49.90
C GLU P 237 68.13 -42.19 -51.08
N LYS P 238 66.96 -41.63 -50.77
CA LYS P 238 65.93 -41.38 -51.76
C LYS P 238 65.73 -39.88 -51.96
N LYS P 239 65.55 -39.49 -53.23
CA LYS P 239 65.23 -38.13 -53.61
C LYS P 239 63.83 -38.10 -54.22
N GLN P 240 63.06 -37.07 -53.88
CA GLN P 240 61.67 -36.96 -54.32
C GLN P 240 61.47 -35.68 -55.11
N GLN P 241 60.24 -35.52 -55.61
CA GLN P 241 59.84 -34.30 -56.32
C GLN P 241 58.34 -34.11 -56.10
N LYS P 242 57.76 -33.18 -56.85
CA LYS P 242 56.35 -32.85 -56.70
C LYS P 242 55.46 -33.92 -57.33
N GLY P 243 54.36 -34.25 -56.66
CA GLY P 243 53.32 -35.10 -57.20
C GLY P 243 53.32 -36.52 -56.67
N GLU P 244 54.46 -36.98 -56.15
CA GLU P 244 54.55 -38.36 -55.67
C GLU P 244 53.72 -38.56 -54.40
N LEU P 245 53.04 -39.70 -54.34
CA LEU P 245 52.23 -40.03 -53.17
C LEU P 245 53.13 -40.38 -51.98
N TYR P 246 52.74 -39.91 -50.81
CA TYR P 246 53.49 -40.14 -49.59
C TYR P 246 53.10 -41.47 -48.96
N SER P 247 54.10 -42.22 -48.50
CA SER P 247 53.86 -43.49 -47.83
C SER P 247 55.09 -43.85 -47.01
N GLU P 248 54.99 -44.97 -46.29
CA GLU P 248 56.08 -45.39 -45.42
C GLU P 248 57.31 -45.86 -46.19
N GLU P 249 57.13 -46.27 -47.45
CA GLU P 249 58.27 -46.73 -48.23
C GLU P 249 59.26 -45.60 -48.49
N TYR P 250 58.77 -44.39 -48.69
CA TYR P 250 59.61 -43.24 -48.99
C TYR P 250 60.05 -42.56 -47.69
N TYR P 251 61.30 -42.13 -47.66
CA TYR P 251 61.83 -41.38 -46.52
C TYR P 251 63.06 -40.59 -46.97
N CYS P 252 63.46 -39.64 -46.13
CA CYS P 252 64.64 -38.81 -46.38
C CYS P 252 65.44 -38.69 -45.10
N TYR P 253 66.73 -38.43 -45.25
CA TYR P 253 67.66 -38.36 -44.12
C TYR P 253 68.45 -37.06 -44.17
N LYS P 254 68.64 -36.46 -43.00
CA LYS P 254 69.43 -35.24 -42.88
C LYS P 254 69.98 -35.14 -41.46
N LYS P 255 71.19 -34.60 -41.35
CA LYS P 255 71.84 -34.41 -40.06
C LYS P 255 72.46 -33.03 -40.01
N ILE P 256 72.60 -32.51 -38.80
CA ILE P 256 73.18 -31.18 -38.58
C ILE P 256 74.67 -31.35 -38.28
N PRO P 257 75.56 -30.65 -38.98
CA PRO P 257 76.98 -30.71 -38.62
C PRO P 257 77.26 -29.99 -37.31
N TYR P 258 78.38 -30.34 -36.70
CA TYR P 258 78.75 -29.74 -35.43
C TYR P 258 79.02 -28.24 -35.57
N GLN P 259 79.42 -27.80 -36.76
CA GLN P 259 79.63 -26.38 -36.99
C GLN P 259 78.34 -25.61 -37.16
N ALA P 260 77.20 -26.30 -37.28
CA ALA P 260 75.92 -25.63 -37.43
C ALA P 260 75.30 -25.23 -36.10
N LEU P 261 75.95 -25.55 -34.98
CA LEU P 261 75.43 -25.15 -33.68
C LEU P 261 75.45 -23.63 -33.49
N GLY P 262 76.26 -22.92 -34.26
CA GLY P 262 76.26 -21.47 -34.23
C GLY P 262 77.15 -20.90 -33.14
N PHE P 263 77.25 -19.57 -33.15
CA PHE P 263 78.07 -18.83 -32.20
C PHE P 263 77.27 -18.33 -31.00
N ALA P 264 75.94 -18.29 -31.10
CA ALA P 264 75.09 -17.77 -30.03
C ALA P 264 74.24 -18.84 -29.37
N GLY P 265 73.67 -19.77 -30.16
CA GLY P 265 72.86 -20.81 -29.57
C GLY P 265 73.65 -21.77 -28.70
N LEU P 266 74.82 -22.19 -29.16
CA LEU P 266 75.62 -23.14 -28.40
C LEU P 266 76.13 -22.52 -27.10
N ILE P 267 76.61 -21.27 -27.16
CA ILE P 267 77.12 -20.62 -25.95
C ILE P 267 75.99 -20.35 -24.97
N LYS P 268 74.76 -20.18 -25.47
CA LYS P 268 73.61 -19.94 -24.59
C LYS P 268 72.93 -21.23 -24.18
N LEU P 269 73.33 -22.38 -24.72
CA LEU P 269 72.76 -23.65 -24.29
C LEU P 269 73.06 -23.90 -22.81
N LEU P 270 74.33 -23.81 -22.43
CA LEU P 270 74.68 -23.84 -21.01
C LEU P 270 74.49 -22.48 -20.34
N ARG P 271 74.37 -21.42 -21.14
CA ARG P 271 74.24 -20.03 -20.70
C ARG P 271 75.04 -19.72 -19.42
N PRO P 272 76.36 -19.81 -19.46
CA PRO P 272 77.17 -19.40 -18.30
C PRO P 272 77.38 -17.89 -18.28
N SER P 273 77.81 -17.41 -17.12
CA SER P 273 78.09 -15.99 -16.97
C SER P 273 79.24 -15.57 -17.88
N ASP P 274 79.02 -14.49 -18.63
CA ASP P 274 80.00 -14.02 -19.61
C ASP P 274 80.88 -12.93 -18.99
N LYS P 275 81.62 -13.32 -17.96
CA LYS P 275 82.53 -12.41 -17.27
C LYS P 275 83.98 -12.87 -17.33
N THR P 276 84.24 -14.14 -17.03
CA THR P 276 85.61 -14.67 -17.04
C THR P 276 85.77 -15.98 -17.78
N GLN P 277 84.72 -16.79 -17.94
CA GLN P 277 84.83 -18.06 -18.65
C GLN P 277 84.75 -17.90 -20.16
N LEU P 278 84.04 -16.89 -20.63
CA LEU P 278 83.90 -16.69 -22.07
C LEU P 278 85.22 -16.47 -22.81
N PRO P 279 86.19 -15.70 -22.30
CA PRO P 279 87.42 -15.50 -23.08
C PRO P 279 88.15 -16.78 -23.47
N ALA P 280 88.19 -17.78 -22.59
CA ALA P 280 88.83 -19.04 -22.95
C ALA P 280 88.09 -19.73 -24.10
N LEU P 281 86.75 -19.73 -24.04
CA LEU P 281 85.98 -20.35 -25.11
C LEU P 281 86.15 -19.60 -26.43
N ARG P 282 86.21 -18.27 -26.37
CA ARG P 282 86.39 -17.49 -27.59
C ARG P 282 87.79 -17.67 -28.15
N ASN P 283 88.79 -17.87 -27.29
CA ASN P 283 90.13 -18.17 -27.76
C ASN P 283 90.18 -19.55 -28.42
N ALA P 284 89.48 -20.52 -27.84
CA ALA P 284 89.41 -21.85 -28.46
C ALA P 284 88.70 -21.79 -29.81
N LEU P 285 87.62 -21.03 -29.90
CA LEU P 285 86.90 -20.88 -31.18
C LEU P 285 87.77 -20.16 -32.21
N SER P 286 88.47 -19.11 -31.78
CA SER P 286 89.34 -18.39 -32.71
C SER P 286 90.54 -19.24 -33.12
N ALA P 287 91.06 -20.05 -32.21
CA ALA P 287 92.17 -20.93 -32.53
C ALA P 287 91.66 -22.20 -33.19
N ILE P 288 90.84 -22.05 -34.23
CA ILE P 288 90.34 -23.19 -35.01
C ILE P 288 91.09 -23.20 -36.33
N ASN P 289 91.58 -22.03 -36.74
CA ASN P 289 92.41 -21.94 -37.94
C ASN P 289 93.85 -22.38 -37.66
N ARG P 290 94.24 -22.48 -36.40
CA ARG P 290 95.53 -23.06 -36.00
C ARG P 290 95.22 -24.20 -35.03
N THR P 291 94.90 -25.36 -35.59
CA THR P 291 94.53 -26.54 -34.80
C THR P 291 94.57 -27.75 -35.71
N HIS P 292 95.17 -28.82 -35.21
CA HIS P 292 95.24 -30.08 -35.94
C HIS P 292 95.07 -31.23 -34.97
N PHE P 293 94.59 -32.36 -35.51
CA PHE P 293 94.32 -33.54 -34.70
C PHE P 293 94.20 -34.73 -35.63
N LYS P 294 95.05 -35.75 -35.44
CA LYS P 294 95.05 -36.91 -36.32
C LYS P 294 94.52 -38.16 -35.62
N SER P 295 95.18 -38.62 -34.55
CA SER P 295 94.65 -39.74 -33.78
C SER P 295 94.35 -39.37 -32.34
N ARG P 296 95.34 -38.93 -31.58
CA ARG P 296 95.10 -38.46 -30.21
C ARG P 296 95.98 -37.31 -29.79
N ASN P 297 96.83 -36.76 -30.66
CA ASN P 297 97.83 -35.79 -30.29
C ASN P 297 97.45 -34.39 -30.76
N ILE P 298 98.07 -33.40 -30.13
CA ILE P 298 97.93 -31.99 -30.52
C ILE P 298 99.29 -31.51 -31.00
N TYR P 299 99.35 -31.08 -32.26
CA TYR P 299 100.58 -30.58 -32.85
C TYR P 299 100.29 -29.29 -33.60
N LEU P 300 101.22 -28.34 -33.51
CA LEU P 300 101.08 -27.04 -34.15
C LEU P 300 102.10 -26.92 -35.27
N GLU P 301 101.61 -26.63 -36.48
CA GLU P 301 102.46 -26.46 -37.65
C GLU P 301 102.10 -25.13 -38.30
N LYS P 302 103.10 -24.26 -38.48
CA LYS P 302 102.91 -22.96 -39.10
C LYS P 302 103.67 -22.83 -40.42
N ASP P 303 104.98 -23.08 -40.40
CA ASP P 303 105.82 -22.97 -41.58
C ASP P 303 107.00 -23.93 -41.41
N ASP P 304 108.01 -23.79 -42.27
CA ASP P 304 109.20 -24.62 -42.18
C ASP P 304 110.10 -24.24 -41.02
N GLY P 305 109.86 -23.11 -40.36
CA GLY P 305 110.67 -22.70 -39.23
C GLY P 305 109.80 -22.18 -38.11
N GLU P 306 110.40 -22.14 -36.91
CA GLU P 306 109.73 -21.69 -35.69
C GLU P 306 108.48 -22.52 -35.42
N THR P 307 108.66 -23.84 -35.34
CA THR P 307 107.57 -24.78 -35.12
C THR P 307 107.71 -25.42 -33.74
N PHE P 308 106.61 -25.48 -33.01
CA PHE P 308 106.59 -26.00 -31.65
C PHE P 308 105.59 -27.14 -31.55
N LEU P 309 105.97 -28.19 -30.82
CA LEU P 309 105.11 -29.33 -30.55
C LEU P 309 104.74 -29.35 -29.07
N LEU P 310 103.48 -29.68 -28.79
CA LEU P 310 102.95 -29.61 -27.43
C LEU P 310 102.87 -31.00 -26.83
N TYR P 311 103.46 -31.16 -25.65
CA TYR P 311 103.43 -32.41 -24.90
C TYR P 311 102.74 -32.20 -23.57
N ASP P 312 101.90 -33.15 -23.17
CA ASP P 312 101.16 -33.07 -21.91
C ASP P 312 101.90 -33.90 -20.87
N ASP P 313 103.01 -33.34 -20.37
CA ASP P 313 103.79 -34.00 -19.33
C ASP P 313 104.19 -33.07 -18.20
N CYS P 314 103.87 -31.77 -18.28
CA CYS P 314 104.25 -30.78 -17.26
C CYS P 314 105.75 -30.73 -17.04
N ARG P 315 106.53 -31.01 -18.11
CA ARG P 315 107.98 -31.00 -18.01
C ARG P 315 108.59 -30.18 -19.15
N ASP P 316 107.89 -30.10 -20.28
CA ASP P 316 108.37 -29.35 -21.43
C ASP P 316 107.93 -27.90 -21.41
N THR P 317 106.96 -27.54 -20.56
CA THR P 317 106.42 -26.18 -20.42
C THR P 317 106.41 -25.39 -21.72
N ASN P 318 107.20 -24.30 -21.79
CA ASN P 318 107.28 -23.45 -22.98
C ASN P 318 105.96 -22.76 -23.28
N GLN P 319 105.32 -22.23 -22.23
CA GLN P 319 104.11 -21.43 -22.42
C GLN P 319 104.42 -19.95 -22.61
N SER P 320 105.67 -19.53 -22.43
CA SER P 320 106.02 -18.13 -22.62
C SER P 320 106.08 -17.74 -24.08
N LYS P 321 106.40 -18.70 -24.96
CA LYS P 321 106.53 -18.44 -26.39
C LYS P 321 105.23 -18.60 -27.15
N LEU P 322 104.09 -18.44 -26.48
CA LEU P 322 102.77 -18.58 -27.09
C LEU P 322 102.17 -17.23 -27.46
N ALA P 323 103.01 -16.28 -27.86
CA ALA P 323 102.57 -14.95 -28.26
C ALA P 323 102.99 -14.63 -29.70
N GLU P 324 103.18 -15.67 -30.51
CA GLU P 324 103.64 -15.50 -31.89
C GLU P 324 102.60 -15.89 -32.93
N TRP P 325 101.69 -16.80 -32.62
CA TRP P 325 100.73 -17.33 -33.58
C TRP P 325 99.30 -17.16 -33.06
N LEU P 326 98.99 -15.95 -32.59
CA LEU P 326 97.63 -15.63 -32.14
C LEU P 326 97.05 -14.37 -32.76
N ASP P 327 97.84 -13.58 -33.49
CA ASP P 327 97.40 -12.30 -34.05
C ASP P 327 97.40 -12.35 -35.57
N LEU P 328 96.89 -13.42 -36.15
CA LEU P 328 96.79 -13.55 -37.60
C LEU P 328 95.78 -12.54 -38.15
N ARG P 336 95.75 -20.69 -40.98
CA ARG P 336 94.72 -20.98 -41.97
C ARG P 336 94.61 -22.48 -42.22
N THR P 337 93.99 -23.19 -41.28
CA THR P 337 93.81 -24.63 -41.43
C THR P 337 92.82 -24.91 -42.55
N ASN P 338 93.18 -25.83 -43.44
CA ASN P 338 92.37 -26.14 -44.62
C ASN P 338 91.51 -27.37 -44.43
N VAL P 339 91.40 -27.89 -43.21
CA VAL P 339 90.54 -29.04 -42.91
C VAL P 339 89.74 -28.72 -41.65
N TRP P 340 88.55 -29.28 -41.55
CA TRP P 340 87.73 -29.07 -40.37
C TRP P 340 88.26 -29.90 -39.21
N PRO P 341 88.67 -29.28 -38.11
CA PRO P 341 89.14 -30.04 -36.95
C PRO P 341 87.97 -30.59 -36.17
N PRO P 342 88.18 -31.60 -35.33
CA PRO P 342 87.08 -32.16 -34.55
C PRO P 342 86.60 -31.21 -33.46
N PHE P 343 85.37 -31.44 -33.01
CA PHE P 343 84.78 -30.61 -31.97
C PHE P 343 85.56 -30.70 -30.67
N LYS P 344 86.24 -31.83 -30.43
CA LYS P 344 87.03 -32.00 -29.22
C LYS P 344 88.20 -31.04 -29.14
N SER P 345 88.56 -30.39 -30.26
CA SER P 345 89.62 -29.39 -30.22
C SER P 345 89.26 -28.23 -29.31
N LEU P 346 87.97 -27.86 -29.29
CA LEU P 346 87.52 -26.81 -28.38
C LEU P 346 87.71 -27.24 -26.93
N ALA P 347 87.42 -28.50 -26.63
CA ALA P 347 87.54 -29.00 -25.26
C ALA P 347 88.99 -28.95 -24.78
N THR P 348 89.93 -29.44 -25.60
CA THR P 348 91.33 -29.44 -25.19
C THR P 348 91.85 -28.02 -25.03
N LEU P 349 91.49 -27.13 -25.97
CA LEU P 349 91.95 -25.75 -25.88
C LEU P 349 91.39 -25.04 -24.66
N VAL P 350 90.10 -25.26 -24.35
CA VAL P 350 89.52 -24.59 -23.19
C VAL P 350 90.08 -25.17 -21.90
N ALA P 351 90.39 -26.47 -21.89
CA ALA P 351 91.03 -27.08 -20.72
C ALA P 351 92.41 -26.49 -20.49
N GLU P 352 93.17 -26.29 -21.57
CA GLU P 352 94.50 -25.71 -21.44
C GLU P 352 94.45 -24.24 -21.03
N PHE P 353 93.48 -23.50 -21.59
CA PHE P 353 93.38 -22.06 -21.31
C PHE P 353 92.67 -21.74 -20.00
N GLY P 354 91.98 -22.71 -19.39
CA GLY P 354 91.29 -22.44 -18.15
C GLY P 354 92.20 -22.23 -16.96
N CYS P 355 93.42 -22.75 -17.01
CA CYS P 355 94.37 -22.59 -15.92
C CYS P 355 95.80 -22.55 -16.46
N VAL P 374 88.66 -25.00 -15.45
CA VAL P 374 87.29 -25.23 -15.89
C VAL P 374 87.02 -26.75 -15.89
N LEU P 375 87.03 -27.32 -14.68
CA LEU P 375 86.83 -28.77 -14.54
C LEU P 375 85.46 -29.26 -15.01
N PRO P 376 84.33 -28.67 -14.61
CA PRO P 376 83.03 -29.28 -14.94
C PRO P 376 82.77 -29.40 -16.44
N LEU P 377 83.29 -28.48 -17.25
CA LEU P 377 82.95 -28.47 -18.67
C LEU P 377 83.46 -29.72 -19.39
N VAL P 378 84.67 -30.17 -19.04
CA VAL P 378 85.27 -31.31 -19.75
C VAL P 378 84.54 -32.60 -19.41
N LYS P 379 83.99 -32.71 -18.20
CA LYS P 379 83.32 -33.94 -17.80
C LYS P 379 81.99 -34.13 -18.53
N ILE P 380 81.28 -33.04 -18.81
CA ILE P 380 80.00 -33.13 -19.51
C ILE P 380 80.21 -33.72 -20.90
N ILE P 381 81.31 -33.35 -21.55
CA ILE P 381 81.56 -33.81 -22.92
C ILE P 381 81.72 -35.33 -22.94
N GLN P 382 82.52 -35.88 -22.02
CA GLN P 382 82.71 -37.33 -22.00
C GLN P 382 81.45 -38.04 -21.50
N GLN P 383 80.69 -37.40 -20.61
CA GLN P 383 79.42 -37.98 -20.17
C GLN P 383 78.45 -38.13 -21.33
N LEU P 384 78.37 -37.11 -22.19
CA LEU P 384 77.50 -37.21 -23.35
C LEU P 384 78.06 -38.16 -24.39
N ALA P 385 79.39 -38.22 -24.51
CA ALA P 385 80.00 -39.09 -25.51
C ALA P 385 79.81 -40.56 -25.15
N GLU P 386 79.83 -40.89 -23.86
CA GLU P 386 79.67 -42.27 -23.44
C GLU P 386 78.29 -42.84 -23.79
N ASP P 387 77.30 -41.98 -24.01
CA ASP P 387 75.97 -42.43 -24.39
C ASP P 387 75.86 -42.53 -25.90
N ILE P 388 74.91 -43.35 -26.35
CA ILE P 388 74.71 -43.55 -27.78
C ILE P 388 73.62 -42.63 -28.33
N ARG P 389 72.61 -42.29 -27.52
CA ARG P 389 71.51 -41.46 -27.99
C ARG P 389 72.00 -40.07 -28.41
N PHE P 390 72.93 -39.50 -27.66
CA PHE P 390 73.38 -38.14 -27.93
C PHE P 390 74.08 -38.02 -29.28
N LYS P 391 74.90 -39.01 -29.63
CA LYS P 391 75.72 -38.93 -30.84
C LYS P 391 74.94 -39.21 -32.11
N SER P 392 73.65 -39.56 -32.02
CA SER P 392 72.88 -39.92 -33.20
C SER P 392 72.69 -38.75 -34.16
N ILE P 393 72.86 -37.51 -33.68
CA ILE P 393 72.62 -36.33 -34.52
C ILE P 393 73.89 -35.49 -34.57
N VAL P 394 74.72 -35.59 -33.54
CA VAL P 394 75.90 -34.75 -33.41
C VAL P 394 76.99 -35.28 -34.35
N ASN P 395 77.58 -34.36 -35.13
CA ASN P 395 78.66 -34.70 -36.05
C ASN P 395 79.98 -34.42 -35.33
N LEU P 396 80.32 -35.31 -34.39
CA LEU P 396 81.44 -35.13 -33.49
C LEU P 396 82.64 -35.99 -33.87
N ASN P 397 82.80 -36.26 -35.17
CA ASN P 397 83.94 -37.02 -35.66
C ASN P 397 84.87 -36.22 -36.55
N GLY P 398 84.51 -34.99 -36.94
CA GLY P 398 85.37 -34.19 -37.77
C GLY P 398 85.44 -34.71 -39.21
N GLY P 399 86.48 -34.28 -39.91
CA GLY P 399 86.71 -34.72 -41.27
C GLY P 399 85.91 -33.96 -42.30
N GLY P 400 86.11 -32.65 -42.37
CA GLY P 400 85.40 -31.83 -43.34
C GLY P 400 86.36 -30.92 -44.10
N GLU P 401 86.06 -30.72 -45.38
CA GLU P 401 86.88 -29.86 -46.22
C GLU P 401 86.59 -28.40 -45.90
N LEU P 402 87.66 -27.59 -45.87
CA LEU P 402 87.55 -26.18 -45.54
C LEU P 402 88.49 -25.40 -46.45
N ALA P 403 87.92 -24.51 -47.26
CA ALA P 403 88.70 -23.70 -48.19
C ALA P 403 89.18 -22.43 -47.48
N ASP P 404 89.80 -21.53 -48.24
CA ASP P 404 90.30 -20.27 -47.71
C ASP P 404 89.34 -19.13 -48.08
N GLY P 405 89.70 -17.92 -47.66
CA GLY P 405 88.92 -16.74 -47.95
C GLY P 405 87.95 -16.33 -46.86
N GLY P 406 87.63 -17.23 -45.93
CA GLY P 406 86.71 -16.93 -44.85
C GLY P 406 85.30 -16.60 -45.31
N THR P 407 84.80 -17.36 -46.29
CA THR P 407 83.44 -17.16 -46.78
C THR P 407 82.63 -18.45 -46.75
N HIS P 408 83.17 -19.54 -46.18
CA HIS P 408 82.47 -20.82 -46.16
C HIS P 408 81.26 -20.83 -45.24
N TRP P 409 81.11 -19.81 -44.39
CA TRP P 409 79.93 -19.76 -43.52
C TRP P 409 78.66 -19.59 -44.34
N ASP P 410 78.70 -18.78 -45.39
CA ASP P 410 77.56 -18.64 -46.28
C ASP P 410 77.22 -19.97 -46.96
N LYS P 411 78.25 -20.69 -47.41
CA LYS P 411 78.01 -22.00 -48.02
C LYS P 411 77.38 -22.96 -47.01
N ALA P 412 77.87 -22.97 -45.77
CA ALA P 412 77.32 -23.87 -44.76
C ALA P 412 75.87 -23.53 -44.45
N MET P 413 75.56 -22.24 -44.30
CA MET P 413 74.19 -21.87 -43.99
C MET P 413 73.26 -22.17 -45.16
N SER P 414 73.74 -21.96 -46.39
CA SER P 414 72.93 -22.30 -47.56
C SER P 414 72.66 -23.80 -47.62
N ASP P 415 73.67 -24.62 -47.28
CA ASP P 415 73.48 -26.06 -47.27
C ASP P 415 72.52 -26.48 -46.17
N GLU P 416 72.54 -25.77 -45.03
CA GLU P 416 71.79 -26.24 -43.86
C GLU P 416 70.34 -25.78 -43.87
N VAL P 417 70.08 -24.51 -44.21
CA VAL P 417 68.72 -23.98 -44.12
C VAL P 417 67.81 -24.67 -45.13
N ASP P 418 68.37 -25.25 -46.19
CA ASP P 418 67.57 -25.99 -47.15
C ASP P 418 67.03 -27.27 -46.52
N TYR P 419 65.82 -27.63 -46.89
CA TYR P 419 65.05 -28.82 -46.51
C TYR P 419 64.52 -28.72 -45.08
N PHE P 420 64.87 -27.70 -44.30
CA PHE P 420 64.32 -27.55 -42.96
C PHE P 420 62.98 -26.80 -42.99
N PHE P 421 62.99 -25.57 -43.48
CA PHE P 421 61.77 -24.75 -43.52
C PHE P 421 61.49 -24.25 -44.93
N GLY P 422 62.08 -24.87 -45.95
CA GLY P 422 61.93 -24.46 -47.32
C GLY P 422 63.24 -24.05 -47.95
N LYS P 423 63.12 -23.41 -49.11
CA LYS P 423 64.27 -22.94 -49.86
C LYS P 423 64.17 -21.43 -50.06
N GLU P 424 65.20 -20.86 -50.65
CA GLU P 424 65.24 -19.42 -50.87
C GLU P 424 64.17 -18.99 -51.88
N LYS P 425 64.08 -17.68 -52.09
CA LYS P 425 63.06 -17.14 -52.97
C LYS P 425 63.25 -17.62 -54.41
N GLY P 426 64.50 -17.69 -54.87
CA GLY P 426 64.75 -18.11 -56.24
C GLY P 426 64.34 -19.54 -56.51
N GLN P 427 64.65 -20.44 -55.58
CA GLN P 427 64.35 -21.86 -55.78
C GLN P 427 62.88 -22.15 -55.47
N GLU P 428 62.43 -23.31 -55.91
CA GLU P 428 61.07 -23.79 -55.65
C GLU P 428 61.12 -25.02 -54.77
N ASN P 429 60.32 -25.02 -53.71
CA ASN P 429 60.29 -26.12 -52.75
C ASN P 429 59.30 -27.18 -53.24
N ASP P 430 59.80 -28.42 -53.36
CA ASP P 430 58.93 -29.53 -53.76
C ASP P 430 58.03 -29.97 -52.61
N TRP P 431 58.57 -30.01 -51.40
CA TRP P 431 57.85 -30.50 -50.24
C TRP P 431 57.12 -29.36 -49.53
N ASN P 432 55.95 -29.66 -48.99
CA ASN P 432 55.16 -28.71 -48.24
C ASN P 432 54.97 -29.10 -46.78
N VAL P 433 55.01 -30.40 -46.47
CA VAL P 433 54.87 -30.90 -45.10
C VAL P 433 56.15 -31.64 -44.75
N HIS P 434 56.73 -31.31 -43.60
CA HIS P 434 58.04 -31.80 -43.17
C HIS P 434 57.87 -32.47 -41.82
N ILE P 435 57.76 -33.80 -41.82
CA ILE P 435 57.63 -34.55 -40.58
C ILE P 435 59.01 -34.94 -40.06
N VAL P 436 59.25 -34.68 -38.78
CA VAL P 436 60.49 -35.07 -38.11
C VAL P 436 60.16 -36.17 -37.12
N ASN P 437 61.01 -37.20 -37.09
CA ASN P 437 60.84 -38.34 -36.18
C ASN P 437 61.97 -38.34 -35.17
N MET P 438 61.62 -38.22 -33.89
CA MET P 438 62.60 -38.23 -32.80
C MET P 438 62.10 -39.08 -31.65
N LYS P 439 61.53 -40.25 -31.95
CA LYS P 439 60.91 -41.06 -30.90
C LYS P 439 61.95 -41.67 -29.97
N ASN P 440 63.13 -42.02 -30.49
CA ASN P 440 64.16 -42.69 -29.70
C ASN P 440 65.20 -41.67 -29.27
N LEU P 441 64.83 -40.87 -28.26
CA LEU P 441 65.74 -39.91 -27.68
C LEU P 441 65.19 -39.48 -26.33
N ALA P 442 66.09 -39.32 -25.35
CA ALA P 442 65.68 -38.96 -24.01
C ALA P 442 65.12 -37.53 -23.97
N GLN P 443 64.24 -37.28 -23.00
CA GLN P 443 63.57 -35.99 -22.88
C GLN P 443 64.44 -34.90 -22.28
N ASP P 444 65.63 -35.24 -21.79
CA ASP P 444 66.53 -34.26 -21.20
C ASP P 444 67.67 -33.86 -22.16
N HIS P 445 67.61 -34.29 -23.42
CA HIS P 445 68.64 -33.96 -24.39
C HIS P 445 68.09 -33.40 -25.70
N ALA P 446 66.84 -33.69 -26.06
CA ALA P 446 66.22 -33.18 -27.28
C ALA P 446 65.77 -31.73 -27.16
N PRO P 447 65.14 -31.30 -26.05
CA PRO P 447 64.67 -29.90 -25.99
C PRO P 447 65.77 -28.87 -26.18
N MET P 448 66.99 -29.13 -25.68
CA MET P 448 68.07 -28.17 -25.88
C MET P 448 68.40 -28.03 -27.37
N LEU P 449 68.42 -29.14 -28.10
CA LEU P 449 68.66 -29.08 -29.54
C LEU P 449 67.52 -28.38 -30.27
N LEU P 450 66.29 -28.61 -29.82
CA LEU P 450 65.15 -27.91 -30.43
C LEU P 450 65.24 -26.40 -30.24
N SER P 451 65.59 -25.97 -29.02
CA SER P 451 65.75 -24.54 -28.78
C SER P 451 66.91 -23.96 -29.55
N ALA P 452 68.01 -24.73 -29.68
CA ALA P 452 69.14 -24.27 -30.47
C ALA P 452 68.76 -24.10 -31.93
N LEU P 453 67.98 -25.05 -32.48
CA LEU P 453 67.51 -24.92 -33.85
C LEU P 453 66.60 -23.72 -34.01
N LEU P 454 65.72 -23.48 -33.03
CA LEU P 454 64.84 -22.32 -33.07
C LEU P 454 65.65 -21.03 -33.13
N GLU P 455 66.64 -20.90 -32.23
CA GLU P 455 67.46 -19.69 -32.21
C GLU P 455 68.27 -19.54 -33.50
N MET P 456 68.81 -20.66 -34.01
CA MET P 456 69.58 -20.61 -35.25
C MET P 456 68.74 -20.15 -36.42
N PHE P 457 67.51 -20.66 -36.54
CA PHE P 457 66.65 -20.21 -37.63
C PHE P 457 66.19 -18.78 -37.42
N ALA P 458 66.05 -18.36 -36.15
CA ALA P 458 65.69 -16.98 -35.88
C ALA P 458 66.79 -16.02 -36.32
N GLU P 459 68.05 -16.37 -36.06
CA GLU P 459 69.14 -15.49 -36.47
C GLU P 459 69.38 -15.56 -37.97
N ILE P 460 69.07 -16.69 -38.61
CA ILE P 460 69.17 -16.79 -40.06
C ILE P 460 68.14 -15.91 -40.74
N LEU P 461 66.96 -15.78 -40.14
CA LEU P 461 65.87 -15.01 -40.75
C LEU P 461 66.26 -13.56 -40.98
N PHE P 462 67.26 -13.06 -40.26
CA PHE P 462 67.61 -11.63 -40.32
C PHE P 462 67.98 -11.20 -41.74
N ARG P 463 68.79 -12.00 -42.44
CA ARG P 463 69.20 -11.64 -43.78
C ARG P 463 68.16 -11.96 -44.84
N ARG P 464 67.05 -12.61 -44.47
CA ARG P 464 65.96 -12.79 -45.43
C ARG P 464 65.21 -11.48 -45.67
N GLY P 465 65.34 -10.50 -44.77
CA GLY P 465 64.78 -9.17 -44.92
C GLY P 465 63.26 -9.20 -45.04
N GLN P 466 62.75 -8.41 -45.98
CA GLN P 466 61.34 -8.38 -46.31
C GLN P 466 61.05 -8.66 -47.77
N GLU P 467 61.98 -8.34 -48.67
CA GLU P 467 61.75 -8.56 -50.09
C GLU P 467 61.78 -10.05 -50.44
N ARG P 468 62.68 -10.81 -49.84
CA ARG P 468 62.85 -12.22 -50.14
C ARG P 468 62.41 -13.15 -49.02
N SER P 469 61.97 -12.60 -47.88
CA SER P 469 61.59 -13.42 -46.74
C SER P 469 60.16 -13.92 -46.92
N TYR P 470 60.00 -15.23 -47.12
CA TYR P 470 58.68 -15.82 -47.15
C TYR P 470 58.25 -16.13 -45.72
N PRO P 471 57.05 -15.70 -45.29
CA PRO P 471 56.64 -15.96 -43.90
C PRO P 471 56.67 -17.44 -43.56
N THR P 472 57.16 -17.73 -42.36
CA THR P 472 57.37 -19.11 -41.92
C THR P 472 56.25 -19.57 -41.01
N VAL P 473 55.96 -20.86 -41.07
CA VAL P 473 54.97 -21.51 -40.22
C VAL P 473 55.69 -22.52 -39.35
N LEU P 474 55.49 -22.43 -38.04
CA LEU P 474 56.18 -23.26 -37.06
C LEU P 474 55.16 -24.06 -36.27
N LEU P 475 55.44 -25.36 -36.11
CA LEU P 475 54.58 -26.27 -35.34
C LEU P 475 55.50 -27.18 -34.54
N LEU P 476 55.69 -26.85 -33.26
CA LEU P 476 56.51 -27.63 -32.35
C LEU P 476 55.66 -28.09 -31.18
N GLU P 477 55.73 -29.38 -30.87
CA GLU P 477 54.86 -29.97 -29.86
C GLU P 477 55.53 -29.98 -28.49
N GLU P 478 54.79 -29.55 -27.47
CA GLU P 478 55.22 -29.56 -26.08
C GLU P 478 56.54 -28.82 -25.92
N ALA P 479 56.51 -27.53 -26.27
CA ALA P 479 57.71 -26.70 -26.27
C ALA P 479 58.10 -26.19 -24.89
N HIS P 480 57.26 -26.40 -23.88
CA HIS P 480 57.54 -25.84 -22.55
C HIS P 480 58.78 -26.44 -21.91
N HIS P 481 59.27 -27.57 -22.42
CA HIS P 481 60.46 -28.20 -21.84
C HIS P 481 61.69 -27.30 -21.98
N TYR P 482 61.85 -26.66 -23.13
CA TYR P 482 63.04 -25.86 -23.41
C TYR P 482 62.78 -24.35 -23.42
N LEU P 483 61.53 -23.93 -23.24
CA LEU P 483 61.19 -22.51 -23.24
C LEU P 483 61.26 -21.90 -21.86
N ARG P 484 62.07 -22.47 -20.97
CA ARG P 484 62.25 -21.94 -19.62
C ARG P 484 63.47 -21.05 -19.53
N LYS P 495 64.57 -11.70 -26.36
CA LYS P 495 65.65 -12.58 -26.77
C LYS P 495 65.12 -13.90 -27.33
N ALA P 496 65.06 -14.92 -26.48
CA ALA P 496 64.61 -16.23 -26.92
C ALA P 496 63.11 -16.23 -27.23
N TYR P 497 62.30 -15.60 -26.37
CA TYR P 497 60.86 -15.60 -26.57
C TYR P 497 60.30 -14.19 -26.55
N GLU P 498 60.97 -13.26 -25.86
CA GLU P 498 60.52 -11.88 -25.86
C GLU P 498 60.66 -11.25 -27.24
N ARG P 499 61.85 -11.36 -27.83
CA ARG P 499 62.11 -10.74 -29.12
C ARG P 499 61.29 -11.42 -30.23
N LEU P 500 61.37 -12.75 -30.30
CA LEU P 500 60.77 -13.47 -31.41
C LEU P 500 59.25 -13.31 -31.44
N ALA P 501 58.65 -12.93 -30.32
CA ALA P 501 57.21 -12.76 -30.23
C ALA P 501 56.77 -11.31 -30.18
N LYS P 502 57.66 -10.38 -29.83
CA LYS P 502 57.29 -8.97 -29.78
C LYS P 502 57.52 -8.24 -31.09
N GLU P 503 58.54 -8.65 -31.86
CA GLU P 503 58.78 -8.11 -33.19
C GLU P 503 58.44 -9.12 -34.28
N GLY P 504 57.74 -10.20 -33.94
CA GLY P 504 57.46 -11.24 -34.93
C GLY P 504 56.62 -10.74 -36.08
N ARG P 505 55.54 -10.01 -35.77
CA ARG P 505 54.69 -9.46 -36.82
C ARG P 505 55.42 -8.40 -37.62
N LYS P 506 56.37 -7.71 -37.00
CA LYS P 506 57.17 -6.71 -37.72
C LYS P 506 58.05 -7.34 -38.79
N PHE P 507 58.60 -8.54 -38.54
CA PHE P 507 59.54 -9.16 -39.45
C PHE P 507 58.97 -10.46 -40.02
N LYS P 508 57.64 -10.55 -40.10
CA LYS P 508 56.95 -11.68 -40.73
C LYS P 508 57.35 -13.02 -40.11
N CYS P 509 57.03 -13.17 -38.84
CA CYS P 509 57.30 -14.39 -38.09
C CYS P 509 55.97 -15.03 -37.66
N SER P 510 56.09 -16.18 -36.99
CA SER P 510 54.92 -16.89 -36.48
C SER P 510 55.36 -17.79 -35.34
N LEU P 511 54.51 -17.86 -34.31
CA LEU P 511 54.79 -18.70 -33.14
C LEU P 511 53.45 -19.29 -32.68
N ILE P 512 53.20 -20.54 -33.08
CA ILE P 512 52.01 -21.27 -32.65
C ILE P 512 52.50 -22.45 -31.82
N VAL P 513 52.55 -22.26 -30.51
CA VAL P 513 53.07 -23.26 -29.59
C VAL P 513 51.90 -24.01 -28.98
N SER P 514 51.83 -25.32 -29.21
CA SER P 514 50.84 -26.18 -28.59
C SER P 514 51.46 -26.82 -27.36
N THR P 515 51.14 -26.30 -26.18
CA THR P 515 51.74 -26.77 -24.94
C THR P 515 50.70 -26.74 -23.83
N GLN P 516 50.97 -27.49 -22.77
CA GLN P 516 50.09 -27.56 -21.62
C GLN P 516 50.66 -26.88 -20.38
N ARG P 517 51.87 -26.33 -20.47
CA ARG P 517 52.50 -25.62 -19.35
C ARG P 517 53.05 -24.29 -19.85
N PRO P 518 52.17 -23.34 -20.18
CA PRO P 518 52.63 -22.04 -20.69
C PRO P 518 53.08 -21.07 -19.61
N SER P 519 53.00 -21.45 -18.34
CA SER P 519 53.37 -20.55 -17.26
C SER P 519 54.85 -20.19 -17.30
N GLU P 520 55.68 -21.06 -17.89
CA GLU P 520 57.10 -20.79 -18.03
C GLU P 520 57.39 -19.65 -19.00
N LEU P 521 56.41 -19.23 -19.79
CA LEU P 521 56.53 -18.06 -20.65
C LEU P 521 56.12 -16.82 -19.87
N SER P 522 56.78 -15.71 -20.17
CA SER P 522 56.47 -14.45 -19.49
C SER P 522 55.04 -14.03 -19.81
N PRO P 523 54.27 -13.56 -18.82
CA PRO P 523 52.87 -13.21 -19.07
C PRO P 523 52.70 -11.97 -19.95
N THR P 524 53.76 -11.22 -20.21
CA THR P 524 53.63 -10.01 -21.03
C THR P 524 53.31 -10.34 -22.47
N VAL P 525 53.70 -11.53 -22.93
CA VAL P 525 53.47 -11.92 -24.32
C VAL P 525 52.01 -12.27 -24.59
N LEU P 526 51.21 -12.48 -23.54
CA LEU P 526 49.82 -12.91 -23.72
C LEU P 526 48.97 -11.87 -24.44
N ALA P 527 49.42 -10.61 -24.51
CA ALA P 527 48.62 -9.55 -25.08
C ALA P 527 48.61 -9.55 -26.60
N MET P 528 49.56 -10.22 -27.25
CA MET P 528 49.66 -10.20 -28.70
C MET P 528 48.97 -11.39 -29.37
N CYS P 529 48.34 -12.27 -28.61
CA CYS P 529 47.66 -13.41 -29.20
C CYS P 529 46.39 -12.96 -29.92
N SER P 530 45.91 -13.83 -30.82
CA SER P 530 44.75 -13.53 -31.64
C SER P 530 43.51 -14.35 -31.31
N ASN P 531 43.68 -15.55 -30.75
CA ASN P 531 42.53 -16.36 -30.34
C ASN P 531 42.92 -17.18 -29.14
N TRP P 532 41.96 -17.39 -28.24
CA TRP P 532 42.18 -18.08 -26.98
C TRP P 532 41.37 -19.36 -26.94
N PHE P 533 42.02 -20.45 -26.54
CA PHE P 533 41.40 -21.77 -26.49
C PHE P 533 41.42 -22.27 -25.06
N SER P 534 40.36 -22.99 -24.68
CA SER P 534 40.23 -23.48 -23.31
C SER P 534 39.54 -24.85 -23.35
N LEU P 535 40.32 -25.91 -23.23
CA LEU P 535 39.77 -27.26 -23.11
C LEU P 535 39.51 -27.56 -21.63
N ARG P 536 39.27 -28.82 -21.31
CA ARG P 536 39.05 -29.22 -19.93
C ARG P 536 40.30 -28.95 -19.10
N LEU P 537 40.23 -27.96 -18.20
CA LEU P 537 41.36 -27.54 -17.39
C LEU P 537 41.01 -27.73 -15.92
N THR P 538 41.91 -28.36 -15.17
CA THR P 538 41.69 -28.62 -13.76
C THR P 538 42.85 -28.08 -12.92
N ASN P 539 44.06 -28.14 -13.47
CA ASN P 539 45.24 -27.69 -12.75
C ASN P 539 45.17 -26.19 -12.49
N GLU P 540 45.67 -25.77 -11.33
CA GLU P 540 45.53 -24.39 -10.89
C GLU P 540 46.30 -23.43 -11.79
N ARG P 541 47.58 -23.72 -12.02
CA ARG P 541 48.46 -22.72 -12.63
C ARG P 541 48.06 -22.40 -14.08
N ASP P 542 47.79 -23.44 -14.88
CA ASP P 542 47.49 -23.20 -16.29
C ASP P 542 46.19 -22.44 -16.45
N LEU P 543 45.14 -22.84 -15.71
CA LEU P 543 43.87 -22.14 -15.79
C LEU P 543 43.98 -20.72 -15.26
N GLN P 544 44.75 -20.52 -14.19
CA GLN P 544 44.95 -19.17 -13.67
C GLN P 544 45.67 -18.28 -14.67
N ALA P 545 46.68 -18.83 -15.35
CA ALA P 545 47.39 -18.06 -16.37
C ALA P 545 46.47 -17.74 -17.54
N LEU P 546 45.61 -18.67 -17.93
CA LEU P 546 44.66 -18.40 -19.00
C LEU P 546 43.68 -17.30 -18.60
N ARG P 547 43.21 -17.34 -17.35
CA ARG P 547 42.31 -16.28 -16.87
C ARG P 547 43.06 -14.98 -16.64
N TYR P 548 44.39 -15.04 -16.51
CA TYR P 548 45.17 -13.84 -16.23
C TYR P 548 45.09 -12.84 -17.38
N ALA P 549 44.87 -13.32 -18.60
CA ALA P 549 44.75 -12.46 -19.78
C ALA P 549 43.54 -12.88 -20.62
N MET P 550 42.40 -13.09 -19.97
CA MET P 550 41.20 -13.55 -20.65
C MET P 550 40.18 -12.41 -20.71
N GLU P 551 39.57 -12.26 -21.88
CA GLU P 551 38.69 -11.11 -22.14
C GLU P 551 37.51 -11.10 -21.19
N SER P 552 37.23 -9.92 -20.63
CA SER P 552 36.14 -9.78 -19.66
C SER P 552 34.79 -9.98 -20.34
N GLY P 553 33.75 -10.04 -19.51
CA GLY P 553 32.40 -10.22 -20.01
C GLY P 553 32.00 -11.66 -20.29
N ASN P 554 32.86 -12.63 -19.96
CA ASN P 554 32.60 -14.04 -20.23
C ASN P 554 32.94 -14.83 -18.96
N GLU P 555 31.91 -15.09 -18.15
CA GLU P 555 32.06 -15.83 -16.90
C GLU P 555 31.20 -17.08 -16.84
N GLN P 556 29.97 -17.03 -17.37
CA GLN P 556 29.06 -18.15 -17.27
C GLN P 556 29.59 -19.37 -18.02
N ILE P 557 30.15 -19.17 -19.22
CA ILE P 557 30.62 -20.29 -20.00
C ILE P 557 31.92 -20.86 -19.42
N LEU P 558 32.68 -20.04 -18.70
CA LEU P 558 33.94 -20.51 -18.13
C LEU P 558 33.69 -21.39 -16.91
N LYS P 559 32.74 -21.02 -16.06
CA LYS P 559 32.47 -21.77 -14.84
C LYS P 559 31.73 -23.08 -15.09
N GLN P 560 31.06 -23.20 -16.24
CA GLN P 560 30.28 -24.39 -16.56
C GLN P 560 31.11 -25.49 -17.22
N ILE P 561 32.43 -25.29 -17.34
CA ILE P 561 33.31 -26.28 -17.95
C ILE P 561 33.25 -27.61 -17.21
N SER P 562 32.98 -27.59 -15.90
CA SER P 562 32.93 -28.82 -15.12
C SER P 562 31.91 -29.82 -15.64
N GLY P 563 30.87 -29.35 -16.33
CA GLY P 563 29.86 -30.24 -16.85
C GLY P 563 30.00 -30.55 -18.33
N LEU P 564 31.18 -30.32 -18.88
CA LEU P 564 31.39 -30.54 -20.31
C LEU P 564 31.31 -32.03 -20.63
N PRO P 565 30.50 -32.43 -21.61
CA PRO P 565 30.51 -33.84 -22.06
C PRO P 565 31.78 -34.18 -22.82
N ARG P 566 31.85 -35.41 -23.33
CA ARG P 566 33.02 -35.83 -24.10
C ARG P 566 33.12 -35.04 -25.40
N GLY P 567 34.29 -34.47 -25.66
CA GLY P 567 34.54 -33.76 -26.89
C GLY P 567 34.04 -32.34 -26.95
N ASP P 568 33.39 -31.85 -25.90
CA ASP P 568 32.87 -30.49 -25.91
C ASP P 568 33.94 -29.49 -25.49
N ALA P 569 33.91 -28.33 -26.14
CA ALA P 569 34.92 -27.30 -25.91
C ALA P 569 34.34 -25.94 -26.29
N VAL P 570 35.04 -24.89 -25.89
CA VAL P 570 34.68 -23.52 -26.20
C VAL P 570 35.87 -22.82 -26.82
N ALA P 571 35.62 -22.02 -27.86
CA ALA P 571 36.70 -21.33 -28.56
C ALA P 571 36.18 -20.01 -29.11
N PHE P 572 36.86 -18.92 -28.77
CA PHE P 572 36.55 -17.59 -29.29
C PHE P 572 37.75 -16.70 -29.05
N GLY P 573 37.70 -15.48 -29.61
CA GLY P 573 38.78 -14.54 -29.44
C GLY P 573 38.65 -13.28 -30.29
N SER P 574 39.75 -12.85 -30.90
CA SER P 574 39.69 -11.69 -31.79
C SER P 574 39.03 -12.02 -33.12
N ALA P 575 39.01 -13.29 -33.53
CA ALA P 575 38.32 -13.69 -34.74
C ALA P 575 36.87 -14.05 -34.49
N PHE P 576 36.50 -14.38 -33.26
CA PHE P 576 35.11 -14.67 -32.89
C PHE P 576 34.63 -13.53 -32.00
N ASN P 577 33.77 -12.67 -32.55
CA ASN P 577 33.39 -11.45 -31.87
C ASN P 577 32.66 -11.74 -30.56
N LEU P 578 31.77 -12.72 -30.56
CA LEU P 578 31.02 -13.10 -29.38
C LEU P 578 31.34 -14.54 -28.99
N PRO P 579 31.16 -14.90 -27.72
CA PRO P 579 31.54 -16.25 -27.28
C PRO P 579 30.81 -17.35 -28.04
N VAL P 580 31.54 -18.41 -28.36
CA VAL P 580 31.02 -19.54 -29.12
C VAL P 580 31.46 -20.83 -28.44
N ARG P 581 30.58 -21.83 -28.47
CA ARG P 581 30.89 -23.18 -28.00
C ARG P 581 31.17 -24.03 -29.25
N ILE P 582 32.45 -24.29 -29.51
CA ILE P 582 32.90 -24.93 -30.74
C ILE P 582 33.14 -26.41 -30.47
N SER P 583 32.47 -27.27 -31.24
CA SER P 583 32.74 -28.69 -31.26
C SER P 583 33.25 -29.02 -32.66
N ILE P 584 34.54 -29.34 -32.75
CA ILE P 584 35.16 -29.56 -34.05
C ILE P 584 34.59 -30.81 -34.70
N ASN P 585 34.21 -30.69 -35.96
CA ASN P 585 33.65 -31.81 -36.72
C ASN P 585 34.66 -32.93 -36.91
N1 AR6 Q . 5.42 57.69 -18.53
C2 AR6 Q . 5.03 57.61 -17.26
N3 AR6 Q . 4.58 58.56 -16.47
C4 AR6 Q . 4.54 59.74 -17.10
C5 AR6 Q . 4.91 59.98 -18.41
C6 AR6 Q . 5.37 58.89 -19.14
N6 AR6 Q . 5.76 58.97 -20.42
N7 AR6 Q . 4.74 61.31 -18.72
C8 AR6 Q . 4.28 61.85 -17.64
N9 AR6 Q . 4.13 60.94 -16.61
PA AR6 Q . -1.84 63.49 -14.41
PB AR6 Q . -3.51 61.45 -13.12
C1' AR6 Q . 3.65 61.19 -15.28
O1A AR6 Q . -2.00 64.97 -14.35
O1B AR6 Q . -3.51 60.83 -11.77
C1D AR6 Q . -7.06 61.31 -10.24
O1D AR6 Q . -7.94 60.72 -9.36
C2' AR6 Q . 3.73 62.65 -14.84
O2' AR6 Q . 5.04 62.97 -14.46
O2A AR6 Q . -2.16 62.75 -15.67
O2B AR6 Q . -3.27 60.61 -14.33
C2D AR6 Q . -7.30 62.81 -10.30
O2D AR6 Q . -8.66 63.12 -10.35
C3' AR6 Q . 2.71 62.64 -13.70
O3' AR6 Q . 3.25 62.03 -12.55
O3A AR6 Q . -2.52 62.77 -13.10
C3D AR6 Q . -6.68 63.13 -11.65
O3D AR6 Q . -7.12 64.31 -12.26
C4' AR6 Q . 1.63 61.74 -14.27
O4' AR6 Q . 2.30 60.89 -15.22
C4D AR6 Q . -7.10 61.93 -12.49
O4D AR6 Q . -7.29 60.86 -11.57
C5' AR6 Q . 0.51 62.52 -14.93
O5' AR6 Q . -0.31 63.08 -13.94
C5D AR6 Q . -6.06 61.54 -13.53
O5D AR6 Q . -4.90 62.30 -13.32
N1 AR6 R . -48.21 45.66 7.47
C2 AR6 R . -47.58 45.45 6.32
N3 AR6 R . -47.52 46.25 5.27
C4 AR6 R . -48.22 47.37 5.46
C5 AR6 R . -48.93 47.71 6.60
C6 AR6 R . -48.90 46.79 7.64
N6 AR6 R . -49.54 46.99 8.80
N7 AR6 R . -49.52 48.94 6.44
C8 AR6 R . -49.17 49.33 5.24
N9 AR6 R . -48.38 48.40 4.60
PA AR6 R . -43.97 52.70 2.35
PB AR6 R . -41.18 53.23 2.48
C1' AR6 R . -47.82 48.49 3.28
O1A AR6 R . -44.19 53.64 1.21
O1B AR6 R . -40.87 53.48 3.92
C1D AR6 R . -35.84 52.50 1.71
O1D AR6 R . -35.01 53.39 2.36
C2' AR6 R . -48.13 49.78 2.52
O2' AR6 R . -49.42 49.72 1.98
O2A AR6 R . -44.41 53.07 3.74
O2B AR6 R . -41.41 54.37 1.54
C2D AR6 R . -36.80 53.25 0.80
O2D AR6 R . -36.21 54.39 0.23
C3' AR6 R . -47.00 49.75 1.50
O3' AR6 R . -47.22 48.76 0.53
O3A AR6 R . -42.42 52.17 2.37
C3D AR6 R . -37.84 53.71 1.82
O3D AR6 R . -37.59 54.92 2.45
C4' AR6 R . -45.85 49.29 2.38
O4' AR6 R . -46.44 48.45 3.38
C4D AR6 R . -37.88 52.58 2.85
O4D AR6 R . -36.68 51.82 2.63
C5' AR6 R . -45.16 50.48 3.00
O5' AR6 R . -44.57 51.22 1.97
C5D AR6 R . -39.10 51.68 2.76
O5D AR6 R . -40.04 52.21 1.86
N1 AR6 S . 2.12 46.68 45.79
C2 AR6 S . 1.70 45.58 46.39
N3 AR6 S . 1.27 45.44 47.63
C4 AR6 S . 1.29 46.60 48.30
C5 AR6 S . 1.70 47.82 47.80
C6 AR6 S . 2.13 47.83 46.46
N6 AR6 S . 2.56 48.95 45.85
N7 AR6 S . 1.59 48.79 48.76
C8 AR6 S . 1.13 48.17 49.81
N9 AR6 S . 0.92 46.84 49.58
PA AR6 S . -5.23 45.99 52.58
PB AR6 S . -7.27 44.48 51.19
C1' AR6 S . 0.43 45.85 50.51
O1A AR6 S . -5.55 46.35 53.99
O1B AR6 S . -6.92 43.78 49.92
C1D AR6 S . -11.28 42.18 53.90
O1D AR6 S . -12.65 42.28 53.85
C2' AR6 S . 0.41 46.30 51.96
O2' AR6 S . 1.71 46.29 52.49
O2A AR6 S . -5.38 47.02 51.50
O2B AR6 S . -7.99 45.79 51.17
C2D AR6 S . -10.66 43.57 54.01
O2D AR6 S . -11.51 44.48 54.66
C3' AR6 S . -0.53 45.24 52.54
O3' AR6 S . 0.12 44.00 52.61
O3A AR6 S . -5.93 44.58 52.14
C3D AR6 S . -10.62 43.96 52.53
O3D AR6 S . -11.78 44.53 52.02
C4' AR6 S . -1.58 45.18 51.44
O4' AR6 S . -0.91 45.58 50.23
C4D AR6 S . -10.31 42.64 51.83
O4D AR6 S . -10.76 41.62 52.72
C5' AR6 S . -2.76 46.09 51.74
O5' AR6 S . -3.70 45.36 52.49
C5D AR6 S . -8.85 42.46 51.51
O5D AR6 S . -8.06 43.43 52.16
N1 AR6 T . -51.82 17.99 46.10
C2 AR6 T . -50.94 18.61 45.33
N3 AR6 T . -50.61 19.89 45.33
C4 AR6 T . -51.28 20.58 46.25
C5 AR6 T . -52.23 20.07 47.12
C6 AR6 T . -52.48 18.69 47.02
N6 AR6 T . -53.38 18.07 47.80
N7 AR6 T . -52.72 21.05 47.94
C8 AR6 T . -52.10 22.13 47.56
N9 AR6 T . -51.21 21.91 46.54
PA AR6 T . -46.95 25.98 49.93
PB AR6 T . -44.41 25.32 48.65
C1' AR6 T . -50.35 22.87 45.90
O1A AR6 T . -47.43 27.18 50.65
O1B AR6 T . -43.83 25.69 47.32
C1D AR6 T . -40.14 27.02 49.75
O1D AR6 T . -38.83 27.22 49.39
C2' AR6 T . -50.92 24.30 45.87
O2' AR6 T . -50.77 24.84 44.59
O2A AR6 T . -46.74 24.69 50.67
O2B AR6 T . -44.78 23.91 48.93
C2D AR6 T . -40.46 27.79 51.04
O2D AR6 T . -39.45 27.64 52.00
C3' AR6 T . -50.13 25.01 46.96
O3' AR6 T . -49.92 26.35 46.61
O3A AR6 T . -45.64 26.34 49.00
C3D AR6 T . -41.69 27.02 51.51
O3D AR6 T . -41.93 27.06 52.89
C4' AR6 T . -48.81 24.28 46.91
O4' AR6 T . -49.14 22.93 46.58
C4D AR6 T . -41.40 25.58 51.06
O4D AR6 T . -40.38 25.68 50.09
C5' AR6 T . -48.08 24.35 48.24
O5' AR6 T . -47.92 25.69 48.63
C5D AR6 T . -42.61 24.91 50.47
O5D AR6 T . -43.42 25.87 49.83
N1 AR6 U . -2.07 -14.42 69.37
C2 AR6 U . -2.37 -15.50 68.67
N3 AR6 U . -2.87 -16.65 69.10
C4 AR6 U . -3.06 -16.63 70.42
C5 AR6 U . -2.79 -15.58 71.28
C6 AR6 U . -2.26 -14.43 70.69
N6 AR6 U . -1.95 -13.33 71.40
N7 AR6 U . -3.11 -15.92 72.57
C8 AR6 U . -3.55 -17.14 72.49
N9 AR6 U . -3.55 -17.63 71.21
PA AR6 U . -9.47 -20.50 71.91
PB AR6 U . -10.72 -20.63 69.28
C1' AR6 U . -3.98 -18.92 70.75
O1A AR6 U . -9.81 -21.40 73.06
O1B AR6 U . -10.46 -21.41 68.03
C1D AR6 U . -13.75 -23.50 68.27
O1D AR6 U . -14.29 -24.08 67.15
C2' AR6 U . -4.34 -19.90 71.87
O2' AR6 U . -3.18 -20.47 72.40
O2A AR6 U . -9.94 -19.09 71.91
O2B AR6 U . -10.66 -19.15 69.24
C2D AR6 U . -14.87 -23.09 69.23
O2D AR6 U . -15.98 -23.94 69.16
C3' AR6 U . -5.23 -20.86 71.09
O3' AR6 U . -4.46 -21.66 70.22
O3A AR6 U . -9.80 -21.25 70.49
C3D AR6 U . -15.25 -21.76 68.58
O3D AR6 U . -16.00 -21.85 67.42
C4' AR6 U . -6.03 -19.88 70.25
O4' AR6 U . -5.15 -18.78 70.01
C4D AR6 U . -13.87 -21.18 68.29
O4D AR6 U . -13.08 -22.30 67.96
C5' AR6 U . -7.29 -19.43 70.97
O5' AR6 U . -7.84 -20.53 71.66
C5D AR6 U . -13.29 -20.44 69.48
O5D AR6 U . -12.15 -21.10 69.94
N1 AR6 V . -53.51 -30.16 40.18
C2 AR6 V . -52.72 -29.17 40.60
N3 AR6 V . -52.64 -28.65 41.81
C4 AR6 V . -53.50 -29.23 42.65
C5 AR6 V . -54.38 -30.24 42.36
C6 AR6 V . -54.36 -30.72 41.04
N6 AR6 V . -55.16 -31.70 40.61
N7 AR6 V . -55.11 -30.59 43.46
C8 AR6 V . -54.68 -29.80 44.41
N9 AR6 V . -53.70 -28.95 43.97
PA AR6 V . -49.36 -29.49 49.23
PB AR6 V . -46.73 -28.31 48.96
C1' AR6 V . -53.00 -27.94 44.73
O1A AR6 V . -50.06 -29.99 50.45
O1B AR6 V . -45.98 -27.15 49.52
C1D AR6 V . -42.00 -31.68 50.26
O1D AR6 V . -41.57 -32.89 50.77
C2' AR6 V . -53.72 -27.50 46.01
O2' AR6 V . -54.76 -26.62 45.70
O2A AR6 V . -48.80 -30.45 48.23
O2B AR6 V . -46.82 -28.50 47.47
C2D AR6 V . -42.17 -30.66 51.38
O2D AR6 V . -42.67 -31.24 52.56
C3' AR6 V . -52.55 -26.89 46.77
O3' AR6 V . -52.23 -25.62 46.25
O3A AR6 V . -48.21 -28.39 49.65
C3D AR6 V . -43.27 -29.78 50.78
O3D AR6 V . -43.98 -29.00 51.69
C4' AR6 V . -51.42 -27.85 46.43
O4' AR6 V . -51.79 -28.46 45.19
C4D AR6 V . -44.17 -30.84 50.16
O4D AR6 V . -43.28 -31.82 49.66
C5' AR6 V . -51.21 -28.87 47.52
O5' AR6 V . -50.29 -28.38 48.46
C5D AR6 V . -45.04 -30.28 49.07
O5D AR6 V . -46.19 -29.69 49.65
N1 AR6 W . -2.18 -66.82 26.67
C2 AR6 W . -2.37 -66.96 25.36
N3 AR6 W . -3.25 -67.74 24.74
C4 AR6 W . -3.99 -68.43 25.60
C5 AR6 W . -3.91 -68.39 26.98
C6 AR6 W . -2.94 -67.53 27.52
N6 AR6 W . -2.74 -67.38 28.84
N7 AR6 W . -4.82 -69.23 27.55
C8 AR6 W . -5.44 -69.77 26.55
N9 AR6 W . -4.99 -69.32 25.33
PA AR6 W . -11.09 -70.80 21.94
PB AR6 W . -12.53 -68.38 21.31
C1' AR6 W . -5.45 -69.71 24.02
O1A AR6 W . -11.55 -71.99 21.15
O1B AR6 W . -11.98 -67.05 21.72
C1D AR6 W . -16.27 -70.82 20.05
O1D AR6 W . -16.17 -72.19 20.07
C2' AR6 W . -5.59 -71.21 23.83
O2' AR6 W . -4.34 -71.79 23.64
O2A AR6 W . -11.54 -70.62 23.35
O2B AR6 W . -13.61 -69.03 22.11
C2D AR6 W . -17.06 -70.36 18.83
O2D AR6 W . -16.66 -71.03 17.66
C3' AR6 W . -6.53 -71.27 22.62
O3' AR6 W . -5.80 -71.20 21.42
O3A AR6 W . -11.28 -69.42 21.08
C3D AR6 W . -16.55 -68.93 18.75
O3D AR6 W . -16.79 -68.24 17.55
C4' AR6 W . -7.34 -69.98 22.75
O4' AR6 W . -6.72 -69.22 23.80
C4D AR6 W . -15.04 -69.17 18.95
O4D AR6 W . -14.99 -70.22 19.90
C5' AR6 W . -8.80 -70.28 23.06
O5' AR6 W . -9.44 -70.71 21.89
C5D AR6 W . -14.31 -67.96 19.47
O5D AR6 W . -12.97 -68.31 19.74
N1 AR6 X . -51.83 -49.06 -4.42
C2 AR6 X . -51.01 -48.89 -3.38
N3 AR6 X . -50.91 -49.63 -2.30
C4 AR6 X . -51.74 -50.66 -2.31
C5 AR6 X . -52.64 -50.97 -3.32
C6 AR6 X . -52.67 -50.10 -4.42
N6 AR6 X . -53.49 -50.27 -5.46
N7 AR6 X . -53.35 -52.10 -3.00
C8 AR6 X . -52.89 -52.47 -1.84
N9 AR6 X . -51.91 -51.63 -1.38
PA AR6 X . -49.01 -56.44 1.97
PB AR6 X . -47.27 -58.26 0.57
C1' AR6 X . -51.18 -51.75 -0.14
O1A AR6 X . -48.30 -55.87 3.15
O1B AR6 X . -47.46 -58.71 -0.85
C1D AR6 X . -43.11 -58.10 2.82
O1D AR6 X . -42.39 -58.34 3.96
C2' AR6 X . -51.80 -52.69 0.89
O2' AR6 X . -52.90 -52.10 1.49
O2A AR6 X . -50.00 -57.56 2.13
O2B AR6 X . -47.66 -59.16 1.70
C2D AR6 X . -42.18 -57.77 1.66
O2D AR6 X . -41.14 -56.92 2.06
C3' AR6 X . -50.58 -52.91 1.80
O3' AR6 X . -50.45 -51.85 2.71
O3A AR6 X . -47.95 -56.78 0.77
C3D AR6 X . -43.13 -57.00 0.74
O3D AR6 X . -42.53 -56.06 -0.11
C4' AR6 X . -49.42 -52.87 0.82
O4' AR6 X . -49.92 -52.29 -0.38
C4D AR6 X . -44.09 -56.30 1.70
O4D AR6 X . -43.92 -56.95 2.96
C5' AR6 X . -48.85 -54.26 0.57
O5' AR6 X . -49.72 -55.21 1.12
C5D AR6 X . -45.53 -56.43 1.25
O5D AR6 X . -45.72 -57.75 0.78
N1 AR6 Y . 2.77 -54.42 -36.79
C2 AR6 Y . 2.67 -53.19 -37.30
N3 AR6 Y . 2.31 -52.83 -38.52
C4 AR6 Y . 2.03 -53.88 -39.28
C5 AR6 Y . 2.10 -55.21 -38.91
C6 AR6 Y . 2.49 -55.47 -37.58
N6 AR6 Y . 2.58 -56.70 -37.08
N7 AR6 Y . 1.74 -56.03 -39.94
C8 AR6 Y . 1.47 -55.21 -40.93
N9 AR6 Y . 1.63 -53.90 -40.59
PA AR6 Y . -2.28 -52.74 -45.95
PB AR6 Y . -4.84 -53.52 -44.87
C1' AR6 Y . 1.43 -52.74 -41.42
O1A AR6 Y . -2.47 -51.60 -46.88
O1B AR6 Y . -5.06 -54.30 -43.61
C1D AR6 Y . -8.34 -49.65 -45.12
O1D AR6 Y . -8.95 -48.53 -45.66
C2' AR6 Y . 1.88 -52.92 -42.87
O2' AR6 Y . 3.26 -52.82 -42.96
O2A AR6 Y . -2.09 -54.13 -46.48
O2B AR6 Y . -4.94 -54.21 -46.19
C2D AR6 Y . -8.46 -49.62 -43.59
O2D AR6 Y . -8.33 -48.32 -43.08
C3' AR6 Y . 1.10 -51.77 -43.52
O3' AR6 Y . 1.71 -50.54 -43.27
O3A AR6 Y . -3.40 -52.73 -44.76
C3D AR6 Y . -7.23 -50.42 -43.21
O3D AR6 Y . -6.76 -50.24 -41.90
C4' AR6 Y . -0.22 -51.83 -42.76
O4' AR6 Y . 0.07 -52.47 -41.51
C4D AR6 Y . -6.20 -49.93 -44.22
O4D AR6 Y . -6.95 -49.65 -45.39
C5' AR6 Y . -1.26 -52.61 -43.54
O5' AR6 Y . -1.04 -52.39 -44.92
C5D AR6 Y . -5.13 -50.96 -44.50
O5D AR6 Y . -5.76 -52.18 -44.86
N1 AR6 Z . -48.51 -20.59 -42.62
C2 AR6 Z . -47.86 -21.40 -41.79
N3 AR6 Z . -47.74 -22.71 -41.86
C4 AR6 Z . -48.36 -23.21 -42.93
C5 AR6 Z . -49.07 -22.49 -43.88
C6 AR6 Z . -49.13 -21.10 -43.68
N6 AR6 Z . -49.78 -20.29 -44.52
N7 AR6 Z . -49.58 -23.33 -44.84
C8 AR6 Z . -49.18 -24.51 -44.48
N9 AR6 Z . -48.45 -24.50 -43.34
PA AR6 Z . -45.04 -28.67 -46.09
PB AR6 Z . -42.32 -29.56 -45.93
C1' AR6 Z . -47.85 -25.63 -42.65
O1A AR6 Z . -45.74 -29.99 -46.02
O1B AR6 Z . -41.84 -28.86 -47.16
C1D AR6 Z . -38.05 -30.80 -44.77
O1D AR6 Z . -36.71 -30.56 -44.52
C2' AR6 Z . -48.50 -26.98 -42.95
O2' AR6 Z . -49.69 -27.10 -42.22
O2A AR6 Z . -44.91 -27.96 -47.40
O2B AR6 Z . -42.62 -31.02 -45.94
C2D AR6 Z . -38.34 -30.67 -46.26
O2D AR6 Z . -37.19 -30.94 -47.02
C3' AR6 Z . -47.39 -27.93 -42.52
O3' AR6 Z . -47.52 -28.27 -41.17
O3A AR6 Z . -43.60 -28.72 -45.33
C3D AR6 Z . -38.67 -29.19 -46.41
O3D AR6 Z . -37.66 -28.40 -46.96
C4' AR6 Z . -46.12 -27.11 -42.68
O4' AR6 Z . -46.54 -25.80 -43.10
C4D AR6 Z . -39.01 -28.71 -45.00
O4D AR6 Z . -38.87 -29.84 -44.16
C5' AR6 Z . -45.16 -27.71 -43.68
O5' AR6 Z . -45.70 -27.65 -44.97
C5D AR6 Z . -40.40 -28.14 -44.90
O5D AR6 Z . -41.32 -29.19 -44.68
N1 AR6 AA . 5.27 7.86 -60.43
C2 AR6 AA . 5.04 9.04 -59.85
N3 AR6 AA . 4.74 10.19 -60.42
C4 AR6 AA . 4.67 10.08 -61.74
C5 AR6 AA . 4.87 8.93 -62.49
C6 AR6 AA . 5.18 7.77 -61.77
N6 AR6 AA . 5.41 6.59 -62.35
N7 AR6 AA . 4.71 9.19 -63.82
C8 AR6 AA . 4.42 10.45 -63.88
N9 AR6 AA . 4.38 11.05 -62.65
PA AR6 AA . -1.36 14.46 -63.46
PB AR6 AA . -3.11 14.66 -61.14
C1' AR6 AA . 4.09 12.42 -62.34
O1A AR6 AA . -1.61 15.34 -64.64
O1B AR6 AA . -3.16 15.50 -59.91
C1D AR6 AA . -7.91 17.40 -60.42
O1D AR6 AA . -7.99 18.76 -60.61
C2' AR6 AA . 3.86 13.31 -63.57
O2' AR6 AA . 5.10 13.68 -64.12
O2A AR6 AA . -1.77 13.03 -63.49
O2B AR6 AA . -3.11 13.18 -61.02
C2D AR6 AA . -7.13 17.09 -59.14
O2D AR6 AA . -6.15 18.05 -58.89
C3' AR6 AA . 3.07 14.45 -62.94
O3' AR6 AA . 3.91 15.30 -62.19
O3A AR6 AA . -1.88 15.18 -62.08
C3D AR6 AA . -6.45 15.79 -59.55
O3D AR6 AA . -5.34 15.40 -58.81
C4' AR6 AA . 2.17 13.68 -61.98
O4' AR6 AA . 2.89 12.50 -61.64
C4D AR6 AA . -6.03 16.17 -60.97
O4D AR6 AA . -7.19 16.79 -61.47
C5' AR6 AA . 0.83 13.35 -62.61
O5' AR6 AA . 0.22 14.55 -63.04
C5D AR6 AA . -5.62 14.97 -61.80
O5D AR6 AA . -4.28 15.14 -62.20
N1 AR6 BA . -47.24 26.93 -36.61
C2 AR6 BA . -46.51 25.87 -36.95
N3 AR6 BA . -46.30 25.38 -38.15
C4 AR6 BA . -46.93 26.08 -39.09
C5 AR6 BA . -47.72 27.20 -38.89
C6 AR6 BA . -47.86 27.62 -37.56
N6 AR6 BA . -48.59 28.69 -37.23
N7 AR6 BA . -48.21 27.65 -40.08
C8 AR6 BA . -47.73 26.84 -40.98
N9 AR6 BA . -46.95 25.86 -40.43
PA AR6 BA . -42.34 26.31 -45.40
PB AR6 BA . -40.34 24.46 -44.48
C1' AR6 BA . -46.26 24.79 -41.13
O1A AR6 BA . -42.61 25.84 -46.79
O1B AR6 BA . -40.63 23.50 -45.58
C1D AR6 BA . -35.96 24.89 -46.06
O1D AR6 BA . -34.64 24.53 -46.24
C2' AR6 BA . -46.76 24.52 -42.54
O2' AR6 BA . -47.93 23.78 -42.49
O2A AR6 BA . -42.72 27.70 -44.99
O2B AR6 BA . -40.77 24.18 -43.07
C2D AR6 BA . -36.34 25.98 -47.06
O2D AR6 BA . -35.28 26.86 -47.29
C3' AR6 BA . -45.54 23.77 -43.09
O3' AR6 BA . -45.48 22.49 -42.53
O3A AR6 BA . -40.81 25.96 -44.94
C3D AR6 BA . -37.43 26.74 -46.30
O3D AR6 BA . -37.50 28.11 -46.54
C4' AR6 BA . -44.41 24.61 -42.52
O4' AR6 BA . -44.92 25.15 -41.29
C4D AR6 BA . -37.12 26.50 -44.82
O4D AR6 BA . -36.16 25.46 -44.79
C5' AR6 BA . -44.00 25.72 -43.46
O5' AR6 BA . -43.00 25.23 -44.33
C5D AR6 BA . -38.35 26.09 -44.05
O5D AR6 BA . -38.73 24.79 -44.48
PB ADP CA . 42.02 21.21 26.64
O1B ADP CA . 41.14 20.52 27.66
O2B ADP CA . 41.77 20.79 25.22
O3B ADP CA . 43.48 21.28 27.03
PA ADP CA . 41.79 23.61 28.03
O1A ADP CA . 41.33 22.82 29.24
O2A ADP CA . 43.21 24.11 27.98
O3A ADP CA . 41.52 22.74 26.71
O5' ADP CA . 40.79 24.86 27.84
C5' ADP CA . 40.79 25.91 28.80
C4' ADP CA . 39.53 26.74 28.59
O4' ADP CA . 38.37 25.91 28.71
C3' ADP CA . 39.40 27.84 29.63
O3' ADP CA . 39.61 29.12 29.03
C2' ADP CA . 37.99 27.75 30.16
O2' ADP CA . 37.28 28.95 29.87
C1' ADP CA . 37.34 26.58 29.44
N9 ADP CA . 36.74 25.65 30.43
C8 ADP CA . 37.38 24.64 31.05
N7 ADP CA . 36.56 23.97 31.89
C5 ADP CA . 35.35 24.56 31.82
C6 ADP CA . 34.02 24.36 32.44
N6 ADP CA . 33.81 23.36 33.34
N1 ADP CA . 33.03 25.19 32.08
C2 ADP CA . 33.22 26.19 31.20
N3 ADP CA . 34.39 26.43 30.59
C4 ADP CA . 35.48 25.67 30.85
MG MG DA . 43.14 18.49 24.85
PB ADP EA . 45.28 26.53 -11.91
O1B ADP EA . 45.14 25.42 -10.90
O2B ADP EA . 45.67 26.07 -13.29
O3B ADP EA . 46.07 27.72 -11.39
PA ADP EA . 43.47 28.51 -12.75
O1A ADP EA . 44.18 29.57 -11.95
O2A ADP EA . 43.71 28.43 -14.24
O3A ADP EA . 43.77 27.07 -12.09
O5' ADP EA . 41.89 28.73 -12.50
C5' ADP EA . 41.47 29.99 -11.99
C4' ADP EA . 40.09 30.39 -12.51
O4' ADP EA . 39.63 31.55 -11.81
C3' ADP EA . 40.13 30.75 -13.99
O3' ADP EA . 39.38 29.81 -14.75
C2' ADP EA . 39.51 32.13 -14.10
O2' ADP EA . 38.43 32.10 -15.03
C1' ADP EA . 39.00 32.45 -12.71
N9 ADP EA . 39.30 33.86 -12.35
C8 ADP EA . 40.46 34.34 -11.87
N7 ADP EA . 40.40 35.67 -11.65
C5 ADP EA . 39.17 36.08 -12.01
C6 ADP EA . 38.44 37.37 -12.03
N6 ADP EA . 39.02 38.52 -11.63
N1 ADP EA . 37.16 37.36 -12.48
C2 ADP EA . 36.56 36.23 -12.89
N3 ADP EA . 37.16 35.02 -12.90
C4 ADP EA . 38.45 34.89 -12.47
MG MG FA . 47.42 24.99 -9.79
PB ADP GA . 46.20 3.80 -35.22
O1B ADP GA . 45.68 3.32 -33.89
O2B ADP GA . 47.08 2.81 -35.94
O3B ADP GA . 46.73 5.21 -35.18
PA ADP GA . 44.92 4.72 -37.54
O1A ADP GA . 44.65 6.17 -37.25
O2A ADP GA . 46.18 4.32 -38.27
O3A ADP GA . 44.88 3.91 -36.14
O5' ADP GA . 43.67 4.13 -38.34
C5' ADP GA . 43.44 4.53 -39.69
C4' ADP GA . 42.20 3.83 -40.24
O4' ADP GA . 41.06 4.13 -39.44
C3' ADP GA . 41.90 4.30 -41.66
O3' ADP GA . 42.18 3.24 -42.60
C2' ADP GA . 40.41 4.61 -41.67
O2' ADP GA . 39.73 3.73 -42.57
C1' ADP GA . 39.92 4.40 -40.26
N9 ADP GA . 39.25 5.63 -39.78
C8 ADP GA . 39.87 6.68 -39.22
N7 ADP GA . 38.98 7.65 -38.88
C5 ADP GA . 37.76 7.22 -39.25
C6 ADP GA . 36.37 7.75 -39.18
N6 ADP GA . 36.12 8.98 -38.65
N1 ADP GA . 35.38 6.98 -39.67
C2 ADP GA . 35.62 5.76 -40.20
N3 ADP GA . 36.85 5.21 -40.28
C4 ADP GA . 37.94 5.89 -39.83
MG MG HA . 50.10 2.43 -32.42
#